data_8FVG
#
_entry.id   8FVG
#
_entity_poly.entity_id   1
_entity_poly.type   'polypeptide(L)'
_entity_poly.pdbx_seq_one_letter_code
;MISQSRYIRIISGVGAGAPVAGRKLILRVMTTNNVIPPGIVIEFDNANAVLSYFGAQSEEYQRAAAYFKFISKSVNSPSS
ISFARWVNTAIAPMVVGDNLPKTIADFAGFSAGVLTIMVGAAEQNITAIDTSAATSMDNVASIIQTEIRKNADPQLAQAT
VTWNQNTNQFTLVGATIGTGVLAVAKSADPQDMSTALGWSTSNVVNVAGQSADLPDAAVAKSTNVSNNFGSFLFAGAPLD
NDQIKAVSAWNAAQNNQFIYTVATSLANLGTLFTLVNGNAGTALNVLSATAANDFVEQCPSEILAATNYDEPGASQNYMY
YQFPGRNITVSDDTVANTVDKSRGNYIGVTQANGQQLAFYQRGILCGGPTDAVDMNVYANEIWLKSAIAQALLDLFLNVN
AVPASSTGEAMTLAVLQPVLDKATANGTFTYGKEISAVQQQYITQVTGDRRAWRQVQTLGYWINITFSSYTNSNTGLTEW
KANYTLIYSKGDAIRFVEGSDVMI
;
_entity_poly.pdbx_strand_id   A,B,C,D,E,F,G,H,I,J,K,L,M
#
# COMPACT_ATOMS: atom_id res chain seq x y z
N MET A 1 3.15 73.83 72.75
CA MET A 1 2.49 73.34 71.55
C MET A 1 2.37 71.83 71.58
N ILE A 2 1.47 71.28 70.76
CA ILE A 2 1.44 69.84 70.52
C ILE A 2 2.76 69.40 69.91
N SER A 3 3.31 68.31 70.43
CA SER A 3 4.58 67.80 69.92
C SER A 3 4.42 67.33 68.48
N GLN A 4 5.52 67.42 67.72
CA GLN A 4 5.50 67.03 66.33
C GLN A 4 5.31 65.53 66.13
N SER A 5 5.53 64.73 67.18
CA SER A 5 5.44 63.29 67.03
C SER A 5 4.01 62.82 66.76
N ARG A 6 3.03 63.69 66.93
CA ARG A 6 1.65 63.32 66.61
C ARG A 6 1.47 63.10 65.11
N TYR A 7 2.34 63.68 64.30
CA TYR A 7 2.20 63.66 62.85
C TYR A 7 3.34 62.95 62.14
N ILE A 8 4.58 63.18 62.56
CA ILE A 8 5.73 62.53 61.96
C ILE A 8 6.61 61.98 63.08
N ARG A 9 6.92 60.69 63.01
CA ARG A 9 7.75 60.02 64.01
C ARG A 9 8.86 59.26 63.31
N ILE A 10 10.11 59.55 63.69
CA ILE A 10 11.28 58.91 63.12
C ILE A 10 12.13 58.36 64.25
N ILE A 11 12.54 57.11 64.14
CA ILE A 11 13.39 56.46 65.15
C ILE A 11 14.73 56.15 64.53
N SER A 12 15.80 56.56 65.18
CA SER A 12 17.16 56.38 64.70
C SER A 12 17.88 55.37 65.56
N GLY A 13 18.71 54.56 64.93
CA GLY A 13 19.48 53.55 65.66
C GLY A 13 20.61 53.04 64.80
N VAL A 14 21.43 52.18 65.40
CA VAL A 14 22.56 51.56 64.75
C VAL A 14 22.33 50.06 64.70
N GLY A 15 22.39 49.49 63.50
CA GLY A 15 22.20 48.07 63.34
C GLY A 15 23.49 47.28 63.41
N ALA A 16 23.39 46.07 63.95
CA ALA A 16 24.54 45.17 64.11
C ALA A 16 25.68 45.87 64.85
N GLY A 17 25.33 46.55 65.93
CA GLY A 17 26.27 47.40 66.65
C GLY A 17 27.09 46.66 67.69
N ALA A 18 26.71 45.44 68.04
CA ALA A 18 27.37 44.71 69.10
C ALA A 18 28.82 44.41 68.78
N PRO A 19 29.74 45.05 69.50
CA PRO A 19 31.16 44.83 69.24
C PRO A 19 31.73 43.67 70.04
N VAL A 20 32.40 42.74 69.38
CA VAL A 20 33.08 41.64 70.03
C VAL A 20 34.56 41.76 69.74
N ALA A 21 35.37 41.76 70.81
CA ALA A 21 36.80 42.04 70.68
C ALA A 21 37.49 40.91 69.93
N GLY A 22 38.74 41.17 69.56
CA GLY A 22 39.57 40.16 68.91
C GLY A 22 40.68 39.69 69.82
N ARG A 23 40.89 38.38 69.88
CA ARG A 23 41.87 37.82 70.80
C ARG A 23 43.29 38.19 70.36
N LYS A 24 44.11 38.60 71.31
CA LYS A 24 45.52 38.88 71.08
C LYS A 24 46.36 37.73 71.62
N LEU A 25 47.58 37.62 71.10
CA LEU A 25 48.49 36.55 71.47
C LEU A 25 49.71 37.06 72.23
N LEU A 27 52.35 38.21 75.33
CA LEU A 27 52.95 37.51 76.46
C LEU A 27 52.44 38.07 77.78
N ARG A 28 52.37 37.22 78.79
CA ARG A 28 52.04 37.64 80.15
C ARG A 28 53.07 37.09 81.12
N VAL A 29 53.54 37.93 82.03
CA VAL A 29 54.55 37.58 83.01
C VAL A 29 53.93 37.65 84.39
N MET A 30 54.18 36.62 85.20
CA MET A 30 53.67 36.53 86.56
C MET A 30 54.82 36.75 87.53
N THR A 31 55.02 37.99 87.95
CA THR A 31 56.12 38.35 88.84
C THR A 31 55.67 38.27 90.29
N THR A 32 56.57 38.58 91.22
CA THR A 32 56.29 38.53 92.64
C THR A 32 56.49 39.86 93.34
N ASN A 33 57.00 40.87 92.66
CA ASN A 33 57.31 42.14 93.32
C ASN A 33 56.03 42.79 93.83
N ASN A 34 56.16 43.56 94.91
CA ASN A 34 54.98 44.03 95.64
C ASN A 34 54.36 45.28 95.03
N VAL A 35 54.91 45.78 93.93
CA VAL A 35 54.37 46.97 93.27
C VAL A 35 52.97 46.67 92.75
N ILE A 36 52.78 45.49 92.18
CA ILE A 36 51.54 45.12 91.49
C ILE A 36 50.57 44.56 92.52
N PRO A 37 49.36 45.12 92.63
CA PRO A 37 48.34 44.54 93.51
C PRO A 37 47.92 43.16 93.02
N PRO A 38 47.50 42.28 93.92
CA PRO A 38 47.16 40.91 93.50
C PRO A 38 46.03 40.82 92.48
N GLY A 39 45.05 41.71 92.54
CA GLY A 39 43.83 41.49 91.77
C GLY A 39 43.71 42.20 90.43
N ILE A 40 44.81 42.68 89.87
CA ILE A 40 44.76 43.39 88.60
C ILE A 40 45.79 42.79 87.65
N VAL A 41 45.59 43.05 86.36
CA VAL A 41 46.56 42.78 85.32
C VAL A 41 46.85 44.10 84.62
N ILE A 42 48.13 44.40 84.43
CA ILE A 42 48.56 45.69 83.89
C ILE A 42 49.16 45.47 82.51
N ASP A 45 52.29 49.04 76.35
CA ASP A 45 52.40 49.01 74.90
C ASP A 45 53.84 49.22 74.44
N ALA A 47 58.24 49.80 75.56
CA ALA A 47 59.29 49.51 76.55
C ALA A 47 59.52 50.69 77.48
N ASN A 48 59.40 51.92 76.97
CA ASN A 48 59.60 53.09 77.82
C ASN A 48 58.52 53.18 78.90
N ALA A 49 57.30 52.72 78.61
CA ALA A 49 56.27 52.70 79.64
C ALA A 49 56.66 51.76 80.77
N VAL A 50 57.20 50.58 80.43
CA VAL A 50 57.67 49.66 81.45
C VAL A 50 58.80 50.27 82.24
N LEU A 51 59.72 50.96 81.56
CA LEU A 51 60.83 51.61 82.25
C LEU A 51 60.33 52.65 83.23
N SER A 52 59.34 53.45 82.83
CA SER A 52 58.81 54.48 83.70
C SER A 52 58.08 53.88 84.90
N TYR A 53 57.27 52.85 84.67
CA TYR A 53 56.43 52.33 85.75
C TYR A 53 57.23 51.49 86.74
N PHE A 54 58.21 50.71 86.26
CA PHE A 54 58.90 49.76 87.12
C PHE A 54 60.28 50.22 87.55
N GLY A 55 60.92 51.11 86.81
CA GLY A 55 62.28 51.51 87.11
C GLY A 55 63.30 50.74 86.30
N ALA A 56 64.50 51.31 86.22
CA ALA A 56 65.54 50.73 85.38
C ALA A 56 66.12 49.45 85.97
N GLN A 57 66.11 49.32 87.29
CA GLN A 57 66.75 48.17 87.93
C GLN A 57 65.93 46.89 87.83
N SER A 58 64.62 47.00 87.70
CA SER A 58 63.75 45.84 87.83
C SER A 58 63.96 44.85 86.70
N GLU A 59 63.72 43.57 87.00
CA GLU A 59 63.77 42.53 85.98
C GLU A 59 62.67 42.70 84.93
N GLU A 60 61.57 43.37 85.28
CA GLU A 60 60.51 43.60 84.31
C GLU A 60 61.00 44.43 83.12
N TYR A 61 61.73 45.50 83.40
CA TYR A 61 62.31 46.29 82.32
C TYR A 61 63.33 45.46 81.54
N GLN A 62 64.12 44.65 82.25
CA GLN A 62 65.10 43.80 81.57
C GLN A 62 64.42 42.87 80.57
N ARG A 63 63.29 42.27 80.96
CA ARG A 63 62.57 41.39 80.07
C ARG A 63 61.92 42.15 78.92
N ALA A 64 61.31 43.30 79.22
CA ALA A 64 60.60 44.04 78.20
C ALA A 64 61.54 44.58 77.13
N ALA A 65 62.75 44.96 77.53
CA ALA A 65 63.70 45.50 76.56
C ALA A 65 64.05 44.47 75.49
N ALA A 66 64.31 43.24 75.91
CA ALA A 66 64.63 42.19 74.94
C ALA A 66 63.37 41.69 74.24
N TYR A 67 62.22 41.80 74.89
CA TYR A 67 60.98 41.34 74.27
C TYR A 67 60.54 42.26 73.14
N PHE A 68 60.78 43.56 73.28
CA PHE A 68 60.23 44.52 72.34
C PHE A 68 61.12 44.74 71.11
N LYS A 69 62.30 44.13 71.06
CA LYS A 69 63.12 44.14 69.85
C LYS A 69 62.94 42.80 69.14
N PHE A 70 62.31 42.84 67.97
CA PHE A 70 62.00 41.62 67.24
C PHE A 70 61.48 42.01 65.85
N ILE A 71 61.87 41.22 64.86
CA ILE A 71 61.48 41.49 63.48
C ILE A 71 60.58 40.40 62.88
N SER A 72 60.71 39.15 63.29
CA SER A 72 59.87 38.01 62.92
C SER A 72 59.97 37.65 61.44
N LYS A 73 60.98 38.13 60.72
CA LYS A 73 61.26 37.84 59.32
C LYS A 73 60.19 38.41 58.39
N SER A 74 59.13 39.01 58.91
CA SER A 74 58.16 39.73 58.11
C SER A 74 57.93 41.12 58.67
N VAL A 75 58.99 41.70 59.23
CA VAL A 75 59.04 43.04 59.83
C VAL A 75 57.78 43.36 60.63
N SER A 77 56.32 43.31 64.97
CA SER A 77 56.77 43.38 66.34
C SER A 77 55.61 43.11 67.29
N PRO A 78 55.91 42.66 68.52
CA PRO A 78 54.82 42.25 69.43
C PRO A 78 53.84 43.36 69.79
N SER A 79 54.36 44.51 70.22
CA SER A 79 53.58 45.73 70.45
C SER A 79 52.70 45.70 71.70
N SER A 80 52.86 44.71 72.57
CA SER A 80 52.16 44.73 73.85
C SER A 80 52.78 43.71 74.79
N ILE A 81 52.56 43.91 76.09
CA ILE A 81 52.98 42.97 77.12
C ILE A 81 52.09 43.17 78.34
N SER A 82 52.02 42.14 79.19
CA SER A 82 51.16 42.16 80.37
C SER A 82 51.92 41.67 81.58
N PHE A 83 51.52 42.16 82.75
CA PHE A 83 52.05 41.71 84.03
C PHE A 83 50.92 41.42 85.00
N ALA A 84 51.08 40.36 85.78
CA ALA A 84 50.14 39.99 86.82
C ALA A 84 50.93 39.69 88.09
N ARG A 85 50.22 39.47 89.19
CA ARG A 85 50.83 39.35 90.51
C ARG A 85 50.63 37.94 91.06
N TRP A 86 51.71 37.36 91.56
CA TRP A 86 51.69 36.07 92.24
C TRP A 86 51.96 36.31 93.71
N VAL A 87 51.06 35.85 94.57
CA VAL A 87 51.17 36.09 96.02
C VAL A 87 52.08 35.00 96.57
N ASN A 88 53.38 35.30 96.61
CA ASN A 88 54.36 34.31 97.03
C ASN A 88 54.22 33.93 98.50
N THR A 89 54.03 34.93 99.37
CA THR A 89 53.93 34.73 100.80
C THR A 89 52.71 35.44 101.35
N ALA A 90 52.48 35.27 102.65
CA ALA A 90 51.32 35.87 103.29
C ALA A 90 51.38 37.40 103.22
N ILE A 91 50.22 38.02 103.04
CA ILE A 91 50.14 39.45 102.78
C ILE A 91 49.12 40.09 103.71
N ALA A 92 49.39 41.33 104.09
CA ALA A 92 48.48 42.13 104.88
C ALA A 92 47.52 42.90 103.98
N PRO A 93 46.38 43.35 104.50
CA PRO A 93 45.47 44.16 103.68
C PRO A 93 46.12 45.47 103.23
N MET A 94 45.79 45.88 102.01
CA MET A 94 46.37 47.08 101.42
C MET A 94 45.29 47.90 100.72
N VAL A 95 45.58 49.19 100.54
CA VAL A 95 44.71 50.09 99.78
C VAL A 95 45.57 50.85 98.79
N VAL A 96 45.43 50.54 97.50
CA VAL A 96 46.22 51.18 96.45
C VAL A 96 45.41 51.35 95.18
N ASP A 98 46.11 54.63 93.14
CA ASP A 98 46.42 56.06 92.98
C ASP A 98 47.18 56.26 91.67
N ASN A 99 46.45 56.32 90.56
CA ASN A 99 47.09 56.46 89.26
C ASN A 99 47.16 57.90 88.77
N LEU A 100 46.36 58.80 89.32
CA LEU A 100 46.33 60.18 88.84
C LEU A 100 47.61 60.89 89.25
N PRO A 101 48.15 61.78 88.42
CA PRO A 101 49.32 62.56 88.83
C PRO A 101 48.96 63.50 89.97
N LYS A 102 49.68 63.34 91.08
CA LYS A 102 49.44 64.15 92.27
C LYS A 102 50.77 64.51 92.89
N THR A 103 50.73 64.96 94.15
CA THR A 103 51.94 65.29 94.91
C THR A 103 52.76 66.37 94.22
N ILE A 104 52.10 67.48 93.94
CA ILE A 104 52.75 68.68 93.42
C ILE A 104 53.14 69.56 94.60
N ALA A 105 53.18 68.96 95.79
CA ALA A 105 53.47 69.66 97.05
C ALA A 105 52.43 70.72 97.35
N ASP A 106 51.16 70.39 97.11
CA ASP A 106 50.05 71.32 97.31
C ASP A 106 48.98 70.65 98.17
N PHE A 107 49.42 70.07 99.28
CA PHE A 107 48.54 69.66 100.36
C PHE A 107 48.29 70.81 101.33
N ALA A 108 48.78 72.00 101.01
CA ALA A 108 48.54 73.15 101.85
C ALA A 108 47.05 73.48 101.89
N GLY A 109 46.61 73.99 103.04
CA GLY A 109 45.20 74.20 103.26
C GLY A 109 44.56 73.02 103.98
N PHE A 110 45.27 71.91 104.03
CA PHE A 110 44.90 70.78 104.88
C PHE A 110 45.57 70.85 106.24
N SER A 111 46.06 72.03 106.62
CA SER A 111 46.52 72.24 107.98
C SER A 111 45.36 72.43 108.94
N ALA A 112 44.14 72.50 108.43
CA ALA A 112 42.96 72.74 109.26
C ALA A 112 42.32 71.40 109.60
N GLY A 113 42.85 70.74 110.63
CA GLY A 113 42.20 69.59 111.23
C GLY A 113 41.60 68.58 110.29
N VAL A 114 42.44 67.85 109.57
CA VAL A 114 41.94 66.90 108.58
C VAL A 114 41.29 65.71 109.27
N LEU A 115 40.18 65.24 108.71
CA LEU A 115 39.49 64.04 109.15
C LEU A 115 39.48 63.05 107.99
N THR A 116 39.84 61.80 108.29
CA THR A 116 39.67 60.70 107.35
C THR A 116 39.09 59.51 108.11
N ILE A 117 38.28 58.72 107.42
CA ILE A 117 37.54 57.60 108.01
C ILE A 117 37.99 56.32 107.35
N MET A 118 38.35 55.33 108.15
CA MET A 118 38.70 54.01 107.60
C MET A 118 38.03 52.92 108.43
N VAL A 119 37.71 51.81 107.77
CA VAL A 119 36.93 50.75 108.39
C VAL A 119 37.66 49.43 108.21
N GLY A 120 37.80 48.67 109.29
CA GLY A 120 38.09 47.26 109.19
C GLY A 120 36.79 46.51 109.06
N ALA A 121 35.95 46.65 110.08
CA ALA A 121 34.53 46.32 110.00
C ALA A 121 33.65 47.41 110.60
N ALA A 122 34.19 48.29 111.43
CA ALA A 122 33.49 49.44 111.98
C ALA A 122 34.35 50.68 111.79
N GLU A 123 33.71 51.84 111.93
CA GLU A 123 34.36 53.10 111.61
C GLU A 123 35.53 53.38 112.55
N GLN A 124 36.56 54.05 112.01
CA GLN A 124 37.67 54.60 112.77
C GLN A 124 37.94 55.98 112.18
N ASN A 125 37.70 57.01 112.98
CA ASN A 125 38.00 58.37 112.56
C ASN A 125 39.36 58.79 113.07
N ILE A 126 40.09 59.54 112.25
CA ILE A 126 41.46 59.92 112.56
C ILE A 126 41.47 61.39 112.97
N THR A 127 42.34 61.70 113.93
CA THR A 127 42.37 63.03 114.52
C THR A 127 42.90 64.05 113.53
N ALA A 128 43.04 65.29 113.99
CA ALA A 128 43.48 66.38 113.14
C ALA A 128 44.87 66.11 112.58
N ILE A 129 45.00 66.25 111.26
CA ILE A 129 46.27 66.04 110.56
C ILE A 129 46.61 67.34 109.86
N ASP A 130 47.73 67.94 110.22
CA ASP A 130 48.16 69.22 109.67
C ASP A 130 49.39 69.00 108.81
N THR A 131 49.30 69.37 107.53
CA THR A 131 50.41 69.24 106.59
C THR A 131 50.73 70.55 105.89
N SER A 132 50.63 71.68 106.59
CA SER A 132 51.00 72.96 106.00
C SER A 132 52.49 73.03 105.70
N ALA A 133 53.32 72.52 106.63
CA ALA A 133 54.76 72.55 106.42
C ALA A 133 55.16 71.75 105.18
N ALA A 134 54.95 70.44 105.22
CA ALA A 134 55.05 69.57 104.05
C ALA A 134 56.33 69.82 103.25
N THR A 135 57.46 69.51 103.90
CA THR A 135 58.74 69.63 103.21
C THR A 135 58.77 68.78 101.95
N SER A 136 58.24 67.57 102.02
CA SER A 136 58.13 66.69 100.88
C SER A 136 56.98 65.72 101.12
N MET A 137 56.60 65.00 100.08
CA MET A 137 55.53 64.01 100.22
C MET A 137 55.96 62.86 101.11
N ASP A 138 57.26 62.62 101.23
CA ASP A 138 57.73 61.66 102.21
C ASP A 138 57.34 62.11 103.62
N ASN A 139 57.49 63.40 103.89
CA ASN A 139 57.02 63.95 105.16
C ASN A 139 55.51 63.80 105.31
N VAL A 140 54.76 63.99 104.22
CA VAL A 140 53.31 63.85 104.30
C VAL A 140 52.93 62.43 104.67
N ALA A 141 53.56 61.44 104.04
CA ALA A 141 53.29 60.05 104.37
C ALA A 141 53.67 59.73 105.81
N SER A 142 54.82 60.25 106.27
CA SER A 142 55.21 60.03 107.65
C SER A 142 54.20 60.62 108.62
N ILE A 143 53.72 61.83 108.34
CA ILE A 143 52.79 62.49 109.24
C ILE A 143 51.45 61.77 109.26
N ILE A 144 51.00 61.29 108.10
CA ILE A 144 49.77 60.48 108.08
C ILE A 144 49.95 59.22 108.90
N GLN A 145 51.11 58.57 108.76
CA GLN A 145 51.38 57.35 109.52
C GLN A 145 51.38 57.62 111.02
N THR A 146 51.95 58.75 111.45
CA THR A 146 51.99 59.05 112.87
C THR A 146 50.58 59.21 113.43
N GLU A 147 49.69 59.88 112.70
CA GLU A 147 48.33 60.06 113.21
C GLU A 147 47.54 58.76 113.16
N ILE A 148 47.80 57.90 112.17
CA ILE A 148 47.08 56.63 112.10
C ILE A 148 47.52 55.71 113.23
N ARG A 149 48.82 55.68 113.53
CA ARG A 149 49.35 54.76 114.53
C ARG A 149 48.82 55.05 115.93
N LYS A 150 48.21 56.22 116.14
CA LYS A 150 47.67 56.53 117.46
C LYS A 150 46.41 55.73 117.78
N ASN A 151 45.76 55.16 116.77
CA ASN A 151 44.54 54.40 116.99
C ASN A 151 44.83 53.06 117.66
N ALA A 152 43.85 52.56 118.40
CA ALA A 152 44.02 51.35 119.21
C ALA A 152 43.58 50.07 118.52
N ASP A 153 43.12 50.15 117.28
CA ASP A 153 42.76 48.94 116.54
C ASP A 153 44.02 48.17 116.18
N PRO A 154 44.03 46.83 116.33
CA PRO A 154 45.27 46.08 116.05
C PRO A 154 45.83 46.27 114.65
N GLN A 155 44.97 46.38 113.64
CA GLN A 155 45.49 46.64 112.30
C GLN A 155 46.16 48.00 112.22
N LEU A 156 45.57 49.01 112.85
CA LEU A 156 46.07 50.37 112.76
C LEU A 156 47.11 50.70 113.82
N ALA A 157 47.41 49.76 114.71
CA ALA A 157 48.41 50.03 115.75
C ALA A 157 49.80 50.19 115.14
N GLN A 158 50.14 49.36 114.16
CA GLN A 158 51.46 49.40 113.52
C GLN A 158 51.34 49.54 112.02
N ALA A 159 50.28 50.20 111.54
CA ALA A 159 50.06 50.36 110.11
C ALA A 159 51.14 51.26 109.51
N THR A 160 51.42 51.05 108.23
CA THR A 160 52.44 51.80 107.52
C THR A 160 51.81 52.52 106.33
N VAL A 161 52.30 53.73 106.08
CA VAL A 161 51.92 54.51 104.91
C VAL A 161 53.18 54.79 104.11
N THR A 162 53.13 54.49 102.81
CA THR A 162 54.30 54.68 101.95
C THR A 162 53.88 55.48 100.73
N TRP A 163 54.87 56.09 100.09
CA TRP A 163 54.67 56.90 98.89
C TRP A 163 55.67 56.50 97.83
N ASN A 164 55.21 56.41 96.59
CA ASN A 164 56.01 55.94 95.47
C ASN A 164 56.20 57.08 94.48
N GLN A 165 57.42 57.22 93.96
CA GLN A 165 57.73 58.35 93.09
C GLN A 165 57.58 57.99 91.61
N ASN A 166 57.98 56.77 91.23
CA ASN A 166 57.92 56.37 89.82
C ASN A 166 56.50 56.47 89.29
N THR A 167 55.56 55.80 89.95
CA THR A 167 54.15 56.07 89.80
C THR A 167 53.76 57.10 90.85
N ASN A 168 52.47 57.28 91.08
CA ASN A 168 51.99 58.34 91.96
C ASN A 168 51.04 57.77 93.00
N GLN A 169 51.45 56.69 93.68
CA GLN A 169 50.57 55.92 94.52
C GLN A 169 50.91 56.07 96.00
N PHE A 170 49.88 56.30 96.82
CA PHE A 170 49.96 56.18 98.27
C PHE A 170 49.42 54.80 98.66
N THR A 171 50.15 54.10 99.53
CA THR A 171 49.78 52.76 99.92
C THR A 171 49.76 52.63 101.44
N LEU A 172 48.71 51.99 101.96
CA LEU A 172 48.52 51.78 103.38
C LEU A 172 48.48 50.30 103.67
N VAL A 173 49.30 49.85 104.61
CA VAL A 173 49.45 48.43 104.94
C VAL A 173 49.10 48.23 106.41
N GLY A 174 48.20 47.29 106.68
CA GLY A 174 47.83 46.98 108.05
C GLY A 174 48.88 46.14 108.76
N ALA A 175 48.79 46.13 110.08
CA ALA A 175 49.82 45.50 110.91
C ALA A 175 49.76 43.98 110.85
N THR A 176 48.58 43.39 110.97
CA THR A 176 48.46 41.94 111.06
C THR A 176 48.57 41.29 109.69
N ILE A 177 49.09 40.07 109.67
CA ILE A 177 49.35 39.35 108.43
C ILE A 177 48.49 38.10 108.41
N GLY A 178 47.67 37.96 107.37
CA GLY A 178 46.94 36.73 107.16
C GLY A 178 45.46 36.91 106.93
N THR A 179 44.83 37.82 107.67
CA THR A 179 43.40 38.02 107.58
C THR A 179 43.07 39.46 107.97
N GLY A 180 42.08 40.01 107.29
CA GLY A 180 41.61 41.37 107.57
C GLY A 180 41.08 42.00 106.30
N VAL A 181 40.16 42.94 106.46
CA VAL A 181 39.59 43.69 105.35
C VAL A 181 39.59 45.16 105.73
N LEU A 182 40.16 46.00 104.89
CA LEU A 182 40.25 47.44 105.14
C LEU A 182 39.62 48.22 104.00
N ALA A 183 39.05 49.38 104.33
CA ALA A 183 38.49 50.26 103.33
C ALA A 183 38.48 51.68 103.85
N VAL A 184 38.29 52.63 102.94
CA VAL A 184 38.21 54.05 103.26
C VAL A 184 36.91 54.60 102.70
N ALA A 185 36.27 55.48 103.47
CA ALA A 185 34.96 56.00 103.13
C ALA A 185 35.04 57.49 102.81
N LYS A 186 34.19 57.94 101.90
CA LYS A 186 34.09 59.35 101.53
C LYS A 186 33.17 60.05 102.52
N SER A 187 33.74 60.95 103.31
CA SER A 187 32.95 61.70 104.29
C SER A 187 32.53 63.04 103.70
N ALA A 188 31.67 63.74 104.45
CA ALA A 188 31.10 65.01 104.00
C ALA A 188 31.79 66.23 104.60
N ASP A 189 32.81 66.04 105.43
CA ASP A 189 33.50 67.18 106.04
C ASP A 189 34.29 67.94 104.98
N PRO A 190 34.49 69.25 105.18
CA PRO A 190 35.30 70.02 104.22
C PRO A 190 36.76 69.59 104.20
N GLN A 191 37.33 69.31 105.36
CA GLN A 191 38.76 68.99 105.47
C GLN A 191 38.95 67.48 105.49
N ASP A 192 38.59 66.87 104.36
CA ASP A 192 38.71 65.43 104.18
C ASP A 192 39.65 65.18 103.01
N MET A 193 40.73 64.43 103.26
CA MET A 193 41.80 64.26 102.30
C MET A 193 41.76 62.92 101.58
N SER A 194 40.57 62.37 101.38
CA SER A 194 40.44 61.17 100.55
C SER A 194 40.42 61.50 99.06
N THR A 195 40.38 62.78 98.68
CA THR A 195 40.47 63.17 97.29
C THR A 195 41.87 63.65 96.91
N ALA A 196 42.54 64.40 97.79
CA ALA A 196 43.94 64.70 97.56
C ALA A 196 44.77 63.43 97.54
N LEU A 197 44.51 62.52 98.48
CA LEU A 197 44.91 61.14 98.33
C LEU A 197 43.96 60.47 97.34
N GLY A 198 44.43 59.41 96.69
CA GLY A 198 43.55 58.75 95.75
C GLY A 198 42.78 57.60 96.37
N TRP A 199 42.49 57.69 97.65
CA TRP A 199 41.76 56.66 98.37
C TRP A 199 40.26 56.97 98.34
N SER A 200 39.46 55.96 98.02
CA SER A 200 38.02 56.08 97.88
C SER A 200 37.61 57.01 96.74
N THR A 201 38.42 57.06 95.68
CA THR A 201 38.06 57.82 94.49
C THR A 201 38.29 56.96 93.25
N SER A 202 37.34 57.03 92.32
CA SER A 202 37.42 56.31 91.04
C SER A 202 37.59 54.83 91.36
N ASN A 203 38.61 54.17 90.82
CA ASN A 203 38.86 52.75 91.07
C ASN A 203 40.09 52.58 91.97
N VAL A 204 39.85 52.10 93.19
CA VAL A 204 40.90 51.87 94.18
C VAL A 204 40.93 50.38 94.48
N VAL A 205 42.12 49.80 94.51
CA VAL A 205 42.28 48.37 94.75
C VAL A 205 42.42 48.15 96.25
N ASN A 206 41.43 47.48 96.83
CA ASN A 206 41.48 47.07 98.23
C ASN A 206 41.83 45.59 98.27
N VAL A 207 42.98 45.27 98.87
CA VAL A 207 43.50 43.91 98.90
C VAL A 207 43.29 43.34 100.30
N ALA A 208 42.57 42.22 100.37
CA ALA A 208 42.35 41.55 101.64
C ALA A 208 43.53 40.61 101.94
N GLY A 209 43.61 40.19 103.20
CA GLY A 209 44.71 39.32 103.60
C GLY A 209 44.63 37.97 102.91
N GLN A 210 45.79 37.36 102.70
CA GLN A 210 45.88 36.11 101.98
C GLN A 210 46.91 35.19 102.62
N SER A 211 46.87 33.93 102.21
CA SER A 211 47.83 32.91 102.63
C SER A 211 48.98 32.86 101.64
N ALA A 212 49.81 31.82 101.73
CA ALA A 212 50.98 31.71 100.88
C ALA A 212 50.60 31.44 99.42
N ASP A 213 49.45 30.82 99.18
CA ASP A 213 48.89 30.64 97.84
C ASP A 213 49.78 29.75 96.97
N LEU A 214 49.29 29.37 95.79
CA LEU A 214 49.98 28.40 94.94
C LEU A 214 49.98 28.91 93.51
N PRO A 215 50.98 28.54 92.71
CA PRO A 215 51.10 29.13 91.37
C PRO A 215 49.92 28.82 90.45
N ASP A 216 49.40 27.59 90.49
CA ASP A 216 48.33 27.23 89.56
C ASP A 216 47.03 27.93 89.94
N ALA A 217 46.81 28.17 91.23
CA ALA A 217 45.68 28.98 91.64
C ALA A 217 45.87 30.44 91.24
N ALA A 218 47.10 30.93 91.34
CA ALA A 218 47.39 32.32 90.99
C ALA A 218 47.14 32.58 89.51
N VAL A 219 47.58 31.66 88.65
CA VAL A 219 47.37 31.86 87.22
C VAL A 219 45.89 31.80 86.89
N ALA A 220 45.13 30.95 87.58
CA ALA A 220 43.68 30.91 87.36
C ALA A 220 43.02 32.21 87.79
N LYS A 221 43.44 32.76 88.93
CA LYS A 221 42.90 34.05 89.35
C LYS A 221 43.23 35.13 88.34
N SER A 222 44.45 35.13 87.80
CA SER A 222 44.83 36.12 86.82
C SER A 222 44.03 35.97 85.53
N THR A 223 43.79 34.73 85.09
CA THR A 223 43.01 34.53 83.87
C THR A 223 41.54 34.81 84.08
N ASN A 224 41.09 34.85 85.34
CA ASN A 224 39.70 35.22 85.61
C ASN A 224 39.39 36.64 85.15
N VAL A 225 40.31 37.57 85.35
CA VAL A 225 40.01 38.97 85.08
C VAL A 225 40.14 39.29 83.59
N SER A 226 41.12 38.69 82.92
CA SER A 226 41.26 38.88 81.47
C SER A 226 42.15 37.77 80.91
N ASN A 227 41.76 37.25 79.76
CA ASN A 227 42.48 36.16 79.11
C ASN A 227 42.89 36.48 77.68
N ASN A 228 43.22 37.74 77.40
CA ASN A 228 43.68 38.15 76.08
C ASN A 228 45.20 38.06 76.01
N PHE A 229 45.69 36.83 75.96
CA PHE A 229 47.13 36.59 75.94
C PHE A 229 47.41 35.19 75.42
N GLY A 230 48.69 34.91 75.25
CA GLY A 230 49.15 33.56 74.94
C GLY A 230 50.57 33.40 75.41
N SER A 231 50.95 32.16 75.72
CA SER A 231 52.32 31.82 76.11
C SER A 231 52.77 32.61 77.33
N PHE A 232 52.11 32.38 78.47
CA PHE A 232 52.53 33.00 79.72
C PHE A 232 53.81 32.36 80.25
N LEU A 233 54.40 33.00 81.25
CA LEU A 233 55.60 32.49 81.91
C LEU A 233 55.78 33.21 83.24
N PHE A 234 56.45 32.54 84.19
CA PHE A 234 56.53 33.09 85.56
C PHE A 234 57.68 34.06 85.71
N ALA A 235 58.90 33.62 85.41
CA ALA A 235 60.06 34.50 85.38
C ALA A 235 60.32 35.17 86.72
N GLY A 236 60.65 34.36 87.70
CA GLY A 236 61.19 34.85 88.97
C GLY A 236 62.42 34.04 89.32
N ALA A 237 62.44 33.56 90.57
CA ALA A 237 63.37 32.52 90.94
C ALA A 237 62.91 31.20 90.32
N PRO A 238 63.84 30.28 90.06
CA PRO A 238 63.44 28.99 89.49
C PRO A 238 62.47 28.25 90.39
N LEU A 239 61.49 27.61 89.77
CA LEU A 239 60.44 26.92 90.51
C LEU A 239 60.83 25.46 90.77
N ASP A 240 60.21 24.89 91.78
CA ASP A 240 60.40 23.48 92.09
C ASP A 240 59.77 22.63 91.01
N ASN A 241 60.24 21.38 90.90
CA ASN A 241 59.74 20.49 89.86
C ASN A 241 58.26 20.20 90.04
N ASP A 242 57.80 20.04 91.28
CA ASP A 242 56.39 19.77 91.53
C ASP A 242 55.51 20.94 91.12
N GLN A 243 55.99 22.17 91.36
CA GLN A 243 55.24 23.35 90.94
C GLN A 243 55.12 23.40 89.42
N ILE A 244 56.22 23.09 88.72
CA ILE A 244 56.16 23.03 87.27
C ILE A 244 55.18 21.97 86.82
N LYS A 245 55.17 20.82 87.49
CA LYS A 245 54.23 19.76 87.14
C LYS A 245 52.79 20.22 87.30
N ALA A 246 52.48 20.87 88.42
CA ALA A 246 51.12 21.34 88.66
C ALA A 246 50.70 22.37 87.62
N VAL A 247 51.59 23.31 87.28
CA VAL A 247 51.24 24.35 86.33
C VAL A 247 51.06 23.76 84.93
N SER A 248 51.91 22.81 84.56
CA SER A 248 51.76 22.17 83.25
C SER A 248 50.47 21.37 83.18
N ALA A 249 50.09 20.70 84.28
CA ALA A 249 48.80 20.01 84.30
C ALA A 249 47.65 20.98 84.14
N TRP A 250 47.71 22.12 84.84
CA TRP A 250 46.65 23.11 84.70
C TRP A 250 46.56 23.63 83.27
N ASN A 251 47.71 23.89 82.64
CA ASN A 251 47.70 24.31 81.25
C ASN A 251 47.08 23.24 80.36
N ALA A 252 47.41 21.97 80.61
CA ALA A 252 46.84 20.88 79.81
C ALA A 252 45.34 20.75 80.03
N ALA A 253 44.83 21.26 81.15
CA ALA A 253 43.38 21.20 81.38
C ALA A 253 42.61 21.92 80.28
N GLN A 254 43.03 23.12 79.91
CA GLN A 254 42.46 23.78 78.74
C GLN A 254 43.14 23.24 77.49
N ASN A 255 42.34 22.84 76.50
CA ASN A 255 42.87 22.01 75.42
C ASN A 255 43.96 22.72 74.63
N ASN A 256 43.62 23.80 73.94
CA ASN A 256 44.53 24.41 73.00
C ASN A 256 44.49 25.93 73.11
N GLN A 257 44.56 26.45 74.33
CA GLN A 257 44.40 27.87 74.59
C GLN A 257 45.71 28.62 74.74
N PHE A 258 46.62 28.15 75.60
CA PHE A 258 47.79 28.90 75.99
C PHE A 258 49.04 28.08 75.72
N ILE A 259 50.20 28.70 75.89
CA ILE A 259 51.48 28.02 75.91
C ILE A 259 52.15 28.34 77.24
N TYR A 260 53.06 27.46 77.66
CA TYR A 260 53.73 27.60 78.94
C TYR A 260 55.21 27.28 78.75
N THR A 261 56.07 28.28 78.88
CA THR A 261 57.50 28.14 78.60
C THR A 261 58.25 27.99 79.90
N VAL A 262 59.14 26.99 79.97
CA VAL A 262 59.96 26.72 81.14
C VAL A 262 61.41 26.75 80.71
N ALA A 263 62.28 27.17 81.62
CA ALA A 263 63.71 27.20 81.38
C ALA A 263 64.40 26.23 82.34
N THR A 264 65.26 25.37 81.79
CA THR A 264 65.91 24.32 82.57
C THR A 264 67.39 24.26 82.23
N SER A 265 68.15 23.62 83.11
CA SER A 265 69.53 23.28 82.78
C SER A 265 69.58 21.96 82.04
N LEU A 266 70.76 21.62 81.53
CA LEU A 266 70.90 20.39 80.76
C LEU A 266 70.65 19.17 81.62
N ALA A 267 71.24 19.14 82.82
CA ALA A 267 71.10 17.98 83.69
C ALA A 267 69.66 17.84 84.20
N ASN A 268 69.01 18.96 84.50
CA ASN A 268 67.63 18.91 84.97
C ASN A 268 66.65 18.50 83.89
N LEU A 269 67.05 18.58 82.62
CA LEU A 269 66.15 18.25 81.53
C LEU A 269 65.70 16.80 81.59
N GLY A 270 66.62 15.89 81.90
CA GLY A 270 66.25 14.49 82.01
C GLY A 270 65.30 14.22 83.16
N THR A 271 65.47 14.96 84.26
CA THR A 271 64.54 14.82 85.38
C THR A 271 63.13 15.22 84.98
N LEU A 272 62.99 16.33 84.25
CA LEU A 272 61.73 16.61 83.58
C LEU A 272 61.59 15.71 82.37
N PHE A 273 60.52 15.92 81.62
CA PHE A 273 60.06 15.09 80.52
C PHE A 273 59.57 13.74 81.04
N THR A 274 59.74 13.45 82.32
CA THR A 274 59.06 12.36 83.00
C THR A 274 57.82 12.86 83.72
N LEU A 275 57.94 13.98 84.44
CA LEU A 275 56.78 14.61 85.05
C LEU A 275 55.87 15.24 84.01
N VAL A 276 56.44 16.04 83.10
CA VAL A 276 55.64 16.82 82.16
C VAL A 276 55.44 16.14 80.83
N ASN A 277 55.72 14.84 80.73
CA ASN A 277 55.35 14.11 79.53
C ASN A 277 53.84 14.18 79.33
N GLY A 278 53.41 14.19 78.08
CA GLY A 278 52.04 14.57 77.82
C GLY A 278 51.92 16.07 78.05
N ASN A 279 50.81 16.49 78.65
CA ASN A 279 50.64 17.87 79.09
C ASN A 279 50.81 18.83 77.91
N ALA A 280 49.88 18.76 76.97
CA ALA A 280 50.00 19.53 75.74
C ALA A 280 50.08 21.02 76.01
N GLY A 281 50.91 21.71 75.22
CA GLY A 281 51.05 23.14 75.35
C GLY A 281 52.21 23.60 76.20
N THR A 282 53.13 22.72 76.55
CA THR A 282 54.27 23.04 77.41
C THR A 282 55.55 22.99 76.59
N ALA A 283 56.41 24.00 76.76
CA ALA A 283 57.67 24.10 76.03
C ALA A 283 58.83 24.15 77.03
N LEU A 284 59.90 23.44 76.70
CA LEU A 284 61.10 23.38 77.54
C LEU A 284 62.28 23.97 76.78
N ASN A 285 62.97 24.91 77.42
CA ASN A 285 64.10 25.61 76.82
C ASN A 285 65.32 25.45 77.70
N VAL A 286 66.44 25.07 77.12
CA VAL A 286 67.64 24.78 77.88
C VAL A 286 68.45 26.05 78.08
N LEU A 287 68.85 26.31 79.32
CA LEU A 287 69.69 27.44 79.69
C LEU A 287 71.16 27.05 79.66
N SER A 288 72.01 28.05 79.83
CA SER A 288 73.45 27.86 79.94
C SER A 288 73.89 28.22 81.35
N ALA A 289 74.50 27.26 82.05
CA ALA A 289 74.99 27.51 83.39
C ALA A 289 76.25 28.37 83.36
N THR A 290 76.47 29.11 84.44
CA THR A 290 77.67 29.95 84.61
C THR A 290 77.83 30.91 83.43
N ALA A 291 76.74 31.57 83.08
CA ALA A 291 76.76 32.57 82.01
C ALA A 291 75.78 33.67 82.36
N ALA A 292 75.67 34.65 81.47
CA ALA A 292 74.69 35.72 81.66
C ALA A 292 73.29 35.14 81.62
N ASN A 293 72.34 35.88 82.20
CA ASN A 293 70.96 35.39 82.25
C ASN A 293 70.41 35.17 80.85
N ASP A 294 70.50 36.17 79.99
CA ASP A 294 70.14 36.13 78.57
C ASP A 294 68.94 35.23 78.33
N PHE A 295 67.93 35.43 79.18
CA PHE A 295 66.73 34.61 79.23
C PHE A 295 66.23 34.17 77.86
N VAL A 296 65.99 32.86 77.73
CA VAL A 296 65.75 32.22 76.44
C VAL A 296 64.33 31.67 76.31
N GLU A 297 63.63 31.45 77.43
CA GLU A 297 62.28 30.91 77.36
C GLU A 297 61.32 31.85 76.66
N GLN A 298 61.77 33.05 76.31
CA GLN A 298 60.93 34.02 75.64
C GLN A 298 60.93 33.90 74.13
N CYS A 299 61.79 33.05 73.55
CA CYS A 299 61.84 32.94 72.09
C CYS A 299 60.53 32.48 71.47
N PRO A 300 59.93 31.35 71.88
CA PRO A 300 58.62 31.00 71.31
C PRO A 300 57.56 32.03 71.60
N SER A 301 57.58 32.63 72.78
CA SER A 301 56.60 33.66 73.12
C SER A 301 56.74 34.86 72.22
N GLU A 302 57.98 35.31 71.97
CA GLU A 302 58.18 36.44 71.07
C GLU A 302 57.72 36.11 69.66
N ILE A 303 58.08 34.94 69.16
CA ILE A 303 57.71 34.57 67.79
C ILE A 303 56.19 34.51 67.66
N LEU A 304 55.50 33.97 68.67
CA LEU A 304 54.04 33.94 68.63
C LEU A 304 53.47 35.36 68.68
N ALA A 305 54.00 36.21 69.56
CA ALA A 305 53.45 37.55 69.73
C ALA A 305 53.58 38.38 68.47
N ALA A 306 54.71 38.25 67.76
CA ALA A 306 54.95 39.10 66.60
C ALA A 306 54.07 38.73 65.40
N THR A 307 53.52 37.52 65.37
CA THR A 307 52.76 37.08 64.21
C THR A 307 51.46 37.86 64.06
N ASN A 308 51.10 38.15 62.81
CA ASN A 308 49.90 38.90 62.47
C ASN A 308 49.09 38.05 61.50
N TYR A 309 47.92 37.58 61.94
CA TYR A 309 47.21 36.55 61.19
C TYR A 309 46.23 37.09 60.17
N GLU A 311 47.29 39.15 57.68
CA GLU A 311 48.11 39.29 56.49
C GLU A 311 48.45 37.92 55.92
N PRO A 312 48.78 37.84 54.62
CA PRO A 312 49.07 36.54 54.01
C PRO A 312 50.44 36.01 54.40
N GLY A 313 50.60 34.71 54.20
CA GLY A 313 51.88 34.04 54.44
C GLY A 313 52.38 34.17 55.86
N ALA A 314 51.48 34.10 56.84
CA ALA A 314 51.83 34.32 58.23
C ALA A 314 51.99 33.03 59.03
N SER A 315 51.93 31.87 58.37
CA SER A 315 52.04 30.61 59.09
C SER A 315 53.40 30.49 59.76
N GLN A 316 54.47 30.82 59.04
CA GLN A 316 55.82 30.84 59.57
C GLN A 316 56.30 29.47 60.03
N ASN A 317 57.51 29.39 60.57
CA ASN A 317 58.09 28.16 61.07
C ASN A 317 59.00 28.50 62.24
N TYR A 318 58.84 27.76 63.33
CA TYR A 318 59.56 28.04 64.56
C TYR A 318 60.96 27.46 64.58
N MET A 319 61.36 26.70 63.56
CA MET A 319 62.66 26.03 63.60
C MET A 319 63.80 26.96 63.17
N TYR A 320 63.80 27.38 61.91
CA TYR A 320 64.95 28.10 61.36
C TYR A 320 64.77 29.59 61.64
N TYR A 321 65.30 30.05 62.77
CA TYR A 321 65.19 31.45 63.12
C TYR A 321 66.37 31.77 64.02
N GLN A 322 66.89 32.99 63.91
CA GLN A 322 68.17 33.35 64.52
C GLN A 322 67.96 34.32 65.67
N PHE A 323 68.70 34.10 66.77
CA PHE A 323 68.63 34.93 67.97
C PHE A 323 70.04 35.36 68.37
N PRO A 324 70.55 36.47 67.82
CA PRO A 324 71.93 36.88 68.15
C PRO A 324 72.13 37.23 69.62
N GLY A 325 71.08 37.66 70.32
CA GLY A 325 71.23 37.98 71.72
C GLY A 325 71.52 36.77 72.59
N ARG A 326 70.83 35.65 72.33
CA ARG A 326 71.00 34.46 73.13
C ARG A 326 72.34 33.79 72.81
N ASN A 327 72.95 33.20 73.82
CA ASN A 327 74.23 32.53 73.64
C ASN A 327 74.03 31.06 73.30
N ILE A 328 75.10 30.43 72.82
CA ILE A 328 75.03 29.09 72.28
C ILE A 328 74.79 28.09 73.41
N THR A 329 74.13 27.00 73.10
CA THR A 329 73.75 25.99 74.08
C THR A 329 74.45 24.65 73.86
N VAL A 330 74.35 24.07 72.67
CA VAL A 330 74.97 22.78 72.37
C VAL A 330 75.76 22.91 71.08
N SER A 331 76.83 22.12 70.96
CA SER A 331 77.70 22.18 69.80
C SER A 331 78.19 20.82 69.32
N ASP A 332 77.74 19.73 69.91
CA ASP A 332 78.10 18.39 69.49
C ASP A 332 76.86 17.68 68.94
N ASP A 333 77.09 16.75 68.01
CA ASP A 333 75.96 16.00 67.45
C ASP A 333 75.44 14.98 68.44
N THR A 334 76.33 14.36 69.22
CA THR A 334 75.86 13.38 70.21
C THR A 334 75.09 14.06 71.34
N VAL A 335 75.54 15.24 71.77
CA VAL A 335 74.82 15.97 72.81
C VAL A 335 73.46 16.40 72.31
N ALA A 336 73.37 16.85 71.06
CA ALA A 336 72.09 17.20 70.47
C ALA A 336 71.18 15.98 70.38
N ASN A 337 71.75 14.82 70.04
CA ASN A 337 70.96 13.60 70.00
C ASN A 337 70.39 13.25 71.36
N THR A 338 71.20 13.37 72.41
CA THR A 338 70.68 13.11 73.76
C THR A 338 69.62 14.13 74.16
N VAL A 339 69.80 15.39 73.80
CA VAL A 339 68.86 16.42 74.21
C VAL A 339 67.52 16.25 73.50
N ASP A 340 67.55 15.87 72.21
CA ASP A 340 66.32 15.78 71.45
C ASP A 340 65.39 14.71 71.98
N LYS A 341 65.92 13.71 72.68
CA LYS A 341 65.07 12.68 73.26
C LYS A 341 64.12 13.26 74.29
N SER A 342 64.53 14.32 74.97
CA SER A 342 63.72 14.96 76.01
C SER A 342 62.89 16.12 75.47
N ARG A 343 62.86 16.32 74.16
CA ARG A 343 62.09 17.39 73.53
C ARG A 343 62.47 18.76 74.08
N GLY A 344 63.77 19.02 74.12
CA GLY A 344 64.29 20.30 74.57
C GLY A 344 64.57 21.20 73.38
N ASN A 345 64.29 22.49 73.57
CA ASN A 345 64.52 23.50 72.54
C ASN A 345 65.73 24.32 72.91
N TYR A 346 66.56 24.63 71.92
CA TYR A 346 67.85 25.23 72.21
C TYR A 346 68.34 26.02 71.00
N ILE A 347 69.49 26.67 71.18
CA ILE A 347 70.21 27.36 70.12
C ILE A 347 71.42 26.50 69.79
N GLY A 348 71.49 26.02 68.54
CA GLY A 348 72.59 25.19 68.09
C GLY A 348 73.47 25.96 67.14
N VAL A 349 74.77 25.60 67.13
CA VAL A 349 75.75 26.22 66.25
C VAL A 349 76.27 25.15 65.29
N THR A 350 76.39 25.51 64.03
CA THR A 350 76.89 24.60 63.01
C THR A 350 77.74 25.36 62.01
N GLN A 351 78.75 24.69 61.48
CA GLN A 351 79.66 25.30 60.52
C GLN A 351 79.09 25.19 59.11
N ALA A 352 79.06 26.31 58.39
CA ALA A 352 78.62 26.32 56.98
C ALA A 352 79.64 27.14 56.20
N ASN A 353 80.69 26.47 55.72
CA ASN A 353 81.78 27.11 55.00
C ASN A 353 82.38 28.24 55.81
N GLY A 354 82.91 27.89 56.97
CA GLY A 354 83.59 28.88 57.81
C GLY A 354 82.72 29.63 58.79
N GLN A 355 81.52 30.03 58.37
CA GLN A 355 80.65 30.80 59.25
C GLN A 355 79.91 29.89 60.22
N GLN A 356 79.79 30.34 61.47
CA GLN A 356 79.14 29.58 62.53
C GLN A 356 77.69 30.05 62.63
N ALA A 358 74.18 30.10 64.15
CA ALA A 358 73.53 29.75 65.41
C ALA A 358 72.05 30.03 65.26
N PHE A 359 71.22 29.03 65.58
CA PHE A 359 69.79 29.22 65.42
C PHE A 359 69.02 28.28 66.33
N TYR A 360 67.76 28.65 66.58
CA TYR A 360 66.82 27.79 67.29
C TYR A 360 66.67 26.48 66.52
N GLN A 361 66.56 25.37 67.24
CA GLN A 361 66.74 24.09 66.56
C GLN A 361 65.48 23.25 66.45
N ARG A 362 64.59 23.28 67.42
CA ARG A 362 63.41 22.42 67.35
C ARG A 362 62.16 23.19 67.73
N GLY A 363 61.08 22.95 67.01
CA GLY A 363 59.83 23.60 67.31
C GLY A 363 58.80 22.62 67.84
N ILE A 364 59.23 21.72 68.73
CA ILE A 364 58.37 20.64 69.17
C ILE A 364 57.89 20.89 70.59
N LEU A 365 56.67 20.46 70.89
CA LEU A 365 56.06 20.57 72.20
C LEU A 365 55.85 19.18 72.80
N CYS A 366 55.88 19.11 74.12
CA CYS A 366 55.55 17.85 74.78
C CYS A 366 54.04 17.66 74.82
N GLY A 367 53.59 16.46 74.44
CA GLY A 367 52.17 16.17 74.39
C GLY A 367 51.93 14.75 73.90
N GLY A 368 50.66 14.39 73.84
CA GLY A 368 50.27 13.07 73.41
C GLY A 368 50.12 12.98 71.90
N PRO A 369 49.74 11.79 71.40
CA PRO A 369 49.54 11.65 69.97
C PRO A 369 48.42 12.52 69.41
N THR A 370 47.37 12.77 70.18
CA THR A 370 46.24 13.54 69.69
C THR A 370 46.51 15.04 69.64
N ASP A 371 47.52 15.52 70.36
CA ASP A 371 47.75 16.95 70.44
C ASP A 371 48.82 17.40 69.45
N ALA A 372 48.92 18.71 69.27
CA ALA A 372 49.79 19.32 68.27
C ALA A 372 51.20 19.40 68.81
N VAL A 373 52.11 18.59 68.26
CA VAL A 373 53.49 18.57 68.73
C VAL A 373 54.24 19.81 68.26
N ASP A 374 54.07 20.20 67.01
CA ASP A 374 54.74 21.38 66.49
C ASP A 374 54.06 22.65 66.99
N MET A 375 54.85 23.70 67.21
CA MET A 375 54.29 24.94 67.74
C MET A 375 53.53 25.75 66.71
N ASN A 376 53.89 25.67 65.42
CA ASN A 376 53.19 26.47 64.42
C ASN A 376 51.74 26.02 64.29
N VAL A 377 51.49 24.72 64.23
CA VAL A 377 50.12 24.22 64.16
C VAL A 377 49.37 24.54 65.45
N TYR A 378 50.07 24.50 66.58
CA TYR A 378 49.45 24.89 67.85
C TYR A 378 48.96 26.33 67.78
N ALA A 379 49.81 27.25 67.32
CA ALA A 379 49.40 28.65 67.23
C ALA A 379 48.26 28.83 66.25
N ASN A 380 48.31 28.14 65.12
CA ASN A 380 47.24 28.28 64.13
C ASN A 380 45.92 27.76 64.67
N GLU A 381 45.95 26.67 65.46
CA GLU A 381 44.70 26.21 66.06
C GLU A 381 44.18 27.17 67.10
N ILE A 382 45.08 27.80 67.88
CA ILE A 382 44.65 28.86 68.80
C ILE A 382 43.90 29.94 68.03
N TRP A 383 44.50 30.41 66.93
CA TRP A 383 43.88 31.48 66.15
C TRP A 383 42.55 31.05 65.56
N LEU A 384 42.47 29.82 65.03
CA LEU A 384 41.21 29.34 64.48
C LEU A 384 40.12 29.31 65.53
N LYS A 385 40.41 28.76 66.71
CA LYS A 385 39.39 28.70 67.75
C LYS A 385 38.93 30.09 68.13
N SER A 386 39.87 31.03 68.31
CA SER A 386 39.48 32.38 68.69
C SER A 386 38.63 33.05 67.61
N ALA A 387 39.02 32.90 66.33
CA ALA A 387 38.28 33.56 65.25
C ALA A 387 36.88 32.98 65.10
N ILE A 388 36.75 31.66 65.15
CA ILE A 388 35.43 31.04 65.02
C ILE A 388 34.53 31.47 66.18
N ALA A 389 35.08 31.45 67.40
CA ALA A 389 34.27 31.85 68.55
C ALA A 389 33.84 33.31 68.44
N GLN A 390 34.74 34.18 67.98
CA GLN A 390 34.38 35.58 67.80
C GLN A 390 33.25 35.73 66.78
N ALA A 391 33.35 35.06 65.64
CA ALA A 391 32.32 35.20 64.62
C ALA A 391 30.96 34.70 65.12
N LEU A 392 30.96 33.55 65.81
CA LEU A 392 29.69 33.01 66.30
C LEU A 392 29.09 33.89 67.38
N LEU A 393 29.90 34.38 68.31
CA LEU A 393 29.38 35.27 69.34
C LEU A 393 28.83 36.55 68.74
N ASP A 394 29.52 37.10 67.74
CA ASP A 394 29.04 38.32 67.10
C ASP A 394 27.72 38.08 66.39
N LEU A 395 27.59 36.95 65.70
CA LEU A 395 26.31 36.58 65.11
C LEU A 395 25.21 36.53 66.16
N PHE A 396 25.47 35.88 67.29
CA PHE A 396 24.46 35.80 68.34
C PHE A 396 24.08 37.18 68.86
N LEU A 397 25.06 38.06 69.01
CA LEU A 397 24.79 39.37 69.60
C LEU A 397 24.06 40.31 68.67
N ASN A 398 24.25 40.21 67.35
CA ASN A 398 23.69 41.19 66.43
C ASN A 398 22.31 40.82 65.91
N VAL A 399 22.18 39.69 65.22
CA VAL A 399 20.92 39.37 64.56
C VAL A 399 19.84 39.09 65.60
N ASN A 400 18.59 39.31 65.23
CA ASN A 400 17.49 39.18 66.18
C ASN A 400 17.36 37.74 66.67
N ALA A 401 17.29 36.78 65.76
CA ALA A 401 17.09 35.38 66.14
C ALA A 401 17.63 34.49 65.03
N VAL A 402 18.04 33.30 65.42
CA VAL A 402 18.56 32.31 64.48
C VAL A 402 17.62 31.13 64.46
N PRO A 403 16.76 30.99 63.46
CA PRO A 403 15.80 29.88 63.45
C PRO A 403 16.49 28.53 63.29
N ALA A 404 15.87 27.51 63.88
CA ALA A 404 16.41 26.15 63.82
C ALA A 404 15.79 25.43 62.64
N SER A 405 16.18 25.86 61.45
CA SER A 405 15.71 25.26 60.21
C SER A 405 16.80 25.46 59.16
N SER A 406 16.47 25.14 57.90
CA SER A 406 17.47 25.21 56.83
C SER A 406 18.09 26.60 56.73
N THR A 407 17.29 27.65 56.95
CA THR A 407 17.83 28.99 56.95
C THR A 407 18.92 29.15 58.01
N GLY A 408 18.76 28.45 59.14
CA GLY A 408 19.79 28.52 60.16
C GLY A 408 21.14 27.99 59.71
N GLU A 409 21.17 26.80 59.11
CA GLU A 409 22.44 26.27 58.63
C GLU A 409 23.00 27.15 57.53
N ALA A 410 22.15 27.63 56.61
CA ALA A 410 22.65 28.49 55.55
C ALA A 410 23.28 29.75 56.10
N MET A 411 22.61 30.40 57.06
CA MET A 411 23.12 31.64 57.62
C MET A 411 24.41 31.42 58.39
N THR A 412 24.48 30.35 59.19
CA THR A 412 25.70 30.06 59.94
C THR A 412 26.86 29.79 59.01
N LEU A 413 26.64 29.01 57.96
CA LEU A 413 27.72 28.73 57.01
C LEU A 413 28.16 30.00 56.30
N ALA A 414 27.20 30.86 55.92
CA ALA A 414 27.55 32.11 55.25
C ALA A 414 28.40 32.99 56.15
N VAL A 415 28.08 33.02 57.45
CA VAL A 415 28.85 33.85 58.37
C VAL A 415 30.24 33.27 58.59
N LEU A 416 30.35 31.94 58.68
CA LEU A 416 31.68 31.35 58.88
C LEU A 416 32.53 31.36 57.61
N GLN A 417 31.94 31.63 56.46
CA GLN A 417 32.71 31.58 55.21
C GLN A 417 33.92 32.51 55.17
N PRO A 418 33.83 33.79 55.53
CA PRO A 418 35.02 34.66 55.43
C PRO A 418 36.20 34.21 56.27
N VAL A 419 35.96 33.65 57.45
CA VAL A 419 37.06 33.19 58.29
C VAL A 419 37.82 32.06 57.60
N LEU A 420 37.08 31.10 57.04
CA LEU A 420 37.72 30.01 56.32
C LEU A 420 38.40 30.50 55.04
N ASP A 421 37.86 31.55 54.42
CA ASP A 421 38.53 32.12 53.26
C ASP A 421 39.86 32.73 53.65
N LYS A 422 39.90 33.44 54.78
CA LYS A 422 41.15 34.03 55.25
C LYS A 422 42.15 32.96 55.69
N ALA A 423 41.64 31.84 56.22
CA ALA A 423 42.51 30.78 56.69
C ALA A 423 43.34 30.18 55.56
N THR A 424 42.76 30.07 54.36
CA THR A 424 43.51 29.56 53.22
C THR A 424 44.65 30.50 52.84
N ALA A 425 44.40 31.81 52.87
CA ALA A 425 45.43 32.77 52.50
C ALA A 425 46.52 32.84 53.56
N ASN A 426 46.16 32.66 54.83
CA ASN A 426 47.15 32.74 55.91
C ASN A 426 48.23 31.68 55.75
N GLY A 427 47.82 30.46 55.41
CA GLY A 427 48.72 29.34 55.36
C GLY A 427 48.42 28.25 56.37
N THR A 428 47.37 28.42 57.18
CA THR A 428 46.98 27.36 58.11
C THR A 428 46.24 26.23 57.42
N PHE A 429 45.70 26.47 56.23
CA PHE A 429 45.12 25.41 55.40
C PHE A 429 46.05 25.19 54.23
N THR A 430 46.47 23.94 54.03
CA THR A 430 47.35 23.58 52.93
C THR A 430 46.59 22.69 51.95
N TYR A 431 46.57 23.10 50.69
CA TYR A 431 45.93 22.34 49.64
C TYR A 431 46.98 21.63 48.78
N LYS A 433 48.34 18.86 49.55
CA LYS A 433 49.16 18.01 50.39
C LYS A 433 48.73 16.55 50.22
N GLU A 434 49.69 15.64 50.24
CA GLU A 434 49.37 14.23 50.10
C GLU A 434 48.64 13.73 51.33
N SER A 436 47.46 10.24 53.36
CA SER A 436 47.77 8.83 53.47
C SER A 436 46.50 7.99 53.40
N ALA A 437 46.68 6.70 53.10
CA ALA A 437 45.55 5.79 53.04
C ALA A 437 44.88 5.66 54.40
N VAL A 438 45.68 5.59 55.47
CA VAL A 438 45.13 5.49 56.81
C VAL A 438 44.30 6.72 57.14
N GLN A 439 44.81 7.90 56.80
CA GLN A 439 44.05 9.13 57.03
C GLN A 439 42.79 9.15 56.18
N GLN A 440 42.87 8.62 54.96
CA GLN A 440 41.69 8.54 54.11
C GLN A 440 40.60 7.70 54.78
N GLN A 441 40.98 6.52 55.29
CA GLN A 441 40.01 5.65 55.93
C GLN A 441 39.46 6.30 57.19
N TYR A 442 40.30 6.99 57.95
CA TYR A 442 39.85 7.69 59.14
C TYR A 442 38.81 8.75 58.78
N ILE A 443 39.05 9.50 57.72
CA ILE A 443 38.10 10.55 57.33
C ILE A 443 36.79 9.92 56.85
N THR A 444 36.87 8.85 56.06
CA THR A 444 35.65 8.21 55.59
C THR A 444 34.87 7.58 56.73
N GLN A 445 35.55 7.20 57.82
CA GLN A 445 34.84 6.60 58.94
C GLN A 445 34.23 7.67 59.84
N VAL A 446 34.99 8.73 60.13
CA VAL A 446 34.52 9.77 61.04
C VAL A 446 33.32 10.51 60.45
N THR A 447 33.40 10.85 59.17
CA THR A 447 32.28 11.48 58.47
C THR A 447 31.56 10.41 57.67
N GLY A 448 30.24 10.31 57.85
CA GLY A 448 29.48 9.36 57.08
C GLY A 448 29.59 9.62 55.59
N ASP A 449 29.81 10.88 55.21
CA ASP A 449 29.93 11.24 53.81
C ASP A 449 31.30 10.90 53.27
N ARG A 450 31.34 9.95 52.33
CA ARG A 450 32.52 9.65 51.56
C ARG A 450 32.74 10.74 50.51
N ARG A 451 33.95 10.79 49.94
CA ARG A 451 34.48 11.83 49.07
C ARG A 451 34.74 13.13 49.83
N ALA A 452 34.71 13.11 51.15
CA ALA A 452 35.17 14.27 51.90
C ALA A 452 36.67 14.41 51.81
N TRP A 453 37.40 13.29 51.75
CA TRP A 453 38.85 13.35 51.71
C TRP A 453 39.36 13.94 50.40
N ARG A 454 38.69 13.63 49.29
CA ARG A 454 39.03 14.29 48.03
C ARG A 454 38.87 15.79 48.16
N GLN A 455 37.82 16.24 48.83
CA GLN A 455 37.60 17.67 49.01
C GLN A 455 38.66 18.30 49.90
N VAL A 456 39.05 17.62 50.99
CA VAL A 456 40.03 18.24 51.89
C VAL A 456 41.40 18.27 51.24
N THR A 458 41.79 18.64 47.77
CA THR A 458 41.75 19.59 46.67
C THR A 458 41.60 21.03 47.15
N LEU A 459 40.69 21.27 48.09
CA LEU A 459 40.38 22.61 48.55
C LEU A 459 40.96 22.95 49.90
N GLY A 460 41.08 22.00 50.82
CA GLY A 460 41.74 22.21 52.08
C GLY A 460 40.88 22.09 53.32
N TYR A 461 39.56 21.99 53.17
CA TYR A 461 38.72 21.92 54.34
C TYR A 461 37.39 21.28 54.00
N TRP A 462 36.67 20.87 55.04
CA TRP A 462 35.34 20.28 54.95
C TRP A 462 34.58 20.68 56.21
N ILE A 463 33.36 21.20 56.03
CA ILE A 463 32.58 21.76 57.13
C ILE A 463 31.19 21.16 57.11
N ASN A 464 30.62 20.94 58.30
CA ASN A 464 29.26 20.42 58.42
C ASN A 464 28.53 21.14 59.55
N ILE A 465 27.19 21.14 59.46
CA ILE A 465 26.33 21.73 60.48
C ILE A 465 25.20 20.74 60.79
N THR A 466 24.79 20.68 62.06
CA THR A 466 23.83 19.67 62.51
C THR A 466 22.49 20.25 62.94
N PHE A 467 22.46 21.15 63.92
CA PHE A 467 21.21 21.74 64.44
C PHE A 467 20.28 20.66 64.99
N SER A 468 20.70 20.06 66.10
CA SER A 468 19.86 19.13 66.85
C SER A 468 19.23 19.83 68.04
N SER A 469 18.33 19.10 68.72
CA SER A 469 17.69 19.60 69.93
C SER A 469 18.00 18.69 71.12
N TYR A 470 17.79 19.23 72.31
CA TYR A 470 18.10 18.52 73.55
C TYR A 470 17.46 19.26 74.70
N THR A 471 17.53 18.66 75.88
CA THR A 471 17.08 19.28 77.12
C THR A 471 18.27 19.46 78.05
N ASN A 472 18.44 20.68 78.57
CA ASN A 472 19.54 20.94 79.49
C ASN A 472 19.20 20.44 80.88
N SER A 473 20.23 20.19 81.68
CA SER A 473 20.02 19.62 83.00
C SER A 473 19.53 20.67 83.99
N ASN A 474 19.94 21.93 83.79
CA ASN A 474 19.64 22.96 84.77
C ASN A 474 18.15 23.20 84.90
N THR A 475 17.44 23.24 83.78
CA THR A 475 15.99 23.39 83.76
C THR A 475 15.39 22.28 82.92
N GLY A 476 14.17 21.87 83.26
CA GLY A 476 13.54 20.81 82.49
C GLY A 476 13.25 21.18 81.05
N LEU A 477 13.33 22.47 80.72
CA LEU A 477 12.94 22.94 79.40
C LEU A 477 13.87 22.39 78.32
N THR A 478 13.34 22.24 77.11
CA THR A 478 14.13 21.83 75.96
C THR A 478 14.77 23.06 75.34
N GLU A 479 16.09 23.06 75.25
CA GLU A 479 16.81 24.20 74.67
C GLU A 479 17.56 23.72 73.44
N TRP A 480 17.50 25.81 70.32
CA TRP A 480 18.10 24.49 70.25
C TRP A 480 19.60 24.57 70.45
N LYS A 481 20.34 23.72 69.75
CA LYS A 481 21.79 23.78 69.75
C LYS A 481 22.28 23.43 68.35
N ALA A 482 23.50 23.86 68.05
CA ALA A 482 24.13 23.60 66.77
C ALA A 482 25.43 22.83 66.99
N ASN A 483 25.64 21.80 66.20
CA ASN A 483 26.87 21.02 66.22
C ASN A 483 27.52 21.11 64.85
N TYR A 484 28.80 21.45 64.83
CA TYR A 484 29.54 21.58 63.59
C TYR A 484 30.81 20.77 63.67
N THR A 485 31.24 20.23 62.53
CA THR A 485 32.49 19.49 62.44
C THR A 485 33.31 20.07 61.30
N LEU A 486 34.58 20.35 61.57
CA LEU A 486 35.50 20.93 60.62
C LEU A 486 36.73 20.04 60.50
N ILE A 487 37.12 19.74 59.27
CA ILE A 487 38.33 18.98 59.00
C ILE A 487 39.18 19.78 58.02
N TYR A 488 40.47 19.90 58.30
CA TYR A 488 41.36 20.63 57.42
C TYR A 488 42.76 20.03 57.50
N SER A 489 43.52 20.25 56.44
CA SER A 489 44.90 19.77 56.38
C SER A 489 45.82 20.76 57.09
N LYS A 490 46.54 20.27 58.09
CA LYS A 490 47.41 21.12 58.88
C LYS A 490 48.59 21.62 58.04
N GLY A 491 49.20 22.70 58.51
CA GLY A 491 50.33 23.28 57.81
C GLY A 491 51.67 22.85 58.38
N ASP A 492 52.34 21.94 57.68
CA ASP A 492 53.62 21.40 58.12
C ASP A 492 54.71 21.86 57.16
N ALA A 493 55.88 22.18 57.73
CA ALA A 493 57.00 22.71 56.97
C ALA A 493 58.08 21.66 56.83
N ILE A 494 58.78 21.68 55.70
CA ILE A 494 59.89 20.76 55.48
C ILE A 494 61.03 21.10 56.43
N ARG A 495 61.70 20.06 56.94
CA ARG A 495 62.79 20.26 57.88
C ARG A 495 64.07 19.52 57.49
N PHE A 496 64.04 18.64 56.50
CA PHE A 496 65.19 17.86 56.11
C PHE A 496 65.24 17.73 54.60
N VAL A 497 66.45 17.78 54.05
CA VAL A 497 66.65 17.70 52.60
C VAL A 497 67.68 16.61 52.31
N GLU A 498 67.34 15.71 51.40
CA GLU A 498 68.22 14.62 50.99
C GLU A 498 68.17 14.48 49.48
N GLY A 499 69.30 14.14 48.88
CA GLY A 499 69.35 13.97 47.44
C GLY A 499 70.60 13.26 47.00
N SER A 500 70.64 12.92 45.72
CA SER A 500 71.79 12.29 45.09
C SER A 500 72.06 12.95 43.75
N ASP A 501 73.32 13.25 43.48
CA ASP A 501 73.74 13.87 42.22
C ASP A 501 74.49 12.82 41.41
N VAL A 502 73.81 12.25 40.43
CA VAL A 502 74.40 11.24 39.57
C VAL A 502 75.03 11.93 38.37
N MET A 503 76.32 11.69 38.14
CA MET A 503 77.04 12.28 37.04
C MET A 503 77.22 11.28 35.91
N ILE A 504 77.00 11.74 34.69
CA ILE A 504 77.16 10.94 33.48
C ILE A 504 76.18 9.77 33.49
N MET B 1 -21.80 101.52 39.09
CA MET B 1 -21.89 100.67 37.91
C MET B 1 -21.91 99.20 38.30
N ILE B 2 -22.35 98.34 37.39
CA ILE B 2 -22.19 96.91 37.56
C ILE B 2 -20.71 96.57 37.65
N SER B 3 -20.36 95.73 38.62
CA SER B 3 -18.97 95.34 38.80
C SER B 3 -18.47 94.53 37.61
N GLN B 4 -17.17 94.64 37.33
CA GLN B 4 -16.59 93.94 36.19
C GLN B 4 -16.59 92.43 36.36
N SER B 5 -16.77 91.93 37.59
CA SER B 5 -16.69 90.50 37.82
C SER B 5 -17.85 89.75 37.17
N ARG B 6 -18.88 90.45 36.70
CA ARG B 6 -19.96 89.80 35.99
C ARG B 6 -19.49 89.21 34.67
N TYR B 7 -18.40 89.74 34.12
CA TYR B 7 -17.93 89.36 32.80
C TYR B 7 -16.57 88.72 32.80
N ILE B 8 -15.62 89.25 33.58
CA ILE B 8 -14.28 88.69 33.67
C ILE B 8 -13.92 88.55 35.15
N ARG B 9 -13.52 87.35 35.56
CA ARG B 9 -13.15 87.09 36.93
C ARG B 9 -11.79 86.38 36.97
N ILE B 10 -10.84 86.95 37.70
CA ILE B 10 -9.50 86.41 37.82
C ILE B 10 -9.16 86.30 39.30
N ILE B 11 -8.66 85.13 39.71
CA ILE B 11 -8.28 84.88 41.08
C ILE B 11 -6.77 84.66 41.14
N SER B 12 -6.10 85.40 42.02
CA SER B 12 -4.66 85.34 42.16
C SER B 12 -4.30 84.70 43.48
N GLY B 13 -3.22 83.91 43.47
CA GLY B 13 -2.77 83.24 44.67
C GLY B 13 -1.35 82.74 44.49
N VAL B 14 -0.81 82.20 45.57
CA VAL B 14 0.53 81.65 45.59
C VAL B 14 0.44 80.16 45.88
N GLY B 15 1.03 79.35 45.01
CA GLY B 15 1.01 77.92 45.18
C GLY B 15 2.20 77.40 45.96
N ALA B 16 1.96 76.34 46.72
CA ALA B 16 2.99 75.71 47.55
C ALA B 16 3.68 76.73 48.44
N GLY B 17 2.88 77.58 49.08
CA GLY B 17 3.38 78.72 49.85
C GLY B 17 3.74 78.38 51.27
N ALA B 18 3.32 77.22 51.78
CA ALA B 18 3.54 76.88 53.16
C ALA B 18 5.00 76.76 53.53
N PRO B 19 5.49 77.69 54.33
CA PRO B 19 6.91 77.66 54.71
C PRO B 19 7.16 76.83 55.96
N VAL B 20 8.11 75.91 55.88
CA VAL B 20 8.52 75.10 57.02
C VAL B 20 9.99 75.42 57.30
N ALA B 21 10.27 75.78 58.54
CA ALA B 21 11.60 76.27 58.90
C ALA B 21 12.62 75.14 58.82
N GLY B 22 13.89 75.51 58.91
CA GLY B 22 14.97 74.54 58.93
C GLY B 22 15.64 74.49 60.27
N ARG B 23 15.88 73.27 60.77
CA ARG B 23 16.43 73.12 62.12
C ARG B 23 17.88 73.60 62.17
N LYS B 24 18.19 74.36 63.21
CA LYS B 24 19.55 74.82 63.47
C LYS B 24 20.17 73.97 64.58
N LEU B 25 21.50 73.96 64.62
CA LEU B 25 22.24 73.16 65.60
C LEU B 25 23.01 74.03 66.59
N LEU B 27 24.05 76.30 70.02
CA LEU B 27 24.16 75.97 71.44
C LEU B 27 23.13 76.73 72.25
N ARG B 28 22.69 76.12 73.35
CA ARG B 28 21.81 76.77 74.30
C ARG B 28 22.37 76.64 75.71
N VAL B 29 22.37 77.74 76.45
CA VAL B 29 22.91 77.79 77.81
C VAL B 29 21.77 78.07 78.78
N MET B 30 21.72 77.30 79.85
CA MET B 30 20.69 77.44 80.89
C MET B 30 21.34 78.06 82.12
N THR B 31 21.25 79.38 82.23
CA THR B 31 21.86 80.11 83.33
C THR B 31 20.85 80.29 84.46
N THR B 32 21.28 80.94 85.54
CA THR B 32 20.43 81.17 86.71
C THR B 32 20.23 82.64 87.04
N ASN B 33 20.93 83.55 86.34
CA ASN B 33 20.85 84.96 86.71
C ASN B 33 19.43 85.50 86.48
N ASN B 34 19.05 86.49 87.27
CA ASN B 34 17.65 86.90 87.33
C ASN B 34 17.27 87.86 86.20
N VAL B 35 18.19 88.18 85.31
CA VAL B 35 17.89 89.08 84.20
C VAL B 35 16.86 88.44 83.28
N ILE B 36 16.99 87.15 83.03
CA ILE B 36 16.18 86.43 82.06
C ILE B 36 14.90 85.97 82.74
N PRO B 37 13.73 86.32 82.23
CA PRO B 37 12.48 85.78 82.77
C PRO B 37 12.39 84.28 82.55
N PRO B 38 11.69 83.57 83.44
CA PRO B 38 11.64 82.10 83.31
C PRO B 38 11.04 81.59 82.01
N GLY B 39 10.07 82.29 81.43
CA GLY B 39 9.29 81.71 80.35
C GLY B 39 9.69 82.05 78.93
N ILE B 40 10.89 82.59 78.72
CA ILE B 40 11.34 82.96 77.38
C ILE B 40 12.70 82.35 77.11
N VAL B 41 13.03 82.28 75.82
CA VAL B 41 14.36 81.94 75.35
C VAL B 41 14.83 83.10 74.48
N ILE B 42 16.05 83.57 74.73
CA ILE B 42 16.58 84.76 74.05
C ILE B 42 17.71 84.33 73.13
N ASP B 45 22.88 86.90 67.90
CA ASP B 45 23.59 86.56 66.67
C ASP B 45 25.07 86.89 66.77
N ALA B 47 28.56 88.46 69.29
CA ALA B 47 29.13 88.59 70.63
C ALA B 47 28.87 89.97 71.22
N ASN B 48 28.90 91.01 70.39
CA ASN B 48 28.65 92.36 70.89
C ASN B 48 27.23 92.50 71.40
N ALA B 49 26.27 91.80 70.80
CA ALA B 49 24.91 91.83 71.33
C ALA B 49 24.85 91.24 72.74
N VAL B 50 25.56 90.13 72.96
CA VAL B 50 25.63 89.55 74.29
C VAL B 50 26.28 90.52 75.26
N LEU B 51 27.36 91.17 74.83
CA LEU B 51 28.04 92.14 75.67
C LEU B 51 27.11 93.28 76.06
N SER B 52 26.32 93.78 75.10
CA SER B 52 25.41 94.89 75.39
C SER B 52 24.30 94.45 76.34
N TYR B 53 23.72 93.28 76.11
CA TYR B 53 22.55 92.88 76.88
C TYR B 53 22.92 92.43 78.29
N PHE B 54 24.04 91.74 78.45
CA PHE B 54 24.38 91.15 79.74
C PHE B 54 25.43 91.91 80.53
N GLY B 55 26.26 92.72 79.87
CA GLY B 55 27.33 93.40 80.55
C GLY B 55 28.65 92.65 80.43
N ALA B 56 29.74 93.37 80.67
CA ALA B 56 31.07 92.80 80.47
C ALA B 56 31.43 91.82 81.56
N GLN B 57 30.88 91.99 82.77
CA GLN B 57 31.28 91.14 83.90
C GLN B 57 30.65 89.75 83.84
N SER B 58 29.50 89.60 83.20
CA SER B 58 28.74 88.36 83.31
C SER B 58 29.46 87.19 82.66
N GLU B 59 29.19 85.99 83.18
CA GLU B 59 29.73 84.77 82.58
C GLU B 59 29.15 84.52 81.20
N GLU B 60 27.98 85.05 80.90
CA GLU B 60 27.39 84.86 79.57
C GLU B 60 28.27 85.48 78.49
N TYR B 61 28.76 86.70 78.72
CA TYR B 61 29.68 87.30 77.76
C TYR B 61 30.99 86.52 77.70
N GLN B 62 31.46 86.03 78.85
CA GLN B 62 32.68 85.22 78.86
C GLN B 62 32.54 84.00 77.98
N ARG B 63 31.39 83.32 78.05
CA ARG B 63 31.17 82.14 77.23
C ARG B 63 31.00 82.51 75.76
N ALA B 64 30.25 83.57 75.48
CA ALA B 64 29.98 83.93 74.09
C ALA B 64 31.24 84.36 73.37
N ALA B 65 32.15 85.03 74.08
CA ALA B 65 33.39 85.48 73.44
C ALA B 65 34.20 84.32 72.91
N ALA B 66 34.35 83.27 73.72
CA ALA B 66 35.10 82.10 73.27
C ALA B 66 34.29 81.25 72.31
N TYR B 67 32.96 81.30 72.42
CA TYR B 67 32.11 80.52 71.53
C TYR B 67 32.14 81.06 70.11
N PHE B 68 32.21 82.39 69.97
CA PHE B 68 32.05 83.01 68.65
C PHE B 68 33.34 83.08 67.86
N LYS B 69 34.47 82.70 68.43
CA LYS B 69 35.72 82.57 67.67
C LYS B 69 35.92 81.09 67.34
N PHE B 70 35.85 80.75 66.06
CA PHE B 70 35.94 79.37 65.64
C PHE B 70 36.03 79.34 64.12
N ILE B 71 36.83 78.41 63.60
CA ILE B 71 37.03 78.30 62.16
C ILE B 71 36.54 76.98 61.59
N SER B 72 36.55 75.88 62.35
CA SER B 72 36.02 74.57 62.01
C SER B 72 36.75 73.91 60.85
N LYS B 73 37.94 74.37 60.46
CA LYS B 73 38.78 73.82 59.42
C LYS B 73 38.17 73.98 58.03
N SER B 74 36.95 74.50 57.92
CA SER B 74 36.35 74.84 56.64
C SER B 74 35.83 76.26 56.66
N VAL B 75 36.52 77.12 57.40
CA VAL B 75 36.23 78.55 57.58
C VAL B 75 34.74 78.83 57.72
N SER B 77 31.62 79.51 60.99
CA SER B 77 31.45 79.97 62.36
C SER B 77 30.02 79.71 62.83
N PRO B 78 29.81 79.62 64.14
CA PRO B 78 28.47 79.24 64.64
C PRO B 78 27.36 80.23 64.29
N SER B 79 27.58 81.51 64.54
CA SER B 79 26.70 82.60 64.12
C SER B 79 25.39 82.72 64.89
N SER B 80 25.23 81.98 65.99
CA SER B 80 24.07 82.17 66.85
C SER B 80 24.31 81.51 68.19
N ILE B 81 23.56 81.96 69.20
CA ILE B 81 23.57 81.37 70.53
C ILE B 81 22.24 81.68 71.21
N SER B 82 21.89 80.88 72.21
CA SER B 82 20.63 81.01 72.91
C SER B 82 20.84 80.94 74.41
N PHE B 83 19.97 81.62 75.15
CA PHE B 83 19.95 81.57 76.61
C PHE B 83 18.54 81.31 77.10
N ALA B 84 18.43 80.49 78.15
CA ALA B 84 17.17 80.22 78.82
C ALA B 84 17.38 80.35 80.32
N ARG B 85 16.29 80.27 81.07
CA ARG B 85 16.31 80.55 82.50
C ARG B 85 15.99 79.30 83.30
N TRP B 86 16.80 79.04 84.32
CA TRP B 86 16.58 77.94 85.26
C TRP B 86 16.20 78.56 86.60
N VAL B 87 15.05 78.15 87.14
CA VAL B 87 14.54 78.73 88.39
C VAL B 87 15.21 77.96 89.52
N ASN B 88 16.35 78.48 89.98
CA ASN B 88 17.13 77.79 90.99
C ASN B 88 16.41 77.74 92.34
N THR B 89 15.83 78.85 92.76
CA THR B 89 15.15 78.97 94.04
C THR B 89 13.77 79.57 93.85
N ALA B 90 13.03 79.67 94.97
CA ALA B 90 11.68 80.19 94.92
C ALA B 90 11.67 81.65 94.46
N ILE B 91 10.64 82.01 93.69
CA ILE B 91 10.60 83.30 93.03
C ILE B 91 9.24 83.96 93.28
N ALA B 92 9.25 85.28 93.39
CA ALA B 92 8.03 86.06 93.51
C ALA B 92 7.50 86.44 92.13
N PRO B 93 6.22 86.80 92.03
CA PRO B 93 5.68 87.25 90.74
C PRO B 93 6.37 88.50 90.23
N MET B 94 6.56 88.56 88.92
CA MET B 94 7.25 89.68 88.29
C MET B 94 6.51 90.12 87.04
N VAL B 95 6.76 91.37 86.62
CA VAL B 95 6.22 91.92 85.38
C VAL B 95 7.38 92.57 84.63
N VAL B 96 7.80 91.95 83.52
CA VAL B 96 8.91 92.46 82.72
C VAL B 96 8.69 92.19 81.24
N ASP B 98 9.97 95.01 78.80
CA ASP B 98 10.23 96.38 78.39
C ASP B 98 11.45 96.40 77.47
N ASN B 99 11.24 96.10 76.19
CA ASN B 99 12.34 96.06 75.25
C ASN B 99 12.53 97.34 74.46
N LEU B 100 11.51 98.19 74.38
CA LEU B 100 11.60 99.39 73.57
C LEU B 100 12.54 100.39 74.23
N PRO B 101 13.33 101.14 73.45
CA PRO B 101 14.17 102.18 74.05
C PRO B 101 13.31 103.28 74.65
N LYS B 102 13.51 103.50 75.95
CA LYS B 102 12.75 104.50 76.68
C LYS B 102 13.68 105.22 77.65
N THR B 103 13.10 105.93 78.62
CA THR B 103 13.85 106.61 79.67
C THR B 103 14.82 107.63 79.07
N ILE B 104 14.26 108.54 78.27
CA ILE B 104 14.99 109.67 77.73
C ILE B 104 14.80 110.85 78.68
N ALA B 105 14.38 110.55 79.91
CA ALA B 105 14.08 111.55 80.94
C ALA B 105 12.95 112.46 80.50
N ASP B 106 11.91 111.88 79.89
CA ASP B 106 10.76 112.62 79.40
C ASP B 106 9.47 112.00 79.92
N PHE B 107 9.46 111.76 81.23
CA PHE B 107 8.23 111.46 81.97
C PHE B 107 7.53 112.74 82.40
N ALA B 108 8.03 113.90 81.99
CA ALA B 108 7.40 115.16 82.32
C ALA B 108 6.00 115.22 81.69
N GLY B 109 5.10 115.89 82.39
CA GLY B 109 3.71 115.90 81.99
C GLY B 109 2.91 114.84 82.71
N PHE B 110 3.60 113.90 83.33
CA PHE B 110 2.98 112.95 84.24
C PHE B 110 3.03 113.44 85.68
N SER B 111 3.24 114.73 85.87
CA SER B 111 3.08 115.32 87.19
C SER B 111 1.62 115.53 87.55
N ALA B 112 0.72 115.28 86.61
CA ALA B 112 -0.71 115.48 86.83
C ALA B 112 -1.35 114.17 87.25
N GLY B 113 -1.25 113.85 88.53
CA GLY B 113 -2.03 112.78 89.15
C GLY B 113 -2.12 111.50 88.36
N VAL B 114 -1.01 110.77 88.24
CA VAL B 114 -0.98 109.55 87.44
C VAL B 114 -1.79 108.45 88.13
N LEU B 115 -2.54 107.70 87.34
CA LEU B 115 -3.27 106.53 87.79
C LEU B 115 -2.73 105.31 87.05
N THR B 116 -2.45 104.24 87.78
CA THR B 116 -2.15 102.94 87.20
C THR B 116 -2.92 101.87 87.97
N ILE B 117 -3.32 100.83 87.26
CA ILE B 117 -4.16 99.78 87.82
C ILE B 117 -3.40 98.46 87.76
N MET B 118 -3.34 97.74 88.87
CA MET B 118 -2.72 96.43 88.89
C MET B 118 -3.59 95.45 89.67
N VAL B 119 -3.55 94.19 89.27
CA VAL B 119 -4.44 93.17 89.81
C VAL B 119 -3.61 91.98 90.29
N GLY B 120 -3.89 91.53 91.51
CA GLY B 120 -3.50 90.20 91.92
C GLY B 120 -4.58 89.23 91.51
N ALA B 121 -5.77 89.45 92.05
CA ALA B 121 -7.01 88.88 91.52
C ALA B 121 -8.12 89.90 91.41
N ALA B 122 -8.03 91.03 92.11
CA ALA B 122 -8.97 92.14 92.02
C ALA B 122 -8.19 93.43 91.84
N GLU B 123 -8.89 94.46 91.39
CA GLU B 123 -8.25 95.72 91.02
C GLU B 123 -7.59 96.39 92.21
N GLN B 124 -6.48 97.09 91.94
CA GLN B 124 -5.82 97.98 92.90
C GLN B 124 -5.43 99.21 92.09
N ASN B 125 -6.03 100.35 92.42
CA ASN B 125 -5.68 101.61 91.79
C ASN B 125 -4.68 102.35 92.66
N ILE B 126 -3.73 103.01 92.00
CA ILE B 126 -2.63 103.68 92.69
C ILE B 126 -2.87 105.18 92.65
N THR B 127 -2.52 105.85 93.75
CA THR B 127 -2.81 107.25 93.92
C THR B 127 -1.99 108.11 92.95
N ALA B 128 -2.14 109.42 93.08
CA ALA B 128 -1.45 110.35 92.19
C ALA B 128 0.06 110.19 92.31
N ILE B 129 0.72 110.06 91.16
CA ILE B 129 2.17 109.91 91.09
C ILE B 129 2.70 111.05 90.24
N ASP B 130 3.53 111.91 90.83
CA ASP B 130 4.06 113.08 90.14
C ASP B 130 5.55 112.89 89.91
N THR B 131 5.97 112.94 88.66
CA THR B 131 7.38 112.78 88.29
C THR B 131 7.88 113.94 87.43
N SER B 132 7.42 115.16 87.71
CA SER B 132 7.93 116.32 86.97
C SER B 132 9.40 116.57 87.27
N ALA B 133 9.81 116.44 88.53
CA ALA B 133 11.20 116.66 88.90
C ALA B 133 12.11 115.68 88.17
N ALA B 134 11.99 114.40 88.49
CA ALA B 134 12.63 113.31 87.73
C ALA B 134 14.10 113.59 87.46
N THR B 135 14.89 113.63 88.53
CA THR B 135 16.32 113.82 88.39
C THR B 135 16.92 112.72 87.52
N SER B 136 16.49 111.48 87.72
CA SER B 136 16.92 110.36 86.90
C SER B 136 15.83 109.30 86.95
N MET B 137 15.97 108.30 86.08
CA MET B 137 15.00 107.20 86.07
C MET B 137 15.09 106.37 87.33
N ASP B 138 16.24 106.39 88.00
CA ASP B 138 16.31 105.76 89.32
C ASP B 138 15.35 106.46 90.28
N ASN B 139 15.29 107.78 90.22
CA ASN B 139 14.31 108.51 91.01
C ASN B 139 12.89 108.14 90.61
N VAL B 140 12.64 107.96 89.31
CA VAL B 140 11.30 107.60 88.87
C VAL B 140 10.89 106.25 89.44
N ALA B 141 11.79 105.27 89.40
CA ALA B 141 11.49 103.95 89.97
C ALA B 141 11.26 104.05 91.47
N SER B 142 12.09 104.84 92.17
CA SER B 142 11.88 105.00 93.61
C SER B 142 10.53 105.63 93.91
N ILE B 143 10.12 106.64 93.14
CA ILE B 143 8.86 107.32 93.40
C ILE B 143 7.69 106.40 93.10
N ILE B 144 7.79 105.59 92.04
CA ILE B 144 6.73 104.62 91.77
C ILE B 144 6.65 103.62 92.91
N GLN B 145 7.79 103.16 93.41
CA GLN B 145 7.81 102.21 94.52
C GLN B 145 7.16 102.80 95.76
N THR B 146 7.43 104.08 96.05
CA THR B 146 6.85 104.71 97.24
C THR B 146 5.33 104.74 97.16
N GLU B 147 4.78 105.07 95.99
CA GLU B 147 3.33 105.12 95.86
C GLU B 147 2.72 103.74 95.87
N ILE B 148 3.42 102.74 95.33
CA ILE B 148 2.87 101.38 95.35
C ILE B 148 2.86 100.81 96.76
N ARG B 149 3.92 101.09 97.53
CA ARG B 149 4.04 100.51 98.87
C ARG B 149 2.96 101.02 99.83
N LYS B 150 2.24 102.08 99.45
CA LYS B 150 1.18 102.59 100.33
C LYS B 150 -0.03 101.68 100.35
N ASN B 151 -0.16 100.79 99.36
CA ASN B 151 -1.32 99.91 99.30
C ASN B 151 -1.24 98.82 100.37
N ALA B 152 -2.41 98.34 100.79
CA ALA B 152 -2.52 97.41 101.90
C ALA B 152 -2.55 95.94 101.46
N ASP B 153 -2.45 95.65 100.18
CA ASP B 153 -2.41 94.26 99.73
C ASP B 153 -1.06 93.66 100.10
N PRO B 154 -1.03 92.42 100.61
CA PRO B 154 0.25 91.84 101.04
C PRO B 154 1.32 91.79 99.97
N GLN B 155 0.97 91.52 98.72
CA GLN B 155 1.98 91.56 97.65
C GLN B 155 2.53 92.96 97.47
N LEU B 156 1.67 93.98 97.52
CA LEU B 156 2.07 95.35 97.25
C LEU B 156 2.56 96.08 98.50
N ALA B 157 2.53 95.43 99.67
CA ALA B 157 2.99 96.09 100.89
C ALA B 157 4.48 96.34 100.84
N GLN B 158 5.26 95.39 100.34
CA GLN B 158 6.71 95.50 100.27
C GLN B 158 7.22 95.28 98.84
N ALA B 159 6.41 95.62 97.85
CA ALA B 159 6.80 95.42 96.47
C ALA B 159 7.96 96.33 96.09
N THR B 160 8.75 95.87 95.13
CA THR B 160 9.93 96.61 94.68
C THR B 160 9.82 96.93 93.20
N VAL B 161 10.29 98.12 92.83
CA VAL B 161 10.38 98.53 91.44
C VAL B 161 11.83 98.84 91.13
N THR B 162 12.35 98.25 90.05
CA THR B 162 13.74 98.43 89.69
C THR B 162 13.83 98.85 88.23
N TRP B 163 14.96 99.46 87.88
CA TRP B 163 15.21 99.93 86.53
C TRP B 163 16.59 99.48 86.09
N ASN B 164 16.69 99.04 84.84
CA ASN B 164 17.90 98.46 84.29
C ASN B 164 18.42 99.37 83.18
N GLN B 165 19.73 99.60 83.15
CA GLN B 165 20.30 100.53 82.18
C GLN B 165 20.80 99.82 80.92
N ASN B 166 21.39 98.64 81.07
CA ASN B 166 21.96 97.93 79.93
C ASN B 166 20.88 97.66 78.88
N THR B 167 19.80 97.01 79.29
CA THR B 167 18.56 96.99 78.54
C THR B 167 17.71 98.16 79.03
N ASN B 168 16.42 98.16 78.69
CA ASN B 168 15.56 99.29 78.99
C ASN B 168 14.29 98.82 79.71
N GLN B 169 14.47 98.02 80.75
CA GLN B 169 13.36 97.31 81.39
C GLN B 169 13.05 97.85 82.77
N PHE B 170 11.76 98.08 83.03
CA PHE B 170 11.24 98.30 84.38
C PHE B 170 10.68 96.98 84.89
N THR B 171 11.02 96.63 86.14
CA THR B 171 10.60 95.36 86.71
C THR B 171 9.97 95.58 88.08
N LEU B 172 8.84 94.91 88.30
CA LEU B 172 8.09 95.00 89.54
C LEU B 172 8.04 93.63 90.19
N VAL B 173 8.42 93.55 91.46
CA VAL B 173 8.50 92.29 92.19
C VAL B 173 7.59 92.38 93.41
N GLY B 174 6.72 91.38 93.57
CA GLY B 174 5.85 91.33 94.72
C GLY B 174 6.55 90.86 95.98
N ALA B 175 5.92 91.13 97.11
CA ALA B 175 6.55 90.89 98.41
C ALA B 175 6.62 89.42 98.76
N THR B 176 5.53 88.67 98.57
CA THR B 176 5.47 87.28 99.01
C THR B 176 6.19 86.38 98.02
N ILE B 177 6.74 85.28 98.53
CA ILE B 177 7.55 84.35 97.74
C ILE B 177 6.85 83.00 97.74
N GLY B 178 6.54 82.50 96.55
CA GLY B 178 6.05 81.15 96.41
C GLY B 178 4.78 81.01 95.60
N THR B 179 3.85 81.95 95.76
CA THR B 179 2.57 81.88 95.08
C THR B 179 2.02 83.28 94.90
N GLY B 180 1.36 83.50 93.77
CA GLY B 180 0.74 84.78 93.46
C GLY B 180 0.75 85.01 91.96
N VAL B 181 -0.21 85.79 91.49
CA VAL B 181 -0.32 86.17 90.09
C VAL B 181 -0.57 87.66 90.03
N LEU B 182 0.25 88.38 89.26
CA LEU B 182 0.14 89.82 89.12
C LEU B 182 -0.03 90.20 87.66
N ALA B 183 -0.75 91.30 87.42
CA ALA B 183 -0.90 91.81 86.07
C ALA B 183 -1.20 93.30 86.14
N VAL B 184 -1.07 93.97 85.00
CA VAL B 184 -1.36 95.39 84.86
C VAL B 184 -2.35 95.57 83.72
N ALA B 185 -3.30 96.48 83.91
CA ALA B 185 -4.39 96.69 82.96
C ALA B 185 -4.27 98.05 82.31
N LYS B 186 -4.70 98.13 81.05
CA LYS B 186 -4.73 99.38 80.30
C LYS B 186 -6.00 100.13 80.63
N SER B 187 -5.89 101.26 81.30
CA SER B 187 -7.05 102.07 81.65
C SER B 187 -7.27 103.16 80.61
N ALA B 188 -8.41 103.86 80.73
CA ALA B 188 -8.81 104.87 79.78
C ALA B 188 -8.51 106.30 80.23
N ASP B 189 -7.91 106.47 81.40
CA ASP B 189 -7.62 107.81 81.89
C ASP B 189 -6.51 108.45 81.04
N PRO B 190 -6.49 109.78 80.95
CA PRO B 190 -5.40 110.43 80.20
C PRO B 190 -4.04 110.27 80.85
N GLN B 191 -3.98 110.37 82.18
CA GLN B 191 -2.72 110.32 82.91
C GLN B 191 -2.45 108.91 83.41
N ASP B 192 -2.28 108.00 82.46
CA ASP B 192 -2.01 106.60 82.73
C ASP B 192 -0.65 106.25 82.14
N MET B 193 0.26 105.78 82.98
CA MET B 193 1.66 105.59 82.58
C MET B 193 2.00 104.13 82.29
N SER B 194 1.04 103.34 81.81
CA SER B 194 1.34 101.99 81.36
C SER B 194 1.92 101.97 79.95
N THR B 195 1.94 103.10 79.25
CA THR B 195 2.59 103.18 77.96
C THR B 195 3.98 103.78 78.02
N ALA B 196 4.18 104.82 78.85
CA ALA B 196 5.53 105.30 79.10
C ALA B 196 6.37 104.21 79.75
N LEU B 197 5.80 103.51 80.72
CA LEU B 197 6.31 102.21 81.13
C LEU B 197 5.90 101.19 80.08
N GLY B 198 6.66 100.11 79.98
CA GLY B 198 6.31 99.12 79.00
C GLY B 198 5.42 98.02 79.57
N TRP B 199 4.61 98.34 80.56
CA TRP B 199 3.72 97.39 81.19
C TRP B 199 2.35 97.43 80.51
N SER B 200 1.83 96.25 80.19
CA SER B 200 0.56 96.09 79.49
C SER B 200 0.61 96.65 78.07
N THR B 201 1.77 96.61 77.43
CA THR B 201 1.90 97.00 76.03
C THR B 201 2.67 95.94 75.27
N SER B 202 2.19 95.63 74.07
CA SER B 202 2.83 94.67 73.16
C SER B 202 2.96 93.35 73.93
N ASN B 203 4.15 92.76 74.02
CA ASN B 203 4.35 91.50 74.73
C ASN B 203 5.12 91.75 76.04
N VAL B 204 4.42 91.53 77.15
CA VAL B 204 4.98 91.71 78.49
C VAL B 204 4.98 90.35 79.17
N VAL B 205 6.08 90.00 79.82
CA VAL B 205 6.23 88.71 80.48
C VAL B 205 5.74 88.87 81.91
N ASN B 206 4.64 88.19 82.23
CA ASN B 206 4.13 88.11 83.60
C ASN B 206 4.53 86.76 84.18
N VAL B 207 5.33 86.78 85.24
CA VAL B 207 5.89 85.58 85.84
C VAL B 207 5.15 85.31 87.14
N ALA B 208 4.54 84.15 87.24
CA ALA B 208 3.86 83.73 88.46
C ALA B 208 4.86 83.11 89.44
N GLY B 209 4.45 83.00 90.70
CA GLY B 209 5.32 82.45 91.71
C GLY B 209 5.63 80.98 91.45
N GLN B 210 6.81 80.55 91.87
CA GLN B 210 7.27 79.19 91.62
C GLN B 210 7.99 78.64 92.83
N SER B 211 8.21 77.32 92.79
CA SER B 211 8.96 76.61 93.82
C SER B 211 10.43 76.53 93.40
N ALA B 212 11.20 75.69 94.09
CA ALA B 212 12.62 75.59 93.80
C ALA B 212 12.90 74.95 92.45
N ASP B 213 11.99 74.10 91.97
CA ASP B 213 12.06 73.53 90.62
C ASP B 213 13.28 72.63 90.43
N LEU B 214 13.36 71.91 89.32
CA LEU B 214 14.39 70.90 89.10
C LEU B 214 14.95 71.07 87.70
N PRO B 215 16.22 70.71 87.49
CA PRO B 215 16.84 70.98 86.18
C PRO B 215 16.18 70.28 85.00
N ASP B 216 15.77 69.02 85.17
CA ASP B 216 15.19 68.29 84.05
C ASP B 216 13.81 68.83 83.69
N ALA B 217 13.07 69.32 84.68
CA ALA B 217 11.80 69.99 84.38
C ALA B 217 12.06 71.33 83.70
N ALA B 218 13.11 72.04 84.12
CA ALA B 218 13.42 73.34 83.55
C ALA B 218 13.80 73.21 82.07
N VAL B 219 14.61 72.21 81.75
CA VAL B 219 15.00 72.04 80.35
C VAL B 219 13.79 71.65 79.49
N ALA B 220 12.87 70.86 80.05
CA ALA B 220 11.65 70.53 79.31
C ALA B 220 10.79 71.77 79.08
N LYS B 221 10.66 72.62 80.09
CA LYS B 221 9.92 73.86 79.91
C LYS B 221 10.56 74.73 78.83
N SER B 222 11.90 74.81 78.83
CA SER B 222 12.59 75.60 77.83
C SER B 222 12.40 75.03 76.44
N THR B 223 12.44 73.71 76.30
CA THR B 223 12.26 73.11 74.98
C THR B 223 10.81 73.17 74.53
N ASN B 224 9.88 73.41 75.45
CA ASN B 224 8.49 73.59 75.06
C ASN B 224 8.31 74.80 74.14
N VAL B 225 9.01 75.90 74.43
CA VAL B 225 8.75 77.13 73.67
C VAL B 225 9.47 77.12 72.33
N SER B 226 10.67 76.55 72.28
CA SER B 226 11.39 76.43 71.01
C SER B 226 12.49 75.40 71.15
N ASN B 227 12.66 74.56 70.13
CA ASN B 227 13.65 73.49 70.14
C ASN B 227 14.59 73.56 68.95
N ASN B 228 14.93 74.75 68.47
CA ASN B 228 15.87 74.93 67.36
C ASN B 228 17.28 75.09 67.91
N PHE B 229 17.82 73.98 68.40
CA PHE B 229 19.15 73.99 69.00
C PHE B 229 19.72 72.58 69.03
N GLY B 230 20.96 72.49 69.45
CA GLY B 230 21.59 71.20 69.72
C GLY B 230 22.70 71.40 70.73
N SER B 231 22.99 70.34 71.49
CA SER B 231 24.09 70.34 72.45
C SER B 231 23.95 71.44 73.49
N PHE B 232 22.89 71.36 74.30
CA PHE B 232 22.72 72.31 75.39
C PHE B 232 23.70 72.03 76.52
N LEU B 233 23.80 72.97 77.46
CA LEU B 233 24.63 72.84 78.65
C LEU B 233 24.20 73.86 79.69
N PHE B 234 24.45 73.55 80.96
CA PHE B 234 23.92 74.39 82.05
C PHE B 234 24.85 75.56 82.35
N ALA B 235 26.11 75.28 82.67
CA ALA B 235 27.13 76.31 82.85
C ALA B 235 26.76 77.30 83.95
N GLY B 236 26.70 76.80 85.17
CA GLY B 236 26.63 77.64 86.35
C GLY B 236 27.66 77.16 87.36
N ALA B 237 27.19 76.98 88.60
CA ALA B 237 27.94 76.23 89.57
C ALA B 237 27.87 74.75 89.22
N PRO B 238 28.88 73.95 89.59
CA PRO B 238 28.84 72.53 89.29
C PRO B 238 27.62 71.86 89.91
N LEU B 239 27.03 70.93 89.17
CA LEU B 239 25.82 70.26 89.61
C LEU B 239 26.15 68.99 90.38
N ASP B 240 25.21 68.56 91.22
CA ASP B 240 25.35 67.32 91.94
C ASP B 240 25.27 66.14 90.98
N ASN B 241 25.83 65.00 91.40
CA ASN B 241 25.86 63.82 90.54
C ASN B 241 24.45 63.34 90.21
N ASP B 242 23.54 63.38 91.18
CA ASP B 242 22.17 62.94 90.93
C ASP B 242 21.47 63.83 89.90
N GLN B 243 21.72 65.14 89.96
CA GLN B 243 21.13 66.04 88.98
C GLN B 243 21.65 65.73 87.58
N ILE B 244 22.95 65.46 87.46
CA ILE B 244 23.52 65.07 86.18
C ILE B 244 22.87 63.78 85.70
N LYS B 245 22.66 62.83 86.61
CA LYS B 245 22.02 61.58 86.24
C LYS B 245 20.62 61.80 85.70
N ALA B 246 19.84 62.64 86.38
CA ALA B 246 18.48 62.91 85.94
C ALA B 246 18.46 63.59 84.59
N VAL B 247 19.35 64.57 84.38
CA VAL B 247 19.35 65.29 83.11
C VAL B 247 19.81 64.38 81.97
N SER B 248 20.80 63.52 82.22
CA SER B 248 21.24 62.59 81.20
C SER B 248 20.15 61.59 80.86
N ALA B 249 19.39 61.13 81.86
CA ALA B 249 18.25 60.25 81.59
C ALA B 249 17.21 60.96 80.73
N TRP B 250 16.91 62.21 81.06
CA TRP B 250 15.94 62.96 80.25
C TRP B 250 16.42 63.12 78.82
N ASN B 251 17.71 63.41 78.63
CA ASN B 251 18.25 63.49 77.29
C ASN B 251 18.11 62.17 76.56
N ALA B 252 18.39 61.06 77.25
CA ALA B 252 18.28 59.75 76.64
C ALA B 252 16.83 59.41 76.29
N ALA B 253 15.87 60.08 76.93
CA ALA B 253 14.47 59.82 76.60
C ALA B 253 14.18 60.13 75.14
N GLN B 254 14.63 61.27 74.64
CA GLN B 254 14.56 61.53 73.21
C GLN B 254 15.73 60.85 72.52
N ASN B 255 15.44 60.10 71.46
CA ASN B 255 16.42 59.16 70.92
C ASN B 255 17.69 59.85 70.45
N ASN B 256 17.60 60.68 69.42
CA ASN B 256 18.79 61.20 68.76
C ASN B 256 18.60 62.68 68.43
N GLN B 257 18.12 63.46 69.40
CA GLN B 257 17.78 64.86 69.17
C GLN B 257 18.87 65.84 69.60
N PHE B 258 19.35 65.72 70.84
CA PHE B 258 20.22 66.73 71.41
C PHE B 258 21.52 66.09 71.88
N ILE B 259 22.46 66.93 72.31
CA ILE B 259 23.66 66.50 73.00
C ILE B 259 23.69 67.21 74.35
N TYR B 260 24.41 66.63 75.30
CA TYR B 260 24.48 67.16 76.66
C TYR B 260 25.92 67.05 77.14
N THR B 261 26.58 68.20 77.31
CA THR B 261 28.00 68.24 77.65
C THR B 261 28.16 68.52 79.13
N VAL B 262 28.99 67.73 79.79
CA VAL B 262 29.26 67.86 81.22
C VAL B 262 30.76 68.04 81.40
N ALA B 263 31.16 68.81 82.41
CA ALA B 263 32.56 69.02 82.74
C ALA B 263 32.84 68.43 84.11
N THR B 264 33.90 67.61 84.20
CA THR B 264 34.23 66.90 85.42
C THR B 264 35.73 67.02 85.69
N SER B 265 36.09 66.74 86.94
CA SER B 265 37.50 66.58 87.29
C SER B 265 37.94 65.14 87.01
N LEU B 266 39.24 64.90 87.10
CA LEU B 266 39.76 63.57 86.81
C LEU B 266 39.25 62.54 87.82
N ALA B 267 39.29 62.89 89.11
CA ALA B 267 38.87 61.95 90.15
C ALA B 267 37.38 61.69 90.07
N ASN B 268 36.58 62.72 89.78
CA ASN B 268 35.14 62.54 89.69
C ASN B 268 34.73 61.75 88.47
N LEU B 269 35.61 61.60 87.48
CA LEU B 269 35.26 60.89 86.26
C LEU B 269 34.92 59.44 86.55
N GLY B 270 35.69 58.78 87.42
CA GLY B 270 35.40 57.41 87.77
C GLY B 270 34.08 57.24 88.49
N THR B 271 33.72 58.22 89.32
CA THR B 271 32.43 58.20 89.99
C THR B 271 31.29 58.25 88.98
N LEU B 272 31.40 59.12 87.99
CA LEU B 272 30.50 59.02 86.85
C LEU B 272 30.94 57.87 85.96
N PHE B 273 30.26 57.72 84.83
CA PHE B 273 30.34 56.59 83.92
C PHE B 273 29.78 55.32 84.56
N THR B 274 29.41 55.37 85.84
CA THR B 274 28.59 54.36 86.47
C THR B 274 27.13 54.79 86.50
N LEU B 275 26.88 56.05 86.86
CA LEU B 275 25.52 56.59 86.79
C LEU B 275 25.09 56.82 85.35
N VAL B 276 25.94 57.47 84.55
CA VAL B 276 25.55 57.88 83.20
C VAL B 276 25.96 56.89 82.12
N ASN B 277 26.34 55.67 82.50
CA ASN B 277 26.55 54.63 81.51
C ASN B 277 25.25 54.40 80.74
N GLY B 278 25.39 54.06 79.46
CA GLY B 278 24.22 54.12 78.61
C GLY B 278 23.92 55.58 78.35
N ASN B 279 22.64 55.94 78.34
CA ASN B 279 22.22 57.33 78.27
C ASN B 279 22.80 58.03 77.05
N ALA B 280 22.36 57.59 75.87
CA ALA B 280 22.93 58.06 74.62
C ALA B 280 22.78 59.57 74.48
N GLY B 281 23.81 60.19 73.91
CA GLY B 281 23.81 61.62 73.69
C GLY B 281 24.48 62.45 74.76
N THR B 282 25.22 61.84 75.67
CA THR B 282 25.89 62.54 76.76
C THR B 282 27.39 62.51 76.54
N ALA B 283 28.04 63.66 76.74
CA ALA B 283 29.47 63.82 76.56
C ALA B 283 30.11 64.28 77.87
N LEU B 284 31.26 63.71 78.19
CA LEU B 284 32.01 64.04 79.40
C LEU B 284 33.35 64.65 79.02
N ASN B 285 33.66 65.81 79.59
CA ASN B 285 34.89 66.53 79.29
C ASN B 285 35.63 66.78 80.60
N VAL B 286 36.92 66.48 80.61
CA VAL B 286 37.72 66.57 81.83
C VAL B 286 38.29 67.98 81.96
N LEU B 287 38.12 68.57 83.14
CA LEU B 287 38.66 69.88 83.47
C LEU B 287 40.04 69.75 84.11
N SER B 288 40.67 70.89 84.32
CA SER B 288 41.95 70.98 85.02
C SER B 288 41.74 71.72 86.33
N ALA B 289 42.07 71.07 87.43
CA ALA B 289 41.94 71.69 88.74
C ALA B 289 43.05 72.71 88.96
N THR B 290 42.75 73.70 89.79
CA THR B 290 43.71 74.75 90.17
C THR B 290 44.28 75.45 88.93
N ALA B 291 43.40 75.82 88.01
CA ALA B 291 43.80 76.53 86.80
C ALA B 291 42.69 77.51 86.44
N ALA B 292 42.90 78.22 85.34
CA ALA B 292 41.87 79.12 84.83
C ALA B 292 40.64 78.31 84.43
N ASN B 293 39.50 78.99 84.37
CA ASN B 293 38.26 78.31 84.02
C ASN B 293 38.35 77.67 82.64
N ASP B 294 38.73 78.47 81.64
CA ASP B 294 38.99 78.04 80.26
C ASP B 294 38.05 76.92 79.83
N PHE B 295 36.77 77.14 80.13
CA PHE B 295 35.71 76.15 79.96
C PHE B 295 35.86 75.33 78.67
N VAL B 296 35.76 74.01 78.83
CA VAL B 296 36.12 73.06 77.79
C VAL B 296 34.93 72.27 77.28
N GLU B 297 33.84 72.19 78.05
CA GLU B 297 32.68 71.43 77.62
C GLU B 297 32.04 72.00 76.37
N GLN B 298 32.52 73.16 75.90
CA GLN B 298 31.96 73.80 74.72
C GLN B 298 32.60 73.33 73.42
N CYS B 299 33.67 72.54 73.48
CA CYS B 299 34.34 72.12 72.24
C CYS B 299 33.43 71.31 71.33
N PRO B 300 32.79 70.22 71.77
CA PRO B 300 31.87 69.53 70.86
C PRO B 300 30.71 70.40 70.43
N SER B 301 30.20 71.25 71.32
CA SER B 301 29.10 72.13 70.95
C SER B 301 29.53 73.12 69.87
N GLU B 302 30.72 73.70 70.01
CA GLU B 302 31.21 74.62 68.98
C GLU B 302 31.40 73.91 67.65
N ILE B 303 32.01 72.72 67.67
CA ILE B 303 32.26 72.00 66.43
C ILE B 303 30.94 71.66 65.74
N LEU B 304 29.94 71.25 66.51
CA LEU B 304 28.62 70.97 65.93
C LEU B 304 27.98 72.24 65.37
N ALA B 305 28.07 73.35 66.11
CA ALA B 305 27.40 74.57 65.68
C ALA B 305 28.00 75.11 64.39
N ALA B 306 29.32 75.02 64.24
CA ALA B 306 29.97 75.61 63.07
C ALA B 306 29.69 74.84 61.79
N THR B 307 29.27 73.58 61.88
CA THR B 307 29.09 72.76 60.68
C THR B 307 27.93 73.26 59.84
N ASN B 308 28.10 73.19 58.52
CA ASN B 308 27.10 73.62 57.55
C ASN B 308 26.81 72.46 56.62
N TYR B 309 25.60 71.90 56.68
CA TYR B 309 25.34 70.62 56.04
C TYR B 309 24.83 70.74 54.61
N GLU B 311 26.69 72.35 52.26
CA GLU B 311 27.92 72.34 51.49
C GLU B 311 28.56 70.95 51.48
N PRO B 312 29.40 70.65 50.49
CA PRO B 312 30.01 69.31 50.42
C PRO B 312 31.12 69.12 51.44
N GLY B 313 31.43 67.85 51.69
CA GLY B 313 32.52 67.49 52.57
C GLY B 313 32.39 68.01 53.98
N ALA B 314 31.17 68.02 54.52
CA ALA B 314 30.90 68.61 55.81
C ALA B 314 30.78 67.57 56.93
N SER B 315 31.09 66.30 56.65
CA SER B 315 30.96 65.28 57.68
C SER B 315 31.93 65.54 58.82
N GLN B 316 33.18 65.87 58.51
CA GLN B 316 34.19 66.24 59.48
C GLN B 316 34.52 65.11 60.44
N ASN B 317 35.40 65.37 61.41
CA ASN B 317 35.80 64.40 62.41
C ASN B 317 36.11 65.14 63.69
N TYR B 318 35.56 64.65 64.79
CA TYR B 318 35.69 65.33 66.08
C TYR B 318 37.00 65.02 66.80
N MET B 319 37.82 64.12 66.26
CA MET B 319 39.02 63.70 66.98
C MET B 319 40.18 64.68 66.77
N TYR B 320 40.68 64.80 65.55
CA TYR B 320 41.90 65.57 65.32
C TYR B 320 41.53 67.02 65.07
N TYR B 321 41.51 67.81 66.15
CA TYR B 321 41.19 69.23 66.03
C TYR B 321 41.86 69.94 67.19
N GLN B 322 42.31 71.17 66.95
CA GLN B 322 43.19 71.86 67.89
C GLN B 322 42.47 73.03 68.56
N PHE B 323 42.70 73.19 69.86
CA PHE B 323 42.09 74.24 70.68
C PHE B 323 43.17 74.99 71.44
N PRO B 324 43.79 76.01 70.85
CA PRO B 324 44.88 76.71 71.56
C PRO B 324 44.43 77.41 72.83
N GLY B 325 43.16 77.80 72.92
CA GLY B 325 42.69 78.46 74.13
C GLY B 325 42.68 77.53 75.33
N ARG B 326 42.23 76.29 75.15
CA ARG B 326 42.14 75.36 76.26
C ARG B 326 43.53 74.87 76.66
N ASN B 327 43.69 74.63 77.96
CA ASN B 327 44.97 74.17 78.48
C ASN B 327 45.03 72.64 78.51
N ILE B 328 46.23 72.12 78.66
CA ILE B 328 46.49 70.70 78.53
C ILE B 328 45.86 69.96 79.71
N THR B 329 45.45 68.71 79.47
CA THR B 329 44.77 67.91 80.47
C THR B 329 45.57 66.70 80.92
N VAL B 330 46.02 65.86 79.99
CA VAL B 330 46.78 64.66 80.31
C VAL B 330 48.03 64.62 79.45
N SER B 331 49.10 64.02 79.97
CA SER B 331 50.37 63.96 79.27
C SER B 331 51.09 62.63 79.40
N ASP B 332 50.51 61.65 80.06
CA ASP B 332 51.10 60.32 80.18
C ASP B 332 50.24 59.31 79.42
N ASP B 333 50.89 58.25 78.96
CA ASP B 333 50.16 57.22 78.23
C ASP B 333 49.32 56.37 79.19
N THR B 334 49.84 56.09 80.39
CA THR B 334 49.08 55.31 81.36
C THR B 334 47.87 56.08 81.87
N VAL B 335 48.02 57.39 82.09
CA VAL B 335 46.90 58.21 82.53
C VAL B 335 45.83 58.27 81.44
N ALA B 336 46.26 58.40 80.18
CA ALA B 336 45.30 58.39 79.09
C ALA B 336 44.59 57.04 78.99
N ASN B 337 45.33 55.95 79.22
CA ASN B 337 44.70 54.63 79.21
C ASN B 337 43.64 54.51 80.31
N THR B 338 43.93 55.00 81.51
CA THR B 338 42.93 54.96 82.57
C THR B 338 41.73 55.85 82.23
N VAL B 339 41.97 57.01 81.64
CA VAL B 339 40.88 57.93 81.35
C VAL B 339 39.97 57.38 80.26
N ASP B 340 40.54 56.74 79.25
CA ASP B 340 39.74 56.27 78.12
C ASP B 340 38.75 55.19 78.53
N LYS B 341 39.01 54.49 79.62
CA LYS B 341 38.06 53.48 80.10
C LYS B 341 36.73 54.12 80.49
N SER B 342 36.75 55.36 80.95
CA SER B 342 35.56 56.07 81.37
C SER B 342 34.95 56.91 80.27
N ARG B 343 35.46 56.80 79.04
CA ARG B 343 34.95 57.55 77.89
C ARG B 343 34.98 59.06 78.15
N GLY B 344 36.12 59.54 78.61
CA GLY B 344 36.33 60.96 78.85
C GLY B 344 37.02 61.61 77.66
N ASN B 345 36.61 62.83 77.36
CA ASN B 345 37.18 63.61 76.27
C ASN B 345 38.08 64.69 76.83
N TYR B 346 39.21 64.90 76.19
CA TYR B 346 40.24 65.77 76.77
C TYR B 346 41.13 66.34 75.68
N ILE B 347 42.05 67.19 76.10
CA ILE B 347 43.11 67.73 75.25
C ILE B 347 44.40 67.03 75.66
N GLY B 348 45.00 66.31 74.72
CA GLY B 348 46.24 65.60 74.97
C GLY B 348 47.39 66.27 74.26
N VAL B 349 48.59 66.15 74.84
CA VAL B 349 49.80 66.70 74.28
C VAL B 349 50.75 65.55 73.94
N THR B 350 51.35 65.63 72.76
CA THR B 350 52.28 64.61 72.30
C THR B 350 53.42 65.26 71.53
N GLN B 351 54.60 64.67 71.63
CA GLN B 351 55.79 65.20 70.97
C GLN B 351 55.86 64.67 69.55
N ALA B 352 56.07 65.58 68.58
CA ALA B 352 56.25 65.20 67.18
C ALA B 352 57.45 65.98 66.65
N ASN B 353 58.64 65.40 66.82
CA ASN B 353 59.90 66.04 66.43
C ASN B 353 60.03 67.42 67.05
N GLY B 354 60.06 67.43 68.38
CA GLY B 354 60.25 68.68 69.10
C GLY B 354 59.01 69.47 69.43
N GLN B 355 58.07 69.56 68.49
CA GLN B 355 56.87 70.35 68.72
C GLN B 355 55.86 69.57 69.54
N GLN B 356 55.21 70.26 70.47
CA GLN B 356 54.21 69.66 71.36
C GLN B 356 52.83 69.90 70.76
N ALA B 358 49.00 69.68 70.76
CA ALA B 358 47.92 69.52 71.71
C ALA B 358 46.61 69.50 70.95
N PHE B 359 45.79 68.48 71.18
CA PHE B 359 44.55 68.38 70.43
C PHE B 359 43.53 67.55 71.20
N TYR B 360 42.27 67.75 70.83
CA TYR B 360 41.17 66.94 71.33
C TYR B 360 41.43 65.49 70.97
N GLN B 361 41.11 64.56 71.86
CA GLN B 361 41.64 63.20 71.69
C GLN B 361 40.59 62.16 71.34
N ARG B 362 39.38 62.25 71.84
CA ARG B 362 38.40 61.21 71.56
C ARG B 362 37.05 61.84 71.21
N GLY B 363 36.38 61.25 70.24
CA GLY B 363 35.07 61.72 69.84
C GLY B 363 33.99 60.73 70.18
N ILE B 364 34.08 60.15 71.37
CA ILE B 364 33.17 59.06 71.73
C ILE B 364 32.13 59.54 72.74
N LEU B 365 30.93 58.98 72.65
CA LEU B 365 29.82 59.28 73.54
C LEU B 365 29.47 58.07 74.36
N CYS B 366 28.94 58.29 75.56
CA CYS B 366 28.46 57.17 76.36
C CYS B 366 27.08 56.74 75.88
N GLY B 367 26.90 55.44 75.70
CA GLY B 367 25.66 54.90 75.19
C GLY B 367 25.74 53.40 75.05
N GLY B 368 24.63 52.82 74.62
CA GLY B 368 24.54 51.39 74.45
C GLY B 368 25.03 50.93 73.09
N PRO B 369 24.97 49.62 72.84
CA PRO B 369 25.39 49.12 71.52
C PRO B 369 24.55 49.64 70.37
N THR B 370 23.26 49.88 70.58
CA THR B 370 22.38 50.32 69.51
C THR B 370 22.57 51.78 69.14
N ASP B 371 23.14 52.58 70.03
CA ASP B 371 23.24 54.02 69.80
C ASP B 371 24.58 54.39 69.21
N ALA B 372 24.67 55.64 68.73
CA ALA B 372 25.84 56.14 68.01
C ALA B 372 26.90 56.58 69.01
N VAL B 373 27.99 55.82 69.08
CA VAL B 373 29.05 56.14 70.04
C VAL B 373 29.85 57.36 69.59
N ASP B 374 30.19 57.42 68.30
CA ASP B 374 30.94 58.55 67.77
C ASP B 374 30.03 59.77 67.61
N MET B 375 30.60 60.95 67.81
CA MET B 375 29.79 62.17 67.73
C MET B 375 29.48 62.58 66.29
N ASN B 376 30.34 62.28 65.33
CA ASN B 376 30.06 62.69 63.96
C ASN B 376 28.82 62.00 63.41
N VAL B 377 28.71 60.69 63.62
CA VAL B 377 27.52 59.97 63.17
C VAL B 377 26.29 60.43 63.93
N TYR B 378 26.46 60.77 65.21
CA TYR B 378 25.35 61.33 65.98
C TYR B 378 24.83 62.61 65.34
N ALA B 379 25.74 63.53 65.01
CA ALA B 379 25.33 64.79 64.38
C ALA B 379 24.67 64.55 63.03
N ASN B 380 25.24 63.63 62.24
CA ASN B 380 24.67 63.36 60.92
C ASN B 380 23.28 62.77 61.04
N GLU B 381 23.05 61.91 62.03
CA GLU B 381 21.70 61.38 62.22
C GLU B 381 20.73 62.46 62.68
N ILE B 382 21.19 63.38 63.53
CA ILE B 382 20.35 64.53 63.88
C ILE B 382 19.93 65.27 62.62
N TRP B 383 20.89 65.57 61.75
CA TRP B 383 20.59 66.32 60.54
C TRP B 383 19.64 65.55 59.62
N LEU B 384 19.87 64.24 59.46
CA LEU B 384 18.98 63.43 58.63
C LEU B 384 17.55 63.46 59.15
N LYS B 385 17.37 63.25 60.45
CA LYS B 385 16.02 63.25 60.99
C LYS B 385 15.35 64.59 60.76
N SER B 386 16.06 65.69 61.02
CA SER B 386 15.47 67.01 60.84
C SER B 386 15.11 67.26 59.37
N ALA B 387 15.99 66.89 58.44
CA ALA B 387 15.74 67.15 57.03
C ALA B 387 14.56 66.34 56.52
N ILE B 388 14.51 65.05 56.87
CA ILE B 388 13.40 64.21 56.42
C ILE B 388 12.08 64.72 56.98
N ALA B 389 12.06 65.07 58.28
CA ALA B 389 10.85 65.59 58.87
C ALA B 389 10.40 66.88 58.20
N GLN B 390 11.35 67.78 57.90
CA GLN B 390 11.00 69.01 57.21
C GLN B 390 10.39 68.75 55.85
N ALA B 391 11.01 67.86 55.06
CA ALA B 391 10.48 67.58 53.73
C ALA B 391 9.08 66.98 53.79
N LEU B 392 8.86 66.04 54.71
CA LEU B 392 7.54 65.42 54.81
C LEU B 392 6.48 66.40 55.29
N LEU B 393 6.81 67.22 56.28
CA LEU B 393 5.85 68.21 56.76
C LEU B 393 5.52 69.21 55.65
N ASP B 394 6.53 69.63 54.89
CA ASP B 394 6.28 70.57 53.80
C ASP B 394 5.39 69.97 52.74
N LEU B 395 5.63 68.70 52.40
CA LEU B 395 4.74 67.99 51.49
C LEU B 395 3.30 68.00 52.00
N PHE B 396 3.11 67.68 53.28
CA PHE B 396 1.77 67.66 53.85
C PHE B 396 1.13 69.04 53.77
N LEU B 397 1.90 70.09 54.03
CA LEU B 397 1.33 71.43 54.10
C LEU B 397 0.98 72.00 52.73
N ASN B 398 1.72 71.63 51.67
CA ASN B 398 1.52 72.27 50.37
C ASN B 398 0.49 71.57 49.49
N VAL B 399 0.74 70.30 49.13
CA VAL B 399 -0.10 69.63 48.16
C VAL B 399 -1.50 69.42 48.75
N ASN B 400 -2.50 69.33 47.88
CA ASN B 400 -3.88 69.23 48.33
C ASN B 400 -4.12 67.94 49.12
N ALA B 401 -3.75 66.81 48.54
CA ALA B 401 -3.99 65.51 49.19
C ALA B 401 -2.98 64.50 48.66
N VAL B 402 -2.69 63.51 49.49
CA VAL B 402 -1.77 62.44 49.12
C VAL B 402 -2.55 61.14 49.09
N PRO B 403 -2.91 60.63 47.91
CA PRO B 403 -3.70 59.41 47.84
C PRO B 403 -2.91 58.21 48.34
N ALA B 404 -3.66 57.24 48.90
CA ALA B 404 -3.07 56.02 49.43
C ALA B 404 -3.09 54.95 48.35
N SER B 405 -2.27 55.16 47.33
CA SER B 405 -2.14 54.24 46.22
C SER B 405 -0.73 54.36 45.65
N SER B 406 -0.49 53.73 44.51
CA SER B 406 0.84 53.72 43.92
C SER B 406 1.37 55.13 43.70
N THR B 407 0.49 56.05 43.29
CA THR B 407 0.89 57.43 43.13
C THR B 407 1.43 58.00 44.43
N GLY B 408 0.88 57.56 45.56
CA GLY B 408 1.37 58.04 46.85
C GLY B 408 2.81 57.66 47.11
N GLU B 409 3.16 56.38 46.92
CA GLU B 409 4.55 55.98 47.12
C GLU B 409 5.47 56.68 46.13
N ALA B 410 5.04 56.78 44.87
CA ALA B 410 5.89 57.44 43.88
C ALA B 410 6.14 58.89 44.26
N MET B 411 5.10 59.62 44.68
CA MET B 411 5.25 61.03 45.02
C MET B 411 6.11 61.21 46.26
N THR B 412 5.91 60.36 47.28
CA THR B 412 6.73 60.47 48.48
C THR B 412 8.19 60.20 48.19
N LEU B 413 8.48 59.17 47.38
CA LEU B 413 9.86 58.88 47.04
C LEU B 413 10.47 60.02 46.24
N ALA B 414 9.71 60.58 45.29
CA ALA B 414 10.23 61.69 44.49
C ALA B 414 10.57 62.88 45.37
N VAL B 415 9.74 63.15 46.38
CA VAL B 415 10.00 64.29 47.26
C VAL B 415 11.22 64.01 48.15
N LEU B 416 11.35 62.78 48.64
CA LEU B 416 12.52 62.47 49.48
C LEU B 416 13.81 62.35 48.69
N GLN B 417 13.75 62.25 47.37
CA GLN B 417 14.96 62.04 46.58
C GLN B 417 16.02 63.13 46.76
N PRO B 418 15.70 64.43 46.69
CA PRO B 418 16.77 65.44 46.80
C PRO B 418 17.53 65.41 48.13
N VAL B 419 16.85 65.10 49.23
CA VAL B 419 17.54 65.03 50.52
C VAL B 419 18.57 63.91 50.51
N LEU B 420 18.20 62.74 50.00
CA LEU B 420 19.15 61.64 49.91
C LEU B 420 20.26 61.94 48.92
N ASP B 421 19.96 62.71 47.86
CA ASP B 421 21.01 63.12 46.94
C ASP B 421 22.03 64.02 47.63
N LYS B 422 21.56 64.96 48.45
CA LYS B 422 22.46 65.84 49.17
C LYS B 422 23.24 65.08 50.25
N ALA B 423 22.64 64.04 50.82
CA ALA B 423 23.30 63.27 51.86
C ALA B 423 24.56 62.59 51.35
N THR B 424 24.53 62.11 50.09
CA THR B 424 25.73 61.49 49.52
C THR B 424 26.86 62.50 49.37
N ALA B 425 26.53 63.72 48.93
CA ALA B 425 27.55 64.74 48.74
C ALA B 425 28.11 65.23 50.07
N ASN B 426 27.27 65.28 51.11
CA ASN B 426 27.72 65.77 52.40
C ASN B 426 28.82 64.89 52.98
N GLY B 427 28.67 63.58 52.84
CA GLY B 427 29.58 62.64 53.47
C GLY B 427 28.95 61.79 54.54
N THR B 428 27.65 61.94 54.80
CA THR B 428 26.99 61.08 55.77
C THR B 428 26.67 59.71 55.19
N PHE B 429 26.65 59.58 53.86
CA PHE B 429 26.53 58.29 53.20
C PHE B 429 27.88 57.96 52.58
N THR B 430 28.42 56.79 52.91
CA THR B 430 29.71 56.34 52.38
C THR B 430 29.47 55.15 51.48
N TYR B 431 29.96 55.24 50.24
CA TYR B 431 29.85 54.16 49.27
C TYR B 431 31.20 53.47 49.11
N LYS B 433 32.30 51.22 51.08
CA LYS B 433 32.75 50.72 52.37
C LYS B 433 32.52 49.22 52.45
N GLU B 434 33.45 48.52 53.10
CA GLU B 434 33.30 47.08 53.24
C GLU B 434 32.16 46.75 54.18
N SER B 436 30.47 43.67 56.49
CA SER B 436 30.79 42.39 57.09
C SER B 436 29.72 41.35 56.76
N ALA B 437 30.09 40.07 56.93
CA ALA B 437 29.14 39.00 56.69
C ALA B 437 27.98 39.06 57.67
N VAL B 438 28.28 39.37 58.94
CA VAL B 438 27.22 39.49 59.94
C VAL B 438 26.25 40.60 59.57
N GLN B 439 26.78 41.76 59.15
CA GLN B 439 25.93 42.85 58.72
C GLN B 439 25.13 42.47 57.48
N GLN B 440 25.74 41.70 56.57
CA GLN B 440 25.01 41.23 55.40
C GLN B 440 23.81 40.38 55.80
N GLN B 441 24.02 39.44 56.72
CA GLN B 441 22.92 38.58 57.15
C GLN B 441 21.85 39.39 57.88
N TYR B 442 22.27 40.37 58.68
CA TYR B 442 21.32 41.23 59.37
C TYR B 442 20.45 41.99 58.36
N ILE B 443 21.07 42.52 57.31
CA ILE B 443 20.31 43.26 56.31
C ILE B 443 19.36 42.34 55.57
N THR B 444 19.82 41.14 55.20
CA THR B 444 18.95 40.22 54.48
C THR B 444 17.81 39.73 55.36
N GLN B 445 17.99 39.72 56.68
CA GLN B 445 16.92 39.29 57.57
C GLN B 445 15.93 40.41 57.84
N VAL B 446 16.43 41.63 58.08
CA VAL B 446 15.56 42.75 58.42
C VAL B 446 14.67 43.11 57.24
N THR B 447 15.25 43.18 56.05
CA THR B 447 14.49 43.44 54.83
C THR B 447 14.24 42.10 54.14
N GLY B 448 12.97 41.82 53.82
CA GLY B 448 12.66 40.60 53.11
C GLY B 448 13.35 40.54 51.77
N ASP B 449 13.63 41.70 51.17
CA ASP B 449 14.30 41.74 49.88
C ASP B 449 15.79 41.53 50.03
N ARG B 450 16.27 40.42 49.48
CA ARG B 450 17.68 40.15 49.34
C ARG B 450 18.25 41.00 48.18
N ARG B 451 19.58 41.12 48.14
CA ARG B 451 20.35 42.01 47.28
C ARG B 451 20.20 43.47 47.69
N ALA B 452 19.62 43.75 48.86
CA ALA B 452 19.66 45.11 49.38
C ALA B 452 21.06 45.48 49.84
N TRP B 453 21.80 44.52 50.37
CA TRP B 453 23.14 44.81 50.87
C TRP B 453 24.10 45.17 49.75
N ARG B 454 23.97 44.51 48.59
CA ARG B 454 24.77 44.91 47.44
C ARG B 454 24.48 46.36 47.08
N GLN B 455 23.21 46.76 47.14
CA GLN B 455 22.85 48.14 46.82
C GLN B 455 23.40 49.12 47.84
N VAL B 456 23.35 48.78 49.13
CA VAL B 456 23.82 49.74 50.13
C VAL B 456 25.34 49.85 50.07
N THR B 458 27.09 49.50 47.07
CA THR B 458 27.47 50.15 45.82
C THR B 458 27.04 51.61 45.79
N LEU B 459 25.80 51.90 46.20
CA LEU B 459 25.24 53.24 46.11
C LEU B 459 25.20 53.98 47.43
N GLY B 460 24.99 53.29 48.56
CA GLY B 460 25.05 53.88 49.86
C GLY B 460 23.77 53.89 50.66
N TYR B 461 22.63 53.55 50.05
CA TYR B 461 21.38 53.61 50.78
C TYR B 461 20.36 52.69 50.14
N TRP B 462 19.30 52.41 50.91
CA TRP B 462 18.17 51.61 50.47
C TRP B 462 16.94 52.13 51.19
N ILE B 463 15.87 52.39 50.42
CA ILE B 463 14.67 53.04 50.94
C ILE B 463 13.45 52.22 50.55
N ASN B 464 12.45 52.18 51.44
CA ASN B 464 11.21 51.48 51.18
C ASN B 464 10.02 52.30 51.68
N ILE B 465 8.84 52.05 51.10
CA ILE B 465 7.60 52.69 51.51
C ILE B 465 6.52 51.63 51.61
N THR B 466 5.62 51.79 52.59
CA THR B 466 4.63 50.76 52.89
C THR B 466 3.20 51.19 52.61
N PHE B 467 2.71 52.27 53.20
CA PHE B 467 1.32 52.74 53.03
C PHE B 467 0.30 51.67 53.45
N SER B 468 0.27 51.42 54.75
CA SER B 468 -0.74 50.56 55.35
C SER B 468 -1.86 51.38 55.97
N SER B 469 -2.90 50.69 56.42
CA SER B 469 -4.02 51.33 57.11
C SER B 469 -4.17 50.77 58.52
N TYR B 470 -4.89 51.53 59.35
CA TYR B 470 -5.07 51.19 60.75
C TYR B 470 -6.18 52.06 61.32
N THR B 471 -6.57 51.75 62.56
CA THR B 471 -7.54 52.55 63.30
C THR B 471 -6.85 53.14 64.53
N ASN B 472 -6.98 54.44 64.72
CA ASN B 472 -6.38 55.09 65.87
C ASN B 472 -7.24 54.87 67.11
N SER B 473 -6.61 54.98 68.27
CA SER B 473 -7.32 54.70 69.53
C SER B 473 -8.23 55.85 69.91
N ASN B 474 -7.87 57.08 69.56
CA ASN B 474 -8.61 58.24 70.03
C ASN B 474 -10.03 58.25 69.49
N THR B 475 -10.22 57.91 68.23
CA THR B 475 -11.53 57.81 67.61
C THR B 475 -11.66 56.45 66.95
N GLY B 476 -12.87 55.93 66.89
CA GLY B 476 -13.06 54.63 66.26
C GLY B 476 -12.76 54.62 64.78
N LEU B 477 -12.62 55.78 64.16
CA LEU B 477 -12.46 55.87 62.72
C LEU B 477 -11.13 55.25 62.28
N THR B 478 -11.11 54.76 61.05
CA THR B 478 -9.89 54.24 60.46
C THR B 478 -9.12 55.38 59.80
N GLU B 479 -7.89 55.59 60.23
CA GLU B 479 -7.07 56.66 59.68
C GLU B 479 -5.84 56.06 59.03
N TRP B 480 -4.75 57.34 55.67
CA TRP B 480 -4.09 56.17 56.20
C TRP B 480 -2.81 56.54 56.94
N LYS B 481 -1.80 55.69 56.84
CA LYS B 481 -0.47 55.99 57.36
C LYS B 481 0.57 55.43 56.42
N ALA B 482 1.77 55.98 56.50
CA ALA B 482 2.89 55.54 55.69
C ALA B 482 4.03 55.09 56.59
N ASN B 483 4.61 53.95 56.25
CA ASN B 483 5.76 53.40 56.96
C ASN B 483 6.92 53.30 55.98
N TYR B 484 8.07 53.84 56.36
CA TYR B 484 9.25 53.81 55.51
C TYR B 484 10.42 53.27 56.30
N THR B 485 11.31 52.56 55.60
CA THR B 485 12.53 52.05 56.20
C THR B 485 13.71 52.49 55.34
N LEU B 486 14.73 53.03 56.00
CA LEU B 486 15.93 53.53 55.35
C LEU B 486 17.15 52.86 55.97
N ILE B 487 18.03 52.35 55.11
CA ILE B 487 19.29 51.77 55.55
C ILE B 487 20.42 52.46 54.79
N TYR B 488 21.47 52.86 55.50
CA TYR B 488 22.59 53.51 54.86
C TYR B 488 23.87 53.20 55.63
N SER B 489 24.99 53.30 54.93
CA SER B 489 26.29 53.06 55.54
C SER B 489 26.76 54.32 56.24
N LYS B 490 27.04 54.20 57.53
CA LYS B 490 27.45 55.35 58.33
C LYS B 490 28.83 55.83 57.90
N GLY B 491 29.13 57.08 58.25
CA GLY B 491 30.41 57.67 57.90
C GLY B 491 31.42 57.60 59.03
N ASP B 492 32.37 56.68 58.94
CA ASP B 492 33.39 56.49 59.96
C ASP B 492 34.75 56.89 59.42
N ALA B 493 35.54 57.53 60.26
CA ALA B 493 36.85 58.06 59.88
C ALA B 493 37.95 57.20 60.47
N ILE B 494 39.05 57.08 59.73
CA ILE B 494 40.21 56.34 60.22
C ILE B 494 40.83 57.08 61.39
N ARG B 495 41.29 56.31 62.38
CA ARG B 495 41.89 56.89 63.58
C ARG B 495 43.25 56.32 63.93
N PHE B 496 43.69 55.24 63.28
CA PHE B 496 44.95 54.60 63.60
C PHE B 496 45.63 54.15 62.31
N VAL B 497 46.95 54.27 62.27
CA VAL B 497 47.74 53.90 61.11
C VAL B 497 48.86 52.97 61.55
N GLU B 498 48.99 51.84 60.86
CA GLU B 498 50.02 50.85 61.13
C GLU B 498 50.61 50.37 59.82
N GLY B 499 51.91 50.09 59.82
CA GLY B 499 52.56 49.62 58.61
C GLY B 499 53.92 49.04 58.91
N SER B 500 54.50 48.44 57.87
CA SER B 500 55.85 47.88 57.94
C SER B 500 56.61 48.25 56.67
N ASP B 501 57.85 48.70 56.84
CA ASP B 501 58.71 49.09 55.72
C ASP B 501 59.80 48.03 55.58
N VAL B 502 59.62 47.14 54.61
CA VAL B 502 60.58 46.08 54.36
C VAL B 502 61.61 46.57 53.35
N MET B 503 62.88 46.50 53.72
CA MET B 503 63.95 46.96 52.85
C MET B 503 64.66 45.77 52.21
N ILE B 504 64.93 45.90 50.91
CA ILE B 504 65.62 44.88 50.12
C ILE B 504 64.81 43.59 50.09
N MET C 1 -32.33 116.22 -7.75
CA MET C 1 -31.86 115.12 -8.58
C MET C 1 -31.96 113.79 -7.82
N ILE C 2 -31.92 112.69 -8.57
CA ILE C 2 -31.77 111.38 -7.96
C ILE C 2 -30.43 111.33 -7.23
N SER C 3 -30.46 110.80 -6.00
CA SER C 3 -29.24 110.71 -5.20
C SER C 3 -28.25 109.74 -5.85
N GLN C 4 -26.97 110.01 -5.62
CA GLN C 4 -25.92 109.18 -6.21
C GLN C 4 -25.90 107.77 -5.64
N SER C 5 -26.53 107.54 -4.49
CA SER C 5 -26.47 106.23 -3.86
C SER C 5 -27.20 105.16 -4.67
N ARG C 6 -27.98 105.56 -5.67
CA ARG C 6 -28.64 104.58 -6.53
C ARG C 6 -27.63 103.80 -7.36
N TYR C 7 -26.45 104.37 -7.57
CA TYR C 7 -25.44 103.79 -8.45
C TYR C 7 -24.16 103.40 -7.75
N ILE C 8 -23.66 104.24 -6.85
CA ILE C 8 -22.45 103.96 -6.10
C ILE C 8 -22.72 104.23 -4.62
N ARG C 9 -22.45 103.23 -3.78
CA ARG C 9 -22.66 103.35 -2.35
C ARG C 9 -21.41 102.91 -1.61
N ILE C 10 -20.88 103.79 -0.76
CA ILE C 10 -19.68 103.53 0.01
C ILE C 10 -19.97 103.81 1.48
N ILE C 11 -19.61 102.87 2.34
CA ILE C 11 -19.82 103.00 3.78
C ILE C 11 -18.46 103.06 4.46
N SER C 12 -18.26 104.08 5.29
CA SER C 12 -17.00 104.31 5.97
C SER C 12 -17.17 104.04 7.47
N GLY C 13 -16.14 103.47 8.08
CA GLY C 13 -16.19 103.19 9.50
C GLY C 13 -14.80 102.91 10.02
N VAL C 14 -14.72 102.71 11.34
CA VAL C 14 -13.47 102.43 12.02
C VAL C 14 -13.58 101.05 12.65
N GLY C 15 -12.64 100.17 12.32
CA GLY C 15 -12.65 98.83 12.87
C GLY C 15 -11.83 98.72 14.15
N ALA C 16 -12.30 97.83 15.02
CA ALA C 16 -11.67 97.59 16.32
C ALA C 16 -11.48 98.89 17.09
N GLY C 17 -12.52 99.72 17.11
CA GLY C 17 -12.46 101.07 17.66
C GLY C 17 -12.70 101.12 19.15
N ALA C 18 -13.21 100.05 19.76
CA ALA C 18 -13.57 100.07 21.16
C ALA C 18 -12.38 100.30 22.07
N PRO C 19 -12.32 101.45 22.71
CA PRO C 19 -11.19 101.75 23.59
C PRO C 19 -11.42 101.29 25.02
N VAL C 20 -10.48 100.53 25.57
CA VAL C 20 -10.52 100.10 26.95
C VAL C 20 -9.33 100.70 27.68
N ALA C 21 -9.60 101.40 28.78
CA ALA C 21 -8.57 102.15 29.47
C ALA C 21 -7.54 101.22 30.09
N GLY C 22 -6.44 101.82 30.56
CA GLY C 22 -5.41 101.08 31.25
C GLY C 22 -5.36 101.45 32.72
N ARG C 23 -5.27 100.44 33.58
CA ARG C 23 -5.31 100.69 35.02
C ARG C 23 -4.06 101.41 35.47
N LYS C 24 -4.24 102.42 36.31
CA LYS C 24 -3.15 103.15 36.94
C LYS C 24 -2.99 102.70 38.38
N LEU C 25 -1.80 102.91 38.93
CA LEU C 25 -1.48 102.50 40.29
C LEU C 25 -1.24 103.69 41.22
N LEU C 27 -1.86 106.82 44.02
CA LEU C 27 -2.32 106.84 45.40
C LEU C 27 -3.65 107.58 45.51
N ARG C 28 -4.46 107.17 46.49
CA ARG C 28 -5.70 107.87 46.81
C ARG C 28 -5.75 108.15 48.30
N VAL C 29 -6.14 109.37 48.65
CA VAL C 29 -6.21 109.82 50.03
C VAL C 29 -7.66 110.11 50.38
N MET C 30 -8.10 109.62 51.53
CA MET C 30 -9.47 109.81 52.01
C MET C 30 -9.43 110.80 53.17
N THR C 31 -9.64 112.07 52.86
CA THR C 31 -9.59 113.13 53.87
C THR C 31 -10.98 113.38 54.43
N THR C 32 -11.08 114.32 55.37
CA THR C 32 -12.35 114.67 56.01
C THR C 32 -12.75 116.12 55.82
N ASN C 33 -11.91 116.95 55.22
CA ASN C 33 -12.21 118.37 55.12
C ASN C 33 -13.44 118.58 54.23
N ASN C 34 -14.17 119.66 54.51
CA ASN C 34 -15.48 119.83 53.92
C ASN C 34 -15.44 120.42 52.52
N VAL C 35 -14.25 120.69 51.98
CA VAL C 35 -14.12 121.25 50.64
C VAL C 35 -14.64 120.26 49.62
N ILE C 36 -14.33 118.99 49.80
CA ILE C 36 -14.62 117.93 48.83
C ILE C 36 -16.04 117.43 49.07
N PRO C 37 -16.91 117.45 48.07
CA PRO C 37 -18.24 116.84 48.22
C PRO C 37 -18.14 115.34 48.41
N PRO C 38 -19.09 114.73 49.12
CA PRO C 38 -18.99 113.29 49.39
C PRO C 38 -18.97 112.41 48.16
N GLY C 39 -19.66 112.79 47.09
CA GLY C 39 -19.88 111.84 46.00
C GLY C 39 -18.95 111.92 44.81
N ILE C 40 -17.81 112.59 44.93
CA ILE C 40 -16.88 112.72 43.81
C ILE C 40 -15.48 112.30 44.26
N VAL C 41 -14.65 112.00 43.28
CA VAL C 41 -13.22 111.80 43.46
C VAL C 41 -12.50 112.79 42.56
N ILE C 42 -11.52 113.51 43.11
CA ILE C 42 -10.85 114.58 42.39
C ILE C 42 -9.41 114.16 42.12
N ASP C 45 -2.73 116.31 38.78
CA ASP C 45 -1.55 115.83 38.06
C ASP C 45 -0.26 116.43 38.62
N ALA C 47 1.77 119.08 41.74
CA ALA C 47 1.73 119.61 43.11
C ALA C 47 1.16 121.03 43.15
N ASN C 48 1.47 121.84 42.13
CA ASN C 48 0.94 123.20 42.11
C ASN C 48 -0.57 123.22 41.98
N ALA C 49 -1.15 122.24 41.28
CA ALA C 49 -2.60 122.15 41.22
C ALA C 49 -3.20 121.91 42.59
N VAL C 50 -2.58 121.02 43.37
CA VAL C 50 -3.04 120.77 44.74
C VAL C 50 -2.90 122.03 45.57
N LEU C 51 -1.78 122.74 45.41
CA LEU C 51 -1.57 123.98 46.15
C LEU C 51 -2.65 124.99 45.82
N SER C 52 -3.00 125.13 44.55
CA SER C 52 -4.01 126.09 44.14
C SER C 52 -5.39 125.71 44.67
N TYR C 53 -5.75 124.43 44.57
CA TYR C 53 -7.11 124.02 44.91
C TYR C 53 -7.33 123.98 46.43
N PHE C 54 -6.33 123.55 47.19
CA PHE C 54 -6.52 123.32 48.61
C PHE C 54 -5.93 124.41 49.50
N GLY C 55 -4.97 125.17 49.01
CA GLY C 55 -4.31 126.17 49.84
C GLY C 55 -3.02 125.64 50.45
N ALA C 56 -2.17 126.58 50.87
CA ALA C 56 -0.85 126.21 51.36
C ALA C 56 -0.91 125.57 52.74
N GLN C 57 -1.91 125.92 53.55
CA GLN C 57 -1.97 125.43 54.92
C GLN C 57 -2.42 123.98 55.02
N SER C 58 -3.20 123.50 54.06
CA SER C 58 -3.86 122.20 54.20
C SER C 58 -2.85 121.05 54.23
N GLU C 59 -3.24 119.97 54.91
CA GLU C 59 -2.43 118.76 54.93
C GLU C 59 -2.36 118.11 53.56
N GLU C 60 -3.35 118.34 52.69
CA GLU C 60 -3.31 117.77 51.35
C GLU C 60 -2.10 118.26 50.57
N TYR C 61 -1.83 119.57 50.62
CA TYR C 61 -0.64 120.09 49.97
C TYR C 61 0.62 119.53 50.62
N GLN C 62 0.60 119.41 51.95
CA GLN C 62 1.76 118.85 52.65
C GLN C 62 2.08 117.45 52.16
N ARG C 63 1.05 116.62 51.96
CA ARG C 63 1.25 115.27 51.48
C ARG C 63 1.68 115.26 50.02
N ALA C 64 1.05 116.08 49.20
CA ALA C 64 1.35 116.07 47.76
C ALA C 64 2.78 116.54 47.50
N ALA C 65 3.27 117.49 48.29
CA ALA C 65 4.62 118.00 48.06
C ALA C 65 5.65 116.89 48.23
N ALA C 66 5.52 116.09 49.29
CA ALA C 66 6.46 115.00 49.51
C ALA C 66 6.18 113.83 48.58
N TYR C 67 4.93 113.68 48.16
CA TYR C 67 4.58 112.59 47.27
C TYR C 67 5.14 112.79 45.87
N PHE C 68 5.18 114.03 45.41
CA PHE C 68 5.54 114.30 44.02
C PHE C 68 7.04 114.42 43.79
N LYS C 69 7.86 114.36 44.83
CA LYS C 69 9.31 114.28 44.68
C LYS C 69 9.73 112.84 44.88
N PHE C 70 10.20 112.20 43.80
CA PHE C 70 10.56 110.79 43.85
C PHE C 70 11.26 110.44 42.54
N ILE C 71 12.27 109.57 42.66
CA ILE C 71 13.05 109.17 41.50
C ILE C 71 12.92 107.68 41.17
N SER C 72 12.70 106.82 42.15
CA SER C 72 12.43 105.38 42.00
C SER C 72 13.62 104.61 41.43
N LYS C 73 14.82 105.17 41.43
CA LYS C 73 16.07 104.55 40.97
C LYS C 73 16.07 104.28 39.47
N SER C 74 14.98 104.55 38.76
CA SER C 74 14.94 104.48 37.31
C SER C 74 14.36 105.76 36.74
N VAL C 75 14.63 106.88 37.41
CA VAL C 75 14.21 108.23 37.08
C VAL C 75 12.78 108.28 36.55
N SER C 77 8.55 109.15 38.06
CA SER C 77 7.80 109.86 39.08
C SER C 77 6.33 109.49 39.01
N PRO C 78 5.59 109.66 40.12
CA PRO C 78 4.19 109.17 40.15
C PRO C 78 3.28 109.86 39.15
N SER C 79 3.28 111.19 39.10
CA SER C 79 2.59 111.98 38.08
C SER C 79 1.08 112.04 38.23
N SER C 80 0.53 111.57 39.35
CA SER C 80 -0.90 111.74 39.61
C SER C 80 -1.19 111.45 41.07
N ILE C 81 -2.32 111.98 41.54
CA ILE C 81 -2.83 111.71 42.88
C ILE C 81 -4.34 111.95 42.89
N SER C 82 -5.01 111.34 43.87
CA SER C 82 -6.45 111.42 43.96
C SER C 82 -6.88 111.74 45.39
N PHE C 83 -8.03 112.39 45.52
CA PHE C 83 -8.63 112.68 46.82
C PHE C 83 -10.11 112.29 46.78
N ALA C 84 -10.59 111.74 47.88
CA ALA C 84 -12.00 111.40 48.07
C ALA C 84 -12.44 111.91 49.43
N ARG C 85 -13.73 111.82 49.71
CA ARG C 85 -14.33 112.42 50.90
C ARG C 85 -14.86 111.33 51.82
N TRP C 86 -14.53 111.45 53.10
CA TRP C 86 -15.05 110.59 54.15
C TRP C 86 -15.98 111.41 55.03
N VAL C 87 -17.22 110.95 55.17
CA VAL C 87 -18.24 111.70 55.92
C VAL C 87 -18.06 111.34 57.39
N ASN C 88 -17.24 112.13 58.08
CA ASN C 88 -16.90 111.83 59.46
C ASN C 88 -18.11 111.97 60.38
N THR C 89 -18.89 113.03 60.23
CA THR C 89 -20.04 113.31 61.07
C THR C 89 -21.26 113.61 60.21
N ALA C 90 -22.39 113.84 60.88
CA ALA C 90 -23.63 114.10 60.18
C ALA C 90 -23.55 115.38 59.37
N ILE C 91 -24.18 115.39 58.20
CA ILE C 91 -24.03 116.46 57.24
C ILE C 91 -25.41 116.92 56.77
N ALA C 92 -25.53 118.22 56.50
CA ALA C 92 -26.73 118.79 55.93
C ALA C 92 -26.67 118.76 54.40
N PRO C 93 -27.82 118.85 53.73
CA PRO C 93 -27.80 118.89 52.25
C PRO C 93 -27.04 120.10 51.73
N MET C 94 -26.34 119.90 50.61
CA MET C 94 -25.52 120.94 50.02
C MET C 94 -25.70 120.96 48.51
N VAL C 95 -25.38 122.10 47.90
CA VAL C 95 -25.38 122.26 46.45
C VAL C 95 -24.07 122.90 46.04
N VAL C 96 -23.19 122.13 45.39
CA VAL C 96 -21.89 122.64 44.98
C VAL C 96 -21.46 122.00 43.67
N ASP C 98 -19.47 124.37 41.22
CA ASP C 98 -19.15 125.63 40.58
C ASP C 98 -17.67 125.66 40.23
N ASN C 99 -17.31 125.04 39.10
CA ASN C 99 -15.90 124.96 38.71
C ASN C 99 -15.49 126.05 37.72
N LEU C 100 -16.44 126.66 37.03
CA LEU C 100 -16.10 127.66 36.02
C LEU C 100 -15.58 128.93 36.68
N PRO C 101 -14.59 129.60 36.10
CA PRO C 101 -14.14 130.88 36.65
C PRO C 101 -15.23 131.93 36.56
N LYS C 102 -15.61 132.47 37.72
CA LYS C 102 -16.67 133.46 37.80
C LYS C 102 -16.27 134.53 38.81
N THR C 103 -17.24 135.33 39.24
CA THR C 103 -17.03 136.35 40.26
C THR C 103 -15.97 137.35 39.82
N ILE C 104 -16.20 137.95 38.65
CA ILE C 104 -15.38 139.04 38.14
C ILE C 104 -16.03 140.35 38.58
N ALA C 105 -16.90 140.27 39.59
CA ALA C 105 -17.66 141.41 40.11
C ALA C 105 -18.57 141.99 39.04
N ASP C 106 -19.22 141.12 38.27
CA ASP C 106 -20.10 141.53 37.18
C ASP C 106 -21.45 140.83 37.34
N PHE C 107 -21.99 140.89 38.55
CA PHE C 107 -23.39 140.57 38.81
C PHE C 107 -24.30 141.78 38.57
N ALA C 108 -23.73 142.87 38.08
CA ALA C 108 -24.53 144.05 37.78
C ALA C 108 -25.53 143.73 36.67
N GLY C 109 -26.69 144.37 36.77
CA GLY C 109 -27.80 144.06 35.87
C GLY C 109 -28.75 143.07 36.50
N PHE C 110 -28.32 142.41 37.56
CA PHE C 110 -29.20 141.62 38.40
C PHE C 110 -29.78 142.42 39.55
N SER C 111 -29.75 143.75 39.45
CA SER C 111 -30.47 144.58 40.39
C SER C 111 -31.96 144.61 40.08
N ALA C 112 -32.39 144.00 38.98
CA ALA C 112 -33.78 144.01 38.57
C ALA C 112 -34.45 142.74 39.05
N GLY C 113 -34.88 142.73 40.32
CA GLY C 113 -35.76 141.72 40.86
C GLY C 113 -35.44 140.28 40.49
N VAL C 114 -34.34 139.75 41.01
CA VAL C 114 -33.91 138.40 40.64
C VAL C 114 -34.85 137.37 41.25
N LEU C 115 -35.16 136.34 40.47
CA LEU C 115 -35.94 135.20 40.92
C LEU C 115 -35.06 133.96 40.80
N THR C 116 -35.04 133.15 41.85
CA THR C 116 -34.45 131.82 41.81
C THR C 116 -35.39 130.84 42.49
N ILE C 117 -35.40 129.61 42.01
CA ILE C 117 -36.33 128.58 42.47
C ILE C 117 -35.52 127.43 43.06
N MET C 118 -35.89 127.01 44.27
CA MET C 118 -35.24 125.85 44.88
C MET C 118 -36.30 124.95 45.50
N VAL C 119 -36.01 123.65 45.52
CA VAL C 119 -36.98 122.64 45.94
C VAL C 119 -36.36 121.76 47.00
N GLY C 120 -37.09 121.55 48.09
CA GLY C 120 -36.81 120.44 48.98
C GLY C 120 -37.57 119.23 48.47
N ALA C 121 -38.88 119.36 48.43
CA ALA C 121 -39.76 118.49 47.65
C ALA C 121 -40.79 119.26 46.85
N ALA C 122 -41.07 120.51 47.20
CA ALA C 122 -41.94 121.39 46.44
C ALA C 122 -41.25 122.72 46.21
N GLU C 123 -41.77 123.50 45.27
CA GLU C 123 -41.11 124.72 44.84
C GLU C 123 -41.05 125.75 45.96
N GLN C 124 -39.97 126.55 45.96
CA GLN C 124 -39.82 127.72 46.80
C GLN C 124 -39.21 128.79 45.90
N ASN C 125 -39.97 129.85 45.64
CA ASN C 125 -39.47 130.98 44.88
C ASN C 125 -38.96 132.05 45.82
N ILE C 126 -37.87 132.70 45.43
CA ILE C 126 -37.20 133.68 46.27
C ILE C 126 -37.50 135.07 45.72
N THR C 127 -37.67 136.02 46.64
CA THR C 127 -38.10 137.36 46.30
C THR C 127 -37.01 138.10 45.52
N ALA C 128 -37.28 139.37 45.22
CA ALA C 128 -36.34 140.17 44.43
C ALA C 128 -35.00 140.31 45.16
N ILE C 129 -33.93 140.03 44.44
CA ILE C 129 -32.57 140.11 44.97
C ILE C 129 -31.81 141.11 44.10
N ASP C 130 -31.35 142.20 44.70
CA ASP C 130 -30.67 143.26 43.98
C ASP C 130 -29.20 143.28 44.41
N THR C 131 -28.30 143.11 43.44
CA THR C 131 -26.86 143.12 43.69
C THR C 131 -26.13 144.12 42.81
N SER C 132 -26.73 145.28 42.54
CA SER C 132 -26.04 146.31 41.76
C SER C 132 -24.84 146.86 42.52
N ALA C 133 -24.99 147.09 43.83
CA ALA C 133 -23.88 147.62 44.62
C ALA C 133 -22.70 146.68 44.60
N ALA C 134 -22.86 145.50 45.19
CA ALA C 134 -21.90 144.39 45.06
C ALA C 134 -20.47 144.85 45.30
N THR C 135 -20.21 145.27 46.54
CA THR C 135 -18.85 145.65 46.91
C THR C 135 -17.87 144.51 46.68
N SER C 136 -18.27 143.29 47.04
CA SER C 136 -17.47 142.11 46.78
C SER C 136 -18.41 140.91 46.70
N MET C 137 -17.86 139.78 46.27
CA MET C 137 -18.67 138.57 46.18
C MET C 137 -19.06 138.06 47.56
N ASP C 138 -18.29 138.43 48.59
CA ASP C 138 -18.72 138.14 49.95
C ASP C 138 -20.04 138.85 50.24
N ASN C 139 -20.16 140.11 49.81
CA ASN C 139 -21.43 140.82 49.93
C ASN C 139 -22.53 140.13 49.13
N VAL C 140 -22.20 139.62 47.93
CA VAL C 140 -23.21 138.94 47.14
C VAL C 140 -23.73 137.71 47.85
N ALA C 141 -22.84 136.91 48.43
CA ALA C 141 -23.26 135.74 49.18
C ALA C 141 -24.10 136.12 50.40
N SER C 142 -23.69 137.18 51.10
CA SER C 142 -24.47 137.63 52.25
C SER C 142 -25.87 138.06 51.83
N ILE C 143 -25.98 138.79 50.71
CA ILE C 143 -27.28 139.29 50.28
C ILE C 143 -28.16 138.14 49.81
N ILE C 144 -27.58 137.15 49.14
CA ILE C 144 -28.37 135.97 48.77
C ILE C 144 -28.86 135.26 50.02
N GLN C 145 -28.00 135.13 51.03
CA GLN C 145 -28.38 134.47 52.27
C GLN C 145 -29.52 135.20 52.96
N THR C 146 -29.47 136.53 52.96
CA THR C 146 -30.51 137.31 53.61
C THR C 146 -31.87 137.06 52.96
N GLU C 147 -31.91 137.03 51.63
CA GLU C 147 -33.18 136.80 50.94
C GLU C 147 -33.66 135.37 51.10
N ILE C 148 -32.74 134.41 51.16
CA ILE C 148 -33.16 133.02 51.35
C ILE C 148 -33.70 132.80 52.75
N ARG C 149 -33.09 133.41 53.75
CA ARG C 149 -33.50 133.19 55.14
C ARG C 149 -34.89 133.70 55.43
N LYS C 150 -35.47 134.51 54.53
CA LYS C 150 -36.82 135.01 54.77
C LYS C 150 -37.88 133.94 54.57
N ASN C 151 -37.54 132.85 53.89
CA ASN C 151 -38.51 131.79 53.64
C ASN C 151 -38.81 131.00 54.91
N ALA C 152 -40.01 130.43 54.96
CA ALA C 152 -40.51 129.77 56.16
C ALA C 152 -40.26 128.27 56.18
N ASP C 153 -39.63 127.71 55.15
CA ASP C 153 -39.31 126.29 55.16
C ASP C 153 -38.20 126.02 56.17
N PRO C 154 -38.31 124.95 56.96
CA PRO C 154 -37.28 124.72 58.00
C PRO C 154 -35.86 124.61 57.48
N GLN C 155 -35.65 124.01 56.31
CA GLN C 155 -34.30 123.97 55.75
C GLN C 155 -33.80 125.37 55.41
N LEU C 156 -34.67 126.20 54.85
CA LEU C 156 -34.29 127.54 54.39
C LEU C 156 -34.40 128.59 55.48
N ALA C 157 -34.88 128.23 56.67
CA ALA C 157 -35.00 129.22 57.74
C ALA C 157 -33.63 129.71 58.20
N GLN C 158 -32.66 128.80 58.32
CA GLN C 158 -31.32 129.15 58.77
C GLN C 158 -30.26 128.69 57.78
N ALA C 159 -30.61 128.66 56.49
CA ALA C 159 -29.68 128.22 55.48
C ALA C 159 -28.51 129.20 55.35
N THR C 160 -27.37 128.69 54.92
CA THR C 160 -26.16 129.50 54.77
C THR C 160 -25.68 129.44 53.33
N VAL C 161 -25.17 130.58 52.86
CA VAL C 161 -24.55 130.68 51.55
C VAL C 161 -23.11 131.15 51.76
N THR C 162 -22.16 130.44 51.16
CA THR C 162 -20.75 130.77 51.33
C THR C 162 -20.10 130.85 49.95
N TRP C 163 -18.97 131.55 49.91
CA TRP C 163 -18.21 131.72 48.69
C TRP C 163 -16.74 131.44 48.94
N ASN C 164 -16.11 130.74 48.00
CA ASN C 164 -14.74 130.28 48.14
C ASN C 164 -13.87 130.97 47.10
N GLN C 165 -12.68 131.41 47.52
CA GLN C 165 -11.82 132.18 46.63
C GLN C 165 -10.81 131.30 45.90
N ASN C 166 -10.25 130.29 46.60
CA ASN C 166 -9.23 129.46 45.98
C ASN C 166 -9.76 128.78 44.73
N THR C 167 -10.86 128.07 44.86
CA THR C 167 -11.68 127.67 43.72
C THR C 167 -12.73 128.75 43.51
N ASN C 168 -13.76 128.46 42.72
CA ASN C 168 -14.74 129.46 42.34
C ASN C 168 -16.15 128.96 42.62
N GLN C 169 -16.38 128.45 43.83
CA GLN C 169 -17.60 127.73 44.15
C GLN C 169 -18.49 128.51 45.12
N PHE C 170 -19.78 128.57 44.80
CA PHE C 170 -20.82 129.00 45.72
C PHE C 170 -21.46 127.76 46.33
N THR C 171 -21.64 127.75 47.65
CA THR C 171 -22.18 126.60 48.35
C THR C 171 -23.33 127.02 49.25
N LEU C 172 -24.40 126.23 49.20
CA LEU C 172 -25.61 126.48 49.98
C LEU C 172 -25.84 125.29 50.91
N VAL C 173 -26.01 125.57 52.20
CA VAL C 173 -26.16 124.55 53.22
C VAL C 173 -27.50 124.74 53.92
N GLY C 174 -28.28 123.67 54.01
CA GLY C 174 -29.55 123.74 54.70
C GLY C 174 -29.40 123.69 56.21
N ALA C 175 -30.47 124.11 56.90
CA ALA C 175 -30.41 124.28 58.35
C ALA C 175 -30.40 122.95 59.09
N THR C 176 -31.26 122.02 58.71
CA THR C 176 -31.40 120.77 59.46
C THR C 176 -30.29 119.79 59.11
N ILE C 177 -29.94 118.96 60.07
CA ILE C 177 -28.82 118.02 59.94
C ILE C 177 -29.37 116.60 60.04
N GLY C 178 -29.11 115.81 59.02
CA GLY C 178 -29.43 114.39 59.08
C GLY C 178 -30.24 113.87 57.92
N THR C 179 -31.21 114.65 57.44
CA THR C 179 -32.09 114.20 56.38
C THR C 179 -32.60 115.41 55.62
N GLY C 180 -32.74 115.26 54.32
CA GLY C 180 -33.25 116.30 53.45
C GLY C 180 -32.65 116.18 52.07
N VAL C 181 -33.37 116.67 51.07
CA VAL C 181 -32.92 116.70 49.69
C VAL C 181 -33.22 118.07 49.12
N LEU C 182 -32.20 118.73 48.56
CA LEU C 182 -32.34 120.06 48.00
C LEU C 182 -31.90 120.07 46.55
N ALA C 183 -32.53 120.94 45.76
CA ALA C 183 -32.14 121.10 44.36
C ALA C 183 -32.54 122.50 43.89
N VAL C 184 -31.99 122.90 42.76
CA VAL C 184 -32.28 124.18 42.13
C VAL C 184 -32.72 123.93 40.70
N ALA C 185 -33.72 124.69 40.25
CA ALA C 185 -34.33 124.48 38.95
C ALA C 185 -34.05 125.67 38.04
N LYS C 186 -33.91 125.38 36.74
CA LYS C 186 -33.70 126.41 35.73
C LYS C 186 -35.06 126.97 35.32
N SER C 187 -35.30 128.23 35.65
CA SER C 187 -36.54 128.90 35.29
C SER C 187 -36.39 129.66 33.98
N ALA C 188 -37.51 130.16 33.47
CA ALA C 188 -37.55 130.86 32.19
C ALA C 188 -37.56 132.37 32.31
N ASP C 189 -37.50 132.91 33.53
CA ASP C 189 -37.53 134.35 33.70
C ASP C 189 -36.22 134.96 33.19
N PRO C 190 -36.24 136.23 32.75
CA PRO C 190 -34.98 136.86 32.33
C PRO C 190 -34.01 137.09 33.47
N GLN C 191 -34.51 137.48 34.63
CA GLN C 191 -33.66 137.83 35.77
C GLN C 191 -33.54 136.63 36.70
N ASP C 192 -32.93 135.57 36.18
CA ASP C 192 -32.70 134.33 36.92
C ASP C 192 -31.20 134.11 37.00
N MET C 193 -30.68 133.99 38.23
CA MET C 193 -29.25 133.95 38.46
C MET C 193 -28.73 132.55 38.74
N SER C 194 -29.35 131.53 38.16
CA SER C 194 -28.81 130.17 38.25
C SER C 194 -27.70 129.93 37.24
N THR C 195 -27.45 130.87 36.32
CA THR C 195 -26.34 130.76 35.40
C THR C 195 -25.14 131.59 35.83
N ALA C 196 -25.37 132.80 36.34
CA ALA C 196 -24.27 133.55 36.95
C ALA C 196 -23.70 132.79 38.14
N LEU C 197 -24.59 132.25 38.98
CA LEU C 197 -24.20 131.18 39.89
C LEU C 197 -24.08 129.89 39.09
N GLY C 198 -23.28 128.96 39.59
CA GLY C 198 -23.14 127.72 38.86
C GLY C 198 -24.10 126.65 39.32
N TRP C 199 -25.26 127.05 39.81
CA TRP C 199 -26.29 126.13 40.29
C TRP C 199 -27.23 125.78 39.15
N SER C 200 -27.51 124.48 39.00
CA SER C 200 -28.36 123.96 37.93
C SER C 200 -27.77 124.18 36.55
N THR C 201 -26.44 124.20 36.43
CA THR C 201 -25.78 124.27 35.15
C THR C 201 -24.70 123.21 35.07
N SER C 202 -24.61 122.56 33.90
CA SER C 202 -23.60 121.55 33.61
C SER C 202 -23.71 120.47 34.71
N ASN C 203 -22.64 120.13 35.40
CA ASN C 203 -22.65 119.12 36.45
C ASN C 203 -22.53 119.79 37.82
N VAL C 204 -23.60 119.71 38.61
CA VAL C 204 -23.66 120.27 39.95
C VAL C 204 -23.86 119.12 40.92
N VAL C 205 -23.10 119.13 42.02
CA VAL C 205 -23.16 118.07 43.01
C VAL C 205 -24.21 118.46 44.04
N ASN C 206 -25.30 117.69 44.10
CA ASN C 206 -26.32 117.85 45.13
C ASN C 206 -26.12 116.76 46.17
N VAL C 207 -25.81 117.16 47.40
CA VAL C 207 -25.49 116.23 48.47
C VAL C 207 -26.67 116.14 49.42
N ALA C 208 -27.20 114.94 49.59
CA ALA C 208 -28.29 114.70 50.53
C ALA C 208 -27.75 114.49 51.94
N GLY C 209 -28.65 114.60 52.92
CA GLY C 209 -28.21 114.45 54.30
C GLY C 209 -27.74 113.04 54.59
N GLN C 210 -26.82 112.93 55.53
CA GLN C 210 -26.21 111.65 55.86
C GLN C 210 -26.02 111.51 57.37
N SER C 211 -25.72 110.28 57.77
CA SER C 211 -25.42 109.96 59.16
C SER C 211 -23.91 110.03 59.37
N ALA C 212 -23.44 109.50 60.51
CA ALA C 212 -22.02 109.59 60.83
C ALA C 212 -21.17 108.72 59.92
N ASP C 213 -21.74 107.63 59.39
CA ASP C 213 -21.10 106.80 58.38
C ASP C 213 -19.84 106.09 58.93
N LEU C 214 -19.27 105.17 58.17
CA LEU C 214 -18.18 104.33 58.65
C LEU C 214 -17.10 104.27 57.57
N PRO C 215 -15.84 104.09 57.97
CA PRO C 215 -14.75 104.16 56.98
C PRO C 215 -14.83 103.11 55.89
N ASP C 216 -15.19 101.88 56.23
CA ASP C 216 -15.20 100.81 55.23
C ASP C 216 -16.34 101.02 54.22
N ALA C 217 -17.46 101.58 54.69
CA ALA C 217 -18.51 101.95 53.76
C ALA C 217 -18.09 103.12 52.88
N ALA C 218 -17.36 104.07 53.46
CA ALA C 218 -16.92 105.24 52.70
C ALA C 218 -15.97 104.85 51.59
N VAL C 219 -15.02 103.95 51.88
CA VAL C 219 -14.09 103.54 50.84
C VAL C 219 -14.80 102.77 49.74
N ALA C 220 -15.82 101.98 50.09
CA ALA C 220 -16.60 101.29 49.07
C ALA C 220 -17.36 102.27 48.20
N LYS C 221 -17.96 103.31 48.81
CA LYS C 221 -18.63 104.32 48.01
C LYS C 221 -17.65 105.03 47.08
N SER C 222 -16.45 105.33 47.56
CA SER C 222 -15.45 105.99 46.73
C SER C 222 -15.01 105.09 45.58
N THR C 223 -14.84 103.79 45.84
CA THR C 223 -14.41 102.89 44.78
C THR C 223 -15.55 102.59 43.80
N ASN C 224 -16.79 102.88 44.19
CA ASN C 224 -17.91 102.73 43.27
C ASN C 224 -17.76 103.65 42.06
N VAL C 225 -17.32 104.89 42.27
CA VAL C 225 -17.32 105.85 41.17
C VAL C 225 -16.11 105.66 40.27
N SER C 226 -14.96 105.30 40.83
CA SER C 226 -13.78 105.03 40.02
C SER C 226 -12.77 104.26 40.85
N ASN C 227 -12.14 103.25 40.24
CA ASN C 227 -11.18 102.39 40.92
C ASN C 227 -9.83 102.34 40.21
N ASN C 228 -9.42 103.45 39.60
CA ASN C 228 -8.12 103.51 38.93
C ASN C 228 -7.06 104.04 39.91
N PHE C 229 -6.70 103.17 40.85
CA PHE C 229 -5.74 103.54 41.88
C PHE C 229 -5.16 102.29 42.52
N GLY C 230 -4.19 102.51 43.39
CA GLY C 230 -3.65 101.45 44.22
C GLY C 230 -3.07 102.05 45.48
N SER C 231 -3.05 101.26 46.55
CA SER C 231 -2.45 101.66 47.83
C SER C 231 -3.08 102.93 48.38
N PHE C 232 -4.37 102.86 48.71
CA PHE C 232 -5.03 103.99 49.35
C PHE C 232 -4.59 104.14 50.80
N LEU C 233 -4.96 105.28 51.40
CA LEU C 233 -4.69 105.56 52.81
C LEU C 233 -5.57 106.70 53.28
N PHE C 234 -5.84 106.74 54.58
CA PHE C 234 -6.83 107.70 55.10
C PHE C 234 -6.18 109.05 55.40
N ALA C 235 -5.15 109.06 56.25
CA ALA C 235 -4.37 110.26 56.51
C ALA C 235 -5.22 111.40 57.06
N GLY C 236 -5.74 111.19 58.25
CA GLY C 236 -6.34 112.25 59.04
C GLY C 236 -5.81 112.19 60.45
N ALA C 237 -6.73 112.23 61.41
CA ALA C 237 -6.39 111.84 62.77
C ALA C 237 -6.22 110.33 62.83
N PRO C 238 -5.41 109.83 63.77
CA PRO C 238 -5.23 108.39 63.89
C PRO C 238 -6.55 107.68 64.15
N LEU C 239 -6.73 106.52 63.53
CA LEU C 239 -7.97 105.77 63.64
C LEU C 239 -7.90 104.78 64.80
N ASP C 240 -9.07 104.40 65.29
CA ASP C 240 -9.16 103.40 66.33
C ASP C 240 -8.77 102.03 65.77
N ASN C 241 -8.37 101.13 66.67
CA ASN C 241 -7.91 99.81 66.24
C ASN C 241 -9.02 99.04 65.56
N ASP C 242 -10.25 99.15 66.05
CA ASP C 242 -11.36 98.43 65.43
C ASP C 242 -11.63 98.94 64.01
N GLN C 243 -11.51 100.25 63.80
CA GLN C 243 -11.69 100.79 62.46
C GLN C 243 -10.62 100.26 61.51
N ILE C 244 -9.37 100.20 61.98
CA ILE C 244 -8.30 99.63 61.17
C ILE C 244 -8.61 98.17 60.86
N LYS C 245 -9.13 97.43 61.84
CA LYS C 245 -9.47 96.03 61.61
C LYS C 245 -10.54 95.89 60.54
N ALA C 246 -11.58 96.72 60.62
CA ALA C 246 -12.65 96.65 59.63
C ALA C 246 -12.15 96.99 58.23
N VAL C 247 -11.32 98.03 58.13
CA VAL C 247 -10.84 98.43 56.81
C VAL C 247 -9.90 97.38 56.23
N SER C 248 -9.05 96.78 57.07
CA SER C 248 -8.16 95.72 56.59
C SER C 248 -8.96 94.50 56.14
N ALA C 249 -10.03 94.17 56.87
CA ALA C 249 -10.88 93.07 56.43
C ALA C 249 -11.52 93.37 55.09
N TRP C 250 -12.02 94.61 54.91
CA TRP C 250 -12.61 94.97 53.63
C TRP C 250 -11.59 94.88 52.50
N ASN C 251 -10.37 95.33 52.75
CA ASN C 251 -9.32 95.21 51.74
C ASN C 251 -9.06 93.74 51.42
N ALA C 252 -9.03 92.89 52.44
CA ALA C 252 -8.79 91.46 52.21
C ALA C 252 -9.93 90.82 51.46
N ALA C 253 -11.12 91.44 51.47
CA ALA C 253 -12.24 90.88 50.72
C ALA C 253 -11.92 90.79 49.22
N GLN C 254 -11.38 91.86 48.65
CA GLN C 254 -10.86 91.78 47.28
C GLN C 254 -9.46 91.16 47.31
N ASN C 255 -9.25 90.15 46.46
CA ASN C 255 -8.08 89.29 46.64
C ASN C 255 -6.78 90.07 46.52
N ASN C 256 -6.49 90.61 45.33
CA ASN C 256 -5.17 91.16 45.07
C ASN C 256 -5.29 92.47 44.30
N GLN C 257 -6.17 93.35 44.75
CA GLN C 257 -6.48 94.59 44.03
C GLN C 257 -5.73 95.81 44.56
N PHE C 258 -5.78 96.07 45.86
CA PHE C 258 -5.30 97.32 46.43
C PHE C 258 -4.28 97.03 47.51
N ILE C 259 -3.66 98.08 48.01
CA ILE C 259 -2.82 98.03 49.21
C ILE C 259 -3.40 99.03 50.21
N TYR C 260 -3.12 98.81 51.48
CA TYR C 260 -3.64 99.64 52.56
C TYR C 260 -2.52 99.89 53.56
N THR C 261 -2.06 101.12 53.65
CA THR C 261 -0.92 101.48 54.47
C THR C 261 -1.40 102.12 55.77
N VAL C 262 -0.86 101.66 56.89
CA VAL C 262 -1.22 102.16 58.21
C VAL C 262 0.06 102.62 58.89
N ALA C 263 -0.05 103.65 59.72
CA ALA C 263 1.07 104.17 60.50
C ALA C 263 0.81 103.96 61.98
N THR C 264 1.78 103.39 62.68
CA THR C 264 1.63 103.03 64.08
C THR C 264 2.85 103.46 64.86
N SER C 265 2.70 103.53 66.19
CA SER C 265 3.83 103.69 67.06
C SER C 265 4.45 102.33 67.39
N LEU C 266 5.61 102.34 68.04
CA LEU C 266 6.29 101.08 68.34
C LEU C 266 5.47 100.25 69.32
N ALA C 267 4.96 100.88 70.38
CA ALA C 267 4.21 100.14 71.39
C ALA C 267 2.89 99.62 70.83
N ASN C 268 2.22 100.41 69.98
CA ASN C 268 0.96 99.98 69.41
C ASN C 268 1.14 98.86 68.38
N LEU C 269 2.37 98.65 67.90
CA LEU C 269 2.59 97.63 66.88
C LEU C 269 2.25 96.24 67.40
N GLY C 270 2.64 95.95 68.65
CA GLY C 270 2.31 94.65 69.22
C GLY C 270 0.83 94.43 69.40
N THR C 271 0.09 95.51 69.72
CA THR C 271 -1.35 95.41 69.83
C THR C 271 -1.98 95.03 68.49
N LEU C 272 -1.53 95.67 67.41
CA LEU C 272 -1.86 95.16 66.09
C LEU C 272 -1.02 93.92 65.79
N PHE C 273 -1.16 93.42 64.58
CA PHE C 273 -0.64 92.14 64.12
C PHE C 273 -1.33 90.98 64.82
N THR C 274 -2.20 91.25 65.79
CA THR C 274 -3.14 90.29 66.32
C THR C 274 -4.51 90.45 65.66
N LEU C 275 -4.97 91.70 65.54
CA LEU C 275 -6.20 91.97 64.82
C LEU C 275 -6.01 91.79 63.32
N VAL C 276 -4.96 92.38 62.75
CA VAL C 276 -4.77 92.39 61.30
C VAL C 276 -3.90 91.27 60.79
N ASN C 277 -3.63 90.25 61.60
CA ASN C 277 -2.96 89.07 61.09
C ASN C 277 -3.81 88.45 59.98
N GLY C 278 -3.14 87.85 59.00
CA GLY C 278 -3.85 87.52 57.77
C GLY C 278 -4.11 88.83 57.03
N ASN C 279 -5.29 88.94 56.44
CA ASN C 279 -5.74 90.20 55.84
C ASN C 279 -4.74 90.69 54.78
N ALA C 280 -4.64 89.91 53.70
CA ALA C 280 -3.63 90.19 52.68
C ALA C 280 -3.79 91.58 52.09
N GLY C 281 -2.67 92.22 51.81
CA GLY C 281 -2.67 93.54 51.22
C GLY C 281 -2.56 94.69 52.19
N THR C 282 -2.21 94.43 53.44
CA THR C 282 -2.11 95.46 54.46
C THR C 282 -0.65 95.65 54.85
N ALA C 283 -0.22 96.91 54.96
CA ALA C 283 1.15 97.26 55.31
C ALA C 283 1.16 98.11 56.57
N LEU C 284 2.11 97.83 57.46
CA LEU C 284 2.27 98.54 58.71
C LEU C 284 3.61 99.27 58.73
N ASN C 285 3.58 100.56 59.03
CA ASN C 285 4.78 101.39 59.04
C ASN C 285 4.90 102.07 60.41
N VAL C 286 6.08 101.99 60.99
CA VAL C 286 6.30 102.50 62.34
C VAL C 286 6.67 103.96 62.29
N LEU C 287 5.99 104.78 63.10
CA LEU C 287 6.27 106.20 63.23
C LEU C 287 7.26 106.45 64.36
N SER C 288 7.68 107.71 64.47
CA SER C 288 8.54 108.16 65.55
C SER C 288 7.77 109.14 66.42
N ALA C 289 7.64 108.81 67.71
CA ALA C 289 6.95 109.69 68.63
C ALA C 289 7.80 110.90 68.97
N THR C 290 7.12 112.00 69.31
CA THR C 290 7.77 113.24 69.73
C THR C 290 8.76 113.73 68.66
N ALA C 291 8.32 113.72 67.41
CA ALA C 291 9.12 114.20 66.30
C ALA C 291 8.21 114.87 65.29
N ALA C 292 8.81 115.34 64.20
CA ALA C 292 8.03 115.92 63.11
C ALA C 292 7.13 114.84 62.50
N ASN C 293 6.08 115.29 61.83
CA ASN C 293 5.13 114.34 61.24
C ASN C 293 5.83 113.43 60.24
N ASP C 294 6.54 114.03 59.27
CA ASP C 294 7.37 113.35 58.27
C ASP C 294 6.77 112.02 57.84
N PHE C 295 5.46 112.08 57.57
CA PHE C 295 4.64 110.92 57.28
C PHE C 295 5.36 109.86 56.43
N VAL C 296 5.29 108.62 56.89
CA VAL C 296 6.10 107.53 56.37
C VAL C 296 5.28 106.45 55.68
N GLU C 297 3.98 106.37 55.98
CA GLU C 297 3.15 105.34 55.36
C GLU C 297 3.04 105.50 53.86
N GLN C 298 3.60 106.58 53.31
CA GLN C 298 3.54 106.84 51.88
C GLN C 298 4.69 106.21 51.11
N CYS C 299 5.69 105.63 51.78
CA CYS C 299 6.82 105.07 51.07
C CYS C 299 6.44 103.93 50.13
N PRO C 300 5.74 102.88 50.57
CA PRO C 300 5.31 101.85 49.62
C PRO C 300 4.39 102.39 48.54
N SER C 301 3.51 103.32 48.90
CA SER C 301 2.61 103.90 47.92
C SER C 301 3.38 104.67 46.86
N GLU C 302 4.37 105.47 47.28
CA GLU C 302 5.18 106.20 46.31
C GLU C 302 5.95 105.24 45.40
N ILE C 303 6.56 104.22 45.98
CA ILE C 303 7.36 103.29 45.17
C ILE C 303 6.46 102.57 44.16
N LEU C 304 5.25 102.18 44.56
CA LEU C 304 4.32 101.57 43.64
C LEU C 304 3.89 102.55 42.54
N ALA C 305 3.59 103.79 42.92
CA ALA C 305 3.09 104.75 41.94
C ALA C 305 4.12 105.07 40.88
N ALA C 306 5.40 105.18 41.29
CA ALA C 306 6.43 105.59 40.35
C ALA C 306 6.76 104.51 39.31
N THR C 307 6.42 103.25 39.58
CA THR C 307 6.80 102.17 38.69
C THR C 307 6.06 102.25 37.35
N ASN C 308 6.77 101.92 36.28
CA ASN C 308 6.23 101.95 34.92
C ASN C 308 6.43 100.57 34.31
N TYR C 309 5.34 99.85 34.06
CA TYR C 309 5.45 98.43 33.74
C TYR C 309 5.57 98.14 32.26
N GLU C 311 8.13 99.45 30.45
CA GLU C 311 9.57 99.49 30.24
C GLU C 311 10.24 98.26 30.87
N PRO C 312 11.42 97.89 30.41
CA PRO C 312 12.09 96.70 30.94
C PRO C 312 12.69 96.93 32.31
N GLY C 313 12.94 95.82 33.00
CA GLY C 313 13.61 95.86 34.30
C GLY C 313 12.87 96.66 35.35
N ALA C 314 11.54 96.58 35.35
CA ALA C 314 10.72 97.39 36.23
C ALA C 314 10.23 96.64 37.45
N SER C 315 10.69 95.40 37.67
CA SER C 315 10.23 94.62 38.82
C SER C 315 10.61 95.30 40.12
N GLN C 316 11.86 95.77 40.22
CA GLN C 316 12.35 96.52 41.37
C GLN C 316 12.31 95.70 42.67
N ASN C 317 12.71 96.32 43.77
CA ASN C 317 12.71 95.69 45.07
C ASN C 317 12.43 96.74 46.13
N TYR C 318 11.49 96.42 47.03
CA TYR C 318 11.03 97.38 48.02
C TYR C 318 11.95 97.47 49.24
N MET C 319 12.98 96.63 49.32
CA MET C 319 13.80 96.60 50.53
C MET C 319 14.87 97.69 50.53
N TYR C 320 15.82 97.61 49.61
CA TYR C 320 16.98 98.50 49.65
C TYR C 320 16.65 99.78 48.90
N TYR C 321 16.14 100.77 49.62
CA TYR C 321 15.80 102.04 49.00
C TYR C 321 15.89 103.11 50.08
N GLN C 322 16.32 104.31 49.71
CA GLN C 322 16.69 105.34 50.67
C GLN C 322 15.68 106.49 50.67
N PHE C 323 15.34 106.98 51.86
CA PHE C 323 14.39 108.06 52.05
C PHE C 323 15.00 109.14 52.94
N PRO C 324 15.75 110.09 52.37
CA PRO C 324 16.40 111.10 53.21
C PRO C 324 15.43 111.99 53.97
N GLY C 325 14.21 112.17 53.47
CA GLY C 325 13.24 112.99 54.17
C GLY C 325 12.78 112.38 55.48
N ARG C 326 12.53 111.06 55.48
CA ARG C 326 12.06 110.40 56.68
C ARG C 326 13.17 110.26 57.71
N ASN C 327 12.81 110.36 58.98
CA ASN C 327 13.78 110.25 60.05
C ASN C 327 13.91 108.80 60.52
N ILE C 328 14.99 108.54 61.25
CA ILE C 328 15.36 107.19 61.64
C ILE C 328 14.35 106.65 62.63
N THR C 329 14.15 105.33 62.62
CA THR C 329 13.17 104.67 63.47
C THR C 329 13.80 103.74 64.50
N VAL C 330 14.64 102.80 64.09
CA VAL C 330 15.27 101.85 65.00
C VAL C 330 16.77 101.83 64.71
N SER C 331 17.57 101.56 65.75
CA SER C 331 19.01 101.57 65.63
C SER C 331 19.70 100.44 66.39
N ASP C 332 18.95 99.54 67.02
CA ASP C 332 19.53 98.40 67.72
C ASP C 332 19.13 97.12 67.00
N ASP C 333 19.98 96.09 67.13
CA ASP C 333 19.66 94.82 66.50
C ASP C 333 18.57 94.07 67.26
N THR C 334 18.57 94.17 68.59
CA THR C 334 17.52 93.51 69.37
C THR C 334 16.16 94.17 69.14
N VAL C 335 16.13 95.50 69.04
CA VAL C 335 14.88 96.19 68.77
C VAL C 335 14.35 95.81 67.40
N ALA C 336 15.24 95.74 66.41
CA ALA C 336 14.83 95.30 65.07
C ALA C 336 14.31 93.87 65.09
N ASN C 337 14.95 93.00 65.88
CA ASN C 337 14.47 91.63 66.00
C ASN C 337 13.08 91.58 66.58
N THR C 338 12.80 92.38 67.62
CA THR C 338 11.46 92.41 68.18
C THR C 338 10.45 92.98 67.18
N VAL C 339 10.84 94.01 66.43
CA VAL C 339 9.91 94.64 65.51
C VAL C 339 9.57 93.72 64.35
N ASP C 340 10.55 92.96 63.86
CA ASP C 340 10.32 92.12 62.69
C ASP C 340 9.31 91.01 62.96
N LYS C 341 9.14 90.62 64.23
CA LYS C 341 8.14 89.61 64.55
C LYS C 341 6.74 90.07 64.22
N SER C 342 6.49 91.38 64.29
CA SER C 342 5.18 91.95 64.01
C SER C 342 5.03 92.41 62.56
N ARG C 343 6.02 92.11 61.71
CA ARG C 343 5.97 92.48 60.29
C ARG C 343 5.80 93.99 60.13
N GLY C 344 6.62 94.75 60.83
CA GLY C 344 6.62 96.20 60.73
C GLY C 344 7.69 96.67 59.77
N ASN C 345 7.36 97.71 59.01
CA ASN C 345 8.28 98.29 58.04
C ASN C 345 8.81 99.62 58.59
N TYR C 346 10.10 99.87 58.39
CA TYR C 346 10.72 101.00 59.06
C TYR C 346 11.95 101.45 58.28
N ILE C 347 12.56 102.52 58.77
CA ILE C 347 13.83 103.03 58.28
C ILE C 347 14.88 102.67 59.31
N GLY C 348 15.86 101.87 58.93
CA GLY C 348 16.93 101.45 59.82
C GLY C 348 18.23 102.12 59.44
N VAL C 349 19.08 102.34 60.44
CA VAL C 349 20.39 102.96 60.26
C VAL C 349 21.45 101.94 60.63
N THR C 350 22.49 101.84 59.81
CA THR C 350 23.59 100.93 60.04
C THR C 350 24.90 101.57 59.61
N GLN C 351 25.96 101.23 60.33
CA GLN C 351 27.28 101.78 60.04
C GLN C 351 27.97 100.96 58.96
N ALA C 352 28.50 101.65 57.94
CA ALA C 352 29.27 101.00 56.88
C ALA C 352 30.52 101.83 56.65
N ASN C 353 31.57 101.53 57.42
CA ASN C 353 32.84 102.25 57.36
C ASN C 353 32.62 103.75 57.59
N GLY C 354 32.09 104.06 58.77
CA GLY C 354 31.89 105.46 59.13
C GLY C 354 30.58 106.09 58.73
N GLN C 355 30.10 105.80 57.52
CA GLN C 355 28.87 106.40 57.04
C GLN C 355 27.66 105.66 57.60
N GLN C 356 26.63 106.43 57.98
CA GLN C 356 25.40 105.89 58.55
C GLN C 356 24.38 105.74 57.43
N ALA C 358 20.92 104.88 56.03
CA ALA C 358 19.55 104.76 56.50
C ALA C 358 18.69 104.35 55.33
N PHE C 359 17.92 103.29 55.50
CA PHE C 359 17.09 102.80 54.40
C PHE C 359 15.90 102.01 54.91
N TYR C 360 14.90 101.91 54.06
CA TYR C 360 13.74 101.05 54.30
C TYR C 360 14.22 99.62 54.47
N GLN C 361 13.62 98.88 55.41
CA GLN C 361 14.25 97.63 55.81
C GLN C 361 13.52 96.37 55.40
N ARG C 362 12.19 96.37 55.36
CA ARG C 362 11.49 95.14 55.02
C ARG C 362 10.38 95.43 54.03
N GLY C 363 10.21 94.53 53.08
CA GLY C 363 9.16 94.68 52.09
C GLY C 363 8.09 93.62 52.25
N ILE C 364 7.70 93.33 53.50
CA ILE C 364 6.81 92.23 53.77
C ILE C 364 5.42 92.75 54.13
N LEU C 365 4.40 91.98 53.74
CA LEU C 365 3.00 92.29 54.02
C LEU C 365 2.43 91.24 54.95
N CYS C 366 1.44 91.64 55.75
CA CYS C 366 0.73 90.67 56.58
C CYS C 366 -0.29 89.92 55.75
N GLY C 367 -0.29 88.59 55.88
CA GLY C 367 -1.18 87.75 55.11
C GLY C 367 -0.95 86.29 55.43
N GLY C 368 -1.75 85.44 54.78
CA GLY C 368 -1.67 84.02 54.99
C GLY C 368 -0.63 83.35 54.10
N PRO C 369 -0.51 82.03 54.21
CA PRO C 369 0.45 81.32 53.36
C PRO C 369 0.13 81.41 51.87
N THR C 370 -1.14 81.47 51.51
CA THR C 370 -1.52 81.51 50.10
C THR C 370 -1.29 82.86 49.45
N ASP C 371 -1.18 83.93 50.23
CA ASP C 371 -1.10 85.26 49.67
C ASP C 371 0.35 85.72 49.55
N ALA C 372 0.54 86.82 48.82
CA ALA C 372 1.87 87.33 48.50
C ALA C 372 2.38 88.16 49.66
N VAL C 373 3.40 87.64 50.36
CA VAL C 373 3.95 88.35 51.51
C VAL C 373 4.79 89.55 51.08
N ASP C 374 5.62 89.37 50.05
CA ASP C 374 6.45 90.47 49.57
C ASP C 374 5.61 91.43 48.74
N MET C 375 5.97 92.72 48.81
CA MET C 375 5.19 93.73 48.09
C MET C 375 5.47 93.75 46.59
N ASN C 376 6.68 93.38 46.15
CA ASN C 376 6.96 93.43 44.72
C ASN C 376 6.11 92.43 43.95
N VAL C 377 6.00 91.19 44.46
CA VAL C 377 5.15 90.20 43.81
C VAL C 377 3.69 90.60 43.88
N TYR C 378 3.30 91.25 44.99
CA TYR C 378 1.94 91.78 45.09
C TYR C 378 1.65 92.77 43.96
N ALA C 379 2.55 93.73 43.76
CA ALA C 379 2.36 94.72 42.71
C ALA C 379 2.34 94.07 41.34
N ASN C 380 3.25 93.12 41.11
CA ASN C 380 3.28 92.46 39.81
C ASN C 380 2.00 91.68 39.54
N GLU C 381 1.44 91.05 40.57
CA GLU C 381 0.17 90.35 40.36
C GLU C 381 -0.97 91.32 40.09
N ILE C 382 -0.97 92.47 40.77
CA ILE C 382 -1.94 93.52 40.44
C ILE C 382 -1.86 93.87 38.96
N TRP C 383 -0.64 94.12 38.48
CA TRP C 383 -0.46 94.51 37.09
C TRP C 383 -0.88 93.40 36.13
N LEU C 384 -0.54 92.16 36.44
CA LEU C 384 -0.94 91.04 35.59
C LEU C 384 -2.46 90.94 35.49
N LYS C 385 -3.15 91.01 36.62
CA LYS C 385 -4.60 90.90 36.59
C LYS C 385 -5.21 92.03 35.76
N SER C 386 -4.73 93.26 35.96
CA SER C 386 -5.27 94.38 35.21
C SER C 386 -5.01 94.23 33.71
N ALA C 387 -3.80 93.81 33.33
CA ALA C 387 -3.47 93.70 31.91
C ALA C 387 -4.27 92.60 31.23
N ILE C 388 -4.39 91.44 31.88
CA ILE C 388 -5.15 90.33 31.30
C ILE C 388 -6.62 90.74 31.15
N ALA C 389 -7.18 91.36 32.17
CA ALA C 389 -8.58 91.78 32.09
C ALA C 389 -8.77 92.79 30.98
N GLN C 390 -7.85 93.74 30.82
CA GLN C 390 -7.96 94.72 29.75
C GLN C 390 -7.94 94.04 28.39
N ALA C 391 -6.99 93.12 28.17
CA ALA C 391 -6.91 92.46 26.87
C ALA C 391 -8.17 91.67 26.56
N LEU C 392 -8.69 90.93 27.54
CA LEU C 392 -9.88 90.13 27.30
C LEU C 392 -11.11 91.00 27.05
N LEU C 393 -11.27 92.07 27.83
CA LEU C 393 -12.40 92.97 27.60
C LEU C 393 -12.31 93.62 26.22
N ASP C 394 -11.11 94.02 25.82
CA ASP C 394 -10.94 94.64 24.51
C ASP C 394 -11.27 93.66 23.40
N LEU C 395 -10.83 92.41 23.54
CA LEU C 395 -11.22 91.37 22.58
C LEU C 395 -12.74 91.26 22.50
N PHE C 396 -13.41 91.20 23.64
CA PHE C 396 -14.87 91.09 23.62
C PHE C 396 -15.51 92.28 22.93
N LEU C 397 -14.99 93.48 23.17
CA LEU C 397 -15.61 94.68 22.64
C LEU C 397 -15.39 94.86 21.15
N ASN C 398 -14.27 94.39 20.59
CA ASN C 398 -13.96 94.69 19.19
C ASN C 398 -14.47 93.63 18.21
N VAL C 399 -14.03 92.38 18.35
CA VAL C 399 -14.35 91.38 17.35
C VAL C 399 -15.85 91.07 17.40
N ASN C 400 -16.39 90.62 16.27
CA ASN C 400 -17.83 90.38 16.17
C ASN C 400 -18.29 89.29 17.13
N ALA C 401 -17.64 88.13 17.09
CA ALA C 401 -18.04 87.00 17.91
C ALA C 401 -16.86 86.08 18.11
N VAL C 402 -16.86 85.36 19.23
CA VAL C 402 -15.80 84.41 19.55
C VAL C 402 -16.42 83.02 19.58
N PRO C 403 -16.22 82.21 18.55
CA PRO C 403 -16.84 80.89 18.52
C PRO C 403 -16.25 79.98 19.58
N ALA C 404 -17.09 79.05 20.07
CA ALA C 404 -16.70 78.10 21.10
C ALA C 404 -16.21 76.83 20.43
N SER C 405 -15.06 76.94 19.78
CA SER C 405 -14.42 75.82 19.11
C SER C 405 -12.92 76.06 19.11
N SER C 406 -12.18 75.23 18.38
CA SER C 406 -10.73 75.31 18.37
C SER C 406 -10.25 76.71 17.98
N THR C 407 -10.93 77.34 17.03
CA THR C 407 -10.59 78.71 16.65
C THR C 407 -10.68 79.64 17.86
N GLY C 408 -11.62 79.39 18.76
CA GLY C 408 -11.74 80.21 19.96
C GLY C 408 -10.51 80.15 20.84
N GLU C 409 -10.03 78.94 21.17
CA GLU C 409 -8.82 78.84 21.98
C GLU C 409 -7.62 79.43 21.27
N ALA C 410 -7.51 79.18 19.96
CA ALA C 410 -6.38 79.73 19.23
C ALA C 410 -6.39 81.25 19.27
N MET C 411 -7.55 81.86 19.03
CA MET C 411 -7.64 83.31 19.01
C MET C 411 -7.38 83.92 20.38
N THR C 412 -7.94 83.31 21.43
CA THR C 412 -7.70 83.82 22.78
C THR C 412 -6.23 83.75 23.14
N LEU C 413 -5.58 82.62 22.84
CA LEU C 413 -4.15 82.50 23.14
C LEU C 413 -3.33 83.51 22.35
N ALA C 414 -3.67 83.71 21.07
CA ALA C 414 -2.95 84.68 20.26
C ALA C 414 -3.07 86.07 20.84
N VAL C 415 -4.27 86.43 21.34
CA VAL C 415 -4.46 87.76 21.90
C VAL C 415 -3.71 87.90 23.22
N LEU C 416 -3.70 86.86 24.05
CA LEU C 416 -2.98 86.96 25.32
C LEU C 416 -1.47 86.87 25.15
N GLN C 417 -0.97 86.46 23.98
CA GLN C 417 0.47 86.29 23.81
C GLN C 417 1.28 87.56 24.07
N PRO C 418 0.95 88.74 23.52
CA PRO C 418 1.81 89.91 23.76
C PRO C 418 1.95 90.31 25.22
N VAL C 419 0.90 90.15 26.03
CA VAL C 419 0.99 90.49 27.44
C VAL C 419 2.00 89.60 28.14
N LEU C 420 1.96 88.29 27.87
CA LEU C 420 2.93 87.38 28.46
C LEU C 420 4.32 87.62 27.92
N ASP C 421 4.43 88.07 26.67
CA ASP C 421 5.75 88.44 26.14
C ASP C 421 6.33 89.62 26.90
N LYS C 422 5.50 90.63 27.17
CA LYS C 422 5.98 91.80 27.91
C LYS C 422 6.28 91.45 29.36
N ALA C 423 5.56 90.48 29.92
CA ALA C 423 5.79 90.09 31.31
C ALA C 423 7.19 89.53 31.52
N THR C 424 7.71 88.79 30.55
CA THR C 424 9.07 88.27 30.66
C THR C 424 10.09 89.39 30.68
N ALA C 425 9.90 90.41 29.83
CA ALA C 425 10.85 91.51 29.77
C ALA C 425 10.77 92.37 31.02
N ASN C 426 9.57 92.52 31.60
CA ASN C 426 9.42 93.35 32.78
C ASN C 426 10.24 92.84 33.95
N GLY C 427 10.24 91.52 34.15
CA GLY C 427 10.87 90.91 35.30
C GLY C 427 9.91 90.23 36.24
N THR C 428 8.61 90.22 35.93
CA THR C 428 7.67 89.50 36.77
C THR C 428 7.70 88.00 36.51
N PHE C 429 8.25 87.57 35.37
CA PHE C 429 8.48 86.16 35.10
C PHE C 429 9.99 85.93 35.16
N THR C 430 10.42 84.98 35.99
CA THR C 430 11.83 84.65 36.13
C THR C 430 12.07 83.25 35.57
N TYR C 431 13.01 83.15 34.64
CA TYR C 431 13.39 81.88 34.05
C TYR C 431 14.72 81.41 34.62
N LYS C 433 15.05 79.89 37.39
CA LYS C 433 14.95 79.78 38.83
C LYS C 433 14.80 78.31 39.23
N GLU C 434 15.43 77.94 40.35
CA GLU C 434 15.33 76.57 40.81
C GLU C 434 13.92 76.27 41.30
N SER C 436 11.62 73.55 43.54
CA SER C 436 11.76 72.52 44.54
C SER C 436 10.99 71.27 44.14
N ALA C 437 11.33 70.14 44.77
CA ALA C 437 10.63 68.89 44.50
C ALA C 437 9.17 68.98 44.91
N VAL C 438 8.89 69.61 46.04
CA VAL C 438 7.51 69.78 46.49
C VAL C 438 6.72 70.59 45.49
N GLN C 439 7.30 71.69 45.01
CA GLN C 439 6.63 72.50 44.00
C GLN C 439 6.44 71.71 42.71
N GLN C 440 7.42 70.87 42.35
CA GLN C 440 7.28 70.03 41.17
C GLN C 440 6.08 69.11 41.30
N GLN C 441 5.95 68.45 42.45
CA GLN C 441 4.82 67.54 42.65
C GLN C 441 3.50 68.30 42.65
N TYR C 442 3.49 69.49 43.26
CA TYR C 442 2.28 70.31 43.25
C TYR C 442 1.87 70.67 41.84
N ILE C 443 2.83 71.04 40.99
CA ILE C 443 2.50 71.40 39.62
C ILE C 443 2.00 70.18 38.85
N THR C 444 2.64 69.03 39.03
CA THR C 444 2.20 67.83 38.32
C THR C 444 0.84 67.37 38.79
N GLN C 445 0.47 67.69 40.04
CA GLN C 445 -0.85 67.30 40.53
C GLN C 445 -1.94 68.27 40.07
N VAL C 446 -1.66 69.58 40.15
CA VAL C 446 -2.65 70.58 39.81
C VAL C 446 -3.00 70.51 38.32
N THR C 447 -1.99 70.40 37.48
CA THR C 447 -2.18 70.24 36.04
C THR C 447 -2.05 68.76 35.70
N GLY C 448 -3.06 68.21 35.02
CA GLY C 448 -2.96 66.82 34.60
C GLY C 448 -1.76 66.58 33.71
N ASP C 449 -1.35 67.61 32.97
CA ASP C 449 -0.22 67.47 32.07
C ASP C 449 1.10 67.55 32.83
N ARG C 450 1.83 66.44 32.83
CA ARG C 450 3.19 66.39 33.32
C ARG C 450 4.13 67.03 32.29
N ARG C 451 5.34 67.37 32.72
CA ARG C 451 6.34 68.17 32.01
C ARG C 451 5.94 69.63 31.91
N ALA C 452 4.92 70.06 32.64
CA ALA C 452 4.64 71.49 32.74
C ALA C 452 5.71 72.19 33.58
N TRP C 453 6.23 71.51 34.60
CA TRP C 453 7.21 72.13 35.47
C TRP C 453 8.53 72.38 34.75
N ARG C 454 8.93 71.47 33.87
CA ARG C 454 10.10 71.73 33.04
C ARG C 454 9.90 72.99 32.21
N GLN C 455 8.70 73.17 31.67
CA GLN C 455 8.41 74.36 30.87
C GLN C 455 8.43 75.62 31.71
N VAL C 456 7.88 75.59 32.92
CA VAL C 456 7.84 76.81 33.73
C VAL C 456 9.23 77.16 34.22
N THR C 458 12.09 76.43 32.33
CA THR C 458 12.89 76.85 31.20
C THR C 458 12.42 78.16 30.60
N LEU C 459 11.12 78.33 30.41
CA LEU C 459 10.56 79.49 29.75
C LEU C 459 9.92 80.49 30.70
N GLY C 460 9.31 80.04 31.80
CA GLY C 460 8.80 80.93 32.81
C GLY C 460 7.30 80.90 33.02
N TYR C 461 6.55 80.24 32.15
CA TYR C 461 5.10 80.25 32.29
C TYR C 461 4.49 79.04 31.59
N TRP C 462 3.24 78.76 31.94
CA TRP C 462 2.44 77.71 31.35
C TRP C 462 0.99 78.17 31.35
N ILE C 463 0.32 78.06 30.21
CA ILE C 463 -1.03 78.60 30.02
C ILE C 463 -1.93 77.51 29.44
N ASN C 464 -3.19 77.52 29.86
CA ASN C 464 -4.17 76.57 29.34
C ASN C 464 -5.51 77.28 29.11
N ILE C 465 -6.32 76.70 28.22
CA ILE C 465 -7.66 77.20 27.92
C ILE C 465 -8.62 76.02 27.90
N THR C 466 -9.85 76.24 28.38
CA THR C 466 -10.81 75.15 28.55
C THR C 466 -12.02 75.25 27.63
N PHE C 467 -12.78 76.34 27.66
CA PHE C 467 -14.00 76.52 26.86
C PHE C 467 -15.03 75.42 27.13
N SER C 468 -15.58 75.46 28.34
CA SER C 468 -16.69 74.60 28.72
C SER C 468 -18.01 75.35 28.62
N SER C 469 -19.10 74.61 28.80
CA SER C 469 -20.44 75.18 28.81
C SER C 469 -21.13 74.95 30.14
N TYR C 470 -22.18 75.73 30.39
CA TYR C 470 -22.89 75.69 31.65
C TYR C 470 -24.20 76.47 31.49
N THR C 471 -25.04 76.40 32.52
CA THR C 471 -26.27 77.16 32.59
C THR C 471 -26.20 78.12 33.77
N ASN C 472 -26.48 79.40 33.52
CA ASN C 472 -26.45 80.38 34.59
C ASN C 472 -27.73 80.29 35.42
N SER C 473 -27.64 80.78 36.66
CA SER C 473 -28.78 80.67 37.56
C SER C 473 -29.85 81.70 37.24
N ASN C 474 -29.45 82.87 36.72
CA ASN C 474 -30.39 83.96 36.53
C ASN C 474 -31.46 83.60 35.52
N THR C 475 -31.08 82.97 34.42
CA THR C 475 -32.01 82.50 33.41
C THR C 475 -31.76 81.03 33.15
N GLY C 476 -32.81 80.30 32.78
CA GLY C 476 -32.65 78.88 32.51
C GLY C 476 -31.75 78.59 31.32
N LEU C 477 -31.45 79.60 30.51
CA LEU C 477 -30.72 79.37 29.28
C LEU C 477 -29.30 78.91 29.56
N THR C 478 -28.73 78.16 28.62
CA THR C 478 -27.34 77.73 28.71
C THR C 478 -26.45 78.81 28.11
N GLU C 479 -25.52 79.32 28.90
CA GLU C 479 -24.62 80.36 28.43
C GLU C 479 -23.19 79.85 28.49
N TRP C 480 -20.89 80.51 25.59
CA TRP C 480 -20.44 79.60 26.64
C TRP C 480 -19.60 80.35 27.67
N LYS C 481 -18.59 79.67 28.20
CA LYS C 481 -17.63 80.31 29.09
C LYS C 481 -16.25 79.73 28.81
N ALA C 482 -15.23 80.49 29.19
CA ALA C 482 -13.85 80.08 29.02
C ALA C 482 -13.16 80.03 30.38
N ASN C 483 -12.42 78.96 30.62
CA ASN C 483 -11.63 78.80 31.83
C ASN C 483 -10.17 78.68 31.44
N TYR C 484 -9.31 79.47 32.07
CA TYR C 484 -7.90 79.45 31.77
C TYR C 484 -7.12 79.31 33.07
N THR C 485 -5.97 78.63 32.99
CA THR C 485 -5.08 78.48 34.12
C THR C 485 -3.69 78.91 33.70
N LEU C 486 -3.06 79.75 34.52
CA LEU C 486 -1.73 80.29 34.26
C LEU C 486 -0.84 79.99 35.45
N ILE C 487 0.35 79.46 35.19
CA ILE C 487 1.36 79.21 36.21
C ILE C 487 2.65 79.89 35.78
N TYR C 488 3.27 80.62 36.70
CA TYR C 488 4.52 81.29 36.38
C TYR C 488 5.38 81.38 37.63
N SER C 489 6.69 81.50 37.42
CA SER C 489 7.63 81.63 38.51
C SER C 489 7.69 83.08 38.97
N LYS C 490 7.42 83.30 40.25
CA LYS C 490 7.39 84.65 40.80
C LYS C 490 8.79 85.26 40.80
N GLY C 491 8.84 86.58 40.89
CA GLY C 491 10.10 87.29 40.91
C GLY C 491 10.56 87.66 42.30
N ASP C 492 11.52 86.91 42.84
CA ASP C 492 12.04 87.13 44.18
C ASP C 492 13.47 87.63 44.10
N ALA C 493 13.80 88.57 44.98
CA ALA C 493 15.11 89.21 45.00
C ALA C 493 15.92 88.70 46.18
N ILE C 494 17.24 88.61 45.98
CA ILE C 494 18.13 88.21 47.05
C ILE C 494 18.16 89.28 48.13
N ARG C 495 18.22 88.86 49.38
CA ARG C 495 18.24 89.78 50.50
C ARG C 495 19.37 89.54 51.49
N PHE C 496 20.10 88.44 51.38
CA PHE C 496 21.15 88.11 52.32
C PHE C 496 22.33 87.50 51.57
N VAL C 497 23.54 87.83 52.00
CA VAL C 497 24.76 87.35 51.38
C VAL C 497 25.65 86.74 52.45
N GLU C 498 26.12 85.52 52.21
CA GLU C 498 27.02 84.83 53.12
C GLU C 498 28.12 84.16 52.32
N GLY C 499 29.32 84.12 52.90
CA GLY C 499 30.44 83.50 52.21
C GLY C 499 31.60 83.24 53.14
N SER C 500 32.60 82.53 52.63
CA SER C 500 33.82 82.25 53.35
C SER C 500 35.01 82.43 52.43
N ASP C 501 36.04 83.11 52.92
CA ASP C 501 37.26 83.38 52.16
C ASP C 501 38.37 82.51 52.74
N VAL C 502 38.68 81.41 52.06
CA VAL C 502 39.71 80.50 52.50
C VAL C 502 41.03 80.92 51.86
N MET C 503 42.04 81.15 52.69
CA MET C 503 43.35 81.57 52.22
C MET C 503 44.32 80.41 52.24
N ILE C 504 45.09 80.28 51.17
CA ILE C 504 46.12 79.25 51.02
C ILE C 504 45.48 77.87 51.03
N MET D 1 -23.44 117.96 -57.14
CA MET D 1 -22.60 116.80 -57.39
C MET D 1 -22.91 115.69 -56.40
N ILE D 2 -22.49 114.46 -56.74
CA ILE D 2 -22.52 113.37 -55.78
C ILE D 2 -21.61 113.70 -54.60
N SER D 3 -22.11 113.47 -53.40
CA SER D 3 -21.33 113.77 -52.20
C SER D 3 -20.10 112.87 -52.12
N GLN D 4 -19.05 113.39 -51.50
CA GLN D 4 -17.80 112.64 -51.39
C GLN D 4 -17.93 111.42 -50.49
N SER D 5 -18.96 111.36 -49.66
CA SER D 5 -19.08 110.25 -48.72
C SER D 5 -19.35 108.92 -49.41
N ARG D 6 -19.67 108.95 -50.71
CA ARG D 6 -19.84 107.70 -51.45
C ARG D 6 -18.53 106.93 -51.58
N TYR D 7 -17.41 107.63 -51.47
CA TYR D 7 -16.09 107.05 -51.71
C TYR D 7 -15.20 107.06 -50.48
N ILE D 8 -15.17 108.15 -49.73
CA ILE D 8 -14.36 108.25 -48.52
C ILE D 8 -15.24 108.79 -47.40
N ARG D 9 -15.27 108.08 -46.29
CA ARG D 9 -16.07 108.48 -45.13
C ARG D 9 -15.21 108.45 -43.88
N ILE D 10 -15.14 109.57 -43.18
CA ILE D 10 -14.34 109.69 -41.96
C ILE D 10 -15.24 110.24 -40.87
N ILE D 11 -15.21 109.60 -39.70
CA ILE D 11 -16.00 110.01 -38.54
C ILE D 11 -15.05 110.46 -37.44
N SER D 12 -15.28 111.66 -36.91
CA SER D 12 -14.43 112.24 -35.88
C SER D 12 -15.18 112.29 -34.57
N GLY D 13 -14.47 112.06 -33.48
CA GLY D 13 -15.08 112.10 -32.17
C GLY D 13 -14.02 112.18 -31.10
N VAL D 14 -14.48 112.31 -29.86
CA VAL D 14 -13.61 112.40 -28.69
C VAL D 14 -13.88 111.20 -27.79
N GLY D 15 -12.84 110.45 -27.49
CA GLY D 15 -12.98 109.29 -26.64
C GLY D 15 -12.77 109.60 -25.17
N ALA D 16 -13.50 108.87 -24.33
CA ALA D 16 -13.45 109.04 -22.87
C ALA D 16 -13.68 110.50 -22.49
N GLY D 17 -14.69 111.11 -23.10
CA GLY D 17 -14.93 112.54 -22.95
C GLY D 17 -15.78 112.89 -21.75
N ALA D 18 -16.43 111.91 -21.11
CA ALA D 18 -17.33 112.19 -20.02
C ALA D 18 -16.64 112.80 -18.83
N PRO D 19 -16.93 114.07 -18.56
CA PRO D 19 -16.29 114.75 -17.43
C PRO D 19 -17.06 114.58 -16.14
N VAL D 20 -16.38 114.15 -15.08
CA VAL D 20 -16.96 114.04 -13.75
C VAL D 20 -16.22 114.99 -12.83
N ALA D 21 -16.97 115.85 -12.15
CA ALA D 21 -16.37 116.91 -11.36
C ALA D 21 -15.63 116.33 -10.15
N GLY D 22 -14.87 117.20 -9.49
CA GLY D 22 -14.17 116.82 -8.28
C GLY D 22 -14.75 117.51 -7.07
N ARG D 23 -14.96 116.76 -6.00
CA ARG D 23 -15.61 117.31 -4.81
C ARG D 23 -14.71 118.32 -4.13
N LYS D 24 -15.29 119.45 -3.73
CA LYS D 24 -14.60 120.47 -2.97
C LYS D 24 -15.03 120.40 -1.51
N LEU D 25 -14.19 120.93 -0.63
CA LEU D 25 -14.43 120.90 0.81
C LEU D 25 -14.67 122.29 1.38
N LEU D 27 -16.60 125.81 2.75
CA LEU D 27 -17.59 126.07 3.80
C LEU D 27 -18.89 126.58 3.18
N ARG D 28 -20.01 126.27 3.84
CA ARG D 28 -21.31 126.79 3.46
C ARG D 28 -21.99 127.40 4.67
N VAL D 29 -22.56 128.59 4.50
CA VAL D 29 -23.22 129.32 5.57
C VAL D 29 -24.70 129.42 5.23
N MET D 30 -25.56 129.13 6.22
CA MET D 30 -27.01 129.19 6.07
C MET D 30 -27.52 130.41 6.84
N THR D 31 -27.66 131.52 6.14
CA THR D 31 -28.09 132.77 6.75
C THR D 31 -29.61 132.91 6.64
N THR D 32 -30.14 134.01 7.17
CA THR D 32 -31.58 134.26 7.16
C THR D 32 -31.96 135.54 6.44
N ASN D 33 -31.00 136.34 6.01
CA ASN D 33 -31.33 137.63 5.41
C ASN D 33 -32.09 137.44 4.10
N ASN D 34 -32.94 138.41 3.76
CA ASN D 34 -33.89 138.21 2.69
C ASN D 34 -33.31 138.47 1.31
N VAL D 35 -32.03 138.81 1.21
CA VAL D 35 -31.39 139.07 -0.07
C VAL D 35 -31.37 137.79 -0.90
N ILE D 36 -31.09 136.66 -0.26
CA ILE D 36 -30.88 135.39 -0.94
C ILE D 36 -32.24 134.71 -1.14
N PRO D 37 -32.61 134.36 -2.36
CA PRO D 37 -33.85 133.59 -2.57
C PRO D 37 -33.73 132.22 -1.94
N PRO D 38 -34.85 131.62 -1.52
CA PRO D 38 -34.79 130.31 -0.84
C PRO D 38 -34.20 129.20 -1.68
N GLY D 39 -34.40 129.20 -2.99
CA GLY D 39 -34.09 128.02 -3.77
C GLY D 39 -32.76 127.98 -4.50
N ILE D 40 -31.82 128.84 -4.13
CA ILE D 40 -30.52 128.88 -4.80
C ILE D 40 -29.41 128.81 -3.75
N VAL D 41 -28.23 128.45 -4.22
CA VAL D 41 -27.00 128.54 -3.45
C VAL D 41 -26.03 129.40 -4.24
N ILE D 42 -25.42 130.38 -3.59
CA ILE D 42 -24.57 131.36 -4.26
C ILE D 42 -23.13 131.14 -3.82
N ASP D 45 -15.81 133.59 -4.80
CA ASP D 45 -14.42 133.16 -4.86
C ASP D 45 -13.52 134.09 -4.04
N ALA D 47 -13.14 137.69 -1.23
CA ALA D 47 -13.77 138.49 -0.19
C ALA D 47 -14.40 139.75 -0.77
N ASN D 48 -13.75 140.35 -1.77
CA ASN D 48 -14.30 141.58 -2.36
C ASN D 48 -15.62 141.30 -3.06
N ALA D 49 -15.80 140.11 -3.63
CA ALA D 49 -17.09 139.76 -4.23
C ALA D 49 -18.18 139.73 -3.16
N VAL D 50 -17.89 139.16 -1.99
CA VAL D 50 -18.85 139.15 -0.91
C VAL D 50 -19.15 140.57 -0.46
N LEU D 51 -18.11 141.41 -0.37
CA LEU D 51 -18.31 142.80 0.02
C LEU D 51 -19.22 143.53 -0.96
N SER D 52 -19.02 143.30 -2.25
CA SER D 52 -19.82 143.97 -3.27
C SER D 52 -21.27 143.48 -3.22
N TYR D 53 -21.48 142.17 -3.10
CA TYR D 53 -22.83 141.63 -3.20
C TYR D 53 -23.64 141.88 -1.94
N PHE D 54 -23.02 141.81 -0.76
CA PHE D 54 -23.78 141.89 0.48
C PHE D 54 -23.68 143.23 1.19
N GLY D 55 -22.65 144.02 0.92
CA GLY D 55 -22.46 145.27 1.62
C GLY D 55 -21.51 145.12 2.80
N ALA D 56 -20.97 146.26 3.24
CA ALA D 56 -19.95 146.24 4.28
C ALA D 56 -20.54 145.93 5.65
N GLN D 57 -21.80 146.28 5.88
CA GLN D 57 -22.39 146.10 7.21
C GLN D 57 -22.75 144.66 7.52
N SER D 58 -23.02 143.85 6.51
CA SER D 58 -23.60 142.53 6.73
C SER D 58 -22.63 141.60 7.47
N GLU D 59 -23.20 140.66 8.21
CA GLU D 59 -22.39 139.64 8.88
C GLU D 59 -21.72 138.71 7.88
N GLU D 60 -22.28 138.58 6.67
CA GLU D 60 -21.65 137.73 5.66
C GLU D 60 -20.26 138.23 5.29
N TYR D 61 -20.11 139.54 5.08
CA TYR D 61 -18.80 140.09 4.82
C TYR D 61 -17.89 139.93 6.02
N GLN D 62 -18.44 140.10 7.23
CA GLN D 62 -17.65 139.92 8.45
C GLN D 62 -17.06 138.52 8.51
N ARG D 63 -17.87 137.50 8.18
CA ARG D 63 -17.39 136.13 8.21
C ARG D 63 -16.40 135.87 7.09
N ALA D 64 -16.68 136.36 5.89
CA ALA D 64 -15.81 136.08 4.75
C ALA D 64 -14.44 136.70 4.92
N ALA D 65 -14.38 137.88 5.55
CA ALA D 65 -13.10 138.55 5.73
C ALA D 65 -12.15 137.71 6.58
N ALA D 66 -12.67 137.16 7.68
CA ALA D 66 -11.83 136.32 8.54
C ALA D 66 -11.62 134.94 7.93
N TYR D 67 -12.58 134.48 7.12
CA TYR D 67 -12.47 133.17 6.50
C TYR D 67 -11.39 133.15 5.43
N PHE D 68 -11.23 134.25 4.69
CA PHE D 68 -10.35 134.25 3.53
C PHE D 68 -8.90 134.57 3.87
N LYS D 69 -8.58 134.89 5.12
CA LYS D 69 -7.20 135.02 5.56
C LYS D 69 -6.81 133.75 6.29
N PHE D 70 -5.90 132.98 5.70
CA PHE D 70 -5.50 131.70 6.27
C PHE D 70 -4.30 131.18 5.48
N ILE D 71 -3.38 130.55 6.21
CA ILE D 71 -2.16 130.03 5.60
C ILE D 71 -2.05 128.52 5.66
N SER D 72 -2.60 127.86 6.68
CA SER D 72 -2.69 126.42 6.85
C SER D 72 -1.34 125.75 7.02
N LYS D 73 -0.26 126.49 7.32
CA LYS D 73 1.08 126.00 7.56
C LYS D 73 1.73 125.40 6.31
N SER D 74 1.00 125.31 5.20
CA SER D 74 1.59 124.91 3.92
C SER D 74 1.21 125.91 2.84
N VAL D 75 1.11 127.18 3.24
CA VAL D 75 0.78 128.34 2.40
C VAL D 75 -0.31 128.02 1.38
N SER D 77 -4.82 128.47 0.85
CA SER D 77 -5.97 129.26 1.25
C SER D 77 -7.26 128.64 0.74
N PRO D 78 -8.39 128.92 1.39
CA PRO D 78 -9.64 128.23 1.02
C PRO D 78 -10.11 128.50 -0.41
N SER D 79 -10.16 129.77 -0.82
CA SER D 79 -10.42 130.18 -2.20
C SER D 79 -11.87 130.01 -2.66
N SER D 80 -12.80 129.72 -1.75
CA SER D 80 -14.21 129.71 -2.12
C SER D 80 -15.06 129.70 -0.87
N ILE D 81 -16.32 130.13 -1.03
CA ILE D 81 -17.31 130.08 0.04
C ILE D 81 -18.69 130.05 -0.59
N SER D 82 -19.68 129.58 0.17
CA SER D 82 -21.04 129.43 -0.32
C SER D 82 -22.03 129.98 0.70
N PHE D 83 -23.18 130.45 0.18
CA PHE D 83 -24.28 130.91 1.02
C PHE D 83 -25.58 130.29 0.52
N ALA D 84 -26.44 129.91 1.47
CA ALA D 84 -27.77 129.40 1.19
C ALA D 84 -28.76 130.12 2.08
N ARG D 85 -30.06 129.87 1.85
CA ARG D 85 -31.11 130.61 2.51
C ARG D 85 -31.92 129.70 3.42
N TRP D 86 -32.16 130.15 4.65
CA TRP D 86 -33.01 129.47 5.60
C TRP D 86 -34.27 130.30 5.79
N VAL D 87 -35.43 129.69 5.58
CA VAL D 87 -36.71 130.39 5.64
C VAL D 87 -37.12 130.41 7.10
N ASN D 88 -36.72 131.47 7.80
CA ASN D 88 -36.97 131.55 9.24
C ASN D 88 -38.45 131.69 9.55
N THR D 89 -39.16 132.54 8.82
CA THR D 89 -40.57 132.80 9.05
C THR D 89 -41.35 132.69 7.74
N ALA D 90 -42.66 132.86 7.84
CA ALA D 90 -43.53 132.74 6.67
C ALA D 90 -43.18 133.80 5.64
N ILE D 91 -43.28 133.44 4.36
CA ILE D 91 -42.82 134.29 3.28
C ILE D 91 -43.90 134.38 2.21
N ALA D 92 -43.98 135.54 1.57
CA ALA D 92 -44.87 135.75 0.44
C ALA D 92 -44.18 135.39 -0.87
N PRO D 93 -44.95 135.13 -1.93
CA PRO D 93 -44.33 134.85 -3.23
C PRO D 93 -43.50 136.01 -3.74
N MET D 94 -42.38 135.69 -4.40
CA MET D 94 -41.46 136.69 -4.89
C MET D 94 -41.00 136.33 -6.30
N VAL D 95 -40.53 137.34 -7.03
CA VAL D 95 -39.94 137.17 -8.35
C VAL D 95 -38.62 137.92 -8.39
N VAL D 96 -37.52 137.18 -8.41
CA VAL D 96 -36.19 137.79 -8.41
C VAL D 96 -35.20 136.97 -9.23
N ASP D 98 -32.54 139.01 -11.28
CA ASP D 98 -32.06 140.15 -12.07
C ASP D 98 -30.58 140.34 -11.82
N ASN D 99 -29.75 139.56 -12.51
CA ASN D 99 -28.31 139.64 -12.30
C ASN D 99 -27.59 140.52 -13.31
N LEU D 100 -28.21 140.80 -14.45
CA LEU D 100 -27.54 141.58 -15.49
C LEU D 100 -27.42 143.04 -15.05
N PRO D 101 -26.32 143.71 -15.38
CA PRO D 101 -26.22 145.15 -15.06
C PRO D 101 -27.25 145.95 -15.85
N LYS D 102 -28.10 146.65 -15.12
CA LYS D 102 -29.15 147.45 -15.73
C LYS D 102 -29.29 148.76 -14.98
N THR D 103 -30.40 149.46 -15.20
CA THR D 103 -30.68 150.71 -14.50
C THR D 103 -29.61 151.75 -14.75
N ILE D 104 -29.38 152.02 -16.03
CA ILE D 104 -28.50 153.09 -16.48
C ILE D 104 -29.34 154.34 -16.68
N ALA D 105 -30.55 154.34 -16.11
CA ALA D 105 -31.52 155.43 -16.26
C ALA D 105 -31.95 155.59 -17.71
N ASP D 106 -32.15 154.47 -18.40
CA ASP D 106 -32.54 154.46 -19.82
C ASP D 106 -33.79 153.59 -20.00
N PHE D 107 -34.79 153.84 -19.16
CA PHE D 107 -36.14 153.35 -19.37
C PHE D 107 -36.93 154.30 -20.26
N ALA D 108 -36.30 155.34 -20.78
CA ALA D 108 -36.97 156.26 -21.68
C ALA D 108 -37.40 155.54 -22.94
N GLY D 109 -38.53 155.98 -23.49
CA GLY D 109 -39.14 155.29 -24.60
C GLY D 109 -40.20 154.32 -24.15
N PHE D 110 -40.21 154.01 -22.86
CA PHE D 110 -41.31 153.27 -22.25
C PHE D 110 -42.35 154.20 -21.67
N SER D 111 -42.38 155.46 -22.12
CA SER D 111 -43.48 156.35 -21.80
C SER D 111 -44.71 156.05 -22.65
N ALA D 112 -44.59 155.14 -23.61
CA ALA D 112 -45.69 154.83 -24.51
C ALA D 112 -46.42 153.60 -23.99
N GLY D 113 -47.32 153.81 -23.03
CA GLY D 113 -48.29 152.81 -22.61
C GLY D 113 -47.75 151.40 -22.42
N VAL D 114 -46.93 151.20 -21.39
CA VAL D 114 -46.31 149.90 -21.18
C VAL D 114 -47.34 148.89 -20.73
N LEU D 115 -47.24 147.67 -21.25
CA LEU D 115 -48.06 146.54 -20.84
C LEU D 115 -47.14 145.47 -20.26
N THR D 116 -47.51 144.93 -19.10
CA THR D 116 -46.86 143.75 -18.55
C THR D 116 -47.94 142.80 -18.04
N ILE D 117 -47.67 141.51 -18.14
CA ILE D 117 -48.64 140.47 -17.79
C ILE D 117 -48.08 139.65 -16.64
N MET D 118 -48.88 139.45 -15.60
CA MET D 118 -48.48 138.59 -14.50
C MET D 118 -49.64 137.68 -14.11
N VAL D 119 -49.31 136.49 -13.63
CA VAL D 119 -50.30 135.45 -13.36
C VAL D 119 -50.11 134.95 -11.93
N GLY D 120 -51.21 134.87 -11.18
CA GLY D 120 -51.24 134.05 -10.00
C GLY D 120 -51.65 132.65 -10.40
N ALA D 121 -52.84 132.54 -10.97
CA ALA D 121 -53.25 131.38 -11.76
C ALA D 121 -53.90 131.75 -13.07
N ALA D 122 -54.38 132.99 -13.22
CA ALA D 122 -54.92 133.52 -14.46
C ALA D 122 -54.28 134.87 -14.75
N GLU D 123 -54.41 135.30 -16.01
CA GLU D 123 -53.72 136.49 -16.47
C GLU D 123 -54.19 137.74 -15.74
N GLN D 124 -53.26 138.69 -15.55
CA GLN D 124 -53.55 140.03 -15.08
C GLN D 124 -52.69 140.96 -15.93
N ASN D 125 -53.35 141.79 -16.73
CA ASN D 125 -52.64 142.79 -17.53
C ASN D 125 -52.64 144.12 -16.81
N ILE D 126 -51.52 144.83 -16.91
CA ILE D 126 -51.32 146.08 -16.19
C ILE D 126 -51.46 147.24 -17.16
N THR D 127 -52.06 148.33 -16.68
CA THR D 127 -52.38 149.46 -17.52
C THR D 127 -51.11 150.18 -17.99
N ALA D 128 -51.31 151.28 -18.71
CA ALA D 128 -50.20 152.04 -19.25
C ALA D 128 -49.30 152.56 -18.14
N ILE D 129 -48.00 152.30 -18.29
CA ILE D 129 -46.99 152.74 -17.33
C ILE D 129 -46.01 153.63 -18.08
N ASP D 130 -45.91 154.90 -17.67
CA ASP D 130 -45.05 155.86 -18.34
C ASP D 130 -43.91 156.22 -17.41
N THR D 131 -42.67 156.00 -17.86
CA THR D 131 -41.48 156.31 -17.10
C THR D 131 -40.50 157.20 -17.87
N SER D 132 -41.01 158.14 -18.66
CA SER D 132 -40.13 159.07 -19.36
C SER D 132 -39.39 159.97 -18.39
N ALA D 133 -40.08 160.46 -17.36
CA ALA D 133 -39.44 161.35 -16.38
C ALA D 133 -38.29 160.64 -15.68
N ALA D 134 -38.61 159.61 -14.90
CA ALA D 134 -37.62 158.68 -14.34
C ALA D 134 -36.44 159.41 -13.70
N THR D 135 -36.74 160.15 -12.63
CA THR D 135 -35.69 160.83 -11.89
C THR D 135 -34.63 159.84 -11.40
N SER D 136 -35.07 158.69 -10.91
CA SER D 136 -34.16 157.63 -10.50
C SER D 136 -34.90 156.31 -10.59
N MET D 137 -34.15 155.21 -10.46
CA MET D 137 -34.77 153.88 -10.51
C MET D 137 -35.67 153.66 -9.30
N ASP D 138 -35.42 154.37 -8.20
CA ASP D 138 -36.36 154.33 -7.09
C ASP D 138 -37.72 154.85 -7.53
N ASN D 139 -37.72 155.94 -8.31
CA ASN D 139 -38.97 156.43 -8.88
C ASN D 139 -39.60 155.40 -9.82
N VAL D 140 -38.77 154.70 -10.60
CA VAL D 140 -39.31 153.70 -11.52
C VAL D 140 -40.01 152.59 -10.74
N ALA D 141 -39.38 152.11 -9.68
CA ALA D 141 -40.01 151.08 -8.84
C ALA D 141 -41.29 151.59 -8.20
N SER D 142 -41.28 152.82 -7.71
CA SER D 142 -42.49 153.38 -7.13
C SER D 142 -43.61 153.47 -8.15
N ILE D 143 -43.31 153.90 -9.38
CA ILE D 143 -44.33 154.05 -10.40
C ILE D 143 -44.87 152.70 -10.84
N ILE D 144 -44.00 151.68 -10.92
CA ILE D 144 -44.49 150.34 -11.23
C ILE D 144 -45.41 149.85 -10.11
N GLN D 145 -45.03 150.10 -8.86
CA GLN D 145 -45.85 149.69 -7.73
C GLN D 145 -47.22 150.36 -7.76
N THR D 146 -47.25 151.64 -8.11
CA THR D 146 -48.54 152.36 -8.15
C THR D 146 -49.47 151.74 -9.18
N GLU D 147 -48.95 151.40 -10.36
CA GLU D 147 -49.81 150.81 -11.39
C GLU D 147 -50.22 149.38 -11.04
N ILE D 148 -49.35 148.63 -10.36
CA ILE D 148 -49.71 147.28 -9.98
C ILE D 148 -50.78 147.28 -8.89
N ARG D 149 -50.67 148.20 -7.93
CA ARG D 149 -51.61 148.23 -6.81
C ARG D 149 -53.02 148.55 -7.23
N LYS D 150 -53.23 149.03 -8.46
CA LYS D 150 -54.57 149.34 -8.91
C LYS D 150 -55.39 148.08 -9.20
N ASN D 151 -54.74 146.94 -9.36
CA ASN D 151 -55.44 145.70 -9.66
C ASN D 151 -56.19 145.19 -8.44
N ALA D 152 -57.27 144.45 -8.69
CA ALA D 152 -58.18 144.00 -7.65
C ALA D 152 -57.86 142.60 -7.12
N ASP D 153 -56.83 141.94 -7.64
CA ASP D 153 -56.45 140.64 -7.12
C ASP D 153 -55.84 140.79 -5.73
N PRO D 154 -56.20 139.92 -4.77
CA PRO D 154 -55.69 140.11 -3.40
C PRO D 154 -54.18 140.14 -3.29
N GLN D 155 -53.46 139.33 -4.07
CA GLN D 155 -52.00 139.39 -4.03
C GLN D 155 -51.50 140.74 -4.52
N LEU D 156 -52.10 141.28 -5.59
CA LEU D 156 -51.65 142.50 -6.21
C LEU D 156 -52.28 143.75 -5.59
N ALA D 157 -53.18 143.59 -4.63
CA ALA D 157 -53.80 144.76 -4.00
C ALA D 157 -52.78 145.57 -3.21
N GLN D 158 -51.89 144.89 -2.48
CA GLN D 158 -50.88 145.55 -1.66
C GLN D 158 -49.48 145.07 -2.00
N ALA D 159 -49.25 144.69 -3.26
CA ALA D 159 -47.95 144.20 -3.67
C ALA D 159 -46.91 145.31 -3.62
N THR D 160 -45.66 144.91 -3.42
CA THR D 160 -44.56 145.86 -3.30
C THR D 160 -43.52 145.57 -4.38
N VAL D 161 -42.93 146.64 -4.91
CA VAL D 161 -41.83 146.54 -5.85
C VAL D 161 -40.64 147.28 -5.26
N THR D 162 -39.49 146.62 -5.21
CA THR D 162 -38.30 147.21 -4.62
C THR D 162 -37.15 147.10 -5.61
N TRP D 163 -36.14 147.94 -5.41
CA TRP D 163 -34.95 147.97 -6.25
C TRP D 163 -33.71 148.01 -5.36
N ASN D 164 -32.71 147.23 -5.77
CA ASN D 164 -31.48 147.05 -4.99
C ASN D 164 -30.32 147.63 -5.78
N GLN D 165 -29.43 148.35 -5.07
CA GLN D 165 -28.33 149.03 -5.74
C GLN D 165 -27.05 148.20 -5.74
N ASN D 166 -26.76 147.49 -4.65
CA ASN D 166 -25.53 146.71 -4.56
C ASN D 166 -25.45 145.69 -5.69
N THR D 167 -26.48 144.85 -5.80
CA THR D 167 -26.71 144.08 -7.00
C THR D 167 -27.65 144.88 -7.89
N ASN D 168 -28.23 144.26 -8.90
CA ASN D 168 -29.04 144.97 -9.88
C ASN D 168 -30.39 144.30 -10.04
N GLN D 169 -31.08 144.05 -8.93
CA GLN D 169 -32.28 143.23 -8.90
C GLN D 169 -33.53 144.03 -8.61
N PHE D 170 -34.57 143.80 -9.41
CA PHE D 170 -35.93 144.24 -9.11
C PHE D 170 -36.69 143.09 -8.48
N THR D 171 -37.39 143.35 -7.38
CA THR D 171 -38.09 142.31 -6.65
C THR D 171 -39.54 142.71 -6.41
N LEU D 172 -40.44 141.77 -6.65
CA LEU D 172 -41.88 141.98 -6.48
C LEU D 172 -42.40 141.01 -5.43
N VAL D 173 -43.10 141.54 -4.44
CA VAL D 173 -43.60 140.76 -3.31
C VAL D 173 -45.11 140.89 -3.26
N GLY D 174 -45.80 139.74 -3.19
CA GLY D 174 -47.24 139.75 -3.08
C GLY D 174 -47.72 140.07 -1.68
N ALA D 175 -49.00 140.44 -1.60
CA ALA D 175 -49.56 140.94 -0.35
C ALA D 175 -49.78 139.83 0.68
N THR D 176 -50.34 138.70 0.28
CA THR D 176 -50.70 137.65 1.22
C THR D 176 -49.48 136.83 1.61
N ILE D 177 -49.50 136.30 2.83
CA ILE D 177 -48.38 135.56 3.40
C ILE D 177 -48.83 134.14 3.66
N GLY D 178 -48.12 133.18 3.09
CA GLY D 178 -48.34 131.79 3.40
C GLY D 178 -48.56 130.88 2.21
N THR D 179 -49.29 131.36 1.21
CA THR D 179 -49.62 130.55 0.06
C THR D 179 -49.85 131.45 -1.14
N GLY D 180 -49.44 130.98 -2.30
CA GLY D 180 -49.61 131.70 -3.55
C GLY D 180 -48.48 131.38 -4.50
N VAL D 181 -48.76 131.49 -5.80
CA VAL D 181 -47.77 131.28 -6.85
C VAL D 181 -47.89 132.42 -7.85
N LEU D 182 -46.79 133.10 -8.13
CA LEU D 182 -46.76 134.23 -9.04
C LEU D 182 -45.76 133.98 -10.16
N ALA D 183 -46.06 134.54 -11.33
CA ALA D 183 -45.15 134.44 -12.46
C ALA D 183 -45.40 135.60 -13.41
N VAL D 184 -44.45 135.83 -14.31
CA VAL D 184 -44.55 136.86 -15.33
C VAL D 184 -44.33 136.23 -16.70
N ALA D 185 -45.11 136.67 -17.68
CA ALA D 185 -45.10 136.09 -19.01
C ALA D 185 -44.54 137.06 -20.02
N LYS D 186 -43.87 136.53 -21.04
CA LYS D 186 -43.33 137.31 -22.15
C LYS D 186 -44.42 137.53 -23.17
N SER D 187 -44.86 138.78 -23.32
CA SER D 187 -45.88 139.12 -24.30
C SER D 187 -45.25 139.59 -25.60
N ALA D 188 -46.09 139.76 -26.62
CA ALA D 188 -45.64 140.13 -27.96
C ALA D 188 -45.79 141.61 -28.27
N ASP D 189 -46.28 142.40 -27.32
CA ASP D 189 -46.46 143.83 -27.58
C ASP D 189 -45.10 144.52 -27.69
N PRO D 190 -45.02 145.63 -28.44
CA PRO D 190 -43.75 146.35 -28.50
C PRO D 190 -43.35 147.00 -27.18
N GLN D 191 -44.30 147.56 -26.46
CA GLN D 191 -44.03 148.28 -25.23
C GLN D 191 -44.23 147.36 -24.02
N ASP D 192 -43.39 146.33 -23.97
CA ASP D 192 -43.41 145.36 -22.89
C ASP D 192 -42.07 145.41 -22.17
N MET D 193 -42.10 145.67 -20.86
CA MET D 193 -40.89 145.93 -20.10
C MET D 193 -40.44 144.73 -19.26
N SER D 194 -40.70 143.50 -19.73
CA SER D 194 -40.16 142.33 -19.07
C SER D 194 -38.72 142.06 -19.47
N THR D 195 -38.18 142.79 -20.44
CA THR D 195 -36.78 142.66 -20.80
C THR D 195 -35.91 143.77 -20.20
N ALA D 196 -36.42 145.01 -20.16
CA ALA D 196 -35.72 146.05 -19.41
C ALA D 196 -35.65 145.68 -17.94
N LEU D 197 -36.77 145.20 -17.39
CA LEU D 197 -36.72 144.45 -16.14
C LEU D 197 -36.20 143.06 -16.44
N GLY D 198 -35.62 142.41 -15.45
CA GLY D 198 -35.11 141.09 -15.69
C GLY D 198 -36.11 140.00 -15.35
N TRP D 199 -37.39 140.29 -15.48
CA TRP D 199 -38.45 139.33 -15.20
C TRP D 199 -38.83 138.58 -16.47
N SER D 200 -38.94 137.26 -16.36
CA SER D 200 -39.23 136.37 -17.48
C SER D 200 -38.13 136.37 -18.53
N THR D 201 -36.88 136.59 -18.12
CA THR D 201 -35.75 136.49 -19.03
C THR D 201 -34.66 135.62 -18.39
N SER D 202 -34.08 134.76 -19.21
CA SER D 202 -32.97 133.89 -18.79
C SER D 202 -33.45 133.10 -17.59
N ASN D 203 -32.74 133.11 -16.46
CA ASN D 203 -33.13 132.37 -15.26
C ASN D 203 -33.62 133.34 -14.18
N VAL D 204 -34.91 133.26 -13.89
CA VAL D 204 -35.56 134.09 -12.87
C VAL D 204 -36.07 133.18 -11.77
N VAL D 205 -35.84 133.56 -10.53
CA VAL D 205 -36.23 132.76 -9.38
C VAL D 205 -37.64 133.18 -8.98
N ASN D 206 -38.60 132.28 -9.14
CA ASN D 206 -39.96 132.48 -8.66
C ASN D 206 -40.13 131.70 -7.37
N VAL D 207 -40.40 132.41 -6.27
CA VAL D 207 -40.49 131.82 -4.94
C VAL D 207 -41.95 131.75 -4.55
N ALA D 208 -42.43 130.54 -4.26
CA ALA D 208 -43.79 130.35 -3.79
C ALA D 208 -43.87 130.56 -2.28
N GLY D 209 -45.10 130.73 -1.78
CA GLY D 209 -45.28 130.97 -0.36
C GLY D 209 -44.87 129.76 0.46
N GLN D 210 -44.41 130.02 1.68
CA GLN D 210 -43.91 128.97 2.55
C GLN D 210 -44.35 129.21 3.99
N SER D 211 -44.18 128.18 4.81
CA SER D 211 -44.45 128.24 6.23
C SER D 211 -43.18 128.60 6.98
N ALA D 212 -43.18 128.45 8.30
CA ALA D 212 -42.03 128.84 9.10
C ALA D 212 -40.83 127.94 8.87
N ASP D 213 -41.06 126.68 8.47
CA ASP D 213 -40.00 125.76 8.06
C ASP D 213 -39.06 125.43 9.22
N LEU D 214 -38.16 124.46 9.02
CA LEU D 214 -37.32 123.95 10.10
C LEU D 214 -35.89 123.84 9.58
N PRO D 215 -34.89 123.97 10.46
CA PRO D 215 -33.50 124.00 9.99
C PRO D 215 -33.04 122.74 9.29
N ASP D 216 -33.43 121.56 9.78
CA ASP D 216 -32.96 120.31 9.18
C ASP D 216 -33.60 120.09 7.82
N ALA D 217 -34.84 120.55 7.64
CA ALA D 217 -35.43 120.50 6.31
C ALA D 217 -34.77 121.50 5.38
N ALA D 218 -34.40 122.68 5.91
CA ALA D 218 -33.77 123.70 5.09
C ALA D 218 -32.40 123.23 4.58
N VAL D 219 -31.62 122.59 5.45
CA VAL D 219 -30.31 122.13 4.99
C VAL D 219 -30.46 121.02 3.97
N ALA D 220 -31.47 120.17 4.11
CA ALA D 220 -31.72 119.14 3.10
C ALA D 220 -32.11 119.76 1.76
N LYS D 221 -32.97 120.79 1.78
CA LYS D 221 -33.32 121.48 0.55
C LYS D 221 -32.09 122.09 -0.09
N SER D 222 -31.22 122.71 0.71
CA SER D 222 -30.01 123.31 0.17
C SER D 222 -29.07 122.26 -0.42
N THR D 223 -28.94 121.11 0.23
CA THR D 223 -28.06 120.08 -0.30
C THR D 223 -28.67 119.39 -1.51
N ASN D 224 -29.97 119.54 -1.72
CA ASN D 224 -30.59 118.99 -2.91
C ASN D 224 -30.02 119.62 -4.19
N VAL D 225 -29.78 120.93 -4.17
CA VAL D 225 -29.39 121.61 -5.40
C VAL D 225 -27.91 121.43 -5.69
N SER D 226 -27.07 121.41 -4.65
CA SER D 226 -25.64 121.16 -4.84
C SER D 226 -25.03 120.78 -3.51
N ASN D 227 -24.14 119.79 -3.53
CA ASN D 227 -23.50 119.27 -2.32
C ASN D 227 -21.98 119.30 -2.41
N ASN D 228 -21.41 120.30 -3.10
CA ASN D 228 -19.96 120.43 -3.22
C ASN D 228 -19.44 121.33 -2.09
N PHE D 229 -19.45 120.77 -0.88
CA PHE D 229 -19.02 121.53 0.28
C PHE D 229 -18.68 120.57 1.42
N GLY D 230 -18.18 121.14 2.50
CA GLY D 230 -17.96 120.41 3.74
C GLY D 230 -18.00 121.37 4.90
N SER D 231 -18.38 120.85 6.07
CA SER D 231 -18.38 121.63 7.31
C SER D 231 -19.26 122.86 7.20
N PHE D 232 -20.56 122.65 7.03
CA PHE D 232 -21.51 123.76 7.02
C PHE D 232 -21.71 124.31 8.43
N LEU D 233 -22.37 125.47 8.51
CA LEU D 233 -22.71 126.10 9.77
C LEU D 233 -23.78 127.16 9.53
N PHE D 234 -24.59 127.45 10.57
CA PHE D 234 -25.74 128.31 10.40
C PHE D 234 -25.37 129.78 10.53
N ALA D 235 -24.79 130.17 11.67
CA ALA D 235 -24.26 131.51 11.87
C ALA D 235 -25.35 132.58 11.71
N GLY D 236 -26.29 132.56 12.62
CA GLY D 236 -27.23 133.65 12.80
C GLY D 236 -27.32 134.01 14.26
N ALA D 237 -28.56 134.10 14.75
CA ALA D 237 -28.79 134.09 16.17
C ALA D 237 -28.57 132.69 16.72
N PRO D 238 -28.19 132.56 17.99
CA PRO D 238 -27.98 131.22 18.55
C PRO D 238 -29.25 130.38 18.49
N LEU D 239 -29.07 129.11 18.18
CA LEU D 239 -30.20 128.20 18.02
C LEU D 239 -30.55 127.52 19.33
N ASP D 240 -31.80 127.07 19.42
CA ASP D 240 -32.25 126.32 20.58
C ASP D 240 -31.56 124.96 20.61
N ASN D 241 -31.52 124.37 21.80
CA ASN D 241 -30.84 123.09 21.97
C ASN D 241 -31.52 121.99 21.15
N ASP D 242 -32.85 122.00 21.09
CA ASP D 242 -33.55 120.99 20.31
C ASP D 242 -33.25 121.10 18.82
N GLN D 243 -33.13 122.33 18.32
CA GLN D 243 -32.77 122.52 16.92
C GLN D 243 -31.37 121.98 16.64
N ILE D 244 -30.43 122.24 17.55
CA ILE D 244 -29.09 121.69 17.40
C ILE D 244 -29.14 120.17 17.41
N LYS D 245 -29.97 119.59 18.29
CA LYS D 245 -30.10 118.14 18.34
C LYS D 245 -30.62 117.59 17.01
N ALA D 246 -31.65 118.22 16.46
CA ALA D 246 -32.21 117.74 15.19
C ALA D 246 -31.20 117.84 14.06
N VAL D 247 -30.47 118.96 14.00
CA VAL D 247 -29.51 119.13 12.91
C VAL D 247 -28.35 118.15 13.05
N SER D 248 -27.89 117.91 14.28
CA SER D 248 -26.82 116.94 14.48
C SER D 248 -27.27 115.53 14.13
N ALA D 249 -28.53 115.19 14.45
CA ALA D 249 -29.06 113.89 14.05
C ALA D 249 -29.11 113.77 12.52
N TRP D 250 -29.55 114.83 11.84
CA TRP D 250 -29.59 114.79 10.39
C TRP D 250 -28.19 114.62 9.81
N ASN D 251 -27.21 115.33 10.37
CA ASN D 251 -25.83 115.14 9.91
C ASN D 251 -25.36 113.72 10.13
N ALA D 252 -25.70 113.14 11.28
CA ALA D 252 -25.30 111.76 11.56
C ALA D 252 -25.99 110.76 10.64
N ALA D 253 -27.11 111.17 10.03
CA ALA D 253 -27.78 110.27 9.08
C ALA D 253 -26.87 109.90 7.92
N GLN D 254 -26.20 110.89 7.32
CA GLN D 254 -25.16 110.59 6.34
C GLN D 254 -23.87 110.24 7.06
N ASN D 255 -23.26 109.12 6.67
CA ASN D 255 -22.22 108.53 7.51
C ASN D 255 -21.02 109.47 7.69
N ASN D 256 -20.31 109.77 6.61
CA ASN D 256 -19.04 110.47 6.73
C ASN D 256 -18.91 111.53 5.64
N GLN D 257 -19.96 112.34 5.46
CA GLN D 257 -20.02 113.30 4.37
C GLN D 257 -19.63 114.72 4.78
N PHE D 258 -20.24 115.25 5.84
CA PHE D 258 -20.12 116.66 6.18
C PHE D 258 -19.62 116.80 7.61
N ILE D 259 -19.33 118.03 8.00
CA ILE D 259 -19.07 118.39 9.38
C ILE D 259 -20.06 119.47 9.77
N TYR D 260 -20.31 119.60 11.07
CA TYR D 260 -21.28 120.56 11.59
C TYR D 260 -20.71 121.21 12.83
N THR D 261 -20.40 122.50 12.74
CA THR D 261 -19.72 123.22 13.81
C THR D 261 -20.75 124.04 14.59
N VAL D 262 -20.69 123.94 15.91
CA VAL D 262 -21.59 124.65 16.81
C VAL D 262 -20.74 125.47 17.78
N ALA D 263 -21.25 126.63 18.17
CA ALA D 263 -20.59 127.50 19.14
C ALA D 263 -21.43 127.58 20.41
N THR D 264 -20.80 127.35 21.56
CA THR D 264 -21.50 127.30 22.82
C THR D 264 -20.73 128.10 23.87
N SER D 265 -21.43 128.44 24.95
CA SER D 265 -20.76 128.99 26.13
C SER D 265 -20.26 127.85 27.02
N LEU D 266 -19.48 128.21 28.02
CA LEU D 266 -18.91 127.19 28.90
C LEU D 266 -20.00 126.47 29.69
N ALA D 267 -20.95 127.23 30.25
CA ALA D 267 -22.00 126.62 31.06
C ALA D 267 -22.92 125.76 30.20
N ASN D 268 -23.23 126.22 28.98
CA ASN D 268 -24.11 125.46 28.11
C ASN D 268 -23.45 124.18 27.58
N LEU D 269 -22.12 124.08 27.68
CA LEU D 269 -21.44 122.92 27.15
C LEU D 269 -21.88 121.64 27.87
N GLY D 270 -22.02 121.71 29.20
CA GLY D 270 -22.46 120.54 29.93
C GLY D 270 -23.88 120.13 29.58
N THR D 271 -24.74 121.10 29.29
CA THR D 271 -26.10 120.78 28.86
C THR D 271 -26.08 120.01 27.54
N LEU D 272 -25.26 120.45 26.58
CA LEU D 272 -24.98 119.61 25.44
C LEU D 272 -24.03 118.50 25.84
N PHE D 273 -23.62 117.72 24.85
CA PHE D 273 -22.86 116.48 24.99
C PHE D 273 -23.72 115.41 25.66
N THR D 274 -24.92 115.74 26.12
CA THR D 274 -25.95 114.77 26.49
C THR D 274 -26.92 114.55 25.35
N LEU D 275 -27.36 115.64 24.71
CA LEU D 275 -28.20 115.53 23.52
C LEU D 275 -27.39 115.05 22.32
N VAL D 276 -26.24 115.66 22.07
CA VAL D 276 -25.48 115.38 20.85
C VAL D 276 -24.40 114.34 21.05
N ASN D 277 -24.43 113.59 22.14
CA ASN D 277 -23.54 112.45 22.27
C ASN D 277 -23.80 111.47 21.14
N GLY D 278 -22.76 110.79 20.70
CA GLY D 278 -22.87 110.08 19.44
C GLY D 278 -22.89 111.11 18.33
N ASN D 279 -23.71 110.88 17.32
CA ASN D 279 -23.95 111.88 16.28
C ASN D 279 -22.64 112.27 15.60
N ALA D 280 -22.05 111.32 14.89
CA ALA D 280 -20.73 111.51 14.31
C ALA D 280 -20.72 112.68 13.33
N GLY D 281 -19.62 113.43 13.34
CA GLY D 281 -19.47 114.56 12.45
C GLY D 281 -19.83 115.90 13.04
N THR D 282 -20.02 116.00 14.35
CA THR D 282 -20.42 117.24 15.00
C THR D 282 -19.27 117.76 15.85
N ALA D 283 -19.01 119.05 15.76
CA ALA D 283 -17.93 119.70 16.50
C ALA D 283 -18.49 120.80 17.38
N LEU D 284 -17.97 120.90 18.60
CA LEU D 284 -18.40 121.89 19.58
C LEU D 284 -17.24 122.82 19.89
N ASN D 285 -17.47 124.12 19.80
CA ASN D 285 -16.45 125.13 20.04
C ASN D 285 -16.93 126.10 21.10
N VAL D 286 -16.10 126.37 22.09
CA VAL D 286 -16.50 127.18 23.23
C VAL D 286 -16.23 128.65 22.92
N LEU D 287 -17.24 129.50 23.15
CA LEU D 287 -17.14 130.94 22.98
C LEU D 287 -16.72 131.60 24.28
N SER D 288 -16.46 132.90 24.20
CA SER D 288 -16.15 133.73 25.35
C SER D 288 -17.28 134.73 25.57
N ALA D 289 -17.90 134.69 26.73
CA ALA D 289 -18.97 135.62 27.05
C ALA D 289 -18.41 137.00 27.33
N THR D 290 -19.24 138.02 27.08
CA THR D 290 -18.89 139.41 27.35
C THR D 290 -17.60 139.81 26.65
N ALA D 291 -17.48 139.44 25.38
CA ALA D 291 -16.32 139.80 24.58
C ALA D 291 -16.77 140.04 23.15
N ALA D 292 -15.80 140.37 22.29
CA ALA D 292 -16.10 140.53 20.87
C ALA D 292 -16.60 139.21 20.29
N ASN D 293 -17.30 139.30 19.17
CA ASN D 293 -17.85 138.10 18.55
C ASN D 293 -16.74 137.13 18.19
N ASP D 294 -15.74 137.61 17.44
CA ASP D 294 -14.53 136.87 17.06
C ASP D 294 -14.81 135.39 16.82
N PHE D 295 -15.90 135.17 16.06
CA PHE D 295 -16.44 133.84 15.81
C PHE D 295 -15.37 132.76 15.62
N VAL D 296 -15.55 131.66 16.36
CA VAL D 296 -14.52 130.64 16.51
C VAL D 296 -14.92 129.31 15.88
N GLU D 297 -16.21 129.07 15.66
CA GLU D 297 -16.65 127.81 15.09
C GLU D 297 -16.13 127.61 13.67
N GLN D 298 -15.46 128.61 13.11
CA GLN D 298 -14.94 128.52 11.75
C GLN D 298 -13.54 127.93 11.69
N CYS D 299 -12.88 127.71 12.82
CA CYS D 299 -11.51 127.20 12.78
C CYS D 299 -11.41 125.83 12.12
N PRO D 300 -12.16 124.80 12.53
CA PRO D 300 -12.08 123.53 11.81
C PRO D 300 -12.51 123.65 10.36
N SER D 301 -13.52 124.47 10.09
CA SER D 301 -13.97 124.65 8.72
C SER D 301 -12.88 125.29 7.86
N GLU D 302 -12.20 126.31 8.38
CA GLU D 302 -11.10 126.93 7.65
C GLU D 302 -9.98 125.94 7.40
N ILE D 303 -9.59 125.19 8.43
CA ILE D 303 -8.48 124.25 8.27
C ILE D 303 -8.82 123.19 7.24
N LEU D 304 -10.07 122.70 7.25
CA LEU D 304 -10.48 121.74 6.23
C LEU D 304 -10.49 122.36 4.83
N ALA D 305 -11.00 123.58 4.71
CA ALA D 305 -11.11 124.20 3.40
C ALA D 305 -9.75 124.45 2.77
N ALA D 306 -8.77 124.85 3.58
CA ALA D 306 -7.47 125.21 3.03
C ALA D 306 -6.67 124.00 2.54
N THR D 307 -7.01 122.80 3.00
CA THR D 307 -6.23 121.61 2.65
C THR D 307 -6.35 121.28 1.17
N ASN D 308 -5.24 120.84 0.58
CA ASN D 308 -5.18 120.47 -0.83
C ASN D 308 -4.64 119.04 -0.90
N TYR D 309 -5.49 118.11 -1.35
CA TYR D 309 -5.18 116.69 -1.20
C TYR D 309 -4.43 116.10 -2.38
N GLU D 311 -1.44 117.38 -3.36
CA GLU D 311 -0.04 117.62 -3.00
C GLU D 311 0.38 116.69 -1.85
N PRO D 312 1.68 116.43 -1.70
CA PRO D 312 2.13 115.53 -0.65
C PRO D 312 2.09 116.16 0.73
N GLY D 313 2.11 115.30 1.73
CA GLY D 313 2.18 115.74 3.12
C GLY D 313 1.02 116.62 3.54
N ALA D 314 -0.18 116.32 3.06
CA ALA D 314 -1.35 117.15 3.30
C ALA D 314 -2.26 116.61 4.40
N SER D 315 -1.85 115.56 5.11
CA SER D 315 -2.69 115.00 6.16
C SER D 315 -2.93 116.01 7.27
N GLN D 316 -1.87 116.69 7.71
CA GLN D 316 -1.94 117.75 8.70
C GLN D 316 -2.46 117.25 10.04
N ASN D 317 -2.60 118.16 11.00
CA ASN D 317 -3.09 117.85 12.33
C ASN D 317 -3.86 119.05 12.86
N TYR D 318 -5.05 118.79 13.38
CA TYR D 318 -5.94 119.85 13.82
C TYR D 318 -5.62 120.37 15.22
N MET D 319 -4.67 119.76 15.93
CA MET D 319 -4.42 120.14 17.31
C MET D 319 -3.52 121.37 17.41
N TYR D 320 -2.26 121.25 16.99
CA TYR D 320 -1.29 122.31 17.22
C TYR D 320 -1.36 123.31 16.08
N TYR D 321 -2.18 124.34 16.25
CA TYR D 321 -2.32 125.36 15.22
C TYR D 321 -2.75 126.65 15.92
N GLN D 322 -2.29 127.78 15.42
CA GLN D 322 -2.41 129.05 16.13
C GLN D 322 -3.39 129.98 15.43
N PHE D 323 -4.23 130.65 16.21
CA PHE D 323 -5.25 131.59 15.71
C PHE D 323 -5.12 132.92 16.44
N PRO D 324 -4.27 133.82 15.97
CA PRO D 324 -4.10 135.10 16.68
C PRO D 324 -5.35 135.96 16.73
N GLY D 325 -6.25 135.82 15.76
CA GLY D 325 -7.48 136.59 15.79
C GLY D 325 -8.40 136.22 16.94
N ARG D 326 -8.54 134.93 17.21
CA ARG D 326 -9.43 134.47 18.27
C ARG D 326 -8.83 134.76 19.64
N ASN D 327 -9.69 135.09 20.59
CA ASN D 327 -9.24 135.38 21.94
C ASN D 327 -9.23 134.13 22.80
N ILE D 328 -8.54 134.23 23.94
CA ILE D 328 -8.27 133.07 24.78
C ILE D 328 -9.58 132.61 25.43
N THR D 329 -9.66 131.31 25.70
CA THR D 329 -10.86 130.70 26.26
C THR D 329 -10.66 130.15 27.66
N VAL D 330 -9.67 129.30 27.87
CA VAL D 330 -9.40 128.69 29.18
C VAL D 330 -7.93 128.88 29.51
N SER D 331 -7.62 128.98 30.80
CA SER D 331 -6.25 129.20 31.25
C SER D 331 -5.87 128.41 32.50
N ASP D 332 -6.75 127.56 33.02
CA ASP D 332 -6.46 126.73 34.16
C ASP D 332 -6.44 125.27 33.73
N ASP D 333 -5.65 124.46 34.45
CA ASP D 333 -5.59 123.04 34.13
C ASP D 333 -6.86 122.31 34.59
N THR D 334 -7.41 122.70 35.73
CA THR D 334 -8.64 122.07 36.20
C THR D 334 -9.83 122.41 35.30
N VAL D 335 -9.90 123.66 34.83
CA VAL D 335 -10.96 124.05 33.92
C VAL D 335 -10.86 123.30 32.61
N ALA D 336 -9.63 123.14 32.10
CA ALA D 336 -9.42 122.36 30.89
C ALA D 336 -9.81 120.90 31.10
N ASN D 337 -9.50 120.36 32.28
CA ASN D 337 -9.90 118.99 32.57
C ASN D 337 -11.41 118.83 32.57
N THR D 338 -12.14 119.78 33.16
CA THR D 338 -13.59 119.71 33.14
C THR D 338 -14.13 119.86 31.71
N VAL D 339 -13.53 120.75 30.92
CA VAL D 339 -14.04 120.99 29.56
C VAL D 339 -13.80 119.78 28.68
N ASP D 340 -12.65 119.11 28.82
CA ASP D 340 -12.33 118.00 27.94
C ASP D 340 -13.28 116.82 28.10
N LYS D 341 -13.94 116.71 29.26
CA LYS D 341 -14.91 115.64 29.44
C LYS D 341 -16.08 115.77 28.48
N SER D 342 -16.43 117.00 28.08
CA SER D 342 -17.53 117.26 27.18
C SER D 342 -17.10 117.35 25.72
N ARG D 343 -15.83 117.04 25.42
CA ARG D 343 -15.31 117.07 24.06
C ARG D 343 -15.49 118.44 23.43
N GLY D 344 -15.09 119.47 24.16
CA GLY D 344 -15.14 120.84 23.67
C GLY D 344 -13.80 121.26 23.10
N ASN D 345 -13.84 122.02 22.02
CA ASN D 345 -12.65 122.53 21.36
C ASN D 345 -12.49 124.01 21.67
N TYR D 346 -11.25 124.42 21.93
CA TYR D 346 -11.03 125.77 22.44
C TYR D 346 -9.62 126.23 22.11
N ILE D 347 -9.34 127.47 22.47
CA ILE D 347 -8.01 128.06 22.38
C ILE D 347 -7.46 128.14 23.80
N GLY D 348 -6.37 127.45 24.05
CA GLY D 348 -5.73 127.43 25.36
C GLY D 348 -4.44 128.21 25.34
N VAL D 349 -4.10 128.79 26.49
CA VAL D 349 -2.88 129.57 26.66
C VAL D 349 -1.99 128.84 27.67
N THR D 350 -0.71 128.76 27.36
CA THR D 350 0.25 128.11 28.25
C THR D 350 1.58 128.85 28.20
N GLN D 351 2.27 128.86 29.33
CA GLN D 351 3.55 129.56 29.43
C GLN D 351 4.69 128.65 28.96
N ALA D 352 5.54 129.17 28.07
CA ALA D 352 6.72 128.43 27.61
C ALA D 352 7.90 129.39 27.67
N ASN D 353 8.55 129.44 28.82
CA ASN D 353 9.68 130.34 29.07
C ASN D 353 9.28 131.79 28.77
N GLY D 354 8.31 132.28 29.52
CA GLY D 354 7.88 133.66 29.38
C GLY D 354 6.82 133.94 28.35
N GLN D 355 6.90 133.32 27.18
CA GLN D 355 5.95 133.57 26.12
C GLN D 355 4.66 132.79 26.36
N GLN D 356 3.52 133.44 26.09
CA GLN D 356 2.21 132.84 26.27
C GLN D 356 1.75 132.27 24.93
N ALA D 358 -0.75 130.55 22.60
CA ALA D 358 -2.18 130.31 22.53
C ALA D 358 -2.46 129.49 21.27
N PHE D 359 -3.17 128.38 21.42
CA PHE D 359 -3.43 127.54 20.28
C PHE D 359 -4.67 126.69 20.49
N TYR D 360 -5.23 126.21 19.38
CA TYR D 360 -6.32 125.25 19.38
C TYR D 360 -5.86 124.00 20.12
N GLN D 361 -6.75 123.39 20.91
CA GLN D 361 -6.26 122.41 21.86
C GLN D 361 -6.68 120.98 21.55
N ARG D 362 -7.86 120.74 21.01
CA ARG D 362 -8.29 119.36 20.78
C ARG D 362 -8.91 119.23 19.41
N GLY D 363 -8.61 118.13 18.75
CA GLY D 363 -9.16 117.86 17.44
C GLY D 363 -10.13 116.70 17.46
N ILE D 364 -10.98 116.65 18.49
CA ILE D 364 -11.84 115.49 18.69
C ILE D 364 -13.27 115.83 18.33
N LEU D 365 -13.99 114.84 17.81
CA LEU D 365 -15.39 114.96 17.44
C LEU D 365 -16.24 114.06 18.34
N CYS D 366 -17.49 114.46 18.54
CA CYS D 366 -18.41 113.60 19.27
C CYS D 366 -18.95 112.50 18.36
N GLY D 367 -18.92 111.28 18.84
CA GLY D 367 -19.36 110.14 18.04
C GLY D 367 -19.19 108.85 18.82
N GLY D 368 -19.59 107.75 18.18
CA GLY D 368 -19.51 106.45 18.78
C GLY D 368 -18.17 105.79 18.58
N PRO D 369 -18.01 104.56 19.09
CA PRO D 369 -16.74 103.86 18.91
C PRO D 369 -16.43 103.56 17.45
N THR D 370 -17.42 103.32 16.61
CA THR D 370 -17.19 102.96 15.22
C THR D 370 -16.80 104.16 14.36
N ASP D 371 -17.10 105.37 14.80
CA ASP D 371 -16.87 106.54 13.97
C ASP D 371 -15.54 107.20 14.30
N ALA D 372 -15.14 108.12 13.42
CA ALA D 372 -13.83 108.76 13.50
C ALA D 372 -13.89 109.91 14.50
N VAL D 373 -13.22 109.75 15.64
CA VAL D 373 -13.25 110.78 16.68
C VAL D 373 -12.38 111.97 16.28
N ASP D 374 -11.19 111.72 15.75
CA ASP D 374 -10.31 112.80 15.34
C ASP D 374 -10.79 113.39 14.02
N MET D 375 -10.56 114.70 13.86
CA MET D 375 -11.03 115.38 12.65
C MET D 375 -10.17 115.10 11.43
N ASN D 376 -8.87 114.86 11.61
CA ASN D 376 -8.02 114.62 10.45
C ASN D 376 -8.42 113.34 9.72
N VAL D 377 -8.65 112.26 10.46
CA VAL D 377 -9.08 111.02 9.83
C VAL D 377 -10.46 111.18 9.23
N TYR D 378 -11.32 111.98 9.87
CA TYR D 378 -12.63 112.27 9.30
C TYR D 378 -12.49 112.93 7.93
N ALA D 379 -11.65 113.96 7.83
CA ALA D 379 -11.45 114.63 6.55
C ALA D 379 -10.85 113.70 5.52
N ASN D 380 -9.89 112.88 5.92
CA ASN D 380 -9.27 111.97 4.97
C ASN D 380 -10.27 110.94 4.45
N GLU D 381 -11.18 110.46 5.32
CA GLU D 381 -12.19 109.53 4.84
C GLU D 381 -13.18 110.21 3.91
N ILE D 382 -13.53 111.48 4.18
CA ILE D 382 -14.35 112.23 3.24
C ILE D 382 -13.68 112.26 1.87
N TRP D 383 -12.38 112.59 1.84
CA TRP D 383 -11.67 112.68 0.57
C TRP D 383 -11.58 111.33 -0.13
N LEU D 384 -11.32 110.26 0.63
CA LEU D 384 -11.27 108.93 0.02
C LEU D 384 -12.59 108.56 -0.62
N LYS D 385 -13.70 108.76 0.10
CA LYS D 385 -14.99 108.40 -0.46
C LYS D 385 -15.27 109.19 -1.73
N SER D 386 -15.00 110.50 -1.70
CA SER D 386 -15.25 111.31 -2.89
C SER D 386 -14.39 110.87 -4.07
N ALA D 387 -13.10 110.60 -3.82
CA ALA D 387 -12.21 110.22 -4.92
C ALA D 387 -12.59 108.87 -5.52
N ILE D 388 -12.89 107.88 -4.68
CA ILE D 388 -13.27 106.58 -5.18
C ILE D 388 -14.56 106.67 -5.98
N ALA D 389 -15.54 107.40 -5.46
CA ALA D 389 -16.80 107.56 -6.19
C ALA D 389 -16.58 108.24 -7.53
N GLN D 390 -15.74 109.28 -7.57
CA GLN D 390 -15.46 109.95 -8.82
C GLN D 390 -14.82 109.00 -9.83
N ALA D 391 -13.83 108.22 -9.41
CA ALA D 391 -13.16 107.31 -10.34
C ALA D 391 -14.13 106.27 -10.88
N LEU D 392 -14.96 105.70 -10.01
CA LEU D 392 -15.90 104.67 -10.46
C LEU D 392 -16.96 105.24 -11.39
N LEU D 393 -17.50 106.41 -11.06
CA LEU D 393 -18.49 107.03 -11.94
C LEU D 393 -17.88 107.37 -13.30
N ASP D 394 -16.64 107.86 -13.30
CA ASP D 394 -15.99 108.19 -14.56
C ASP D 394 -15.77 106.94 -15.41
N LEU D 395 -15.35 105.84 -14.77
CA LEU D 395 -15.24 104.56 -15.48
C LEU D 395 -16.57 104.17 -16.10
N PHE D 396 -17.66 104.27 -15.33
CA PHE D 396 -18.97 103.90 -15.87
C PHE D 396 -19.34 104.79 -17.05
N LEU D 397 -19.04 106.08 -16.98
CA LEU D 397 -19.46 107.01 -18.02
C LEU D 397 -18.66 106.88 -19.30
N ASN D 398 -17.37 106.49 -19.23
CA ASN D 398 -16.53 106.51 -20.42
C ASN D 398 -16.53 105.19 -21.19
N VAL D 399 -16.10 104.10 -20.56
CA VAL D 399 -15.91 102.85 -21.28
C VAL D 399 -17.27 102.31 -21.73
N ASN D 400 -17.27 101.53 -22.82
CA ASN D 400 -18.52 101.05 -23.38
C ASN D 400 -19.26 100.14 -22.42
N ALA D 401 -18.58 99.12 -21.88
CA ALA D 401 -19.22 98.16 -21.00
C ALA D 401 -18.16 97.51 -20.11
N VAL D 402 -18.59 97.08 -18.93
CA VAL D 402 -17.71 96.42 -17.98
C VAL D 402 -18.18 94.99 -17.81
N PRO D 403 -17.52 94.02 -18.42
CA PRO D 403 -17.98 92.64 -18.32
C PRO D 403 -17.84 92.10 -16.90
N ALA D 404 -18.75 91.18 -16.55
CA ALA D 404 -18.76 90.57 -15.22
C ALA D 404 -17.95 89.28 -15.27
N SER D 405 -16.65 89.44 -15.43
CA SER D 405 -15.72 88.31 -15.48
C SER D 405 -14.37 88.80 -14.97
N SER D 406 -13.35 87.96 -15.11
CA SER D 406 -12.03 88.29 -14.58
C SER D 406 -11.52 89.62 -15.11
N THR D 407 -11.79 89.90 -16.39
CA THR D 407 -11.41 91.18 -16.97
C THR D 407 -12.04 92.33 -16.20
N GLY D 408 -13.26 92.13 -15.69
CA GLY D 408 -13.91 93.17 -14.91
C GLY D 408 -13.16 93.53 -13.64
N GLU D 409 -12.78 92.53 -12.84
CA GLU D 409 -12.02 92.82 -11.63
C GLU D 409 -10.67 93.43 -11.97
N ALA D 410 -10.00 92.90 -13.00
CA ALA D 410 -8.71 93.47 -13.37
C ALA D 410 -8.83 94.93 -13.76
N MET D 411 -9.83 95.26 -14.57
CA MET D 411 -9.99 96.64 -15.04
C MET D 411 -10.37 97.57 -13.89
N THR D 412 -11.26 97.12 -13.01
CA THR D 412 -11.64 97.96 -11.87
C THR D 412 -10.45 98.22 -10.96
N LEU D 413 -9.65 97.18 -10.68
CA LEU D 413 -8.49 97.39 -9.84
C LEU D 413 -7.48 98.31 -10.49
N ALA D 414 -7.28 98.16 -11.80
CA ALA D 414 -6.35 99.03 -12.51
C ALA D 414 -6.78 100.47 -12.44
N VAL D 415 -8.09 100.72 -12.55
CA VAL D 415 -8.58 102.09 -12.49
C VAL D 415 -8.46 102.65 -11.08
N LEU D 416 -8.73 101.85 -10.06
CA LEU D 416 -8.60 102.35 -8.69
C LEU D 416 -7.16 102.48 -8.24
N GLN D 417 -6.20 101.91 -8.97
CA GLN D 417 -4.81 101.96 -8.51
C GLN D 417 -4.25 103.37 -8.33
N PRO D 418 -4.41 104.32 -9.26
CA PRO D 418 -3.80 105.64 -9.05
C PRO D 418 -4.30 106.37 -7.81
N VAL D 419 -5.58 106.23 -7.46
CA VAL D 419 -6.10 106.89 -6.26
C VAL D 419 -5.41 106.36 -5.02
N LEU D 420 -5.26 105.04 -4.92
CA LEU D 420 -4.57 104.47 -3.78
C LEU D 420 -3.10 104.82 -3.78
N ASP D 421 -2.50 104.98 -4.97
CA ASP D 421 -1.11 105.44 -5.03
C ASP D 421 -0.97 106.84 -4.47
N LYS D 422 -1.91 107.73 -4.83
CA LYS D 422 -1.86 109.10 -4.31
C LYS D 422 -2.15 109.15 -2.82
N ALA D 423 -2.98 108.22 -2.32
CA ALA D 423 -3.33 108.20 -0.92
C ALA D 423 -2.11 107.95 -0.03
N THR D 424 -1.18 107.10 -0.50
CA THR D 424 0.03 106.85 0.27
C THR D 424 0.89 108.12 0.37
N ALA D 425 1.00 108.86 -0.73
CA ALA D 425 1.82 110.08 -0.72
C ALA D 425 1.17 111.17 0.11
N ASN D 426 -0.16 111.24 0.12
CA ASN D 426 -0.85 112.28 0.88
C ASN D 426 -0.55 112.19 2.37
N GLY D 427 -0.55 110.97 2.89
CA GLY D 427 -0.42 110.76 4.32
C GLY D 427 -1.63 110.15 4.98
N THR D 428 -2.69 109.86 4.21
CA THR D 428 -3.85 109.18 4.78
C THR D 428 -3.62 107.70 4.98
N PHE D 429 -2.62 107.11 4.31
CA PHE D 429 -2.20 105.75 4.55
C PHE D 429 -0.85 105.80 5.25
N THR D 430 -0.74 105.14 6.39
CA THR D 430 0.51 105.09 7.15
C THR D 430 1.05 103.68 7.13
N TYR D 431 2.30 103.52 6.70
CA TYR D 431 2.97 102.23 6.67
C TYR D 431 3.97 102.14 7.82
N LYS D 433 3.21 101.36 10.80
CA LYS D 433 2.54 101.57 12.08
C LYS D 433 2.34 100.23 12.77
N GLU D 434 2.46 100.22 14.09
CA GLU D 434 2.26 98.99 14.85
C GLU D 434 0.80 98.58 14.81
N SER D 436 -2.03 96.09 16.65
CA SER D 436 -2.27 95.35 17.88
C SER D 436 -2.72 93.92 17.57
N ALA D 437 -2.59 93.05 18.58
CA ALA D 437 -3.04 91.66 18.41
C ALA D 437 -4.54 91.60 18.18
N VAL D 438 -5.31 92.41 18.91
CA VAL D 438 -6.76 92.44 18.73
C VAL D 438 -7.12 92.86 17.32
N GLN D 439 -6.45 93.90 16.81
CA GLN D 439 -6.69 94.33 15.44
C GLN D 439 -6.28 93.26 14.45
N GLN D 440 -5.19 92.54 14.74
CA GLN D 440 -4.78 91.44 13.87
C GLN D 440 -5.87 90.38 13.78
N GLN D 441 -6.42 89.98 14.93
CA GLN D 441 -7.46 88.97 14.93
C GLN D 441 -8.72 89.48 14.22
N TYR D 442 -9.05 90.75 14.41
CA TYR D 442 -10.20 91.32 13.72
C TYR D 442 -10.01 91.27 12.21
N ILE D 443 -8.81 91.61 11.74
CA ILE D 443 -8.57 91.58 10.30
C ILE D 443 -8.62 90.16 9.77
N THR D 444 -8.03 89.20 10.50
CA THR D 444 -8.06 87.82 10.03
C THR D 444 -9.48 87.25 10.05
N GLN D 445 -10.35 87.78 10.91
CA GLN D 445 -11.72 87.29 10.96
C GLN D 445 -12.58 87.94 9.87
N VAL D 446 -12.44 89.24 9.69
CA VAL D 446 -13.28 89.97 8.72
C VAL D 446 -12.96 89.51 7.30
N THR D 447 -11.69 89.38 6.97
CA THR D 447 -11.27 88.87 5.68
C THR D 447 -10.91 87.40 5.83
N GLY D 448 -11.50 86.55 5.00
CA GLY D 448 -11.15 85.14 5.05
C GLY D 448 -9.68 84.90 4.78
N ASP D 449 -9.06 85.80 4.01
CA ASP D 449 -7.65 85.65 3.69
C ASP D 449 -6.78 86.12 4.85
N ARG D 450 -6.05 85.18 5.42
CA ARG D 450 -5.01 85.48 6.39
C ARG D 450 -3.78 86.02 5.66
N ARG D 451 -2.87 86.64 6.42
CA ARG D 451 -1.72 87.42 5.96
C ARG D 451 -2.14 88.73 5.31
N ALA D 452 -3.40 89.14 5.45
CA ALA D 452 -3.77 90.49 5.04
C ALA D 452 -3.19 91.53 5.99
N TRP D 453 -3.11 91.20 7.27
CA TRP D 453 -2.61 92.16 8.26
C TRP D 453 -1.13 92.46 8.05
N ARG D 454 -0.35 91.45 7.67
CA ARG D 454 1.05 91.71 7.32
C ARG D 454 1.13 92.70 6.16
N GLN D 455 0.25 92.54 5.17
CA GLN D 455 0.24 93.45 4.04
C GLN D 455 -0.17 94.86 4.44
N VAL D 456 -1.18 95.00 5.30
CA VAL D 456 -1.62 96.34 5.65
C VAL D 456 -0.58 97.04 6.52
N THR D 458 2.84 96.41 6.17
CA THR D 458 4.02 96.68 5.35
C THR D 458 3.76 97.73 4.29
N LEU D 459 2.63 97.62 3.58
CA LEU D 459 2.33 98.50 2.46
C LEU D 459 1.30 99.56 2.78
N GLY D 460 0.31 99.27 3.63
CA GLY D 460 -0.63 100.26 4.08
C GLY D 460 -2.07 100.03 3.70
N TYR D 461 -2.36 99.07 2.82
CA TYR D 461 -3.73 98.85 2.40
C TYR D 461 -3.92 97.44 1.88
N TRP D 462 -5.18 97.04 1.78
CA TRP D 462 -5.60 95.76 1.24
C TRP D 462 -6.95 95.96 0.57
N ILE D 463 -7.07 95.49 -0.66
CA ILE D 463 -8.25 95.73 -1.49
C ILE D 463 -8.76 94.40 -2.05
N ASN D 464 -10.08 94.27 -2.17
CA ASN D 464 -10.69 93.09 -2.74
C ASN D 464 -11.85 93.48 -3.65
N ILE D 465 -12.19 92.60 -4.59
CA ILE D 465 -13.31 92.78 -5.50
C ILE D 465 -14.10 91.48 -5.56
N THR D 466 -15.43 91.59 -5.68
CA THR D 466 -16.30 90.43 -5.59
C THR D 466 -17.03 90.10 -6.89
N PHE D 467 -17.81 91.03 -7.45
CA PHE D 467 -18.58 90.81 -8.67
C PHE D 467 -19.56 89.64 -8.53
N SER D 468 -20.56 89.86 -7.68
CA SER D 468 -21.68 88.93 -7.53
C SER D 468 -22.89 89.40 -8.34
N SER D 469 -23.91 88.55 -8.39
CA SER D 469 -25.16 88.87 -9.06
C SER D 469 -26.32 88.82 -8.08
N TYR D 470 -27.42 89.46 -8.47
CA TYR D 470 -28.60 89.59 -7.63
C TYR D 470 -29.77 90.08 -8.48
N THR D 471 -30.95 90.08 -7.88
CA THR D 471 -32.15 90.63 -8.50
C THR D 471 -32.62 91.83 -7.69
N ASN D 472 -32.86 92.95 -8.36
CA ASN D 472 -33.34 94.14 -7.68
C ASN D 472 -34.84 94.02 -7.42
N SER D 473 -35.30 94.79 -6.44
CA SER D 473 -36.71 94.69 -6.03
C SER D 473 -37.61 95.43 -7.02
N ASN D 474 -37.10 96.50 -7.63
CA ASN D 474 -37.94 97.34 -8.47
C ASN D 474 -38.49 96.59 -9.67
N THR D 475 -37.64 95.80 -10.32
CA THR D 475 -38.04 94.97 -11.44
C THR D 475 -37.61 93.53 -11.17
N GLY D 476 -38.36 92.57 -11.70
CA GLY D 476 -38.01 91.18 -11.48
C GLY D 476 -36.69 90.78 -12.10
N LEU D 477 -36.14 91.61 -12.98
CA LEU D 477 -34.95 91.25 -13.72
C LEU D 477 -33.74 91.11 -12.80
N THR D 478 -32.80 90.28 -13.21
CA THR D 478 -31.54 90.12 -12.48
C THR D 478 -30.55 91.17 -12.97
N GLU D 479 -30.07 92.00 -12.05
CA GLU D 479 -29.12 93.04 -12.41
C GLU D 479 -27.81 92.81 -11.68
N TRP D 480 -24.58 93.17 -13.53
CA TRP D 480 -24.54 92.62 -12.18
C TRP D 480 -24.25 93.72 -11.16
N LYS D 481 -23.52 93.36 -10.11
CA LYS D 481 -23.04 94.34 -9.14
C LYS D 481 -21.65 93.95 -8.70
N ALA D 482 -20.92 94.94 -8.18
CA ALA D 482 -19.58 94.73 -7.69
C ALA D 482 -19.51 95.12 -6.21
N ASN D 483 -18.86 94.27 -5.43
CA ASN D 483 -18.64 94.53 -4.01
C ASN D 483 -17.14 94.56 -3.77
N TYR D 484 -16.68 95.62 -3.11
CA TYR D 484 -15.26 95.77 -2.81
C TYR D 484 -15.08 96.05 -1.33
N THR D 485 -13.97 95.58 -0.78
CA THR D 485 -13.62 95.85 0.61
C THR D 485 -12.20 96.40 0.65
N LEU D 486 -12.03 97.49 1.38
CA LEU D 486 -10.76 98.18 1.51
C LEU D 486 -10.41 98.31 2.99
N ILE D 487 -9.19 97.95 3.35
CA ILE D 487 -8.69 98.11 4.70
C ILE D 487 -7.38 98.88 4.63
N TYR D 488 -7.24 99.90 5.48
CA TYR D 488 -6.01 100.68 5.51
C TYR D 488 -5.76 101.20 6.91
N SER D 489 -4.49 101.49 7.18
CA SER D 489 -4.10 102.02 8.47
C SER D 489 -4.32 103.53 8.50
N LYS D 490 -5.11 103.98 9.46
CA LYS D 490 -5.45 105.39 9.55
C LYS D 490 -4.22 106.22 9.93
N GLY D 491 -4.30 107.51 9.66
CA GLY D 491 -3.20 108.41 9.97
C GLY D 491 -3.40 109.16 11.27
N ASP D 492 -2.70 108.73 12.31
CA ASP D 492 -2.79 109.33 13.63
C ASP D 492 -1.49 110.04 13.98
N ALA D 493 -1.61 111.19 14.63
CA ALA D 493 -0.48 112.02 14.97
C ALA D 493 -0.19 111.95 16.46
N ILE D 494 1.09 112.04 16.82
CA ILE D 494 1.50 112.05 18.21
C ILE D 494 1.01 113.33 18.88
N ARG D 495 0.56 113.21 20.12
CA ARG D 495 0.05 114.35 20.87
C ARG D 495 0.68 114.54 22.24
N PHE D 496 1.47 113.58 22.71
CA PHE D 496 2.05 113.66 24.05
C PHE D 496 3.47 113.10 23.99
N VAL D 497 4.37 113.73 24.75
CA VAL D 497 5.77 113.32 24.81
C VAL D 497 6.17 113.14 26.26
N GLU D 498 6.78 111.99 26.56
CA GLU D 498 7.26 111.68 27.90
C GLU D 498 8.63 111.05 27.80
N GLY D 499 9.49 111.34 28.77
CA GLY D 499 10.83 110.78 28.77
C GLY D 499 11.51 110.95 30.10
N SER D 500 12.67 110.31 30.22
CA SER D 500 13.51 110.41 31.42
C SER D 500 14.96 110.59 31.00
N ASP D 501 15.64 111.53 31.64
CA ASP D 501 17.04 111.82 31.37
C ASP D 501 17.86 111.30 32.54
N VAL D 502 18.49 110.15 32.37
CA VAL D 502 19.32 109.55 33.40
C VAL D 502 20.75 110.04 33.23
N MET D 503 21.31 110.61 34.28
CA MET D 503 22.67 111.14 34.25
C MET D 503 23.61 110.19 34.97
N ILE D 504 24.77 109.95 34.34
CA ILE D 504 25.82 109.10 34.89
C ILE D 504 25.32 107.68 35.04
N MET E 1 34.00 36.40 85.81
CA MET E 1 32.85 36.30 84.91
C MET E 1 32.50 34.84 84.65
N ILE E 2 31.27 34.61 84.17
CA ILE E 2 30.91 33.30 83.65
C ILE E 2 31.80 32.95 82.46
N SER E 3 32.31 31.73 82.45
CA SER E 3 33.19 31.30 81.37
C SER E 3 32.42 31.24 80.04
N GLN E 4 33.14 31.48 78.95
CA GLN E 4 32.51 31.49 77.63
C GLN E 4 32.01 30.12 77.21
N SER E 5 32.48 29.05 77.85
CA SER E 5 32.09 27.71 77.43
C SER E 5 30.62 27.42 77.67
N ARG E 6 29.94 28.28 78.44
CA ARG E 6 28.50 28.10 78.63
C ARG E 6 27.73 28.31 77.34
N TYR E 7 28.31 29.04 76.40
CA TYR E 7 27.61 29.42 75.17
C TYR E 7 28.26 28.87 73.92
N ILE E 8 29.59 28.89 73.82
CA ILE E 8 30.31 28.37 72.66
C ILE E 8 31.43 27.47 73.16
N ARG E 9 31.46 26.23 72.68
CA ARG E 9 32.49 25.27 73.07
C ARG E 9 33.10 24.66 71.83
N ILE E 10 34.43 24.76 71.72
CA ILE E 10 35.17 24.22 70.58
C ILE E 10 36.28 23.34 71.11
N ILE E 11 36.41 22.14 70.55
CA ILE E 11 37.44 21.19 70.94
C ILE E 11 38.37 20.96 69.77
N SER E 12 39.66 21.13 70.00
CA SER E 12 40.68 21.00 68.97
C SER E 12 41.50 19.74 69.21
N GLY E 13 41.88 19.08 68.11
CA GLY E 13 42.68 17.87 68.21
C GLY E 13 43.29 17.54 66.88
N VAL E 14 44.11 16.50 66.88
CA VAL E 14 44.80 16.02 65.69
C VAL E 14 44.32 14.60 65.41
N GLY E 15 43.81 14.37 64.20
CA GLY E 15 43.33 13.07 63.82
C GLY E 15 44.41 12.22 63.16
N ALA E 16 44.31 10.91 63.40
CA ALA E 16 45.27 9.94 62.87
C ALA E 16 46.69 10.33 63.20
N GLY E 17 46.92 10.71 64.45
CA GLY E 17 48.19 11.27 64.89
C GLY E 17 49.20 10.21 65.30
N ALA E 18 48.79 8.97 65.49
CA ALA E 18 49.67 7.94 65.98
C ALA E 18 50.81 7.65 65.04
N PRO E 19 52.03 8.01 65.44
CA PRO E 19 53.18 7.78 64.57
C PRO E 19 53.81 6.41 64.79
N VAL E 20 54.00 5.66 63.72
CA VAL E 20 54.69 4.37 63.76
C VAL E 20 55.95 4.48 62.92
N ALA E 21 57.08 4.14 63.53
CA ALA E 21 58.38 4.35 62.89
C ALA E 21 58.53 3.43 61.69
N GLY E 22 59.58 3.69 60.90
CA GLY E 22 59.90 2.86 59.76
C GLY E 22 61.19 2.10 59.99
N ARG E 23 61.18 0.80 59.66
CA ARG E 23 62.32 -0.05 59.95
C ARG E 23 63.50 0.33 59.05
N LYS E 24 64.68 0.42 59.65
CA LYS E 24 65.92 0.66 58.93
C LYS E 24 66.70 -0.64 58.80
N LEU E 25 67.59 -0.68 57.81
CA LEU E 25 68.38 -1.88 57.51
C LEU E 25 69.86 -1.66 57.78
N LEU E 27 73.65 -1.58 59.69
CA LEU E 27 74.49 -2.61 60.28
C LEU E 27 74.64 -2.40 61.78
N ARG E 28 74.81 -3.49 62.52
CA ARG E 28 75.11 -3.44 63.94
C ARG E 28 76.32 -4.31 64.24
N VAL E 29 77.22 -3.77 65.05
CA VAL E 29 78.47 -4.44 65.40
C VAL E 29 78.45 -4.72 66.90
N MET E 30 78.80 -5.95 67.28
CA MET E 30 78.85 -6.37 68.68
C MET E 30 80.31 -6.50 69.10
N THR E 31 80.85 -5.43 69.67
CA THR E 31 82.24 -5.41 70.08
C THR E 31 82.38 -5.85 71.53
N THR E 32 83.61 -5.88 72.04
CA THR E 32 83.89 -6.30 73.41
C THR E 32 84.57 -5.22 74.24
N ASN E 33 84.94 -4.10 73.66
CA ASN E 33 85.69 -3.08 74.40
C ASN E 33 84.83 -2.51 75.53
N ASN E 34 85.49 -2.08 76.61
CA ASN E 34 84.78 -1.76 77.84
C ASN E 34 84.20 -0.36 77.84
N VAL E 35 84.35 0.40 76.75
CA VAL E 35 83.81 1.75 76.67
C VAL E 35 82.29 1.70 76.72
N ILE E 36 81.70 0.74 76.02
CA ILE E 36 80.26 0.65 75.85
C ILE E 36 79.66 -0.11 77.04
N PRO E 37 78.71 0.47 77.75
CA PRO E 37 78.02 -0.27 78.82
C PRO E 37 77.21 -1.42 78.25
N PRO E 38 77.04 -2.50 79.01
CA PRO E 38 76.33 -3.67 78.48
C PRO E 38 74.90 -3.41 78.02
N GLY E 39 74.18 -2.50 78.67
CA GLY E 39 72.74 -2.42 78.46
C GLY E 39 72.24 -1.38 77.49
N ILE E 40 73.11 -0.82 76.65
CA ILE E 40 72.69 0.21 75.70
C ILE E 40 73.17 -0.17 74.31
N VAL E 41 72.54 0.44 73.32
CA VAL E 41 72.97 0.42 71.93
C VAL E 41 73.19 1.85 71.48
N ILE E 42 74.34 2.12 70.87
CA ILE E 42 74.73 3.47 70.51
C ILE E 42 74.72 3.61 68.99
N ASP E 45 75.81 8.53 63.06
CA ASP E 45 75.35 8.89 61.73
C ASP E 45 76.52 9.14 60.78
N ALA E 47 81.04 9.10 60.09
CA ALA E 47 82.33 8.49 60.45
C ALA E 47 83.09 9.35 61.45
N ASN E 48 83.00 10.67 61.33
CA ASN E 48 83.69 11.55 62.26
C ASN E 48 83.15 11.41 63.68
N ALA E 49 81.86 11.12 63.82
CA ALA E 49 81.30 10.88 65.15
C ALA E 49 81.94 9.64 65.78
N VAL E 50 82.09 8.58 64.98
CA VAL E 50 82.75 7.38 65.48
C VAL E 50 84.19 7.68 65.86
N LEU E 51 84.88 8.46 65.02
CA LEU E 51 86.26 8.83 65.32
C LEU E 51 86.35 9.60 66.63
N SER E 52 85.43 10.53 66.86
CA SER E 52 85.46 11.31 68.09
C SER E 52 85.16 10.45 69.31
N TYR E 53 84.16 9.58 69.20
CA TYR E 53 83.72 8.84 70.38
C TYR E 53 84.68 7.70 70.74
N PHE E 54 85.24 7.03 69.74
CA PHE E 54 86.05 5.84 70.00
C PHE E 54 87.55 6.07 69.91
N GLY E 55 88.00 7.10 69.20
CA GLY E 55 89.42 7.31 68.99
C GLY E 55 89.91 6.72 67.68
N ALA E 56 91.06 7.22 67.24
CA ALA E 56 91.57 6.83 65.93
C ALA E 56 92.11 5.40 65.92
N GLN E 57 92.60 4.92 67.07
CA GLN E 57 93.23 3.61 67.11
C GLN E 57 92.23 2.46 67.07
N SER E 58 91.00 2.68 67.52
CA SER E 58 90.07 1.57 67.73
C SER E 58 89.66 0.92 66.42
N GLU E 59 89.33 -0.37 66.50
CA GLU E 59 88.81 -1.09 65.34
C GLU E 59 87.44 -0.57 64.92
N GLU E 60 86.69 0.05 65.82
CA GLU E 60 85.39 0.59 65.46
C GLU E 60 85.53 1.68 64.40
N TYR E 61 86.48 2.60 64.59
CA TYR E 61 86.72 3.61 63.57
C TYR E 61 87.22 2.98 62.27
N GLN E 62 88.06 1.95 62.38
CA GLN E 62 88.54 1.25 61.20
C GLN E 62 87.39 0.69 60.38
N ARG E 63 86.42 0.08 61.06
CA ARG E 63 85.27 -0.49 60.36
C ARG E 63 84.37 0.60 59.79
N ALA E 64 84.13 1.67 60.58
CA ALA E 64 83.20 2.70 60.13
C ALA E 64 83.76 3.45 58.93
N ALA E 65 85.07 3.64 58.86
CA ALA E 65 85.66 4.36 57.73
C ALA E 65 85.38 3.64 56.42
N ALA E 66 85.57 2.32 56.40
CA ALA E 66 85.31 1.57 55.17
C ALA E 66 83.82 1.37 54.95
N TYR E 67 83.04 1.35 56.03
CA TYR E 67 81.60 1.16 55.91
C TYR E 67 80.93 2.38 55.30
N PHE E 68 81.42 3.58 55.61
CA PHE E 68 80.73 4.80 55.22
C PHE E 68 81.09 5.28 53.83
N LYS E 69 82.05 4.65 53.15
CA LYS E 69 82.33 4.94 51.75
C LYS E 69 81.66 3.86 50.90
N PHE E 70 80.66 4.26 50.13
CA PHE E 70 79.90 3.31 49.34
C PHE E 70 78.96 4.09 48.42
N ILE E 71 78.79 3.58 47.20
CA ILE E 71 77.95 4.25 46.21
C ILE E 71 76.73 3.43 45.82
N SER E 72 76.79 2.10 45.84
CA SER E 72 75.69 1.17 45.60
C SER E 72 75.16 1.22 44.17
N LYS E 73 75.88 1.82 43.22
CA LYS E 73 75.54 1.91 41.81
C LYS E 73 74.32 2.78 41.55
N SER E 74 73.65 3.28 42.59
CA SER E 74 72.58 4.25 42.44
C SER E 74 72.83 5.45 43.35
N VAL E 75 74.10 5.78 43.54
CA VAL E 75 74.61 6.90 44.35
C VAL E 75 73.83 7.06 45.65
N SER E 77 74.15 5.92 50.06
CA SER E 77 75.09 5.57 51.11
C SER E 77 74.36 5.12 52.36
N PRO E 78 75.02 4.33 53.22
CA PRO E 78 74.30 3.76 54.37
C PRO E 78 73.75 4.78 55.36
N SER E 79 74.58 5.74 55.79
CA SER E 79 74.16 6.89 56.58
C SER E 79 73.84 6.58 58.04
N SER E 80 74.15 5.38 58.52
CA SER E 80 74.00 5.09 59.94
C SER E 80 74.76 3.81 60.28
N ILE E 81 75.08 3.66 61.57
CA ILE E 81 75.70 2.45 62.09
C ILE E 81 75.39 2.36 63.58
N SER E 82 75.48 1.14 64.12
CA SER E 82 75.15 0.89 65.51
C SER E 82 76.23 0.04 66.17
N PHE E 83 76.39 0.22 67.48
CA PHE E 83 77.29 -0.60 68.29
C PHE E 83 76.58 -1.07 69.54
N ALA E 84 76.84 -2.32 69.92
CA ALA E 84 76.33 -2.90 71.15
C ALA E 84 77.48 -3.59 71.88
N ARG E 85 77.21 -4.05 73.09
CA ARG E 85 78.26 -4.57 73.97
C ARG E 85 78.05 -6.06 74.22
N TRP E 86 79.12 -6.83 74.08
CA TRP E 86 79.13 -8.25 74.40
C TRP E 86 80.00 -8.45 75.64
N VAL E 87 79.43 -9.06 76.67
CA VAL E 87 80.12 -9.24 77.95
C VAL E 87 80.97 -10.49 77.81
N ASN E 88 82.22 -10.30 77.38
CA ASN E 88 83.10 -11.42 77.12
C ASN E 88 83.47 -12.18 78.40
N THR E 89 83.81 -11.45 79.46
CA THR E 89 84.22 -12.04 80.72
C THR E 89 83.44 -11.43 81.87
N ALA E 90 83.71 -11.93 83.07
CA ALA E 90 82.99 -11.46 84.26
C ALA E 90 83.28 -9.99 84.51
N ILE E 91 82.27 -9.26 84.98
CA ILE E 91 82.33 -7.81 85.10
C ILE E 91 81.87 -7.40 86.48
N ALA E 92 82.48 -6.32 87.00
CA ALA E 92 82.08 -5.72 88.25
C ALA E 92 81.01 -4.66 88.02
N PRO E 93 80.24 -4.31 89.05
CA PRO E 93 79.24 -3.24 88.89
C PRO E 93 79.87 -1.91 88.52
N MET E 94 79.17 -1.16 87.67
CA MET E 94 79.69 0.12 87.18
C MET E 94 78.58 1.16 87.19
N VAL E 95 78.98 2.43 87.21
CA VAL E 95 78.06 3.56 87.11
C VAL E 95 78.59 4.51 86.05
N VAL E 96 77.92 4.57 84.90
CA VAL E 96 78.34 5.43 83.80
C VAL E 96 77.15 5.99 83.04
N ASP E 98 77.56 9.66 81.70
CA ASP E 98 78.02 11.04 81.74
C ASP E 98 78.25 11.55 80.32
N ASN E 99 77.16 11.97 79.66
CA ASN E 99 77.27 12.43 78.28
C ASN E 99 77.40 13.94 78.15
N LEU E 100 77.02 14.69 79.16
CA LEU E 100 77.06 16.15 79.06
C LEU E 100 78.50 16.64 79.06
N PRO E 101 78.82 17.69 78.30
CA PRO E 101 80.17 18.25 78.36
C PRO E 101 80.45 18.86 79.72
N LYS E 102 81.49 18.36 80.38
CA LYS E 102 81.87 18.82 81.70
C LYS E 102 83.37 18.91 81.79
N THR E 103 83.89 19.00 83.01
CA THR E 103 85.33 19.03 83.26
C THR E 103 86.00 20.20 82.55
N ILE E 104 85.49 21.39 82.83
CA ILE E 104 86.08 22.64 82.38
C ILE E 104 87.04 23.14 83.45
N ALA E 105 87.43 22.23 84.36
CA ALA E 105 88.29 22.53 85.49
C ALA E 105 87.63 23.53 86.43
N ASP E 106 86.33 23.37 86.67
CA ASP E 106 85.56 24.27 87.52
C ASP E 106 84.80 23.46 88.57
N PHE E 107 85.53 22.56 89.23
CA PHE E 107 85.08 21.93 90.46
C PHE E 107 85.40 22.79 91.68
N ALA E 108 85.94 23.98 91.46
CA ALA E 108 86.24 24.87 92.56
C ALA E 108 84.95 25.27 93.29
N GLY E 109 85.08 25.47 94.59
CA GLY E 109 83.91 25.70 95.42
C GLY E 109 83.41 24.42 96.06
N PHE E 110 83.89 23.28 95.55
CA PHE E 110 83.67 22.00 96.20
C PHE E 110 84.83 21.65 97.14
N SER E 111 85.61 22.64 97.54
CA SER E 111 86.58 22.43 98.60
C SER E 111 85.94 22.44 99.96
N ALA E 112 84.64 22.72 100.05
CA ALA E 112 83.94 22.79 101.31
C ALA E 112 83.25 21.45 101.57
N GLY E 113 84.00 20.50 102.11
CA GLY E 113 83.46 19.27 102.66
C GLY E 113 82.38 18.59 101.84
N VAL E 114 82.74 18.04 100.69
CA VAL E 114 81.75 17.43 99.81
C VAL E 114 81.22 16.14 100.41
N LEU E 115 79.92 15.93 100.28
CA LEU E 115 79.26 14.69 100.68
C LEU E 115 78.65 14.05 99.44
N THR E 116 78.87 12.76 99.27
CA THR E 116 78.16 11.97 98.26
C THR E 116 77.73 10.66 98.89
N ILE E 117 76.59 10.14 98.45
CA ILE E 117 75.97 8.96 99.03
C ILE E 117 75.90 7.88 97.96
N MET E 118 76.37 6.68 98.30
CA MET E 118 76.25 5.55 97.38
C MET E 118 75.78 4.33 98.13
N VAL E 119 75.05 3.46 97.45
CA VAL E 119 74.40 2.32 98.06
C VAL E 119 74.76 1.05 97.30
N GLY E 120 75.17 0.01 98.03
CA GLY E 120 75.16 -1.33 97.49
C GLY E 120 73.80 -1.93 97.75
N ALA E 121 73.45 -2.03 99.03
CA ALA E 121 72.08 -2.22 99.47
C ALA E 121 71.69 -1.29 100.61
N ALA E 122 72.66 -0.71 101.32
CA ALA E 122 72.42 0.28 102.36
C ALA E 122 73.34 1.46 102.11
N GLU E 123 73.00 2.58 102.76
CA GLU E 123 73.69 3.84 102.49
C GLU E 123 75.16 3.79 102.90
N GLN E 124 75.99 4.51 102.16
CA GLN E 124 77.40 4.75 102.49
C GLN E 124 77.64 6.22 102.17
N ASN E 125 77.90 7.00 103.21
CA ASN E 125 78.25 8.40 103.03
C ASN E 125 79.76 8.58 103.01
N ILE E 126 80.23 9.48 102.15
CA ILE E 126 81.66 9.68 101.94
C ILE E 126 82.08 10.97 102.62
N THR E 127 83.28 10.95 103.20
CA THR E 127 83.76 12.06 104.01
C THR E 127 84.03 13.29 103.14
N ALA E 128 84.54 14.33 103.76
CA ALA E 128 84.80 15.59 103.07
C ALA E 128 85.81 15.39 101.95
N ILE E 129 85.45 15.88 100.76
CA ILE E 129 86.30 15.79 99.59
C ILE E 129 86.56 17.21 99.11
N ASP E 130 87.82 17.62 99.10
CA ASP E 130 88.20 18.97 98.72
C ASP E 130 88.96 18.92 97.41
N THR E 131 88.46 19.63 96.40
CA THR E 131 89.08 19.69 95.08
C THR E 131 89.33 21.12 94.62
N SER E 132 89.70 22.03 95.55
CA SER E 132 90.02 23.39 95.15
C SER E 132 91.28 23.43 94.29
N ALA E 133 92.30 22.64 94.65
CA ALA E 133 93.54 22.64 93.88
C ALA E 133 93.28 22.19 92.44
N ALA E 134 92.89 20.93 92.27
CA ALA E 134 92.38 20.42 91.01
C ALA E 134 93.28 20.79 89.83
N THR E 135 94.50 20.25 89.85
CA THR E 135 95.43 20.49 88.75
C THR E 135 94.82 20.01 87.43
N SER E 136 94.17 18.85 87.44
CA SER E 136 93.48 18.34 86.27
C SER E 136 92.36 17.42 86.75
N MET E 137 91.50 17.03 85.82
CA MET E 137 90.41 16.12 86.16
C MET E 137 90.93 14.74 86.51
N ASP E 138 92.13 14.39 86.03
CA ASP E 138 92.78 13.17 86.49
C ASP E 138 93.03 13.24 87.99
N ASN E 139 93.48 14.40 88.46
CA ASN E 139 93.64 14.59 89.89
C ASN E 139 92.31 14.50 90.61
N VAL E 140 91.24 15.05 90.01
CA VAL E 140 89.93 14.98 90.65
C VAL E 140 89.49 13.54 90.81
N ALA E 141 89.65 12.72 89.77
CA ALA E 141 89.29 11.31 89.86
C ALA E 141 90.14 10.59 90.90
N SER E 142 91.44 10.88 90.94
CA SER E 142 92.30 10.26 91.95
C SER E 142 91.85 10.64 93.37
N ILE E 143 91.51 11.90 93.58
CA ILE E 143 91.12 12.35 94.92
C ILE E 143 89.78 11.74 95.32
N ILE E 144 88.85 11.61 94.38
CA ILE E 144 87.59 10.93 94.68
C ILE E 144 87.85 9.47 95.04
N GLN E 145 88.74 8.81 94.30
CA GLN E 145 89.08 7.43 94.57
C GLN E 145 89.69 7.27 95.96
N THR E 146 90.56 8.20 96.35
CA THR E 146 91.20 8.10 97.66
C THR E 146 90.16 8.17 98.78
N GLU E 147 89.19 9.08 98.67
CA GLU E 147 88.18 9.19 99.70
C GLU E 147 87.21 8.02 99.69
N ILE E 148 86.92 7.45 98.52
CA ILE E 148 86.03 6.30 98.47
C ILE E 148 86.71 5.08 99.07
N ARG E 149 88.00 4.89 98.80
CA ARG E 149 88.69 3.69 99.26
C ARG E 149 88.81 3.62 100.78
N LYS E 150 88.52 4.71 101.48
CA LYS E 150 88.60 4.68 102.93
C LYS E 150 87.44 3.90 103.56
N ASN E 151 86.37 3.67 102.80
CA ASN E 151 85.21 2.96 103.33
C ASN E 151 85.52 1.48 103.49
N ALA E 152 84.81 0.85 104.44
CA ALA E 152 85.08 -0.54 104.82
C ALA E 152 84.19 -1.54 104.09
N ASP E 153 83.31 -1.10 103.21
CA ASP E 153 82.50 -2.04 102.44
C ASP E 153 83.37 -2.76 101.41
N PRO E 154 83.22 -4.07 101.25
CA PRO E 154 84.11 -4.81 100.32
C PRO E 154 84.11 -4.27 98.90
N GLN E 155 82.96 -3.84 98.38
CA GLN E 155 82.96 -3.25 97.04
C GLN E 155 83.78 -1.96 97.00
N LEU E 156 83.65 -1.12 98.02
CA LEU E 156 84.30 0.17 98.06
C LEU E 156 85.71 0.13 98.63
N ALA E 157 86.17 -1.04 99.09
CA ALA E 157 87.51 -1.13 99.64
C ALA E 157 88.57 -0.89 98.57
N GLN E 158 88.37 -1.44 97.37
CA GLN E 158 89.32 -1.31 96.28
C GLN E 158 88.66 -0.75 95.03
N ALA E 159 87.63 0.08 95.20
CA ALA E 159 86.92 0.64 94.07
C ALA E 159 87.82 1.60 93.30
N THR E 160 87.53 1.73 92.00
CA THR E 160 88.32 2.59 91.12
C THR E 160 87.43 3.65 90.50
N VAL E 161 87.98 4.84 90.34
CA VAL E 161 87.32 5.94 89.65
C VAL E 161 88.20 6.35 88.48
N THR E 162 87.61 6.43 87.29
CA THR E 162 88.38 6.77 86.10
C THR E 162 87.67 7.90 85.37
N TRP E 163 88.42 8.61 84.53
CA TRP E 163 87.91 9.71 83.74
C TRP E 163 88.36 9.55 82.30
N ASN E 164 87.45 9.85 81.38
CA ASN E 164 87.66 9.65 79.95
C ASN E 164 87.65 11.01 79.26
N GLN E 165 88.59 11.20 78.33
CA GLN E 165 88.72 12.51 77.68
C GLN E 165 87.96 12.57 76.36
N ASN E 166 87.97 11.49 75.58
CA ASN E 166 87.31 11.50 74.28
C ASN E 166 85.83 11.83 74.42
N THR E 167 85.13 11.06 75.24
CA THR E 167 83.83 11.46 75.75
C THR E 167 84.05 12.18 77.07
N ASN E 168 82.99 12.37 77.85
CA ASN E 168 83.07 13.16 79.07
C ASN E 168 82.51 12.39 80.25
N GLN E 169 82.96 11.15 80.42
CA GLN E 169 82.36 10.23 81.37
C GLN E 169 83.26 9.95 82.55
N PHE E 170 82.68 10.01 83.76
CA PHE E 170 83.28 9.48 84.98
C PHE E 170 82.71 8.09 85.24
N THR E 171 83.58 7.13 85.55
CA THR E 171 83.16 5.76 85.74
C THR E 171 83.71 5.22 87.05
N LEU E 172 82.84 4.53 87.80
CA LEU E 172 83.19 3.96 89.09
C LEU E 172 83.00 2.45 89.02
N VAL E 173 84.04 1.71 89.41
CA VAL E 173 84.06 0.26 89.33
C VAL E 173 84.27 -0.32 90.72
N GLY E 174 83.40 -1.25 91.11
CA GLY E 174 83.53 -1.89 92.40
C GLY E 174 84.61 -2.96 92.40
N ALA E 175 85.03 -3.33 93.61
CA ALA E 175 86.17 -4.22 93.77
C ALA E 175 85.85 -5.67 93.40
N THR E 176 84.71 -6.19 93.86
CA THR E 176 84.39 -7.60 93.67
C THR E 176 83.87 -7.84 92.26
N ILE E 177 84.12 -9.05 91.75
CA ILE E 177 83.76 -9.42 90.38
C ILE E 177 82.75 -10.56 90.44
N GLY E 178 81.60 -10.35 89.83
CA GLY E 178 80.64 -11.43 89.66
C GLY E 178 79.24 -11.10 90.13
N THR E 179 79.11 -10.38 91.24
CA THR E 179 77.81 -10.08 91.81
C THR E 179 77.90 -8.79 92.60
N GLY E 180 76.83 -8.01 92.54
CA GLY E 180 76.74 -6.76 93.29
C GLY E 180 75.88 -5.77 92.52
N VAL E 181 75.26 -4.85 93.26
CA VAL E 181 74.45 -3.79 92.69
C VAL E 181 74.84 -2.48 93.36
N LEU E 182 75.18 -1.47 92.56
CA LEU E 182 75.61 -0.18 93.07
C LEU E 182 74.72 0.92 92.51
N ALA E 183 74.54 1.97 93.29
CA ALA E 183 73.78 3.14 92.84
C ALA E 183 74.23 4.35 93.63
N VAL E 184 73.86 5.53 93.11
CA VAL E 184 74.15 6.81 93.76
C VAL E 184 72.85 7.57 93.92
N ALA E 185 72.71 8.25 95.06
CA ALA E 185 71.48 8.93 95.42
C ALA E 185 71.69 10.44 95.45
N LYS E 186 70.64 11.17 95.09
CA LYS E 186 70.65 12.63 95.13
C LYS E 186 70.31 13.09 96.54
N SER E 187 71.28 13.69 97.22
CA SER E 187 71.07 14.20 98.57
C SER E 187 70.69 15.67 98.54
N ALA E 188 70.31 16.19 99.69
CA ALA E 188 69.84 17.57 99.82
C ALA E 188 70.90 18.53 100.34
N ASP E 189 72.12 18.06 100.61
CA ASP E 189 73.16 18.93 101.12
C ASP E 189 73.60 19.91 100.04
N PRO E 190 74.08 21.10 100.43
CA PRO E 190 74.59 22.04 99.41
C PRO E 190 75.83 21.55 98.69
N GLN E 191 76.75 20.92 99.42
CA GLN E 191 78.03 20.50 98.86
C GLN E 191 77.95 19.03 98.45
N ASP E 192 77.08 18.78 97.47
CA ASP E 192 76.89 17.44 96.93
C ASP E 192 77.25 17.46 95.45
N MET E 193 78.20 16.60 95.07
CA MET E 193 78.78 16.65 93.73
C MET E 193 78.23 15.56 92.82
N SER E 194 76.98 15.16 92.99
CA SER E 194 76.34 14.25 92.05
C SER E 194 75.82 14.98 90.82
N THR E 195 75.85 16.30 90.80
CA THR E 195 75.47 17.06 89.62
C THR E 195 76.67 17.54 88.82
N ALA E 196 77.75 17.97 89.48
CA ALA E 196 78.99 18.24 88.77
C ALA E 196 79.51 16.97 88.11
N LEU E 197 79.47 15.86 88.85
CA LEU E 197 79.56 14.54 88.24
C LEU E 197 78.21 14.24 87.61
N GLY E 198 78.20 13.37 86.61
CA GLY E 198 76.94 13.05 85.99
C GLY E 198 76.28 11.83 86.59
N TRP E 199 76.52 11.58 87.87
CA TRP E 199 75.95 10.43 88.57
C TRP E 199 74.63 10.84 89.22
N SER E 200 73.61 10.00 89.05
CA SER E 200 72.26 10.26 89.55
C SER E 200 71.62 11.48 88.91
N THR E 201 71.95 11.78 87.66
CA THR E 201 71.30 12.85 86.93
C THR E 201 70.90 12.35 85.55
N SER E 202 69.69 12.73 85.14
CA SER E 202 69.14 12.39 83.82
C SER E 202 69.18 10.88 83.69
N ASN E 203 69.79 10.32 82.64
CA ASN E 203 69.86 8.88 82.45
C ASN E 203 71.29 8.39 82.68
N VAL E 204 71.47 7.62 83.75
CA VAL E 204 72.76 7.05 84.14
C VAL E 204 72.64 5.53 84.05
N VAL E 205 73.64 4.89 83.47
CA VAL E 205 73.64 3.45 83.27
C VAL E 205 74.30 2.82 84.49
N ASN E 206 73.51 2.08 85.27
CA ASN E 206 74.01 1.30 86.39
C ASN E 206 74.10 -0.16 85.95
N VAL E 207 75.31 -0.70 85.93
CA VAL E 207 75.57 -2.05 85.43
C VAL E 207 75.82 -2.96 86.63
N ALA E 208 75.00 -4.01 86.73
CA ALA E 208 75.18 -5.00 87.79
C ALA E 208 76.20 -6.05 87.36
N GLY E 209 76.69 -6.81 88.34
CA GLY E 209 77.69 -7.82 88.04
C GLY E 209 77.13 -8.92 87.16
N GLN E 210 78.00 -9.52 86.36
CA GLN E 210 77.60 -10.54 85.40
C GLN E 210 78.62 -11.65 85.33
N SER E 211 78.21 -12.75 84.70
CA SER E 211 79.07 -13.89 84.45
C SER E 211 79.73 -13.75 83.08
N ALA E 212 80.34 -14.83 82.59
CA ALA E 212 81.06 -14.77 81.32
C ALA E 212 80.11 -14.60 80.14
N ASP E 213 78.87 -15.06 80.26
CA ASP E 213 77.82 -14.82 79.26
C ASP E 213 78.14 -15.50 77.92
N LEU E 214 77.19 -15.51 77.00
CA LEU E 214 77.32 -16.25 75.76
C LEU E 214 76.85 -15.36 74.61
N PRO E 215 77.41 -15.56 73.41
CA PRO E 215 77.09 -14.63 72.30
C PRO E 215 75.63 -14.60 71.90
N ASP E 216 74.95 -15.76 71.88
CA ASP E 216 73.57 -15.78 71.43
C ASP E 216 72.65 -15.13 72.46
N ALA E 217 72.99 -15.24 73.74
CA ALA E 217 72.25 -14.50 74.74
C ALA E 217 72.52 -13.01 74.65
N ALA E 218 73.76 -12.64 74.34
CA ALA E 218 74.12 -11.23 74.23
C ALA E 218 73.37 -10.56 73.09
N VAL E 219 73.29 -11.24 71.94
CA VAL E 219 72.59 -10.64 70.81
C VAL E 219 71.10 -10.52 71.11
N ALA E 220 70.53 -11.48 71.84
CA ALA E 220 69.13 -11.35 72.24
C ALA E 220 68.90 -10.18 73.18
N LYS E 221 69.82 -9.99 74.14
CA LYS E 221 69.71 -8.84 75.02
C LYS E 221 69.80 -7.54 74.24
N SER E 222 70.71 -7.48 73.27
CA SER E 222 70.84 -6.27 72.46
C SER E 222 69.60 -6.01 71.61
N THR E 223 69.00 -7.06 71.06
CA THR E 223 67.80 -6.87 70.25
C THR E 223 66.58 -6.57 71.11
N ASN E 224 66.67 -6.85 72.42
CA ASN E 224 65.58 -6.49 73.31
C ASN E 224 65.35 -4.98 73.35
N VAL E 225 66.44 -4.20 73.37
CA VAL E 225 66.29 -2.75 73.57
C VAL E 225 65.89 -2.05 72.27
N SER E 226 66.41 -2.51 71.13
CA SER E 226 66.04 -1.94 69.85
C SER E 226 66.42 -2.90 68.74
N ASN E 227 65.55 -3.06 67.75
CA ASN E 227 65.77 -3.98 66.65
C ASN E 227 65.65 -3.29 65.29
N ASN E 228 66.06 -2.03 65.19
CA ASN E 228 66.03 -1.30 63.92
C ASN E 228 67.37 -1.46 63.21
N PHE E 229 67.59 -2.67 62.69
CA PHE E 229 68.85 -2.96 62.02
C PHE E 229 68.68 -4.18 61.14
N GLY E 230 69.73 -4.49 60.39
CA GLY E 230 69.80 -5.73 59.62
C GLY E 230 71.25 -6.10 59.42
N SER E 231 71.49 -7.40 59.25
CA SER E 231 72.83 -7.92 58.95
C SER E 231 73.83 -7.53 60.03
N PHE E 232 73.64 -8.02 61.25
CA PHE E 232 74.60 -7.80 62.32
C PHE E 232 75.85 -8.65 62.10
N LEU E 233 76.89 -8.34 62.89
CA LEU E 233 78.13 -9.10 62.87
C LEU E 233 78.94 -8.77 64.13
N PHE E 234 79.80 -9.72 64.54
CA PHE E 234 80.47 -9.58 65.82
C PHE E 234 81.75 -8.75 65.71
N ALA E 235 82.66 -9.17 64.84
CA ALA E 235 83.87 -8.40 64.53
C ALA E 235 84.72 -8.14 65.76
N GLY E 236 85.26 -9.21 66.31
CA GLY E 236 86.31 -9.12 67.31
C GLY E 236 87.43 -10.07 66.93
N ALA E 237 87.84 -10.87 67.91
CA ALA E 237 88.66 -12.03 67.62
C ALA E 237 87.78 -13.11 66.96
N PRO E 238 88.37 -13.97 66.14
CA PRO E 238 87.57 -15.03 65.51
C PRO E 238 86.91 -15.92 66.55
N LEU E 239 85.66 -16.30 66.26
CA LEU E 239 84.88 -17.11 67.19
C LEU E 239 85.08 -18.59 66.92
N ASP E 240 84.82 -19.39 67.96
CA ASP E 240 84.87 -20.84 67.81
C ASP E 240 83.73 -21.32 66.93
N ASN E 241 83.91 -22.51 66.36
CA ASN E 241 82.90 -23.04 65.45
C ASN E 241 81.58 -23.28 66.15
N ASP E 242 81.61 -23.75 67.40
CA ASP E 242 80.38 -23.99 68.14
C ASP E 242 79.63 -22.69 68.41
N GLN E 243 80.36 -21.62 68.70
CA GLN E 243 79.71 -20.32 68.91
C GLN E 243 79.04 -19.84 67.63
N ILE E 244 79.70 -20.01 66.48
CA ILE E 244 79.09 -19.67 65.21
C ILE E 244 77.84 -20.51 64.98
N LYS E 245 77.90 -21.80 65.32
CA LYS E 245 76.73 -22.66 65.16
C LYS E 245 75.56 -22.17 66.00
N ALA E 246 75.83 -21.83 67.26
CA ALA E 246 74.76 -21.36 68.14
C ALA E 246 74.16 -20.06 67.64
N VAL E 247 75.00 -19.12 67.18
CA VAL E 247 74.49 -17.84 66.73
C VAL E 247 73.69 -18.01 65.43
N SER E 248 74.16 -18.88 64.52
CA SER E 248 73.42 -19.12 63.30
C SER E 248 72.07 -19.79 63.59
N ALA E 249 72.04 -20.70 64.56
CA ALA E 249 70.77 -21.29 64.96
C ALA E 249 69.82 -20.24 65.51
N TRP E 250 70.33 -19.34 66.36
CA TRP E 250 69.49 -18.28 66.90
C TRP E 250 68.95 -17.39 65.80
N ASN E 251 69.79 -17.05 64.83
CA ASN E 251 69.32 -16.26 63.69
C ASN E 251 68.24 -17.00 62.92
N ALA E 252 68.42 -18.30 62.72
CA ALA E 252 67.41 -19.09 62.01
C ALA E 252 66.11 -19.20 62.79
N ALA E 253 66.16 -18.96 64.11
CA ALA E 253 64.92 -19.00 64.89
C ALA E 253 63.92 -17.97 64.40
N GLN E 254 64.37 -16.73 64.18
CA GLN E 254 63.51 -15.74 63.52
C GLN E 254 63.56 -15.96 62.02
N ASN E 255 62.39 -16.03 61.39
CA ASN E 255 62.31 -16.55 60.03
C ASN E 255 63.13 -15.72 59.05
N ASN E 256 62.74 -14.47 58.83
CA ASN E 256 63.32 -13.68 57.74
C ASN E 256 63.57 -12.25 58.21
N GLN E 257 64.19 -12.10 59.38
CA GLN E 257 64.38 -10.80 59.99
C GLN E 257 65.77 -10.20 59.74
N PHE E 258 66.82 -10.95 60.03
CA PHE E 258 68.17 -10.41 60.05
C PHE E 258 69.06 -11.21 59.11
N ILE E 259 70.29 -10.72 58.93
CA ILE E 259 71.34 -11.47 58.26
C ILE E 259 72.51 -11.57 59.23
N TYR E 260 73.36 -12.58 59.03
CA TYR E 260 74.49 -12.84 59.90
C TYR E 260 75.69 -13.20 59.06
N THR E 261 76.70 -12.33 59.04
CA THR E 261 77.85 -12.47 58.17
C THR E 261 79.02 -13.02 58.98
N VAL E 262 79.67 -14.04 58.44
CA VAL E 262 80.82 -14.69 59.08
C VAL E 262 81.99 -14.64 58.10
N ALA E 263 83.20 -14.53 58.64
CA ALA E 263 84.42 -14.53 57.85
C ALA E 263 85.24 -15.76 58.19
N THR E 264 85.66 -16.49 57.16
CA THR E 264 86.37 -17.75 57.33
C THR E 264 87.57 -17.80 56.41
N SER E 265 88.50 -18.71 56.72
CA SER E 265 89.57 -19.04 55.79
C SER E 265 89.10 -20.10 54.82
N LEU E 266 89.93 -20.36 53.80
CA LEU E 266 89.54 -21.34 52.79
C LEU E 266 89.44 -22.73 53.37
N ALA E 267 90.44 -23.12 54.19
CA ALA E 267 90.43 -24.47 54.76
C ALA E 267 89.30 -24.66 55.75
N ASN E 268 89.01 -23.62 56.55
CA ASN E 268 87.94 -23.72 57.53
C ASN E 268 86.56 -23.74 56.88
N LEU E 269 86.46 -23.35 55.61
CA LEU E 269 85.16 -23.30 54.95
C LEU E 269 84.53 -24.68 54.87
N GLY E 270 85.34 -25.70 54.54
CA GLY E 270 84.81 -27.05 54.48
C GLY E 270 84.34 -27.57 55.82
N THR E 271 85.03 -27.17 56.90
CA THR E 271 84.59 -27.55 58.24
C THR E 271 83.23 -26.97 58.55
N LEU E 272 83.01 -25.70 58.22
CA LEU E 272 81.66 -25.18 58.22
C LEU E 272 80.91 -25.69 56.99
N PHE E 273 79.69 -25.20 56.83
CA PHE E 273 78.70 -25.68 55.87
C PHE E 273 78.24 -27.09 56.21
N THR E 274 78.83 -27.73 57.22
CA THR E 274 78.29 -28.92 57.85
C THR E 274 77.51 -28.56 59.10
N LEU E 275 78.09 -27.69 59.94
CA LEU E 275 77.38 -27.19 61.11
C LEU E 275 76.27 -26.23 60.70
N VAL E 276 76.57 -25.26 59.84
CA VAL E 276 75.62 -24.19 59.53
C VAL E 276 74.81 -24.47 58.28
N ASN E 277 74.80 -25.69 57.78
CA ASN E 277 73.88 -26.05 56.71
C ASN E 277 72.45 -25.83 57.17
N GLY E 278 71.59 -25.44 56.25
CA GLY E 278 70.31 -24.92 56.67
C GLY E 278 70.53 -23.55 57.26
N ASN E 279 69.83 -23.24 58.35
CA ASN E 279 70.08 -22.02 59.12
C ASN E 279 69.95 -20.78 58.23
N ALA E 280 68.73 -20.53 57.75
CA ALA E 280 68.50 -19.47 56.80
C ALA E 280 68.93 -18.12 57.35
N GLY E 281 69.49 -17.29 56.47
CA GLY E 281 69.92 -15.96 56.83
C GLY E 281 71.37 -15.82 57.22
N THR E 282 72.20 -16.83 56.95
CA THR E 282 73.61 -16.82 57.30
C THR E 282 74.45 -16.72 56.03
N ALA E 283 75.46 -15.87 56.07
CA ALA E 283 76.35 -15.65 54.93
C ALA E 283 77.79 -15.94 55.33
N LEU E 284 78.52 -16.61 54.44
CA LEU E 284 79.91 -16.98 54.67
C LEU E 284 80.80 -16.26 53.66
N ASN E 285 81.84 -15.58 54.14
CA ASN E 285 82.75 -14.82 53.30
C ASN E 285 84.17 -15.30 53.55
N VAL E 286 84.90 -15.57 52.48
CA VAL E 286 86.22 -16.14 52.59
C VAL E 286 87.26 -15.02 52.72
N LEU E 287 88.14 -15.14 53.72
CA LEU E 287 89.24 -14.21 53.93
C LEU E 287 90.48 -14.67 53.21
N SER E 288 91.49 -13.81 53.24
CA SER E 288 92.82 -14.12 52.70
C SER E 288 93.82 -14.18 53.84
N ALA E 289 94.47 -15.33 53.99
CA ALA E 289 95.47 -15.48 55.03
C ALA E 289 96.75 -14.74 54.67
N THR E 290 97.50 -14.35 55.70
CA THR E 290 98.78 -13.66 55.53
C THR E 290 98.65 -12.42 54.66
N ALA E 291 97.62 -11.62 54.95
CA ALA E 291 97.41 -10.37 54.22
C ALA E 291 96.84 -9.34 55.19
N ALA E 292 96.57 -8.16 54.66
CA ALA E 292 95.93 -7.12 55.47
C ALA E 292 94.55 -7.58 55.90
N ASN E 293 94.03 -6.97 56.96
CA ASN E 293 92.71 -7.36 57.47
C ASN E 293 91.64 -7.17 56.41
N ASP E 294 91.57 -5.96 55.84
CA ASP E 294 90.68 -5.60 54.72
C ASP E 294 89.34 -6.31 54.81
N PHE E 295 88.79 -6.29 56.02
CA PHE E 295 87.58 -7.02 56.37
C PHE E 295 86.53 -7.03 55.27
N VAL E 296 86.03 -8.23 54.97
CA VAL E 296 85.22 -8.49 53.78
C VAL E 296 83.79 -8.87 54.13
N GLU E 297 83.55 -9.36 55.36
CA GLU E 297 82.19 -9.78 55.73
C GLU E 297 81.22 -8.62 55.71
N GLN E 298 81.69 -7.40 55.50
CA GLN E 298 80.84 -6.22 55.47
C GLN E 298 80.24 -5.93 54.11
N CYS E 299 80.65 -6.63 53.05
CA CYS E 299 80.13 -6.33 51.72
C CYS E 299 78.63 -6.53 51.62
N PRO E 300 78.05 -7.69 51.97
CA PRO E 300 76.58 -7.79 51.92
C PRO E 300 75.90 -6.82 52.85
N SER E 301 76.47 -6.57 54.03
CA SER E 301 75.88 -5.61 54.96
C SER E 301 75.87 -4.21 54.37
N GLU E 302 76.97 -3.79 53.75
CA GLU E 302 77.01 -2.48 53.13
C GLU E 302 75.99 -2.37 52.00
N ILE E 303 75.93 -3.39 51.14
CA ILE E 303 75.01 -3.33 50.01
C ILE E 303 73.57 -3.26 50.49
N LEU E 304 73.23 -4.01 51.55
CA LEU E 304 71.90 -3.93 52.13
C LEU E 304 71.63 -2.56 52.73
N ALA E 305 72.60 -2.02 53.46
CA ALA E 305 72.38 -0.74 54.15
C ALA E 305 72.16 0.40 53.16
N ALA E 306 72.89 0.39 52.05
CA ALA E 306 72.81 1.51 51.12
C ALA E 306 71.50 1.54 50.35
N THR E 307 70.78 0.42 50.26
CA THR E 307 69.57 0.37 49.46
C THR E 307 68.46 1.24 50.04
N ASN E 308 67.71 1.89 49.15
CA ASN E 308 66.62 2.77 49.52
C ASN E 308 65.36 2.28 48.80
N TYR E 309 64.38 1.78 49.57
CA TYR E 309 63.29 1.04 48.97
C TYR E 309 62.09 1.91 48.60
N GLU E 311 62.45 4.50 46.44
CA GLU E 311 62.77 4.91 45.07
C GLU E 311 62.62 3.72 44.11
N PRO E 312 62.43 3.99 42.82
CA PRO E 312 62.23 2.89 41.86
C PRO E 312 63.54 2.18 41.53
N GLY E 313 63.38 0.98 41.00
CA GLY E 313 64.51 0.20 40.52
C GLY E 313 65.54 -0.10 41.59
N ALA E 314 65.09 -0.37 42.81
CA ALA E 314 65.98 -0.58 43.95
C ALA E 314 66.20 -2.04 44.30
N SER E 315 65.70 -2.97 43.47
CA SER E 315 65.87 -4.39 43.78
C SER E 315 67.34 -4.78 43.78
N GLN E 316 68.08 -4.32 42.78
CA GLN E 316 69.52 -4.53 42.69
C GLN E 316 69.89 -6.01 42.60
N ASN E 317 71.19 -6.30 42.54
CA ASN E 317 71.70 -7.66 42.47
C ASN E 317 73.03 -7.72 43.20
N TYR E 318 73.17 -8.71 44.06
CA TYR E 318 74.35 -8.83 44.92
C TYR E 318 75.54 -9.48 44.22
N MET E 319 75.37 -9.95 42.98
CA MET E 319 76.46 -10.68 42.33
C MET E 319 77.47 -9.75 41.69
N TYR E 320 77.07 -9.00 40.67
CA TYR E 320 78.03 -8.23 39.88
C TYR E 320 78.22 -6.86 40.53
N TYR E 321 79.22 -6.77 41.42
CA TYR E 321 79.49 -5.52 42.09
C TYR E 321 80.96 -5.52 42.47
N GLN E 322 81.60 -4.36 42.43
CA GLN E 322 83.05 -4.27 42.52
C GLN E 322 83.48 -3.64 43.84
N PHE E 323 84.52 -4.19 44.45
CA PHE E 323 85.07 -3.73 45.73
C PHE E 323 86.58 -3.52 45.60
N PRO E 324 87.01 -2.34 45.16
CA PRO E 324 88.46 -2.12 44.97
C PRO E 324 89.25 -2.20 46.26
N GLY E 325 88.65 -1.91 47.41
CA GLY E 325 89.37 -2.00 48.66
C GLY E 325 89.76 -3.42 49.02
N ARG E 326 88.85 -4.37 48.83
CA ARG E 326 89.11 -5.76 49.19
C ARG E 326 90.08 -6.39 48.20
N ASN E 327 90.93 -7.28 48.71
CA ASN E 327 91.91 -7.95 47.88
C ASN E 327 91.35 -9.25 47.33
N ILE E 328 92.03 -9.78 46.31
CA ILE E 328 91.54 -10.92 45.56
C ILE E 328 91.58 -12.17 46.43
N THR E 329 90.66 -13.10 46.18
CA THR E 329 90.54 -14.31 46.98
C THR E 329 90.86 -15.58 46.20
N VAL E 330 90.22 -15.80 45.05
CA VAL E 330 90.43 -16.99 44.24
C VAL E 330 90.69 -16.56 42.80
N SER E 331 91.48 -17.35 42.08
CA SER E 331 91.85 -17.03 40.71
C SER E 331 91.87 -18.23 39.77
N ASP E 332 91.50 -19.42 40.25
CA ASP E 332 91.44 -20.60 39.41
C ASP E 332 89.99 -21.05 39.29
N ASP E 333 89.68 -21.71 38.16
CA ASP E 333 88.32 -22.20 37.96
C ASP E 333 88.04 -23.43 38.83
N THR E 334 89.04 -24.30 39.00
CA THR E 334 88.84 -25.47 39.85
C THR E 334 88.69 -25.08 41.32
N VAL E 335 89.46 -24.09 41.78
CA VAL E 335 89.33 -23.63 43.15
C VAL E 335 87.96 -23.01 43.38
N ALA E 336 87.49 -22.22 42.40
CA ALA E 336 86.15 -21.65 42.51
C ALA E 336 85.08 -22.73 42.52
N ASN E 337 85.28 -23.79 41.72
CA ASN E 337 84.33 -24.89 41.73
C ASN E 337 84.28 -25.57 43.10
N THR E 338 85.44 -25.79 43.72
CA THR E 338 85.44 -26.39 45.05
C THR E 338 84.80 -25.46 46.08
N VAL E 339 85.05 -24.15 45.97
CA VAL E 339 84.52 -23.22 46.95
C VAL E 339 83.01 -23.10 46.84
N ASP E 340 82.48 -23.11 45.61
CA ASP E 340 81.05 -22.90 45.43
C ASP E 340 80.21 -24.03 46.03
N LYS E 341 80.80 -25.22 46.21
CA LYS E 341 80.08 -26.30 46.84
C LYS E 341 79.70 -25.98 48.27
N SER E 342 80.51 -25.17 48.95
CA SER E 342 80.28 -24.79 50.34
C SER E 342 79.52 -23.48 50.47
N ARG E 343 79.03 -22.92 49.36
CA ARG E 343 78.27 -21.68 49.37
C ARG E 343 79.06 -20.54 50.01
N GLY E 344 80.30 -20.38 49.57
CA GLY E 344 81.16 -19.30 50.04
C GLY E 344 81.11 -18.13 49.08
N ASN E 345 81.15 -16.93 49.64
CA ASN E 345 81.13 -15.70 48.87
C ASN E 345 82.52 -15.08 48.88
N TYR E 346 82.94 -14.56 47.74
CA TYR E 346 84.33 -14.15 47.60
C TYR E 346 84.45 -13.09 46.50
N ILE E 347 85.66 -12.59 46.34
CA ILE E 347 86.03 -11.69 45.26
C ILE E 347 86.86 -12.49 44.27
N GLY E 348 86.37 -12.61 43.04
CA GLY E 348 87.05 -13.36 42.00
C GLY E 348 87.62 -12.41 40.96
N VAL E 349 88.73 -12.83 40.35
CA VAL E 349 89.39 -12.06 39.30
C VAL E 349 89.32 -12.86 38.01
N THR E 350 89.00 -12.17 36.91
CA THR E 350 88.91 -12.79 35.61
C THR E 350 89.43 -11.84 34.55
N GLN E 351 90.03 -12.40 33.50
CA GLN E 351 90.59 -11.60 32.42
C GLN E 351 89.53 -11.29 31.39
N ALA E 352 89.41 -10.02 31.02
CA ALA E 352 88.48 -9.59 29.97
C ALA E 352 89.25 -8.65 29.03
N ASN E 353 89.90 -9.23 28.03
CA ASN E 353 90.72 -8.49 27.08
C ASN E 353 91.78 -7.66 27.80
N GLY E 354 92.64 -8.35 28.53
CA GLY E 354 93.73 -7.67 29.22
C GLY E 354 93.45 -7.17 30.61
N GLN E 355 92.27 -6.59 30.82
CA GLN E 355 91.94 -6.04 32.13
C GLN E 355 91.49 -7.14 33.08
N GLN E 356 91.93 -7.04 34.34
CA GLN E 356 91.61 -8.02 35.37
C GLN E 356 90.42 -7.50 36.17
N ALA E 358 87.83 -7.67 38.98
CA ALA E 358 87.65 -8.30 40.27
C ALA E 358 86.30 -7.90 40.83
N PHE E 359 85.51 -8.89 41.22
CA PHE E 359 84.17 -8.58 41.71
C PHE E 359 83.66 -9.68 42.62
N TYR E 360 82.67 -9.31 43.44
CA TYR E 360 81.95 -10.27 44.27
C TYR E 360 81.30 -11.30 43.36
N GLN E 361 81.29 -12.56 43.78
CA GLN E 361 80.97 -13.62 42.83
C GLN E 361 79.64 -14.31 43.05
N ARG E 362 79.21 -14.50 44.28
CA ARG E 362 77.96 -15.22 44.50
C ARG E 362 77.12 -14.51 45.54
N GLY E 363 75.81 -14.49 45.30
CA GLY E 363 74.89 -13.87 46.23
C GLY E 363 74.00 -14.88 46.90
N ILE E 364 74.57 -16.02 47.30
CA ILE E 364 73.78 -17.13 47.80
C ILE E 364 73.93 -17.24 49.31
N LEU E 365 72.86 -17.66 49.98
CA LEU E 365 72.83 -17.88 51.42
C LEU E 365 72.63 -19.35 51.71
N CYS E 366 73.14 -19.80 52.85
CA CYS E 366 72.88 -21.16 53.28
C CYS E 366 71.50 -21.27 53.91
N GLY E 367 70.74 -22.28 53.49
CA GLY E 367 69.38 -22.45 53.96
C GLY E 367 68.75 -23.66 53.30
N GLY E 368 67.50 -23.91 53.70
CA GLY E 368 66.75 -25.03 53.17
C GLY E 368 66.03 -24.71 51.88
N PRO E 369 65.30 -25.68 51.35
CA PRO E 369 64.53 -25.41 50.11
C PRO E 369 63.45 -24.35 50.28
N THR E 370 62.84 -24.25 51.46
CA THR E 370 61.76 -23.30 51.68
C THR E 370 62.23 -21.88 51.84
N ASP E 371 63.50 -21.68 52.18
CA ASP E 371 64.00 -20.34 52.48
C ASP E 371 64.66 -19.70 51.25
N ALA E 372 64.91 -18.40 51.36
CA ALA E 372 65.42 -17.60 50.26
C ALA E 372 66.93 -17.76 50.17
N VAL E 373 67.38 -18.44 49.12
CA VAL E 373 68.82 -18.68 48.95
C VAL E 373 69.54 -17.41 48.52
N ASP E 374 68.97 -16.68 47.57
CA ASP E 374 69.58 -15.45 47.10
C ASP E 374 69.37 -14.32 48.12
N MET E 375 70.35 -13.42 48.21
CA MET E 375 70.25 -12.35 49.19
C MET E 375 69.30 -11.24 48.78
N ASN E 376 69.13 -10.98 47.48
CA ASN E 376 68.24 -9.90 47.07
C ASN E 376 66.79 -10.20 47.46
N VAL E 377 66.33 -11.42 47.21
CA VAL E 377 64.97 -11.78 47.60
C VAL E 377 64.84 -11.79 49.12
N TYR E 378 65.90 -12.19 49.83
CA TYR E 378 65.89 -12.11 51.28
C TYR E 378 65.66 -10.69 51.76
N ALA E 379 66.41 -9.73 51.21
CA ALA E 379 66.25 -8.34 51.60
C ALA E 379 64.86 -7.82 51.26
N ASN E 380 64.36 -8.18 50.08
CA ASN E 380 63.04 -7.71 49.68
C ASN E 380 61.95 -8.26 50.59
N GLU E 381 62.10 -9.52 51.03
CA GLU E 381 61.12 -10.06 51.96
C GLU E 381 61.20 -9.39 53.32
N ILE E 382 62.42 -9.06 53.77
CA ILE E 382 62.56 -8.27 55.00
C ILE E 382 61.77 -6.97 54.87
N TRP E 383 61.97 -6.26 53.76
CA TRP E 383 61.30 -4.98 53.57
C TRP E 383 59.79 -5.15 53.50
N LEU E 384 59.31 -6.18 52.80
CA LEU E 384 57.87 -6.40 52.72
C LEU E 384 57.27 -6.65 54.09
N LYS E 385 57.90 -7.52 54.89
CA LYS E 385 57.36 -7.80 56.21
C LYS E 385 57.32 -6.54 57.06
N SER E 386 58.40 -5.75 57.04
CA SER E 386 58.42 -4.54 57.83
C SER E 386 57.35 -3.55 57.38
N ALA E 387 57.19 -3.36 56.07
CA ALA E 387 56.23 -2.39 55.57
C ALA E 387 54.79 -2.80 55.88
N ILE E 388 54.47 -4.08 55.69
CA ILE E 388 53.12 -4.56 55.98
C ILE E 388 52.81 -4.41 57.46
N ALA E 389 53.76 -4.80 58.31
CA ALA E 389 53.55 -4.68 59.75
C ALA E 389 53.36 -3.22 60.15
N GLN E 390 54.14 -2.31 59.58
CA GLN E 390 53.98 -0.89 59.88
C GLN E 390 52.60 -0.40 59.49
N ALA E 391 52.14 -0.74 58.28
CA ALA E 391 50.84 -0.26 57.85
C ALA E 391 49.72 -0.80 58.73
N LEU E 392 49.78 -2.08 59.08
CA LEU E 392 48.72 -2.66 59.91
C LEU E 392 48.74 -2.07 61.32
N LEU E 393 49.91 -1.91 61.91
CA LEU E 393 49.99 -1.31 63.24
C LEU E 393 49.47 0.12 63.23
N ASP E 394 49.81 0.88 62.19
CA ASP E 394 49.34 2.25 62.09
C ASP E 394 47.82 2.31 61.96
N LEU E 395 47.25 1.41 61.16
CA LEU E 395 45.80 1.31 61.07
C LEU E 395 45.20 1.04 62.45
N PHE E 396 45.76 0.08 63.18
CA PHE E 396 45.23 -0.22 64.51
C PHE E 396 45.32 0.98 65.44
N LEU E 397 46.41 1.74 65.36
CA LEU E 397 46.62 2.83 66.29
C LEU E 397 45.75 4.05 65.98
N ASN E 398 45.41 4.30 64.71
CA ASN E 398 44.70 5.53 64.37
C ASN E 398 43.19 5.41 64.39
N VAL E 399 42.61 4.52 63.58
CA VAL E 399 41.16 4.47 63.45
C VAL E 399 40.55 3.99 64.75
N ASN E 400 39.30 4.38 64.99
CA ASN E 400 38.63 4.05 66.25
C ASN E 400 38.46 2.55 66.42
N ALA E 401 37.88 1.89 65.43
CA ALA E 401 37.62 0.46 65.52
C ALA E 401 37.53 -0.13 64.13
N VAL E 402 37.86 -1.41 64.03
CA VAL E 402 37.80 -2.12 62.75
C VAL E 402 36.73 -3.20 62.86
N PRO E 403 35.54 -3.00 62.30
CA PRO E 403 34.48 -4.00 62.44
C PRO E 403 34.83 -5.29 61.71
N ALA E 404 34.31 -6.39 62.25
CA ALA E 404 34.55 -7.72 61.67
C ALA E 404 33.41 -8.05 60.72
N SER E 405 33.39 -7.33 59.61
CA SER E 405 32.39 -7.53 58.57
C SER E 405 33.01 -7.12 57.24
N SER E 406 32.18 -7.06 56.20
CA SER E 406 32.68 -6.77 54.86
C SER E 406 33.44 -5.45 54.82
N THR E 407 32.97 -4.45 55.58
CA THR E 407 33.69 -3.19 55.66
C THR E 407 35.11 -3.40 56.18
N GLY E 408 35.29 -4.37 57.08
CA GLY E 408 36.62 -4.66 57.58
C GLY E 408 37.58 -5.11 56.51
N GLU E 409 37.18 -6.10 55.70
CA GLU E 409 38.06 -6.55 54.62
C GLU E 409 38.30 -5.44 53.62
N ALA E 410 37.26 -4.69 53.28
CA ALA E 410 37.45 -3.60 52.32
C ALA E 410 38.45 -2.58 52.85
N MET E 411 38.32 -2.18 54.10
CA MET E 411 39.21 -1.17 54.67
C MET E 411 40.64 -1.68 54.78
N THR E 412 40.81 -2.93 55.21
CA THR E 412 42.16 -3.48 55.30
C THR E 412 42.82 -3.56 53.93
N LEU E 413 42.08 -4.01 52.91
CA LEU E 413 42.65 -4.07 51.57
C LEU E 413 43.00 -2.69 51.06
N ALA E 414 42.13 -1.71 51.30
CA ALA E 414 42.40 -0.35 50.85
C ALA E 414 43.67 0.19 51.50
N VAL E 415 43.88 -0.11 52.78
CA VAL E 415 45.07 0.38 53.46
C VAL E 415 46.32 -0.33 52.95
N LEU E 416 46.23 -1.63 52.69
CA LEU E 416 47.41 -2.34 52.18
C LEU E 416 47.70 -2.03 50.72
N GLN E 417 46.77 -1.42 49.99
CA GLN E 417 46.98 -1.17 48.57
C GLN E 417 48.22 -0.35 48.24
N PRO E 418 48.50 0.80 48.89
CA PRO E 418 49.68 1.58 48.49
C PRO E 418 51.01 0.85 48.65
N VAL E 419 51.15 0.00 49.67
CA VAL E 419 52.39 -0.74 49.85
C VAL E 419 52.62 -1.69 48.67
N LEU E 420 51.57 -2.41 48.26
CA LEU E 420 51.70 -3.29 47.12
C LEU E 420 51.90 -2.52 45.83
N ASP E 421 51.35 -1.31 45.74
CA ASP E 421 51.62 -0.47 44.57
C ASP E 421 53.08 -0.09 44.50
N LYS E 422 53.67 0.29 45.64
CA LYS E 422 55.08 0.65 45.66
C LYS E 422 55.97 -0.57 45.41
N ALA E 423 55.53 -1.75 45.83
CA ALA E 423 56.32 -2.97 45.64
C ALA E 423 56.54 -3.27 44.16
N THR E 424 55.53 -3.01 43.32
CA THR E 424 55.70 -3.23 41.89
C THR E 424 56.75 -2.30 41.30
N ALA E 425 56.74 -1.04 41.72
CA ALA E 425 57.71 -0.07 41.20
C ALA E 425 59.11 -0.37 41.69
N ASN E 426 59.24 -0.87 42.91
CA ASN E 426 60.56 -1.15 43.46
C ASN E 426 61.30 -2.20 42.65
N GLY E 427 60.60 -3.25 42.24
CA GLY E 427 61.21 -4.37 41.57
C GLY E 427 61.13 -5.66 42.34
N THR E 428 60.52 -5.66 43.53
CA THR E 428 60.35 -6.91 44.27
C THR E 428 59.22 -7.76 43.71
N PHE E 429 58.31 -7.17 42.93
CA PHE E 429 57.28 -7.91 42.21
C PHE E 429 57.64 -7.87 40.73
N THR E 430 57.73 -9.04 40.12
CA THR E 430 58.06 -9.13 38.69
C THR E 430 56.85 -9.67 37.95
N TYR E 431 56.41 -8.93 36.93
CA TYR E 431 55.29 -9.33 36.09
C TYR E 431 55.80 -9.85 34.75
N LYS E 433 56.87 -12.79 34.24
CA LYS E 433 57.78 -13.90 34.44
C LYS E 433 57.08 -15.22 34.15
N GLU E 434 57.82 -16.15 33.56
CA GLU E 434 57.22 -17.45 33.25
C GLU E 434 56.95 -18.22 34.53
N SER E 436 56.07 -22.05 36.02
CA SER E 436 56.15 -23.46 35.67
C SER E 436 54.82 -24.17 35.93
N ALA E 437 54.65 -25.33 35.31
CA ALA E 437 53.44 -26.11 35.52
C ALA E 437 53.34 -26.58 36.96
N VAL E 438 54.47 -26.99 37.56
CA VAL E 438 54.46 -27.42 38.95
C VAL E 438 54.03 -26.27 39.85
N GLN E 439 54.58 -25.08 39.62
CA GLN E 439 54.19 -23.92 40.41
C GLN E 439 52.71 -23.58 40.18
N GLN E 440 52.23 -23.76 38.95
CA GLN E 440 50.81 -23.53 38.68
C GLN E 440 49.94 -24.45 39.52
N GLN E 441 50.28 -25.74 39.55
CA GLN E 441 49.50 -26.70 40.33
C GLN E 441 49.58 -26.39 41.81
N TYR E 442 50.77 -25.99 42.28
CA TYR E 442 50.92 -25.61 43.68
C TYR E 442 50.03 -24.45 44.04
N ILE E 443 49.97 -23.44 43.17
CA ILE E 443 49.13 -22.27 43.45
C ILE E 443 47.66 -22.65 43.43
N THR E 444 47.25 -23.47 42.46
CA THR E 444 45.84 -23.87 42.40
C THR E 444 45.46 -24.75 43.59
N GLN E 445 46.43 -25.46 44.17
CA GLN E 445 46.12 -26.29 45.33
C GLN E 445 46.09 -25.48 46.62
N VAL E 446 47.07 -24.59 46.80
CA VAL E 446 47.16 -23.81 48.03
C VAL E 446 45.97 -22.87 48.17
N THR E 447 45.62 -22.18 47.10
CA THR E 447 44.44 -21.31 47.08
C THR E 447 43.30 -22.07 46.42
N GLY E 448 42.16 -22.14 47.11
CA GLY E 448 41.00 -22.79 46.52
C GLY E 448 40.57 -22.14 45.22
N ASP E 449 40.84 -20.84 45.08
CA ASP E 449 40.47 -20.12 43.88
C ASP E 449 41.46 -20.39 42.76
N ARG E 450 40.97 -21.04 41.70
CA ARG E 450 41.70 -21.19 40.47
C ARG E 450 41.68 -19.86 39.70
N ARG E 451 42.57 -19.74 38.71
CA ARG E 451 42.89 -18.53 37.95
C ARG E 451 43.64 -17.52 38.80
N ALA E 452 44.12 -17.88 39.98
CA ALA E 452 45.02 -17.02 40.72
C ALA E 452 46.38 -16.95 40.04
N TRP E 453 46.83 -18.06 39.45
CA TRP E 453 48.14 -18.08 38.83
C TRP E 453 48.20 -17.18 37.59
N ARG E 454 47.11 -17.13 36.82
CA ARG E 454 47.06 -16.18 35.72
C ARG E 454 47.22 -14.75 36.23
N GLN E 455 46.58 -14.45 37.36
CA GLN E 455 46.70 -13.11 37.93
C GLN E 455 48.11 -12.82 38.42
N VAL E 456 48.76 -13.79 39.06
CA VAL E 456 50.10 -13.52 39.59
C VAL E 456 51.10 -13.40 38.45
N THR E 458 50.20 -12.10 35.34
CA THR E 458 49.90 -10.89 34.59
C THR E 458 50.20 -9.64 35.40
N LEU E 459 49.76 -9.60 36.66
CA LEU E 459 49.88 -8.41 37.49
C LEU E 459 50.99 -8.50 38.52
N GLY E 460 51.28 -9.68 39.06
CA GLY E 460 52.41 -9.86 39.95
C GLY E 460 52.07 -10.27 41.37
N TYR E 461 50.81 -10.23 41.76
CA TYR E 461 50.48 -10.57 43.13
C TYR E 461 49.02 -11.02 43.23
N TRP E 462 48.70 -11.65 44.36
CA TRP E 462 47.35 -12.09 44.69
C TRP E 462 47.22 -12.02 46.20
N ILE E 463 46.14 -11.39 46.68
CA ILE E 463 45.94 -11.11 48.09
C ILE E 463 44.57 -11.59 48.52
N ASN E 464 44.47 -12.09 49.75
CA ASN E 464 43.20 -12.54 50.30
C ASN E 464 43.07 -12.11 51.76
N ILE E 465 41.83 -12.02 52.24
CA ILE E 465 41.53 -11.68 53.63
C ILE E 465 40.47 -12.63 54.14
N THR E 466 40.56 -13.01 55.42
CA THR E 466 39.70 -14.05 55.98
C THR E 466 38.73 -13.53 57.04
N PHE E 467 39.23 -12.92 58.12
CA PHE E 467 38.40 -12.43 59.23
C PHE E 467 37.57 -13.55 59.87
N SER E 468 38.28 -14.46 60.53
CA SER E 468 37.66 -15.51 61.32
C SER E 468 37.65 -15.13 62.80
N SER E 469 36.98 -15.95 63.61
CA SER E 469 36.94 -15.77 65.05
C SER E 469 37.51 -16.99 65.76
N TYR E 470 37.87 -16.79 67.03
CA TYR E 470 38.51 -17.82 67.82
C TYR E 470 38.50 -17.39 69.28
N THR E 471 38.91 -18.29 70.16
CA THR E 471 39.08 -18.01 71.57
C THR E 471 40.55 -18.17 71.95
N ASN E 472 41.11 -17.16 72.61
CA ASN E 472 42.49 -17.23 73.02
C ASN E 472 42.63 -18.07 74.28
N SER E 473 43.84 -18.60 74.49
CA SER E 473 44.06 -19.49 75.62
C SER E 473 44.17 -18.73 76.93
N ASN E 474 44.68 -17.49 76.88
CA ASN E 474 44.96 -16.75 78.11
C ASN E 474 43.68 -16.46 78.89
N THR E 475 42.62 -16.07 78.20
CA THR E 475 41.33 -15.84 78.81
C THR E 475 40.27 -16.63 78.07
N GLY E 476 39.22 -17.03 78.77
CA GLY E 476 38.18 -17.80 78.12
C GLY E 476 37.43 -17.03 77.05
N LEU E 477 37.59 -15.71 77.01
CA LEU E 477 36.81 -14.87 76.11
C LEU E 477 37.15 -15.16 74.66
N THR E 478 36.18 -14.94 73.78
CA THR E 478 36.39 -15.06 72.34
C THR E 478 36.94 -13.76 71.80
N GLU E 479 38.11 -13.81 71.19
CA GLU E 479 38.72 -12.61 70.63
C GLU E 479 38.87 -12.77 69.13
N TRP E 480 37.96 -9.90 66.88
CA TRP E 480 38.26 -11.19 66.27
C TRP E 480 39.72 -11.26 65.85
N LYS E 481 39.97 -11.94 64.73
CA LYS E 481 41.30 -11.97 64.13
C LYS E 481 41.15 -11.95 62.62
N ALA E 482 42.22 -11.53 61.95
CA ALA E 482 42.26 -11.48 60.50
C ALA E 482 43.40 -12.34 59.99
N ASN E 483 43.10 -13.13 58.96
CA ASN E 483 44.09 -13.96 58.30
C ASN E 483 44.19 -13.54 56.85
N TYR E 484 45.40 -13.29 56.38
CA TYR E 484 45.61 -12.86 55.01
C TYR E 484 46.66 -13.75 54.36
N THR E 485 46.53 -13.98 53.07
CA THR E 485 47.51 -14.74 52.30
C THR E 485 47.90 -13.92 51.09
N LEU E 486 49.21 -13.81 50.87
CA LEU E 486 49.79 -13.04 49.78
C LEU E 486 50.70 -13.94 48.96
N ILE E 487 50.53 -13.92 47.64
CA ILE E 487 51.41 -14.65 46.73
C ILE E 487 51.94 -13.67 45.70
N TYR E 488 53.24 -13.71 45.44
CA TYR E 488 53.83 -12.83 44.46
C TYR E 488 55.03 -13.50 43.83
N SER E 489 55.36 -13.05 42.62
CA SER E 489 56.50 -13.58 41.89
C SER E 489 57.78 -12.88 42.36
N LYS E 490 58.74 -13.68 42.83
CA LYS E 490 59.97 -13.14 43.36
C LYS E 490 60.80 -12.50 42.25
N GLY E 491 61.72 -11.63 42.64
CA GLY E 491 62.57 -10.95 41.70
C GLY E 491 63.94 -11.60 41.55
N ASP E 492 64.13 -12.33 40.45
CA ASP E 492 65.37 -13.05 40.18
C ASP E 492 66.07 -12.41 39.00
N ALA E 493 67.39 -12.33 39.09
CA ALA E 493 68.22 -11.69 38.07
C ALA E 493 68.97 -12.74 37.27
N ILE E 494 69.18 -12.44 35.98
CA ILE E 494 69.94 -13.33 35.13
C ILE E 494 71.40 -13.34 35.57
N ARG E 495 72.03 -14.51 35.51
CA ARG E 495 73.42 -14.66 35.93
C ARG E 495 74.30 -15.34 34.89
N PHE E 496 73.74 -15.90 33.82
CA PHE E 496 74.51 -16.62 32.84
C PHE E 496 73.95 -16.33 31.45
N VAL E 497 74.84 -16.20 30.47
CA VAL E 497 74.47 -15.90 29.10
C VAL E 497 75.10 -16.93 28.18
N GLU E 498 74.30 -17.53 27.30
CA GLU E 498 74.76 -18.51 26.33
C GLU E 498 74.11 -18.22 24.99
N GLY E 499 74.85 -18.45 23.91
CA GLY E 499 74.31 -18.22 22.59
C GLY E 499 75.17 -18.87 21.52
N SER E 500 74.65 -18.84 20.29
CA SER E 500 75.35 -19.34 19.12
C SER E 500 75.18 -18.37 17.98
N ASP E 501 76.28 -18.08 17.28
CA ASP E 501 76.30 -17.17 16.15
C ASP E 501 76.48 -17.99 14.88
N VAL E 502 75.40 -18.22 14.16
CA VAL E 502 75.43 -18.99 12.93
C VAL E 502 75.67 -18.04 11.77
N MET E 503 76.70 -18.30 10.99
CA MET E 503 77.04 -17.46 9.85
C MET E 503 76.61 -18.13 8.55
N ILE E 504 76.00 -17.33 7.67
CA ILE E 504 75.55 -17.78 6.35
C ILE E 504 74.48 -18.85 6.51
N MET F 1 60.67 -5.04 76.12
CA MET F 1 59.28 -4.81 75.79
C MET F 1 58.61 -6.12 75.36
N ILE F 2 57.27 -6.13 75.39
CA ILE F 2 56.53 -7.22 74.79
C ILE F 2 56.82 -7.28 73.30
N SER F 3 57.06 -8.48 72.80
CA SER F 3 57.37 -8.65 71.39
C SER F 3 56.16 -8.29 70.52
N GLN F 4 56.44 -7.81 69.32
CA GLN F 4 55.36 -7.40 68.41
C GLN F 4 54.52 -8.57 67.94
N SER F 5 55.00 -9.80 68.07
CA SER F 5 54.26 -10.95 67.55
C SER F 5 52.97 -11.19 68.31
N ARG F 6 52.79 -10.54 69.46
CA ARG F 6 51.53 -10.68 70.20
C ARG F 6 50.37 -10.07 69.42
N TYR F 7 50.65 -9.14 68.51
CA TYR F 7 49.62 -8.39 67.80
C TYR F 7 49.64 -8.63 66.30
N ILE F 8 50.81 -8.65 65.67
CA ILE F 8 50.93 -8.89 64.24
C ILE F 8 51.99 -9.96 64.02
N ARG F 9 51.62 -11.01 63.30
CA ARG F 9 52.54 -12.11 63.00
C ARG F 9 52.52 -12.40 61.51
N ILE F 10 53.70 -12.36 60.88
CA ILE F 10 53.84 -12.60 59.45
C ILE F 10 54.91 -13.66 59.26
N ILE F 11 54.60 -14.67 58.45
CA ILE F 11 55.53 -15.75 58.15
C ILE F 11 55.88 -15.70 56.67
N SER F 12 57.18 -15.69 56.38
CA SER F 12 57.69 -15.59 55.02
C SER F 12 58.31 -16.92 54.60
N GLY F 13 58.12 -17.27 53.34
CA GLY F 13 58.69 -18.51 52.83
C GLY F 13 58.68 -18.50 51.31
N VAL F 14 59.24 -19.55 50.75
CA VAL F 14 59.32 -19.72 49.30
C VAL F 14 58.53 -20.98 48.92
N GLY F 15 57.57 -20.82 48.02
CA GLY F 15 56.78 -21.94 47.59
C GLY F 15 57.35 -22.65 46.38
N ALA F 16 57.14 -23.96 46.33
CA ALA F 16 57.63 -24.81 45.25
C ALA F 16 59.13 -24.61 45.04
N GLY F 17 59.88 -24.60 46.14
CA GLY F 17 61.29 -24.27 46.12
C GLY F 17 62.19 -25.46 45.82
N ALA F 18 61.67 -26.69 45.88
CA ALA F 18 62.49 -27.86 45.73
C ALA F 18 63.12 -27.95 44.35
N PRO F 19 64.44 -27.79 44.28
CA PRO F 19 65.11 -27.85 42.98
C PRO F 19 65.54 -29.26 42.61
N VAL F 20 65.18 -29.70 41.40
CA VAL F 20 65.59 -30.98 40.88
C VAL F 20 66.44 -30.73 39.64
N ALA F 21 67.64 -31.30 39.61
CA ALA F 21 68.60 -31.00 38.57
C ALA F 21 68.13 -31.56 37.23
N GLY F 22 68.82 -31.15 36.17
CA GLY F 22 68.54 -31.66 34.84
C GLY F 22 69.66 -32.54 34.35
N ARG F 23 69.31 -33.69 33.77
CA ARG F 23 70.31 -34.65 33.35
C ARG F 23 71.12 -34.12 32.16
N LYS F 24 72.42 -34.28 32.21
CA LYS F 24 73.31 -33.91 31.12
C LYS F 24 73.74 -35.18 30.39
N LEU F 25 74.17 -35.00 29.13
CA LEU F 25 74.57 -36.11 28.28
C LEU F 25 76.07 -36.08 27.95
N LEU F 27 80.24 -36.76 28.09
CA LEU F 27 81.06 -37.97 28.03
C LEU F 27 81.80 -38.19 29.34
N ARG F 28 82.05 -39.46 29.66
CA ARG F 28 82.88 -39.81 30.81
C ARG F 28 83.95 -40.80 30.38
N VAL F 29 85.18 -40.56 30.84
CA VAL F 29 86.33 -41.39 30.49
C VAL F 29 86.83 -42.07 31.75
N MET F 30 87.10 -43.37 31.66
CA MET F 30 87.59 -44.16 32.78
C MET F 30 89.06 -44.49 32.51
N THR F 31 89.95 -43.66 33.03
CA THR F 31 91.38 -43.84 32.83
C THR F 31 91.98 -44.67 33.96
N THR F 32 93.29 -44.91 33.88
CA THR F 32 94.00 -45.71 34.88
C THR F 32 95.12 -44.96 35.58
N ASN F 33 95.42 -43.74 35.17
CA ASN F 33 96.56 -43.02 35.73
C ASN F 33 96.31 -42.72 37.21
N ASN F 34 97.39 -42.65 37.99
CA ASN F 34 97.27 -42.63 39.44
C ASN F 34 96.98 -41.26 40.00
N VAL F 35 96.84 -40.25 39.15
CA VAL F 35 96.54 -38.89 39.60
C VAL F 35 95.17 -38.85 40.26
N ILE F 36 94.21 -39.55 39.69
CA ILE F 36 92.81 -39.50 40.10
C ILE F 36 92.61 -40.50 41.22
N PRO F 37 92.10 -40.09 42.39
CA PRO F 37 91.76 -41.05 43.44
C PRO F 37 90.62 -41.95 43.00
N PRO F 38 90.56 -43.18 43.51
CA PRO F 38 89.51 -44.12 43.06
C PRO F 38 88.09 -43.64 43.32
N GLY F 39 87.84 -42.92 44.40
CA GLY F 39 86.47 -42.69 44.83
C GLY F 39 85.81 -41.39 44.41
N ILE F 40 86.38 -40.68 43.44
CA ILE F 40 85.81 -39.40 43.01
C ILE F 40 85.64 -39.42 41.49
N VAL F 41 84.79 -38.50 41.02
CA VAL F 41 84.66 -38.18 39.61
C VAL F 41 84.94 -36.70 39.45
N ILE F 42 85.78 -36.34 38.49
CA ILE F 42 86.22 -34.96 38.32
C ILE F 42 85.65 -34.42 37.02
N ASP F 45 85.21 -28.13 32.46
CA ASP F 45 84.35 -27.39 31.55
C ASP F 45 85.08 -26.97 30.28
N ALA F 47 88.93 -27.09 27.79
CA ALA F 47 90.12 -27.86 27.44
C ALA F 47 91.34 -27.36 28.21
N ASN F 48 91.43 -26.05 28.43
CA ASN F 48 92.58 -25.51 29.16
C ASN F 48 92.60 -26.00 30.61
N ALA F 49 91.43 -26.23 31.20
CA ALA F 49 91.40 -26.80 32.54
C ALA F 49 92.00 -28.20 32.56
N VAL F 50 91.66 -29.01 31.56
CA VAL F 50 92.25 -30.35 31.45
C VAL F 50 93.75 -30.24 31.25
N LEU F 51 94.18 -29.30 30.41
CA LEU F 51 95.62 -29.12 30.19
C LEU F 51 96.33 -28.75 31.47
N SER F 52 95.74 -27.87 32.27
CA SER F 52 96.37 -27.45 33.52
C SER F 52 96.42 -28.60 34.52
N TYR F 53 95.32 -29.34 34.65
CA TYR F 53 95.25 -30.35 35.70
C TYR F 53 96.07 -31.60 35.36
N PHE F 54 96.09 -32.01 34.09
CA PHE F 54 96.71 -33.27 33.72
C PHE F 54 98.08 -33.11 33.07
N GLY F 55 98.39 -31.97 32.49
CA GLY F 55 99.63 -31.79 31.77
C GLY F 55 99.47 -32.02 30.28
N ALA F 56 100.44 -31.50 29.53
CA ALA F 56 100.34 -31.54 28.07
C ALA F 56 100.58 -32.94 27.52
N GLN F 57 101.37 -33.75 28.22
CA GLN F 57 101.74 -35.07 27.70
C GLN F 57 100.62 -36.10 27.81
N SER F 58 99.72 -35.94 28.78
CA SER F 58 98.77 -36.99 29.10
C SER F 58 97.79 -37.23 27.96
N GLU F 59 97.30 -38.46 27.87
CA GLU F 59 96.26 -38.81 26.91
C GLU F 59 94.95 -38.10 27.21
N GLU F 60 94.71 -37.72 28.46
CA GLU F 60 93.49 -37.01 28.81
C GLU F 60 93.39 -35.68 28.06
N TYR F 61 94.48 -34.91 28.03
CA TYR F 61 94.49 -33.68 27.26
C TYR F 61 94.32 -33.96 25.78
N GLN F 62 94.96 -35.03 25.30
CA GLN F 62 94.84 -35.40 23.89
C GLN F 62 93.38 -35.65 23.52
N ARG F 63 92.65 -36.35 24.38
CA ARG F 63 91.24 -36.63 24.12
C ARG F 63 90.40 -35.37 24.24
N ALA F 64 90.65 -34.56 25.26
CA ALA F 64 89.82 -33.37 25.49
C ALA F 64 89.98 -32.36 24.37
N ALA F 65 91.19 -32.26 23.80
CA ALA F 65 91.41 -31.28 22.73
C ALA F 65 90.53 -31.59 21.53
N ALA F 66 90.47 -32.87 21.13
CA ALA F 66 89.64 -33.24 19.99
C ALA F 66 88.17 -33.27 20.37
N TYR F 67 87.87 -33.54 21.65
CA TYR F 67 86.48 -33.59 22.08
C TYR F 67 85.84 -32.21 22.09
N PHE F 68 86.61 -31.18 22.44
CA PHE F 68 86.04 -29.86 22.65
C PHE F 68 85.92 -29.03 21.38
N LYS F 69 86.42 -29.52 20.26
CA LYS F 69 86.19 -28.87 18.96
C LYS F 69 85.08 -29.63 18.25
N PHE F 70 83.93 -28.98 18.08
CA PHE F 70 82.77 -29.61 17.48
C PHE F 70 81.71 -28.56 17.24
N ILE F 71 81.01 -28.70 16.12
CA ILE F 71 79.98 -27.74 15.74
C ILE F 71 78.58 -28.34 15.70
N SER F 72 78.42 -29.62 15.40
CA SER F 72 77.17 -30.38 15.44
C SER F 72 76.15 -29.89 14.41
N LYS F 73 76.54 -29.12 13.41
CA LYS F 73 75.71 -28.62 12.31
C LYS F 73 74.65 -27.63 12.81
N SER F 74 74.53 -27.40 14.11
CA SER F 74 73.67 -26.35 14.64
C SER F 74 74.44 -25.47 15.61
N VAL F 75 75.72 -25.29 15.32
CA VAL F 75 76.68 -24.47 16.08
C VAL F 75 76.50 -24.61 17.58
N SER F 77 78.28 -26.95 21.08
CA SER F 77 79.49 -27.63 21.54
C SER F 77 79.21 -28.37 22.84
N PRO F 78 80.01 -29.39 23.15
CA PRO F 78 79.71 -30.22 24.33
C PRO F 78 79.76 -29.47 25.66
N SER F 79 80.83 -28.72 25.92
CA SER F 79 80.95 -27.81 27.05
C SER F 79 81.16 -28.50 28.40
N SER F 80 81.43 -29.81 28.42
CA SER F 80 81.80 -30.46 29.67
C SER F 80 82.40 -31.83 29.37
N ILE F 81 83.15 -32.34 30.34
CA ILE F 81 83.72 -33.69 30.27
C ILE F 81 83.98 -34.16 31.69
N SER F 82 84.07 -35.48 31.85
CA SER F 82 84.26 -36.10 33.17
C SER F 82 85.34 -37.16 33.10
N PHE F 83 86.03 -37.37 34.22
CA PHE F 83 87.02 -38.42 34.37
C PHE F 83 86.76 -39.17 35.67
N ALA F 84 86.94 -40.49 35.62
CA ALA F 84 86.84 -41.36 36.78
C ALA F 84 88.05 -42.29 36.79
N ARG F 85 88.19 -43.05 37.86
CA ARG F 85 89.39 -43.86 38.10
C ARG F 85 89.04 -45.34 38.07
N TRP F 86 89.83 -46.11 37.33
CA TRP F 86 89.73 -47.56 37.28
C TRP F 86 90.96 -48.15 37.97
N VAL F 87 90.72 -48.99 38.97
CA VAL F 87 91.82 -49.55 39.78
C VAL F 87 92.32 -50.77 39.02
N ASN F 88 93.32 -50.54 38.18
CA ASN F 88 93.84 -51.61 37.32
C ASN F 88 94.53 -52.70 38.12
N THR F 89 95.36 -52.32 39.08
CA THR F 89 96.13 -53.26 39.89
C THR F 89 95.97 -52.94 41.37
N ALA F 90 96.58 -53.77 42.20
CA ALA F 90 96.46 -53.59 43.65
C ALA F 90 97.08 -52.27 44.09
N ILE F 91 96.45 -51.65 45.07
CA ILE F 91 96.81 -50.29 45.48
C ILE F 91 96.99 -50.24 47.00
N ALA F 92 97.91 -49.39 47.44
CA ALA F 92 98.13 -49.13 48.84
C ALA F 92 97.26 -47.99 49.33
N PRO F 93 97.01 -47.89 50.64
CA PRO F 93 96.22 -46.76 51.15
C PRO F 93 96.88 -45.41 50.85
N MET F 94 96.06 -44.42 50.57
CA MET F 94 96.55 -43.09 50.21
C MET F 94 95.72 -42.03 50.93
N VAL F 95 96.31 -40.83 51.05
CA VAL F 95 95.62 -39.66 51.60
C VAL F 95 95.86 -38.49 50.66
N VAL F 96 94.81 -38.08 49.94
CA VAL F 96 94.93 -36.98 48.99
C VAL F 96 93.64 -36.16 48.94
N ASP F 98 94.13 -32.29 48.42
CA ASP F 98 94.80 -31.00 48.58
C ASP F 98 94.54 -30.14 47.34
N ASN F 99 93.38 -29.49 47.30
CA ASN F 99 93.02 -28.68 46.15
C ASN F 99 93.34 -27.20 46.31
N LEU F 100 93.52 -26.73 47.54
CA LEU F 100 93.76 -25.31 47.77
C LEU F 100 95.16 -24.92 47.28
N PRO F 101 95.33 -23.74 46.71
CA PRO F 101 96.67 -23.29 46.33
C PRO F 101 97.55 -23.11 47.56
N LYS F 102 98.66 -23.83 47.59
CA LYS F 102 99.59 -23.78 48.71
C LYS F 102 101.01 -23.81 48.18
N THR F 103 101.97 -24.09 49.07
CA THR F 103 103.37 -24.22 48.69
C THR F 103 103.91 -22.94 48.06
N ILE F 104 103.75 -21.85 48.79
CA ILE F 104 104.32 -20.56 48.43
C ILE F 104 105.69 -20.45 49.09
N ALA F 105 106.23 -21.58 49.51
CA ALA F 105 107.51 -21.67 50.24
C ALA F 105 107.44 -20.92 51.56
N ASP F 106 106.32 -21.06 52.27
CA ASP F 106 106.10 -20.38 53.54
C ASP F 106 105.67 -21.40 54.60
N PHE F 107 106.43 -22.49 54.68
CA PHE F 107 106.39 -23.41 55.80
C PHE F 107 107.30 -22.95 56.93
N ALA F 108 107.91 -21.77 56.79
CA ALA F 108 108.75 -21.23 57.85
C ALA F 108 107.92 -20.98 59.10
N GLY F 109 108.56 -21.16 60.25
CA GLY F 109 107.87 -21.09 61.52
C GLY F 109 107.44 -22.46 61.99
N PHE F 110 107.48 -23.44 61.09
CA PHE F 110 107.33 -24.84 61.46
C PHE F 110 108.67 -25.50 61.73
N SER F 111 109.71 -24.71 61.98
CA SER F 111 110.96 -25.26 62.47
C SER F 111 110.89 -25.60 63.95
N ALA F 112 109.80 -25.27 64.61
CA ALA F 112 109.65 -25.50 66.04
C ALA F 112 108.90 -26.81 66.25
N GLY F 113 109.64 -27.93 66.19
CA GLY F 113 109.14 -29.22 66.62
C GLY F 113 107.73 -29.57 66.20
N VAL F 114 107.53 -29.81 64.91
CA VAL F 114 106.18 -30.08 64.41
C VAL F 114 105.72 -31.46 64.87
N LEU F 115 104.45 -31.55 65.24
CA LEU F 115 103.79 -32.80 65.59
C LEU F 115 102.65 -33.03 64.60
N THR F 116 102.57 -34.24 64.06
CA THR F 116 101.42 -34.67 63.29
C THR F 116 101.03 -36.08 63.74
N ILE F 117 99.75 -36.38 63.70
CA ILE F 117 99.20 -37.64 64.20
C ILE F 117 98.55 -38.37 63.04
N MET F 118 98.89 -39.65 62.87
CA MET F 118 98.25 -40.47 61.86
C MET F 118 97.90 -41.83 62.44
N VAL F 119 96.82 -42.43 61.94
CA VAL F 119 96.28 -43.65 62.50
C VAL F 119 96.10 -44.68 61.38
N GLY F 120 96.59 -45.89 61.62
CA GLY F 120 96.14 -47.03 60.86
C GLY F 120 94.90 -47.60 61.51
N ALA F 121 95.06 -48.01 62.76
CA ALA F 121 93.94 -48.24 63.67
C ALA F 121 94.18 -47.63 65.05
N ALA F 122 95.43 -47.34 65.40
CA ALA F 122 95.78 -46.66 66.63
C ALA F 122 96.72 -45.50 66.31
N GLU F 123 96.86 -44.59 67.27
CA GLU F 123 97.60 -43.36 67.04
C GLU F 123 99.07 -43.62 66.78
N GLN F 124 99.67 -42.78 65.94
CA GLN F 124 101.11 -42.72 65.71
C GLN F 124 101.46 -41.23 65.66
N ASN F 125 102.23 -40.78 66.64
CA ASN F 125 102.71 -39.41 66.66
C ASN F 125 104.11 -39.34 66.05
N ILE F 126 104.36 -38.27 65.31
CA ILE F 126 105.61 -38.11 64.58
C ILE F 126 106.46 -37.08 65.29
N THR F 127 107.77 -37.33 65.29
CA THR F 127 108.71 -36.53 66.06
C THR F 127 108.82 -35.12 65.46
N ALA F 128 109.71 -34.33 66.04
CA ALA F 128 109.90 -32.95 65.61
C ALA F 128 110.34 -32.89 64.15
N ILE F 129 109.65 -32.08 63.36
CA ILE F 129 109.95 -31.89 61.95
C ILE F 129 110.25 -30.40 61.75
N ASP F 130 111.47 -30.09 61.31
CA ASP F 130 111.90 -28.71 61.13
C ASP F 130 112.07 -28.46 59.63
N THR F 131 111.34 -27.46 59.11
CA THR F 131 111.42 -27.08 57.71
C THR F 131 111.71 -25.60 57.54
N SER F 132 112.55 -25.01 58.40
CA SER F 132 112.93 -23.61 58.23
C SER F 132 113.74 -23.41 56.96
N ALA F 133 114.67 -24.33 56.67
CA ALA F 133 115.50 -24.20 55.47
C ALA F 133 114.65 -24.22 54.22
N ALA F 134 114.00 -25.35 53.94
CA ALA F 134 112.97 -25.46 52.92
C ALA F 134 113.40 -24.84 51.59
N THR F 135 114.44 -25.44 50.99
CA THR F 135 114.89 -24.97 49.68
C THR F 135 113.76 -25.02 48.66
N SER F 136 112.97 -26.09 48.68
CA SER F 136 111.80 -26.23 47.82
C SER F 136 110.83 -27.17 48.50
N MET F 137 109.61 -27.23 47.95
CA MET F 137 108.60 -28.13 48.48
C MET F 137 108.98 -29.59 48.27
N ASP F 138 109.81 -29.86 47.27
CA ASP F 138 110.37 -31.20 47.14
C ASP F 138 111.19 -31.56 48.37
N ASN F 139 111.99 -30.61 48.86
CA ASN F 139 112.71 -30.82 50.10
C ASN F 139 111.76 -31.02 51.27
N VAL F 140 110.65 -30.28 51.30
CA VAL F 140 109.69 -30.43 52.39
C VAL F 140 109.10 -31.84 52.39
N ALA F 141 108.71 -32.34 51.22
CA ALA F 141 108.19 -33.70 51.13
C ALA F 141 109.24 -34.73 51.53
N SER F 142 110.48 -34.53 51.10
CA SER F 142 111.53 -35.46 51.49
C SER F 142 111.73 -35.47 53.01
N ILE F 143 111.73 -34.29 53.63
CA ILE F 143 111.96 -34.20 55.07
C ILE F 143 110.79 -34.83 55.84
N ILE F 144 109.56 -34.62 55.36
CA ILE F 144 108.42 -35.28 56.00
C ILE F 144 108.56 -36.79 55.88
N GLN F 145 108.97 -37.27 54.71
CA GLN F 145 109.14 -38.71 54.50
C GLN F 145 110.20 -39.28 55.42
N THR F 146 111.30 -38.55 55.62
CA THR F 146 112.35 -39.04 56.50
C THR F 146 111.86 -39.22 57.93
N GLU F 147 111.09 -38.25 58.42
CA GLU F 147 110.58 -38.36 59.79
C GLU F 147 109.51 -39.44 59.92
N ILE F 148 108.70 -39.63 58.88
CA ILE F 148 107.67 -40.67 58.94
C ILE F 148 108.31 -42.06 58.91
N ARG F 149 109.34 -42.24 58.09
CA ARG F 149 109.95 -43.56 57.94
C ARG F 149 110.62 -44.05 59.21
N LYS F 150 110.82 -43.18 60.20
CA LYS F 150 111.44 -43.61 61.44
C LYS F 150 110.49 -44.45 62.30
N ASN F 151 109.19 -44.40 62.02
CA ASN F 151 108.23 -45.15 62.82
C ASN F 151 108.31 -46.65 62.49
N ALA F 152 107.93 -47.46 63.47
CA ALA F 152 108.08 -48.91 63.39
C ALA F 152 106.82 -49.62 62.88
N ASP F 153 105.76 -48.90 62.56
CA ASP F 153 104.58 -49.54 62.01
C ASP F 153 104.86 -50.00 60.59
N PRO F 154 104.43 -51.20 60.21
CA PRO F 154 104.75 -51.71 58.86
C PRO F 154 104.30 -50.80 57.72
N GLN F 155 103.13 -50.17 57.84
CA GLN F 155 102.72 -49.24 56.79
C GLN F 155 103.67 -48.04 56.71
N LEU F 156 104.08 -47.52 57.85
CA LEU F 156 104.91 -46.32 57.90
C LEU F 156 106.40 -46.62 57.82
N ALA F 157 106.80 -47.88 57.76
CA ALA F 157 108.21 -48.20 57.68
C ALA F 157 108.80 -47.76 56.36
N GLN F 158 108.07 -47.95 55.26
CA GLN F 158 108.54 -47.57 53.93
C GLN F 158 107.54 -46.65 53.22
N ALA F 159 106.82 -45.84 53.98
CA ALA F 159 105.83 -44.95 53.41
C ALA F 159 106.52 -43.87 52.57
N THR F 160 105.80 -43.36 51.58
CA THR F 160 106.31 -42.35 50.67
C THR F 160 105.44 -41.10 50.73
N VAL F 161 106.08 -39.95 50.63
CA VAL F 161 105.40 -38.66 50.54
C VAL F 161 105.82 -38.01 49.24
N THR F 162 104.85 -37.56 48.45
CA THR F 162 105.14 -36.96 47.16
C THR F 162 104.42 -35.63 47.07
N TRP F 163 104.90 -34.77 46.18
CA TRP F 163 104.32 -33.46 45.94
C TRP F 163 104.15 -33.24 44.45
N ASN F 164 103.01 -32.65 44.08
CA ASN F 164 102.63 -32.45 42.69
C ASN F 164 102.59 -30.97 42.39
N GLN F 165 103.12 -30.57 41.23
CA GLN F 165 103.21 -29.15 40.89
C GLN F 165 102.02 -28.69 40.06
N ASN F 166 101.54 -29.51 39.13
CA ASN F 166 100.45 -29.09 38.25
C ASN F 166 99.22 -28.73 39.06
N THR F 167 98.76 -29.65 39.90
CA THR F 167 97.85 -29.33 40.98
C THR F 167 98.68 -29.00 42.21
N ASN F 168 98.05 -28.97 43.38
CA ASN F 168 98.72 -28.55 44.60
C ASN F 168 98.53 -29.58 45.70
N GLN F 169 98.80 -30.84 45.40
CA GLN F 169 98.45 -31.95 46.27
C GLN F 169 99.68 -32.61 46.88
N PHE F 170 99.62 -32.84 48.19
CA PHE F 170 100.55 -33.72 48.89
C PHE F 170 99.90 -35.09 49.05
N THR F 171 100.64 -36.15 48.75
CA THR F 171 100.10 -37.51 48.78
C THR F 171 101.01 -38.41 49.58
N LEU F 172 100.40 -39.21 50.45
CA LEU F 172 101.10 -40.15 51.31
C LEU F 172 100.65 -41.57 50.99
N VAL F 173 101.62 -42.45 50.73
CA VAL F 173 101.35 -43.82 50.32
C VAL F 173 101.98 -44.77 51.34
N GLY F 174 101.19 -45.71 51.84
CA GLY F 174 101.69 -46.70 52.76
C GLY F 174 102.49 -47.79 52.08
N ALA F 175 103.28 -48.50 52.89
CA ALA F 175 104.22 -49.48 52.35
C ALA F 175 103.54 -50.74 51.83
N THR F 176 102.60 -51.30 52.59
CA THR F 176 101.99 -52.57 52.24
C THR F 176 100.93 -52.39 51.16
N ILE F 177 100.76 -53.42 50.33
CA ILE F 177 99.85 -53.38 49.19
C ILE F 177 98.77 -54.43 49.41
N GLY F 178 97.51 -53.98 49.39
CA GLY F 178 96.40 -54.91 49.40
C GLY F 178 95.36 -54.63 50.46
N THR F 179 95.80 -54.24 51.66
CA THR F 179 94.88 -54.03 52.76
C THR F 179 95.49 -53.02 53.72
N GLY F 180 94.63 -52.18 54.29
CA GLY F 180 95.04 -51.18 55.25
C GLY F 180 94.13 -49.97 55.16
N VAL F 181 94.01 -49.25 56.28
CA VAL F 181 93.24 -48.02 56.35
C VAL F 181 94.07 -46.99 57.08
N LEU F 182 94.25 -45.82 56.46
CA LEU F 182 95.05 -44.74 57.03
C LEU F 182 94.21 -43.47 57.15
N ALA F 183 94.52 -42.67 58.15
CA ALA F 183 93.86 -41.38 58.33
C ALA F 183 94.77 -40.45 59.12
N VAL F 184 94.44 -39.17 59.09
CA VAL F 184 95.17 -38.13 59.81
C VAL F 184 94.18 -37.36 60.67
N ALA F 185 94.60 -37.02 61.89
CA ALA F 185 93.74 -36.39 62.87
C ALA F 185 94.19 -34.97 63.14
N LYS F 186 93.23 -34.10 63.43
CA LYS F 186 93.49 -32.71 63.79
C LYS F 186 93.81 -32.64 65.28
N SER F 187 95.05 -32.30 65.61
CA SER F 187 95.47 -32.18 67.00
C SER F 187 95.36 -30.73 67.46
N ALA F 188 95.54 -30.52 68.76
CA ALA F 188 95.39 -29.21 69.38
C ALA F 188 96.73 -28.50 69.61
N ASP F 189 97.84 -29.11 69.24
CA ASP F 189 99.14 -28.47 69.45
C ASP F 189 99.29 -27.25 68.54
N PRO F 190 100.09 -26.26 68.96
CA PRO F 190 100.31 -25.10 68.06
C PRO F 190 101.08 -25.45 66.81
N GLN F 191 102.09 -26.31 66.92
CA GLN F 191 102.96 -26.65 65.80
C GLN F 191 102.49 -27.94 65.14
N ASP F 192 101.28 -27.86 64.58
CA ASP F 192 100.67 -28.99 63.88
C ASP F 192 100.44 -28.58 62.44
N MET F 193 101.00 -29.36 61.51
CA MET F 193 101.03 -28.98 60.10
C MET F 193 100.00 -29.73 59.26
N SER F 194 98.86 -30.09 59.86
CA SER F 194 97.77 -30.66 59.09
C SER F 194 96.94 -29.59 58.38
N THR F 195 97.19 -28.32 58.66
CA THR F 195 96.52 -27.24 57.94
C THR F 195 97.39 -26.64 56.84
N ALA F 196 98.69 -26.48 57.08
CA ALA F 196 99.59 -26.11 56.00
C ALA F 196 99.60 -27.17 54.92
N LEU F 197 99.66 -28.44 55.33
CA LEU F 197 99.27 -29.53 54.46
C LEU F 197 97.75 -29.57 54.39
N GLY F 198 97.22 -30.13 53.32
CA GLY F 198 95.78 -30.18 53.23
C GLY F 198 95.20 -31.47 53.75
N TRP F 199 95.87 -32.09 54.72
CA TRP F 199 95.42 -33.34 55.31
C TRP F 199 94.55 -33.05 56.52
N SER F 200 93.41 -33.73 56.61
CA SER F 200 92.43 -33.55 57.67
C SER F 200 91.80 -32.16 57.65
N THR F 201 91.68 -31.55 56.48
CA THR F 201 90.99 -30.28 56.34
C THR F 201 90.01 -30.36 55.18
N SER F 202 88.82 -29.80 55.41
CA SER F 202 87.76 -29.72 54.39
C SER F 202 87.49 -31.15 53.91
N ASN F 203 87.54 -31.43 52.62
CA ASN F 203 87.30 -32.76 52.08
C ASN F 203 88.61 -33.39 51.59
N VAL F 204 89.04 -34.43 52.28
CA VAL F 204 90.26 -35.17 51.97
C VAL F 204 89.86 -36.59 51.60
N VAL F 205 90.44 -37.10 50.52
CA VAL F 205 90.12 -38.43 50.02
C VAL F 205 91.07 -39.42 50.69
N ASN F 206 90.53 -40.30 51.54
CA ASN F 206 91.29 -41.38 52.12
C ASN F 206 90.95 -42.67 51.37
N VAL F 207 91.96 -43.26 50.73
CA VAL F 207 91.78 -44.43 49.88
C VAL F 207 92.29 -45.65 50.62
N ALA F 208 91.42 -46.63 50.83
CA ALA F 208 91.82 -47.88 51.45
C ALA F 208 92.40 -48.84 50.42
N GLY F 209 93.09 -49.86 50.91
CA GLY F 209 93.71 -50.82 50.00
C GLY F 209 92.68 -51.59 49.21
N GLN F 210 93.07 -52.00 48.00
CA GLN F 210 92.16 -52.68 47.10
C GLN F 210 92.87 -53.81 46.37
N SER F 211 92.08 -54.65 45.73
CA SER F 211 92.56 -55.74 44.89
C SER F 211 92.66 -55.26 43.44
N ALA F 212 92.85 -56.21 42.52
CA ALA F 212 93.03 -55.84 41.11
C ALA F 212 91.74 -55.29 40.50
N ASP F 213 90.58 -55.69 41.02
CA ASP F 213 89.28 -55.12 40.63
C ASP F 213 88.94 -55.42 39.16
N LEU F 214 87.72 -55.12 38.74
CA LEU F 214 87.24 -55.49 37.42
C LEU F 214 86.53 -54.30 36.79
N PRO F 215 86.54 -54.20 35.46
CA PRO F 215 85.99 -52.97 34.83
C PRO F 215 84.51 -52.75 35.10
N ASP F 216 83.69 -53.80 35.09
CA ASP F 216 82.26 -53.62 35.26
C ASP F 216 81.93 -53.22 36.70
N ALA F 217 82.71 -53.70 37.66
CA ALA F 217 82.55 -53.23 39.03
C ALA F 217 83.01 -51.78 39.17
N ALA F 218 84.08 -51.42 38.46
CA ALA F 218 84.61 -50.06 38.53
C ALA F 218 83.61 -49.05 37.98
N VAL F 219 82.97 -49.38 36.85
CA VAL F 219 82.01 -48.45 36.29
C VAL F 219 80.79 -48.32 37.19
N ALA F 220 80.38 -49.40 37.86
CA ALA F 220 79.29 -49.32 38.82
C ALA F 220 79.65 -48.44 40.00
N LYS F 221 80.87 -48.58 40.52
CA LYS F 221 81.32 -47.70 41.60
C LYS F 221 81.31 -46.25 41.16
N SER F 222 81.77 -45.98 39.95
CA SER F 222 81.80 -44.61 39.45
C SER F 222 80.38 -44.05 39.28
N THR F 223 79.45 -44.86 38.79
CA THR F 223 78.08 -44.39 38.63
C THR F 223 77.36 -44.26 39.96
N ASN F 224 77.88 -44.89 41.00
CA ASN F 224 77.30 -44.72 42.33
C ASN F 224 77.37 -43.27 42.80
N VAL F 225 78.48 -42.58 42.54
CA VAL F 225 78.67 -41.25 43.11
C VAL F 225 77.94 -40.20 42.28
N SER F 226 77.90 -40.35 40.96
CA SER F 226 77.16 -39.43 40.12
C SER F 226 76.93 -40.07 38.76
N ASN F 227 75.73 -39.90 38.22
CA ASN F 227 75.34 -40.49 36.95
C ASN F 227 74.84 -39.45 35.94
N ASN F 228 75.38 -38.24 35.97
CA ASN F 228 74.99 -37.18 35.04
C ASN F 228 75.92 -37.22 33.82
N PHE F 229 75.71 -38.25 33.00
CA PHE F 229 76.55 -38.44 31.81
C PHE F 229 75.83 -39.36 30.83
N GLY F 230 76.45 -39.50 29.67
CA GLY F 230 76.02 -40.48 28.68
C GLY F 230 77.19 -40.87 27.82
N SER F 231 77.13 -42.09 27.28
CA SER F 231 78.14 -42.59 26.34
C SER F 231 79.54 -42.58 26.96
N PHE F 232 79.74 -43.38 28.01
CA PHE F 232 81.06 -43.51 28.60
C PHE F 232 81.97 -44.34 27.70
N LEU F 233 83.26 -44.34 28.03
CA LEU F 233 84.27 -45.13 27.33
C LEU F 233 85.53 -45.22 28.19
N PHE F 234 86.30 -46.28 27.98
CA PHE F 234 87.44 -46.56 28.87
C PHE F 234 88.69 -45.81 28.42
N ALA F 235 89.12 -46.03 27.18
CA ALA F 235 90.21 -45.28 26.58
C ALA F 235 91.51 -45.42 27.38
N GLY F 236 92.03 -46.63 27.39
CA GLY F 236 93.38 -46.89 27.86
C GLY F 236 94.10 -47.77 26.85
N ALA F 237 94.71 -48.83 27.36
CA ALA F 237 95.13 -49.92 26.51
C ALA F 237 93.91 -50.71 26.04
N PRO F 238 93.99 -51.36 24.88
CA PRO F 238 92.83 -52.14 24.42
C PRO F 238 92.47 -53.24 25.41
N LEU F 239 91.17 -53.46 25.58
CA LEU F 239 90.68 -54.43 26.54
C LEU F 239 90.51 -55.80 25.88
N ASP F 240 90.54 -56.83 26.72
CA ASP F 240 90.29 -58.18 26.26
C ASP F 240 88.82 -58.33 25.84
N ASN F 241 88.56 -59.33 24.99
CA ASN F 241 87.22 -59.53 24.48
C ASN F 241 86.25 -59.87 25.60
N ASP F 242 86.68 -60.66 26.58
CA ASP F 242 85.79 -61.02 27.68
C ASP F 242 85.44 -59.79 28.53
N GLN F 243 86.39 -58.89 28.73
CA GLN F 243 86.10 -57.67 29.47
C GLN F 243 85.08 -56.81 28.73
N ILE F 244 85.22 -56.71 27.41
CA ILE F 244 84.24 -55.98 26.61
C ILE F 244 82.87 -56.64 26.74
N LYS F 245 82.84 -57.98 26.72
CA LYS F 245 81.57 -58.68 26.87
C LYS F 245 80.92 -58.38 28.20
N ALA F 246 81.70 -58.41 29.29
CA ALA F 246 81.13 -58.14 30.60
C ALA F 246 80.62 -56.70 30.70
N VAL F 247 81.37 -55.75 30.17
CA VAL F 247 80.94 -54.35 30.26
C VAL F 247 79.70 -54.11 29.41
N SER F 248 79.64 -54.72 28.23
CA SER F 248 78.44 -54.57 27.40
C SER F 248 77.23 -55.20 28.06
N ALA F 249 77.41 -56.35 28.73
CA ALA F 249 76.31 -56.95 29.47
C ALA F 249 75.84 -56.03 30.59
N TRP F 250 76.78 -55.44 31.32
CA TRP F 250 76.40 -54.52 32.39
C TRP F 250 75.64 -53.32 31.85
N ASN F 251 76.09 -52.78 30.71
CA ASN F 251 75.36 -51.67 30.09
C ASN F 251 73.95 -52.11 29.70
N ALA F 252 73.82 -53.32 29.15
CA ALA F 252 72.51 -53.81 28.76
C ALA F 252 71.60 -54.05 29.96
N ALA F 253 72.18 -54.18 31.15
CA ALA F 253 71.36 -54.36 32.35
C ALA F 253 70.44 -53.17 32.57
N GLN F 254 70.97 -51.95 32.46
CA GLN F 254 70.11 -50.77 32.47
C GLN F 254 69.54 -50.57 31.07
N ASN F 255 68.22 -50.38 30.97
CA ASN F 255 67.54 -50.51 29.70
C ASN F 255 68.04 -49.49 28.68
N ASN F 256 67.82 -48.20 28.93
CA ASN F 256 68.06 -47.19 27.92
C ASN F 256 68.72 -45.97 28.54
N GLN F 257 69.76 -46.18 29.35
CA GLN F 257 70.38 -45.10 30.11
C GLN F 257 71.65 -44.55 29.46
N PHE F 258 72.59 -45.42 29.09
CA PHE F 258 73.92 -44.99 28.67
C PHE F 258 74.22 -45.55 27.30
N ILE F 259 75.35 -45.11 26.74
CA ILE F 259 75.93 -45.71 25.55
C ILE F 259 77.35 -46.15 25.89
N TYR F 260 77.86 -47.11 25.13
CA TYR F 260 79.18 -47.68 25.39
C TYR F 260 79.89 -47.87 24.06
N THR F 261 80.94 -47.09 23.83
CA THR F 261 81.64 -47.06 22.55
C THR F 261 82.92 -47.89 22.65
N VAL F 262 83.13 -48.76 21.68
CA VAL F 262 84.30 -49.62 21.61
C VAL F 262 84.99 -49.38 20.28
N ALA F 263 86.32 -49.50 20.28
CA ALA F 263 87.12 -49.36 19.07
C ALA F 263 87.78 -50.69 18.75
N THR F 264 87.66 -51.13 17.51
CA THR F 264 88.16 -52.43 17.09
C THR F 264 88.88 -52.30 15.76
N SER F 265 89.69 -53.32 15.45
CA SER F 265 90.25 -53.44 14.12
C SER F 265 89.28 -54.17 13.20
N LEU F 266 89.59 -54.18 11.90
CA LEU F 266 88.69 -54.82 10.95
C LEU F 266 88.59 -56.31 11.19
N ALA F 267 89.73 -56.97 11.41
CA ALA F 267 89.72 -58.42 11.61
C ALA F 267 89.04 -58.80 12.91
N ASN F 268 89.26 -58.01 13.97
CA ASN F 268 88.64 -58.31 15.25
C ASN F 268 87.14 -58.06 15.25
N LEU F 269 86.63 -57.32 14.27
CA LEU F 269 85.20 -57.02 14.24
C LEU F 269 84.37 -58.28 14.11
N GLY F 270 84.80 -59.22 13.26
CA GLY F 270 84.06 -60.46 13.11
C GLY F 270 84.06 -61.30 14.38
N THR F 271 85.17 -61.26 15.12
CA THR F 271 85.23 -61.97 16.40
C THR F 271 84.20 -61.41 17.37
N LEU F 272 84.10 -60.09 17.46
CA LEU F 272 82.96 -59.50 18.14
C LEU F 272 81.72 -59.60 17.25
N PHE F 273 80.62 -59.03 17.73
CA PHE F 273 79.29 -59.15 17.18
C PHE F 273 78.76 -60.56 17.35
N THR F 274 79.57 -61.49 17.85
CA THR F 274 79.12 -62.77 18.36
C THR F 274 78.96 -62.73 19.87
N LEU F 275 79.95 -62.15 20.56
CA LEU F 275 79.83 -61.95 22.00
C LEU F 275 78.84 -60.85 22.33
N VAL F 276 78.95 -59.70 21.67
CA VAL F 276 78.14 -58.53 22.02
C VAL F 276 76.88 -58.40 21.19
N ASN F 277 76.47 -59.45 20.48
CA ASN F 277 75.17 -59.43 19.83
C ASN F 277 74.09 -59.26 20.88
N GLY F 278 73.01 -58.58 20.52
CA GLY F 278 72.09 -58.12 21.54
C GLY F 278 72.77 -56.98 22.27
N ASN F 279 72.59 -56.94 23.58
CA ASN F 279 73.31 -56.00 24.44
C ASN F 279 73.08 -54.55 23.99
N ALA F 280 71.83 -54.11 24.14
CA ALA F 280 71.43 -52.80 23.62
C ALA F 280 72.26 -51.68 24.24
N GLY F 281 72.57 -50.68 23.42
CA GLY F 281 73.33 -49.55 23.87
C GLY F 281 74.82 -49.61 23.64
N THR F 282 75.30 -50.55 22.83
CA THR F 282 76.71 -50.73 22.55
C THR F 282 77.00 -50.34 21.12
N ALA F 283 78.08 -49.58 20.91
CA ALA F 283 78.49 -49.12 19.59
C ALA F 283 79.90 -49.61 19.28
N LEU F 284 80.11 -50.04 18.05
CA LEU F 284 81.40 -50.55 17.58
C LEU F 284 81.95 -49.64 16.49
N ASN F 285 83.18 -49.18 16.64
CA ASN F 285 83.82 -48.27 15.70
C ASN F 285 85.12 -48.89 15.22
N VAL F 286 85.32 -48.90 13.91
CA VAL F 286 86.49 -49.57 13.33
C VAL F 286 87.66 -48.59 13.27
N LEU F 287 88.82 -49.04 13.75
CA LEU F 287 90.05 -48.28 13.71
C LEU F 287 90.83 -48.59 12.45
N SER F 288 91.91 -47.85 12.25
CA SER F 288 92.85 -48.07 11.15
C SER F 288 94.18 -48.51 11.73
N ALA F 289 94.64 -49.69 11.34
CA ALA F 289 95.92 -50.19 11.80
C ALA F 289 97.07 -49.46 11.12
N THR F 290 98.21 -49.40 11.81
CA THR F 290 99.43 -48.79 11.29
C THR F 290 99.19 -47.35 10.86
N ALA F 291 98.50 -46.59 11.71
CA ALA F 291 98.24 -45.18 11.44
C ALA F 291 98.28 -44.43 12.76
N ALA F 292 98.02 -43.12 12.69
CA ALA F 292 97.92 -42.32 13.89
C ALA F 292 96.74 -42.79 14.73
N ASN F 293 96.79 -42.46 16.03
CA ASN F 293 95.73 -42.90 16.92
C ASN F 293 94.38 -42.35 16.48
N ASP F 294 94.30 -41.04 16.29
CA ASP F 294 93.13 -40.32 15.75
C ASP F 294 91.82 -40.95 16.21
N PHE F 295 91.79 -41.22 17.52
CA PHE F 295 90.70 -41.94 18.17
C PHE F 295 89.33 -41.58 17.63
N VAL F 296 88.56 -42.62 17.29
CA VAL F 296 87.32 -42.49 16.53
C VAL F 296 86.09 -42.87 17.34
N GLU F 297 86.25 -43.66 18.41
CA GLU F 297 85.10 -44.07 19.20
C GLU F 297 84.40 -42.89 19.86
N GLN F 298 84.95 -41.69 19.74
CA GLN F 298 84.37 -40.51 20.34
C GLN F 298 83.36 -39.82 19.46
N CYS F 299 83.21 -40.23 18.19
CA CYS F 299 82.27 -39.54 17.31
C CYS F 299 80.83 -39.60 17.79
N PRO F 300 80.25 -40.78 18.08
CA PRO F 300 78.89 -40.77 18.62
C PRO F 300 78.78 -40.04 19.95
N SER F 301 79.80 -40.17 20.80
CA SER F 301 79.78 -39.47 22.08
C SER F 301 79.78 -37.96 21.89
N GLU F 302 80.62 -37.46 20.97
CA GLU F 302 80.64 -36.03 20.71
C GLU F 302 79.30 -35.55 20.16
N ILE F 303 78.73 -36.29 19.20
CA ILE F 303 77.47 -35.87 18.59
C ILE F 303 76.37 -35.84 19.64
N LEU F 304 76.34 -36.83 20.53
CA LEU F 304 75.36 -36.83 21.62
C LEU F 304 75.57 -35.67 22.57
N ALA F 305 76.83 -35.40 22.94
CA ALA F 305 77.12 -34.36 23.91
C ALA F 305 76.74 -32.99 23.39
N ALA F 306 76.97 -32.72 22.11
CA ALA F 306 76.72 -31.40 21.57
C ALA F 306 75.24 -31.06 21.44
N THR F 307 74.37 -32.07 21.42
CA THR F 307 72.95 -31.83 21.20
C THR F 307 72.32 -31.08 22.36
N ASN F 308 71.40 -30.17 22.04
CA ASN F 308 70.70 -29.35 23.02
C ASN F 308 69.20 -29.55 22.79
N TYR F 309 68.52 -30.18 23.76
CA TYR F 309 67.18 -30.65 23.52
C TYR F 309 66.09 -29.64 23.88
N GLU F 311 66.03 -26.58 22.41
CA GLU F 311 65.86 -25.84 21.17
C GLU F 311 65.17 -26.70 20.12
N PRO F 312 64.53 -26.07 19.13
CA PRO F 312 63.81 -26.85 18.11
C PRO F 312 64.75 -27.52 17.12
N GLY F 313 64.19 -28.51 16.43
CA GLY F 313 64.91 -29.21 15.37
C GLY F 313 66.20 -29.85 15.83
N ALA F 314 66.21 -30.43 17.02
CA ALA F 314 67.42 -30.98 17.61
C ALA F 314 67.51 -32.50 17.49
N SER F 315 66.58 -33.14 16.77
CA SER F 315 66.61 -34.59 16.65
C SER F 315 67.87 -35.06 15.95
N GLN F 316 68.25 -34.38 14.86
CA GLN F 316 69.49 -34.66 14.14
C GLN F 316 69.54 -36.07 13.56
N ASN F 317 70.64 -36.41 12.93
CA ASN F 317 70.85 -37.72 12.33
C ASN F 317 72.33 -38.07 12.42
N TYR F 318 72.62 -39.27 12.90
CA TYR F 318 73.99 -39.69 13.14
C TYR F 318 74.69 -40.20 11.88
N MET F 319 73.99 -40.30 10.75
CA MET F 319 74.61 -40.90 9.56
C MET F 319 75.45 -39.88 8.79
N TYR F 320 74.82 -38.86 8.23
CA TYR F 320 75.51 -37.96 7.30
C TYR F 320 76.17 -36.85 8.11
N TYR F 321 77.42 -37.06 8.49
CA TYR F 321 78.14 -36.06 9.27
C TYR F 321 79.62 -36.26 8.99
N GLN F 322 80.38 -35.18 8.95
CA GLN F 322 81.76 -35.21 8.45
C GLN F 322 82.75 -34.99 9.58
N PHE F 323 83.85 -35.76 9.56
CA PHE F 323 84.91 -35.70 10.57
C PHE F 323 86.25 -35.56 9.88
N PRO F 324 86.68 -34.33 9.57
CA PRO F 324 87.96 -34.16 8.86
C PRO F 324 89.17 -34.64 9.64
N GLY F 325 89.10 -34.65 10.97
CA GLY F 325 90.23 -35.12 11.76
C GLY F 325 90.48 -36.61 11.60
N ARG F 326 89.42 -37.41 11.59
CA ARG F 326 89.56 -38.85 11.48
C ARG F 326 89.95 -39.25 10.06
N ASN F 327 90.77 -40.29 9.98
CA ASN F 327 91.22 -40.76 8.67
C ASN F 327 90.28 -41.84 8.12
N ILE F 328 90.43 -42.10 6.84
CA ILE F 328 89.50 -42.97 6.11
C ILE F 328 89.66 -44.39 6.59
N THR F 329 88.57 -45.16 6.53
CA THR F 329 88.55 -46.54 7.01
C THR F 329 88.34 -47.56 5.90
N VAL F 330 87.27 -47.41 5.11
CA VAL F 330 86.97 -48.35 4.03
C VAL F 330 86.71 -47.56 2.76
N SER F 331 87.02 -48.17 1.62
CA SER F 331 86.88 -47.50 0.32
C SER F 331 86.34 -48.40 -0.78
N ASP F 332 85.98 -49.64 -0.48
CA ASP F 332 85.41 -50.55 -1.46
C ASP F 332 83.97 -50.85 -1.07
N ASP F 333 83.15 -51.15 -2.08
CA ASP F 333 81.76 -51.49 -1.81
C ASP F 333 81.62 -52.88 -1.20
N THR F 334 82.45 -53.83 -1.66
CA THR F 334 82.39 -55.18 -1.10
C THR F 334 82.88 -55.20 0.35
N VAL F 335 83.92 -54.42 0.66
CA VAL F 335 84.41 -54.35 2.03
C VAL F 335 83.37 -53.72 2.94
N ALA F 336 82.69 -52.67 2.45
CA ALA F 336 81.61 -52.07 3.22
C ALA F 336 80.47 -53.05 3.43
N ASN F 337 80.16 -53.85 2.41
CA ASN F 337 79.12 -54.86 2.55
C ASN F 337 79.48 -55.87 3.62
N THR F 338 80.73 -56.33 3.64
CA THR F 338 81.14 -57.27 4.69
C THR F 338 81.11 -56.63 6.07
N VAL F 339 81.52 -55.36 6.17
CA VAL F 339 81.58 -54.69 7.47
C VAL F 339 80.17 -54.46 8.02
N ASP F 340 79.22 -54.10 7.15
CA ASP F 340 77.89 -53.76 7.63
C ASP F 340 77.17 -54.95 8.25
N LYS F 341 77.57 -56.18 7.89
CA LYS F 341 76.97 -57.35 8.50
C LYS F 341 77.24 -57.41 10.00
N SER F 342 78.38 -56.86 10.44
CA SER F 342 78.76 -56.87 11.84
C SER F 342 78.34 -55.60 12.57
N ARG F 343 77.56 -54.73 11.92
CA ARG F 343 77.08 -53.49 12.53
C ARG F 343 78.25 -52.63 13.02
N GLY F 344 79.23 -52.43 12.16
CA GLY F 344 80.36 -51.58 12.46
C GLY F 344 80.16 -50.18 11.90
N ASN F 345 80.61 -49.20 12.65
CA ASN F 345 80.50 -47.80 12.26
C ASN F 345 81.88 -47.30 11.84
N TYR F 346 81.90 -46.51 10.76
CA TYR F 346 83.18 -46.16 10.16
C TYR F 346 83.05 -44.86 9.39
N ILE F 347 84.18 -44.40 8.85
CA ILE F 347 84.25 -43.26 7.95
C ILE F 347 84.49 -43.82 6.56
N GLY F 348 83.56 -43.57 5.65
CA GLY F 348 83.64 -44.03 4.28
C GLY F 348 83.92 -42.88 3.34
N VAL F 349 84.62 -43.18 2.25
CA VAL F 349 84.96 -42.19 1.23
C VAL F 349 84.27 -42.60 -0.07
N THR F 350 83.67 -41.62 -0.75
CA THR F 350 82.98 -41.85 -2.01
C THR F 350 83.21 -40.67 -2.93
N GLN F 351 83.27 -40.97 -4.23
CA GLN F 351 83.49 -39.94 -5.24
C GLN F 351 82.17 -39.29 -5.63
N ALA F 352 82.14 -37.95 -5.62
CA ALA F 352 80.97 -37.19 -6.07
C ALA F 352 81.47 -36.09 -7.00
N ASN F 353 81.58 -36.41 -8.28
CA ASN F 353 82.09 -35.49 -9.30
C ASN F 353 83.47 -34.96 -8.91
N GLY F 354 84.41 -35.87 -8.78
CA GLY F 354 85.78 -35.48 -8.47
C GLY F 354 86.14 -35.36 -7.01
N GLN F 355 85.25 -34.80 -6.21
CA GLN F 355 85.56 -34.61 -4.79
C GLN F 355 85.32 -35.90 -4.01
N GLN F 356 86.21 -36.18 -3.07
CA GLN F 356 86.16 -37.38 -2.24
C GLN F 356 85.47 -37.02 -0.93
N ALA F 358 84.15 -37.79 2.58
CA ALA F 358 84.38 -38.74 3.65
C ALA F 358 83.43 -38.43 4.79
N PHE F 359 82.70 -39.44 5.24
CA PHE F 359 81.72 -39.19 6.30
C PHE F 359 81.42 -40.47 7.07
N TYR F 360 80.91 -40.27 8.28
CA TYR F 360 80.40 -41.38 9.09
C TYR F 360 79.28 -42.07 8.32
N GLN F 361 79.22 -43.40 8.41
CA GLN F 361 78.40 -44.13 7.46
C GLN F 361 77.16 -44.77 8.05
N ARG F 362 77.19 -45.26 9.28
CA ARG F 362 76.03 -45.94 9.83
C ARG F 362 75.78 -45.49 11.25
N GLY F 363 74.51 -45.32 11.58
CA GLY F 363 74.14 -44.93 12.92
C GLY F 363 73.41 -46.03 13.66
N ILE F 364 73.89 -47.26 13.51
CA ILE F 364 73.17 -48.41 14.04
C ILE F 364 73.87 -48.95 15.28
N LEU F 365 73.08 -49.47 16.21
CA LEU F 365 73.57 -50.06 17.45
C LEU F 365 73.25 -51.56 17.45
N CYS F 366 74.08 -52.32 18.15
CA CYS F 366 73.78 -53.74 18.33
C CYS F 366 72.74 -53.93 19.43
N GLY F 367 71.72 -54.73 19.14
CA GLY F 367 70.64 -54.95 20.09
C GLY F 367 69.60 -55.88 19.50
N GLY F 368 68.58 -56.16 20.30
CA GLY F 368 67.51 -57.04 19.89
C GLY F 368 66.42 -56.33 19.14
N PRO F 369 65.38 -57.06 18.73
CA PRO F 369 64.25 -56.42 18.03
C PRO F 369 63.52 -55.38 18.87
N THR F 370 63.44 -55.57 20.19
CA THR F 370 62.70 -54.65 21.03
C THR F 370 63.44 -53.36 21.31
N ASP F 371 64.76 -53.33 21.12
CA ASP F 371 65.54 -52.17 21.49
C ASP F 371 65.78 -51.26 20.28
N ALA F 372 66.27 -50.06 20.56
CA ALA F 372 66.44 -49.02 19.56
C ALA F 372 67.75 -49.24 18.82
N VAL F 373 67.65 -49.64 17.54
CA VAL F 373 68.85 -49.91 16.76
C VAL F 373 69.55 -48.61 16.36
N ASP F 374 68.79 -47.62 15.92
CA ASP F 374 69.38 -46.34 15.53
C ASP F 374 69.76 -45.53 16.77
N MET F 375 70.85 -44.76 16.65
CA MET F 375 71.32 -43.99 17.81
C MET F 375 70.48 -42.75 18.08
N ASN F 376 69.87 -42.14 17.07
CA ASN F 376 69.09 -40.93 17.32
C ASN F 376 67.88 -41.23 18.19
N VAL F 377 67.15 -42.30 17.89
CA VAL F 377 66.00 -42.68 18.72
C VAL F 377 66.47 -43.10 20.11
N TYR F 378 67.63 -43.73 20.20
CA TYR F 378 68.20 -44.06 21.50
C TYR F 378 68.41 -42.82 22.35
N ALA F 379 69.05 -41.79 21.77
CA ALA F 379 69.29 -40.55 22.49
C ALA F 379 67.98 -39.88 22.88
N ASN F 380 67.01 -39.86 21.96
CA ASN F 380 65.74 -39.22 22.27
C ASN F 380 65.01 -39.94 23.40
N GLU F 381 65.09 -41.27 23.43
CA GLU F 381 64.46 -41.99 24.55
C GLU F 381 65.18 -41.72 25.86
N ILE F 382 66.52 -41.61 25.83
CA ILE F 382 67.25 -41.20 27.03
C ILE F 382 66.70 -39.87 27.54
N TRP F 383 66.57 -38.89 26.64
CA TRP F 383 66.11 -37.57 27.04
C TRP F 383 64.69 -37.61 27.56
N LEU F 384 63.80 -38.37 26.91
CA LEU F 384 62.42 -38.48 27.39
C LEU F 384 62.37 -39.06 28.79
N LYS F 385 63.10 -40.16 29.03
CA LYS F 385 63.06 -40.76 30.36
C LYS F 385 63.57 -39.77 31.40
N SER F 386 64.67 -39.08 31.12
CA SER F 386 65.20 -38.13 32.09
C SER F 386 64.22 -36.99 32.36
N ALA F 387 63.61 -36.45 31.31
CA ALA F 387 62.70 -35.31 31.49
C ALA F 387 61.45 -35.71 32.26
N ILE F 388 60.86 -36.86 31.93
CA ILE F 388 59.66 -37.31 32.64
C ILE F 388 59.99 -37.56 34.11
N ALA F 389 61.12 -38.23 34.38
CA ALA F 389 61.49 -38.49 35.76
C ALA F 389 61.71 -37.20 36.53
N GLN F 390 62.37 -36.21 35.90
CA GLN F 390 62.58 -34.93 36.55
C GLN F 390 61.26 -34.26 36.89
N ALA F 391 60.32 -34.22 35.94
CA ALA F 391 59.05 -33.55 36.21
C ALA F 391 58.28 -34.25 37.33
N LEU F 392 58.25 -35.58 37.33
CA LEU F 392 57.51 -36.30 38.36
C LEU F 392 58.16 -36.12 39.73
N LEU F 393 59.49 -36.20 39.80
CA LEU F 393 60.16 -36.01 41.08
C LEU F 393 59.94 -34.59 41.60
N ASP F 394 59.97 -33.59 40.71
CA ASP F 394 59.74 -32.23 41.14
C ASP F 394 58.32 -32.04 41.66
N LEU F 395 57.34 -32.64 40.98
CA LEU F 395 55.97 -32.63 41.49
C LEU F 395 55.91 -33.22 42.89
N PHE F 396 56.54 -34.37 43.09
CA PHE F 396 56.51 -35.01 44.42
C PHE F 396 57.15 -34.10 45.46
N LEU F 397 58.24 -33.43 45.11
CA LEU F 397 58.97 -32.65 46.10
C LEU F 397 58.27 -31.34 46.46
N ASN F 398 57.51 -30.74 45.54
CA ASN F 398 56.96 -29.41 45.81
C ASN F 398 55.57 -29.45 46.43
N VAL F 399 54.59 -30.03 45.74
CA VAL F 399 53.21 -29.95 46.21
C VAL F 399 53.06 -30.74 47.51
N ASN F 400 52.08 -30.35 48.34
CA ASN F 400 51.92 -30.97 49.65
C ASN F 400 51.58 -32.44 49.53
N ALA F 401 50.56 -32.77 48.74
CA ALA F 401 50.10 -34.15 48.61
C ALA F 401 49.39 -34.33 47.28
N VAL F 402 49.43 -35.55 46.76
CA VAL F 402 48.76 -35.88 45.50
C VAL F 402 47.66 -36.87 45.80
N PRO F 403 46.40 -36.46 45.84
CA PRO F 403 45.32 -37.38 46.18
C PRO F 403 45.13 -38.44 45.10
N ALA F 404 44.69 -39.62 45.53
CA ALA F 404 44.46 -40.75 44.63
C ALA F 404 43.00 -40.73 44.19
N SER F 405 42.68 -39.73 43.39
CA SER F 405 41.34 -39.57 42.83
C SER F 405 41.45 -38.86 41.50
N SER F 406 40.31 -38.45 40.94
CA SER F 406 40.31 -37.83 39.61
C SER F 406 41.21 -36.61 39.58
N THR F 407 41.25 -35.83 40.66
CA THR F 407 42.15 -34.69 40.72
C THR F 407 43.59 -35.13 40.54
N GLY F 408 43.94 -36.31 41.04
CA GLY F 408 45.29 -36.81 40.87
C GLY F 408 45.67 -37.02 39.42
N GLU F 409 44.83 -37.72 38.64
CA GLU F 409 45.15 -37.90 37.23
C GLU F 409 45.17 -36.58 36.49
N ALA F 410 44.22 -35.69 36.80
CA ALA F 410 44.21 -34.40 36.12
C ALA F 410 45.49 -33.62 36.40
N MET F 411 45.92 -33.58 37.66
CA MET F 411 47.11 -32.82 38.01
C MET F 411 48.37 -33.43 37.39
N THR F 412 48.49 -34.76 37.42
CA THR F 412 49.65 -35.40 36.82
C THR F 412 49.71 -35.14 35.32
N LEU F 413 48.57 -35.25 34.63
CA LEU F 413 48.56 -34.98 33.20
C LEU F 413 48.92 -33.52 32.91
N ALA F 414 48.39 -32.60 33.71
CA ALA F 414 48.69 -31.19 33.52
C ALA F 414 50.19 -30.93 33.68
N VAL F 415 50.81 -31.58 34.66
CA VAL F 415 52.24 -31.37 34.87
C VAL F 415 53.05 -31.99 33.74
N LEU F 416 52.66 -33.16 33.26
CA LEU F 416 53.40 -33.77 32.16
C LEU F 416 53.16 -33.09 30.82
N GLN F 417 52.15 -32.24 30.71
CA GLN F 417 51.84 -31.63 29.41
C GLN F 417 52.98 -30.83 28.80
N PRO F 418 53.67 -29.94 29.51
CA PRO F 418 54.73 -29.14 28.86
C PRO F 418 55.87 -29.97 28.28
N VAL F 419 56.24 -31.07 28.93
CA VAL F 419 57.31 -31.91 28.40
C VAL F 419 56.90 -32.51 27.06
N LEU F 420 55.68 -33.02 26.96
CA LEU F 420 55.20 -33.57 25.71
C LEU F 420 55.03 -32.48 24.66
N ASP F 421 54.70 -31.26 25.07
CA ASP F 421 54.63 -30.16 24.13
C ASP F 421 56.01 -29.86 23.54
N LYS F 422 57.04 -29.86 24.39
CA LYS F 422 58.38 -29.60 23.91
C LYS F 422 58.89 -30.75 23.04
N ALA F 423 58.44 -31.98 23.33
CA ALA F 423 58.89 -33.13 22.56
C ALA F 423 58.47 -33.04 21.10
N THR F 424 57.28 -32.50 20.84
CA THR F 424 56.84 -32.32 19.45
C THR F 424 57.73 -31.34 18.71
N ALA F 425 58.10 -30.23 19.36
CA ALA F 425 58.94 -29.23 18.72
C ALA F 425 60.36 -29.73 18.50
N ASN F 426 60.85 -30.56 19.42
CA ASN F 426 62.23 -31.06 19.30
C ASN F 426 62.40 -31.89 18.04
N GLY F 427 61.43 -32.73 17.73
CA GLY F 427 61.54 -33.67 16.63
C GLY F 427 61.54 -35.13 17.05
N THR F 428 61.44 -35.41 18.35
CA THR F 428 61.36 -36.79 18.80
C THR F 428 59.97 -37.39 18.58
N PHE F 429 58.95 -36.55 18.41
CA PHE F 429 57.62 -36.99 18.03
C PHE F 429 57.38 -36.57 16.58
N THR F 430 57.03 -37.52 15.73
CA THR F 430 56.77 -37.25 14.32
C THR F 430 55.29 -37.48 14.04
N TYR F 431 54.63 -36.47 13.50
CA TYR F 431 53.23 -36.54 13.13
C TYR F 431 53.09 -36.70 11.62
N LYS F 433 53.37 -39.45 10.06
CA LYS F 433 54.08 -40.63 9.61
C LYS F 433 53.11 -41.77 9.34
N GLU F 434 53.39 -42.55 8.31
CA GLU F 434 52.52 -43.68 7.99
C GLU F 434 52.62 -44.75 9.05
N SER F 436 51.74 -48.78 9.87
CA SER F 436 51.44 -50.04 9.20
C SER F 436 50.22 -50.70 9.83
N ALA F 437 49.63 -51.64 9.08
CA ALA F 437 48.48 -52.37 9.59
C ALA F 437 48.86 -53.21 10.81
N VAL F 438 50.04 -53.84 10.77
CA VAL F 438 50.49 -54.63 11.91
C VAL F 438 50.65 -53.76 13.14
N GLN F 439 51.26 -52.58 12.97
CA GLN F 439 51.40 -51.66 14.09
C GLN F 439 50.04 -51.19 14.58
N GLN F 440 49.09 -50.98 13.66
CA GLN F 440 47.74 -50.60 14.05
C GLN F 440 47.12 -51.66 14.94
N GLN F 441 47.22 -52.93 14.53
CA GLN F 441 46.64 -54.01 15.33
C GLN F 441 47.34 -54.13 16.67
N TYR F 442 48.67 -53.94 16.69
CA TYR F 442 49.40 -53.99 17.95
C TYR F 442 48.92 -52.90 18.90
N ILE F 443 48.71 -51.69 18.38
CA ILE F 443 48.25 -50.60 19.24
C ILE F 443 46.84 -50.87 19.75
N THR F 444 45.96 -51.36 18.88
CA THR F 444 44.60 -51.64 19.33
C THR F 444 44.55 -52.78 20.33
N GLN F 445 45.54 -53.68 20.28
CA GLN F 445 45.56 -54.79 21.24
C GLN F 445 46.16 -54.36 22.57
N VAL F 446 47.26 -53.61 22.53
CA VAL F 446 47.96 -53.22 23.75
C VAL F 446 47.09 -52.27 24.58
N THR F 447 46.47 -51.30 23.93
CA THR F 447 45.54 -50.39 24.60
C THR F 447 44.13 -50.87 24.32
N GLY F 448 43.34 -51.04 25.39
CA GLY F 448 41.96 -51.43 25.20
C GLY F 448 41.19 -50.42 24.38
N ASP F 449 41.60 -49.16 24.44
CA ASP F 449 40.92 -48.11 23.69
C ASP F 449 41.35 -48.13 22.23
N ARG F 450 40.39 -48.42 21.37
CA ARG F 450 40.55 -48.27 19.93
C ARG F 450 40.46 -46.79 19.56
N ARG F 451 40.91 -46.45 18.35
CA ARG F 451 41.12 -45.11 17.82
C ARG F 451 42.30 -44.41 18.49
N ALA F 452 43.12 -45.13 19.25
CA ALA F 452 44.36 -44.55 19.73
C ALA F 452 45.36 -44.38 18.58
N TRP F 453 45.34 -45.31 17.61
CA TRP F 453 46.30 -45.24 16.51
C TRP F 453 46.03 -44.04 15.61
N ARG F 454 44.75 -43.71 15.39
CA ARG F 454 44.44 -42.49 14.66
C ARG F 454 45.03 -41.28 15.37
N GLN F 455 44.94 -41.26 16.70
CA GLN F 455 45.49 -40.14 17.45
C GLN F 455 47.00 -40.09 17.37
N VAL F 456 47.68 -41.24 17.44
CA VAL F 456 49.14 -41.20 17.42
C VAL F 456 49.63 -40.82 16.03
N THR F 458 47.84 -38.68 13.95
CA THR F 458 47.49 -37.28 13.68
C THR F 458 48.28 -36.33 14.56
N LEU F 459 48.37 -36.62 15.85
CA LEU F 459 49.00 -35.71 16.81
C LEU F 459 50.39 -36.15 17.24
N GLY F 460 50.66 -37.45 17.33
CA GLY F 460 51.99 -37.94 17.61
C GLY F 460 52.17 -38.70 18.90
N TYR F 461 51.17 -38.70 19.78
CA TYR F 461 51.34 -39.38 21.06
C TYR F 461 49.98 -39.74 21.65
N TRP F 462 50.01 -40.63 22.62
CA TRP F 462 48.85 -41.07 23.37
C TRP F 462 49.31 -41.41 24.79
N ILE F 463 48.61 -40.87 25.79
CA ILE F 463 49.03 -40.97 27.17
C ILE F 463 47.85 -41.47 28.01
N ASN F 464 48.16 -42.29 29.03
CA ASN F 464 47.14 -42.78 29.94
C ASN F 464 47.66 -42.76 31.38
N ILE F 465 46.73 -42.72 32.33
CA ILE F 465 47.05 -42.76 33.76
C ILE F 465 46.11 -43.75 34.43
N THR F 466 46.63 -44.48 35.44
CA THR F 466 45.88 -45.56 36.06
C THR F 466 45.51 -45.30 37.51
N PHE F 467 46.47 -45.06 38.39
CA PHE F 467 46.23 -44.83 39.82
C PHE F 467 45.52 -46.03 40.48
N SER F 468 46.27 -47.13 40.56
CA SER F 468 45.82 -48.31 41.29
C SER F 468 46.45 -48.36 42.67
N SER F 469 46.01 -49.33 43.47
CA SER F 469 46.56 -49.55 44.81
C SER F 469 47.14 -50.95 44.92
N TYR F 470 47.99 -51.12 45.93
CA TYR F 470 48.70 -52.38 46.14
C TYR F 470 49.32 -52.36 47.53
N THR F 471 49.88 -53.50 47.92
CA THR F 471 50.63 -53.63 49.16
C THR F 471 52.07 -53.97 48.85
N ASN F 472 53.00 -53.22 49.43
CA ASN F 472 54.41 -53.49 49.21
C ASN F 472 54.87 -54.66 50.06
N SER F 473 55.96 -55.30 49.63
CA SER F 473 56.43 -56.48 50.34
C SER F 473 57.16 -56.11 51.62
N ASN F 474 57.82 -54.95 51.64
CA ASN F 474 58.67 -54.59 52.78
C ASN F 474 57.86 -54.44 54.05
N THR F 475 56.70 -53.81 53.97
CA THR F 475 55.80 -53.67 55.11
C THR F 475 54.42 -54.16 54.70
N GLY F 476 53.67 -54.68 55.67
CA GLY F 476 52.35 -55.17 55.35
C GLY F 476 51.39 -54.09 54.90
N LEU F 477 51.74 -52.83 55.10
CA LEU F 477 50.83 -51.73 54.82
C LEU F 477 50.53 -51.62 53.33
N THR F 478 49.35 -51.10 53.01
CA THR F 478 48.98 -50.85 51.63
C THR F 478 49.48 -49.47 51.21
N GLU F 479 50.30 -49.43 50.17
CA GLU F 479 50.84 -48.16 49.71
C GLU F 479 50.38 -47.91 48.28
N TRP F 480 49.18 -44.49 47.32
CA TRP F 480 49.00 -45.57 46.36
C TRP F 480 50.15 -45.62 45.38
N LYS F 481 49.84 -45.97 44.13
CA LYS F 481 50.81 -45.92 43.05
C LYS F 481 50.11 -45.48 41.78
N ALA F 482 50.88 -44.96 40.84
CA ALA F 482 50.37 -44.50 39.56
C ALA F 482 51.06 -45.27 38.44
N ASN F 483 50.27 -45.73 37.48
CA ASN F 483 50.77 -46.40 36.30
C ASN F 483 50.37 -45.61 35.08
N TYR F 484 51.34 -45.31 34.22
CA TYR F 484 51.08 -44.54 33.01
C TYR F 484 51.64 -45.28 31.82
N THR F 485 50.97 -45.13 30.67
CA THR F 485 51.44 -45.71 29.42
C THR F 485 51.48 -44.61 28.37
N LEU F 486 52.60 -44.53 27.66
CA LEU F 486 52.84 -43.53 26.63
C LEU F 486 53.20 -44.22 25.33
N ILE F 487 52.56 -43.83 24.24
CA ILE F 487 52.87 -44.33 22.91
C ILE F 487 53.12 -43.15 22.01
N TYR F 488 54.20 -43.20 21.24
CA TYR F 488 54.51 -42.11 20.32
C TYR F 488 55.24 -42.67 19.11
N SER F 489 55.15 -41.92 18.01
CA SER F 489 55.83 -42.29 16.78
C SER F 489 57.27 -41.84 16.82
N LYS F 490 58.19 -42.79 16.66
CA LYS F 490 59.62 -42.49 16.74
C LYS F 490 60.05 -41.63 15.56
N GLY F 491 61.18 -40.96 15.73
CA GLY F 491 61.71 -40.10 14.68
C GLY F 491 62.78 -40.77 13.84
N ASP F 492 62.41 -41.19 12.64
CA ASP F 492 63.32 -41.87 11.73
C ASP F 492 63.61 -40.99 10.53
N ALA F 493 64.86 -41.01 10.08
CA ALA F 493 65.32 -40.17 8.99
C ALA F 493 65.53 -41.00 7.73
N ILE F 494 65.26 -40.38 6.58
CA ILE F 494 65.48 -41.05 5.30
C ILE F 494 66.97 -41.26 5.09
N ARG F 495 67.33 -42.41 4.51
CA ARG F 495 68.71 -42.75 4.27
C ARG F 495 69.01 -43.18 2.84
N PHE F 496 67.99 -43.39 2.01
CA PHE F 496 68.19 -43.85 0.65
C PHE F 496 67.21 -43.15 -0.28
N VAL F 497 67.66 -42.82 -1.48
CA VAL F 497 66.85 -42.13 -2.47
C VAL F 497 66.90 -42.90 -3.78
N GLU F 498 65.73 -43.18 -4.34
CA GLU F 498 65.61 -43.88 -5.61
C GLU F 498 64.56 -43.20 -6.46
N GLY F 499 64.77 -43.17 -7.78
CA GLY F 499 63.82 -42.55 -8.67
C GLY F 499 64.07 -42.93 -10.10
N SER F 500 63.13 -42.53 -10.97
CA SER F 500 63.24 -42.74 -12.40
C SER F 500 62.82 -41.47 -13.13
N ASP F 501 63.61 -41.08 -14.13
CA ASP F 501 63.34 -39.89 -14.92
C ASP F 501 62.88 -40.34 -16.31
N VAL F 502 61.58 -40.30 -16.54
CA VAL F 502 61.01 -40.70 -17.82
C VAL F 502 60.94 -39.48 -18.73
N MET F 503 61.53 -39.58 -19.90
CA MET F 503 61.55 -38.48 -20.85
C MET F 503 60.55 -38.74 -21.97
N ILE F 504 59.79 -37.69 -22.32
CA ILE F 504 58.80 -37.74 -23.39
C ILE F 504 57.71 -38.74 -23.05
N MET G 1 74.14 -43.78 47.17
CA MET G 1 72.78 -43.38 47.51
C MET G 1 71.79 -44.48 47.11
N ILE G 2 70.58 -44.41 47.69
CA ILE G 2 69.48 -45.24 47.22
C ILE G 2 69.18 -44.90 45.77
N SER G 3 69.01 -45.94 44.95
CA SER G 3 68.72 -45.73 43.54
C SER G 3 67.35 -45.06 43.37
N GLN G 4 67.22 -44.29 42.29
CA GLN G 4 65.98 -43.58 42.03
C GLN G 4 64.82 -44.51 41.69
N SER G 5 65.10 -45.76 41.33
CA SER G 5 64.05 -46.66 40.92
C SER G 5 63.12 -47.03 42.07
N ARG G 6 63.49 -46.72 43.30
CA ARG G 6 62.61 -46.96 44.43
C ARG G 6 61.36 -46.09 44.37
N TYR G 7 61.43 -44.97 43.67
CA TYR G 7 60.35 -43.99 43.63
C TYR G 7 59.76 -43.79 42.24
N ILE G 8 60.58 -43.73 41.21
CA ILE G 8 60.10 -43.57 39.84
C ILE G 8 60.80 -44.60 38.97
N ARG G 9 60.01 -45.38 38.24
CA ARG G 9 60.54 -46.41 37.36
C ARG G 9 59.91 -46.27 35.97
N ILE G 10 60.74 -46.14 34.95
CA ILE G 10 60.29 -45.99 33.58
C ILE G 10 61.01 -47.03 32.72
N ILE G 11 60.25 -47.75 31.90
CA ILE G 11 60.79 -48.76 31.02
C ILE G 11 60.56 -48.33 29.58
N SER G 12 61.63 -48.34 28.79
CA SER G 12 61.59 -47.89 27.40
C SER G 12 61.76 -49.08 26.48
N GLY G 13 61.06 -49.07 25.36
CA GLY G 13 61.16 -50.14 24.39
C GLY G 13 60.57 -49.72 23.06
N VAL G 14 60.69 -50.61 22.09
CA VAL G 14 60.19 -50.38 20.75
C VAL G 14 59.12 -51.43 20.45
N GLY G 15 57.92 -50.97 20.09
CA GLY G 15 56.84 -51.87 19.78
C GLY G 15 56.79 -52.25 18.31
N ALA G 16 56.35 -53.49 18.06
CA ALA G 16 56.24 -54.03 16.71
C ALA G 16 57.55 -53.88 15.95
N GLY G 17 58.66 -54.23 16.62
CA GLY G 17 59.99 -54.00 16.09
C GLY G 17 60.49 -55.12 15.20
N ALA G 18 59.83 -56.26 15.18
CA ALA G 18 60.31 -57.40 14.44
C ALA G 18 60.35 -57.16 12.94
N PRO G 19 61.55 -57.07 12.37
CA PRO G 19 61.66 -56.81 10.94
C PRO G 19 61.66 -58.08 10.12
N VAL G 20 60.80 -58.15 9.11
CA VAL G 20 60.75 -59.26 8.18
C VAL G 20 61.09 -58.74 6.79
N ALA G 21 62.08 -59.35 6.16
CA ALA G 21 62.61 -58.84 4.90
C ALA G 21 61.57 -58.98 3.79
N GLY G 22 61.87 -58.34 2.66
CA GLY G 22 61.02 -58.44 1.49
C GLY G 22 61.70 -59.22 0.39
N ARG G 23 60.97 -60.14 -0.24
CA ARG G 23 61.55 -61.01 -1.25
C ARG G 23 61.91 -60.23 -2.50
N LYS G 24 63.10 -60.48 -3.03
CA LYS G 24 63.56 -59.90 -4.28
C LYS G 24 63.46 -60.93 -5.39
N LEU G 25 63.39 -60.44 -6.62
CA LEU G 25 63.24 -61.30 -7.79
C LEU G 25 64.48 -61.27 -8.70
N LEU G 27 68.21 -62.24 -10.44
CA LEU G 27 68.72 -63.43 -11.11
C LEU G 27 69.86 -64.04 -10.31
N ARG G 28 70.00 -65.37 -10.42
CA ARG G 28 71.12 -66.08 -9.82
C ARG G 28 71.77 -66.98 -10.87
N VAL G 29 73.10 -66.96 -10.92
CA VAL G 29 73.86 -67.72 -11.89
C VAL G 29 74.69 -68.76 -11.14
N MET G 30 74.67 -69.99 -11.62
CA MET G 30 75.41 -71.10 -11.02
C MET G 30 76.59 -71.44 -11.93
N THR G 31 77.74 -70.84 -11.65
CA THR G 31 78.93 -71.05 -12.46
C THR G 31 79.76 -72.20 -11.90
N THR G 32 80.88 -72.50 -12.56
CA THR G 32 81.76 -73.58 -12.15
C THR G 32 83.18 -73.12 -11.82
N ASN G 33 83.51 -71.86 -12.04
CA ASN G 33 84.88 -71.40 -11.84
C ASN G 33 85.26 -71.51 -10.37
N ASN G 34 86.55 -71.72 -10.12
CA ASN G 34 87.01 -72.10 -8.78
C ASN G 34 87.18 -70.92 -7.86
N VAL G 35 86.90 -69.69 -8.32
CA VAL G 35 87.04 -68.50 -7.49
C VAL G 35 86.05 -68.56 -6.33
N ILE G 36 84.84 -69.01 -6.61
CA ILE G 36 83.73 -68.98 -5.65
C ILE G 36 83.80 -70.25 -4.80
N PRO G 37 83.86 -70.13 -3.48
CA PRO G 37 83.79 -71.32 -2.62
C PRO G 37 82.44 -71.99 -2.74
N PRO G 38 82.36 -73.31 -2.54
CA PRO G 38 81.08 -74.02 -2.71
C PRO G 38 79.96 -73.54 -1.80
N GLY G 39 80.27 -73.12 -0.57
CA GLY G 39 79.22 -72.93 0.41
C GLY G 39 78.70 -71.53 0.61
N ILE G 40 78.96 -70.61 -0.32
CA ILE G 40 78.50 -69.25 -0.18
C ILE G 40 77.77 -68.82 -1.44
N VAL G 41 76.97 -67.76 -1.31
CA VAL G 41 76.37 -67.06 -2.42
C VAL G 41 76.81 -65.61 -2.34
N ILE G 42 77.27 -65.06 -3.45
CA ILE G 42 77.85 -63.72 -3.49
C ILE G 42 76.93 -62.80 -4.27
N ASP G 45 75.86 -55.48 -6.69
CA ASP G 45 74.86 -54.47 -6.96
C ASP G 45 75.12 -53.76 -8.29
N ALA G 47 77.64 -53.44 -12.11
CA ALA G 47 78.46 -54.15 -13.08
C ALA G 47 79.95 -53.97 -12.81
N ASN G 48 80.35 -52.78 -12.35
CA ASN G 48 81.75 -52.54 -12.04
C ASN G 48 82.24 -53.41 -10.90
N ALA G 49 81.36 -53.71 -9.93
CA ALA G 49 81.75 -54.63 -8.86
C ALA G 49 82.06 -56.01 -9.42
N VAL G 50 81.24 -56.49 -10.35
CA VAL G 50 81.49 -57.78 -10.99
C VAL G 50 82.80 -57.73 -11.76
N LEU G 51 83.04 -56.63 -12.47
CA LEU G 51 84.28 -56.48 -13.21
C LEU G 51 85.50 -56.53 -12.29
N SER G 52 85.41 -55.86 -11.15
CA SER G 52 86.53 -55.84 -10.20
C SER G 52 86.76 -57.22 -9.59
N TYR G 53 85.69 -57.90 -9.20
CA TYR G 53 85.85 -59.16 -8.47
C TYR G 53 86.25 -60.31 -9.39
N PHE G 54 85.71 -60.35 -10.60
CA PHE G 54 85.92 -61.50 -11.48
C PHE G 54 86.94 -61.27 -12.58
N GLY G 55 87.20 -60.02 -12.96
CA GLY G 55 88.08 -59.74 -14.07
C GLY G 55 87.33 -59.54 -15.37
N ALA G 56 88.01 -58.89 -16.32
CA ALA G 56 87.36 -58.52 -17.58
C ALA G 56 87.13 -59.73 -18.47
N GLN G 57 87.98 -60.76 -18.37
CA GLN G 57 87.88 -61.89 -19.28
C GLN G 57 86.75 -62.84 -18.95
N SER G 58 86.32 -62.89 -17.69
CA SER G 58 85.39 -63.93 -17.25
C SER G 58 84.02 -63.78 -17.90
N GLU G 59 83.34 -64.92 -18.06
CA GLU G 59 81.96 -64.91 -18.56
C GLU G 59 81.01 -64.23 -17.59
N GLU G 60 81.34 -64.18 -16.30
CA GLU G 60 80.48 -63.53 -15.34
C GLU G 60 80.33 -62.04 -15.65
N TYR G 61 81.45 -61.37 -15.95
CA TYR G 61 81.37 -59.98 -16.35
C TYR G 61 80.61 -59.82 -17.66
N GLN G 62 80.83 -60.75 -18.60
CA GLN G 62 80.11 -60.71 -19.87
C GLN G 62 78.60 -60.75 -19.65
N ARG G 63 78.15 -61.62 -18.75
CA ARG G 63 76.72 -61.73 -18.46
C ARG G 63 76.21 -60.50 -17.72
N ALA G 64 76.96 -60.01 -16.74
CA ALA G 64 76.51 -58.89 -15.93
C ALA G 64 76.40 -57.62 -16.75
N ALA G 65 77.30 -57.43 -17.73
CA ALA G 65 77.26 -56.22 -18.54
C ALA G 65 75.95 -56.13 -19.32
N ALA G 66 75.53 -57.24 -19.93
CA ALA G 66 74.27 -57.23 -20.68
C ALA G 66 73.07 -57.27 -19.75
N TYR G 67 73.24 -57.85 -18.57
CA TYR G 67 72.14 -57.93 -17.61
C TYR G 67 71.80 -56.57 -17.03
N PHE G 68 72.81 -55.73 -16.80
CA PHE G 68 72.59 -54.49 -16.07
C PHE G 68 72.14 -53.33 -16.96
N LYS G 69 72.08 -53.52 -18.27
CA LYS G 69 71.50 -52.53 -19.18
C LYS G 69 70.08 -52.99 -19.52
N PHE G 70 69.09 -52.24 -19.05
CA PHE G 70 67.70 -52.62 -19.25
C PHE G 70 66.82 -51.46 -18.78
N ILE G 71 65.73 -51.24 -19.51
CA ILE G 71 64.82 -50.15 -19.21
C ILE G 71 63.43 -50.63 -18.79
N SER G 72 62.94 -51.77 -19.28
CA SER G 72 61.70 -52.42 -18.91
C SER G 72 60.46 -51.60 -19.29
N LYS G 73 60.56 -50.61 -20.15
CA LYS G 73 59.49 -49.77 -20.67
C LYS G 73 58.87 -48.89 -19.58
N SER G 74 59.30 -49.02 -18.32
CA SER G 74 58.89 -48.12 -17.26
C SER G 74 60.11 -47.59 -16.53
N VAL G 75 61.21 -47.40 -17.26
CA VAL G 75 62.50 -46.90 -16.81
C VAL G 75 62.89 -47.44 -15.43
N SER G 77 65.44 -50.77 -13.61
CA SER G 77 66.59 -51.61 -13.85
C SER G 77 66.71 -52.67 -12.77
N PRO G 78 67.38 -53.79 -13.04
CA PRO G 78 67.41 -54.89 -12.06
C PRO G 78 68.10 -54.54 -10.75
N SER G 79 69.29 -53.96 -10.80
CA SER G 79 69.99 -53.41 -9.64
C SER G 79 70.59 -54.46 -8.70
N SER G 80 70.61 -55.72 -9.08
CA SER G 80 71.31 -56.72 -8.28
C SER G 80 71.49 -57.99 -9.09
N ILE G 81 72.47 -58.80 -8.67
CA ILE G 81 72.72 -60.11 -9.26
C ILE G 81 73.42 -60.98 -8.24
N SER G 82 73.34 -62.30 -8.41
CA SER G 82 73.91 -63.25 -7.48
C SER G 82 74.69 -64.33 -8.22
N PHE G 83 75.70 -64.87 -7.55
CA PHE G 83 76.47 -66.00 -8.07
C PHE G 83 76.61 -67.06 -6.99
N ALA G 84 76.52 -68.32 -7.41
CA ALA G 84 76.73 -69.47 -6.54
C ALA G 84 77.67 -70.44 -7.24
N ARG G 85 78.08 -71.48 -6.52
CA ARG G 85 79.12 -72.39 -6.99
C ARG G 85 78.54 -73.78 -7.22
N TRP G 86 78.84 -74.37 -8.37
CA TRP G 86 78.49 -75.74 -8.69
C TRP G 86 79.76 -76.57 -8.71
N VAL G 87 79.78 -77.63 -7.93
CA VAL G 87 80.99 -78.47 -7.80
C VAL G 87 80.95 -79.46 -8.95
N ASN G 88 81.59 -79.08 -10.05
CA ASN G 88 81.53 -79.90 -11.26
C ASN G 88 82.28 -81.21 -11.09
N THR G 89 83.48 -81.17 -10.50
CA THR G 89 84.31 -82.34 -10.31
C THR G 89 84.78 -82.43 -8.87
N ALA G 90 85.52 -83.49 -8.57
CA ALA G 90 85.99 -83.72 -7.21
C ALA G 90 86.94 -82.61 -6.78
N ILE G 91 86.87 -82.23 -5.51
CA ILE G 91 87.57 -81.08 -4.99
C ILE G 91 88.32 -81.46 -3.72
N ALA G 92 89.47 -80.83 -3.52
CA ALA G 92 90.25 -80.99 -2.30
C ALA G 92 89.83 -79.96 -1.25
N PRO G 93 90.14 -80.21 0.02
CA PRO G 93 89.80 -79.22 1.06
C PRO G 93 90.52 -77.89 0.82
N MET G 94 89.83 -76.79 1.14
CA MET G 94 90.36 -75.46 0.93
C MET G 94 90.07 -74.58 2.14
N VAL G 95 90.85 -73.51 2.28
CA VAL G 95 90.64 -72.49 3.30
C VAL G 95 90.70 -71.13 2.63
N VAL G 96 89.54 -70.46 2.53
CA VAL G 96 89.48 -69.16 1.89
C VAL G 96 88.43 -68.27 2.56
N ASP G 98 89.33 -64.45 2.78
CA ASP G 98 90.23 -63.30 2.93
C ASP G 98 89.67 -62.12 2.14
N ASN G 99 88.71 -61.41 2.73
CA ASN G 99 88.08 -60.29 2.05
C ASN G 99 88.69 -58.94 2.39
N LEU G 100 89.41 -58.84 3.50
CA LEU G 100 89.94 -57.54 3.92
C LEU G 100 91.10 -57.14 3.01
N PRO G 101 91.24 -55.86 2.71
CA PRO G 101 92.39 -55.41 1.91
C PRO G 101 93.68 -55.63 2.68
N LYS G 102 94.58 -56.41 2.09
CA LYS G 102 95.86 -56.71 2.70
C LYS G 102 96.95 -56.70 1.64
N THR G 103 98.10 -57.27 1.97
CA THR G 103 99.21 -57.39 1.03
C THR G 103 99.68 -56.03 0.54
N ILE G 104 100.01 -55.17 1.49
CA ILE G 104 100.61 -53.87 1.23
C ILE G 104 102.12 -54.03 1.27
N ALA G 105 102.59 -55.28 1.17
CA ALA G 105 104.00 -55.63 1.26
C ALA G 105 104.57 -55.27 2.64
N ASP G 106 103.79 -55.54 3.68
CA ASP G 106 104.19 -55.22 5.05
C ASP G 106 104.04 -56.46 5.93
N PHE G 107 104.57 -57.57 5.44
CA PHE G 107 104.81 -58.76 6.24
C PHE G 107 106.14 -58.69 6.98
N ALA G 108 106.84 -57.56 6.87
CA ALA G 108 108.10 -57.40 7.57
C ALA G 108 107.88 -57.45 9.08
N GLY G 109 108.86 -57.97 9.78
CA GLY G 109 108.72 -58.21 11.21
C GLY G 109 108.28 -59.63 11.49
N PHE G 110 107.81 -60.33 10.46
CA PHE G 110 107.57 -61.76 10.53
C PHE G 110 108.78 -62.55 10.07
N SER G 111 109.95 -61.93 10.04
CA SER G 111 111.18 -62.68 9.83
C SER G 111 111.63 -63.41 11.08
N ALA G 112 110.94 -63.19 12.20
CA ALA G 112 111.31 -63.81 13.47
C ALA G 112 110.49 -65.07 13.67
N GLY G 113 110.94 -66.17 13.05
CA GLY G 113 110.43 -67.51 13.35
C GLY G 113 108.94 -67.63 13.48
N VAL G 114 108.21 -67.49 12.37
CA VAL G 114 106.75 -67.53 12.41
C VAL G 114 106.27 -68.94 12.71
N LEU G 115 105.25 -69.05 13.54
CA LEU G 115 104.57 -70.30 13.83
C LEU G 115 103.12 -70.18 13.38
N THR G 116 102.63 -71.19 12.67
CA THR G 116 101.21 -71.31 12.36
C THR G 116 100.79 -72.76 12.59
N ILE G 117 99.55 -72.95 13.03
CA ILE G 117 99.04 -74.26 13.40
C ILE G 117 97.89 -74.61 12.48
N MET G 118 97.91 -75.80 11.91
CA MET G 118 96.79 -76.26 11.09
C MET G 118 96.47 -77.71 11.44
N VAL G 119 95.20 -78.07 11.31
CA VAL G 119 94.71 -79.37 11.75
C VAL G 119 93.95 -80.03 10.61
N GLY G 120 94.27 -81.29 10.35
CA GLY G 120 93.38 -82.14 9.59
C GLY G 120 92.40 -82.79 10.55
N ALA G 121 92.95 -83.55 11.50
CA ALA G 121 92.25 -83.94 12.71
C ALA G 121 93.09 -83.75 13.97
N ALA G 122 94.41 -83.65 13.83
CA ALA G 122 95.31 -83.36 14.93
C ALA G 122 96.25 -82.23 14.52
N GLU G 123 96.89 -81.63 15.51
CA GLU G 123 97.68 -80.43 15.29
C GLU G 123 98.87 -80.70 14.38
N GLN G 124 99.24 -79.69 13.58
CA GLN G 124 100.48 -79.67 12.80
C GLN G 124 101.03 -78.26 12.95
N ASN G 125 102.18 -78.15 13.60
CA ASN G 125 102.86 -76.87 13.73
C ASN G 125 103.91 -76.72 12.64
N ILE G 126 104.04 -75.50 12.12
CA ILE G 126 104.92 -75.23 10.99
C ILE G 126 106.15 -74.51 11.50
N THR G 127 107.30 -74.83 10.91
CA THR G 127 108.57 -74.32 11.38
C THR G 127 108.69 -72.82 11.12
N ALA G 128 109.86 -72.28 11.45
CA ALA G 128 110.10 -70.85 11.30
C ALA G 128 109.96 -70.42 9.84
N ILE G 129 109.17 -69.37 9.62
CA ILE G 129 108.93 -68.82 8.29
C ILE G 129 109.38 -67.37 8.32
N ASP G 130 110.37 -67.03 7.51
CA ASP G 130 110.93 -65.69 7.48
C ASP G 130 110.57 -65.03 6.15
N THR G 131 109.88 -63.89 6.22
CA THR G 131 109.47 -63.14 5.03
C THR G 131 109.93 -61.69 5.09
N SER G 132 111.12 -61.41 5.64
CA SER G 132 111.63 -60.06 5.64
C SER G 132 111.93 -59.56 4.23
N ALA G 133 112.51 -60.42 3.40
CA ALA G 133 112.82 -60.03 2.02
C ALA G 133 111.57 -59.64 1.26
N ALA G 134 110.68 -60.61 1.02
CA ALA G 134 109.33 -60.37 0.52
C ALA G 134 109.33 -59.43 -0.68
N THR G 135 109.93 -59.91 -1.77
CA THR G 135 109.93 -59.13 -3.01
C THR G 135 108.51 -58.82 -3.45
N SER G 136 107.61 -59.80 -3.36
CA SER G 136 106.21 -59.63 -3.67
C SER G 136 105.41 -60.65 -2.88
N MET G 137 104.08 -60.47 -2.88
CA MET G 137 103.23 -61.43 -2.19
C MET G 137 103.24 -62.78 -2.87
N ASP G 138 103.57 -62.83 -4.16
CA ASP G 138 103.79 -64.11 -4.80
C ASP G 138 104.94 -64.85 -4.15
N ASN G 139 106.02 -64.12 -3.82
CA ASN G 139 107.10 -64.72 -3.07
C ASN G 139 106.65 -65.17 -1.69
N VAL G 140 105.78 -64.38 -1.04
CA VAL G 140 105.30 -64.78 0.29
C VAL G 140 104.53 -66.08 0.22
N ALA G 141 103.64 -66.22 -0.78
CA ALA G 141 102.90 -67.46 -0.95
C ALA G 141 103.83 -68.62 -1.25
N SER G 142 104.83 -68.41 -2.11
CA SER G 142 105.78 -69.47 -2.40
C SER G 142 106.54 -69.91 -1.15
N ILE G 143 106.97 -68.94 -0.33
CA ILE G 143 107.73 -69.29 0.86
C ILE G 143 106.87 -70.00 1.88
N ILE G 144 105.61 -69.61 2.02
CA ILE G 144 104.70 -70.34 2.90
C ILE G 144 104.52 -71.76 2.40
N GLN G 145 104.35 -71.93 1.08
CA GLN G 145 104.20 -73.25 0.50
C GLN G 145 105.41 -74.13 0.76
N THR G 146 106.61 -73.55 0.65
CA THR G 146 107.82 -74.34 0.86
C THR G 146 107.88 -74.87 2.29
N GLU G 147 107.53 -74.03 3.28
CA GLU G 147 107.57 -74.48 4.66
C GLU G 147 106.47 -75.47 4.97
N ILE G 148 105.30 -75.32 4.34
CA ILE G 148 104.21 -76.27 4.58
C ILE G 148 104.55 -77.63 3.99
N ARG G 149 105.15 -77.65 2.79
CA ARG G 149 105.41 -78.91 2.10
C ARG G 149 106.42 -79.78 2.85
N LYS G 150 107.12 -79.23 3.83
CA LYS G 150 108.09 -80.03 4.58
C LYS G 150 107.41 -81.01 5.53
N ASN G 151 106.14 -80.79 5.84
CA ASN G 151 105.43 -81.67 6.76
C ASN G 151 105.12 -83.02 6.11
N ALA G 152 105.02 -84.05 6.94
CA ALA G 152 104.87 -85.42 6.48
C ALA G 152 103.42 -85.88 6.39
N ASP G 153 102.45 -85.03 6.72
CA ASP G 153 101.05 -85.42 6.58
C ASP G 153 100.68 -85.49 5.09
N PRO G 154 99.94 -86.51 4.66
CA PRO G 154 99.65 -86.64 3.22
C PRO G 154 98.96 -85.43 2.60
N GLN G 155 98.05 -84.78 3.33
CA GLN G 155 97.43 -83.57 2.80
C GLN G 155 98.46 -82.47 2.60
N LEU G 156 99.36 -82.30 3.56
CA LEU G 156 100.34 -81.22 3.54
C LEU G 156 101.61 -81.57 2.78
N ALA G 157 101.73 -82.81 2.28
CA ALA G 157 102.94 -83.18 1.56
C ALA G 157 103.05 -82.42 0.23
N GLN G 158 101.93 -82.25 -0.47
CA GLN G 158 101.91 -81.56 -1.75
C GLN G 158 100.90 -80.42 -1.76
N ALA G 159 100.67 -79.80 -0.60
CA ALA G 159 99.71 -78.72 -0.51
C ALA G 159 100.19 -77.49 -1.28
N THR G 160 99.24 -76.70 -1.74
CA THR G 160 99.54 -75.51 -2.53
C THR G 160 98.98 -74.28 -1.84
N VAL G 161 99.73 -73.18 -1.93
CA VAL G 161 99.30 -71.88 -1.43
C VAL G 161 99.30 -70.91 -2.61
N THR G 162 98.19 -70.22 -2.81
CA THR G 162 98.06 -69.30 -3.93
C THR G 162 97.60 -67.95 -3.40
N TRP G 163 97.84 -66.92 -4.21
CA TRP G 163 97.46 -65.55 -3.87
C TRP G 163 96.77 -64.91 -5.07
N ASN G 164 95.70 -64.18 -4.79
CA ASN G 164 94.85 -63.58 -5.82
C ASN G 164 94.95 -62.06 -5.73
N GLN G 165 95.07 -61.40 -6.88
CA GLN G 165 95.26 -59.96 -6.90
C GLN G 165 93.94 -59.19 -7.04
N ASN G 166 93.02 -59.71 -7.85
CA ASN G 166 91.76 -59.00 -8.08
C ASN G 166 91.01 -58.79 -6.77
N THR G 167 90.76 -59.87 -6.05
CA THR G 167 90.39 -59.80 -4.65
C THR G 167 91.66 -59.89 -3.83
N ASN G 168 91.54 -60.14 -2.53
CA ASN G 168 92.70 -60.11 -1.64
C ASN G 168 92.76 -61.39 -0.82
N GLN G 169 92.67 -62.53 -1.49
CA GLN G 169 92.50 -63.81 -0.83
C GLN G 169 93.74 -64.70 -0.94
N PHE G 170 94.14 -65.28 0.18
CA PHE G 170 95.11 -66.38 0.23
C PHE G 170 94.33 -67.69 0.32
N THR G 171 94.71 -68.67 -0.50
CA THR G 171 94.01 -69.93 -0.55
C THR G 171 94.99 -71.09 -0.41
N LEU G 172 94.62 -72.07 0.42
CA LEU G 172 95.43 -73.24 0.68
C LEU G 172 94.66 -74.48 0.26
N VAL G 173 95.29 -75.32 -0.56
CA VAL G 173 94.65 -76.51 -1.12
C VAL G 173 95.44 -77.73 -0.70
N GLY G 174 94.75 -78.72 -0.15
CA GLY G 174 95.40 -79.96 0.25
C GLY G 174 95.68 -80.87 -0.94
N ALA G 175 96.57 -81.83 -0.71
CA ALA G 175 97.06 -82.67 -1.79
C ALA G 175 96.02 -83.70 -2.25
N THR G 176 95.37 -84.38 -1.32
CA THR G 176 94.46 -85.47 -1.67
C THR G 176 93.12 -84.92 -2.15
N ILE G 177 92.48 -85.67 -3.04
CA ILE G 177 91.22 -85.26 -3.66
C ILE G 177 90.14 -86.25 -3.27
N GLY G 178 89.08 -85.74 -2.66
CA GLY G 178 87.90 -86.56 -2.40
C GLY G 178 87.41 -86.52 -0.98
N THR G 179 88.33 -86.51 -0.01
CA THR G 179 87.95 -86.54 1.40
C THR G 179 89.04 -85.88 2.22
N GLY G 180 88.62 -85.18 3.26
CA GLY G 180 89.53 -84.51 4.17
C GLY G 180 88.88 -83.26 4.74
N VAL G 181 89.32 -82.88 5.93
CA VAL G 181 88.85 -81.67 6.60
C VAL G 181 90.07 -80.93 7.12
N LEU G 182 90.19 -79.65 6.78
CA LEU G 182 91.32 -78.82 7.18
C LEU G 182 90.82 -77.59 7.93
N ALA G 183 91.62 -77.11 8.87
CA ALA G 183 91.31 -75.89 9.58
C ALA G 183 92.59 -75.27 10.12
N VAL G 184 92.50 -74.00 10.50
CA VAL G 184 93.62 -73.26 11.08
C VAL G 184 93.18 -72.70 12.43
N ALA G 185 94.09 -72.73 13.40
CA ALA G 185 93.78 -72.34 14.77
C ALA G 185 94.54 -71.08 15.15
N LYS G 186 93.93 -70.27 15.99
CA LYS G 186 94.54 -69.05 16.51
C LYS G 186 95.40 -69.41 17.72
N SER G 187 96.72 -69.26 17.57
CA SER G 187 97.64 -69.55 18.66
C SER G 187 97.97 -68.29 19.43
N ALA G 188 98.66 -68.46 20.55
CA ALA G 188 99.00 -67.36 21.46
C ALA G 188 100.41 -66.83 21.28
N ASP G 189 101.18 -67.37 20.34
CA ASP G 189 102.55 -66.91 20.15
C ASP G 189 102.55 -65.51 19.55
N PRO G 190 103.59 -64.71 19.80
CA PRO G 190 103.66 -63.38 19.19
C PRO G 190 103.82 -63.42 17.69
N GLN G 191 104.64 -64.34 17.18
CA GLN G 191 104.94 -64.40 15.75
C GLN G 191 104.04 -65.43 15.08
N ASP G 192 102.74 -65.13 15.09
CA ASP G 192 101.73 -65.96 14.47
C ASP G 192 101.04 -65.16 13.38
N MET G 193 101.07 -65.69 12.15
CA MET G 193 100.62 -64.95 10.99
C MET G 193 99.23 -65.38 10.51
N SER G 194 98.36 -65.80 11.42
CA SER G 194 96.97 -66.07 11.06
C SER G 194 96.14 -64.79 11.02
N THR G 195 96.69 -63.66 11.44
CA THR G 195 96.00 -62.39 11.34
C THR G 195 96.46 -61.56 10.15
N ALA G 196 97.77 -61.56 9.85
CA ALA G 196 98.25 -60.96 8.62
C ALA G 196 97.65 -61.69 7.42
N LEU G 197 97.65 -63.01 7.47
CA LEU G 197 96.78 -63.81 6.61
C LEU G 197 95.37 -63.73 7.17
N GLY G 198 94.38 -63.93 6.32
CA GLY G 198 93.03 -63.86 6.81
C GLY G 198 92.47 -65.21 7.23
N TRP G 199 93.35 -66.11 7.66
CA TRP G 199 92.96 -67.45 8.09
C TRP G 199 92.67 -67.45 9.59
N SER G 200 91.56 -68.05 9.97
CA SER G 200 91.09 -68.10 11.36
C SER G 200 90.76 -66.72 11.91
N THR G 201 90.30 -65.80 11.07
CA THR G 201 89.84 -64.50 11.52
C THR G 201 88.50 -64.19 10.88
N SER G 202 87.59 -63.64 11.70
CA SER G 202 86.26 -63.22 11.25
C SER G 202 85.59 -64.44 10.63
N ASN G 203 85.09 -64.36 9.40
CA ASN G 203 84.44 -65.47 8.72
C ASN G 203 85.33 -66.02 7.61
N VAL G 204 85.81 -67.25 7.81
CA VAL G 204 86.67 -67.94 6.85
C VAL G 204 85.93 -69.17 6.37
N VAL G 205 85.95 -69.40 5.06
CA VAL G 205 85.26 -70.52 4.45
C VAL G 205 86.21 -71.71 4.43
N ASN G 206 85.89 -72.75 5.20
CA ASN G 206 86.61 -74.00 5.16
C ASN G 206 85.80 -75.01 4.36
N VAL G 207 86.37 -75.47 3.24
CA VAL G 207 85.68 -76.34 2.31
C VAL G 207 86.22 -77.75 2.47
N ALA G 208 85.34 -78.69 2.78
CA ALA G 208 85.72 -80.09 2.88
C ALA G 208 85.69 -80.76 1.51
N GLY G 209 86.33 -81.93 1.43
CA GLY G 209 86.39 -82.63 0.16
C GLY G 209 85.01 -83.08 -0.29
N GLN G 210 84.83 -83.17 -1.61
CA GLN G 210 83.55 -83.51 -2.18
C GLN G 210 83.73 -84.43 -3.38
N SER G 211 82.62 -85.02 -3.81
CA SER G 211 82.56 -85.86 -4.98
C SER G 211 82.18 -85.01 -6.20
N ALA G 212 81.83 -85.68 -7.31
CA ALA G 212 81.52 -84.95 -8.53
C ALA G 212 80.22 -84.16 -8.42
N ASP G 213 79.28 -84.62 -7.58
CA ASP G 213 78.06 -83.89 -7.26
C ASP G 213 77.15 -83.75 -8.48
N LEU G 214 75.92 -83.26 -8.29
CA LEU G 214 74.92 -83.22 -9.33
C LEU G 214 74.25 -81.85 -9.32
N PRO G 215 73.76 -81.39 -10.48
CA PRO G 215 73.23 -80.02 -10.53
C PRO G 215 72.02 -79.77 -9.64
N ASP G 216 71.10 -80.73 -9.55
CA ASP G 216 69.89 -80.50 -8.76
C ASP G 216 70.20 -80.50 -7.27
N ALA G 217 71.20 -81.27 -6.85
CA ALA G 217 71.66 -81.19 -5.47
C ALA G 217 72.38 -79.87 -5.21
N ALA G 218 73.15 -79.39 -6.19
CA ALA G 218 73.87 -78.14 -6.03
C ALA G 218 72.93 -76.96 -5.88
N VAL G 219 71.87 -76.92 -6.70
CA VAL G 219 70.94 -75.81 -6.58
C VAL G 219 70.20 -75.86 -5.25
N ALA G 220 69.90 -77.06 -4.74
CA ALA G 220 69.28 -77.17 -3.43
C ALA G 220 70.21 -76.67 -2.33
N LYS G 221 71.50 -77.03 -2.41
CA LYS G 221 72.46 -76.52 -1.43
C LYS G 221 72.54 -75.01 -1.50
N SER G 222 72.54 -74.43 -2.70
CA SER G 222 72.60 -72.99 -2.84
C SER G 222 71.35 -72.32 -2.27
N THR G 223 70.18 -72.90 -2.51
CA THR G 223 68.96 -72.31 -1.98
C THR G 223 68.82 -72.51 -0.48
N ASN G 224 69.59 -73.44 0.08
CA ASN G 224 69.59 -73.60 1.53
C ASN G 224 70.09 -72.34 2.24
N VAL G 225 71.12 -71.69 1.71
CA VAL G 225 71.73 -70.58 2.44
C VAL G 225 70.93 -69.29 2.25
N SER G 226 70.36 -69.07 1.07
CA SER G 226 69.53 -67.91 0.84
C SER G 226 68.70 -68.12 -0.41
N ASN G 227 67.43 -67.73 -0.36
CA ASN G 227 66.49 -67.93 -1.46
C ASN G 227 65.83 -66.63 -1.90
N ASN G 228 66.55 -65.50 -1.82
CA ASN G 228 66.02 -64.21 -2.26
C ASN G 228 66.38 -63.97 -3.72
N PHE G 229 65.71 -64.72 -4.59
CA PHE G 229 65.98 -64.62 -6.02
C PHE G 229 64.81 -65.19 -6.80
N GLY G 230 64.90 -65.06 -8.12
CA GLY G 230 63.96 -65.68 -9.03
C GLY G 230 64.63 -65.91 -10.37
N SER G 231 64.16 -66.91 -11.09
CA SER G 231 64.64 -67.20 -12.44
C SER G 231 66.14 -67.45 -12.46
N PHE G 232 66.58 -68.52 -11.81
CA PHE G 232 67.99 -68.90 -11.86
C PHE G 232 68.34 -69.51 -13.22
N LEU G 233 69.64 -69.67 -13.46
CA LEU G 233 70.15 -70.31 -14.67
C LEU G 233 71.60 -70.71 -14.46
N PHE G 234 72.05 -71.73 -15.20
CA PHE G 234 73.37 -72.30 -14.95
C PHE G 234 74.46 -71.55 -15.69
N ALA G 235 74.35 -71.45 -17.01
CA ALA G 235 75.24 -70.64 -17.82
C ALA G 235 76.69 -71.07 -17.68
N GLY G 236 76.97 -72.27 -18.16
CA GLY G 236 78.33 -72.74 -18.36
C GLY G 236 78.44 -73.35 -19.74
N ALA G 237 79.02 -74.55 -19.78
CA ALA G 237 78.89 -75.38 -20.97
C ALA G 237 77.47 -75.93 -21.04
N PRO G 238 76.98 -76.24 -22.23
CA PRO G 238 75.63 -76.79 -22.36
C PRO G 238 75.49 -78.09 -21.58
N LEU G 239 74.33 -78.26 -20.95
CA LEU G 239 74.09 -79.42 -20.11
C LEU G 239 73.44 -80.54 -20.93
N ASP G 240 73.61 -81.77 -20.43
CA ASP G 240 72.98 -82.92 -21.05
C ASP G 240 71.46 -82.85 -20.85
N ASN G 241 70.74 -83.56 -21.72
CA ASN G 241 69.29 -83.52 -21.66
C ASN G 241 68.76 -84.09 -20.34
N ASP G 242 69.39 -85.15 -19.84
CA ASP G 242 68.95 -85.74 -18.58
C ASP G 242 69.16 -84.77 -17.41
N GLN G 243 70.26 -84.02 -17.42
CA GLN G 243 70.48 -83.04 -16.37
C GLN G 243 69.42 -81.95 -16.41
N ILE G 244 69.07 -81.49 -17.61
CA ILE G 244 67.99 -80.52 -17.74
C ILE G 244 66.69 -81.09 -17.22
N LYS G 245 66.43 -82.37 -17.52
CA LYS G 245 65.21 -83.00 -17.03
C LYS G 245 65.17 -83.03 -15.52
N ALA G 246 66.28 -83.42 -14.89
CA ALA G 246 66.33 -83.48 -13.43
C ALA G 246 66.14 -82.11 -12.80
N VAL G 247 66.79 -81.09 -13.37
CA VAL G 247 66.67 -79.75 -12.79
C VAL G 247 65.26 -79.19 -12.97
N SER G 248 64.64 -79.46 -14.13
CA SER G 248 63.27 -79.01 -14.34
C SER G 248 62.31 -79.72 -13.39
N ALA G 249 62.53 -81.00 -13.14
CA ALA G 249 61.71 -81.71 -12.17
C ALA G 249 61.86 -81.11 -10.78
N TRP G 250 63.10 -80.80 -10.39
CA TRP G 250 63.32 -80.20 -9.07
C TRP G 250 62.62 -78.84 -8.99
N ASN G 251 62.69 -78.04 -10.05
CA ASN G 251 61.99 -76.77 -10.04
C ASN G 251 60.48 -76.98 -9.90
N ALA G 252 59.95 -77.99 -10.61
CA ALA G 252 58.52 -78.26 -10.52
C ALA G 252 58.12 -78.75 -9.14
N ALA G 253 59.08 -79.26 -8.36
CA ALA G 253 58.76 -79.71 -7.01
C ALA G 253 58.20 -78.57 -6.16
N GLN G 254 58.85 -77.40 -6.20
CA GLN G 254 58.27 -76.21 -5.58
C GLN G 254 57.25 -75.59 -6.53
N ASN G 255 56.06 -75.31 -6.02
CA ASN G 255 54.93 -75.04 -6.90
C ASN G 255 55.18 -73.81 -7.78
N ASN G 256 55.28 -72.64 -7.17
CA ASN G 256 55.29 -71.39 -7.94
C ASN G 256 56.34 -70.43 -7.39
N GLN G 257 57.55 -70.93 -7.15
CA GLN G 257 58.60 -70.14 -6.49
C GLN G 257 59.59 -69.52 -7.46
N PHE G 258 60.16 -70.31 -8.37
CA PHE G 258 61.28 -69.87 -9.18
C PHE G 258 60.94 -70.05 -10.66
N ILE G 259 61.83 -69.54 -11.51
CA ILE G 259 61.79 -69.83 -12.94
C ILE G 259 63.13 -70.43 -13.32
N TYR G 260 63.15 -71.19 -14.41
CA TYR G 260 64.35 -71.89 -14.87
C TYR G 260 64.45 -71.75 -16.38
N THR G 261 65.45 -71.00 -16.83
CA THR G 261 65.60 -70.67 -18.25
C THR G 261 66.66 -71.57 -18.87
N VAL G 262 66.34 -72.15 -20.01
CA VAL G 262 67.23 -73.04 -20.74
C VAL G 262 67.41 -72.49 -22.15
N ALA G 263 68.59 -72.69 -22.72
CA ALA G 263 68.88 -72.27 -24.09
C ALA G 263 69.13 -73.50 -24.94
N THR G 264 68.46 -73.58 -26.10
CA THR G 264 68.53 -74.74 -26.96
C THR G 264 68.71 -74.30 -28.41
N SER G 265 69.15 -75.23 -29.24
CA SER G 265 69.14 -75.02 -30.68
C SER G 265 67.77 -75.40 -31.24
N LEU G 266 67.57 -75.09 -32.52
CA LEU G 266 66.27 -75.36 -33.14
C LEU G 266 66.02 -76.87 -33.22
N ALA G 267 67.02 -77.63 -33.64
CA ALA G 267 66.84 -79.07 -33.80
C ALA G 267 66.66 -79.75 -32.44
N ASN G 268 67.39 -79.30 -31.43
CA ASN G 268 67.27 -79.90 -30.11
C ASN G 268 65.95 -79.57 -29.44
N LEU G 269 65.22 -78.55 -29.93
CA LEU G 269 63.98 -78.16 -29.30
C LEU G 269 62.95 -79.29 -29.36
N GLY G 270 62.87 -79.98 -30.49
CA GLY G 270 61.93 -81.08 -30.60
C GLY G 270 62.27 -82.23 -29.67
N THR G 271 63.57 -82.47 -29.46
CA THR G 271 63.98 -83.50 -28.52
C THR G 271 63.52 -83.18 -27.11
N LEU G 272 63.67 -81.92 -26.69
CA LEU G 272 63.00 -81.47 -25.49
C LEU G 272 61.52 -81.24 -25.78
N PHE G 273 60.80 -80.75 -24.78
CA PHE G 273 59.36 -80.63 -24.74
C PHE G 273 58.70 -82.00 -24.69
N THR G 274 59.47 -83.08 -24.80
CA THR G 274 59.04 -84.42 -24.45
C THR G 274 59.47 -84.78 -23.04
N LEU G 275 60.74 -84.50 -22.71
CA LEU G 275 61.22 -84.68 -21.35
C LEU G 275 60.61 -83.66 -20.40
N VAL G 276 60.67 -82.38 -20.78
CA VAL G 276 60.27 -81.30 -19.87
C VAL G 276 58.82 -80.87 -20.05
N ASN G 277 58.01 -81.64 -20.75
CA ASN G 277 56.58 -81.36 -20.77
C ASN G 277 56.03 -81.42 -19.35
N GLY G 278 55.02 -80.60 -19.09
CA GLY G 278 54.65 -80.37 -17.70
C GLY G 278 55.74 -79.53 -17.07
N ASN G 279 56.10 -79.84 -15.83
CA ASN G 279 57.24 -79.22 -15.17
C ASN G 279 57.10 -77.69 -15.14
N ALA G 280 56.10 -77.23 -14.39
CA ALA G 280 55.76 -75.81 -14.38
C ALA G 280 56.94 -74.96 -13.93
N GLY G 281 57.09 -73.80 -14.55
CA GLY G 281 58.14 -72.88 -14.21
C GLY G 281 59.39 -72.98 -15.05
N THR G 282 59.35 -73.68 -16.17
CA THR G 282 60.50 -73.87 -17.03
C THR G 282 60.29 -73.12 -18.34
N ALA G 283 61.32 -72.40 -18.79
CA ALA G 283 61.27 -71.63 -20.03
C ALA G 283 62.35 -72.10 -20.98
N LEU G 284 62.00 -72.19 -22.27
CA LEU G 284 62.92 -72.63 -23.31
C LEU G 284 63.14 -71.49 -24.30
N ASN G 285 64.40 -71.18 -24.58
CA ASN G 285 64.76 -70.09 -25.47
C ASN G 285 65.67 -70.63 -26.56
N VAL G 286 65.36 -70.30 -27.80
CA VAL G 286 66.07 -70.84 -28.94
C VAL G 286 67.29 -69.97 -29.26
N LEU G 287 68.44 -70.61 -29.41
CA LEU G 287 69.68 -69.95 -29.79
C LEU G 287 69.86 -69.95 -31.30
N SER G 288 70.89 -69.25 -31.75
CA SER G 288 71.28 -69.22 -33.15
C SER G 288 72.64 -69.89 -33.29
N ALA G 289 72.70 -70.95 -34.10
CA ALA G 289 73.96 -71.65 -34.33
C ALA G 289 74.87 -70.82 -35.24
N THR G 290 76.18 -71.04 -35.08
CA THR G 290 77.19 -70.38 -35.90
C THR G 290 77.06 -68.86 -35.87
N ALA G 291 76.88 -68.32 -34.65
CA ALA G 291 76.79 -66.88 -34.46
C ALA G 291 77.45 -66.53 -33.15
N ALA G 292 77.41 -65.24 -32.81
CA ALA G 292 77.92 -64.79 -31.53
C ALA G 292 77.09 -65.40 -30.41
N ASN G 293 77.68 -65.45 -29.21
CA ASN G 293 76.98 -66.04 -28.07
C ASN G 293 75.68 -65.30 -27.79
N ASP G 294 75.76 -63.98 -27.63
CA ASP G 294 74.62 -63.07 -27.46
C ASP G 294 73.50 -63.72 -26.65
N PHE G 295 73.92 -64.34 -25.55
CA PHE G 295 73.06 -65.15 -24.70
C PHE G 295 71.66 -64.56 -24.53
N VAL G 296 70.66 -65.41 -24.73
CA VAL G 296 69.26 -65.00 -24.86
C VAL G 296 68.39 -65.50 -23.73
N GLU G 297 68.81 -66.56 -23.02
CA GLU G 297 67.99 -67.10 -21.95
C GLU G 297 67.81 -66.11 -20.82
N GLN G 298 68.47 -64.97 -20.88
CA GLN G 298 68.38 -63.96 -19.84
C GLN G 298 67.23 -62.97 -20.04
N CYS G 299 66.55 -63.02 -21.19
CA CYS G 299 65.48 -62.05 -21.44
C CYS G 299 64.34 -62.16 -20.43
N PRO G 300 63.72 -63.32 -20.20
CA PRO G 300 62.69 -63.37 -19.15
C PRO G 300 63.22 -63.04 -17.78
N SER G 301 64.45 -63.46 -17.47
CA SER G 301 65.04 -63.14 -16.18
C SER G 301 65.23 -61.64 -16.01
N GLU G 302 65.72 -60.96 -17.05
CA GLU G 302 65.88 -59.52 -16.96
C GLU G 302 64.54 -58.82 -16.79
N ILE G 303 63.53 -59.23 -17.57
CA ILE G 303 62.23 -58.58 -17.49
C ILE G 303 61.63 -58.76 -16.10
N LEU G 304 61.78 -59.96 -15.53
CA LEU G 304 61.29 -60.19 -14.17
C LEU G 304 62.05 -59.35 -13.15
N ALA G 305 63.39 -59.28 -13.29
CA ALA G 305 64.19 -58.57 -12.30
C ALA G 305 63.88 -57.09 -12.30
N ALA G 306 63.65 -56.50 -13.48
CA ALA G 306 63.46 -55.05 -13.54
C ALA G 306 62.11 -54.61 -12.97
N THR G 307 61.14 -55.51 -12.85
CA THR G 307 59.81 -55.12 -12.42
C THR G 307 59.81 -54.69 -10.95
N ASN G 308 59.00 -53.66 -10.65
CA ASN G 308 58.87 -53.10 -9.31
C ASN G 308 57.39 -53.13 -8.94
N TYR G 309 57.04 -53.95 -7.96
CA TYR G 309 55.64 -54.26 -7.72
C TYR G 309 54.97 -53.32 -6.72
N GLU G 311 54.88 -49.97 -7.30
CA GLU G 311 54.38 -48.91 -8.17
C GLU G 311 53.20 -49.39 -8.99
N PRO G 312 52.35 -48.49 -9.47
CA PRO G 312 51.18 -48.90 -10.25
C PRO G 312 51.53 -49.33 -11.67
N GLY G 313 50.60 -50.06 -12.27
CA GLY G 313 50.73 -50.48 -13.66
C GLY G 313 51.96 -51.31 -13.93
N ALA G 314 52.33 -52.19 -13.00
CA ALA G 314 53.56 -52.97 -13.11
C ALA G 314 53.33 -54.39 -13.59
N SER G 315 52.11 -54.74 -14.00
CA SER G 315 51.83 -56.10 -14.44
C SER G 315 52.64 -56.44 -15.69
N GLN G 316 52.69 -55.53 -16.65
CA GLN G 316 53.49 -55.66 -17.86
C GLN G 316 53.07 -56.87 -18.70
N ASN G 317 53.78 -57.09 -19.80
CA ASN G 317 53.52 -58.20 -20.71
C ASN G 317 54.83 -58.65 -21.32
N TYR G 318 55.07 -59.96 -21.29
CA TYR G 318 56.34 -60.51 -21.73
C TYR G 318 56.41 -60.69 -23.25
N MET G 319 55.33 -60.44 -23.98
CA MET G 319 55.33 -60.72 -25.41
C MET G 319 55.97 -59.59 -26.22
N TYR G 320 55.36 -58.41 -26.22
CA TYR G 320 55.79 -57.34 -27.12
C TYR G 320 56.89 -56.54 -26.43
N TYR G 321 58.14 -56.93 -26.65
CA TYR G 321 59.25 -56.23 -26.05
C TYR G 321 60.46 -56.45 -26.95
N GLN G 322 61.32 -55.44 -27.05
CA GLN G 322 62.38 -55.42 -28.06
C GLN G 322 63.75 -55.60 -27.42
N PHE G 323 64.60 -56.40 -28.07
CA PHE G 323 65.96 -56.69 -27.60
C PHE G 323 66.95 -56.44 -28.73
N PRO G 324 67.43 -55.21 -28.91
CA PRO G 324 68.35 -54.93 -30.02
C PRO G 324 69.66 -55.69 -29.93
N GLY G 325 70.11 -56.05 -28.73
CA GLY G 325 71.35 -56.80 -28.61
C GLY G 325 71.26 -58.20 -29.20
N ARG G 326 70.15 -58.90 -28.94
CA ARG G 326 70.00 -60.25 -29.42
C ARG G 326 69.76 -60.28 -30.93
N ASN G 327 70.28 -61.31 -31.58
CA ASN G 327 70.11 -61.43 -33.02
C ASN G 327 68.87 -62.24 -33.36
N ILE G 328 68.45 -62.15 -34.62
CA ILE G 328 67.19 -62.72 -35.07
C ILE G 328 67.28 -64.24 -35.04
N THR G 329 66.14 -64.88 -34.81
CA THR G 329 66.07 -66.33 -34.69
C THR G 329 65.27 -66.99 -35.81
N VAL G 330 64.03 -66.56 -36.04
CA VAL G 330 63.17 -67.14 -37.07
C VAL G 330 62.60 -66.01 -37.92
N SER G 331 62.35 -66.30 -39.19
CA SER G 331 61.84 -65.30 -40.12
C SER G 331 60.78 -65.83 -41.08
N ASP G 332 60.36 -67.08 -40.95
CA ASP G 332 59.31 -67.64 -41.78
C ASP G 332 58.09 -67.94 -40.91
N ASP G 333 56.91 -67.90 -41.53
CA ASP G 333 55.69 -68.21 -40.79
C ASP G 333 55.56 -69.70 -40.52
N THR G 334 55.98 -70.54 -41.47
CA THR G 334 55.91 -71.98 -41.26
C THR G 334 56.89 -72.42 -40.19
N VAL G 335 58.10 -71.85 -40.17
CA VAL G 335 59.08 -72.18 -39.14
C VAL G 335 58.57 -71.76 -37.77
N ALA G 336 57.96 -70.58 -37.69
CA ALA G 336 57.38 -70.14 -36.42
C ALA G 336 56.25 -71.06 -35.99
N ASN G 337 55.44 -71.53 -36.95
CA ASN G 337 54.38 -72.47 -36.62
C ASN G 337 54.94 -73.77 -36.05
N THR G 338 56.00 -74.29 -36.64
CA THR G 338 56.62 -75.51 -36.11
C THR G 338 57.22 -75.26 -34.73
N VAL G 339 57.84 -74.10 -34.53
CA VAL G 339 58.51 -73.82 -33.25
C VAL G 339 57.48 -73.66 -32.14
N ASP G 340 56.35 -73.02 -32.43
CA ASP G 340 55.37 -72.73 -31.38
C ASP G 340 54.76 -74.01 -30.80
N LYS G 341 54.78 -75.11 -31.56
CA LYS G 341 54.26 -76.37 -31.04
C LYS G 341 55.07 -76.84 -29.84
N SER G 342 56.35 -76.52 -29.80
CA SER G 342 57.24 -76.94 -28.72
C SER G 342 57.36 -75.89 -27.62
N ARG G 343 56.55 -74.83 -27.68
CA ARG G 343 56.55 -73.78 -26.66
C ARG G 343 57.95 -73.16 -26.51
N GLY G 344 58.55 -72.80 -27.63
CA GLY G 344 59.83 -72.14 -27.65
C GLY G 344 59.67 -70.63 -27.74
N ASN G 345 60.54 -69.92 -27.03
CA ASN G 345 60.54 -68.47 -27.02
C ASN G 345 61.70 -67.96 -27.85
N TYR G 346 61.46 -66.90 -28.63
CA TYR G 346 62.46 -66.49 -29.61
C TYR G 346 62.27 -65.02 -29.94
N ILE G 347 63.17 -64.52 -30.78
CA ILE G 347 63.07 -63.17 -31.35
C ILE G 347 62.67 -63.33 -32.81
N GLY G 348 61.52 -62.78 -33.16
CA GLY G 348 61.00 -62.86 -34.51
C GLY G 348 61.09 -61.51 -35.19
N VAL G 349 61.26 -61.54 -36.51
CA VAL G 349 61.34 -60.34 -37.33
C VAL G 349 60.15 -60.33 -38.28
N THR G 350 59.53 -59.15 -38.42
CA THR G 350 58.38 -58.99 -39.28
C THR G 350 58.43 -57.62 -39.94
N GLN G 351 57.94 -57.55 -41.18
CA GLN G 351 57.94 -56.30 -41.92
C GLN G 351 56.70 -55.48 -41.59
N ALA G 352 56.90 -54.20 -41.26
CA ALA G 352 55.80 -53.27 -41.00
C ALA G 352 56.08 -51.99 -41.78
N ASN G 353 55.64 -51.95 -43.03
CA ASN G 353 55.87 -50.82 -43.92
C ASN G 353 57.37 -50.50 -44.02
N GLY G 354 58.12 -51.48 -44.51
CA GLY G 354 59.55 -51.28 -44.72
C GLY G 354 60.45 -51.59 -43.55
N GLN G 355 60.05 -51.22 -42.34
CA GLN G 355 60.89 -51.44 -41.17
C GLN G 355 60.75 -52.88 -40.68
N GLN G 356 61.88 -53.46 -40.29
CA GLN G 356 61.93 -54.84 -39.80
C GLN G 356 61.87 -54.82 -38.28
N ALA G 358 61.88 -56.43 -34.81
CA ALA G 358 62.34 -57.66 -34.19
C ALA G 358 61.96 -57.61 -32.71
N PHE G 359 61.29 -58.65 -32.23
CA PHE G 359 60.85 -58.65 -30.85
C PHE G 359 60.64 -60.06 -30.33
N TYR G 360 60.67 -60.18 -29.01
CA TYR G 360 60.33 -61.42 -28.32
C TYR G 360 58.91 -61.82 -28.70
N GLN G 361 58.66 -63.11 -28.89
CA GLN G 361 57.42 -63.48 -29.56
C GLN G 361 56.40 -64.19 -28.67
N ARG G 362 56.83 -65.00 -27.71
CA ARG G 362 55.86 -65.73 -26.90
C ARG G 362 56.25 -65.67 -25.44
N GLY G 363 55.26 -65.51 -24.58
CA GLY G 363 55.49 -65.47 -23.16
C GLY G 363 54.92 -66.69 -22.47
N ILE G 364 55.10 -67.87 -23.07
CA ILE G 364 54.44 -69.07 -22.57
C ILE G 364 55.46 -69.97 -21.88
N LEU G 365 55.01 -70.68 -20.85
CA LEU G 365 55.82 -71.62 -20.10
C LEU G 365 55.28 -73.03 -20.29
N CYS G 366 56.17 -74.02 -20.20
CA CYS G 366 55.72 -75.41 -20.24
C CYS G 366 55.16 -75.81 -18.88
N GLY G 367 53.99 -76.44 -18.89
CA GLY G 367 53.33 -76.84 -17.67
C GLY G 367 52.00 -77.50 -17.97
N GLY G 368 51.33 -77.92 -16.90
CA GLY G 368 50.06 -78.59 -17.02
C GLY G 368 48.89 -77.62 -17.08
N PRO G 369 47.67 -78.15 -17.16
CA PRO G 369 46.50 -77.27 -17.18
C PRO G 369 46.33 -76.46 -15.90
N THR G 370 46.71 -77.00 -14.75
CA THR G 370 46.51 -76.31 -13.48
C THR G 370 47.52 -75.19 -13.26
N ASP G 371 48.64 -75.20 -13.96
CA ASP G 371 49.70 -74.23 -13.70
C ASP G 371 49.61 -73.04 -14.66
N ALA G 372 50.37 -72.00 -14.34
CA ALA G 372 50.32 -70.73 -15.06
C ALA G 372 51.20 -70.83 -16.31
N VAL G 373 50.55 -70.85 -17.47
CA VAL G 373 51.29 -70.98 -18.72
C VAL G 373 52.01 -69.67 -19.08
N ASP G 374 51.32 -68.55 -18.93
CA ASP G 374 51.92 -67.25 -19.21
C ASP G 374 52.89 -66.84 -18.11
N MET G 375 53.95 -66.14 -18.47
CA MET G 375 54.95 -65.75 -17.49
C MET G 375 54.51 -64.58 -16.62
N ASN G 376 53.67 -63.68 -17.13
CA ASN G 376 53.26 -62.53 -16.30
C ASN G 376 52.44 -62.98 -15.10
N VAL G 377 51.48 -63.89 -15.31
CA VAL G 377 50.69 -64.40 -14.19
C VAL G 377 51.57 -65.21 -13.25
N TYR G 378 52.56 -65.92 -13.80
CA TYR G 378 53.51 -66.64 -12.94
C TYR G 378 54.24 -65.68 -12.01
N ALA G 379 54.76 -64.59 -12.56
CA ALA G 379 55.47 -63.61 -11.73
C ALA G 379 54.55 -62.99 -10.70
N ASN G 380 53.33 -62.65 -11.10
CA ASN G 380 52.40 -62.05 -10.17
C ASN G 380 52.04 -63.00 -9.04
N GLU G 381 51.89 -64.28 -9.33
CA GLU G 381 51.63 -65.24 -8.26
C GLU G 381 52.83 -65.40 -7.33
N ILE G 382 54.05 -65.36 -7.88
CA ILE G 382 55.24 -65.34 -7.03
C ILE G 382 55.17 -64.18 -6.06
N TRP G 383 54.87 -62.99 -6.58
CA TRP G 383 54.84 -61.80 -5.74
C TRP G 383 53.72 -61.89 -4.70
N LEU G 384 52.55 -62.38 -5.09
CA LEU G 384 51.46 -62.54 -4.12
C LEU G 384 51.84 -63.47 -2.98
N LYS G 385 52.41 -64.63 -3.32
CA LYS G 385 52.78 -65.57 -2.27
C LYS G 385 53.81 -64.95 -1.32
N SER G 386 54.82 -64.28 -1.88
CA SER G 386 55.84 -63.67 -1.03
C SER G 386 55.24 -62.59 -0.14
N ALA G 387 54.37 -61.73 -0.68
CA ALA G 387 53.81 -60.64 0.10
C ALA G 387 52.91 -61.15 1.22
N ILE G 388 52.05 -62.13 0.91
CA ILE G 388 51.16 -62.67 1.92
C ILE G 388 51.96 -63.34 3.03
N ALA G 389 52.97 -64.13 2.65
CA ALA G 389 53.80 -64.79 3.66
C ALA G 389 54.51 -63.77 4.53
N GLN G 390 55.04 -62.69 3.93
CA GLN G 390 55.69 -61.66 4.72
C GLN G 390 54.74 -61.02 5.72
N ALA G 391 53.53 -60.67 5.27
CA ALA G 391 52.59 -60.02 6.17
C ALA G 391 52.20 -60.93 7.33
N LEU G 392 51.95 -62.22 7.03
CA LEU G 392 51.54 -63.14 8.10
C LEU G 392 52.68 -63.39 9.07
N LEU G 393 53.90 -63.58 8.57
CA LEU G 393 55.04 -63.78 9.46
C LEU G 393 55.27 -62.56 10.34
N ASP G 394 55.14 -61.36 9.76
CA ASP G 394 55.32 -60.15 10.54
C ASP G 394 54.27 -60.02 11.63
N LEU G 395 53.01 -60.34 11.30
CA LEU G 395 51.96 -60.39 12.31
C LEU G 395 52.34 -61.34 13.44
N PHE G 396 52.79 -62.54 13.10
CA PHE G 396 53.16 -63.50 14.14
C PHE G 396 54.29 -62.98 15.00
N LEU G 397 55.26 -62.31 14.40
CA LEU G 397 56.44 -61.87 15.14
C LEU G 397 56.16 -60.68 16.04
N ASN G 398 55.23 -59.79 15.68
CA ASN G 398 55.05 -58.55 16.44
C ASN G 398 54.02 -58.67 17.56
N VAL G 399 52.77 -58.98 17.23
CA VAL G 399 51.71 -58.94 18.23
C VAL G 399 51.94 -60.05 19.25
N ASN G 400 51.42 -59.82 20.47
CA ASN G 400 51.67 -60.78 21.56
C ASN G 400 51.05 -62.14 21.26
N ALA G 401 49.77 -62.17 20.91
CA ALA G 401 49.08 -63.43 20.67
C ALA G 401 47.89 -63.18 19.76
N VAL G 402 47.53 -64.21 19.01
CA VAL G 402 46.39 -64.14 18.10
C VAL G 402 45.33 -65.11 18.58
N PRO G 403 44.26 -64.63 19.24
CA PRO G 403 43.26 -65.55 19.77
C PRO G 403 42.49 -66.26 18.66
N ALA G 404 42.05 -67.47 18.96
CA ALA G 404 41.31 -68.29 18.01
C ALA G 404 39.82 -68.06 18.22
N SER G 405 39.39 -66.85 17.86
CA SER G 405 37.99 -66.46 17.97
C SER G 405 37.72 -65.41 16.90
N SER G 406 36.53 -64.80 16.97
CA SER G 406 36.12 -63.84 15.95
C SER G 406 37.14 -62.71 15.81
N THR G 407 37.71 -62.27 16.92
CA THR G 407 38.75 -61.25 16.87
C THR G 407 39.92 -61.71 16.02
N GLY G 408 40.23 -63.01 16.04
CA GLY G 408 41.31 -63.53 15.23
C GLY G 408 41.06 -63.36 13.74
N GLU G 409 39.89 -63.76 13.25
CA GLU G 409 39.60 -63.57 11.82
C GLU G 409 39.58 -62.10 11.47
N ALA G 410 38.97 -61.27 12.33
CA ALA G 410 38.93 -59.84 12.03
C ALA G 410 40.33 -59.25 11.91
N MET G 411 41.21 -59.59 12.86
CA MET G 411 42.56 -59.04 12.86
C MET G 411 43.36 -59.53 11.66
N THR G 412 43.24 -60.82 11.33
CA THR G 412 43.97 -61.35 10.17
C THR G 412 43.50 -60.68 8.89
N LEU G 413 42.18 -60.52 8.72
CA LEU G 413 41.69 -59.87 7.52
C LEU G 413 42.13 -58.42 7.45
N ALA G 414 42.11 -57.72 8.58
CA ALA G 414 42.57 -56.33 8.60
C ALA G 414 44.02 -56.22 8.19
N VAL G 415 44.85 -57.16 8.65
CA VAL G 415 46.27 -57.11 8.30
C VAL G 415 46.48 -57.44 6.83
N LEU G 416 45.72 -58.40 6.29
CA LEU G 416 45.88 -58.73 4.88
C LEU G 416 45.27 -57.71 3.95
N GLN G 417 44.45 -56.80 4.46
CA GLN G 417 43.77 -55.83 3.58
C GLN G 417 44.72 -54.97 2.75
N PRO G 418 45.78 -54.35 3.30
CA PRO G 418 46.62 -53.48 2.46
C PRO G 418 47.29 -54.19 1.30
N VAL G 419 47.69 -55.45 1.47
CA VAL G 419 48.32 -56.18 0.37
C VAL G 419 47.34 -56.35 -0.78
N LEU G 420 46.11 -56.74 -0.47
CA LEU G 420 45.09 -56.89 -1.51
C LEU G 420 44.72 -55.54 -2.13
N ASP G 421 44.79 -54.47 -1.34
CA ASP G 421 44.56 -53.13 -1.90
C ASP G 421 45.64 -52.78 -2.91
N LYS G 422 46.89 -53.08 -2.59
CA LYS G 422 47.98 -52.80 -3.52
C LYS G 422 47.92 -53.69 -4.75
N ALA G 423 47.41 -54.92 -4.59
CA ALA G 423 47.32 -55.83 -5.72
C ALA G 423 46.40 -55.31 -6.80
N THR G 424 45.31 -54.64 -6.43
CA THR G 424 44.42 -54.07 -7.43
C THR G 424 45.11 -52.97 -8.23
N ALA G 425 45.89 -52.13 -7.55
CA ALA G 425 46.57 -51.03 -8.23
C ALA G 425 47.69 -51.55 -9.13
N ASN G 426 48.36 -52.63 -8.71
CA ASN G 426 49.47 -53.17 -9.49
C ASN G 426 49.00 -53.63 -10.87
N GLY G 427 47.86 -54.29 -10.93
CA GLY G 427 47.38 -54.89 -12.16
C GLY G 427 47.30 -56.40 -12.12
N THR G 428 47.65 -57.03 -10.99
CA THR G 428 47.50 -58.47 -10.88
C THR G 428 46.06 -58.89 -10.63
N PHE G 429 45.21 -57.97 -10.17
CA PHE G 429 43.78 -58.21 -10.07
C PHE G 429 43.10 -57.39 -11.15
N THR G 430 42.28 -58.05 -11.96
CA THR G 430 41.55 -57.38 -13.04
C THR G 430 40.06 -57.42 -12.72
N TYR G 431 39.43 -56.25 -12.71
CA TYR G 431 38.00 -56.14 -12.47
C TYR G 431 37.27 -55.86 -13.79
N LYS G 433 36.46 -58.10 -15.89
CA LYS G 433 36.74 -59.14 -16.85
C LYS G 433 35.56 -60.10 -16.94
N GLU G 434 35.29 -60.59 -18.15
CA GLU G 434 34.17 -61.51 -18.33
C GLU G 434 34.50 -62.85 -17.68
N SER G 436 33.32 -66.88 -17.50
CA SER G 436 32.58 -67.89 -18.24
C SER G 436 31.60 -68.62 -17.35
N ALA G 437 30.61 -69.27 -17.97
CA ALA G 437 29.64 -70.04 -17.21
C ALA G 437 30.31 -71.20 -16.49
N VAL G 438 31.26 -71.87 -17.15
CA VAL G 438 31.96 -72.97 -16.51
C VAL G 438 32.73 -72.49 -15.29
N GLN G 439 33.42 -71.35 -15.42
CA GLN G 439 34.12 -70.78 -14.28
C GLN G 439 33.16 -70.37 -13.18
N GLN G 440 31.98 -69.86 -13.56
CA GLN G 440 30.97 -69.52 -12.56
C GLN G 440 30.56 -70.74 -11.76
N GLN G 441 30.28 -71.85 -12.45
CA GLN G 441 29.87 -73.07 -11.75
C GLN G 441 31.00 -73.60 -10.88
N TYR G 442 32.23 -73.51 -11.38
CA TYR G 442 33.38 -73.94 -10.58
C TYR G 442 33.50 -73.14 -9.30
N ILE G 443 33.32 -71.83 -9.39
CA ILE G 443 33.40 -70.98 -8.20
C ILE G 443 32.27 -71.29 -7.23
N THR G 444 31.06 -71.47 -7.75
CA THR G 444 29.93 -71.77 -6.86
C THR G 444 30.09 -73.13 -6.21
N GLN G 445 30.81 -74.05 -6.85
CA GLN G 445 31.00 -75.37 -6.27
C GLN G 445 32.13 -75.37 -5.24
N VAL G 446 33.25 -74.71 -5.58
CA VAL G 446 34.41 -74.72 -4.68
C VAL G 446 34.10 -73.99 -3.39
N THR G 447 33.45 -72.82 -3.48
CA THR G 447 33.02 -72.09 -2.31
C THR G 447 31.55 -72.37 -2.08
N GLY G 448 31.20 -72.78 -0.85
CA GLY G 448 29.81 -73.02 -0.54
C GLY G 448 28.97 -71.77 -0.71
N ASP G 449 29.59 -70.60 -0.54
CA ASP G 449 28.87 -69.35 -0.69
C ASP G 449 28.69 -68.98 -2.15
N ARG G 450 27.44 -68.97 -2.59
CA ARG G 450 27.07 -68.44 -3.89
C ARG G 450 27.10 -66.91 -3.84
N ARG G 451 27.10 -66.28 -5.02
CA ARG G 451 27.32 -64.85 -5.27
C ARG G 451 28.77 -64.45 -5.00
N ALA G 452 29.68 -65.41 -4.84
CA ALA G 452 31.10 -65.06 -4.80
C ALA G 452 31.59 -64.66 -6.19
N TRP G 453 31.05 -65.27 -7.24
CA TRP G 453 31.50 -64.96 -8.59
C TRP G 453 31.12 -63.55 -9.00
N ARG G 454 29.93 -63.09 -8.60
CA ARG G 454 29.59 -61.70 -8.84
C ARG G 454 30.59 -60.77 -8.18
N GLN G 455 31.02 -61.11 -6.96
CA GLN G 455 32.00 -60.28 -6.28
C GLN G 455 33.36 -60.30 -6.97
N VAL G 456 33.81 -61.47 -7.44
CA VAL G 456 35.13 -61.52 -8.05
C VAL G 456 35.11 -60.82 -9.40
N THR G 458 33.05 -58.06 -10.01
CA THR G 458 32.87 -56.63 -9.79
C THR G 458 34.08 -56.01 -9.12
N LEU G 459 34.62 -56.65 -8.08
CA LEU G 459 35.71 -56.09 -7.29
C LEU G 459 37.06 -56.70 -7.58
N GLY G 460 37.13 -58.00 -7.90
CA GLY G 460 38.35 -58.64 -8.33
C GLY G 460 38.86 -59.73 -7.42
N TYR G 461 38.30 -59.91 -6.24
CA TYR G 461 38.82 -60.92 -5.34
C TYR G 461 37.75 -61.34 -4.34
N TRP G 462 38.00 -62.47 -3.69
CA TRP G 462 37.15 -63.02 -2.64
C TRP G 462 38.05 -63.76 -1.66
N ILE G 463 37.89 -63.47 -0.38
CA ILE G 463 38.78 -63.99 0.66
C ILE G 463 37.94 -64.62 1.77
N ASN G 464 38.46 -65.70 2.36
CA ASN G 464 37.80 -66.36 3.47
C ASN G 464 38.82 -66.78 4.52
N ILE G 465 38.35 -66.94 5.76
CA ILE G 465 39.18 -67.39 6.88
C ILE G 465 38.41 -68.46 7.64
N THR G 466 39.14 -69.47 8.15
CA THR G 466 38.50 -70.64 8.76
C THR G 466 38.76 -70.76 10.25
N PHE G 467 40.03 -70.83 10.69
CA PHE G 467 40.38 -70.99 12.11
C PHE G 467 39.80 -72.28 12.69
N SER G 468 40.31 -73.40 12.21
CA SER G 468 39.98 -74.71 12.78
C SER G 468 41.07 -75.18 13.73
N SER G 469 40.81 -76.29 14.40
CA SER G 469 41.77 -76.91 15.30
C SER G 469 42.12 -78.33 14.84
N TYR G 470 43.24 -78.83 15.34
CA TYR G 470 43.75 -80.13 14.95
C TYR G 470 44.84 -80.53 15.93
N THR G 471 45.30 -81.78 15.79
CA THR G 471 46.43 -82.29 16.55
C THR G 471 47.57 -82.63 15.59
N ASN G 472 48.76 -82.13 15.89
CA ASN G 472 49.91 -82.41 15.06
C ASN G 472 50.46 -83.80 15.37
N SER G 473 51.17 -84.37 14.39
CA SER G 473 51.67 -85.72 14.55
C SER G 473 52.89 -85.77 15.46
N ASN G 474 53.70 -84.71 15.48
CA ASN G 474 54.96 -84.73 16.20
C ASN G 474 54.73 -84.89 17.70
N THR G 475 53.75 -84.20 18.25
CA THR G 475 53.39 -84.32 19.65
C THR G 475 51.90 -84.59 19.75
N GLY G 476 51.49 -85.29 20.80
CA GLY G 476 50.09 -85.60 20.96
C GLY G 476 49.22 -84.36 21.20
N LEU G 477 49.85 -83.23 21.51
CA LEU G 477 49.10 -82.04 21.88
C LEU G 477 48.28 -81.51 20.71
N THR G 478 47.17 -80.85 21.04
CA THR G 478 46.35 -80.20 20.03
C THR G 478 46.89 -78.80 19.77
N GLU G 479 47.24 -78.52 18.53
CA GLU G 479 47.77 -77.22 18.17
C GLU G 479 46.85 -76.55 17.16
N TRP G 480 45.98 -72.92 17.58
CA TRP G 480 45.27 -73.69 16.57
C TRP G 480 45.93 -73.54 15.21
N LYS G 481 45.12 -73.51 14.17
CA LYS G 481 45.59 -73.23 12.82
C LYS G 481 44.54 -72.40 12.09
N ALA G 482 44.99 -71.70 11.06
CA ALA G 482 44.11 -70.88 10.24
C ALA G 482 44.18 -71.35 8.79
N ASN G 483 43.02 -71.47 8.18
CA ASN G 483 42.91 -71.83 6.77
C ASN G 483 42.22 -70.70 6.04
N TYR G 484 42.82 -70.24 4.94
CA TYR G 484 42.26 -69.15 4.16
C TYR G 484 42.18 -69.57 2.71
N THR G 485 41.17 -69.07 2.00
CA THR G 485 41.01 -69.31 0.58
C THR G 485 40.84 -67.97 -0.12
N LEU G 486 41.59 -67.77 -1.19
CA LEU G 486 41.59 -66.55 -1.97
C LEU G 486 41.31 -66.88 -3.42
N ILE G 487 40.38 -66.15 -4.03
CA ILE G 487 40.07 -66.29 -5.45
C ILE G 487 40.16 -64.92 -6.08
N TYR G 488 40.84 -64.83 -7.22
CA TYR G 488 40.96 -63.55 -7.91
C TYR G 488 41.07 -63.79 -9.40
N SER G 489 40.69 -62.77 -10.17
CA SER G 489 40.78 -62.83 -11.62
C SER G 489 42.18 -62.50 -12.07
N LYS G 490 42.80 -63.42 -12.82
CA LYS G 490 44.16 -63.26 -13.25
C LYS G 490 44.25 -62.13 -14.29
N GLY G 491 45.47 -61.61 -14.45
CA GLY G 491 45.69 -60.54 -15.39
C GLY G 491 46.23 -61.01 -16.73
N ASP G 492 45.37 -61.05 -17.74
CA ASP G 492 45.72 -61.52 -19.07
C ASP G 492 45.68 -60.35 -20.05
N ALA G 493 46.64 -60.34 -20.97
CA ALA G 493 46.80 -59.27 -21.93
C ALA G 493 46.36 -59.72 -23.32
N ILE G 494 45.80 -58.80 -24.08
CA ILE G 494 45.39 -59.09 -25.44
C ILE G 494 46.63 -59.34 -26.30
N ARG G 495 46.53 -60.31 -27.21
CA ARG G 495 47.65 -60.66 -28.08
C ARG G 495 47.30 -60.69 -29.55
N PHE G 496 46.02 -60.60 -29.92
CA PHE G 496 45.60 -60.68 -31.31
C PHE G 496 44.47 -59.69 -31.56
N VAL G 497 44.49 -59.06 -32.73
CA VAL G 497 43.49 -58.08 -33.12
C VAL G 497 42.91 -58.46 -34.46
N GLU G 498 41.58 -58.51 -34.54
CA GLU G 498 40.87 -58.82 -35.78
C GLU G 498 39.70 -57.86 -35.94
N GLY G 499 39.41 -57.49 -37.18
CA GLY G 499 38.30 -56.58 -37.43
C GLY G 499 37.92 -56.57 -38.89
N SER G 500 36.81 -55.88 -39.18
CA SER G 500 36.33 -55.70 -40.53
C SER G 500 35.88 -54.25 -40.72
N ASP G 501 36.29 -53.65 -41.82
CA ASP G 501 35.94 -52.27 -42.15
C ASP G 501 34.92 -52.29 -43.28
N VAL G 502 33.65 -52.11 -42.94
CA VAL G 502 32.58 -52.10 -43.93
C VAL G 502 32.38 -50.68 -44.43
N MET G 503 32.45 -50.49 -45.74
CA MET G 503 32.29 -49.17 -46.34
C MET G 503 30.92 -49.04 -46.97
N ILE G 504 30.28 -47.90 -46.73
CA ILE G 504 28.96 -47.58 -47.27
C ILE G 504 27.93 -48.55 -46.75
N MET H 1 68.75 -73.84 7.30
CA MET H 1 67.71 -73.46 8.25
C MET H 1 66.47 -74.34 8.06
N ILE H 2 65.61 -74.36 9.08
CA ILE H 2 64.29 -74.96 8.94
C ILE H 2 63.51 -74.22 7.87
N SER H 3 62.88 -74.97 6.98
CA SER H 3 62.11 -74.36 5.90
C SER H 3 60.90 -73.60 6.46
N GLN H 4 60.52 -72.54 5.74
CA GLN H 4 59.41 -71.71 6.19
C GLN H 4 58.07 -72.43 6.15
N SER H 5 57.98 -73.56 5.44
CA SER H 5 56.69 -74.25 5.31
C SER H 5 56.24 -74.85 6.62
N ARG H 6 57.10 -74.91 7.62
CA ARG H 6 56.69 -75.41 8.93
C ARG H 6 55.67 -74.49 9.58
N TYR H 7 55.67 -73.22 9.19
CA TYR H 7 54.84 -72.19 9.83
C TYR H 7 53.80 -71.59 8.90
N ILE H 8 54.16 -71.29 7.66
CA ILE H 8 53.24 -70.73 6.68
C ILE H 8 53.35 -71.52 5.39
N ARG H 9 52.23 -72.03 4.90
CA ARG H 9 52.20 -72.79 3.66
C ARG H 9 51.13 -72.25 2.74
N ILE H 10 51.51 -71.89 1.52
CA ILE H 10 50.60 -71.34 0.53
C ILE H 10 50.75 -72.14 -0.75
N ILE H 11 49.62 -72.55 -1.32
CA ILE H 11 49.60 -73.33 -2.56
C ILE H 11 48.92 -72.49 -3.63
N SER H 12 49.58 -72.34 -4.78
CA SER H 12 49.09 -71.53 -5.88
C SER H 12 48.70 -72.44 -7.03
N GLY H 13 47.63 -72.07 -7.73
CA GLY H 13 47.17 -72.84 -8.86
C GLY H 13 46.21 -72.02 -9.69
N VAL H 14 45.79 -72.61 -10.81
CA VAL H 14 44.85 -71.99 -11.73
C VAL H 14 43.60 -72.85 -11.79
N GLY H 15 42.46 -72.23 -11.51
CA GLY H 15 41.20 -72.95 -11.55
C GLY H 15 40.52 -72.90 -12.90
N ALA H 16 39.82 -73.99 -13.22
CA ALA H 16 39.11 -74.13 -14.49
C ALA H 16 40.04 -73.86 -15.66
N GLY H 17 41.23 -74.45 -15.61
CA GLY H 17 42.28 -74.16 -16.57
C GLY H 17 42.21 -75.02 -17.82
N ALA H 18 41.42 -76.08 -17.83
CA ALA H 18 41.37 -77.00 -18.94
C ALA H 18 40.87 -76.35 -20.21
N PRO H 19 41.76 -76.18 -21.19
CA PRO H 19 41.36 -75.54 -22.44
C PRO H 19 40.82 -76.53 -23.46
N VAL H 20 39.64 -76.26 -24.01
CA VAL H 20 39.06 -77.08 -25.06
C VAL H 20 38.94 -76.20 -26.31
N ALA H 21 39.48 -76.68 -27.42
CA ALA H 21 39.56 -75.88 -28.63
C ALA H 21 38.18 -75.63 -29.21
N GLY H 22 38.13 -74.73 -30.19
CA GLY H 22 36.89 -74.45 -30.89
C GLY H 22 36.94 -74.94 -32.32
N ARG H 23 35.89 -75.60 -32.77
CA ARG H 23 35.89 -76.20 -34.11
C ARG H 23 35.87 -75.12 -35.18
N LYS H 24 36.71 -75.29 -36.18
CA LYS H 24 36.74 -74.41 -37.35
C LYS H 24 36.05 -75.08 -38.52
N LEU H 25 35.59 -74.27 -39.48
CA LEU H 25 34.87 -74.76 -40.64
C LEU H 25 35.65 -74.57 -41.93
N LEU H 27 38.21 -75.24 -45.25
CA LEU H 27 38.23 -76.23 -46.32
C LEU H 27 39.46 -77.12 -46.22
N ARG H 28 39.32 -78.36 -46.67
CA ARG H 28 40.44 -79.28 -46.77
C ARG H 28 40.47 -79.89 -48.16
N VAL H 29 41.67 -79.94 -48.75
CA VAL H 29 41.87 -80.46 -50.10
C VAL H 29 42.73 -81.71 -50.02
N MET H 30 42.32 -82.76 -50.71
CA MET H 30 43.03 -84.04 -50.74
C MET H 30 43.70 -84.18 -52.10
N THR H 31 44.95 -83.76 -52.20
CA THR H 31 45.68 -83.81 -53.45
C THR H 31 46.45 -85.12 -53.57
N THR H 32 47.17 -85.29 -54.68
CA THR H 32 47.95 -86.50 -54.93
C THR H 32 49.44 -86.24 -55.12
N ASN H 33 49.87 -84.98 -55.16
CA ASN H 33 51.27 -84.69 -55.45
C ASN H 33 52.16 -85.22 -54.34
N ASN H 34 53.40 -85.57 -54.69
CA ASN H 34 54.25 -86.34 -53.79
C ASN H 34 54.96 -85.46 -52.77
N VAL H 35 54.74 -84.16 -52.80
CA VAL H 35 55.38 -83.25 -51.85
C VAL H 35 54.92 -83.57 -50.43
N ILE H 36 53.63 -83.84 -50.27
CA ILE H 36 53.00 -84.01 -48.96
C ILE H 36 53.18 -85.45 -48.53
N PRO H 37 53.76 -85.72 -47.37
CA PRO H 37 53.81 -87.09 -46.85
C PRO H 37 52.43 -87.61 -46.54
N PRO H 38 52.22 -88.93 -46.64
CA PRO H 38 50.87 -89.48 -46.43
C PRO H 38 50.28 -89.21 -45.05
N GLY H 39 51.10 -89.17 -44.00
CA GLY H 39 50.56 -89.19 -42.66
C GLY H 39 50.39 -87.86 -41.94
N ILE H 40 50.44 -86.75 -42.66
CA ILE H 40 50.30 -85.44 -42.04
C ILE H 40 49.22 -84.64 -42.75
N VAL H 41 48.72 -83.62 -42.07
CA VAL H 41 47.87 -82.59 -42.65
C VAL H 41 48.55 -81.25 -42.42
N ILE H 42 48.64 -80.44 -43.47
CA ILE H 42 49.38 -79.19 -43.44
C ILE H 42 48.39 -78.03 -43.54
N ASP H 45 47.74 -70.28 -43.56
CA ASP H 45 46.89 -69.16 -43.16
C ASP H 45 46.74 -68.14 -44.28
N ALA H 47 47.63 -66.94 -48.62
CA ALA H 47 47.88 -67.41 -49.98
C ALA H 47 49.38 -67.40 -50.30
N ASN H 48 50.11 -66.41 -49.79
CA ASN H 48 51.54 -66.35 -50.05
C ASN H 48 52.28 -67.52 -49.44
N ALA H 49 51.80 -68.04 -48.29
CA ALA H 49 52.40 -69.23 -47.72
C ALA H 49 52.24 -70.43 -48.65
N VAL H 50 51.05 -70.58 -49.23
CA VAL H 50 50.83 -71.64 -50.20
C VAL H 50 51.73 -71.47 -51.41
N LEU H 51 51.86 -70.23 -51.88
CA LEU H 51 52.73 -69.96 -53.02
C LEU H 51 54.17 -70.34 -52.72
N SER H 52 54.64 -70.01 -51.53
CA SER H 52 56.02 -70.33 -51.15
C SER H 52 56.23 -71.83 -51.03
N TYR H 53 55.29 -72.53 -50.39
CA TYR H 53 55.50 -73.94 -50.09
C TYR H 53 55.32 -74.81 -51.34
N PHE H 54 54.37 -74.48 -52.19
CA PHE H 54 54.03 -75.36 -53.31
C PHE H 54 54.57 -74.89 -54.65
N GLY H 55 54.88 -73.61 -54.81
CA GLY H 55 55.30 -73.09 -56.09
C GLY H 55 54.15 -72.48 -56.89
N ALA H 56 54.52 -71.64 -57.85
CA ALA H 56 53.51 -70.91 -58.60
C ALA H 56 52.75 -71.80 -59.58
N GLN H 57 53.39 -72.86 -60.07
CA GLN H 57 52.76 -73.70 -61.09
C GLN H 57 51.69 -74.63 -60.54
N SER H 58 51.77 -75.01 -59.27
CA SER H 58 50.93 -76.06 -58.74
C SER H 58 49.46 -75.65 -58.71
N GLU H 59 48.58 -76.65 -58.82
CA GLU H 59 47.16 -76.42 -58.70
C GLU H 59 46.77 -75.97 -57.29
N GLU H 60 47.57 -76.31 -56.28
CA GLU H 60 47.26 -75.89 -54.92
C GLU H 60 47.27 -74.37 -54.80
N TYR H 61 48.28 -73.72 -55.37
CA TYR H 61 48.28 -72.26 -55.38
C TYR H 61 47.13 -71.71 -56.18
N GLN H 62 46.80 -72.35 -57.31
CA GLN H 62 45.67 -71.92 -58.13
C GLN H 62 44.38 -71.93 -57.32
N ARG H 63 44.17 -72.97 -56.53
CA ARG H 63 42.96 -73.07 -55.71
C ARG H 63 42.99 -72.06 -54.57
N ALA H 64 44.14 -71.92 -53.91
CA ALA H 64 44.22 -71.03 -52.75
C ALA H 64 44.02 -69.59 -53.15
N ALA H 65 44.49 -69.19 -54.33
CA ALA H 65 44.34 -67.80 -54.76
C ALA H 65 42.88 -67.42 -54.89
N ALA H 66 42.08 -68.28 -55.50
CA ALA H 66 40.65 -67.99 -55.64
C ALA H 66 39.92 -68.21 -54.33
N TYR H 67 40.42 -69.11 -53.49
CA TYR H 67 39.77 -69.39 -52.21
C TYR H 67 39.92 -68.22 -51.24
N PHE H 68 41.06 -67.54 -51.28
CA PHE H 68 41.35 -66.53 -50.27
C PHE H 68 40.79 -65.15 -50.60
N LYS H 69 40.21 -64.96 -51.78
CA LYS H 69 39.50 -63.73 -52.10
C LYS H 69 38.00 -63.98 -51.91
N PHE H 70 37.41 -63.33 -50.93
CA PHE H 70 36.01 -63.55 -50.61
C PHE H 70 35.58 -62.52 -49.58
N ILE H 71 34.35 -62.04 -49.71
CA ILE H 71 33.82 -61.02 -48.82
C ILE H 71 32.64 -61.50 -47.99
N SER H 72 31.83 -62.43 -48.48
CA SER H 72 30.72 -63.08 -47.78
C SER H 72 29.59 -62.12 -47.42
N LYS H 73 29.53 -60.92 -48.00
CA LYS H 73 28.49 -59.92 -47.81
C LYS H 73 28.50 -59.35 -46.41
N SER H 74 29.34 -59.83 -45.50
CA SER H 74 29.53 -59.24 -44.19
C SER H 74 31.01 -59.00 -43.93
N VAL H 75 31.76 -58.70 -44.99
CA VAL H 75 33.19 -58.41 -45.01
C VAL H 75 33.97 -59.34 -44.08
N SER H 77 36.43 -63.19 -44.28
CA SER H 77 37.24 -64.01 -45.18
C SER H 77 37.60 -65.33 -44.49
N PRO H 78 37.90 -66.37 -45.27
CA PRO H 78 38.12 -67.70 -44.67
C PRO H 78 39.30 -67.77 -43.72
N SER H 79 40.46 -67.27 -44.13
CA SER H 79 41.64 -67.11 -43.27
C SER H 79 42.35 -68.41 -42.91
N SER H 80 42.02 -69.53 -43.55
CA SER H 80 42.79 -70.75 -43.36
C SER H 80 42.43 -71.75 -44.45
N ILE H 81 43.34 -72.71 -44.66
CA ILE H 81 43.12 -73.81 -45.59
C ILE H 81 44.01 -74.97 -45.16
N SER H 82 43.64 -76.18 -45.58
CA SER H 82 44.35 -77.39 -45.21
C SER H 82 44.60 -78.27 -46.43
N PHE H 83 45.68 -79.04 -46.39
CA PHE H 83 45.99 -80.02 -47.42
C PHE H 83 46.35 -81.35 -46.77
N ALA H 84 45.89 -82.44 -47.39
CA ALA H 84 46.22 -83.78 -46.97
C ALA H 84 46.64 -84.58 -48.19
N ARG H 85 47.12 -85.81 -47.96
CA ARG H 85 47.72 -86.61 -49.02
C ARG H 85 46.87 -87.85 -49.29
N TRP H 86 46.62 -88.11 -50.57
CA TRP H 86 45.92 -89.32 -51.02
C TRP H 86 46.94 -90.19 -51.76
N VAL H 87 47.08 -91.43 -51.32
CA VAL H 87 48.09 -92.34 -51.88
C VAL H 87 47.44 -92.97 -53.11
N ASN H 88 47.66 -92.33 -54.26
CA ASN H 88 47.01 -92.78 -55.48
C ASN H 88 47.53 -94.13 -55.94
N THR H 89 48.85 -94.33 -55.91
CA THR H 89 49.48 -95.56 -56.36
C THR H 89 50.45 -96.08 -55.30
N ALA H 90 51.06 -97.22 -55.58
CA ALA H 90 51.96 -97.85 -54.63
C ALA H 90 53.18 -96.96 -54.38
N ILE H 91 53.66 -96.95 -53.15
CA ILE H 91 54.69 -96.03 -52.72
C ILE H 91 55.80 -96.79 -51.99
N ALA H 92 57.03 -96.31 -52.15
CA ALA H 92 58.17 -96.85 -51.44
C ALA H 92 58.36 -96.13 -50.11
N PRO H 93 59.09 -96.74 -49.16
CA PRO H 93 59.35 -96.05 -47.89
C PRO H 93 60.14 -94.77 -48.08
N MET H 94 59.81 -93.75 -47.28
CA MET H 94 60.45 -92.45 -47.38
C MET H 94 60.79 -91.93 -46.00
N VAL H 95 61.73 -90.98 -45.95
CA VAL H 95 62.11 -90.28 -44.72
C VAL H 95 62.13 -88.79 -45.03
N VAL H 96 61.16 -88.05 -44.49
CA VAL H 96 61.07 -86.62 -44.74
C VAL H 96 60.54 -85.89 -43.50
N ASP H 98 62.08 -82.34 -42.83
CA ASP H 98 63.14 -81.34 -42.80
C ASP H 98 62.53 -79.96 -42.99
N ASN H 99 62.02 -79.37 -41.91
CA ASN H 99 61.37 -78.07 -42.01
C ASN H 99 62.28 -76.91 -41.65
N LEU H 100 63.37 -77.16 -40.94
CA LEU H 100 64.24 -76.08 -40.49
C LEU H 100 65.01 -75.51 -41.67
N PRO H 101 65.24 -74.19 -41.72
CA PRO H 101 66.06 -73.62 -42.79
C PRO H 101 67.49 -74.12 -42.70
N LYS H 102 67.94 -74.75 -43.77
CA LYS H 102 69.29 -75.31 -43.82
C LYS H 102 69.87 -75.06 -45.21
N THR H 103 70.95 -75.78 -45.54
CA THR H 103 71.58 -75.70 -46.85
C THR H 103 72.04 -74.29 -47.16
N ILE H 104 72.86 -73.74 -46.25
CA ILE H 104 73.52 -72.47 -46.44
C ILE H 104 74.89 -72.73 -47.07
N ALA H 105 75.05 -73.93 -47.64
CA ALA H 105 76.32 -74.38 -48.21
C ALA H 105 77.42 -74.45 -47.17
N ASP H 106 77.08 -74.94 -45.98
CA ASP H 106 78.01 -75.04 -44.86
C ASP H 106 77.99 -76.46 -44.31
N PHE H 107 78.10 -77.43 -45.22
CA PHE H 107 78.42 -78.81 -44.87
C PHE H 107 79.93 -79.02 -44.76
N ALA H 108 80.71 -77.96 -44.89
CA ALA H 108 82.15 -78.07 -44.76
C ALA H 108 82.52 -78.51 -43.34
N GLY H 109 83.59 -79.28 -43.24
CA GLY H 109 83.96 -79.90 -41.99
C GLY H 109 83.44 -81.31 -41.87
N PHE H 110 82.50 -81.65 -42.75
CA PHE H 110 82.07 -83.04 -42.92
C PHE H 110 82.85 -83.75 -44.01
N SER H 111 84.01 -83.22 -44.37
CA SER H 111 84.92 -83.95 -45.24
C SER H 111 85.68 -85.02 -44.49
N ALA H 112 85.51 -85.09 -43.16
CA ALA H 112 86.24 -86.05 -42.34
C ALA H 112 85.36 -87.27 -42.11
N GLY H 113 85.34 -88.19 -43.09
CA GLY H 113 84.77 -89.51 -42.92
C GLY H 113 83.43 -89.58 -42.22
N VAL H 114 82.38 -89.09 -42.86
CA VAL H 114 81.07 -89.04 -42.23
C VAL H 114 80.50 -90.45 -42.10
N LEU H 115 79.87 -90.72 -40.96
CA LEU H 115 79.15 -91.96 -40.70
C LEU H 115 77.68 -91.62 -40.48
N THR H 116 76.79 -92.36 -41.13
CA THR H 116 75.37 -92.31 -40.84
C THR H 116 74.84 -93.74 -40.79
N ILE H 117 73.85 -93.96 -39.95
CA ILE H 117 73.29 -95.29 -39.70
C ILE H 117 71.83 -95.29 -40.10
N MET H 118 71.44 -96.28 -40.90
CA MET H 118 70.04 -96.44 -41.27
C MET H 118 69.62 -97.90 -41.15
N VAL H 119 68.36 -98.13 -40.83
CA VAL H 119 67.86 -99.47 -40.52
C VAL H 119 66.63 -99.74 -41.37
N GLY H 120 66.60 -100.90 -42.01
CA GLY H 120 65.36 -101.45 -42.51
C GLY H 120 64.73 -102.27 -41.40
N ALA H 121 65.46 -103.29 -40.96
CA ALA H 121 65.22 -103.96 -39.70
C ALA H 121 66.49 -104.18 -38.90
N ALA H 122 67.67 -104.12 -39.54
CA ALA H 122 68.96 -104.21 -38.88
C ALA H 122 69.84 -103.07 -39.37
N GLU H 123 70.90 -102.80 -38.62
CA GLU H 123 71.74 -101.64 -38.88
C GLU H 123 72.43 -101.73 -40.22
N GLN H 124 72.64 -100.57 -40.86
CA GLN H 124 73.46 -100.41 -42.05
C GLN H 124 74.25 -99.13 -41.82
N ASN H 125 75.57 -99.27 -41.71
CA ASN H 125 76.45 -98.11 -41.58
C ASN H 125 77.01 -97.73 -42.94
N ILE H 126 77.13 -96.45 -43.18
CA ILE H 126 77.55 -95.92 -44.48
C ILE H 126 78.99 -95.44 -44.37
N THR H 127 79.75 -95.66 -45.44
CA THR H 127 81.18 -95.38 -45.44
C THR H 127 81.43 -93.88 -45.38
N ALA H 128 82.71 -93.52 -45.44
CA ALA H 128 83.11 -92.13 -45.34
C ALA H 128 82.51 -91.30 -46.48
N ILE H 129 81.88 -90.19 -46.11
CA ILE H 129 81.25 -89.28 -47.06
C ILE H 129 81.91 -87.92 -46.88
N ASP H 130 82.56 -87.43 -47.93
CA ASP H 130 83.29 -86.16 -47.89
C ASP H 130 82.55 -85.15 -48.76
N THR H 131 82.15 -84.04 -48.16
CA THR H 131 81.46 -82.96 -48.86
C THR H 131 82.14 -81.61 -48.68
N SER H 132 83.47 -81.58 -48.62
CA SER H 132 84.18 -80.31 -48.52
C SER H 132 83.99 -79.46 -49.77
N ALA H 133 84.05 -80.09 -50.95
CA ALA H 133 83.88 -79.36 -52.19
C ALA H 133 82.51 -78.69 -52.26
N ALA H 134 81.46 -79.51 -52.32
CA ALA H 134 80.07 -79.05 -52.16
C ALA H 134 79.78 -77.82 -53.00
N THR H 135 79.82 -78.01 -54.33
CA THR H 135 79.48 -76.92 -55.23
C THR H 135 78.06 -76.42 -54.98
N SER H 136 77.12 -77.34 -54.74
CA SER H 136 75.76 -76.98 -54.38
C SER H 136 75.16 -78.13 -53.59
N MET H 137 73.99 -77.88 -53.01
CA MET H 137 73.31 -78.93 -52.26
C MET H 137 72.83 -80.05 -53.17
N ASP H 138 72.64 -79.76 -54.45
CA ASP H 138 72.37 -80.82 -55.41
C ASP H 138 73.55 -81.78 -55.47
N ASN H 139 74.77 -81.24 -55.46
CA ASN H 139 75.95 -82.08 -55.39
C ASN H 139 75.98 -82.88 -54.08
N VAL H 140 75.58 -82.25 -52.97
CA VAL H 140 75.57 -82.96 -51.70
C VAL H 140 74.64 -84.15 -51.74
N ALA H 141 73.42 -83.95 -52.27
CA ALA H 141 72.47 -85.04 -52.40
C ALA H 141 73.00 -86.14 -53.33
N SER H 142 73.62 -85.75 -54.43
CA SER H 142 74.19 -86.75 -55.34
C SER H 142 75.28 -87.56 -54.64
N ILE H 143 76.15 -86.89 -53.87
CA ILE H 143 77.25 -87.59 -53.23
C ILE H 143 76.72 -88.51 -52.12
N ILE H 144 75.70 -88.09 -51.39
CA ILE H 144 75.08 -88.98 -50.41
C ILE H 144 74.49 -90.20 -51.10
N GLN H 145 73.82 -89.98 -52.23
CA GLN H 145 73.21 -91.08 -52.97
C GLN H 145 74.28 -92.07 -53.44
N THR H 146 75.42 -91.56 -53.92
CA THR H 146 76.47 -92.45 -54.40
C THR H 146 76.98 -93.35 -53.29
N GLU H 147 77.18 -92.80 -52.09
CA GLU H 147 77.67 -93.61 -50.99
C GLU H 147 76.61 -94.58 -50.47
N ILE H 148 75.34 -94.19 -50.51
CA ILE H 148 74.29 -95.11 -50.07
C ILE H 148 74.13 -96.26 -51.03
N ARG H 149 74.21 -95.99 -52.34
CA ARG H 149 73.98 -97.02 -53.34
C ARG H 149 75.03 -98.13 -53.30
N LYS H 150 76.15 -97.91 -52.61
CA LYS H 150 77.17 -98.95 -52.52
C LYS H 150 76.75 -100.10 -51.63
N ASN H 151 75.74 -99.90 -50.78
CA ASN H 151 75.30 -100.95 -49.88
C ASN H 151 74.55 -102.05 -50.63
N ALA H 152 74.60 -103.26 -50.08
CA ALA H 152 74.05 -104.45 -50.74
C ALA H 152 72.63 -104.78 -50.33
N ASP H 153 72.02 -103.99 -49.45
CA ASP H 153 70.63 -104.23 -49.09
C ASP H 153 69.72 -103.86 -50.25
N PRO H 154 68.71 -104.68 -50.56
CA PRO H 154 67.86 -104.39 -51.73
C PRO H 154 67.20 -103.02 -51.71
N GLN H 155 66.77 -102.54 -50.55
CA GLN H 155 66.20 -101.19 -50.50
C GLN H 155 67.25 -100.14 -50.84
N LEU H 156 68.47 -100.30 -50.34
CA LEU H 156 69.53 -99.32 -50.51
C LEU H 156 70.33 -99.53 -51.78
N ALA H 157 70.05 -100.58 -52.56
CA ALA H 157 70.79 -100.81 -53.79
C ALA H 157 70.51 -99.73 -54.82
N GLN H 158 69.27 -99.30 -54.94
CA GLN H 158 68.87 -98.28 -55.91
C GLN H 158 68.15 -97.12 -55.24
N ALA H 159 68.49 -96.83 -53.98
CA ALA H 159 67.84 -95.77 -53.25
C ALA H 159 68.19 -94.41 -53.85
N THR H 160 67.27 -93.46 -53.69
CA THR H 160 67.45 -92.12 -54.23
C THR H 160 67.42 -91.09 -53.11
N VAL H 161 68.25 -90.06 -53.25
CA VAL H 161 68.26 -88.92 -52.34
C VAL H 161 67.99 -87.67 -53.16
N THR H 162 67.01 -86.88 -52.72
CA THR H 162 66.63 -85.68 -53.44
C THR H 162 66.63 -84.50 -52.49
N TRP H 163 66.72 -83.30 -53.06
CA TRP H 163 66.73 -82.06 -52.30
C TRP H 163 65.75 -81.08 -52.92
N ASN H 164 65.00 -80.38 -52.07
CA ASN H 164 63.95 -79.47 -52.48
C ASN H 164 64.34 -78.05 -52.11
N GLN H 165 64.11 -77.11 -53.02
CA GLN H 165 64.52 -75.73 -52.78
C GLN H 165 63.41 -74.88 -52.19
N ASN H 166 62.16 -75.08 -52.64
CA ASN H 166 61.06 -74.25 -52.17
C ASN H 166 60.91 -74.37 -50.66
N THR H 167 60.77 -75.59 -50.16
CA THR H 167 60.98 -75.89 -48.76
C THR H 167 62.44 -76.28 -48.58
N ASN H 168 62.79 -76.88 -47.44
CA ASN H 168 64.18 -77.16 -47.12
C ASN H 168 64.33 -78.62 -46.72
N GLN H 169 63.81 -79.53 -47.54
CA GLN H 169 63.69 -80.93 -47.16
C GLN H 169 64.61 -81.82 -47.98
N PHE H 170 65.32 -82.72 -47.29
CA PHE H 170 66.02 -83.84 -47.90
C PHE H 170 65.14 -85.08 -47.79
N THR H 171 65.01 -85.81 -48.89
CA THR H 171 64.12 -86.97 -48.93
C THR H 171 64.87 -88.18 -49.49
N LEU H 172 64.69 -89.32 -48.82
CA LEU H 172 65.33 -90.57 -49.19
C LEU H 172 64.26 -91.59 -49.52
N VAL H 173 64.37 -92.21 -50.69
CA VAL H 173 63.37 -93.15 -51.20
C VAL H 173 64.05 -94.49 -51.43
N GLY H 174 63.46 -95.56 -50.88
CA GLY H 174 63.99 -96.89 -51.09
C GLY H 174 63.64 -97.45 -52.45
N ALA H 175 64.39 -98.49 -52.84
CA ALA H 175 64.26 -99.04 -54.19
C ALA H 175 62.98 -99.83 -54.40
N THR H 176 62.62 -100.70 -53.46
CA THR H 176 61.48 -101.59 -53.64
C THR H 176 60.17 -100.85 -53.38
N ILE H 177 59.12 -101.29 -54.07
CA ILE H 177 57.81 -100.63 -54.01
C ILE H 177 56.82 -101.62 -53.44
N GLY H 178 56.16 -101.24 -52.35
CA GLY H 178 55.06 -102.01 -51.82
C GLY H 178 55.16 -102.34 -50.35
N THR H 179 56.37 -102.66 -49.87
CA THR H 179 56.56 -103.06 -48.50
C THR H 179 57.97 -102.71 -48.07
N GLY H 180 58.11 -102.30 -46.81
CA GLY H 180 59.39 -101.97 -46.24
C GLY H 180 59.23 -100.89 -45.19
N VAL H 181 60.15 -100.88 -44.23
CA VAL H 181 60.19 -99.88 -43.17
C VAL H 181 61.62 -99.39 -43.04
N LEU H 182 61.81 -98.07 -43.10
CA LEU H 182 63.12 -97.46 -43.02
C LEU H 182 63.17 -96.45 -41.88
N ALA H 183 64.35 -96.30 -41.29
CA ALA H 183 64.54 -95.31 -40.24
C ALA H 183 66.02 -94.95 -40.17
N VAL H 184 66.29 -93.84 -39.49
CA VAL H 184 67.65 -93.35 -39.28
C VAL H 184 67.87 -93.16 -37.78
N ALA H 185 69.05 -93.52 -37.30
CA ALA H 185 69.37 -93.50 -35.88
C ALA H 185 70.42 -92.45 -35.58
N LYS H 186 70.32 -91.85 -34.39
CA LYS H 186 71.28 -90.87 -33.91
C LYS H 186 72.46 -91.61 -33.29
N SER H 187 73.62 -91.51 -33.93
CA SER H 187 74.83 -92.14 -33.42
C SER H 187 75.64 -91.16 -32.57
N ALA H 188 76.67 -91.68 -31.92
CA ALA H 188 77.51 -90.89 -31.01
C ALA H 188 78.81 -90.42 -31.64
N ASP H 189 79.06 -90.75 -32.91
CA ASP H 189 80.30 -90.33 -33.53
C ASP H 189 80.32 -88.81 -33.74
N PRO H 190 81.50 -88.19 -33.76
CA PRO H 190 81.55 -86.75 -34.03
C PRO H 190 81.12 -86.38 -35.44
N GLN H 191 81.51 -87.17 -36.43
CA GLN H 191 81.23 -86.86 -37.83
C GLN H 191 79.98 -87.60 -38.29
N ASP H 192 78.86 -87.23 -37.67
CA ASP H 192 77.56 -87.80 -37.98
C ASP H 192 76.65 -86.69 -38.48
N MET H 193 76.12 -86.85 -39.69
CA MET H 193 75.38 -85.79 -40.36
C MET H 193 73.87 -85.98 -40.30
N SER H 194 73.35 -86.59 -39.24
CA SER H 194 71.91 -86.66 -39.05
C SER H 194 71.36 -85.37 -38.45
N THR H 195 72.22 -84.44 -38.05
CA THR H 195 71.75 -83.14 -37.57
C THR H 195 71.86 -82.05 -38.62
N ALA H 196 72.94 -82.05 -39.41
CA ALA H 196 73.00 -81.16 -40.57
C ALA H 196 71.88 -81.50 -41.55
N LEU H 197 71.67 -82.78 -41.81
CA LEU H 197 70.42 -83.25 -42.37
C LEU H 197 69.37 -83.24 -41.28
N GLY H 198 68.11 -83.13 -41.67
CA GLY H 198 67.08 -83.12 -40.65
C GLY H 198 66.51 -84.50 -40.38
N TRP H 199 67.32 -85.54 -40.55
CA TRP H 199 66.90 -86.91 -40.31
C TRP H 199 67.21 -87.30 -38.88
N SER H 200 66.23 -87.92 -38.21
CA SER H 200 66.34 -88.32 -36.81
C SER H 200 66.48 -87.13 -35.87
N THR H 201 65.91 -85.98 -36.22
CA THR H 201 65.88 -84.83 -35.34
C THR H 201 64.46 -84.28 -35.27
N SER H 202 64.04 -83.92 -34.06
CA SER H 202 62.73 -83.31 -33.81
C SER H 202 61.67 -84.27 -34.35
N ASN H 203 60.78 -83.81 -35.22
CA ASN H 203 59.73 -84.65 -35.79
C ASN H 203 60.02 -84.93 -37.27
N VAL H 204 60.33 -86.19 -37.57
CA VAL H 204 60.63 -86.64 -38.93
C VAL H 204 59.56 -87.64 -39.32
N VAL H 205 59.04 -87.51 -40.54
CA VAL H 205 57.99 -88.38 -41.04
C VAL H 205 58.64 -89.56 -41.72
N ASN H 206 58.47 -90.75 -41.15
CA ASN H 206 58.90 -92.00 -41.76
C ASN H 206 57.68 -92.68 -42.37
N VAL H 207 57.70 -92.85 -43.69
CA VAL H 207 56.56 -93.38 -44.43
C VAL H 207 56.89 -94.81 -44.84
N ALA H 208 56.04 -95.75 -44.40
CA ALA H 208 56.19 -97.14 -44.79
C ALA H 208 55.53 -97.40 -46.13
N GLY H 209 55.88 -98.53 -46.74
CA GLY H 209 55.33 -98.87 -48.05
C GLY H 209 53.83 -99.09 -47.98
N GLN H 210 53.15 -98.80 -49.08
CA GLN H 210 51.70 -98.89 -49.14
C GLN H 210 51.26 -99.45 -50.48
N SER H 211 49.98 -99.83 -50.53
CA SER H 211 49.33 -100.30 -51.74
C SER H 211 48.66 -99.14 -52.45
N ALA H 212 47.81 -99.44 -53.44
CA ALA H 212 47.19 -98.38 -54.22
C ALA H 212 46.18 -97.58 -53.41
N ASP H 213 45.58 -98.20 -52.38
CA ASP H 213 44.71 -97.50 -51.43
C ASP H 213 43.44 -96.97 -52.09
N LEU H 214 42.48 -96.47 -51.30
CA LEU H 214 41.18 -96.09 -51.81
C LEU H 214 40.80 -94.75 -51.21
N PRO H 215 40.00 -93.95 -51.91
CA PRO H 215 39.72 -92.58 -51.43
C PRO H 215 39.02 -92.52 -50.10
N ASP H 216 38.05 -93.41 -49.85
CA ASP H 216 37.29 -93.33 -48.60
C ASP H 216 38.14 -93.75 -47.42
N ALA H 217 39.08 -94.68 -47.63
CA ALA H 217 40.03 -95.01 -46.58
C ALA H 217 41.01 -93.86 -46.36
N ALA H 218 41.41 -93.18 -47.44
CA ALA H 218 42.36 -92.07 -47.31
C ALA H 218 41.75 -90.92 -46.52
N VAL H 219 40.48 -90.60 -46.78
CA VAL H 219 39.86 -89.51 -46.05
C VAL H 219 39.69 -89.87 -44.58
N ALA H 220 39.41 -91.14 -44.28
CA ALA H 220 39.33 -91.57 -42.89
C ALA H 220 40.69 -91.46 -42.19
N LYS H 221 41.76 -91.86 -42.88
CA LYS H 221 43.09 -91.70 -42.30
C LYS H 221 43.40 -90.23 -42.05
N SER H 222 43.03 -89.35 -42.98
CA SER H 222 43.29 -87.93 -42.80
C SER H 222 42.48 -87.36 -41.63
N THR H 223 41.23 -87.79 -41.48
CA THR H 223 40.42 -87.28 -40.38
C THR H 223 40.84 -87.88 -39.05
N ASN H 224 41.60 -88.98 -39.08
CA ASN H 224 42.12 -89.54 -37.83
C ASN H 224 43.06 -88.56 -37.12
N VAL H 225 43.90 -87.85 -37.88
CA VAL H 225 44.92 -87.03 -37.24
C VAL H 225 44.34 -85.69 -36.78
N SER H 226 43.41 -85.11 -37.54
CA SER H 226 42.76 -83.88 -37.13
C SER H 226 41.50 -83.70 -37.94
N ASN H 227 40.42 -83.26 -37.28
CA ASN H 227 39.12 -83.08 -37.91
C ASN H 227 38.57 -81.67 -37.73
N ASN H 228 39.45 -80.65 -37.69
CA ASN H 228 39.02 -79.26 -37.57
C ASN H 228 38.83 -78.65 -38.95
N PHE H 229 37.76 -79.08 -39.61
CA PHE H 229 37.47 -78.62 -40.96
C PHE H 229 36.02 -78.87 -41.29
N GLY H 230 35.62 -78.39 -42.46
CA GLY H 230 34.31 -78.69 -43.02
C GLY H 230 34.37 -78.56 -44.53
N SER H 231 33.50 -79.30 -45.20
CA SER H 231 33.37 -79.23 -46.66
C SER H 231 34.68 -79.56 -47.36
N PHE H 232 35.15 -80.79 -47.20
CA PHE H 232 36.34 -81.23 -47.92
C PHE H 232 36.04 -81.46 -49.40
N LEU H 233 37.09 -81.63 -50.18
CA LEU H 233 36.99 -81.94 -51.61
C LEU H 233 38.32 -82.47 -52.11
N PHE H 234 38.28 -83.27 -53.18
CA PHE H 234 39.48 -83.98 -53.63
C PHE H 234 40.31 -83.12 -54.57
N ALA H 235 39.71 -82.65 -55.66
CA ALA H 235 40.36 -81.70 -56.56
C ALA H 235 41.65 -82.25 -57.14
N GLY H 236 41.52 -83.29 -57.95
CA GLY H 236 42.59 -83.75 -58.80
C GLY H 236 42.07 -83.97 -60.19
N ALA H 237 42.37 -85.15 -60.74
CA ALA H 237 41.67 -85.60 -61.92
C ALA H 237 40.25 -86.02 -61.53
N PRO H 238 39.29 -85.96 -62.45
CA PRO H 238 37.93 -86.37 -62.13
C PRO H 238 37.88 -87.82 -61.68
N LEU H 239 37.05 -88.09 -60.68
CA LEU H 239 36.95 -89.43 -60.11
C LEU H 239 35.86 -90.23 -60.82
N ASP H 240 35.99 -91.55 -60.72
CA ASP H 240 34.99 -92.44 -61.26
C ASP H 240 33.70 -92.34 -60.45
N ASN H 241 32.59 -92.73 -61.07
CA ASN H 241 31.30 -92.62 -60.40
C ASN H 241 31.23 -93.50 -59.17
N ASP H 242 31.82 -94.70 -59.22
CA ASP H 242 31.80 -95.58 -58.06
C ASP H 242 32.59 -95.00 -56.89
N GLN H 243 33.71 -94.34 -57.19
CA GLN H 243 34.49 -93.70 -56.13
C GLN H 243 33.70 -92.58 -55.48
N ILE H 244 32.99 -91.78 -56.29
CA ILE H 244 32.13 -90.74 -55.75
C ILE H 244 31.04 -91.36 -54.87
N LYS H 245 30.48 -92.48 -55.32
CA LYS H 245 29.45 -93.15 -54.53
C LYS H 245 29.99 -93.60 -53.18
N ALA H 246 31.18 -94.21 -53.17
CA ALA H 246 31.76 -94.67 -51.92
C ALA H 246 32.06 -93.52 -50.98
N VAL H 247 32.61 -92.42 -51.51
CA VAL H 247 32.95 -91.29 -50.65
C VAL H 247 31.69 -90.63 -50.11
N SER H 248 30.64 -90.51 -50.93
CA SER H 248 29.39 -89.93 -50.44
C SER H 248 28.76 -90.82 -49.37
N ALA H 249 28.84 -92.14 -49.55
CA ALA H 249 28.34 -93.04 -48.50
C ALA H 249 29.12 -92.86 -47.20
N TRP H 250 30.45 -92.75 -47.30
CA TRP H 250 31.25 -92.54 -46.10
C TRP H 250 30.89 -91.22 -45.42
N ASN H 251 30.68 -90.16 -46.20
CA ASN H 251 30.25 -88.90 -45.61
C ASN H 251 28.91 -89.05 -44.93
N ALA H 252 27.98 -89.78 -45.54
CA ALA H 252 26.67 -89.98 -44.95
C ALA H 252 26.75 -90.82 -43.67
N ALA H 253 27.82 -91.58 -43.50
CA ALA H 253 27.98 -92.35 -42.27
C ALA H 253 28.00 -91.46 -41.04
N GLN H 254 28.76 -90.38 -41.08
CA GLN H 254 28.68 -89.37 -40.02
C GLN H 254 27.50 -88.45 -40.30
N ASN H 255 26.65 -88.24 -39.29
CA ASN H 255 25.33 -87.66 -39.54
C ASN H 255 25.44 -86.26 -40.13
N ASN H 256 25.96 -85.31 -39.38
CA ASN H 256 25.89 -83.91 -39.77
C ASN H 256 27.21 -83.21 -39.50
N GLN H 257 28.31 -83.82 -39.90
CA GLN H 257 29.64 -83.32 -39.57
C GLN H 257 30.29 -82.51 -40.71
N PHE H 258 30.32 -83.06 -41.92
CA PHE H 258 31.11 -82.48 -43.00
C PHE H 258 30.20 -82.22 -44.20
N ILE H 259 30.77 -81.56 -45.21
CA ILE H 259 30.15 -81.44 -46.52
C ILE H 259 31.11 -82.00 -47.55
N TYR H 260 30.59 -82.42 -48.69
CA TYR H 260 31.38 -83.03 -49.73
C TYR H 260 30.92 -82.49 -51.08
N THR H 261 31.79 -81.71 -51.73
CA THR H 261 31.43 -81.01 -52.96
C THR H 261 32.01 -81.77 -54.15
N VAL H 262 31.17 -82.00 -55.16
CA VAL H 262 31.56 -82.70 -56.38
C VAL H 262 31.27 -81.79 -57.56
N ALA H 263 32.08 -81.89 -58.60
CA ALA H 263 31.90 -81.13 -59.83
C ALA H 263 31.60 -82.09 -60.97
N THR H 264 30.53 -81.81 -61.72
CA THR H 264 30.07 -82.69 -62.78
C THR H 264 29.76 -81.87 -64.03
N SER H 265 29.68 -82.57 -65.16
CA SER H 265 29.15 -81.97 -66.37
C SER H 265 27.63 -82.09 -66.39
N LEU H 266 27.01 -81.42 -67.36
CA LEU H 266 25.55 -81.44 -67.43
C LEU H 266 25.04 -82.85 -67.74
N ALA H 267 25.66 -83.52 -68.71
CA ALA H 267 25.19 -84.85 -69.10
C ALA H 267 25.43 -85.87 -67.99
N ASN H 268 26.56 -85.76 -67.29
CA ASN H 268 26.85 -86.69 -66.21
C ASN H 268 25.96 -86.47 -64.99
N LEU H 269 25.29 -85.32 -64.91
CA LEU H 269 24.46 -85.04 -63.74
C LEU H 269 23.32 -86.03 -63.62
N GLY H 270 22.69 -86.38 -64.74
CA GLY H 270 21.60 -87.35 -64.70
C GLY H 270 22.08 -88.74 -64.29
N THR H 271 23.30 -89.10 -64.69
CA THR H 271 23.86 -90.38 -64.27
C THR H 271 24.03 -90.42 -62.75
N LEU H 272 24.55 -89.35 -62.17
CA LEU H 272 24.47 -89.20 -60.72
C LEU H 272 23.05 -88.81 -60.32
N PHE H 273 22.87 -88.57 -59.03
CA PHE H 273 21.59 -88.37 -58.37
C PHE H 273 20.78 -89.66 -58.37
N THR H 274 21.26 -90.71 -59.03
CA THR H 274 20.77 -92.08 -58.84
C THR H 274 21.64 -92.84 -57.87
N LEU H 275 22.96 -92.73 -58.03
CA LEU H 275 23.89 -93.32 -57.06
C LEU H 275 23.88 -92.56 -55.74
N VAL H 276 24.00 -91.23 -55.81
CA VAL H 276 24.17 -90.43 -54.60
C VAL H 276 22.86 -89.87 -54.06
N ASN H 277 21.72 -90.37 -54.51
CA ASN H 277 20.46 -90.01 -53.89
C ASN H 277 20.49 -90.41 -52.42
N GLY H 278 19.83 -89.64 -51.58
CA GLY H 278 20.05 -89.78 -50.16
C GLY H 278 21.42 -89.22 -49.87
N ASN H 279 22.17 -89.88 -48.99
CA ASN H 279 23.57 -89.53 -48.72
C ASN H 279 23.70 -88.08 -48.30
N ALA H 280 23.16 -87.77 -47.12
CA ALA H 280 23.09 -86.40 -46.66
C ALA H 280 24.48 -85.78 -46.54
N GLY H 281 24.57 -84.50 -46.89
CA GLY H 281 25.82 -83.77 -46.82
C GLY H 281 26.62 -83.71 -48.10
N THR H 282 26.04 -84.08 -49.23
CA THR H 282 26.72 -84.09 -50.52
C THR H 282 26.16 -83.00 -51.41
N ALA H 283 27.03 -82.26 -52.07
CA ALA H 283 26.66 -81.17 -52.95
C ALA H 283 27.19 -81.42 -54.36
N LEU H 284 26.37 -81.13 -55.35
CA LEU H 284 26.72 -81.31 -56.76
C LEU H 284 26.74 -79.97 -57.46
N ASN H 285 27.83 -79.67 -58.16
CA ASN H 285 28.01 -78.40 -58.85
C ASN H 285 28.32 -78.68 -60.31
N VAL H 286 27.62 -77.99 -61.20
CA VAL H 286 27.74 -78.25 -62.63
C VAL H 286 28.86 -77.41 -63.21
N LEU H 287 29.75 -78.04 -63.96
CA LEU H 287 30.85 -77.38 -64.66
C LEU H 287 30.43 -76.98 -66.07
N SER H 288 31.31 -76.24 -66.73
CA SER H 288 31.14 -75.86 -68.12
C SER H 288 32.22 -76.55 -68.96
N ALA H 289 31.78 -77.34 -69.94
CA ALA H 289 32.71 -78.01 -70.82
C ALA H 289 33.33 -77.04 -71.81
N THR H 290 34.54 -77.37 -72.26
CA THR H 290 35.26 -76.58 -73.26
C THR H 290 35.41 -75.12 -72.82
N ALA H 291 35.80 -74.93 -71.57
CA ALA H 291 36.03 -73.59 -71.03
C ALA H 291 37.20 -73.67 -70.05
N ALA H 292 37.51 -72.52 -69.46
CA ALA H 292 38.54 -72.48 -68.43
C ALA H 292 38.12 -73.31 -67.24
N ASN H 293 39.10 -73.73 -66.43
CA ASN H 293 38.79 -74.57 -65.28
C ASN H 293 37.85 -73.86 -64.32
N ASP H 294 38.20 -72.64 -63.92
CA ASP H 294 37.38 -71.74 -63.09
C ASP H 294 36.57 -72.52 -62.06
N PHE H 295 37.27 -73.44 -61.40
CA PHE H 295 36.66 -74.40 -60.47
C PHE H 295 35.57 -73.79 -59.61
N VAL H 296 34.43 -74.49 -59.58
CA VAL H 296 33.19 -73.97 -59.02
C VAL H 296 32.74 -74.71 -57.78
N GLU H 297 33.21 -75.95 -57.57
CA GLU H 297 32.79 -76.72 -56.41
C GLU H 297 33.23 -76.07 -55.10
N GLN H 298 34.00 -74.99 -55.17
CA GLN H 298 34.48 -74.31 -53.98
C GLN H 298 33.52 -73.24 -53.47
N CYS H 299 32.46 -72.92 -54.21
CA CYS H 299 31.56 -71.86 -53.77
C CYS H 299 30.89 -72.17 -52.43
N PRO H 300 30.22 -73.30 -52.23
CA PRO H 300 29.67 -73.58 -50.90
C PRO H 300 30.74 -73.67 -49.84
N SER H 301 31.90 -74.23 -50.16
CA SER H 301 32.98 -74.33 -49.19
C SER H 301 33.48 -72.95 -48.78
N GLU H 302 33.64 -72.04 -49.74
CA GLU H 302 34.07 -70.69 -49.41
C GLU H 302 33.04 -69.99 -48.55
N ILE H 303 31.75 -70.10 -48.91
CA ILE H 303 30.71 -69.41 -48.15
C ILE H 303 30.66 -69.94 -46.73
N LEU H 304 30.80 -71.26 -46.55
CA LEU H 304 30.85 -71.82 -45.21
C LEU H 304 32.07 -71.34 -44.44
N ALA H 305 33.24 -71.33 -45.09
CA ALA H 305 34.47 -70.96 -44.39
C ALA H 305 34.45 -69.52 -43.91
N ALA H 306 33.88 -68.62 -44.72
CA ALA H 306 33.92 -67.20 -44.38
C ALA H 306 33.01 -66.85 -43.22
N THR H 307 32.00 -67.69 -42.91
CA THR H 307 31.03 -67.36 -41.89
C THR H 307 31.66 -67.33 -40.50
N ASN H 308 31.22 -66.39 -39.68
CA ASN H 308 31.71 -66.22 -38.31
C ASN H 308 30.50 -66.26 -37.39
N TYR H 309 30.42 -67.29 -36.55
CA TYR H 309 29.19 -67.56 -35.83
C TYR H 309 29.11 -66.90 -34.46
N GLU H 311 29.37 -63.52 -34.18
CA GLU H 311 28.77 -62.23 -34.49
C GLU H 311 27.30 -62.39 -34.84
N PRO H 312 26.50 -61.33 -34.71
CA PRO H 312 25.07 -61.44 -34.99
C PRO H 312 24.78 -61.49 -36.49
N GLY H 313 23.58 -61.97 -36.80
CA GLY H 313 23.10 -62.00 -38.18
C GLY H 313 23.97 -62.79 -39.12
N ALA H 314 24.52 -63.91 -38.66
CA ALA H 314 25.46 -64.70 -39.43
C ALA H 314 24.82 -65.92 -40.08
N SER H 315 23.50 -66.07 -40.01
CA SER H 315 22.85 -67.24 -40.61
C SER H 315 23.05 -67.27 -42.11
N GLN H 316 22.87 -66.12 -42.78
CA GLN H 316 23.11 -65.97 -44.20
C GLN H 316 22.21 -66.87 -45.04
N ASN H 317 22.40 -66.82 -46.36
CA ASN H 317 21.62 -67.62 -47.30
C ASN H 317 22.51 -67.97 -48.49
N TYR H 318 22.52 -69.24 -48.86
CA TYR H 318 23.40 -69.72 -49.90
C TYR H 318 22.86 -69.49 -51.30
N MET H 319 21.64 -68.98 -51.44
CA MET H 319 21.05 -68.85 -52.77
C MET H 319 21.51 -67.58 -53.49
N TYR H 320 21.15 -66.41 -52.97
CA TYR H 320 21.39 -65.16 -53.70
C TYR H 320 22.78 -64.65 -53.36
N TYR H 321 23.77 -65.05 -54.16
CA TYR H 321 25.13 -64.61 -53.93
C TYR H 321 25.84 -64.65 -55.27
N GLN H 322 26.76 -63.71 -55.49
CA GLN H 322 27.33 -63.47 -56.81
C GLN H 322 28.79 -63.90 -56.86
N PHE H 323 29.18 -64.55 -57.96
CA PHE H 323 30.55 -65.03 -58.18
C PHE H 323 31.05 -64.55 -59.53
N PRO H 324 31.64 -63.35 -59.60
CA PRO H 324 32.09 -62.84 -60.91
C PRO H 324 33.18 -63.67 -61.54
N GLY H 325 33.99 -64.37 -60.75
CA GLY H 325 35.04 -65.21 -61.33
C GLY H 325 34.50 -66.38 -62.12
N ARG H 326 33.47 -67.05 -61.60
CA ARG H 326 32.91 -68.21 -62.27
C ARG H 326 32.12 -67.80 -63.49
N ASN H 327 32.17 -68.63 -64.53
CA ASN H 327 31.44 -68.35 -65.75
C ASN H 327 30.04 -68.96 -65.73
N ILE H 328 29.21 -68.49 -66.64
CA ILE H 328 27.78 -68.83 -66.64
C ILE H 328 27.62 -70.30 -67.00
N THR H 329 26.57 -70.91 -66.47
CA THR H 329 26.29 -72.34 -66.67
C THR H 329 25.04 -72.61 -67.47
N VAL H 330 23.89 -72.06 -67.07
CA VAL H 330 22.63 -72.28 -67.76
C VAL H 330 21.97 -70.93 -68.01
N SER H 331 21.20 -70.83 -69.09
CA SER H 331 20.55 -69.58 -69.47
C SER H 331 19.13 -69.75 -69.99
N ASP H 332 18.59 -70.97 -69.99
CA ASP H 332 17.23 -71.21 -70.41
C ASP H 332 16.40 -71.66 -69.22
N ASP H 333 15.10 -71.38 -69.26
CA ASP H 333 14.22 -71.80 -68.18
C ASP H 333 13.96 -73.29 -68.23
N THR H 334 13.83 -73.86 -69.43
CA THR H 334 13.60 -75.30 -69.54
C THR H 334 14.84 -76.09 -69.11
N VAL H 335 16.04 -75.61 -69.45
CA VAL H 335 17.26 -76.28 -69.03
C VAL H 335 17.40 -76.22 -67.52
N ALA H 336 17.07 -75.07 -66.92
CA ALA H 336 17.10 -74.97 -65.47
C ALA H 336 16.08 -75.90 -64.83
N ASN H 337 14.91 -76.04 -65.44
CA ASN H 337 13.91 -76.96 -64.92
C ASN H 337 14.42 -78.40 -64.95
N THR H 338 15.07 -78.79 -66.04
CA THR H 338 15.62 -80.15 -66.10
C THR H 338 16.74 -80.34 -65.07
N VAL H 339 17.58 -79.32 -64.89
CA VAL H 339 18.72 -79.45 -63.98
C VAL H 339 18.24 -79.54 -62.53
N ASP H 340 17.20 -78.77 -62.17
CA ASP H 340 16.77 -78.72 -60.78
C ASP H 340 16.22 -80.06 -60.31
N LYS H 341 15.76 -80.91 -61.24
CA LYS H 341 15.28 -82.23 -60.84
C LYS H 341 16.39 -83.07 -60.24
N SER H 342 17.63 -82.86 -60.66
CA SER H 342 18.77 -83.60 -60.17
C SER H 342 19.48 -82.92 -59.00
N ARG H 343 18.90 -81.84 -58.47
CA ARG H 343 19.47 -81.10 -57.35
C ARG H 343 20.90 -80.64 -57.64
N GLY H 344 21.07 -80.02 -58.80
CA GLY H 344 22.35 -79.47 -59.20
C GLY H 344 22.43 -77.98 -58.88
N ASN H 345 23.61 -77.55 -58.44
CA ASN H 345 23.85 -76.16 -58.10
C ASN H 345 24.68 -75.51 -59.21
N TYR H 346 24.34 -74.28 -59.55
CA TYR H 346 24.94 -73.67 -60.73
C TYR H 346 24.89 -72.15 -60.61
N ILE H 347 25.47 -71.49 -61.61
CA ILE H 347 25.40 -70.04 -61.76
C ILE H 347 24.45 -69.77 -62.92
N GLY H 348 23.35 -69.07 -62.63
CA GLY H 348 22.35 -68.74 -63.63
C GLY H 348 22.40 -67.26 -63.96
N VAL H 349 22.05 -66.94 -65.19
CA VAL H 349 22.01 -65.56 -65.68
C VAL H 349 20.57 -65.21 -66.02
N THR H 350 20.15 -64.02 -65.61
CA THR H 350 18.80 -63.54 -65.87
C THR H 350 18.83 -62.05 -66.16
N GLN H 351 17.92 -61.60 -67.02
CA GLN H 351 17.85 -60.20 -67.40
C GLN H 351 16.99 -59.44 -66.40
N ALA H 352 17.52 -58.31 -65.91
CA ALA H 352 16.77 -57.43 -65.01
C ALA H 352 16.96 -56.00 -65.52
N ASN H 353 16.08 -55.58 -66.44
CA ASN H 353 16.14 -54.27 -67.07
C ASN H 353 17.51 -54.03 -67.71
N GLY H 354 17.84 -54.88 -68.66
CA GLY H 354 19.10 -54.72 -69.39
C GLY H 354 20.31 -55.40 -68.81
N GLN H 355 20.47 -55.34 -67.49
CA GLN H 355 21.65 -55.94 -66.86
C GLN H 355 21.46 -57.44 -66.70
N GLN H 356 22.54 -58.18 -66.94
CA GLN H 356 22.54 -59.64 -66.85
C GLN H 356 23.06 -60.03 -65.48
N ALA H 358 24.12 -62.55 -62.79
CA ALA H 358 24.58 -63.93 -62.71
C ALA H 358 24.80 -64.27 -61.25
N PHE H 359 24.20 -65.36 -60.78
CA PHE H 359 24.33 -65.70 -59.37
C PHE H 359 24.10 -67.18 -59.16
N TYR H 360 24.62 -67.67 -58.03
CA TYR H 360 24.36 -69.02 -57.57
C TYR H 360 22.85 -69.21 -57.40
N GLN H 361 22.34 -70.38 -57.77
CA GLN H 361 20.89 -70.48 -57.93
C GLN H 361 20.19 -71.34 -56.88
N ARG H 362 20.80 -72.41 -56.40
CA ARG H 362 20.11 -73.27 -55.45
C ARG H 362 21.03 -73.64 -54.30
N GLY H 363 20.48 -73.67 -53.10
CA GLY H 363 21.25 -74.04 -51.94
C GLY H 363 20.79 -75.36 -51.36
N ILE H 364 20.52 -76.33 -52.23
CA ILE H 364 19.91 -77.58 -51.79
C ILE H 364 20.95 -78.70 -51.82
N LEU H 365 20.81 -79.64 -50.88
CA LEU H 365 21.68 -80.80 -50.77
C LEU H 365 20.87 -82.06 -51.03
N CYS H 366 21.55 -83.09 -51.54
CA CYS H 366 20.89 -84.38 -51.71
C CYS H 366 20.83 -85.12 -50.37
N GLY H 367 19.66 -85.64 -50.04
CA GLY H 367 19.46 -86.32 -48.78
C GLY H 367 18.02 -86.79 -48.65
N GLY H 368 17.75 -87.45 -47.52
CA GLY H 368 16.44 -87.98 -47.25
C GLY H 368 15.52 -86.95 -46.60
N PRO H 369 14.29 -87.37 -46.29
CA PRO H 369 13.37 -86.44 -45.62
C PRO H 369 13.84 -86.00 -44.24
N THR H 370 14.54 -86.86 -43.50
CA THR H 370 14.96 -86.54 -42.15
C THR H 370 16.15 -85.59 -42.11
N ASP H 371 16.90 -85.47 -43.20
CA ASP H 371 18.12 -84.68 -43.19
C ASP H 371 17.87 -83.29 -43.73
N ALA H 372 18.87 -82.41 -43.52
CA ALA H 372 18.77 -81.00 -43.85
C ALA H 372 19.06 -80.80 -45.32
N VAL H 373 18.03 -80.46 -46.10
CA VAL H 373 18.20 -80.28 -47.54
C VAL H 373 18.94 -78.97 -47.84
N ASP H 374 18.56 -77.89 -47.17
CA ASP H 374 19.22 -76.61 -47.38
C ASP H 374 20.58 -76.58 -46.71
N MET H 375 21.53 -75.87 -47.32
CA MET H 375 22.88 -75.83 -46.77
C MET H 375 23.01 -74.93 -45.55
N ASN H 376 22.21 -73.87 -45.44
CA ASN H 376 22.34 -72.98 -44.30
C ASN H 376 21.98 -73.69 -43.00
N VAL H 377 20.88 -74.44 -42.99
CA VAL H 377 20.50 -75.18 -41.80
C VAL H 377 21.52 -76.29 -41.51
N TYR H 378 22.09 -76.88 -42.56
CA TYR H 378 23.15 -77.85 -42.37
C TYR H 378 24.34 -77.24 -41.64
N ALA H 379 24.80 -76.08 -42.08
CA ALA H 379 25.92 -75.41 -41.42
C ALA H 379 25.57 -75.04 -39.99
N ASN H 380 24.37 -74.53 -39.77
CA ASN H 380 23.98 -74.15 -38.42
C ASN H 380 23.93 -75.35 -37.49
N GLU H 381 23.47 -76.50 -37.98
CA GLU H 381 23.48 -77.70 -37.15
C GLU H 381 24.90 -78.18 -36.86
N ILE H 382 25.79 -78.07 -37.84
CA ILE H 382 27.20 -78.36 -37.58
C ILE H 382 27.71 -77.50 -36.43
N TRP H 383 27.45 -76.20 -36.50
CA TRP H 383 27.93 -75.29 -35.47
C TRP H 383 27.31 -75.60 -34.11
N LEU H 384 26.01 -75.89 -34.08
CA LEU H 384 25.36 -76.23 -32.81
C LEU H 384 25.99 -77.46 -32.18
N LYS H 385 26.18 -78.52 -32.97
CA LYS H 385 26.76 -79.74 -32.42
C LYS H 385 28.15 -79.46 -31.87
N SER H 386 28.98 -78.73 -32.62
CA SER H 386 30.32 -78.45 -32.15
C SER H 386 30.31 -77.62 -30.86
N ALA H 387 29.46 -76.59 -30.81
CA ALA H 387 29.44 -75.73 -29.63
C ALA H 387 28.95 -76.47 -28.39
N ILE H 388 27.89 -77.26 -28.53
CA ILE H 388 27.37 -78.02 -27.39
C ILE H 388 28.42 -79.01 -26.89
N ALA H 389 29.05 -79.72 -27.83
CA ALA H 389 30.08 -80.69 -27.43
C ALA H 389 31.24 -79.99 -26.72
N GLN H 390 31.66 -78.84 -27.22
CA GLN H 390 32.74 -78.10 -26.57
C GLN H 390 32.36 -77.71 -25.14
N ALA H 391 31.15 -77.16 -24.96
CA ALA H 391 30.75 -76.73 -23.63
C ALA H 391 30.68 -77.91 -22.66
N LEU H 392 30.12 -79.03 -23.10
CA LEU H 392 30.00 -80.19 -22.22
C LEU H 392 31.37 -80.78 -21.87
N LEU H 393 32.25 -80.88 -22.87
CA LEU H 393 33.59 -81.40 -22.60
C LEU H 393 34.35 -80.48 -21.65
N ASP H 394 34.21 -79.17 -21.82
CA ASP H 394 34.89 -78.23 -20.94
C ASP H 394 34.36 -78.35 -19.51
N LEU H 395 33.04 -78.49 -19.36
CA LEU H 395 32.46 -78.75 -18.04
C LEU H 395 33.08 -79.99 -17.42
N PHE H 396 33.16 -81.08 -18.18
CA PHE H 396 33.72 -82.31 -17.63
C PHE H 396 35.17 -82.12 -17.22
N LEU H 397 35.94 -81.36 -18.01
CA LEU H 397 37.36 -81.23 -17.74
C LEU H 397 37.66 -80.32 -16.55
N ASN H 398 36.82 -79.31 -16.29
CA ASN H 398 37.16 -78.32 -15.26
C ASN H 398 36.64 -78.68 -13.88
N VAL H 399 35.32 -78.80 -13.72
CA VAL H 399 34.75 -78.98 -12.39
C VAL H 399 35.16 -80.34 -11.83
N ASN H 400 35.20 -80.44 -10.50
CA ASN H 400 35.66 -81.65 -9.85
C ASN H 400 34.77 -82.84 -10.18
N ALA H 401 33.46 -82.69 -9.95
CA ALA H 401 32.54 -83.79 -10.17
C ALA H 401 31.15 -83.22 -10.43
N VAL H 402 30.35 -83.99 -11.17
CA VAL H 402 28.99 -83.59 -11.49
C VAL H 402 28.03 -84.59 -10.84
N PRO H 403 27.41 -84.25 -9.72
CA PRO H 403 26.54 -85.22 -9.04
C PRO H 403 25.30 -85.53 -9.86
N ALA H 404 24.81 -86.75 -9.69
CA ALA H 404 23.63 -87.23 -10.41
C ALA H 404 22.40 -86.97 -9.56
N SER H 405 22.07 -85.70 -9.41
CA SER H 405 20.90 -85.27 -8.66
C SER H 405 20.43 -83.95 -9.25
N SER H 406 19.48 -83.30 -8.56
CA SER H 406 18.88 -82.08 -9.06
C SER H 406 19.94 -81.02 -9.36
N THR H 407 20.97 -80.94 -8.51
CA THR H 407 22.06 -80.01 -8.76
C THR H 407 22.73 -80.29 -10.10
N GLY H 408 22.79 -81.56 -10.50
CA GLY H 408 23.36 -81.90 -11.78
C GLY H 408 22.61 -81.30 -12.96
N GLU H 409 21.29 -81.48 -12.99
CA GLU H 409 20.51 -80.89 -14.08
C GLU H 409 20.60 -79.38 -14.05
N ALA H 410 20.52 -78.77 -12.85
CA ALA H 410 20.61 -77.33 -12.78
C ALA H 410 21.94 -76.82 -13.32
N MET H 411 23.04 -77.46 -12.93
CA MET H 411 24.37 -77.01 -13.37
C MET H 411 24.54 -77.21 -14.86
N THR H 412 24.10 -78.35 -15.40
CA THR H 412 24.22 -78.58 -16.83
C THR H 412 23.42 -77.56 -17.63
N LEU H 413 22.19 -77.27 -17.20
CA LEU H 413 21.37 -76.28 -17.90
C LEU H 413 22.01 -74.90 -17.82
N ALA H 414 22.55 -74.54 -16.65
CA ALA H 414 23.19 -73.24 -16.50
C ALA H 414 24.38 -73.11 -17.44
N VAL H 415 25.15 -74.19 -17.60
CA VAL H 415 26.32 -74.14 -18.49
C VAL H 415 25.89 -74.06 -19.94
N LEU H 416 24.83 -74.79 -20.33
CA LEU H 416 24.38 -74.72 -21.71
C LEU H 416 23.64 -73.44 -22.05
N GLN H 417 23.25 -72.66 -21.04
CA GLN H 417 22.46 -71.45 -21.32
C GLN H 417 23.15 -70.45 -22.25
N PRO H 418 24.42 -70.08 -22.05
CA PRO H 418 25.02 -69.06 -22.95
C PRO H 418 25.06 -69.46 -24.42
N VAL H 419 25.27 -70.74 -24.72
CA VAL H 419 25.30 -71.18 -26.11
C VAL H 419 23.94 -70.97 -26.76
N LEU H 420 22.87 -71.34 -26.06
CA LEU H 420 21.54 -71.13 -26.60
C LEU H 420 21.19 -69.66 -26.67
N ASP H 421 21.74 -68.85 -25.76
CA ASP H 421 21.54 -67.40 -25.87
C ASP H 421 22.18 -66.85 -27.13
N LYS H 422 23.40 -67.30 -27.43
CA LYS H 422 24.08 -66.84 -28.63
C LYS H 422 23.40 -67.35 -29.89
N ALA H 423 22.79 -68.54 -29.82
CA ALA H 423 22.13 -69.11 -30.98
C ALA H 423 20.97 -68.25 -31.45
N THR H 424 20.24 -67.64 -30.51
CA THR H 424 19.14 -66.76 -30.90
C THR H 424 19.65 -65.53 -31.63
N ALA H 425 20.76 -64.95 -31.17
CA ALA H 425 21.30 -63.76 -31.81
C ALA H 425 21.89 -64.08 -33.17
N ASN H 426 22.47 -65.27 -33.32
CA ASN H 426 23.08 -65.64 -34.60
C ASN H 426 22.06 -65.67 -35.72
N GLY H 427 20.88 -66.21 -35.45
CA GLY H 427 19.88 -66.42 -36.47
C GLY H 427 19.56 -67.88 -36.75
N THR H 428 20.21 -68.81 -36.04
CA THR H 428 19.88 -70.21 -36.20
C THR H 428 18.59 -70.59 -35.49
N PHE H 429 18.15 -69.79 -34.53
CA PHE H 429 16.85 -69.97 -33.89
C PHE H 429 15.95 -68.84 -34.38
N THR H 430 14.79 -69.19 -34.91
CA THR H 430 13.84 -68.20 -35.40
C THR H 430 12.59 -68.24 -34.53
N TYR H 431 12.22 -67.09 -33.99
CA TYR H 431 11.03 -66.95 -33.16
C TYR H 431 9.91 -66.28 -33.94
N LYS H 433 7.98 -67.78 -35.98
CA LYS H 433 7.70 -68.55 -37.19
C LYS H 433 6.43 -69.35 -36.99
N GLU H 434 5.63 -69.48 -38.05
CA GLU H 434 4.40 -70.25 -37.96
C GLU H 434 4.72 -71.73 -37.82
N SER H 436 3.04 -75.56 -38.09
CA SER H 436 1.91 -76.28 -38.67
C SER H 436 1.24 -77.17 -37.64
N ALA H 437 -0.01 -77.55 -37.93
CA ALA H 437 -0.74 -78.45 -37.03
C ALA H 437 -0.05 -79.81 -36.94
N VAL H 438 0.45 -80.32 -38.06
CA VAL H 438 1.14 -81.60 -38.04
C VAL H 438 2.39 -81.51 -37.18
N GLN H 439 3.16 -80.43 -37.32
CA GLN H 439 4.33 -80.25 -36.47
C GLN H 439 3.94 -80.10 -35.01
N GLN H 440 2.82 -79.43 -34.75
CA GLN H 440 2.33 -79.32 -33.37
C GLN H 440 2.06 -80.69 -32.77
N GLN H 441 1.36 -81.54 -33.51
CA GLN H 441 1.05 -82.87 -33.01
C GLN H 441 2.32 -83.69 -32.83
N TYR H 442 3.27 -83.55 -33.75
CA TYR H 442 4.54 -84.27 -33.63
C TYR H 442 5.27 -83.85 -32.36
N ILE H 443 5.28 -82.55 -32.07
CA ILE H 443 5.97 -82.07 -30.86
C ILE H 443 5.26 -82.57 -29.61
N THR H 444 3.93 -82.52 -29.60
CA THR H 444 3.20 -82.98 -28.42
C THR H 444 3.35 -84.49 -28.23
N GLN H 445 3.60 -85.22 -29.30
CA GLN H 445 3.78 -86.67 -29.16
C GLN H 445 5.20 -87.02 -28.72
N VAL H 446 6.20 -86.37 -29.33
CA VAL H 446 7.60 -86.69 -29.03
C VAL H 446 7.93 -86.33 -27.59
N THR H 447 7.51 -85.16 -27.14
CA THR H 447 7.69 -84.73 -25.76
C THR H 447 6.39 -84.98 -25.01
N GLY H 448 6.47 -85.70 -23.88
CA GLY H 448 5.29 -85.92 -23.08
C GLY H 448 4.68 -84.62 -22.60
N ASP H 449 5.49 -83.60 -22.45
CA ASP H 449 5.00 -82.30 -21.99
C ASP H 449 4.35 -81.54 -23.13
N ARG H 450 3.04 -81.32 -22.99
CA ARG H 450 2.30 -80.43 -23.86
C ARG H 450 2.59 -78.98 -23.49
N ARG H 451 2.26 -78.05 -24.39
CA ARG H 451 2.60 -76.64 -24.37
C ARG H 451 4.09 -76.41 -24.64
N ALA H 452 4.82 -77.43 -25.09
CA ALA H 452 6.18 -77.19 -25.57
C ALA H 452 6.17 -76.45 -26.89
N TRP H 453 5.16 -76.72 -27.74
CA TRP H 453 5.12 -76.08 -29.06
C TRP H 453 4.85 -74.59 -28.94
N ARG H 454 4.01 -74.18 -27.99
CA ARG H 454 3.83 -72.76 -27.75
C ARG H 454 5.15 -72.10 -27.36
N GLN H 455 5.95 -72.79 -26.55
CA GLN H 455 7.25 -72.26 -26.16
C GLN H 455 8.21 -72.17 -27.33
N VAL H 456 8.24 -73.19 -28.19
CA VAL H 456 9.20 -73.15 -29.30
C VAL H 456 8.79 -72.11 -30.31
N THR H 458 7.15 -69.17 -29.38
CA THR H 458 7.31 -67.84 -28.78
C THR H 458 8.77 -67.50 -28.55
N LEU H 459 9.55 -68.44 -28.00
CA LEU H 459 10.93 -68.19 -27.63
C LEU H 459 11.94 -68.79 -28.59
N GLY H 460 11.66 -69.94 -29.19
CA GLY H 460 12.50 -70.51 -30.21
C GLY H 460 13.13 -71.84 -29.88
N TYR H 461 13.05 -72.31 -28.64
CA TYR H 461 13.69 -73.56 -28.29
C TYR H 461 13.03 -74.17 -27.05
N TRP H 462 13.31 -75.44 -26.86
CA TRP H 462 12.84 -76.21 -25.70
C TRP H 462 13.92 -77.25 -25.38
N ILE H 463 14.31 -77.32 -24.11
CA ILE H 463 15.43 -78.16 -23.68
C ILE H 463 14.99 -79.02 -22.50
N ASN H 464 15.50 -80.25 -22.44
CA ASN H 464 15.21 -81.15 -21.34
C ASN H 464 16.47 -81.90 -20.92
N ILE H 465 16.49 -82.37 -19.67
CA ILE H 465 17.59 -83.16 -19.14
C ILE H 465 17.00 -84.36 -18.39
N THR H 466 17.69 -85.50 -18.47
CA THR H 466 17.15 -86.76 -17.95
C THR H 466 17.93 -87.30 -16.76
N PHE H 467 19.23 -87.57 -16.91
CA PHE H 467 20.08 -88.14 -15.85
C PHE H 467 19.55 -89.49 -15.37
N SER H 468 19.64 -90.47 -16.27
CA SER H 468 19.34 -91.86 -15.94
C SER H 468 20.61 -92.65 -15.65
N SER H 469 20.45 -93.88 -15.21
CA SER H 469 21.56 -94.79 -14.94
C SER H 469 21.44 -96.03 -15.81
N TYR H 470 22.57 -96.72 -15.95
CA TYR H 470 22.67 -97.90 -16.80
C TYR H 470 23.97 -98.62 -16.49
N THR H 471 24.13 -99.81 -17.08
CA THR H 471 25.35 -100.58 -17.00
C THR H 471 25.95 -100.71 -18.38
N ASN H 472 27.24 -100.39 -18.50
CA ASN H 472 27.92 -100.50 -19.78
C ASN H 472 28.30 -101.95 -20.05
N SER H 473 28.49 -102.27 -21.33
CA SER H 473 28.77 -103.65 -21.71
C SER H 473 30.21 -104.02 -21.42
N ASN H 474 31.13 -103.05 -21.50
CA ASN H 474 32.55 -103.35 -21.38
C ASN H 474 32.89 -103.91 -20.01
N THR H 475 32.33 -103.33 -18.96
CA THR H 475 32.52 -103.81 -17.59
C THR H 475 31.16 -104.00 -16.95
N GLY H 476 31.07 -104.94 -16.03
CA GLY H 476 29.79 -105.19 -15.37
C GLY H 476 29.32 -104.03 -14.53
N LEU H 477 30.19 -103.06 -14.25
CA LEU H 477 29.85 -101.98 -13.34
C LEU H 477 28.75 -101.10 -13.91
N THR H 478 27.99 -100.48 -13.02
CA THR H 478 26.95 -99.53 -13.42
C THR H 478 27.59 -98.14 -13.56
N GLU H 479 27.49 -97.56 -14.73
CA GLU H 479 28.05 -96.24 -14.97
C GLU H 479 26.93 -95.27 -15.32
N TRP H 480 26.93 -91.85 -13.77
CA TRP H 480 25.76 -92.26 -14.54
C TRP H 480 25.87 -91.78 -15.98
N LYS H 481 24.73 -91.42 -16.57
CA LYS H 481 24.70 -90.80 -17.88
C LYS H 481 23.60 -89.75 -17.90
N ALA H 482 23.74 -88.81 -18.83
CA ALA H 482 22.76 -87.75 -19.01
C ALA H 482 22.20 -87.80 -20.41
N ASN H 483 20.88 -87.67 -20.51
CA ASN H 483 20.19 -87.62 -21.78
C ASN H 483 19.47 -86.28 -21.89
N TYR H 484 19.67 -85.59 -23.00
CA TYR H 484 19.04 -84.29 -23.21
C TYR H 484 18.35 -84.29 -24.55
N THR H 485 17.25 -83.55 -24.64
CA THR H 485 16.53 -83.37 -25.89
C THR H 485 16.33 -81.88 -26.12
N LEU H 486 16.64 -81.44 -27.34
CA LEU H 486 16.55 -80.05 -27.74
C LEU H 486 15.68 -79.95 -28.98
N ILE H 487 14.72 -79.03 -28.97
CA ILE H 487 13.87 -78.75 -30.13
C ILE H 487 13.95 -77.26 -30.41
N TYR H 488 14.14 -76.90 -31.67
CA TYR H 488 14.20 -75.50 -32.04
C TYR H 488 13.69 -75.33 -33.46
N SER H 489 13.23 -74.11 -33.75
CA SER H 489 12.74 -73.78 -35.07
C SER H 489 13.90 -73.42 -35.99
N LYS H 490 14.02 -74.15 -37.09
CA LYS H 490 15.12 -73.94 -38.02
C LYS H 490 15.00 -72.58 -38.70
N GLY H 491 16.13 -72.12 -39.24
CA GLY H 491 16.15 -70.84 -39.92
C GLY H 491 16.05 -70.96 -41.42
N ASP H 492 14.88 -70.67 -41.96
CA ASP H 492 14.61 -70.77 -43.39
C ASP H 492 14.39 -69.38 -43.97
N ALA H 493 14.91 -69.17 -45.17
CA ALA H 493 14.88 -67.88 -45.84
C ALA H 493 13.87 -67.91 -46.98
N ILE H 494 13.21 -66.77 -47.22
CA ILE H 494 12.29 -66.66 -48.32
C ILE H 494 13.03 -66.73 -49.64
N ARG H 495 12.43 -67.40 -50.63
CA ARG H 495 13.05 -67.57 -51.93
C ARG H 495 12.17 -67.17 -53.10
N PHE H 496 10.89 -66.90 -52.87
CA PHE H 496 9.96 -66.57 -53.93
C PHE H 496 9.01 -65.48 -53.47
N VAL H 497 8.67 -64.56 -54.37
CA VAL H 497 7.79 -63.44 -54.07
C VAL H 497 6.68 -63.41 -55.10
N GLU H 498 5.44 -63.33 -54.63
CA GLU H 498 4.27 -63.26 -55.50
C GLU H 498 3.31 -62.21 -54.94
N GLY H 499 2.63 -61.50 -55.83
CA GLY H 499 1.69 -60.49 -55.39
C GLY H 499 0.78 -60.05 -56.51
N SER H 500 -0.22 -59.25 -56.15
CA SER H 500 -1.15 -58.66 -57.10
C SER H 500 -1.37 -57.20 -56.75
N ASP H 501 -1.33 -56.34 -57.76
CA ASP H 501 -1.54 -54.91 -57.59
C ASP H 501 -2.90 -54.55 -58.18
N VAL H 502 -3.88 -54.38 -57.31
CA VAL H 502 -5.24 -54.04 -57.74
C VAL H 502 -5.37 -52.53 -57.76
N MET H 503 -5.77 -51.99 -58.91
CA MET H 503 -5.93 -50.55 -59.07
C MET H 503 -7.39 -50.16 -59.02
N ILE H 504 -7.69 -49.09 -58.30
CA ILE H 504 -9.03 -48.56 -58.16
C ILE H 504 -9.95 -49.57 -57.49
N MET I 1 43.54 -91.29 -32.44
CA MET I 1 43.02 -91.13 -31.09
C MET I 1 41.68 -91.84 -30.94
N ILE I 2 41.28 -92.08 -29.69
CA ILE I 2 39.93 -92.55 -29.41
C ILE I 2 38.93 -91.48 -29.87
N SER I 3 37.88 -91.92 -30.56
CA SER I 3 36.88 -91.00 -31.05
C SER I 3 36.14 -90.33 -29.89
N GLN I 4 35.68 -89.10 -30.12
CA GLN I 4 34.99 -88.36 -29.08
C GLN I 4 33.64 -88.97 -28.72
N SER I 5 33.09 -89.84 -29.57
CA SER I 5 31.76 -90.38 -29.31
C SER I 5 31.74 -91.30 -28.10
N ARG I 6 32.91 -91.68 -27.58
CA ARG I 6 32.94 -92.49 -26.38
C ARG I 6 32.43 -91.72 -25.17
N TYR I 7 32.49 -90.39 -25.22
CA TYR I 7 32.15 -89.55 -24.09
C TYR I 7 30.95 -88.64 -24.34
N ILE I 8 30.86 -88.03 -25.52
CA ILE I 8 29.73 -87.16 -25.87
C ILE I 8 29.22 -87.58 -27.23
N ARG I 9 27.92 -87.85 -27.32
CA ARG I 9 27.29 -88.25 -28.57
C ARG I 9 26.05 -87.41 -28.81
N ILE I 10 26.00 -86.75 -29.96
CA ILE I 10 24.89 -85.89 -30.34
C ILE I 10 24.39 -86.31 -31.71
N ILE I 11 23.08 -86.48 -31.84
CA ILE I 11 22.46 -86.88 -33.10
C ILE I 11 21.57 -85.75 -33.59
N SER I 12 21.77 -85.33 -34.83
CA SER I 12 21.03 -84.22 -35.41
C SER I 12 20.09 -84.74 -36.48
N GLY I 13 18.91 -84.12 -36.56
CA GLY I 13 17.93 -84.52 -37.56
C GLY I 13 16.87 -83.46 -37.70
N VAL I 14 15.97 -83.69 -38.64
CA VAL I 14 14.86 -82.78 -38.93
C VAL I 14 13.56 -83.51 -38.64
N GLY I 15 12.73 -82.92 -37.79
CA GLY I 15 11.46 -83.52 -37.46
C GLY I 15 10.33 -83.06 -38.37
N ALA I 16 9.39 -83.98 -38.61
CA ALA I 16 8.23 -83.71 -39.46
C ALA I 16 8.68 -83.19 -40.83
N GLY I 17 9.68 -83.83 -41.41
CA GLY I 17 10.32 -83.37 -42.63
C GLY I 17 9.62 -83.84 -43.89
N ALA I 18 8.72 -84.80 -43.80
CA ALA I 18 8.10 -85.38 -44.98
C ALA I 18 7.27 -84.37 -45.75
N PRO I 19 7.72 -83.99 -46.94
CA PRO I 19 7.00 -83.01 -47.73
C PRO I 19 5.95 -83.65 -48.63
N VAL I 20 4.72 -83.17 -48.57
CA VAL I 20 3.64 -83.61 -49.44
C VAL I 20 3.20 -82.44 -50.29
N ALA I 21 3.19 -82.62 -51.60
CA ALA I 21 2.94 -81.53 -52.52
C ALA I 21 1.50 -81.05 -52.41
N GLY I 22 1.23 -79.90 -53.04
CA GLY I 22 -0.12 -79.36 -53.08
C GLY I 22 -0.69 -79.44 -54.47
N ARG I 23 -1.94 -79.88 -54.59
CA ARG I 23 -2.54 -80.09 -55.90
C ARG I 23 -2.79 -78.76 -56.60
N LYS I 24 -2.44 -78.70 -57.88
CA LYS I 24 -2.71 -77.54 -58.71
C LYS I 24 -3.91 -77.82 -59.61
N LEU I 25 -4.54 -76.75 -60.08
CA LEU I 25 -5.73 -76.86 -60.92
C LEU I 25 -5.48 -76.36 -62.34
N LEU I 27 -4.54 -76.25 -66.47
CA LEU I 27 -5.10 -76.90 -67.65
C LEU I 27 -4.09 -77.86 -68.27
N ARG I 28 -4.61 -78.92 -68.90
CA ARG I 28 -3.78 -79.85 -69.65
C ARG I 28 -4.39 -80.05 -71.04
N VAL I 29 -3.54 -80.01 -72.06
CA VAL I 29 -3.96 -80.15 -73.45
C VAL I 29 -3.35 -81.43 -74.01
N MET I 30 -4.17 -82.22 -74.69
CA MET I 30 -3.75 -83.48 -75.30
C MET I 30 -3.69 -83.28 -76.81
N THR I 31 -2.52 -82.94 -77.32
CA THR I 31 -2.34 -82.67 -78.74
C THR I 31 -1.90 -83.95 -79.46
N THR I 32 -1.70 -83.86 -80.78
CA THR I 32 -1.31 -84.99 -81.59
C THR I 32 0.02 -84.79 -82.31
N ASN I 33 0.60 -83.59 -82.24
CA ASN I 33 1.82 -83.33 -83.01
C ASN I 33 2.97 -84.20 -82.51
N ASN I 34 3.89 -84.52 -83.43
CA ASN I 34 4.88 -85.55 -83.15
C ASN I 34 6.07 -85.04 -82.34
N VAL I 35 6.09 -83.76 -81.98
CA VAL I 35 7.18 -83.19 -81.20
C VAL I 35 7.25 -83.85 -79.84
N ILE I 36 6.09 -84.08 -79.23
CA ILE I 36 5.99 -84.57 -77.85
C ILE I 36 6.07 -86.09 -77.87
N PRO I 37 7.00 -86.70 -77.14
CA PRO I 37 7.02 -88.16 -77.02
C PRO I 37 5.78 -88.66 -76.29
N PRO I 38 5.33 -89.88 -76.59
CA PRO I 38 4.10 -90.38 -75.96
C PRO I 38 4.14 -90.47 -74.45
N GLY I 39 5.29 -90.76 -73.85
CA GLY I 39 5.31 -91.12 -72.45
C GLY I 39 5.66 -90.03 -71.45
N ILE I 40 5.61 -88.77 -71.85
CA ILE I 40 5.94 -87.68 -70.95
C ILE I 40 4.82 -86.65 -70.96
N VAL I 41 4.82 -85.82 -69.91
CA VAL I 41 3.98 -84.63 -69.83
C VAL I 41 4.92 -83.45 -69.61
N ILE I 42 4.74 -82.39 -70.40
CA ILE I 42 5.63 -81.24 -70.39
C ILE I 42 4.90 -80.05 -69.80
N ASP I 45 5.61 -72.55 -67.81
CA ASP I 45 5.18 -71.54 -66.85
C ASP I 45 4.78 -70.24 -67.55
N ALA I 47 4.13 -67.95 -71.47
CA ALA I 47 3.77 -68.04 -72.87
C ALA I 47 5.00 -68.03 -73.78
N ASN I 48 6.02 -67.28 -73.40
CA ASN I 48 7.24 -67.24 -74.22
C ASN I 48 7.94 -68.59 -74.24
N ALA I 49 7.86 -69.35 -73.15
CA ALA I 49 8.42 -70.70 -73.17
C ALA I 49 7.72 -71.57 -74.19
N VAL I 50 6.39 -71.48 -74.26
CA VAL I 50 5.63 -72.24 -75.24
C VAL I 50 6.02 -71.79 -76.65
N LEU I 51 6.17 -70.47 -76.84
CA LEU I 51 6.57 -69.96 -78.14
C LEU I 51 7.93 -70.50 -78.56
N SER I 52 8.87 -70.53 -77.62
CA SER I 52 10.21 -71.03 -77.94
C SER I 52 10.20 -72.51 -78.25
N TYR I 53 9.47 -73.30 -77.46
CA TYR I 53 9.54 -74.76 -77.61
C TYR I 53 8.75 -75.24 -78.83
N PHE I 54 7.61 -74.62 -79.11
CA PHE I 54 6.72 -75.14 -80.16
C PHE I 54 6.78 -74.35 -81.46
N GLY I 55 7.21 -73.11 -81.43
CA GLY I 55 7.20 -72.28 -82.62
C GLY I 55 5.96 -71.41 -82.71
N ALA I 56 6.06 -70.36 -83.52
CA ALA I 56 4.98 -69.39 -83.60
C ALA I 56 3.77 -69.92 -84.35
N GLN I 57 3.98 -70.84 -85.29
CA GLN I 57 2.88 -71.33 -86.11
C GLN I 57 1.95 -72.30 -85.40
N SER I 58 2.46 -73.00 -84.39
CA SER I 58 1.71 -74.12 -83.82
C SER I 58 0.46 -73.65 -83.10
N GLU I 59 -0.55 -74.52 -83.06
CA GLU I 59 -1.76 -74.24 -82.30
C GLU I 59 -1.49 -74.17 -80.80
N GLU I 60 -0.44 -74.83 -80.32
CA GLU I 60 -0.12 -74.77 -78.89
C GLU I 60 0.19 -73.35 -78.46
N TYR I 61 0.99 -72.63 -79.23
CA TYR I 61 1.24 -71.23 -78.90
C TYR I 61 -0.03 -70.41 -79.01
N GLN I 62 -0.86 -70.70 -80.01
CA GLN I 62 -2.12 -69.99 -80.16
C GLN I 62 -2.99 -70.14 -78.92
N ARG I 63 -3.06 -71.34 -78.37
CA ARG I 63 -3.86 -71.59 -77.18
C ARG I 63 -3.22 -70.94 -75.96
N ALA I 64 -1.90 -71.06 -75.81
CA ALA I 64 -1.24 -70.53 -74.63
C ALA I 64 -1.33 -69.02 -74.56
N ALA I 65 -1.28 -68.34 -75.71
CA ALA I 65 -1.34 -66.89 -75.72
C ALA I 65 -2.66 -66.39 -75.14
N ALA I 66 -3.78 -66.99 -75.54
CA ALA I 66 -5.07 -66.58 -75.01
C ALA I 66 -5.28 -67.11 -73.60
N TYR I 67 -4.65 -68.24 -73.26
CA TYR I 67 -4.80 -68.82 -71.94
C TYR I 67 -4.10 -67.97 -70.88
N PHE I 68 -2.95 -67.38 -71.22
CA PHE I 68 -2.13 -66.71 -70.23
C PHE I 68 -2.53 -65.27 -69.98
N LYS I 69 -3.48 -64.71 -70.73
CA LYS I 69 -4.04 -63.40 -70.44
C LYS I 69 -5.37 -63.59 -69.73
N PHE I 70 -5.42 -63.22 -68.45
CA PHE I 70 -6.61 -63.42 -67.65
C PHE I 70 -6.43 -62.69 -66.33
N ILE I 71 -7.52 -62.12 -65.83
CA ILE I 71 -7.48 -61.35 -64.60
C ILE I 71 -8.32 -61.96 -63.48
N SER I 72 -9.41 -62.67 -63.78
CA SER I 72 -10.25 -63.42 -62.86
C SER I 72 -10.98 -62.53 -61.86
N LYS I 73 -11.06 -61.21 -62.07
CA LYS I 73 -11.76 -60.24 -61.25
C LYS I 73 -11.11 -60.07 -59.88
N SER I 74 -10.09 -60.85 -59.55
CA SER I 74 -9.30 -60.64 -58.33
C SER I 74 -7.83 -60.58 -58.66
N VAL I 75 -7.50 -60.05 -59.84
CA VAL I 75 -6.16 -59.86 -60.39
C VAL I 75 -5.26 -61.05 -60.09
N SER I 77 -3.75 -64.85 -62.16
CA SER I 77 -3.49 -65.44 -63.46
C SER I 77 -3.14 -66.91 -63.31
N PRO I 78 -3.34 -67.71 -64.36
CA PRO I 78 -3.13 -69.17 -64.23
C PRO I 78 -1.71 -69.58 -63.88
N SER I 79 -0.72 -69.06 -64.61
CA SER I 79 0.71 -69.22 -64.30
C SER I 79 1.28 -70.60 -64.58
N SER I 80 0.53 -71.48 -65.25
CA SER I 80 1.10 -72.75 -65.68
C SER I 80 0.19 -73.39 -66.72
N ILE I 81 0.77 -74.31 -67.51
CA ILE I 81 0.03 -75.10 -68.48
C ILE I 81 0.80 -76.38 -68.73
N SER I 82 0.10 -77.40 -69.23
CA SER I 82 0.69 -78.71 -69.47
C SER I 82 0.30 -79.23 -70.84
N PHE I 83 1.16 -80.05 -71.43
CA PHE I 83 0.89 -80.72 -72.69
C PHE I 83 1.23 -82.20 -72.56
N ALA I 84 0.41 -83.04 -73.17
CA ALA I 84 0.63 -84.48 -73.23
C ALA I 84 0.41 -84.94 -74.67
N ARG I 85 0.72 -86.20 -74.94
CA ARG I 85 0.73 -86.72 -76.30
C ARG I 85 -0.35 -87.78 -76.47
N TRP I 86 -1.12 -87.66 -77.55
CA TRP I 86 -2.11 -88.65 -77.93
C TRP I 86 -1.63 -89.35 -79.20
N VAL I 87 -1.54 -90.67 -79.15
CA VAL I 87 -1.00 -91.45 -80.28
C VAL I 87 -2.16 -91.68 -81.23
N ASN I 88 -2.30 -90.76 -82.20
CA ASN I 88 -3.43 -90.82 -83.11
C ASN I 88 -3.35 -92.02 -84.04
N THR I 89 -2.18 -92.30 -84.59
CA THR I 89 -1.99 -93.40 -85.53
C THR I 89 -0.80 -94.24 -85.11
N ALA I 90 -0.55 -95.31 -85.87
CA ALA I 90 0.54 -96.23 -85.55
C ALA I 90 1.89 -95.52 -85.64
N ILE I 91 2.80 -95.88 -84.74
CA ILE I 91 4.06 -95.17 -84.57
C ILE I 91 5.21 -96.17 -84.57
N ALA I 92 6.35 -95.75 -85.11
CA ALA I 92 7.57 -96.53 -85.08
C ALA I 92 8.37 -96.22 -83.82
N PRO I 93 9.28 -97.10 -83.43
CA PRO I 93 10.13 -96.82 -82.25
C PRO I 93 10.98 -95.58 -82.46
N MET I 94 11.17 -94.81 -81.38
CA MET I 94 11.94 -93.57 -81.44
C MET I 94 12.86 -93.47 -80.24
N VAL I 95 13.89 -92.64 -80.38
CA VAL I 95 14.82 -92.33 -79.30
C VAL I 95 14.98 -90.81 -79.24
N VAL I 96 14.43 -90.19 -78.20
CA VAL I 96 14.50 -88.75 -78.05
C VAL I 96 14.60 -88.34 -76.58
N ASP I 98 16.87 -85.23 -75.81
CA ASP I 98 18.01 -84.34 -76.01
C ASP I 98 17.62 -82.91 -75.61
N ASN I 99 17.65 -82.63 -74.31
CA ASN I 99 17.25 -81.31 -73.83
C ASN I 99 18.42 -80.36 -73.63
N LEU I 100 19.64 -80.86 -73.51
CA LEU I 100 20.78 -80.00 -73.23
C LEU I 100 21.12 -79.17 -74.47
N PRO I 101 21.54 -77.92 -74.31
CA PRO I 101 21.97 -77.12 -75.46
C PRO I 101 23.21 -77.72 -76.08
N LYS I 102 23.11 -78.06 -77.36
CA LYS I 102 24.22 -78.66 -78.09
C LYS I 102 24.27 -78.09 -79.50
N THR I 103 25.00 -78.75 -80.39
CA THR I 103 25.08 -78.35 -81.79
C THR I 103 25.63 -76.94 -81.93
N ILE I 104 26.80 -76.72 -81.36
CA ILE I 104 27.54 -75.48 -81.51
C ILE I 104 28.50 -75.65 -82.68
N ALA I 105 28.24 -76.65 -83.52
CA ALA I 105 29.09 -77.00 -84.66
C ALA I 105 30.47 -77.42 -84.21
N ASP I 106 30.54 -78.21 -83.12
CA ASP I 106 31.80 -78.67 -82.56
C ASP I 106 31.76 -80.18 -82.38
N PHE I 107 31.34 -80.87 -83.45
CA PHE I 107 31.53 -82.30 -83.58
C PHE I 107 32.90 -82.64 -84.15
N ALA I 108 33.74 -81.62 -84.36
CA ALA I 108 35.08 -81.86 -84.85
C ALA I 108 35.88 -82.70 -83.85
N GLY I 109 36.77 -83.53 -84.39
CA GLY I 109 37.48 -84.49 -83.58
C GLY I 109 36.80 -85.84 -83.58
N PHE I 110 35.55 -85.88 -84.04
CA PHE I 110 34.87 -87.12 -84.32
C PHE I 110 35.05 -87.56 -85.76
N SER I 111 36.05 -87.03 -86.44
CA SER I 111 36.41 -87.54 -87.75
C SER I 111 37.22 -88.83 -87.64
N ALA I 112 37.56 -89.24 -86.43
CA ALA I 112 38.37 -90.44 -86.22
C ALA I 112 37.44 -91.62 -85.92
N GLY I 113 36.91 -92.23 -86.98
CA GLY I 113 36.23 -93.50 -86.91
C GLY I 113 35.27 -93.68 -85.74
N VAL I 114 34.15 -92.97 -85.77
CA VAL I 114 33.20 -93.02 -84.66
C VAL I 114 32.51 -94.37 -84.62
N LEU I 115 32.32 -94.90 -83.42
CA LEU I 115 31.55 -96.11 -83.17
C LEU I 115 30.37 -95.76 -82.30
N THR I 116 29.18 -96.23 -82.67
CA THR I 116 28.00 -96.18 -81.82
C THR I 116 27.30 -97.52 -81.88
N ILE I 117 26.68 -97.91 -80.77
CA ILE I 117 26.06 -99.22 -80.62
C ILE I 117 24.58 -99.02 -80.38
N MET I 118 23.74 -99.72 -81.14
CA MET I 118 22.31 -99.68 -80.91
C MET I 118 21.73 -101.09 -80.97
N VAL I 119 20.67 -101.33 -80.21
CA VAL I 119 20.10 -102.65 -80.05
C VAL I 119 18.61 -102.61 -80.35
N GLY I 120 18.14 -103.53 -81.16
CA GLY I 120 16.73 -103.85 -81.21
C GLY I 120 16.44 -104.90 -80.16
N ALA I 121 17.10 -106.05 -80.31
CA ALA I 121 17.26 -107.03 -79.25
C ALA I 121 18.69 -107.54 -79.12
N ALA I 122 19.51 -107.38 -80.15
CA ALA I 122 20.92 -107.73 -80.11
C ALA I 122 21.73 -106.55 -80.66
N GLU I 123 23.02 -106.57 -80.38
CA GLU I 123 23.88 -105.43 -80.69
C GLU I 123 23.98 -105.19 -82.19
N GLN I 124 24.11 -103.92 -82.56
CA GLN I 124 24.45 -103.49 -83.92
C GLN I 124 25.46 -102.37 -83.76
N ASN I 125 26.68 -102.63 -84.23
CA ASN I 125 27.73 -101.62 -84.22
C ASN I 125 27.77 -100.91 -85.57
N ILE I 126 28.02 -99.60 -85.54
CA ILE I 126 27.99 -98.78 -86.74
C ILE I 126 29.42 -98.43 -87.13
N THR I 127 29.66 -98.39 -88.44
CA THR I 127 31.00 -98.22 -88.96
C THR I 127 31.52 -96.81 -88.68
N ALA I 128 32.71 -96.53 -89.19
CA ALA I 128 33.35 -95.24 -88.95
C ALA I 128 32.51 -94.11 -89.51
N ILE I 129 32.27 -93.10 -88.68
CA ILE I 129 31.48 -91.92 -89.04
C ILE I 129 32.38 -90.71 -88.86
N ASP I 130 32.66 -89.99 -89.94
CA ASP I 130 33.55 -88.84 -89.91
C ASP I 130 32.72 -87.58 -90.15
N THR I 131 32.77 -86.64 -89.20
CA THR I 131 32.06 -85.38 -89.30
C THR I 131 32.98 -84.17 -89.10
N SER I 132 34.21 -84.25 -89.61
CA SER I 132 35.11 -83.09 -89.52
C SER I 132 34.60 -81.94 -90.35
N ALA I 133 34.09 -82.22 -91.56
CA ALA I 133 33.59 -81.15 -92.42
C ALA I 133 32.43 -80.42 -91.76
N ALA I 134 31.32 -81.11 -91.57
CA ALA I 134 30.20 -80.64 -90.75
C ALA I 134 29.82 -79.20 -91.09
N THR I 135 29.32 -79.03 -92.32
CA THR I 135 28.84 -77.70 -92.73
C THR I 135 27.74 -77.20 -91.80
N SER I 136 26.82 -78.09 -91.41
CA SER I 136 25.78 -77.77 -90.45
C SER I 136 25.35 -79.05 -89.78
N MET I 137 24.55 -78.89 -88.71
CA MET I 137 24.04 -80.07 -88.01
C MET I 137 23.07 -80.86 -88.86
N ASP I 138 22.45 -80.21 -89.85
CA ASP I 138 21.66 -80.95 -90.82
C ASP I 138 22.54 -81.93 -91.58
N ASN I 139 23.74 -81.50 -91.95
CA ASN I 139 24.70 -82.40 -92.57
C ASN I 139 25.09 -83.52 -91.61
N VAL I 140 25.26 -83.20 -90.33
CA VAL I 140 25.63 -84.23 -89.36
C VAL I 140 24.55 -85.29 -89.27
N ALA I 141 23.28 -84.89 -89.20
CA ALA I 141 22.19 -85.84 -89.17
C ALA I 141 22.13 -86.67 -90.44
N SER I 142 22.33 -86.03 -91.59
CA SER I 142 22.33 -86.78 -92.85
C SER I 142 23.45 -87.81 -92.87
N ILE I 143 24.65 -87.44 -92.40
CA ILE I 143 25.78 -88.36 -92.44
C ILE I 143 25.57 -89.51 -91.47
N ILE I 144 24.99 -89.24 -90.30
CA ILE I 144 24.66 -90.33 -89.38
C ILE I 144 23.64 -91.27 -90.01
N GLN I 145 22.64 -90.71 -90.68
CA GLN I 145 21.62 -91.52 -91.35
C GLN I 145 22.24 -92.40 -92.42
N THR I 146 23.18 -91.86 -93.19
CA THR I 146 23.80 -92.65 -94.26
C THR I 146 24.54 -93.85 -93.69
N GLU I 147 25.27 -93.66 -92.59
CA GLU I 147 26.01 -94.78 -92.01
C GLU I 147 25.06 -95.78 -91.34
N ILE I 148 23.96 -95.32 -90.76
CA ILE I 148 23.02 -96.24 -90.14
C ILE I 148 22.31 -97.08 -91.19
N ARG I 149 21.93 -96.46 -92.31
CA ARG I 149 21.17 -97.17 -93.33
C ARG I 149 21.95 -98.30 -93.98
N LYS I 150 23.26 -98.35 -93.77
CA LYS I 150 24.05 -99.44 -94.37
C LYS I 150 23.82 -100.76 -93.66
N ASN I 151 23.26 -100.74 -92.45
CA ASN I 151 23.03 -101.98 -91.71
C ASN I 151 21.87 -102.77 -92.31
N ALA I 152 21.92 -104.09 -92.13
CA ALA I 152 20.97 -105.00 -92.75
C ALA I 152 19.78 -105.35 -91.86
N ASP I 153 19.69 -104.79 -90.67
CA ASP I 153 18.53 -105.04 -89.81
C ASP I 153 17.32 -104.31 -90.38
N PRO I 154 16.14 -104.94 -90.43
CA PRO I 154 14.97 -104.29 -91.05
C PRO I 154 14.62 -102.94 -90.45
N GLN I 155 14.75 -102.77 -89.13
CA GLN I 155 14.49 -101.46 -88.55
C GLN I 155 15.49 -100.42 -89.05
N LEU I 156 16.76 -100.79 -89.15
CA LEU I 156 17.81 -99.87 -89.51
C LEU I 156 18.03 -99.77 -91.01
N ALA I 157 17.29 -100.54 -91.81
CA ALA I 157 17.46 -100.49 -93.26
C ALA I 157 17.01 -99.14 -93.81
N GLN I 158 15.89 -98.61 -93.30
CA GLN I 158 15.34 -97.35 -93.77
C GLN I 158 15.13 -96.37 -92.61
N ALA I 159 15.96 -96.47 -91.58
CA ALA I 159 15.83 -95.60 -90.42
C ALA I 159 16.16 -94.15 -90.79
N THR I 160 15.55 -93.23 -90.05
CA THR I 160 15.72 -91.80 -90.31
C THR I 160 16.30 -91.12 -89.07
N VAL I 161 17.18 -90.15 -89.31
CA VAL I 161 17.73 -89.31 -88.25
C VAL I 161 17.37 -87.88 -88.57
N THR I 162 16.79 -87.17 -87.60
CA THR I 162 16.37 -85.79 -87.81
C THR I 162 16.94 -84.93 -86.71
N TRP I 163 17.01 -83.62 -86.98
CA TRP I 163 17.52 -82.65 -86.03
C TRP I 163 16.55 -81.47 -85.96
N ASN I 164 16.32 -80.99 -84.74
CA ASN I 164 15.35 -79.93 -84.47
C ASN I 164 16.09 -78.71 -83.96
N GLN I 165 15.69 -77.53 -84.46
CA GLN I 165 16.40 -76.30 -84.11
C GLN I 165 15.75 -75.57 -82.94
N ASN I 166 14.41 -75.57 -82.86
CA ASN I 166 13.73 -74.84 -81.79
C ASN I 166 14.15 -75.35 -80.43
N THR I 167 14.02 -76.66 -80.21
CA THR I 167 14.70 -77.34 -79.13
C THR I 167 16.03 -77.86 -79.67
N ASN I 168 16.67 -78.76 -78.94
CA ASN I 168 18.01 -79.21 -79.31
C ASN I 168 18.05 -80.74 -79.35
N GLN I 169 17.11 -81.34 -80.05
CA GLN I 169 16.91 -82.78 -79.99
C GLN I 169 17.28 -83.48 -81.30
N PHE I 170 18.04 -84.56 -81.17
CA PHE I 170 18.26 -85.52 -82.26
C PHE I 170 17.28 -86.68 -82.07
N THR I 171 16.62 -87.07 -83.16
CA THR I 171 15.61 -88.12 -83.09
C THR I 171 15.87 -89.17 -84.16
N LEU I 172 15.77 -90.44 -83.75
CA LEU I 172 15.99 -91.58 -84.63
C LEU I 172 14.71 -92.40 -84.71
N VAL I 173 14.27 -92.67 -85.93
CA VAL I 173 13.01 -93.38 -86.18
C VAL I 173 13.30 -94.65 -86.98
N GLY I 174 12.80 -95.77 -86.48
CA GLY I 174 12.98 -97.03 -87.18
C GLY I 174 12.04 -97.17 -88.36
N ALA I 175 12.39 -98.11 -89.24
CA ALA I 175 11.68 -98.25 -90.52
C ALA I 175 10.30 -98.88 -90.34
N THR I 176 10.18 -99.94 -89.57
CA THR I 176 8.92 -100.68 -89.46
C THR I 176 7.96 -99.95 -88.53
N ILE I 177 6.67 -100.12 -88.78
CA ILE I 177 5.62 -99.43 -88.05
C ILE I 177 4.76 -100.48 -87.36
N GLY I 178 4.65 -100.36 -86.04
CA GLY I 178 3.71 -101.19 -85.29
C GLY I 178 4.31 -101.91 -84.11
N THR I 179 5.54 -102.42 -84.26
CA THR I 179 6.17 -103.20 -83.21
C THR I 179 7.68 -103.07 -83.34
N GLY I 180 8.36 -103.03 -82.20
CA GLY I 180 9.80 -102.95 -82.15
C GLY I 180 10.24 -102.20 -80.91
N VAL I 181 11.44 -102.51 -80.44
CA VAL I 181 12.05 -101.84 -79.30
C VAL I 181 13.48 -101.50 -79.66
N LEU I 182 13.85 -100.23 -79.51
CA LEU I 182 15.19 -99.75 -79.84
C LEU I 182 15.82 -99.10 -78.63
N ALA I 183 17.16 -99.19 -78.55
CA ALA I 183 17.90 -98.53 -77.48
C ALA I 183 19.32 -98.30 -77.94
N VAL I 184 20.03 -97.44 -77.22
CA VAL I 184 21.43 -97.13 -77.47
C VAL I 184 22.22 -97.36 -76.21
N ALA I 185 23.42 -97.90 -76.36
CA ALA I 185 24.25 -98.30 -75.22
C ALA I 185 25.51 -97.44 -75.15
N LYS I 186 25.97 -97.19 -73.94
CA LYS I 186 27.19 -96.44 -73.68
C LYS I 186 28.38 -97.39 -73.79
N SER I 187 29.20 -97.20 -74.82
CA SER I 187 30.39 -98.02 -75.01
C SER I 187 31.61 -97.36 -74.37
N ALA I 188 32.71 -98.11 -74.34
CA ALA I 188 33.95 -97.65 -73.71
C ALA I 188 34.97 -97.12 -74.70
N ASP I 189 34.66 -97.09 -75.99
CA ASP I 189 35.63 -96.60 -76.97
C ASP I 189 35.82 -95.09 -76.80
N PRO I 190 36.99 -94.56 -77.18
CA PRO I 190 37.17 -93.09 -77.10
C PRO I 190 36.30 -92.33 -78.08
N GLN I 191 36.14 -92.84 -79.30
CA GLN I 191 35.41 -92.14 -80.35
C GLN I 191 33.97 -92.65 -80.40
N ASP I 192 33.25 -92.40 -79.31
CA ASP I 192 31.85 -92.78 -79.18
C ASP I 192 31.03 -91.51 -78.98
N MET I 193 30.05 -91.31 -79.87
CA MET I 193 29.31 -90.05 -79.93
C MET I 193 27.92 -90.15 -79.30
N SER I 194 27.76 -91.01 -78.28
CA SER I 194 26.52 -91.03 -77.53
C SER I 194 26.46 -89.93 -76.48
N THR I 195 27.54 -89.20 -76.27
CA THR I 195 27.53 -88.06 -75.36
C THR I 195 27.41 -86.72 -76.09
N ALA I 196 28.09 -86.57 -77.23
CA ALA I 196 27.84 -85.41 -78.07
C ALA I 196 26.40 -85.38 -78.55
N LEU I 197 25.89 -86.54 -78.98
CA LEU I 197 24.47 -86.75 -79.07
C LEU I 197 23.93 -86.97 -77.67
N GLY I 198 22.64 -86.69 -77.46
CA GLY I 198 22.11 -86.89 -76.15
C GLY I 198 21.46 -88.25 -75.97
N TRP I 199 21.95 -89.24 -76.70
CA TRP I 199 21.43 -90.60 -76.63
C TRP I 199 22.20 -91.40 -75.59
N SER I 200 21.47 -92.11 -74.73
CA SER I 200 22.03 -92.89 -73.63
C SER I 200 22.72 -92.02 -72.58
N THR I 201 22.25 -90.79 -72.39
CA THR I 201 22.75 -89.92 -71.34
C THR I 201 21.59 -89.32 -70.57
N SER I 202 21.74 -89.28 -69.25
CA SER I 202 20.75 -88.69 -68.35
C SER I 202 19.42 -89.38 -68.61
N ASN I 203 18.35 -88.65 -68.89
CA ASN I 203 17.03 -89.23 -69.16
C ASN I 203 16.70 -89.11 -70.65
N VAL I 204 16.64 -90.26 -71.32
CA VAL I 204 16.31 -90.34 -72.75
C VAL I 204 15.03 -91.13 -72.88
N VAL I 205 14.11 -90.63 -73.71
CA VAL I 205 12.81 -91.26 -73.91
C VAL I 205 12.94 -92.25 -75.05
N ASN I 206 12.81 -93.53 -74.74
CA ASN I 206 12.75 -94.58 -75.75
C ASN I 206 11.30 -95.00 -75.93
N VAL I 207 10.78 -94.79 -77.13
CA VAL I 207 9.37 -95.03 -77.45
C VAL I 207 9.27 -96.31 -78.26
N ALA I 208 8.51 -97.28 -77.74
CA ALA I 208 8.27 -98.52 -78.46
C ALA I 208 7.10 -98.36 -79.42
N GLY I 209 6.99 -99.30 -80.37
CA GLY I 209 5.94 -99.22 -81.36
C GLY I 209 4.57 -99.36 -80.73
N GLN I 210 3.58 -98.74 -81.36
CA GLN I 210 2.22 -98.71 -80.83
C GLN I 210 1.21 -98.86 -81.95
N SER I 211 -0.03 -99.12 -81.55
CA SER I 211 -1.16 -99.21 -82.46
C SER I 211 -1.85 -97.84 -82.55
N ALA I 212 -3.04 -97.81 -83.14
CA ALA I 212 -3.74 -96.55 -83.33
C ALA I 212 -4.20 -95.94 -82.02
N ASP I 213 -4.46 -96.77 -81.00
CA ASP I 213 -4.77 -96.32 -79.65
C ASP I 213 -6.09 -95.54 -79.59
N LEU I 214 -6.56 -95.23 -78.38
CA LEU I 214 -7.88 -94.64 -78.20
C LEU I 214 -7.77 -93.49 -77.21
N PRO I 215 -8.64 -92.46 -77.32
CA PRO I 215 -8.46 -91.28 -76.47
C PRO I 215 -8.59 -91.54 -74.99
N ASP I 216 -9.52 -92.39 -74.57
CA ASP I 216 -9.72 -92.62 -73.14
C ASP I 216 -8.56 -93.42 -72.54
N ALA I 217 -7.95 -94.30 -73.34
CA ALA I 217 -6.74 -94.96 -72.88
C ALA I 217 -5.58 -93.98 -72.82
N ALA I 218 -5.51 -93.06 -73.78
CA ALA I 218 -4.41 -92.09 -73.81
C ALA I 218 -4.47 -91.17 -72.60
N VAL I 219 -5.66 -90.70 -72.24
CA VAL I 219 -5.76 -89.81 -71.09
C VAL I 219 -5.41 -90.56 -69.81
N ALA I 220 -5.76 -91.84 -69.72
CA ALA I 220 -5.38 -92.63 -68.55
C ALA I 220 -3.87 -92.80 -68.47
N LYS I 221 -3.22 -93.06 -69.61
CA LYS I 221 -1.76 -93.16 -69.62
C LYS I 221 -1.13 -91.84 -69.19
N SER I 222 -1.67 -90.72 -69.66
CA SER I 222 -1.13 -89.41 -69.28
C SER I 222 -1.33 -89.14 -67.79
N THR I 223 -2.48 -89.51 -67.24
CA THR I 223 -2.71 -89.28 -65.82
C THR I 223 -1.92 -90.26 -64.95
N ASN I 224 -1.42 -91.34 -65.54
CA ASN I 224 -0.57 -92.26 -64.79
C ASN I 224 0.72 -91.56 -64.32
N VAL I 225 1.32 -90.74 -65.18
CA VAL I 225 2.63 -90.18 -64.84
C VAL I 225 2.50 -88.99 -63.90
N SER I 226 1.47 -88.18 -64.07
CA SER I 226 1.24 -87.06 -63.15
C SER I 226 -0.20 -86.58 -63.30
N ASN I 227 -0.84 -86.28 -62.17
CA ASN I 227 -2.23 -85.84 -62.15
C ASN I 227 -2.42 -84.51 -61.44
N ASN I 228 -1.45 -83.60 -61.55
CA ASN I 228 -1.54 -82.28 -60.94
C ASN I 228 -2.14 -81.30 -61.95
N PHE I 229 -3.44 -81.46 -62.19
CA PHE I 229 -4.13 -80.62 -63.16
C PHE I 229 -5.64 -80.67 -62.90
N GLY I 230 -6.36 -79.87 -63.66
CA GLY I 230 -7.81 -79.92 -63.67
C GLY I 230 -8.31 -79.39 -65.00
N SER I 231 -9.49 -79.86 -65.40
CA SER I 231 -10.15 -79.39 -66.62
C SER I 231 -9.28 -79.59 -67.86
N PHE I 232 -9.00 -80.84 -68.19
CA PHE I 232 -8.27 -81.15 -69.41
C PHE I 232 -9.15 -80.94 -70.64
N LEU I 233 -8.52 -80.95 -71.81
CA LEU I 233 -9.21 -80.85 -73.09
C LEU I 233 -8.28 -81.31 -74.20
N PHE I 234 -8.87 -81.78 -75.31
CA PHE I 234 -8.08 -82.40 -76.37
C PHE I 234 -7.53 -81.37 -77.34
N ALA I 235 -8.42 -80.58 -77.95
CA ALA I 235 -8.01 -79.47 -78.80
C ALA I 235 -7.15 -79.92 -79.98
N GLY I 236 -7.75 -80.68 -80.86
CA GLY I 236 -7.18 -80.97 -82.17
C GLY I 236 -8.23 -80.75 -83.23
N ALA I 237 -8.36 -81.74 -84.10
CA ALA I 237 -9.54 -81.83 -84.95
C ALA I 237 -10.74 -82.25 -84.12
N PRO I 238 -11.94 -81.86 -84.52
CA PRO I 238 -13.13 -82.26 -83.75
C PRO I 238 -13.26 -83.78 -83.67
N LEU I 239 -13.67 -84.25 -82.50
CA LEU I 239 -13.78 -85.68 -82.26
C LEU I 239 -15.17 -86.19 -82.62
N ASP I 240 -15.24 -87.49 -82.89
CA ASP I 240 -16.51 -88.15 -83.16
C ASP I 240 -17.34 -88.18 -81.88
N ASN I 241 -18.66 -88.32 -82.06
CA ASN I 241 -19.56 -88.32 -80.91
C ASN I 241 -19.29 -89.49 -79.98
N ASP I 242 -18.99 -90.67 -80.55
CA ASP I 242 -18.71 -91.83 -79.72
C ASP I 242 -17.44 -91.64 -78.89
N GLN I 243 -16.43 -91.00 -79.47
CA GLN I 243 -15.20 -90.73 -78.71
C GLN I 243 -15.49 -89.78 -77.55
N ILE I 244 -16.31 -88.75 -77.80
CA ILE I 244 -16.70 -87.85 -76.72
C ILE I 244 -17.46 -88.61 -75.64
N LYS I 245 -18.34 -89.53 -76.05
CA LYS I 245 -19.08 -90.33 -75.09
C LYS I 245 -18.15 -91.16 -74.22
N ALA I 246 -17.17 -91.83 -74.84
CA ALA I 246 -16.24 -92.65 -74.09
C ALA I 246 -15.40 -91.82 -73.13
N VAL I 247 -14.94 -90.65 -73.57
CA VAL I 247 -14.10 -89.83 -72.70
C VAL I 247 -14.92 -89.27 -71.54
N SER I 248 -16.17 -88.87 -71.81
CA SER I 248 -17.02 -88.37 -70.74
C SER I 248 -17.33 -89.47 -69.72
N ALA I 249 -17.55 -90.69 -70.21
CA ALA I 249 -17.75 -91.80 -69.28
C ALA I 249 -16.52 -92.04 -68.43
N TRP I 250 -15.34 -92.00 -69.03
CA TRP I 250 -14.11 -92.18 -68.25
C TRP I 250 -13.96 -91.08 -67.21
N ASN I 251 -14.27 -89.83 -67.57
CA ASN I 251 -14.23 -88.76 -66.59
C ASN I 251 -15.21 -89.00 -65.46
N ALA I 252 -16.40 -89.48 -65.79
CA ALA I 252 -17.41 -89.75 -64.77
C ALA I 252 -16.99 -90.91 -63.86
N ALA I 253 -16.06 -91.75 -64.33
CA ALA I 253 -15.60 -92.84 -63.49
C ALA I 253 -14.95 -92.33 -62.20
N GLN I 254 -14.08 -91.32 -62.30
CA GLN I 254 -13.59 -90.65 -61.11
C GLN I 254 -14.61 -89.61 -60.67
N ASN I 255 -14.97 -89.64 -59.38
CA ASN I 255 -16.15 -88.93 -58.92
C ASN I 255 -16.05 -87.43 -59.17
N ASN I 256 -15.12 -86.75 -58.51
CA ASN I 256 -15.11 -85.30 -58.51
C ASN I 256 -13.68 -84.78 -58.65
N GLN I 257 -12.94 -85.33 -59.60
CA GLN I 257 -11.52 -85.02 -59.76
C GLN I 257 -11.23 -83.98 -60.84
N PHE I 258 -11.74 -84.17 -62.04
CA PHE I 258 -11.35 -83.37 -63.19
C PHE I 258 -12.59 -82.73 -63.82
N ILE I 259 -12.36 -81.86 -64.79
CA ILE I 259 -13.40 -81.33 -65.66
C ILE I 259 -13.00 -81.66 -67.09
N TYR I 260 -14.00 -81.71 -67.98
CA TYR I 260 -13.78 -82.06 -69.38
C TYR I 260 -14.61 -81.14 -70.24
N THR I 261 -13.95 -80.27 -70.99
CA THR I 261 -14.62 -79.24 -71.79
C THR I 261 -14.68 -79.67 -73.24
N VAL I 262 -15.86 -79.56 -73.83
CA VAL I 262 -16.10 -79.92 -75.23
C VAL I 262 -16.67 -78.70 -75.94
N ALA I 263 -16.33 -78.58 -77.22
CA ALA I 263 -16.84 -77.49 -78.06
C ALA I 263 -17.72 -78.08 -79.15
N THR I 264 -18.92 -77.53 -79.32
CA THR I 264 -19.90 -78.06 -80.26
C THR I 264 -20.52 -76.91 -81.03
N SER I 265 -21.14 -77.27 -82.16
CA SER I 265 -21.99 -76.32 -82.88
C SER I 265 -23.39 -76.34 -82.30
N LEU I 266 -24.22 -75.38 -82.74
CA LEU I 266 -25.58 -75.30 -82.21
C LEU I 266 -26.40 -76.52 -82.58
N ALA I 267 -26.32 -76.94 -83.84
CA ALA I 267 -27.11 -78.09 -84.30
C ALA I 267 -26.64 -79.38 -83.64
N ASN I 268 -25.33 -79.54 -83.47
CA ASN I 268 -24.81 -80.75 -82.84
C ASN I 268 -25.12 -80.82 -81.36
N LEU I 269 -25.49 -79.70 -80.75
CA LEU I 269 -25.76 -79.70 -79.31
C LEU I 269 -26.92 -80.62 -78.96
N GLY I 270 -27.98 -80.60 -79.77
CA GLY I 270 -29.11 -81.47 -79.50
C GLY I 270 -28.76 -82.93 -79.65
N THR I 271 -27.86 -83.26 -80.58
CA THR I 271 -27.41 -84.63 -80.73
C THR I 271 -26.69 -85.10 -79.48
N LEU I 272 -25.81 -84.27 -78.93
CA LEU I 272 -25.30 -84.52 -77.60
C LEU I 272 -26.36 -84.17 -76.57
N PHE I 273 -26.00 -84.28 -75.30
CA PHE I 273 -26.88 -84.19 -74.15
C PHE I 273 -27.83 -85.38 -74.10
N THR I 274 -27.83 -86.24 -75.11
CA THR I 274 -28.43 -87.56 -75.06
C THR I 274 -27.39 -88.62 -74.73
N LEU I 275 -26.24 -88.55 -75.39
CA LEU I 275 -25.13 -89.44 -75.07
C LEU I 275 -24.50 -89.07 -73.72
N VAL I 276 -24.19 -87.79 -73.52
CA VAL I 276 -23.44 -87.36 -72.34
C VAL I 276 -24.32 -86.89 -71.20
N ASN I 277 -25.63 -87.18 -71.25
CA ASN I 277 -26.46 -86.92 -70.09
C ASN I 277 -25.94 -87.72 -68.90
N GLY I 278 -26.09 -87.16 -67.71
CA GLY I 278 -25.37 -87.71 -66.59
C GLY I 278 -23.91 -87.34 -66.76
N ASN I 279 -23.02 -88.26 -66.44
CA ASN I 279 -21.59 -88.08 -66.71
C ASN I 279 -21.05 -86.82 -66.06
N ALA I 280 -21.05 -86.81 -64.74
CA ALA I 280 -20.69 -85.62 -63.98
C ALA I 280 -19.29 -85.14 -64.32
N GLY I 281 -19.12 -83.83 -64.39
CA GLY I 281 -17.84 -83.22 -64.66
C GLY I 281 -17.59 -82.87 -66.11
N THR I 282 -18.62 -82.87 -66.96
CA THR I 282 -18.49 -82.57 -68.37
C THR I 282 -19.15 -81.24 -68.67
N ALA I 283 -18.48 -80.40 -69.45
CA ALA I 283 -18.98 -79.09 -69.83
C ALA I 283 -19.08 -78.98 -71.35
N LEU I 284 -20.16 -78.37 -71.82
CA LEU I 284 -20.41 -78.19 -73.25
C LEU I 284 -20.43 -76.70 -73.57
N ASN I 285 -19.65 -76.29 -74.57
CA ASN I 285 -19.54 -74.90 -74.97
C ASN I 285 -19.87 -74.78 -76.45
N VAL I 286 -20.73 -73.83 -76.79
CA VAL I 286 -21.21 -73.69 -78.15
C VAL I 286 -20.26 -72.79 -78.94
N LEU I 287 -19.85 -73.26 -80.11
CA LEU I 287 -19.01 -72.50 -81.04
C LEU I 287 -19.86 -71.70 -82.01
N SER I 288 -19.19 -70.87 -82.80
CA SER I 288 -19.82 -70.10 -83.87
C SER I 288 -19.28 -70.60 -85.20
N ALA I 289 -20.17 -71.05 -86.06
CA ALA I 289 -19.78 -71.53 -87.38
C ALA I 289 -19.43 -70.36 -88.28
N THR I 290 -18.57 -70.63 -89.26
CA THR I 290 -18.16 -69.63 -90.26
C THR I 290 -17.61 -68.37 -89.61
N ALA I 291 -16.74 -68.56 -88.62
CA ALA I 291 -16.09 -67.44 -87.94
C ALA I 291 -14.68 -67.85 -87.57
N ALA I 292 -13.97 -66.92 -86.92
CA ALA I 292 -12.64 -67.23 -86.43
C ALA I 292 -12.71 -68.35 -85.40
N ASN I 293 -11.58 -69.02 -85.19
CA ASN I 293 -11.56 -70.13 -84.24
C ASN I 293 -11.93 -69.65 -82.84
N ASP I 294 -11.24 -68.61 -82.35
CA ASP I 294 -11.52 -67.93 -81.08
C ASP I 294 -12.00 -68.91 -80.01
N PHE I 295 -11.27 -70.02 -79.92
CA PHE I 295 -11.62 -71.15 -79.07
C PHE I 295 -12.19 -70.74 -77.72
N VAL I 296 -13.32 -71.36 -77.37
CA VAL I 296 -14.15 -70.93 -76.26
C VAL I 296 -14.22 -71.96 -75.14
N GLU I 297 -13.91 -73.22 -75.43
CA GLU I 297 -13.97 -74.26 -74.41
C GLU I 297 -12.98 -74.02 -73.30
N GLN I 298 -12.11 -73.02 -73.43
CA GLN I 298 -11.11 -72.72 -72.42
C GLN I 298 -11.60 -71.78 -71.33
N CYS I 299 -12.79 -71.20 -71.47
CA CYS I 299 -13.27 -70.24 -70.47
C CYS I 299 -13.41 -70.87 -69.08
N PRO I 300 -14.14 -71.97 -68.89
CA PRO I 300 -14.17 -72.57 -67.55
C PRO I 300 -12.81 -73.01 -67.07
N SER I 301 -11.98 -73.54 -67.97
CA SER I 301 -10.64 -73.97 -67.59
C SER I 301 -9.81 -72.78 -67.11
N GLU I 302 -9.86 -71.66 -67.83
CA GLU I 302 -9.12 -70.48 -67.40
C GLU I 302 -9.61 -69.97 -66.05
N ILE I 303 -10.94 -69.90 -65.87
CA ILE I 303 -11.48 -69.39 -64.61
C ILE I 303 -11.07 -70.28 -63.46
N LEU I 304 -11.08 -71.60 -63.66
CA LEU I 304 -10.63 -72.52 -62.62
C LEU I 304 -9.15 -72.35 -62.34
N ALA I 305 -8.33 -72.22 -63.39
CA ALA I 305 -6.89 -72.15 -63.20
C ALA I 305 -6.48 -70.89 -62.44
N ALA I 306 -7.14 -69.77 -62.72
CA ALA I 306 -6.74 -68.51 -62.12
C ALA I 306 -7.07 -68.43 -60.62
N THR I 307 -8.00 -69.25 -60.15
CA THR I 307 -8.44 -69.16 -58.76
C THR I 307 -7.33 -69.56 -57.79
N ASN I 308 -7.26 -68.85 -56.67
CA ASN I 308 -6.27 -69.09 -55.63
C ASN I 308 -7.01 -69.31 -54.32
N TYR I 309 -6.94 -70.53 -53.79
CA TYR I 309 -7.83 -70.91 -52.70
C TYR I 309 -7.26 -70.64 -51.31
N GLU I 311 -6.34 -67.50 -50.41
CA GLU I 311 -6.79 -66.14 -50.15
C GLU I 311 -8.29 -66.10 -49.88
N PRO I 312 -8.79 -65.08 -49.19
CA PRO I 312 -10.21 -65.01 -48.88
C PRO I 312 -11.06 -64.62 -50.09
N GLY I 313 -12.35 -64.92 -49.98
CA GLY I 313 -13.31 -64.54 -50.99
C GLY I 313 -13.03 -65.10 -52.36
N ALA I 314 -12.54 -66.34 -52.43
CA ALA I 314 -12.11 -66.94 -53.69
C ALA I 314 -13.15 -67.89 -54.27
N SER I 315 -14.35 -67.97 -53.70
CA SER I 315 -15.36 -68.88 -54.22
C SER I 315 -15.75 -68.51 -55.64
N GLN I 316 -15.98 -67.22 -55.89
CA GLN I 316 -16.28 -66.70 -57.21
C GLN I 316 -17.58 -67.27 -57.79
N ASN I 317 -17.90 -66.88 -59.01
CA ASN I 317 -19.10 -67.33 -59.70
C ASN I 317 -18.81 -67.39 -61.18
N TYR I 318 -19.15 -68.51 -61.81
CA TYR I 318 -18.83 -68.75 -63.21
C TYR I 318 -19.82 -68.10 -64.16
N MET I 319 -20.90 -67.49 -63.67
CA MET I 319 -21.92 -66.96 -64.57
C MET I 319 -21.56 -65.58 -65.10
N TYR I 320 -21.50 -64.59 -64.24
CA TYR I 320 -21.35 -63.21 -64.69
C TYR I 320 -19.87 -62.90 -64.85
N TYR I 321 -19.35 -63.12 -66.06
CA TYR I 321 -17.94 -62.84 -66.32
C TYR I 321 -17.81 -62.55 -67.81
N GLN I 322 -16.90 -61.65 -68.17
CA GLN I 322 -16.85 -61.10 -69.52
C GLN I 322 -15.62 -61.58 -70.25
N PHE I 323 -15.79 -61.92 -71.54
CA PHE I 323 -14.72 -62.43 -72.40
C PHE I 323 -14.68 -61.62 -73.70
N PRO I 324 -13.99 -60.48 -73.73
CA PRO I 324 -13.99 -59.66 -74.95
C PRO I 324 -13.37 -60.35 -76.15
N GLY I 325 -12.46 -61.29 -75.94
CA GLY I 325 -11.87 -61.99 -77.07
C GLY I 325 -12.86 -62.88 -77.81
N ARG I 326 -13.71 -63.59 -77.08
CA ARG I 326 -14.67 -64.49 -77.70
C ARG I 326 -15.80 -63.70 -78.36
N ASN I 327 -16.28 -64.23 -79.48
CA ASN I 327 -17.37 -63.56 -80.20
C ASN I 327 -18.73 -64.08 -79.73
N ILE I 328 -19.75 -63.32 -80.09
CA ILE I 328 -21.10 -63.57 -79.58
C ILE I 328 -21.64 -64.86 -80.16
N THR I 329 -22.50 -65.53 -79.40
CA THR I 329 -23.06 -66.82 -79.78
C THR I 329 -24.56 -66.78 -80.03
N VAL I 330 -25.35 -66.29 -79.08
CA VAL I 330 -26.80 -66.23 -79.21
C VAL I 330 -27.27 -64.82 -78.85
N SER I 331 -28.36 -64.39 -79.47
CA SER I 331 -28.88 -63.04 -79.26
C SER I 331 -30.40 -62.97 -79.16
N ASP I 332 -31.10 -64.10 -79.22
CA ASP I 332 -32.54 -64.14 -79.08
C ASP I 332 -32.91 -64.85 -77.79
N ASP I 333 -34.06 -64.48 -77.22
CA ASP I 333 -34.51 -65.13 -76.00
C ASP I 333 -35.03 -66.54 -76.27
N THR I 334 -35.70 -66.74 -77.40
CA THR I 334 -36.19 -68.08 -77.74
C THR I 334 -35.04 -69.03 -78.05
N VAL I 335 -34.01 -68.55 -78.73
CA VAL I 335 -32.85 -69.38 -79.02
C VAL I 335 -32.13 -69.76 -77.73
N ALA I 336 -32.00 -68.80 -76.81
CA ALA I 336 -31.40 -69.10 -75.52
C ALA I 336 -32.24 -70.10 -74.74
N ASN I 337 -33.56 -69.99 -74.82
CA ASN I 337 -34.43 -70.95 -74.16
C ASN I 337 -34.22 -72.36 -74.72
N THR I 338 -34.12 -72.49 -76.04
CA THR I 338 -33.86 -73.80 -76.63
C THR I 338 -32.49 -74.33 -76.23
N VAL I 339 -31.48 -73.46 -76.19
CA VAL I 339 -30.12 -73.90 -75.87
C VAL I 339 -30.01 -74.35 -74.42
N ASP I 340 -30.69 -73.66 -73.51
CA ASP I 340 -30.55 -73.97 -72.09
C ASP I 340 -31.09 -75.35 -71.75
N LYS I 341 -32.01 -75.88 -72.57
CA LYS I 341 -32.52 -77.21 -72.33
C LYS I 341 -31.42 -78.26 -72.43
N SER I 342 -30.42 -78.02 -73.27
CA SER I 342 -29.32 -78.95 -73.48
C SER I 342 -28.12 -78.65 -72.58
N ARG I 343 -28.25 -77.72 -71.65
CA ARG I 343 -27.18 -77.37 -70.72
C ARG I 343 -25.92 -76.93 -71.46
N GLY I 344 -26.10 -76.02 -72.41
CA GLY I 344 -25.00 -75.47 -73.17
C GLY I 344 -24.55 -74.14 -72.58
N ASN I 345 -23.25 -73.92 -72.59
CA ASN I 345 -22.65 -72.69 -72.08
C ASN I 345 -22.21 -71.82 -73.25
N TYR I 346 -22.45 -70.51 -73.13
CA TYR I 346 -22.25 -69.65 -74.28
C TYR I 346 -21.99 -68.22 -73.81
N ILE I 347 -21.74 -67.35 -74.77
CA ILE I 347 -21.62 -65.91 -74.56
C ILE I 347 -22.88 -65.27 -75.13
N GLY I 348 -23.64 -64.61 -74.26
CA GLY I 348 -24.87 -63.96 -74.65
C GLY I 348 -24.70 -62.45 -74.63
N VAL I 349 -25.44 -61.78 -75.50
CA VAL I 349 -25.42 -60.32 -75.61
C VAL I 349 -26.80 -59.80 -75.23
N THR I 350 -26.84 -58.74 -74.43
CA THR I 350 -28.07 -58.13 -73.99
C THR I 350 -27.91 -56.62 -73.92
N GLN I 351 -28.98 -55.90 -74.20
CA GLN I 351 -28.96 -54.45 -74.19
C GLN I 351 -29.22 -53.93 -72.78
N ALA I 352 -28.37 -53.02 -72.32
CA ALA I 352 -28.56 -52.37 -71.01
C ALA I 352 -28.34 -50.88 -71.22
N ASN I 353 -29.42 -50.17 -71.57
CA ASN I 353 -29.38 -48.74 -71.85
C ASN I 353 -28.34 -48.43 -72.92
N GLY I 354 -28.55 -48.99 -74.10
CA GLY I 354 -27.67 -48.72 -75.23
C GLY I 354 -26.45 -49.60 -75.36
N GLN I 355 -25.79 -49.92 -74.26
CA GLN I 355 -24.59 -50.75 -74.31
C GLN I 355 -24.94 -52.22 -74.43
N GLN I 356 -24.18 -52.93 -75.27
CA GLN I 356 -24.40 -54.35 -75.52
C GLN I 356 -23.47 -55.14 -74.62
N ALA I 358 -21.89 -58.35 -73.25
CA ALA I 358 -21.69 -59.74 -73.67
C ALA I 358 -20.98 -60.47 -72.55
N PHE I 359 -21.53 -61.61 -72.14
CA PHE I 359 -20.93 -62.34 -71.03
C PHE I 359 -21.31 -63.81 -71.09
N TYR I 360 -20.50 -64.61 -70.41
CA TYR I 360 -20.79 -66.03 -70.21
C TYR I 360 -22.12 -66.16 -69.47
N GLN I 361 -22.93 -67.15 -69.85
CA GLN I 361 -24.31 -67.10 -69.41
C GLN I 361 -24.69 -68.18 -68.40
N ARG I 362 -24.14 -69.37 -68.47
CA ARG I 362 -24.54 -70.42 -67.54
C ARG I 362 -23.33 -71.14 -66.99
N GLY I 363 -23.38 -71.47 -65.71
CA GLY I 363 -22.31 -72.20 -65.09
C GLY I 363 -22.72 -73.59 -64.69
N ILE I 364 -23.47 -74.26 -65.56
CA ILE I 364 -24.06 -75.55 -65.21
C ILE I 364 -23.32 -76.69 -65.91
N LEU I 365 -23.25 -77.82 -65.24
CA LEU I 365 -22.60 -79.03 -65.76
C LEU I 365 -23.65 -80.11 -65.95
N CYS I 366 -23.41 -81.00 -66.91
CA CYS I 366 -24.28 -82.15 -67.07
C CYS I 366 -23.96 -83.22 -66.03
N GLY I 367 -24.99 -83.74 -65.38
CA GLY I 367 -24.80 -84.73 -64.34
C GLY I 367 -26.12 -85.13 -63.74
N GLY I 368 -26.06 -86.05 -62.78
CA GLY I 368 -27.23 -86.55 -62.11
C GLY I 368 -27.64 -85.69 -60.94
N PRO I 369 -28.71 -86.09 -60.24
CA PRO I 369 -29.13 -85.33 -59.06
C PRO I 369 -28.11 -85.32 -57.94
N THR I 370 -27.34 -86.40 -57.78
CA THR I 370 -26.38 -86.48 -56.68
C THR I 370 -25.13 -85.65 -56.92
N ASP I 371 -24.85 -85.29 -58.17
CA ASP I 371 -23.59 -84.62 -58.48
C ASP I 371 -23.79 -83.11 -58.54
N ALA I 372 -22.66 -82.39 -58.57
CA ALA I 372 -22.64 -80.93 -58.49
C ALA I 372 -22.90 -80.36 -59.88
N VAL I 373 -24.08 -79.75 -60.06
CA VAL I 373 -24.44 -79.20 -61.36
C VAL I 373 -23.67 -77.91 -61.63
N ASP I 374 -23.57 -77.03 -60.64
CA ASP I 374 -22.84 -75.79 -60.82
C ASP I 374 -21.34 -76.03 -60.77
N MET I 375 -20.59 -75.24 -61.54
CA MET I 375 -19.15 -75.44 -61.61
C MET I 375 -18.41 -74.91 -60.38
N ASN I 376 -18.91 -73.88 -59.72
CA ASN I 376 -18.20 -73.35 -58.56
C ASN I 376 -18.16 -74.36 -57.42
N VAL I 377 -19.28 -75.01 -57.14
CA VAL I 377 -19.29 -76.04 -56.10
C VAL I 377 -18.44 -77.23 -56.51
N TYR I 378 -18.43 -77.55 -57.81
CA TYR I 378 -17.55 -78.61 -58.30
C TYR I 378 -16.09 -78.29 -57.99
N ALA I 379 -15.66 -77.08 -58.32
CA ALA I 379 -14.27 -76.69 -58.06
C ALA I 379 -13.96 -76.71 -56.56
N ASN I 380 -14.89 -76.21 -55.75
CA ASN I 380 -14.66 -76.19 -54.32
C ASN I 380 -14.56 -77.59 -53.75
N GLU I 381 -15.36 -78.54 -54.26
CA GLU I 381 -15.23 -79.91 -53.78
C GLU I 381 -13.92 -80.54 -54.23
N ILE I 382 -13.46 -80.22 -55.44
CA ILE I 382 -12.12 -80.66 -55.86
C ILE I 382 -11.09 -80.18 -54.86
N TRP I 383 -11.13 -78.90 -54.52
CA TRP I 383 -10.13 -78.35 -53.61
C TRP I 383 -10.23 -78.97 -52.22
N LEU I 384 -11.46 -79.19 -51.71
CA LEU I 384 -11.61 -79.82 -50.41
C LEU I 384 -11.02 -81.21 -50.39
N LYS I 385 -11.32 -82.02 -51.42
CA LYS I 385 -10.79 -83.37 -51.44
C LYS I 385 -9.27 -83.36 -51.47
N SER I 386 -8.69 -82.50 -52.31
CA SER I 386 -7.23 -82.44 -52.39
C SER I 386 -6.61 -82.00 -51.06
N ALA I 387 -7.18 -80.98 -50.42
CA ALA I 387 -6.61 -80.47 -49.18
C ALA I 387 -6.71 -81.49 -48.06
N ILE I 388 -7.86 -82.15 -47.92
CA ILE I 388 -8.02 -83.15 -46.87
C ILE I 388 -7.05 -84.30 -47.09
N ALA I 389 -6.94 -84.77 -48.34
CA ALA I 389 -6.03 -85.87 -48.63
C ALA I 389 -4.59 -85.47 -48.32
N GLN I 390 -4.20 -84.25 -48.68
CA GLN I 390 -2.85 -83.79 -48.39
C GLN I 390 -2.58 -83.78 -46.88
N ALA I 391 -3.51 -83.24 -46.10
CA ALA I 391 -3.30 -83.17 -44.65
C ALA I 391 -3.19 -84.56 -44.04
N LEU I 392 -4.06 -85.48 -44.46
CA LEU I 392 -4.02 -86.83 -43.89
C LEU I 392 -2.74 -87.56 -44.28
N LEU I 393 -2.34 -87.46 -45.56
CA LEU I 393 -1.11 -88.11 -45.99
C LEU I 393 0.09 -87.54 -45.24
N ASP I 394 0.12 -86.22 -45.05
CA ASP I 394 1.23 -85.60 -44.33
C ASP I 394 1.28 -86.08 -42.89
N LEU I 395 0.12 -86.17 -42.24
CA LEU I 395 0.06 -86.75 -40.90
C LEU I 395 0.65 -88.15 -40.88
N PHE I 396 0.24 -89.00 -41.83
CA PHE I 396 0.76 -90.36 -41.86
C PHE I 396 2.27 -90.38 -42.05
N LEU I 397 2.78 -89.48 -42.89
CA LEU I 397 4.20 -89.52 -43.22
C LEU I 397 5.08 -88.98 -42.09
N ASN I 398 4.60 -88.04 -41.28
CA ASN I 398 5.46 -87.39 -40.29
C ASN I 398 5.45 -88.09 -38.93
N VAL I 399 4.29 -88.17 -38.28
CA VAL I 399 4.25 -88.66 -36.91
C VAL I 399 4.61 -90.15 -36.90
N ASN I 400 5.14 -90.61 -35.75
CA ASN I 400 5.60 -91.99 -35.66
C ASN I 400 4.47 -92.98 -35.83
N ALA I 401 3.39 -92.82 -35.07
CA ALA I 401 2.28 -93.75 -35.12
C ALA I 401 1.01 -93.06 -34.65
N VAL I 402 -0.12 -93.53 -35.14
CA VAL I 402 -1.41 -92.98 -34.77
C VAL I 402 -2.20 -94.06 -34.03
N PRO I 403 -2.28 -93.99 -32.70
CA PRO I 403 -2.98 -95.06 -31.97
C PRO I 403 -4.47 -95.05 -32.26
N ALA I 404 -5.07 -96.25 -32.17
CA ALA I 404 -6.48 -96.43 -32.43
C ALA I 404 -7.24 -96.33 -31.11
N SER I 405 -7.27 -95.13 -30.56
CA SER I 405 -7.96 -94.85 -29.31
C SER I 405 -8.39 -93.39 -29.33
N SER I 406 -8.88 -92.91 -28.19
CA SER I 406 -9.41 -91.55 -28.12
C SER I 406 -8.38 -90.52 -28.58
N THR I 407 -7.11 -90.75 -28.23
CA THR I 407 -6.05 -89.86 -28.69
C THR I 407 -6.01 -89.80 -30.21
N GLY I 408 -6.32 -90.91 -30.88
CA GLY I 408 -6.35 -90.92 -32.33
C GLY I 408 -7.38 -89.99 -32.91
N GLU I 409 -8.63 -90.06 -32.44
CA GLU I 409 -9.64 -89.14 -32.94
C GLU I 409 -9.30 -87.70 -32.61
N ALA I 410 -8.81 -87.45 -31.39
CA ALA I 410 -8.46 -86.09 -31.03
C ALA I 410 -7.37 -85.53 -31.94
N MET I 411 -6.33 -86.32 -32.20
CA MET I 411 -5.23 -85.86 -33.03
C MET I 411 -5.66 -85.64 -34.47
N THR I 412 -6.46 -86.56 -35.01
CA THR I 412 -6.94 -86.40 -36.38
C THR I 412 -7.80 -85.15 -36.52
N LEU I 413 -8.70 -84.92 -35.56
CA LEU I 413 -9.54 -83.72 -35.63
C LEU I 413 -8.70 -82.46 -35.51
N ALA I 414 -7.70 -82.47 -34.61
CA ALA I 414 -6.84 -81.30 -34.47
C ALA I 414 -6.10 -81.00 -35.75
N VAL I 415 -5.65 -82.04 -36.45
CA VAL I 415 -4.92 -81.81 -37.69
C VAL I 415 -5.86 -81.31 -38.79
N LEU I 416 -7.07 -81.84 -38.86
CA LEU I 416 -8.01 -81.37 -39.88
C LEU I 416 -8.59 -80.00 -39.58
N GLN I 417 -8.43 -79.50 -38.35
CA GLN I 417 -9.04 -78.22 -38.00
C GLN I 417 -8.61 -77.05 -38.87
N PRO I 418 -7.32 -76.82 -39.15
CA PRO I 418 -6.94 -75.63 -39.95
C PRO I 418 -7.53 -75.62 -41.35
N VAL I 419 -7.66 -76.78 -42.00
CA VAL I 419 -8.26 -76.82 -43.34
C VAL I 419 -9.70 -76.35 -43.30
N LEU I 420 -10.47 -76.83 -42.34
CA LEU I 420 -11.86 -76.41 -42.20
C LEU I 420 -11.95 -74.94 -41.80
N ASP I 421 -10.96 -74.45 -41.03
CA ASP I 421 -10.94 -73.02 -40.71
C ASP I 421 -10.73 -72.19 -41.96
N LYS I 422 -9.82 -72.61 -42.83
CA LYS I 422 -9.59 -71.88 -44.07
C LYS I 422 -10.77 -71.98 -45.02
N ALA I 423 -11.51 -73.10 -44.97
CA ALA I 423 -12.64 -73.29 -45.86
C ALA I 423 -13.74 -72.27 -45.59
N THR I 424 -13.94 -71.89 -44.33
CA THR I 424 -14.93 -70.87 -44.01
C THR I 424 -14.54 -69.52 -44.60
N ALA I 425 -13.27 -69.16 -44.51
CA ALA I 425 -12.81 -67.88 -45.03
C ALA I 425 -12.85 -67.84 -46.55
N ASN I 426 -12.58 -68.98 -47.19
CA ASN I 426 -12.58 -69.02 -48.65
C ASN I 426 -13.95 -68.68 -49.23
N GLY I 427 -15.00 -69.20 -48.62
CA GLY I 427 -16.34 -69.06 -49.16
C GLY I 427 -16.97 -70.36 -49.60
N THR I 428 -16.27 -71.49 -49.45
CA THR I 428 -16.88 -72.78 -49.78
C THR I 428 -17.84 -73.25 -48.70
N PHE I 429 -17.73 -72.72 -47.49
CA PHE I 429 -18.70 -72.97 -46.43
C PHE I 429 -19.51 -71.70 -46.22
N THR I 430 -20.83 -71.82 -46.30
CA THR I 430 -21.73 -70.68 -46.12
C THR I 430 -22.52 -70.87 -44.83
N TYR I 431 -22.46 -69.90 -43.95
CA TYR I 431 -23.20 -69.92 -42.70
C TYR I 431 -24.40 -68.99 -42.78
N LYS I 433 -27.18 -69.75 -44.12
CA LYS I 433 -28.03 -70.13 -45.23
C LYS I 433 -29.25 -70.88 -44.72
N GLU I 434 -30.39 -70.66 -45.35
CA GLU I 434 -31.62 -71.34 -44.94
C GLU I 434 -31.52 -72.83 -45.28
N SER I 436 -33.81 -76.32 -45.70
CA SER I 436 -35.17 -76.77 -45.90
C SER I 436 -35.54 -77.87 -44.91
N ALA I 437 -36.85 -78.08 -44.74
CA ALA I 437 -37.31 -79.14 -43.84
C ALA I 437 -36.88 -80.51 -44.35
N VAL I 438 -36.96 -80.73 -45.66
CA VAL I 438 -36.53 -82.00 -46.23
C VAL I 438 -35.04 -82.24 -45.96
N GLN I 439 -34.22 -81.21 -46.16
CA GLN I 439 -32.80 -81.35 -45.85
C GLN I 439 -32.57 -81.58 -44.37
N GLN I 440 -33.37 -80.94 -43.52
CA GLN I 440 -33.26 -81.18 -42.09
C GLN I 440 -33.52 -82.64 -41.75
N GLN I 441 -34.58 -83.21 -42.30
CA GLN I 441 -34.90 -84.61 -42.03
C GLN I 441 -33.82 -85.52 -42.58
N TYR I 442 -33.28 -85.19 -43.76
CA TYR I 442 -32.20 -85.98 -44.34
C TYR I 442 -30.99 -85.99 -43.43
N ILE I 443 -30.63 -84.82 -42.89
CA ILE I 443 -29.47 -84.75 -42.00
C ILE I 443 -29.72 -85.51 -40.71
N THR I 444 -30.92 -85.39 -40.14
CA THR I 444 -31.21 -86.12 -38.90
C THR I 444 -31.25 -87.62 -39.13
N GLN I 445 -31.56 -88.05 -40.35
CA GLN I 445 -31.58 -89.48 -40.63
C GLN I 445 -30.19 -90.03 -40.91
N VAL I 446 -29.40 -89.30 -41.71
CA VAL I 446 -28.08 -89.78 -42.10
C VAL I 446 -27.16 -89.85 -40.88
N THR I 447 -27.18 -88.82 -40.05
CA THR I 447 -26.41 -88.81 -38.81
C THR I 447 -27.35 -89.18 -37.66
N GLY I 448 -26.96 -90.17 -36.87
CA GLY I 448 -27.76 -90.53 -35.72
C GLY I 448 -27.93 -89.39 -34.75
N ASP I 449 -26.94 -88.49 -34.72
CA ASP I 449 -27.00 -87.35 -33.82
C ASP I 449 -27.91 -86.26 -34.38
N ARG I 450 -28.99 -86.00 -33.68
CA ARG I 450 -29.85 -84.86 -33.93
C ARG I 450 -29.19 -83.60 -33.39
N ARG I 451 -29.70 -82.44 -33.84
CA ARG I 451 -29.13 -81.10 -33.66
C ARG I 451 -27.85 -80.91 -34.46
N ALA I 452 -27.53 -81.80 -35.38
CA ALA I 452 -26.44 -81.53 -36.31
C ALA I 452 -26.83 -80.45 -37.30
N TRP I 453 -28.10 -80.42 -37.69
CA TRP I 453 -28.54 -79.44 -38.69
C TRP I 453 -28.49 -78.02 -38.15
N ARG I 454 -28.82 -77.84 -36.87
CA ARG I 454 -28.65 -76.53 -36.25
C ARG I 454 -27.19 -76.10 -36.32
N GLN I 455 -26.27 -77.03 -36.09
CA GLN I 455 -24.85 -76.70 -36.15
C GLN I 455 -24.41 -76.36 -37.57
N VAL I 456 -24.89 -77.10 -38.57
CA VAL I 456 -24.43 -76.82 -39.93
C VAL I 456 -25.02 -75.51 -40.42
N THR I 458 -25.65 -72.85 -38.25
CA THR I 458 -25.05 -71.75 -37.50
C THR I 458 -23.58 -71.58 -37.82
N LEU I 459 -22.82 -72.68 -37.87
CA LEU I 459 -21.38 -72.62 -38.06
C LEU I 459 -20.93 -73.00 -39.46
N GLY I 460 -21.62 -73.92 -40.13
CA GLY I 460 -21.34 -74.23 -41.52
C GLY I 460 -20.86 -75.65 -41.78
N TYR I 461 -20.54 -76.42 -40.75
CA TYR I 461 -20.04 -77.77 -40.99
C TYR I 461 -20.27 -78.65 -39.77
N TRP I 462 -20.16 -79.95 -40.00
CA TRP I 462 -20.26 -80.97 -38.97
C TRP I 462 -19.35 -82.12 -39.36
N ILE I 463 -18.51 -82.57 -38.41
CA ILE I 463 -17.48 -83.55 -38.69
C ILE I 463 -17.57 -84.68 -37.66
N ASN I 464 -17.29 -85.91 -38.10
CA ASN I 464 -17.28 -87.05 -37.21
C ASN I 464 -16.11 -87.97 -37.54
N ILE I 465 -15.69 -88.76 -36.55
CA ILE I 465 -14.62 -89.74 -36.70
C ILE I 465 -15.07 -91.05 -36.08
N THR I 466 -14.68 -92.18 -36.69
CA THR I 466 -15.17 -93.49 -36.28
C THR I 466 -14.10 -94.39 -35.69
N PHE I 467 -13.02 -94.68 -36.42
CA PHE I 467 -11.95 -95.58 -35.96
C PHE I 467 -12.47 -96.98 -35.63
N SER I 468 -12.90 -97.68 -36.67
CA SER I 468 -13.29 -99.08 -36.57
C SER I 468 -12.15 -99.98 -37.03
N SER I 469 -12.34 -101.29 -36.84
CA SER I 469 -11.38 -102.29 -37.28
C SER I 469 -12.02 -103.24 -38.28
N TYR I 470 -11.17 -103.95 -39.02
CA TYR I 470 -11.61 -104.84 -40.07
C TYR I 470 -10.43 -105.71 -40.51
N THR I 471 -10.72 -106.68 -41.36
CA THR I 471 -9.70 -107.53 -41.97
C THR I 471 -9.70 -107.31 -43.48
N ASN I 472 -8.52 -107.05 -44.03
CA ASN I 472 -8.42 -106.85 -45.47
C ASN I 472 -8.42 -108.19 -46.19
N SER I 473 -8.80 -108.15 -47.47
CA SER I 473 -8.92 -109.39 -48.23
C SER I 473 -7.56 -109.92 -48.65
N ASN I 474 -6.60 -109.03 -48.88
CA ASN I 474 -5.32 -109.44 -49.44
C ASN I 474 -4.57 -110.37 -48.49
N THR I 475 -4.57 -110.07 -47.21
CA THR I 475 -3.96 -110.91 -46.19
C THR I 475 -4.99 -111.19 -45.11
N GLY I 476 -4.88 -112.35 -44.47
CA GLY I 476 -5.82 -112.68 -43.41
C GLY I 476 -5.73 -111.77 -42.20
N LEU I 477 -4.68 -110.97 -42.11
CA LEU I 477 -4.45 -110.16 -40.93
C LEU I 477 -5.51 -109.09 -40.77
N THR I 478 -5.77 -108.70 -39.53
CA THR I 478 -6.69 -107.61 -39.24
C THR I 478 -5.93 -106.29 -39.30
N GLU I 479 -6.39 -105.39 -40.17
CA GLU I 479 -5.74 -104.09 -40.32
C GLU I 479 -6.72 -103.00 -39.95
N TRP I 480 -5.56 -100.14 -37.80
CA TRP I 480 -6.98 -100.25 -38.09
C TRP I 480 -7.35 -99.40 -39.29
N LYS I 481 -8.55 -98.81 -39.26
CA LYS I 481 -8.98 -97.86 -40.26
C LYS I 481 -9.80 -96.78 -39.59
N ALA I 482 -9.88 -95.63 -40.25
CA ALA I 482 -10.65 -94.50 -39.77
C ALA I 482 -11.71 -94.14 -40.79
N ASN I 483 -12.92 -93.90 -40.30
CA ASN I 483 -14.03 -93.46 -41.12
C ASN I 483 -14.49 -92.10 -40.62
N TYR I 484 -14.62 -91.14 -41.52
CA TYR I 484 -15.04 -89.80 -41.15
C TYR I 484 -16.19 -89.38 -42.05
N THR I 485 -17.10 -88.58 -41.50
CA THR I 485 -18.20 -88.02 -42.27
C THR I 485 -18.23 -86.51 -42.06
N LEU I 486 -18.33 -85.78 -43.16
CA LEU I 486 -18.34 -84.32 -43.16
C LEU I 486 -19.58 -83.84 -43.88
N ILE I 487 -20.29 -82.89 -43.25
CA ILE I 487 -21.45 -82.26 -43.87
C ILE I 487 -21.25 -80.76 -43.81
N TYR I 488 -21.49 -80.08 -44.92
CA TYR I 488 -21.33 -78.63 -44.95
C TYR I 488 -22.32 -78.04 -45.95
N SER I 489 -22.63 -76.77 -45.74
CA SER I 489 -23.53 -76.05 -46.64
C SER I 489 -22.76 -75.53 -47.84
N LYS I 490 -23.21 -75.92 -49.03
CA LYS I 490 -22.52 -75.54 -50.25
C LYS I 490 -22.66 -74.05 -50.50
N GLY I 491 -21.77 -73.52 -51.33
CA GLY I 491 -21.78 -72.11 -51.65
C GLY I 491 -22.48 -71.80 -52.96
N ASP I 492 -23.71 -71.30 -52.89
CA ASP I 492 -24.51 -70.99 -54.06
C ASP I 492 -24.68 -69.49 -54.17
N ALA I 493 -24.64 -68.99 -55.40
CA ALA I 493 -24.71 -67.56 -55.68
C ALA I 493 -26.07 -67.21 -56.29
N ILE I 494 -26.55 -66.02 -55.96
CA ILE I 494 -27.81 -65.55 -56.52
C ILE I 494 -27.64 -65.30 -58.01
N ARG I 495 -28.68 -65.64 -58.78
CA ARG I 495 -28.64 -65.47 -60.23
C ARG I 495 -29.83 -64.71 -60.80
N PHE I 496 -30.86 -64.44 -60.01
CA PHE I 496 -32.05 -63.77 -60.49
C PHE I 496 -32.55 -62.79 -59.44
N VAL I 497 -33.04 -61.65 -59.89
CA VAL I 497 -33.54 -60.60 -59.00
C VAL I 497 -34.94 -60.20 -59.45
N GLU I 498 -35.88 -60.18 -58.51
CA GLU I 498 -37.25 -59.80 -58.77
C GLU I 498 -37.74 -58.90 -57.65
N GLY I 499 -38.58 -57.92 -57.98
CA GLY I 499 -39.09 -57.02 -56.98
C GLY I 499 -40.27 -56.23 -57.49
N SER I 500 -40.91 -55.50 -56.58
CA SER I 500 -42.02 -54.61 -56.91
C SER I 500 -41.84 -53.29 -56.17
N ASP I 501 -42.04 -52.19 -56.87
CA ASP I 501 -41.92 -50.85 -56.32
C ASP I 501 -43.32 -50.26 -56.20
N VAL I 502 -43.86 -50.28 -54.99
CA VAL I 502 -45.19 -49.74 -54.72
C VAL I 502 -45.06 -48.28 -54.36
N MET I 503 -45.77 -47.42 -55.08
CA MET I 503 -45.73 -45.99 -54.83
C MET I 503 -46.99 -45.54 -54.09
N ILE I 504 -46.79 -44.70 -53.08
CA ILE I 504 -47.87 -44.13 -52.29
C ILE I 504 -48.61 -45.23 -51.55
N MET J 1 2.46 -95.52 -61.02
CA MET J 1 2.54 -95.70 -59.58
C MET J 1 1.25 -96.34 -59.05
N ILE J 2 1.33 -96.90 -57.84
CA ILE J 2 0.12 -97.32 -57.14
C ILE J 2 -0.78 -96.12 -56.89
N SER J 3 -2.06 -96.28 -57.17
CA SER J 3 -3.00 -95.19 -56.97
C SER J 3 -3.13 -94.84 -55.49
N GLN J 4 -3.42 -93.57 -55.23
CA GLN J 4 -3.52 -93.10 -53.85
C GLN J 4 -4.72 -93.69 -53.12
N SER J 5 -5.69 -94.25 -53.84
CA SER J 5 -6.89 -94.76 -53.18
C SER J 5 -6.61 -95.98 -52.31
N ARG J 6 -5.41 -96.57 -52.43
CA ARG J 6 -5.05 -97.68 -51.56
C ARG J 6 -4.92 -97.24 -50.11
N TYR J 7 -4.67 -95.95 -49.88
CA TYR J 7 -4.40 -95.43 -48.55
C TYR J 7 -5.43 -94.42 -48.07
N ILE J 8 -5.86 -93.51 -48.93
CA ILE J 8 -6.86 -92.51 -48.58
C ILE J 8 -7.93 -92.49 -49.66
N ARG J 9 -9.19 -92.66 -49.27
CA ARG J 9 -10.30 -92.65 -50.20
C ARG J 9 -11.37 -91.70 -49.71
N ILE J 10 -11.75 -90.74 -50.55
CA ILE J 10 -12.76 -89.74 -50.23
C ILE J 10 -13.80 -89.74 -51.33
N ILE J 11 -15.08 -89.78 -50.95
CA ILE J 11 -16.19 -89.78 -51.89
C ILE J 11 -16.99 -88.50 -51.68
N SER J 12 -17.21 -87.77 -52.77
CA SER J 12 -17.92 -86.50 -52.73
C SER J 12 -19.28 -86.64 -53.40
N GLY J 13 -20.27 -85.95 -52.84
CA GLY J 13 -21.61 -86.00 -53.39
C GLY J 13 -22.45 -84.87 -52.85
N VAL J 14 -23.67 -84.78 -53.36
CA VAL J 14 -24.62 -83.75 -52.96
C VAL J 14 -25.83 -84.45 -52.33
N GLY J 15 -26.15 -84.07 -51.10
CA GLY J 15 -27.28 -84.66 -50.42
C GLY J 15 -28.57 -83.89 -50.64
N ALA J 16 -29.68 -84.65 -50.68
CA ALA J 16 -31.01 -84.09 -50.90
C ALA J 16 -31.04 -83.23 -52.16
N GLY J 17 -30.46 -83.75 -53.23
CA GLY J 17 -30.26 -83.01 -54.47
C GLY J 17 -31.45 -83.07 -55.41
N ALA J 18 -32.41 -83.97 -55.17
CA ALA J 18 -33.52 -84.15 -56.08
C ALA J 18 -34.39 -82.91 -56.18
N PRO J 19 -34.37 -82.26 -57.34
CA PRO J 19 -35.18 -81.05 -57.51
C PRO J 19 -36.57 -81.35 -58.02
N VAL J 20 -37.59 -80.83 -57.35
CA VAL J 20 -38.97 -80.94 -57.78
C VAL J 20 -39.50 -79.55 -58.07
N ALA J 21 -40.04 -79.37 -59.27
CA ALA J 21 -40.43 -78.05 -59.72
C ALA J 21 -41.62 -77.52 -58.92
N GLY J 22 -41.91 -76.24 -59.10
CA GLY J 22 -43.06 -75.62 -58.47
C GLY J 22 -44.13 -75.27 -59.47
N ARG J 23 -45.38 -75.59 -59.16
CA ARG J 23 -46.46 -75.39 -60.11
C ARG J 23 -46.73 -73.90 -60.32
N LYS J 24 -46.89 -73.51 -61.58
CA LYS J 24 -47.26 -72.15 -61.94
C LYS J 24 -48.74 -72.10 -62.30
N LEU J 25 -49.31 -70.90 -62.22
CA LEU J 25 -50.72 -70.70 -62.49
C LEU J 25 -50.97 -69.84 -63.73
N LEU J 27 -51.67 -68.66 -67.74
CA LEU J 27 -52.74 -68.92 -68.68
C LEU J 27 -52.22 -69.73 -69.87
N ARG J 28 -53.10 -70.55 -70.45
CA ARG J 28 -52.80 -71.28 -71.67
C ARG J 28 -53.91 -71.05 -72.68
N VAL J 29 -53.53 -70.78 -73.93
CA VAL J 29 -54.47 -70.51 -75.01
C VAL J 29 -54.34 -71.62 -76.05
N MET J 30 -55.49 -72.14 -76.49
CA MET J 30 -55.54 -73.20 -77.49
C MET J 30 -56.04 -72.60 -78.79
N THR J 31 -55.11 -72.20 -79.65
CA THR J 31 -55.45 -71.57 -80.92
C THR J 31 -55.55 -72.62 -82.02
N THR J 32 -55.85 -72.18 -83.25
CA THR J 32 -55.99 -73.07 -84.39
C THR J 32 -55.03 -72.75 -85.52
N ASN J 33 -54.26 -71.67 -85.44
CA ASN J 33 -53.41 -71.28 -86.55
C ASN J 33 -52.32 -72.32 -86.79
N ASN J 34 -51.89 -72.43 -88.05
CA ASN J 34 -51.05 -73.56 -88.45
C ASN J 34 -49.59 -73.37 -88.11
N VAL J 35 -49.22 -72.24 -87.51
CA VAL J 35 -47.82 -71.98 -87.16
C VAL J 35 -47.36 -73.00 -86.13
N ILE J 36 -48.22 -73.31 -85.16
CA ILE J 36 -47.86 -74.15 -84.01
C ILE J 36 -48.05 -75.61 -84.40
N PRO J 37 -47.04 -76.46 -84.28
CA PRO J 37 -47.23 -77.89 -84.52
C PRO J 37 -48.15 -78.49 -83.48
N PRO J 38 -48.88 -79.55 -83.84
CA PRO J 38 -49.84 -80.13 -82.89
C PRO J 38 -49.25 -80.63 -81.58
N GLY J 39 -48.03 -81.15 -81.60
CA GLY J 39 -47.53 -81.89 -80.45
C GLY J 39 -46.65 -81.14 -79.47
N ILE J 40 -46.63 -79.81 -79.51
CA ILE J 40 -45.80 -79.04 -78.61
C ILE J 40 -46.64 -77.98 -77.93
N VAL J 41 -46.11 -77.48 -76.81
CA VAL J 41 -46.63 -76.29 -76.13
C VAL J 41 -45.50 -75.29 -76.05
N ILE J 42 -45.78 -74.04 -76.42
CA ILE J 42 -44.77 -73.00 -76.52
C ILE J 42 -45.01 -71.97 -75.44
N ASP J 45 -42.34 -65.39 -72.27
CA ASP J 45 -42.18 -64.64 -71.02
C ASP J 45 -42.59 -63.19 -71.17
N ALA J 47 -44.29 -59.87 -73.84
CA ALA J 47 -45.16 -59.54 -74.95
C ALA J 47 -44.40 -59.36 -76.25
N ASN J 48 -43.19 -58.80 -76.18
CA ASN J 48 -42.39 -58.61 -77.39
C ASN J 48 -42.00 -59.94 -78.00
N ALA J 49 -41.78 -60.98 -77.19
CA ALA J 49 -41.51 -62.30 -77.74
C ALA J 49 -42.68 -62.81 -78.55
N VAL J 50 -43.90 -62.62 -78.03
CA VAL J 50 -45.10 -63.02 -78.76
C VAL J 50 -45.20 -62.23 -80.07
N LEU J 51 -44.92 -60.93 -80.00
CA LEU J 51 -44.96 -60.09 -81.19
C LEU J 51 -43.98 -60.58 -82.24
N SER J 52 -42.77 -60.94 -81.82
CA SER J 52 -41.76 -61.41 -82.76
C SER J 52 -42.14 -62.75 -83.37
N TYR J 53 -42.64 -63.68 -82.55
CA TYR J 53 -42.88 -65.03 -83.04
C TYR J 53 -44.14 -65.11 -83.89
N PHE J 54 -45.19 -64.37 -83.53
CA PHE J 54 -46.47 -64.52 -84.21
C PHE J 54 -46.79 -63.41 -85.20
N GLY J 55 -46.17 -62.25 -85.07
CA GLY J 55 -46.50 -61.13 -85.92
C GLY J 55 -47.51 -60.18 -85.29
N ALA J 56 -47.55 -58.97 -85.82
CA ALA J 56 -48.39 -57.93 -85.22
C ALA J 56 -49.87 -58.17 -85.51
N GLN J 57 -50.20 -58.81 -86.62
CA GLN J 57 -51.59 -58.97 -87.01
C GLN J 57 -52.32 -60.05 -86.22
N SER J 58 -51.61 -61.04 -85.70
CA SER J 58 -52.25 -62.21 -85.13
C SER J 58 -53.03 -61.88 -83.87
N GLU J 59 -54.08 -62.67 -83.62
CA GLU J 59 -54.84 -62.54 -82.39
C GLU J 59 -54.02 -62.90 -81.15
N GLU J 60 -52.99 -63.73 -81.31
CA GLU J 60 -52.15 -64.09 -80.18
C GLU J 60 -51.46 -62.87 -79.59
N TYR J 61 -50.90 -62.01 -80.45
CA TYR J 61 -50.31 -60.78 -79.94
C TYR J 61 -51.37 -59.87 -79.33
N GLN J 62 -52.56 -59.83 -79.93
CA GLN J 62 -53.64 -59.02 -79.39
C GLN J 62 -53.98 -59.45 -77.96
N ARG J 63 -54.04 -60.76 -77.73
CA ARG J 63 -54.35 -61.27 -76.40
C ARG J 63 -53.20 -61.02 -75.44
N ALA J 64 -51.96 -61.26 -75.88
CA ALA J 64 -50.81 -61.13 -74.99
C ALA J 64 -50.61 -59.69 -74.55
N ALA J 65 -50.90 -58.73 -75.43
CA ALA J 65 -50.71 -57.32 -75.09
C ALA J 65 -51.59 -56.92 -73.92
N ALA J 66 -52.86 -57.33 -73.95
CA ALA J 66 -53.76 -57.00 -72.85
C ALA J 66 -53.51 -57.88 -71.64
N TYR J 67 -52.99 -59.09 -71.87
CA TYR J 67 -52.72 -60.00 -70.76
C TYR J 67 -51.54 -59.53 -69.93
N PHE J 68 -50.54 -58.94 -70.57
CA PHE J 68 -49.29 -58.63 -69.87
C PHE J 68 -49.31 -57.28 -69.17
N LYS J 69 -50.37 -56.49 -69.31
CA LYS J 69 -50.55 -55.27 -68.52
C LYS J 69 -51.51 -55.57 -67.39
N PHE J 70 -51.01 -55.55 -66.16
CA PHE J 70 -51.82 -55.90 -65.00
C PHE J 70 -51.02 -55.57 -63.75
N ILE J 71 -51.73 -55.09 -62.73
CA ILE J 71 -51.09 -54.70 -61.49
C ILE J 71 -51.53 -55.55 -60.29
N SER J 72 -52.76 -56.07 -60.27
CA SER J 72 -53.29 -56.99 -59.28
C SER J 72 -53.42 -56.37 -57.89
N LYS J 73 -53.35 -55.04 -57.76
CA LYS J 73 -53.50 -54.29 -56.51
C LYS J 73 -52.36 -54.55 -55.54
N SER J 74 -51.44 -55.45 -55.85
CA SER J 74 -50.24 -55.64 -55.05
C SER J 74 -49.00 -55.59 -55.94
N VAL J 75 -49.07 -54.76 -56.99
CA VAL J 75 -48.03 -54.52 -57.98
C VAL J 75 -47.29 -55.80 -58.37
N SER J 77 -47.36 -58.97 -61.67
CA SER J 77 -47.73 -59.19 -63.06
C SER J 77 -47.59 -60.67 -63.41
N PRO J 78 -48.31 -61.13 -64.43
CA PRO J 78 -48.33 -62.58 -64.73
C PRO J 78 -46.96 -63.15 -65.11
N SER J 79 -46.26 -62.52 -66.04
CA SER J 79 -44.88 -62.84 -66.39
C SER J 79 -44.70 -64.13 -67.20
N SER J 80 -45.78 -64.73 -67.67
CA SER J 80 -45.64 -65.88 -68.58
C SER J 80 -46.98 -66.14 -69.26
N ILE J 81 -46.91 -66.84 -70.40
CA ILE J 81 -48.09 -67.28 -71.13
C ILE J 81 -47.70 -68.49 -71.97
N SER J 82 -48.70 -69.29 -72.34
CA SER J 82 -48.48 -70.51 -73.10
C SER J 82 -49.45 -70.60 -74.26
N PHE J 83 -49.03 -71.29 -75.32
CA PHE J 83 -49.87 -71.57 -76.47
C PHE J 83 -49.76 -73.05 -76.84
N ALA J 84 -50.89 -73.63 -77.22
CA ALA J 84 -50.95 -75.01 -77.70
C ALA J 84 -51.78 -75.04 -78.98
N ARG J 85 -51.81 -76.19 -79.64
CA ARG J 85 -52.42 -76.32 -80.96
C ARG J 85 -53.64 -77.21 -80.90
N TRP J 86 -54.73 -76.75 -81.51
CA TRP J 86 -55.95 -77.54 -81.67
C TRP J 86 -56.11 -77.88 -83.14
N VAL J 87 -56.23 -79.17 -83.43
CA VAL J 87 -56.31 -79.64 -84.82
C VAL J 87 -57.76 -79.52 -85.24
N ASN J 88 -58.10 -78.37 -85.82
CA ASN J 88 -59.49 -78.09 -86.17
C ASN J 88 -59.98 -79.00 -87.30
N THR J 89 -59.17 -79.19 -88.33
CA THR J 89 -59.54 -79.99 -89.48
C THR J 89 -58.44 -81.00 -89.80
N ALA J 90 -58.69 -81.82 -90.82
CA ALA J 90 -57.73 -82.85 -91.19
C ALA J 90 -56.42 -82.23 -91.66
N ILE J 91 -55.31 -82.90 -91.33
CA ILE J 91 -53.98 -82.34 -91.55
C ILE J 91 -53.11 -83.38 -92.25
N ALA J 92 -52.21 -82.89 -93.10
CA ALA J 92 -51.22 -83.73 -93.75
C ALA J 92 -49.95 -83.83 -92.90
N PRO J 93 -49.13 -84.84 -93.13
CA PRO J 93 -47.87 -84.94 -92.38
C PRO J 93 -46.96 -83.75 -92.64
N MET J 94 -46.24 -83.33 -91.60
CA MET J 94 -45.36 -82.16 -91.68
C MET J 94 -44.05 -82.46 -90.98
N VAL J 95 -43.03 -81.69 -91.35
CA VAL J 95 -41.71 -81.75 -90.70
C VAL J 95 -41.28 -80.32 -90.37
N VAL J 96 -41.28 -79.98 -89.09
CA VAL J 96 -40.91 -78.64 -88.65
C VAL J 96 -40.20 -78.67 -87.30
N ASP J 98 -37.32 -76.04 -86.85
CA ASP J 98 -36.19 -75.21 -87.30
C ASP J 98 -36.16 -73.92 -86.47
N ASN J 99 -35.58 -74.00 -85.27
CA ASN J 99 -35.54 -72.85 -84.39
C ASN J 99 -34.23 -72.06 -84.48
N LEU J 100 -33.17 -72.66 -84.99
CA LEU J 100 -31.88 -71.97 -85.02
C LEU J 100 -31.91 -70.86 -86.07
N PRO J 101 -31.25 -69.74 -85.80
CA PRO J 101 -31.17 -68.68 -86.83
C PRO J 101 -30.37 -69.15 -88.02
N LYS J 102 -31.02 -69.12 -89.19
CA LYS J 102 -30.39 -69.57 -90.42
C LYS J 102 -30.79 -68.63 -91.54
N THR J 103 -30.57 -69.07 -92.79
CA THR J 103 -30.97 -68.31 -93.97
C THR J 103 -30.29 -66.94 -94.00
N ILE J 104 -28.97 -66.96 -93.92
CA ILE J 104 -28.14 -65.78 -94.08
C ILE J 104 -27.74 -65.68 -95.54
N ALA J 105 -28.48 -66.39 -96.41
CA ALA J 105 -28.20 -66.47 -97.84
C ALA J 105 -26.84 -67.09 -98.12
N ASP J 106 -26.50 -68.14 -97.37
CA ASP J 106 -25.21 -68.82 -97.49
C ASP J 106 -25.44 -70.32 -97.66
N PHE J 107 -26.34 -70.65 -98.58
CA PHE J 107 -26.47 -72.01 -99.11
C PHE J 107 -25.50 -72.26 -100.25
N ALA J 108 -24.64 -71.28 -100.55
CA ALA J 108 -23.66 -71.45 -101.60
C ALA J 108 -22.68 -72.58 -101.24
N GLY J 109 -22.23 -73.29 -102.27
CA GLY J 109 -21.43 -74.48 -102.06
C GLY J 109 -22.28 -75.73 -102.09
N PHE J 110 -23.59 -75.57 -101.99
CA PHE J 110 -24.53 -76.64 -102.24
C PHE J 110 -25.00 -76.67 -103.68
N SER J 111 -24.26 -76.03 -104.57
CA SER J 111 -24.51 -76.18 -106.00
C SER J 111 -23.96 -77.50 -106.52
N ALA J 112 -23.25 -78.25 -105.69
CA ALA J 112 -22.65 -79.51 -106.10
C ALA J 112 -23.57 -80.66 -105.73
N GLY J 113 -24.56 -80.91 -106.59
CA GLY J 113 -25.37 -82.13 -106.53
C GLY J 113 -25.82 -82.55 -105.14
N VAL J 114 -26.73 -81.79 -104.54
CA VAL J 114 -27.17 -82.09 -103.18
C VAL J 114 -28.03 -83.35 -103.17
N LEU J 115 -27.83 -84.17 -102.15
CA LEU J 115 -28.63 -85.36 -101.90
C LEU J 115 -29.32 -85.19 -100.55
N THR J 116 -30.61 -85.46 -100.50
CA THR J 116 -31.35 -85.57 -99.24
C THR J 116 -32.24 -86.81 -99.32
N ILE J 117 -32.44 -87.44 -98.17
CA ILE J 117 -33.18 -88.70 -98.08
C ILE J 117 -34.40 -88.48 -97.20
N MET J 118 -35.57 -88.90 -97.69
CA MET J 118 -36.78 -88.82 -96.89
C MET J 118 -37.56 -90.12 -97.02
N VAL J 119 -38.27 -90.49 -95.96
CA VAL J 119 -38.95 -91.78 -95.89
C VAL J 119 -40.41 -91.55 -95.52
N GLY J 120 -41.31 -92.19 -96.26
CA GLY J 120 -42.66 -92.39 -95.79
C GLY J 120 -42.70 -93.68 -94.99
N ALA J 121 -42.36 -94.77 -95.65
CA ALA J 121 -41.98 -96.01 -94.99
C ALA J 121 -40.71 -96.63 -95.59
N ALA J 122 -40.33 -96.24 -96.81
CA ALA J 122 -39.10 -96.67 -97.44
C ALA J 122 -38.38 -95.44 -97.98
N GLU J 123 -37.09 -95.62 -98.28
CA GLU J 123 -36.23 -94.51 -98.65
C GLU J 123 -36.68 -93.87 -99.96
N GLN J 124 -36.48 -92.55 -100.05
CA GLN J 124 -36.63 -91.78 -101.28
C GLN J 124 -35.46 -90.82 -101.31
N ASN J 125 -34.57 -91.01 -102.29
CA ASN J 125 -33.44 -90.10 -102.48
C ASN J 125 -33.80 -89.06 -103.53
N ILE J 126 -33.34 -87.83 -103.31
CA ILE J 126 -33.69 -86.71 -104.17
C ILE J 126 -32.48 -86.37 -105.03
N THR J 127 -32.75 -85.97 -106.27
CA THR J 127 -31.70 -85.75 -107.25
C THR J 127 -30.89 -84.51 -106.89
N ALA J 128 -29.95 -84.17 -107.76
CA ALA J 128 -29.06 -83.04 -107.54
C ALA J 128 -29.85 -81.75 -107.42
N ILE J 129 -29.58 -81.00 -106.35
CA ILE J 129 -30.23 -79.72 -106.09
C ILE J 129 -29.14 -78.67 -106.02
N ASP J 130 -29.18 -77.70 -106.93
CA ASP J 130 -28.17 -76.65 -107.01
C ASP J 130 -28.80 -75.32 -106.60
N THR J 131 -28.23 -74.70 -105.56
CA THR J 131 -28.69 -73.41 -105.06
C THR J 131 -27.58 -72.37 -105.00
N SER J 132 -26.67 -72.38 -105.97
CA SER J 132 -25.62 -71.36 -106.00
C SER J 132 -26.21 -69.98 -106.26
N ALA J 133 -27.18 -69.88 -107.18
CA ALA J 133 -27.77 -68.59 -107.49
C ALA J 133 -28.45 -67.99 -106.26
N ALA J 134 -29.52 -68.64 -105.79
CA ALA J 134 -30.12 -68.34 -104.50
C ALA J 134 -30.37 -66.84 -104.31
N THR J 135 -31.26 -66.30 -105.15
CA THR J 135 -31.63 -64.90 -105.02
C THR J 135 -32.19 -64.61 -103.64
N SER J 136 -33.01 -65.50 -103.11
CA SER J 136 -33.54 -65.38 -101.76
C SER J 136 -33.90 -66.78 -101.27
N MET J 137 -34.19 -66.88 -99.98
CA MET J 137 -34.59 -68.17 -99.40
C MET J 137 -35.93 -68.63 -99.94
N ASP J 138 -36.76 -67.69 -100.40
CA ASP J 138 -37.97 -68.08 -101.11
C ASP J 138 -37.63 -68.87 -102.36
N ASN J 139 -36.60 -68.42 -103.09
CA ASN J 139 -36.12 -69.18 -104.24
C ASN J 139 -35.58 -70.54 -103.81
N VAL J 140 -34.89 -70.61 -102.67
CA VAL J 140 -34.36 -71.88 -102.21
C VAL J 140 -35.49 -72.86 -101.92
N ALA J 141 -36.54 -72.40 -101.24
CA ALA J 141 -37.70 -73.26 -100.97
C ALA J 141 -38.37 -73.70 -102.26
N SER J 142 -38.52 -72.78 -103.21
CA SER J 142 -39.12 -73.15 -104.49
C SER J 142 -38.29 -74.21 -105.21
N ILE J 143 -36.97 -74.06 -105.21
CA ILE J 143 -36.11 -75.00 -105.92
C ILE J 143 -36.12 -76.37 -105.23
N ILE J 144 -36.15 -76.39 -103.90
CA ILE J 144 -36.30 -77.66 -103.20
C ILE J 144 -37.61 -78.33 -103.56
N GLN J 145 -38.69 -77.54 -103.61
CA GLN J 145 -40.00 -78.08 -103.95
C GLN J 145 -40.01 -78.65 -105.35
N THR J 146 -39.35 -77.98 -106.31
CA THR J 146 -39.32 -78.49 -107.67
C THR J 146 -38.64 -79.84 -107.76
N GLU J 147 -37.52 -80.01 -107.04
CA GLU J 147 -36.82 -81.29 -107.08
C GLU J 147 -37.59 -82.38 -106.34
N ILE J 148 -38.30 -82.02 -105.26
CA ILE J 148 -39.07 -83.03 -104.53
C ILE J 148 -40.26 -83.49 -105.36
N ARG J 149 -40.93 -82.57 -106.05
CA ARG J 149 -42.13 -82.91 -106.80
C ARG J 149 -41.86 -83.86 -107.95
N LYS J 150 -40.60 -84.06 -108.33
CA LYS J 150 -40.29 -84.99 -109.41
C LYS J 150 -40.46 -86.44 -109.01
N ASN J 151 -40.50 -86.72 -107.70
CA ASN J 151 -40.64 -88.09 -107.24
C ASN J 151 -42.05 -88.61 -107.46
N ALA J 152 -42.16 -89.93 -107.61
CA ALA J 152 -43.41 -90.58 -107.98
C ALA J 152 -44.22 -91.07 -106.79
N ASP J 153 -43.75 -90.87 -105.56
CA ASP J 153 -44.52 -91.26 -104.39
C ASP J 153 -45.71 -90.33 -104.23
N PRO J 154 -46.91 -90.86 -103.92
CA PRO J 154 -48.09 -89.98 -103.84
C PRO J 154 -47.96 -88.83 -102.85
N GLN J 155 -47.31 -89.03 -101.71
CA GLN J 155 -47.09 -87.93 -100.79
C GLN J 155 -46.20 -86.86 -101.41
N LEU J 156 -45.15 -87.27 -102.10
CA LEU J 156 -44.17 -86.35 -102.66
C LEU J 156 -44.55 -85.85 -104.05
N ALA J 157 -45.65 -86.33 -104.62
CA ALA J 157 -46.04 -85.88 -105.95
C ALA J 157 -46.44 -84.41 -105.95
N GLN J 158 -47.16 -83.98 -104.92
CA GLN J 158 -47.62 -82.59 -104.81
C GLN J 158 -47.20 -81.97 -103.48
N ALA J 159 -46.06 -82.40 -102.94
CA ALA J 159 -45.60 -81.88 -101.67
C ALA J 159 -45.21 -80.41 -101.81
N THR J 160 -45.31 -79.68 -100.69
CA THR J 160 -45.01 -78.26 -100.67
C THR J 160 -43.90 -77.99 -99.66
N VAL J 161 -43.03 -77.05 -100.00
CA VAL J 161 -41.98 -76.57 -99.11
C VAL J 161 -42.19 -75.07 -98.92
N THR J 162 -42.22 -74.63 -97.67
CA THR J 162 -42.45 -73.23 -97.37
C THR J 162 -41.36 -72.74 -96.43
N TRP J 163 -41.18 -71.42 -96.39
CA TRP J 163 -40.19 -70.77 -95.55
C TRP J 163 -40.83 -69.61 -94.82
N ASN J 164 -40.50 -69.47 -93.54
CA ASN J 164 -41.09 -68.47 -92.66
C ASN J 164 -40.03 -67.47 -92.24
N GLN J 165 -40.37 -66.18 -92.25
CA GLN J 165 -39.40 -65.14 -91.96
C GLN J 165 -39.41 -64.74 -90.49
N ASN J 166 -40.60 -64.67 -89.88
CA ASN J 166 -40.68 -64.22 -88.48
C ASN J 166 -39.87 -65.12 -87.57
N THR J 167 -40.13 -66.41 -87.63
CA THR J 167 -39.22 -67.42 -87.10
C THR J 167 -38.30 -67.84 -88.25
N ASN J 168 -37.59 -68.95 -88.07
CA ASN J 168 -36.59 -69.38 -89.04
C ASN J 168 -36.82 -70.82 -89.44
N GLN J 169 -38.05 -71.15 -89.82
CA GLN J 169 -38.47 -72.54 -90.01
C GLN J 169 -38.73 -72.87 -91.47
N PHE J 170 -38.19 -73.99 -91.92
CA PHE J 170 -38.56 -74.62 -93.18
C PHE J 170 -39.58 -75.72 -92.89
N THR J 171 -40.66 -75.76 -93.65
CA THR J 171 -41.73 -76.72 -93.42
C THR J 171 -42.08 -77.44 -94.70
N LEU J 172 -42.24 -78.76 -94.59
CA LEU J 172 -42.56 -79.63 -95.72
C LEU J 172 -43.88 -80.31 -95.45
N VAL J 173 -44.81 -80.21 -96.40
CA VAL J 173 -46.17 -80.74 -96.26
C VAL J 173 -46.41 -81.75 -97.36
N GLY J 174 -46.88 -82.94 -96.99
CA GLY J 174 -47.20 -83.96 -97.96
C GLY J 174 -48.53 -83.72 -98.65
N ALA J 175 -48.71 -84.39 -99.79
CA ALA J 175 -49.85 -84.13 -100.64
C ALA J 175 -51.16 -84.69 -100.06
N THR J 176 -51.13 -85.92 -99.57
CA THR J 176 -52.36 -86.57 -99.11
C THR J 176 -52.76 -86.09 -97.72
N ILE J 177 -54.06 -86.08 -97.47
CA ILE J 177 -54.62 -85.56 -96.23
C ILE J 177 -55.31 -86.70 -95.50
N GLY J 178 -54.89 -86.96 -94.26
CA GLY J 178 -55.59 -87.89 -93.41
C GLY J 178 -54.72 -88.95 -92.78
N THR J 179 -53.75 -89.47 -93.53
CA THR J 179 -52.91 -90.54 -93.04
C THR J 179 -51.57 -90.49 -93.75
N GLY J 180 -50.51 -90.81 -93.02
CA GLY J 180 -49.16 -90.84 -93.55
C GLY J 180 -48.17 -90.48 -92.47
N VAL J 181 -46.94 -90.98 -92.63
CA VAL J 181 -45.85 -90.70 -91.71
C VAL J 181 -44.62 -90.35 -92.55
N LEU J 182 -44.01 -89.21 -92.28
CA LEU J 182 -42.85 -88.74 -93.01
C LEU J 182 -41.69 -88.49 -92.07
N ALA J 183 -40.47 -88.69 -92.56
CA ALA J 183 -39.28 -88.39 -91.78
C ALA J 183 -38.12 -88.14 -92.72
N VAL J 184 -37.05 -87.55 -92.17
CA VAL J 184 -35.84 -87.27 -92.91
C VAL J 184 -34.66 -87.90 -92.18
N ALA J 185 -33.72 -88.45 -92.93
CA ALA J 185 -32.60 -89.20 -92.37
C ALA J 185 -31.30 -88.47 -92.62
N LYS J 186 -30.37 -88.60 -91.68
CA LYS J 186 -29.03 -88.03 -91.80
C LYS J 186 -28.15 -88.98 -92.60
N SER J 187 -27.76 -88.57 -93.79
CA SER J 187 -26.90 -89.37 -94.64
C SER J 187 -25.43 -89.00 -94.45
N ALA J 188 -24.55 -89.79 -95.04
CA ALA J 188 -23.11 -89.61 -94.89
C ALA J 188 -22.46 -88.88 -96.06
N ASP J 189 -23.22 -88.49 -97.06
CA ASP J 189 -22.65 -87.80 -98.21
C ASP J 189 -22.16 -86.40 -97.81
N PRO J 190 -21.14 -85.87 -98.50
CA PRO J 190 -20.70 -84.50 -98.18
C PRO J 190 -21.74 -83.44 -98.51
N GLN J 191 -22.43 -83.59 -99.63
CA GLN J 191 -23.38 -82.58 -100.09
C GLN J 191 -24.79 -82.96 -99.66
N ASP J 192 -24.99 -82.97 -98.34
CA ASP J 192 -26.27 -83.29 -97.73
C ASP J 192 -26.73 -82.07 -96.94
N MET J 193 -27.92 -81.56 -97.27
CA MET J 193 -28.40 -80.31 -96.73
C MET J 193 -29.44 -80.49 -95.62
N SER J 194 -29.34 -81.58 -94.85
CA SER J 194 -30.19 -81.73 -93.68
C SER J 194 -29.66 -80.96 -92.48
N THR J 195 -28.46 -80.39 -92.58
CA THR J 195 -27.93 -79.54 -91.51
C THR J 195 -28.10 -78.06 -91.80
N ALA J 196 -27.89 -77.64 -93.05
CA ALA J 196 -28.24 -76.27 -93.43
C ALA J 196 -29.73 -76.03 -93.25
N LEU J 197 -30.54 -76.98 -93.68
CA LEU J 197 -31.92 -77.08 -93.21
C LEU J 197 -31.91 -77.63 -91.81
N GLY J 198 -32.94 -77.34 -91.04
CA GLY J 198 -32.97 -77.87 -89.69
C GLY J 198 -33.72 -79.18 -89.58
N TRP J 199 -33.72 -79.97 -90.65
CA TRP J 199 -34.39 -81.25 -90.68
C TRP J 199 -33.43 -82.35 -90.26
N SER J 200 -33.90 -83.22 -89.36
CA SER J 200 -33.09 -84.31 -88.81
C SER J 200 -31.92 -83.81 -87.97
N THR J 201 -32.07 -82.65 -87.34
CA THR J 201 -31.05 -82.14 -86.42
C THR J 201 -31.72 -81.70 -85.12
N SER J 202 -31.07 -82.04 -84.01
CA SER J 202 -31.52 -81.66 -82.66
C SER J 202 -32.95 -82.17 -82.51
N ASN J 203 -33.91 -81.33 -82.14
CA ASN J 203 -35.31 -81.72 -81.98
C ASN J 203 -36.16 -81.18 -83.12
N VAL J 204 -36.66 -82.08 -83.96
CA VAL J 204 -37.52 -81.75 -85.09
C VAL J 204 -38.88 -82.38 -84.85
N VAL J 205 -39.94 -81.62 -85.09
CA VAL J 205 -41.29 -82.08 -84.88
C VAL J 205 -41.79 -82.72 -86.16
N ASN J 206 -42.01 -84.04 -86.12
CA ASN J 206 -42.61 -84.76 -87.22
C ASN J 206 -44.08 -85.02 -86.88
N VAL J 207 -44.98 -84.45 -87.68
CA VAL J 207 -46.41 -84.51 -87.43
C VAL J 207 -47.03 -85.51 -88.39
N ALA J 208 -47.69 -86.53 -87.84
CA ALA J 208 -48.39 -87.50 -88.65
C ALA J 208 -49.80 -87.01 -88.99
N GLY J 209 -50.41 -87.64 -89.99
CA GLY J 209 -51.73 -87.23 -90.42
C GLY J 209 -52.76 -87.45 -89.32
N GLN J 210 -53.80 -86.62 -89.32
CA GLN J 210 -54.82 -86.66 -88.29
C GLN J 210 -56.20 -86.42 -88.89
N SER J 211 -57.22 -86.70 -88.09
CA SER J 211 -58.60 -86.47 -88.45
C SER J 211 -59.03 -85.09 -87.93
N ALA J 212 -60.33 -84.83 -87.95
CA ALA J 212 -60.83 -83.51 -87.54
C ALA J 212 -60.64 -83.26 -86.05
N ASP J 213 -60.63 -84.33 -85.23
CA ASP J 213 -60.31 -84.24 -83.81
C ASP J 213 -61.36 -83.43 -83.04
N LEU J 214 -61.28 -83.43 -81.71
CA LEU J 214 -62.30 -82.83 -80.87
C LEU J 214 -61.62 -82.02 -79.78
N PRO J 215 -62.28 -80.96 -79.29
CA PRO J 215 -61.61 -80.05 -78.34
C PRO J 215 -61.19 -80.72 -77.04
N ASP J 216 -62.02 -81.59 -76.48
CA ASP J 216 -61.70 -82.20 -75.19
C ASP J 216 -60.55 -83.18 -75.33
N ALA J 217 -60.45 -83.85 -76.47
CA ALA J 217 -59.29 -84.69 -76.72
C ALA J 217 -58.04 -83.85 -76.93
N ALA J 218 -58.19 -82.69 -77.60
CA ALA J 218 -57.05 -81.83 -77.85
C ALA J 218 -56.47 -81.27 -76.56
N VAL J 219 -57.34 -80.85 -75.64
CA VAL J 219 -56.84 -80.31 -74.38
C VAL J 219 -56.16 -81.40 -73.56
N ALA J 220 -56.66 -82.64 -73.63
CA ALA J 220 -56.00 -83.75 -72.94
C ALA J 220 -54.63 -84.02 -73.53
N LYS J 221 -54.52 -84.00 -74.86
CA LYS J 221 -53.22 -84.18 -75.50
C LYS J 221 -52.25 -83.07 -75.08
N SER J 222 -52.74 -81.83 -75.02
CA SER J 222 -51.88 -80.72 -74.61
C SER J 222 -51.44 -80.86 -73.15
N THR J 223 -52.34 -81.30 -72.28
CA THR J 223 -51.97 -81.45 -70.88
C THR J 223 -51.08 -82.67 -70.66
N ASN J 224 -51.04 -83.58 -71.63
CA ASN J 224 -50.13 -84.72 -71.52
C ASN J 224 -48.67 -84.27 -71.49
N VAL J 225 -48.31 -83.27 -72.30
CA VAL J 225 -46.90 -82.92 -72.43
C VAL J 225 -46.45 -82.02 -71.28
N SER J 226 -47.32 -81.13 -70.80
CA SER J 226 -46.98 -80.30 -69.65
C SER J 226 -48.26 -79.72 -69.08
N ASN J 227 -48.36 -79.69 -67.75
CA ASN J 227 -49.54 -79.20 -67.05
C ASN J 227 -49.21 -78.10 -66.05
N ASN J 228 -48.21 -77.27 -66.34
CA ASN J 228 -47.85 -76.15 -65.47
C ASN J 228 -48.62 -74.90 -65.88
N PHE J 229 -49.92 -74.91 -65.59
CA PHE J 229 -50.77 -73.80 -65.97
C PHE J 229 -52.05 -73.82 -65.14
N GLY J 230 -52.86 -72.79 -65.32
CA GLY J 230 -54.19 -72.75 -64.75
C GLY J 230 -55.07 -71.84 -65.59
N SER J 231 -56.37 -72.11 -65.57
CA SER J 231 -57.36 -71.28 -66.25
C SER J 231 -57.06 -71.18 -67.75
N PHE J 232 -57.15 -72.31 -68.44
CA PHE J 232 -57.01 -72.30 -69.89
C PHE J 232 -58.24 -71.71 -70.57
N LEU J 233 -58.12 -71.44 -71.86
CA LEU J 233 -59.22 -70.94 -72.68
C LEU J 233 -58.88 -71.14 -74.15
N PHE J 234 -59.92 -71.24 -75.00
CA PHE J 234 -59.71 -71.60 -76.40
C PHE J 234 -59.40 -70.37 -77.25
N ALA J 235 -60.30 -69.39 -77.24
CA ALA J 235 -60.07 -68.11 -77.91
C ALA J 235 -59.81 -68.27 -79.39
N GLY J 236 -60.83 -68.72 -80.10
CA GLY J 236 -60.86 -68.68 -81.55
C GLY J 236 -62.19 -68.11 -82.01
N ALA J 237 -62.81 -68.81 -82.95
CA ALA J 237 -64.21 -68.58 -83.23
C ALA J 237 -65.05 -69.14 -82.09
N PRO J 238 -66.25 -68.58 -81.86
CA PRO J 238 -67.10 -69.10 -80.79
C PRO J 238 -67.44 -70.57 -81.01
N LEU J 239 -67.45 -71.33 -79.91
CA LEU J 239 -67.69 -72.75 -79.98
C LEU J 239 -69.18 -73.06 -79.84
N ASP J 240 -69.57 -74.23 -80.35
CA ASP J 240 -70.93 -74.70 -80.20
C ASP J 240 -71.21 -75.04 -78.74
N ASN J 241 -72.50 -75.04 -78.38
CA ASN J 241 -72.88 -75.30 -77.00
C ASN J 241 -72.48 -76.70 -76.56
N ASP J 242 -72.61 -77.68 -77.45
CA ASP J 242 -72.24 -79.05 -77.10
C ASP J 242 -70.74 -79.17 -76.84
N GLN J 243 -69.93 -78.46 -77.63
CA GLN J 243 -68.49 -78.48 -77.40
C GLN J 243 -68.14 -77.88 -76.05
N ILE J 244 -68.80 -76.78 -75.69
CA ILE J 244 -68.60 -76.18 -74.38
C ILE J 244 -69.00 -77.17 -73.29
N LYS J 245 -70.11 -77.88 -73.50
CA LYS J 245 -70.56 -78.86 -72.51
C LYS J 245 -69.52 -79.96 -72.33
N ALA J 246 -68.98 -80.47 -73.43
CA ALA J 246 -67.98 -81.54 -73.33
C ALA J 246 -66.72 -81.06 -72.64
N VAL J 247 -66.26 -79.85 -72.96
CA VAL J 247 -65.04 -79.36 -72.35
C VAL J 247 -65.25 -79.07 -70.87
N SER J 248 -66.41 -78.55 -70.49
CA SER J 248 -66.68 -78.31 -69.08
C SER J 248 -66.77 -79.63 -68.31
N ALA J 249 -67.36 -80.65 -68.93
CA ALA J 249 -67.39 -81.96 -68.29
C ALA J 249 -65.98 -82.51 -68.09
N TRP J 250 -65.13 -82.37 -69.11
CA TRP J 250 -63.75 -82.83 -68.96
C TRP J 250 -63.03 -82.08 -67.86
N ASN J 251 -63.23 -80.77 -67.78
CA ASN J 251 -62.63 -80.01 -66.68
C ASN J 251 -63.13 -80.49 -65.33
N ALA J 252 -64.43 -80.78 -65.23
CA ALA J 252 -64.99 -81.26 -63.98
C ALA J 252 -64.47 -82.64 -63.62
N ALA J 253 -63.95 -83.39 -64.60
CA ALA J 253 -63.38 -84.70 -64.31
C ALA J 253 -62.22 -84.59 -63.32
N GLN J 254 -61.30 -83.67 -63.54
CA GLN J 254 -60.28 -83.37 -62.53
C GLN J 254 -60.86 -82.44 -61.48
N ASN J 255 -60.70 -82.81 -60.21
CA ASN J 255 -61.49 -82.17 -59.15
C ASN J 255 -61.24 -80.68 -59.08
N ASN J 256 -60.02 -80.27 -58.72
CA ASN J 256 -59.76 -78.87 -58.40
C ASN J 256 -58.43 -78.43 -59.00
N GLN J 257 -58.21 -78.75 -60.27
CA GLN J 257 -56.93 -78.49 -60.93
C GLN J 257 -56.90 -77.22 -61.75
N PHE J 258 -57.87 -77.02 -62.65
CA PHE J 258 -57.81 -75.96 -63.64
C PHE J 258 -59.06 -75.11 -63.54
N ILE J 259 -59.07 -74.02 -64.29
CA ILE J 259 -60.27 -73.20 -64.51
C ILE J 259 -60.51 -73.14 -66.01
N TYR J 260 -61.75 -72.88 -66.39
CA TYR J 260 -62.15 -72.85 -67.79
C TYR J 260 -63.08 -71.67 -68.01
N THR J 261 -62.62 -70.67 -68.74
CA THR J 261 -63.36 -69.42 -68.93
C THR J 261 -64.05 -69.43 -70.29
N VAL J 262 -65.33 -69.08 -70.29
CA VAL J 262 -66.13 -69.03 -71.50
C VAL J 262 -66.72 -67.63 -71.63
N ALA J 263 -66.89 -67.17 -72.87
CA ALA J 263 -67.48 -65.87 -73.15
C ALA J 263 -68.80 -66.08 -73.88
N THR J 264 -69.86 -65.43 -73.40
CA THR J 264 -71.19 -65.61 -73.95
C THR J 264 -71.86 -64.25 -74.12
N SER J 265 -72.92 -64.25 -74.93
CA SER J 265 -73.79 -63.09 -75.01
C SER J 265 -74.86 -63.18 -73.91
N LEU J 266 -75.61 -62.10 -73.75
CA LEU J 266 -76.62 -62.07 -72.70
C LEU J 266 -77.73 -63.09 -72.97
N ALA J 267 -78.21 -63.15 -74.21
CA ALA J 267 -79.29 -64.07 -74.54
C ALA J 267 -78.83 -65.52 -74.45
N ASN J 268 -77.61 -65.81 -74.87
CA ASN J 268 -77.10 -67.17 -74.81
C ASN J 268 -76.82 -67.63 -73.39
N LEU J 269 -76.74 -66.70 -72.43
CA LEU J 269 -76.43 -67.08 -71.06
C LEU J 269 -77.51 -67.98 -70.48
N GLY J 270 -78.78 -67.68 -70.75
CA GLY J 270 -79.85 -68.51 -70.25
C GLY J 270 -79.83 -69.90 -70.86
N THR J 271 -79.44 -70.01 -72.12
CA THR J 271 -79.31 -71.32 -72.76
C THR J 271 -78.26 -72.16 -72.06
N LEU J 272 -77.11 -71.57 -71.75
CA LEU J 272 -76.18 -72.20 -70.84
C LEU J 272 -76.69 -72.08 -69.42
N PHE J 273 -75.89 -72.57 -68.47
CA PHE J 273 -76.24 -72.74 -67.07
C PHE J 273 -77.28 -73.84 -66.91
N THR J 274 -77.82 -74.38 -68.00
CA THR J 274 -78.56 -75.63 -67.99
C THR J 274 -77.68 -76.80 -68.38
N LEU J 275 -76.87 -76.62 -69.42
CA LEU J 275 -75.89 -77.64 -69.79
C LEU J 275 -74.75 -77.69 -68.79
N VAL J 276 -74.17 -76.53 -68.44
CA VAL J 276 -72.97 -76.50 -67.62
C VAL J 276 -73.25 -76.31 -66.14
N ASN J 277 -74.50 -76.49 -65.71
CA ASN J 277 -74.77 -76.51 -64.29
C ASN J 277 -73.99 -77.64 -63.63
N GLY J 278 -73.57 -77.43 -62.39
CA GLY J 278 -72.57 -78.31 -61.83
C GLY J 278 -71.25 -77.98 -62.49
N ASN J 279 -70.47 -79.02 -62.80
CA ASN J 279 -69.26 -78.87 -63.59
C ASN J 279 -68.30 -77.86 -62.95
N ALA J 280 -67.79 -78.23 -61.77
CA ALA J 280 -66.98 -77.31 -60.99
C ALA J 280 -65.75 -76.85 -61.76
N GLY J 281 -65.39 -75.58 -61.58
CA GLY J 281 -64.24 -75.01 -62.23
C GLY J 281 -64.50 -74.29 -63.52
N THR J 282 -65.76 -73.99 -63.84
CA THR J 282 -66.13 -73.33 -65.08
C THR J 282 -66.63 -71.92 -64.77
N ALA J 283 -66.18 -70.93 -65.54
CA ALA J 283 -66.55 -69.54 -65.37
C ALA J 283 -67.20 -69.02 -66.64
N LEU J 284 -68.26 -68.24 -66.48
CA LEU J 284 -69.00 -67.65 -67.59
C LEU J 284 -68.89 -66.13 -67.53
N ASN J 285 -68.50 -65.50 -68.64
CA ASN J 285 -68.31 -64.07 -68.72
C ASN J 285 -69.16 -63.52 -69.86
N VAL J 286 -69.90 -62.47 -69.59
CA VAL J 286 -70.83 -61.92 -70.56
C VAL J 286 -70.13 -60.90 -71.45
N LEU J 287 -70.28 -61.05 -72.75
CA LEU J 287 -69.74 -60.12 -73.74
C LEU J 287 -70.75 -59.03 -74.06
N SER J 288 -70.30 -58.06 -74.85
CA SER J 288 -71.14 -57.00 -75.36
C SER J 288 -71.25 -57.14 -76.87
N ALA J 289 -72.48 -57.27 -77.36
CA ALA J 289 -72.70 -57.39 -78.79
C ALA J 289 -72.53 -56.04 -79.47
N THR J 290 -72.16 -56.08 -80.76
CA THR J 290 -72.01 -54.88 -81.58
C THR J 290 -71.04 -53.88 -80.94
N ALA J 291 -69.90 -54.39 -80.47
CA ALA J 291 -68.88 -53.55 -79.89
C ALA J 291 -67.51 -54.13 -80.25
N ALA J 292 -66.46 -53.47 -79.75
CA ALA J 292 -65.12 -53.98 -79.94
C ALA J 292 -64.98 -55.33 -79.25
N ASN J 293 -63.98 -56.11 -79.68
CA ASN J 293 -63.79 -57.43 -79.11
C ASN J 293 -63.51 -57.34 -77.61
N ASP J 294 -62.53 -56.52 -77.23
CA ASP J 294 -62.17 -56.20 -75.84
C ASP J 294 -62.37 -57.41 -74.92
N PHE J 295 -61.86 -58.54 -75.40
CA PHE J 295 -62.05 -59.84 -74.76
C PHE J 295 -61.97 -59.79 -73.24
N VAL J 296 -62.98 -60.40 -72.61
CA VAL J 296 -63.23 -60.24 -71.18
C VAL J 296 -63.03 -61.54 -70.40
N GLU J 297 -63.09 -62.68 -71.07
CA GLU J 297 -62.94 -63.96 -70.38
C GLU J 297 -61.56 -64.10 -69.76
N GLN J 298 -60.65 -63.15 -70.00
CA GLN J 298 -59.31 -63.21 -69.46
C GLN J 298 -59.18 -62.57 -68.08
N CYS J 299 -60.22 -61.91 -67.59
CA CYS J 299 -60.10 -61.25 -66.29
C CYS J 299 -59.81 -62.21 -65.15
N PRO J 300 -60.59 -63.28 -64.93
CA PRO J 300 -60.20 -64.23 -63.86
C PRO J 300 -58.86 -64.87 -64.11
N SER J 301 -58.53 -65.17 -65.36
CA SER J 301 -57.25 -65.77 -65.68
C SER J 301 -56.11 -64.83 -65.34
N GLU J 302 -56.24 -63.54 -65.68
CA GLU J 302 -55.20 -62.58 -65.35
C GLU J 302 -55.05 -62.44 -63.84
N ILE J 303 -56.17 -62.34 -63.12
CA ILE J 303 -56.09 -62.16 -61.67
C ILE J 303 -55.43 -63.36 -61.02
N LEU J 304 -55.75 -64.57 -61.49
CA LEU J 304 -55.09 -65.77 -60.98
C LEU J 304 -53.61 -65.76 -61.30
N ALA J 305 -53.25 -65.41 -62.54
CA ALA J 305 -51.85 -65.48 -62.96
C ALA J 305 -50.98 -64.52 -62.17
N ALA J 306 -51.50 -63.32 -61.89
CA ALA J 306 -50.69 -62.30 -61.23
C ALA J 306 -50.41 -62.61 -59.76
N THR J 307 -51.21 -63.47 -59.14
CA THR J 307 -51.06 -63.75 -57.71
C THR J 307 -49.75 -64.46 -57.41
N ASN J 308 -49.13 -64.11 -56.28
CA ASN J 308 -47.88 -64.68 -55.83
C ASN J 308 -48.08 -65.20 -54.43
N TYR J 309 -48.03 -66.53 -54.26
CA TYR J 309 -48.49 -67.14 -53.01
C TYR J 309 -47.39 -67.30 -51.97
N GLU J 311 -45.68 -64.59 -50.83
CA GLU J 311 -45.75 -63.34 -50.12
C GLU J 311 -47.02 -63.28 -49.25
N PRO J 312 -47.02 -62.45 -48.20
CA PRO J 312 -48.19 -62.39 -47.32
C PRO J 312 -49.34 -61.64 -47.95
N GLY J 313 -50.53 -61.87 -47.39
CA GLY J 313 -51.73 -61.15 -47.80
C GLY J 313 -52.08 -61.33 -49.26
N ALA J 314 -51.88 -62.53 -49.80
CA ALA J 314 -52.08 -62.79 -51.21
C ALA J 314 -53.40 -63.47 -51.53
N SER J 315 -54.29 -63.63 -50.54
CA SER J 315 -55.56 -64.30 -50.78
C SER J 315 -56.40 -63.53 -51.79
N GLN J 316 -56.47 -62.20 -51.62
CA GLN J 316 -57.17 -61.32 -52.55
C GLN J 316 -58.66 -61.62 -52.65
N ASN J 317 -59.36 -60.89 -53.50
CA ASN J 317 -60.78 -61.06 -53.72
C ASN J 317 -61.10 -60.73 -55.17
N TYR J 318 -61.85 -61.60 -55.82
CA TYR J 318 -62.13 -61.47 -57.25
C TYR J 318 -63.28 -60.52 -57.53
N MET J 319 -63.97 -60.00 -56.51
CA MET J 319 -65.15 -59.19 -56.76
C MET J 319 -64.80 -57.74 -57.07
N TYR J 320 -64.23 -57.02 -56.10
CA TYR J 320 -64.04 -55.58 -56.26
C TYR J 320 -62.70 -55.34 -56.94
N TYR J 321 -62.73 -55.25 -58.27
CA TYR J 321 -61.50 -55.00 -59.02
C TYR J 321 -61.91 -54.31 -60.31
N GLN J 322 -61.06 -53.40 -60.79
CA GLN J 322 -61.43 -52.51 -61.89
C GLN J 322 -60.68 -52.85 -63.16
N PHE J 323 -61.39 -52.81 -64.30
CA PHE J 323 -60.82 -53.12 -65.62
C PHE J 323 -61.16 -51.99 -66.58
N PRO J 324 -60.34 -50.93 -66.65
CA PRO J 324 -60.67 -49.81 -67.54
C PRO J 324 -60.69 -50.18 -69.01
N GLY J 325 -59.94 -51.20 -69.42
CA GLY J 325 -59.96 -51.60 -70.81
C GLY J 325 -61.29 -52.17 -71.25
N ARG J 326 -61.90 -53.00 -70.43
CA ARG J 326 -63.16 -53.64 -70.78
C ARG J 326 -64.30 -52.63 -70.72
N ASN J 327 -65.26 -52.79 -71.62
CA ASN J 327 -66.40 -51.89 -71.66
C ASN J 327 -67.54 -52.42 -70.80
N ILE J 328 -68.50 -51.53 -70.52
CA ILE J 328 -69.56 -51.83 -69.57
C ILE J 328 -70.50 -52.88 -70.15
N THR J 329 -71.10 -53.67 -69.27
CA THR J 329 -71.97 -54.77 -69.67
C THR J 329 -73.42 -54.57 -69.27
N VAL J 330 -73.70 -54.31 -67.99
CA VAL J 330 -75.05 -54.13 -67.49
C VAL J 330 -75.09 -52.85 -66.67
N SER J 331 -76.26 -52.18 -66.66
CA SER J 331 -76.42 -50.92 -65.95
C SER J 331 -77.76 -50.79 -65.22
N ASP J 332 -78.60 -51.81 -65.23
CA ASP J 332 -79.86 -51.79 -64.52
C ASP J 332 -79.83 -52.81 -63.39
N ASP J 333 -80.59 -52.54 -62.34
CA ASP J 333 -80.64 -53.47 -61.22
C ASP J 333 -81.46 -54.71 -61.57
N THR J 334 -82.53 -54.55 -62.34
CA THR J 334 -83.33 -55.70 -62.73
C THR J 334 -82.57 -56.61 -63.69
N VAL J 335 -81.81 -56.03 -64.62
CA VAL J 335 -81.00 -56.82 -65.54
C VAL J 335 -79.93 -57.58 -64.78
N ALA J 336 -79.29 -56.93 -63.80
CA ALA J 336 -78.30 -57.60 -62.98
C ALA J 336 -78.94 -58.73 -62.18
N ASN J 337 -80.15 -58.52 -61.68
CA ASN J 337 -80.86 -59.57 -60.95
C ASN J 337 -81.12 -60.78 -61.85
N THR J 338 -81.55 -60.54 -63.10
CA THR J 338 -81.77 -61.66 -64.01
C THR J 338 -80.45 -62.36 -64.35
N VAL J 339 -79.37 -61.59 -64.53
CA VAL J 339 -78.10 -62.20 -64.92
C VAL J 339 -77.52 -63.04 -63.79
N ASP J 340 -77.66 -62.58 -62.54
CA ASP J 340 -77.05 -63.28 -61.42
C ASP J 340 -77.65 -64.66 -61.21
N LYS J 341 -78.87 -64.88 -61.67
CA LYS J 341 -79.48 -66.21 -61.55
C LYS J 341 -78.70 -67.25 -62.34
N SER J 342 -78.07 -66.84 -63.43
CA SER J 342 -77.31 -67.75 -64.29
C SER J 342 -75.83 -67.78 -63.93
N ARG J 343 -75.43 -67.15 -62.82
CA ARG J 343 -74.04 -67.13 -62.37
C ARG J 343 -73.11 -66.58 -63.45
N GLY J 344 -73.48 -65.44 -64.01
CA GLY J 344 -72.68 -64.77 -65.02
C GLY J 344 -71.81 -63.69 -64.37
N ASN J 345 -70.60 -63.55 -64.87
CA ASN J 345 -69.66 -62.55 -64.38
C ASN J 345 -69.56 -61.42 -65.39
N TYR J 346 -69.51 -60.19 -64.90
CA TYR J 346 -69.62 -59.05 -65.80
C TYR J 346 -68.96 -57.84 -65.17
N ILE J 347 -68.95 -56.74 -65.93
CA ILE J 347 -68.52 -55.43 -65.47
C ILE J 347 -69.77 -54.59 -65.29
N GLY J 348 -70.01 -54.14 -64.07
CA GLY J 348 -71.17 -53.33 -63.76
C GLY J 348 -70.75 -51.90 -63.46
N VAL J 349 -71.64 -50.96 -63.77
CA VAL J 349 -71.43 -49.54 -63.54
C VAL J 349 -72.44 -49.06 -62.52
N THR J 350 -71.98 -48.26 -61.56
CA THR J 350 -72.84 -47.72 -60.52
C THR J 350 -72.40 -46.30 -60.19
N GLN J 351 -73.37 -45.46 -59.83
CA GLN J 351 -73.10 -44.08 -59.50
C GLN J 351 -72.71 -43.96 -58.03
N ALA J 352 -71.60 -43.26 -57.76
CA ALA J 352 -71.16 -42.99 -56.39
C ALA J 352 -70.79 -41.51 -56.32
N ASN J 353 -71.79 -40.68 -56.02
CA ASN J 353 -71.61 -39.22 -55.96
C ASN J 353 -71.02 -38.69 -57.26
N GLY J 354 -71.76 -38.90 -58.34
CA GLY J 354 -71.34 -38.39 -59.64
C GLY J 354 -70.45 -39.27 -60.47
N GLN J 355 -69.47 -39.93 -59.84
CA GLN J 355 -68.54 -40.77 -60.57
C GLN J 355 -69.17 -42.13 -60.87
N GLN J 356 -68.91 -42.63 -62.08
CA GLN J 356 -69.44 -43.90 -62.54
C GLN J 356 -68.38 -44.98 -62.30
N ALA J 358 -66.98 -48.53 -62.49
CA ALA J 358 -67.18 -49.75 -63.25
C ALA J 358 -66.24 -50.81 -62.72
N PHE J 359 -66.78 -51.98 -62.39
CA PHE J 359 -65.94 -53.02 -61.82
C PHE J 359 -66.56 -54.40 -62.05
N TYR J 360 -65.69 -55.41 -61.97
CA TYR J 360 -66.12 -56.80 -61.99
C TYR J 360 -67.07 -57.04 -60.83
N GLN J 361 -68.11 -57.84 -61.05
CA GLN J 361 -69.20 -57.83 -60.08
C GLN J 361 -69.33 -59.12 -59.27
N ARG J 362 -69.07 -60.28 -59.83
CA ARG J 362 -69.26 -61.51 -59.08
C ARG J 362 -68.07 -62.44 -59.27
N GLY J 363 -67.67 -63.09 -58.19
CA GLY J 363 -66.58 -64.03 -58.26
C GLY J 363 -67.05 -65.45 -58.04
N ILE J 364 -68.17 -65.81 -58.66
CA ILE J 364 -68.79 -67.10 -58.40
C ILE J 364 -68.58 -68.04 -59.58
N LEU J 365 -68.45 -69.33 -59.28
CA LEU J 365 -68.28 -70.38 -60.26
C LEU J 365 -69.49 -71.30 -60.25
N CYS J 366 -69.78 -71.91 -61.39
CA CYS J 366 -70.84 -72.91 -61.44
C CYS J 366 -70.32 -74.24 -60.92
N GLY J 367 -71.09 -74.86 -60.02
CA GLY J 367 -70.69 -76.11 -59.40
C GLY J 367 -71.73 -76.56 -58.41
N GLY J 368 -71.46 -77.73 -57.81
CA GLY J 368 -72.37 -78.31 -56.85
C GLY J 368 -72.13 -77.79 -55.45
N PRO J 369 -72.92 -78.30 -54.49
CA PRO J 369 -72.72 -77.87 -53.09
C PRO J 369 -71.36 -78.23 -52.53
N THR J 370 -70.78 -79.35 -52.95
CA THR J 370 -69.50 -79.80 -52.39
C THR J 370 -68.32 -79.02 -52.94
N ASP J 371 -68.47 -78.35 -54.07
CA ASP J 371 -67.34 -77.69 -54.71
C ASP J 371 -67.28 -76.22 -54.34
N ALA J 372 -66.15 -75.59 -54.67
CA ALA J 372 -65.86 -74.22 -54.28
C ALA J 372 -66.53 -73.26 -55.26
N VAL J 373 -67.56 -72.56 -54.80
CA VAL J 373 -68.29 -71.65 -55.67
C VAL J 373 -67.48 -70.39 -55.94
N ASP J 374 -66.85 -69.82 -54.90
CA ASP J 374 -66.05 -68.62 -55.07
C ASP J 374 -64.71 -68.96 -55.72
N MET J 375 -64.19 -68.04 -56.52
CA MET J 375 -62.94 -68.30 -57.22
C MET J 375 -61.71 -68.18 -56.33
N ASN J 376 -61.74 -67.34 -55.30
CA ASN J 376 -60.56 -67.20 -54.45
C ASN J 376 -60.25 -68.49 -53.70
N VAL J 377 -61.28 -69.12 -53.12
CA VAL J 377 -61.06 -70.39 -52.44
C VAL J 377 -60.66 -71.48 -53.42
N TYR J 378 -61.19 -71.43 -54.64
CA TYR J 378 -60.77 -72.35 -55.69
C TYR J 378 -59.26 -72.23 -55.95
N ALA J 379 -58.78 -71.01 -56.14
CA ALA J 379 -57.36 -70.80 -56.40
C ALA J 379 -56.52 -71.24 -55.21
N ASN J 380 -56.97 -70.93 -54.00
CA ASN J 380 -56.21 -71.32 -52.82
C ASN J 380 -56.12 -72.83 -52.68
N GLU J 381 -57.21 -73.54 -53.00
CA GLU J 381 -57.15 -75.01 -52.96
C GLU J 381 -56.23 -75.56 -54.04
N ILE J 382 -56.22 -74.95 -55.22
CA ILE J 382 -55.25 -75.34 -56.24
C ILE J 382 -53.84 -75.23 -55.69
N TRP J 383 -53.53 -74.09 -55.07
CA TRP J 383 -52.19 -73.87 -54.55
C TRP J 383 -51.86 -74.85 -53.43
N LEU J 384 -52.80 -75.11 -52.53
CA LEU J 384 -52.56 -76.08 -51.46
C LEU J 384 -52.25 -77.46 -52.01
N LYS J 385 -53.05 -77.93 -52.96
CA LYS J 385 -52.81 -79.25 -53.51
C LYS J 385 -51.43 -79.32 -54.16
N SER J 386 -51.08 -78.30 -54.95
CA SER J 386 -49.78 -78.31 -55.61
C SER J 386 -48.64 -78.30 -54.60
N ALA J 387 -48.75 -77.47 -53.56
CA ALA J 387 -47.66 -77.36 -52.58
C ALA J 387 -47.48 -78.63 -51.79
N ILE J 388 -48.59 -79.24 -51.33
CA ILE J 388 -48.51 -80.47 -50.58
C ILE J 388 -47.91 -81.59 -51.44
N ALA J 389 -48.37 -81.70 -52.69
CA ALA J 389 -47.83 -82.72 -53.57
C ALA J 389 -46.35 -82.52 -53.80
N GLN J 390 -45.92 -81.26 -54.00
CA GLN J 390 -44.50 -80.99 -54.20
C GLN J 390 -43.69 -81.41 -52.98
N ALA J 391 -44.13 -81.05 -51.78
CA ALA J 391 -43.37 -81.40 -50.59
C ALA J 391 -43.27 -82.91 -50.40
N LEU J 392 -44.38 -83.62 -50.62
CA LEU J 392 -44.35 -85.07 -50.43
C LEU J 392 -43.48 -85.76 -51.48
N LEU J 393 -43.57 -85.33 -52.74
CA LEU J 393 -42.73 -85.92 -53.78
C LEU J 393 -41.26 -85.64 -53.49
N ASP J 394 -40.93 -84.44 -53.04
CA ASP J 394 -39.55 -84.11 -52.73
C ASP J 394 -39.02 -84.97 -51.58
N LEU J 395 -39.85 -85.17 -50.55
CA LEU J 395 -39.50 -86.09 -49.47
C LEU J 395 -39.19 -87.47 -50.01
N PHE J 396 -40.07 -87.99 -50.87
CA PHE J 396 -39.85 -89.33 -51.43
C PHE J 396 -38.55 -89.38 -52.22
N LEU J 397 -38.25 -88.33 -52.98
CA LEU J 397 -37.09 -88.35 -53.85
C LEU J 397 -35.76 -88.22 -53.11
N ASN J 398 -35.74 -87.51 -51.97
CA ASN J 398 -34.47 -87.22 -51.31
C ASN J 398 -34.08 -88.25 -50.27
N VAL J 399 -34.89 -88.44 -49.23
CA VAL J 399 -34.49 -89.29 -48.12
C VAL J 399 -34.41 -90.74 -48.59
N ASN J 400 -33.57 -91.53 -47.91
CA ASN J 400 -33.35 -92.91 -48.32
C ASN J 400 -34.62 -93.74 -48.25
N ALA J 401 -35.27 -93.73 -47.08
CA ALA J 401 -36.46 -94.54 -46.88
C ALA J 401 -37.31 -93.92 -45.78
N VAL J 402 -38.61 -94.17 -45.86
CA VAL J 402 -39.56 -93.66 -44.87
C VAL J 402 -40.16 -94.85 -44.14
N PRO J 403 -39.73 -95.15 -42.92
CA PRO J 403 -40.26 -96.33 -42.22
C PRO J 403 -41.72 -96.15 -41.86
N ALA J 404 -42.43 -97.29 -41.81
CA ALA J 404 -43.85 -97.30 -41.50
C ALA J 404 -44.01 -97.53 -40.00
N SER J 405 -43.62 -96.52 -39.23
CA SER J 405 -43.73 -96.55 -37.79
C SER J 405 -43.89 -95.13 -37.29
N SER J 406 -43.81 -94.95 -35.97
CA SER J 406 -44.03 -93.63 -35.38
C SER J 406 -43.10 -92.58 -35.97
N THR J 407 -41.84 -92.97 -36.24
CA THR J 407 -40.91 -92.05 -36.89
C THR J 407 -41.44 -91.58 -38.23
N GLY J 408 -42.17 -92.45 -38.94
CA GLY J 408 -42.75 -92.05 -40.21
C GLY J 408 -43.75 -90.93 -40.09
N GLU J 409 -44.71 -91.05 -39.16
CA GLU J 409 -45.68 -89.96 -38.98
C GLU J 409 -44.99 -88.69 -38.51
N ALA J 410 -44.04 -88.83 -37.58
CA ALA J 410 -43.35 -87.64 -37.09
C ALA J 410 -42.62 -86.93 -38.23
N MET J 411 -41.90 -87.68 -39.06
CA MET J 411 -41.14 -87.07 -40.15
C MET J 411 -42.05 -86.44 -41.18
N THR J 412 -43.14 -87.12 -41.54
CA THR J 412 -44.07 -86.55 -42.52
C THR J 412 -44.69 -85.27 -42.00
N LEU J 413 -45.11 -85.25 -40.73
CA LEU J 413 -45.69 -84.04 -40.17
C LEU J 413 -44.66 -82.91 -40.12
N ALA J 414 -43.42 -83.23 -39.75
CA ALA J 414 -42.38 -82.20 -39.71
C ALA J 414 -42.14 -81.61 -41.08
N VAL J 415 -42.18 -82.44 -42.12
CA VAL J 415 -41.96 -81.93 -43.47
C VAL J 415 -43.14 -81.08 -43.93
N LEU J 416 -44.37 -81.50 -43.61
CA LEU J 416 -45.52 -80.71 -44.02
C LEU J 416 -45.70 -79.43 -43.19
N GLN J 417 -45.01 -79.30 -42.07
CA GLN J 417 -45.21 -78.13 -41.21
C GLN J 417 -44.95 -76.79 -41.90
N PRO J 418 -43.84 -76.58 -42.62
CA PRO J 418 -43.60 -75.25 -43.22
C PRO J 418 -44.67 -74.80 -44.21
N VAL J 419 -45.24 -75.73 -44.98
CA VAL J 419 -46.30 -75.37 -45.93
C VAL J 419 -47.51 -74.83 -45.19
N LEU J 420 -47.93 -75.53 -44.13
CA LEU J 420 -49.06 -75.05 -43.35
C LEU J 420 -48.74 -73.76 -42.62
N ASP J 421 -47.47 -73.56 -42.24
CA ASP J 421 -47.08 -72.29 -41.64
C ASP J 421 -47.24 -71.14 -42.64
N LYS J 422 -46.82 -71.37 -43.87
CA LYS J 422 -46.95 -70.34 -44.91
C LYS J 422 -48.41 -70.10 -45.28
N ALA J 423 -49.24 -71.14 -45.18
CA ALA J 423 -50.65 -71.01 -45.53
C ALA J 423 -51.36 -70.02 -44.61
N THR J 424 -51.00 -70.01 -43.33
CA THR J 424 -51.62 -69.05 -42.41
C THR J 424 -51.25 -67.62 -42.78
N ALA J 425 -49.99 -67.39 -43.15
CA ALA J 425 -49.57 -66.03 -43.50
C ALA J 425 -50.18 -65.58 -44.82
N ASN J 426 -50.37 -66.51 -45.77
CA ASN J 426 -50.93 -66.15 -47.07
C ASN J 426 -52.33 -65.58 -46.92
N GLY J 427 -53.15 -66.17 -46.08
CA GLY J 427 -54.55 -65.81 -45.96
C GLY J 427 -55.51 -66.88 -46.38
N THR J 428 -55.02 -68.06 -46.79
CA THR J 428 -55.90 -69.16 -47.13
C THR J 428 -56.45 -69.86 -45.89
N PHE J 429 -55.80 -69.69 -44.74
CA PHE J 429 -56.31 -70.17 -43.46
C PHE J 429 -56.76 -68.95 -42.66
N THR J 430 -58.01 -68.96 -42.21
CA THR J 430 -58.55 -67.86 -41.41
C THR J 430 -58.81 -68.35 -40.00
N TYR J 431 -58.25 -67.67 -39.02
CA TYR J 431 -58.45 -67.98 -37.62
C TYR J 431 -59.41 -66.99 -36.98
N LYS J 433 -62.58 -67.18 -37.18
CA LYS J 433 -63.84 -67.18 -37.90
C LYS J 433 -64.88 -67.97 -37.12
N GLU J 434 -66.13 -67.51 -37.15
CA GLU J 434 -67.19 -68.20 -36.44
C GLU J 434 -67.50 -69.53 -37.11
N SER J 436 -70.32 -72.63 -37.33
CA SER J 436 -71.72 -72.91 -37.05
C SER J 436 -71.86 -74.22 -36.27
N ALA J 437 -73.02 -74.39 -35.64
CA ALA J 437 -73.28 -75.62 -34.90
C ALA J 437 -73.32 -76.82 -35.82
N VAL J 438 -73.91 -76.66 -37.00
CA VAL J 438 -73.96 -77.76 -37.97
C VAL J 438 -72.56 -78.15 -38.40
N GLN J 439 -71.70 -77.16 -38.67
CA GLN J 439 -70.32 -77.47 -39.03
C GLN J 439 -69.59 -78.12 -37.87
N GLN J 440 -69.88 -77.68 -36.64
CA GLN J 440 -69.27 -78.31 -35.47
C GLN J 440 -69.62 -79.80 -35.40
N GLN J 441 -70.91 -80.12 -35.58
CA GLN J 441 -71.32 -81.52 -35.53
C GLN J 441 -70.70 -82.31 -36.67
N TYR J 442 -70.61 -81.71 -37.86
CA TYR J 442 -69.99 -82.37 -38.99
C TYR J 442 -68.53 -82.70 -38.69
N ILE J 443 -67.81 -81.75 -38.09
CA ILE J 443 -66.40 -82.00 -37.77
C ILE J 443 -66.27 -83.08 -36.71
N THR J 444 -67.12 -83.04 -35.69
CA THR J 444 -67.03 -84.06 -34.64
C THR J 444 -67.41 -85.44 -35.17
N GLN J 445 -68.23 -85.49 -36.21
CA GLN J 445 -68.60 -86.79 -36.77
C GLN J 445 -67.54 -87.32 -37.72
N VAL J 446 -67.01 -86.45 -38.59
CA VAL J 446 -66.03 -86.89 -39.58
C VAL J 446 -64.75 -87.35 -38.91
N THR J 447 -64.27 -86.59 -37.92
CA THR J 447 -63.09 -86.98 -37.15
C THR J 447 -63.57 -87.58 -35.83
N GLY J 448 -63.08 -88.77 -35.52
CA GLY J 448 -63.44 -89.40 -34.26
C GLY J 448 -63.02 -88.54 -33.08
N ASP J 449 -61.96 -87.76 -33.25
CA ASP J 449 -61.47 -86.91 -32.18
C ASP J 449 -62.32 -85.65 -32.05
N ARG J 450 -63.01 -85.53 -30.92
CA ARG J 450 -63.69 -84.32 -30.53
C ARG J 450 -62.67 -83.29 -30.05
N ARG J 451 -63.09 -82.03 -29.97
CA ARG J 451 -62.28 -80.83 -29.73
C ARG J 451 -61.40 -80.50 -30.92
N ALA J 452 -61.61 -81.13 -32.08
CA ALA J 452 -60.93 -80.68 -33.28
C ALA J 452 -61.48 -79.35 -33.76
N TRP J 453 -62.78 -79.12 -33.57
CA TRP J 453 -63.39 -77.89 -34.04
C TRP J 453 -62.89 -76.68 -33.26
N ARG J 454 -62.67 -76.84 -31.95
CA ARG J 454 -62.06 -75.76 -31.19
C ARG J 454 -60.69 -75.41 -31.75
N GLN J 455 -59.92 -76.44 -32.14
CA GLN J 455 -58.60 -76.19 -32.71
C GLN J 455 -58.69 -75.50 -34.06
N VAL J 456 -59.63 -75.90 -34.91
CA VAL J 456 -59.69 -75.28 -36.24
C VAL J 456 -60.19 -73.85 -36.13
N THR J 458 -59.48 -71.86 -33.36
CA THR J 458 -58.46 -71.06 -32.68
C THR J 458 -57.21 -70.90 -33.55
N LEU J 459 -56.73 -71.99 -34.15
CA LEU J 459 -55.49 -71.98 -34.89
C LEU J 459 -55.68 -71.97 -36.40
N GLY J 460 -56.71 -72.63 -36.92
CA GLY J 460 -57.04 -72.56 -38.32
C GLY J 460 -56.95 -73.87 -39.08
N TYR J 461 -56.40 -74.93 -38.48
CA TYR J 461 -56.27 -76.18 -39.20
C TYR J 461 -56.16 -77.34 -38.24
N TRP J 462 -56.36 -78.54 -38.78
CA TRP J 462 -56.24 -79.80 -38.06
C TRP J 462 -55.74 -80.85 -39.04
N ILE J 463 -54.72 -81.59 -38.66
CA ILE J 463 -54.03 -82.53 -39.55
C ILE J 463 -53.92 -83.88 -38.86
N ASN J 464 -54.05 -84.96 -39.64
CA ASN J 464 -53.89 -86.31 -39.12
C ASN J 464 -53.11 -87.17 -40.11
N ILE J 465 -52.49 -88.23 -39.58
CA ILE J 465 -51.73 -89.19 -40.39
C ILE J 465 -52.13 -90.59 -39.95
N THR J 466 -52.20 -91.53 -40.90
CA THR J 466 -52.71 -92.86 -40.63
C THR J 466 -51.67 -93.96 -40.75
N PHE J 467 -51.01 -94.12 -41.91
CA PHE J 467 -50.02 -95.16 -42.15
C PHE J 467 -50.61 -96.56 -41.96
N SER J 468 -51.51 -96.92 -42.87
CA SER J 468 -52.05 -98.26 -42.93
C SER J 468 -51.35 -99.08 -44.01
N SER J 469 -51.68 -100.37 -44.06
CA SER J 469 -51.15 -101.28 -45.08
C SER J 469 -52.28 -101.87 -45.91
N TYR J 470 -51.90 -102.39 -47.08
CA TYR J 470 -52.86 -102.92 -48.03
C TYR J 470 -52.10 -103.72 -49.10
N THR J 471 -52.85 -104.39 -49.95
CA THR J 471 -52.30 -105.10 -51.10
C THR J 471 -52.84 -104.48 -52.37
N ASN J 472 -51.94 -104.14 -53.30
CA ASN J 472 -52.36 -103.57 -54.56
C ASN J 472 -52.87 -104.65 -55.50
N SER J 473 -53.68 -104.24 -56.46
CA SER J 473 -54.30 -105.20 -57.36
C SER J 473 -53.31 -105.68 -58.42
N ASN J 474 -52.37 -104.82 -58.81
CA ASN J 474 -51.49 -105.14 -59.93
C ASN J 474 -50.62 -106.34 -59.62
N THR J 475 -50.08 -106.41 -58.41
CA THR J 475 -49.28 -107.54 -57.96
C THR J 475 -49.84 -108.04 -56.64
N GLY J 476 -49.69 -109.34 -56.38
CA GLY J 476 -50.20 -109.88 -55.15
C GLY J 476 -49.51 -109.35 -53.91
N LEU J 477 -48.37 -108.68 -54.08
CA LEU J 477 -47.58 -108.24 -52.94
C LEU J 477 -48.30 -107.19 -52.12
N THR J 478 -47.99 -107.15 -50.83
CA THR J 478 -48.53 -106.12 -49.95
C THR J 478 -47.65 -104.88 -50.02
N GLU J 479 -48.24 -103.75 -50.39
CA GLU J 479 -47.48 -102.52 -50.49
C GLU J 479 -48.05 -101.50 -49.52
N TRP J 480 -45.69 -99.43 -47.45
CA TRP J 480 -47.11 -99.36 -47.15
C TRP J 480 -47.77 -98.20 -47.87
N LYS J 481 -48.74 -97.57 -47.21
CA LYS J 481 -49.35 -96.36 -47.70
C LYS J 481 -49.66 -95.44 -46.52
N ALA J 482 -49.79 -94.15 -46.81
CA ALA J 482 -50.11 -93.16 -45.81
C ALA J 482 -51.40 -92.46 -46.18
N ASN J 483 -52.27 -92.29 -45.20
CA ASN J 483 -53.52 -91.57 -45.37
C ASN J 483 -53.52 -90.38 -44.42
N TYR J 484 -53.82 -89.20 -44.94
CA TYR J 484 -53.83 -87.99 -44.14
C TYR J 484 -55.15 -87.26 -44.37
N THR J 485 -55.63 -86.58 -43.32
CA THR J 485 -56.82 -85.77 -43.42
C THR J 485 -56.51 -84.39 -42.88
N LEU J 486 -56.90 -83.37 -43.65
CA LEU J 486 -56.66 -81.97 -43.31
C LEU J 486 -57.98 -81.22 -43.32
N ILE J 487 -58.23 -80.45 -42.26
CA ILE J 487 -59.41 -79.60 -42.18
C ILE J 487 -58.93 -78.19 -41.87
N TYR J 488 -59.48 -77.22 -42.60
CA TYR J 488 -59.11 -75.82 -42.36
C TYR J 488 -60.28 -74.93 -42.70
N SER J 489 -60.27 -73.74 -42.09
CA SER J 489 -61.30 -72.75 -42.34
C SER J 489 -60.98 -71.97 -43.60
N LYS J 490 -61.90 -71.99 -44.56
CA LYS J 490 -61.68 -71.33 -45.84
C LYS J 490 -61.66 -69.82 -45.66
N GLY J 491 -61.07 -69.14 -46.64
CA GLY J 491 -60.96 -67.70 -46.60
C GLY J 491 -62.04 -67.01 -47.40
N ASP J 492 -63.05 -66.46 -46.71
CA ASP J 492 -64.17 -65.78 -47.34
C ASP J 492 -64.11 -64.30 -47.02
N ALA J 493 -64.46 -63.48 -48.02
CA ALA J 493 -64.39 -62.03 -47.91
C ALA J 493 -65.79 -61.46 -47.79
N ILE J 494 -65.91 -60.36 -47.04
CA ILE J 494 -67.18 -59.67 -46.91
C ILE J 494 -67.56 -59.04 -48.24
N ARG J 495 -68.85 -59.08 -48.57
CA ARG J 495 -69.35 -58.54 -49.82
C ARG J 495 -70.51 -57.56 -49.66
N PHE J 496 -71.10 -57.46 -48.47
CA PHE J 496 -72.26 -56.61 -48.26
C PHE J 496 -72.14 -55.93 -46.90
N VAL J 497 -72.56 -54.67 -46.83
CA VAL J 497 -72.49 -53.88 -45.60
C VAL J 497 -73.87 -53.30 -45.33
N GLU J 498 -74.37 -53.48 -44.11
CA GLU J 498 -75.64 -52.95 -43.68
C GLU J 498 -75.50 -52.37 -42.29
N GLY J 499 -76.22 -51.28 -42.02
CA GLY J 499 -76.16 -50.66 -40.71
C GLY J 499 -77.29 -49.69 -40.49
N SER J 500 -77.40 -49.20 -39.26
CA SER J 500 -78.37 -48.20 -38.90
C SER J 500 -77.71 -47.14 -38.02
N ASP J 501 -77.97 -45.88 -38.31
CA ASP J 501 -77.43 -44.75 -37.57
C ASP J 501 -78.55 -44.13 -36.74
N VAL J 502 -78.58 -44.45 -35.46
CA VAL J 502 -79.60 -43.93 -34.55
C VAL J 502 -79.09 -42.64 -33.94
N MET J 503 -79.86 -41.57 -34.10
CA MET J 503 -79.50 -40.27 -33.57
C MET J 503 -80.28 -39.95 -32.31
N ILE J 504 -79.56 -39.44 -31.30
CA ILE J 504 -80.15 -39.05 -30.02
C ILE J 504 -80.74 -40.26 -29.31
N MET K 1 -46.50 -89.10 -70.20
CA MET K 1 -45.91 -89.68 -69.00
C MET K 1 -46.98 -90.35 -68.15
N ILE K 2 -46.55 -91.23 -67.25
CA ILE K 2 -47.44 -91.76 -66.23
C ILE K 2 -47.96 -90.61 -65.36
N SER K 3 -49.26 -90.61 -65.10
CA SER K 3 -49.87 -89.56 -64.30
C SER K 3 -49.35 -89.61 -62.86
N GLN K 4 -49.30 -88.45 -62.22
CA GLN K 4 -48.79 -88.38 -60.86
C GLN K 4 -49.70 -89.07 -59.86
N SER K 5 -50.94 -89.35 -60.21
CA SER K 5 -51.88 -89.95 -59.26
C SER K 5 -51.48 -91.36 -58.89
N ARG K 6 -50.55 -91.97 -59.61
CA ARG K 6 -50.08 -93.31 -59.25
C ARG K 6 -49.33 -93.29 -57.92
N TYR K 7 -48.80 -92.14 -57.54
CA TYR K 7 -47.95 -92.02 -56.35
C TYR K 7 -48.54 -91.12 -55.28
N ILE K 8 -49.10 -89.98 -55.64
CA ILE K 8 -49.71 -89.05 -54.70
C ILE K 8 -51.08 -88.68 -55.21
N ARG K 9 -52.11 -88.86 -54.37
CA ARG K 9 -53.47 -88.53 -54.73
C ARG K 9 -54.10 -87.68 -53.64
N ILE K 10 -54.60 -86.50 -54.02
CA ILE K 10 -55.23 -85.58 -53.09
C ILE K 10 -56.60 -85.20 -53.63
N ILE K 11 -57.61 -85.27 -52.77
CA ILE K 11 -58.98 -84.93 -53.14
C ILE K 11 -59.41 -83.71 -52.35
N SER K 12 -59.91 -82.69 -53.04
CA SER K 12 -60.32 -81.44 -52.43
C SER K 12 -61.83 -81.31 -52.49
N GLY K 13 -62.41 -80.75 -51.44
CA GLY K 13 -63.84 -80.55 -51.38
C GLY K 13 -64.20 -79.56 -50.30
N VAL K 14 -65.49 -79.25 -50.23
CA VAL K 14 -66.02 -78.33 -49.24
C VAL K 14 -67.00 -79.09 -48.35
N GLY K 15 -66.77 -79.05 -47.04
CA GLY K 15 -67.63 -79.73 -46.11
C GLY K 15 -68.76 -78.85 -45.60
N ALA K 16 -69.90 -79.50 -45.34
CA ALA K 16 -71.10 -78.82 -44.86
C ALA K 16 -71.46 -77.65 -45.76
N GLY K 17 -71.43 -77.89 -47.07
CA GLY K 17 -71.60 -76.85 -48.07
C GLY K 17 -73.06 -76.56 -48.41
N ALA K 18 -73.98 -77.42 -48.01
CA ALA K 18 -75.37 -77.28 -48.40
C ALA K 18 -76.00 -76.02 -47.85
N PRO K 19 -76.31 -75.07 -48.74
CA PRO K 19 -76.90 -73.81 -48.28
C PRO K 19 -78.42 -73.87 -48.22
N VAL K 20 -78.99 -73.50 -47.09
CA VAL K 20 -80.43 -73.40 -46.92
C VAL K 20 -80.78 -71.95 -46.64
N ALA K 21 -81.70 -71.41 -47.43
CA ALA K 21 -82.01 -69.98 -47.38
C ALA K 21 -82.69 -69.64 -46.06
N GLY K 22 -82.81 -68.34 -45.82
CA GLY K 22 -83.50 -67.85 -44.64
C GLY K 22 -84.80 -67.17 -45.00
N ARG K 23 -85.87 -67.48 -44.28
CA ARG K 23 -87.18 -66.96 -44.63
C ARG K 23 -87.25 -65.45 -44.36
N LYS K 24 -87.81 -64.72 -45.31
CA LYS K 24 -88.05 -63.29 -45.17
C LYS K 24 -89.52 -63.05 -44.88
N LEU K 25 -89.82 -61.88 -44.29
CA LEU K 25 -91.17 -61.53 -43.89
C LEU K 25 -91.71 -60.35 -44.70
N LEU K 27 -93.68 -58.06 -47.68
CA LEU K 27 -95.06 -58.00 -48.14
C LEU K 27 -95.19 -58.47 -49.58
N ARG K 28 -96.34 -59.04 -49.91
CA ARG K 28 -96.66 -59.42 -51.28
C ARG K 28 -98.01 -58.86 -51.66
N VAL K 29 -98.10 -58.28 -52.86
CA VAL K 29 -99.32 -57.66 -53.36
C VAL K 29 -99.79 -58.44 -54.57
N MET K 30 -101.09 -58.74 -54.60
CA MET K 30 -101.70 -59.49 -55.70
C MET K 30 -102.55 -58.52 -56.52
N THR K 31 -101.97 -57.96 -57.57
CA THR K 31 -102.64 -56.98 -58.40
C THR K 31 -103.33 -57.68 -59.58
N THR K 32 -104.00 -56.90 -60.43
CA THR K 32 -104.72 -57.43 -61.58
C THR K 32 -104.23 -56.87 -62.90
N ASN K 33 -103.31 -55.90 -62.90
CA ASN K 33 -102.89 -55.28 -64.14
C ASN K 33 -102.18 -56.28 -65.04
N ASN K 34 -102.28 -56.06 -66.35
CA ASN K 34 -101.87 -57.09 -67.30
C ASN K 34 -100.37 -57.09 -67.58
N VAL K 35 -99.62 -56.20 -66.94
CA VAL K 35 -98.18 -56.14 -67.14
C VAL K 35 -97.53 -57.43 -66.66
N ILE K 36 -97.99 -57.95 -65.52
CA ILE K 36 -97.37 -59.09 -64.85
C ILE K 36 -97.95 -60.36 -65.45
N PRO K 37 -97.12 -61.27 -65.95
CA PRO K 37 -97.62 -62.58 -66.41
C PRO K 37 -98.16 -63.38 -65.25
N PRO K 38 -99.15 -64.25 -65.49
CA PRO K 38 -99.76 -65.00 -64.39
C PRO K 38 -98.80 -65.88 -63.60
N GLY K 39 -97.79 -66.46 -64.24
CA GLY K 39 -97.02 -67.50 -63.60
C GLY K 39 -95.73 -67.12 -62.93
N ILE K 40 -95.50 -65.83 -62.67
CA ILE K 40 -94.26 -65.39 -62.04
C ILE K 40 -94.59 -64.51 -60.85
N VAL K 41 -93.59 -64.37 -59.97
CA VAL K 41 -93.61 -63.40 -58.90
C VAL K 41 -92.37 -62.52 -59.07
N ILE K 42 -92.57 -61.21 -58.99
CA ILE K 42 -91.50 -60.25 -59.27
C ILE K 42 -91.14 -59.53 -57.97
N ASP K 45 -86.38 -54.26 -54.79
CA ASP K 45 -85.64 -53.91 -53.58
C ASP K 45 -85.82 -52.45 -53.22
N ALA K 47 -87.82 -48.42 -54.12
CA ALA K 47 -88.99 -47.74 -54.66
C ALA K 47 -88.75 -47.26 -56.09
N ASN K 48 -87.54 -46.82 -56.40
CA ASN K 48 -87.24 -46.36 -57.75
C ASN K 48 -87.34 -47.49 -58.76
N ALA K 49 -87.02 -48.72 -58.36
CA ALA K 49 -87.19 -49.84 -59.26
C ALA K 49 -88.66 -50.05 -59.60
N VAL K 50 -89.54 -49.93 -58.60
CA VAL K 50 -90.97 -50.03 -58.85
C VAL K 50 -91.43 -48.91 -59.76
N LEU K 51 -90.93 -47.70 -59.53
CA LEU K 51 -91.28 -46.57 -60.37
C LEU K 51 -90.87 -46.81 -61.82
N SER K 52 -89.67 -47.34 -62.03
CA SER K 52 -89.19 -47.59 -63.38
C SER K 52 -90.00 -48.69 -64.06
N TYR K 53 -90.29 -49.78 -63.34
CA TYR K 53 -90.93 -50.92 -63.98
C TYR K 53 -92.41 -50.68 -64.23
N PHE K 54 -93.10 -50.01 -63.31
CA PHE K 54 -94.55 -49.89 -63.41
C PHE K 54 -95.03 -48.53 -63.91
N GLY K 55 -94.22 -47.49 -63.78
CA GLY K 55 -94.65 -46.15 -64.15
C GLY K 55 -95.17 -45.37 -62.96
N ALA K 56 -95.21 -44.04 -63.13
CA ALA K 56 -95.58 -43.17 -62.02
C ALA K 56 -97.06 -43.22 -61.71
N GLN K 57 -97.90 -43.50 -62.72
CA GLN K 57 -99.34 -43.46 -62.51
C GLN K 57 -99.88 -44.66 -61.76
N SER K 58 -99.20 -45.81 -61.82
CA SER K 58 -99.76 -47.06 -61.32
C SER K 58 -99.93 -47.03 -59.81
N GLU K 59 -100.92 -47.79 -59.33
CA GLU K 59 -101.12 -47.95 -57.90
C GLU K 59 -99.98 -48.69 -57.24
N GLU K 60 -99.24 -49.51 -57.99
CA GLU K 60 -98.11 -50.23 -57.42
C GLU K 60 -97.04 -49.26 -56.91
N TYR K 61 -96.72 -48.24 -57.70
CA TYR K 61 -95.78 -47.23 -57.22
C TYR K 61 -96.35 -46.46 -56.04
N GLN K 62 -97.65 -46.17 -56.07
CA GLN K 62 -98.29 -45.48 -54.96
C GLN K 62 -98.12 -46.27 -53.66
N ARG K 63 -98.32 -47.58 -53.72
CA ARG K 63 -98.17 -48.42 -52.53
C ARG K 63 -96.72 -48.53 -52.11
N ALA K 64 -95.80 -48.70 -53.07
CA ALA K 64 -94.41 -48.90 -52.72
C ALA K 64 -93.81 -47.64 -52.09
N ALA K 65 -94.24 -46.47 -52.54
CA ALA K 65 -93.70 -45.22 -51.99
C ALA K 65 -93.99 -45.11 -50.50
N ALA K 66 -95.22 -45.41 -50.10
CA ALA K 66 -95.56 -45.34 -48.68
C ALA K 66 -95.01 -46.54 -47.92
N TYR K 67 -94.84 -47.67 -48.61
CA TYR K 67 -94.33 -48.86 -47.95
C TYR K 67 -92.86 -48.72 -47.60
N PHE K 68 -92.09 -48.04 -48.45
CA PHE K 68 -90.64 -48.00 -48.28
C PHE K 68 -90.16 -46.91 -47.34
N LYS K 69 -91.05 -46.05 -46.85
CA LYS K 69 -90.69 -45.08 -45.81
C LYS K 69 -91.19 -45.63 -44.47
N PHE K 70 -90.27 -45.98 -43.59
CA PHE K 70 -90.61 -46.58 -42.32
C PHE K 70 -89.35 -46.66 -41.47
N ILE K 71 -89.52 -46.43 -40.17
CA ILE K 71 -88.40 -46.44 -39.23
C ILE K 71 -88.49 -47.56 -38.20
N SER K 72 -89.68 -47.98 -37.79
CA SER K 72 -89.95 -49.11 -36.91
C SER K 72 -89.43 -48.89 -35.49
N LYS K 73 -89.09 -47.66 -35.10
CA LYS K 73 -88.63 -47.26 -33.77
C LYS K 73 -87.26 -47.86 -33.43
N SER K 74 -86.69 -48.69 -34.29
CA SER K 74 -85.32 -49.18 -34.12
C SER K 74 -84.54 -48.96 -35.41
N VAL K 75 -84.86 -47.87 -36.12
CA VAL K 75 -84.25 -47.43 -37.38
C VAL K 75 -83.95 -48.60 -38.31
N SER K 77 -85.82 -50.72 -41.91
CA SER K 77 -86.71 -50.53 -43.03
C SER K 77 -86.97 -51.85 -43.73
N PRO K 78 -88.10 -51.97 -44.45
CA PRO K 78 -88.46 -53.27 -45.03
C PRO K 78 -87.48 -53.80 -46.06
N SER K 79 -87.08 -52.99 -47.03
CA SER K 79 -86.01 -53.28 -47.98
C SER K 79 -86.38 -54.31 -49.05
N SER K 80 -87.65 -54.69 -49.17
CA SER K 80 -88.06 -55.55 -50.28
C SER K 80 -89.58 -55.53 -50.40
N ILE K 81 -90.07 -55.89 -51.58
CA ILE K 81 -91.49 -56.04 -51.84
C ILE K 81 -91.67 -56.99 -53.01
N SER K 82 -92.85 -57.59 -53.11
CA SER K 82 -93.15 -58.57 -54.15
C SER K 82 -94.49 -58.28 -54.79
N PHE K 83 -94.63 -58.66 -56.06
CA PHE K 83 -95.88 -58.57 -56.79
C PHE K 83 -96.17 -59.89 -57.49
N ALA K 84 -97.44 -60.28 -57.49
CA ALA K 84 -97.92 -61.46 -58.21
C ALA K 84 -99.16 -61.08 -59.00
N ARG K 85 -99.64 -62.00 -59.82
CA ARG K 85 -100.71 -61.72 -60.77
C ARG K 85 -101.96 -62.51 -60.41
N TRP K 86 -103.10 -61.84 -60.39
CA TRP K 86 -104.40 -62.47 -60.20
C TRP K 86 -105.16 -62.38 -61.51
N VAL K 87 -105.61 -63.53 -62.01
CA VAL K 87 -106.29 -63.60 -63.31
C VAL K 87 -107.75 -63.28 -63.05
N ASN K 88 -108.08 -61.99 -63.16
CA ASN K 88 -109.43 -61.54 -62.84
C ASN K 88 -110.46 -62.07 -63.83
N THR K 89 -110.15 -62.02 -65.12
CA THR K 89 -111.07 -62.44 -66.18
C THR K 89 -110.36 -63.39 -67.14
N ALA K 90 -111.11 -63.88 -68.11
CA ALA K 90 -110.56 -64.83 -69.08
C ALA K 90 -109.44 -64.19 -69.89
N ILE K 91 -108.42 -64.98 -70.20
CA ILE K 91 -107.21 -64.47 -70.82
C ILE K 91 -106.85 -65.33 -72.03
N ALA K 92 -106.28 -64.68 -73.04
CA ALA K 92 -105.77 -65.37 -74.22
C ALA K 92 -104.32 -65.78 -74.02
N PRO K 93 -103.82 -66.75 -74.79
CA PRO K 93 -102.41 -67.13 -74.67
C PRO K 93 -101.48 -65.97 -75.01
N MET K 94 -100.36 -65.89 -74.28
CA MET K 94 -99.39 -64.82 -74.46
C MET K 94 -97.98 -65.37 -74.45
N VAL K 95 -97.05 -64.60 -75.02
CA VAL K 95 -95.63 -64.92 -75.01
C VAL K 95 -94.87 -63.67 -74.58
N VAL K 96 -94.33 -63.69 -73.36
CA VAL K 96 -93.60 -62.55 -72.83
C VAL K 96 -92.44 -63.00 -71.95
N ASP K 98 -89.20 -60.77 -72.14
CA ASP K 98 -88.21 -59.93 -72.81
C ASP K 98 -87.65 -58.93 -71.80
N ASN K 99 -86.68 -59.37 -71.00
CA ASN K 99 -86.11 -58.51 -69.98
C ASN K 99 -84.83 -57.82 -70.41
N LEU K 100 -84.15 -58.31 -71.43
CA LEU K 100 -82.88 -57.73 -71.85
C LEU K 100 -83.10 -56.37 -72.50
N PRO K 101 -82.22 -55.40 -72.29
CA PRO K 101 -82.35 -54.11 -72.99
C PRO K 101 -82.17 -54.29 -74.49
N LYS K 102 -83.19 -53.90 -75.24
CA LYS K 102 -83.18 -54.03 -76.69
C LYS K 102 -83.81 -52.79 -77.30
N THR K 103 -84.16 -52.88 -78.58
CA THR K 103 -84.83 -51.80 -79.29
C THR K 103 -84.01 -50.53 -79.29
N ILE K 104 -82.77 -50.65 -79.77
CA ILE K 104 -81.89 -49.52 -79.98
C ILE K 104 -82.06 -49.05 -81.42
N ALA K 105 -83.18 -49.45 -82.03
CA ALA K 105 -83.50 -49.14 -83.43
C ALA K 105 -82.47 -49.75 -84.38
N ASP K 106 -82.05 -50.98 -84.10
CA ASP K 106 -81.05 -51.68 -84.89
C ASP K 106 -81.57 -53.06 -85.28
N PHE K 107 -82.80 -53.07 -85.80
CA PHE K 107 -83.35 -54.22 -86.52
C PHE K 107 -82.94 -54.20 -87.99
N ALA K 108 -82.11 -53.24 -88.38
CA ALA K 108 -81.65 -53.18 -89.75
C ALA K 108 -80.82 -54.42 -90.09
N GLY K 109 -80.92 -54.83 -91.35
CA GLY K 109 -80.31 -56.08 -91.76
C GLY K 109 -81.30 -57.22 -91.73
N PHE K 110 -82.44 -57.01 -91.06
CA PHE K 110 -83.57 -57.92 -91.12
C PHE K 110 -84.55 -57.51 -92.21
N SER K 111 -84.11 -56.70 -93.17
CA SER K 111 -84.91 -56.45 -94.35
C SER K 111 -84.83 -57.59 -95.34
N ALA K 112 -84.00 -58.59 -95.06
CA ALA K 112 -83.81 -59.72 -95.97
C ALA K 112 -84.70 -60.86 -95.52
N GLY K 113 -85.99 -60.82 -95.92
CA GLY K 113 -86.90 -61.94 -95.80
C GLY K 113 -86.86 -62.70 -94.50
N VAL K 114 -87.32 -62.08 -93.41
CA VAL K 114 -87.26 -62.71 -92.10
C VAL K 114 -88.24 -63.87 -92.02
N LEU K 115 -87.80 -64.96 -91.40
CA LEU K 115 -88.64 -66.11 -91.11
C LEU K 115 -88.72 -66.28 -89.59
N THR K 116 -89.92 -66.48 -89.08
CA THR K 116 -90.13 -66.88 -87.70
C THR K 116 -91.17 -67.98 -87.66
N ILE K 117 -91.03 -68.90 -86.72
CA ILE K 117 -91.87 -70.08 -86.62
C ILE K 117 -92.62 -70.04 -85.29
N MET K 118 -93.93 -70.23 -85.34
CA MET K 118 -94.71 -70.31 -84.11
C MET K 118 -95.69 -71.46 -84.20
N VAL K 119 -96.00 -72.06 -83.05
CA VAL K 119 -96.81 -73.28 -83.00
C VAL K 119 -97.96 -73.07 -82.02
N GLY K 120 -99.17 -73.42 -82.45
CA GLY K 120 -100.25 -73.66 -81.52
C GLY K 120 -100.19 -75.10 -81.09
N ALA K 121 -100.32 -76.00 -82.07
CA ALA K 121 -99.93 -77.40 -81.92
C ALA K 121 -99.12 -77.91 -83.11
N ALA K 122 -99.17 -77.22 -84.25
CA ALA K 122 -98.37 -77.53 -85.41
C ALA K 122 -97.70 -76.26 -85.91
N GLU K 123 -96.68 -76.43 -86.74
CA GLU K 123 -95.86 -75.31 -87.17
C GLU K 123 -96.65 -74.29 -88.00
N GLN K 124 -96.28 -73.03 -87.87
CA GLN K 124 -96.76 -71.94 -88.72
C GLN K 124 -95.54 -71.08 -89.01
N ASN K 125 -95.14 -71.04 -90.29
CA ASN K 125 -94.05 -70.20 -90.71
C ASN K 125 -94.59 -68.88 -91.26
N ILE K 126 -93.88 -67.80 -90.96
CA ILE K 126 -94.33 -66.47 -91.33
C ILE K 126 -93.50 -65.97 -92.50
N THR K 127 -94.16 -65.24 -93.40
CA THR K 127 -93.55 -64.82 -94.65
C THR K 127 -92.45 -63.78 -94.38
N ALA K 128 -91.89 -63.27 -95.48
CA ALA K 128 -90.79 -62.32 -95.38
C ALA K 128 -91.25 -61.05 -94.66
N ILE K 129 -90.47 -60.64 -93.66
CA ILE K 129 -90.74 -59.45 -92.87
C ILE K 129 -89.54 -58.52 -93.03
N ASP K 130 -89.76 -57.34 -93.58
CA ASP K 130 -88.69 -56.38 -93.84
C ASP K 130 -88.88 -55.19 -92.91
N THR K 131 -87.86 -54.90 -92.10
CA THR K 131 -87.88 -53.77 -91.17
C THR K 131 -86.67 -52.87 -91.33
N SER K 132 -86.20 -52.66 -92.57
CA SER K 132 -85.10 -51.74 -92.79
C SER K 132 -85.49 -50.31 -92.48
N ALA K 133 -86.71 -49.90 -92.86
CA ALA K 133 -87.16 -48.53 -92.60
C ALA K 133 -87.21 -48.26 -91.10
N ALA K 134 -88.10 -48.95 -90.39
CA ALA K 134 -88.11 -48.98 -88.93
C ALA K 134 -88.00 -47.58 -88.33
N THR K 135 -89.03 -46.78 -88.57
CA THR K 135 -89.09 -45.44 -87.99
C THR K 135 -89.01 -45.51 -86.47
N SER K 136 -89.71 -46.46 -85.87
CA SER K 136 -89.66 -46.69 -84.44
C SER K 136 -90.04 -48.14 -84.18
N MET K 137 -89.83 -48.57 -82.93
CA MET K 137 -90.19 -49.93 -82.56
C MET K 137 -91.68 -50.14 -82.58
N ASP K 138 -92.45 -49.06 -82.43
CA ASP K 138 -93.89 -49.17 -82.64
C ASP K 138 -94.19 -49.60 -84.06
N ASN K 139 -93.46 -49.04 -85.03
CA ASN K 139 -93.60 -49.48 -86.41
C ASN K 139 -93.17 -50.94 -86.56
N VAL K 140 -92.11 -51.35 -85.86
CA VAL K 140 -91.68 -52.74 -85.95
C VAL K 140 -92.76 -53.69 -85.47
N ALA K 141 -93.38 -53.37 -84.33
CA ALA K 141 -94.46 -54.19 -83.81
C ALA K 141 -95.65 -54.21 -84.77
N SER K 142 -96.00 -53.06 -85.34
CA SER K 142 -97.09 -53.03 -86.30
C SER K 142 -96.78 -53.90 -87.52
N ILE K 143 -95.56 -53.84 -88.03
CA ILE K 143 -95.21 -54.60 -89.22
C ILE K 143 -95.19 -56.09 -88.92
N ILE K 144 -94.72 -56.48 -87.73
CA ILE K 144 -94.79 -57.89 -87.35
C ILE K 144 -96.24 -58.35 -87.28
N GLN K 145 -97.10 -57.51 -86.69
CA GLN K 145 -98.51 -57.84 -86.57
C GLN K 145 -99.16 -58.02 -87.94
N THR K 146 -98.81 -57.15 -88.90
CA THR K 146 -99.39 -57.25 -90.23
C THR K 146 -99.04 -58.58 -90.89
N GLU K 147 -97.77 -59.01 -90.77
CA GLU K 147 -97.38 -60.27 -91.37
C GLU K 147 -97.97 -61.46 -90.65
N ILE K 148 -98.14 -61.38 -89.33
CA ILE K 148 -98.73 -62.49 -88.60
C ILE K 148 -100.21 -62.63 -88.93
N ARG K 149 -100.92 -61.51 -89.07
CA ARG K 149 -102.36 -61.56 -89.30
C ARG K 149 -102.71 -62.18 -90.65
N LYS K 150 -101.75 -62.35 -91.54
CA LYS K 150 -102.04 -62.94 -92.84
C LYS K 150 -102.29 -64.45 -92.73
N ASN K 151 -101.87 -65.07 -91.64
CA ASN K 151 -102.05 -66.51 -91.47
C ASN K 151 -103.51 -66.85 -91.21
N ALA K 152 -103.89 -68.07 -91.60
CA ALA K 152 -105.28 -68.51 -91.55
C ALA K 152 -105.64 -69.26 -90.27
N ASP K 153 -104.71 -69.44 -89.35
CA ASP K 153 -105.03 -70.09 -88.09
C ASP K 153 -105.89 -69.16 -87.23
N PRO K 154 -106.95 -69.68 -86.59
CA PRO K 154 -107.84 -68.79 -85.83
C PRO K 154 -107.15 -67.96 -84.76
N GLN K 155 -106.16 -68.52 -84.06
CA GLN K 155 -105.42 -67.72 -83.08
C GLN K 155 -104.68 -66.58 -83.75
N LEU K 156 -104.05 -66.84 -84.90
CA LEU K 156 -103.21 -65.87 -85.58
C LEU K 156 -104.00 -64.98 -86.54
N ALA K 157 -105.30 -65.22 -86.71
CA ALA K 157 -106.08 -64.39 -87.61
C ALA K 157 -106.19 -62.96 -87.11
N GLN K 158 -106.39 -62.78 -85.80
CA GLN K 158 -106.53 -61.46 -85.21
C GLN K 158 -105.54 -61.25 -84.07
N ALA K 159 -104.37 -61.89 -84.15
CA ALA K 159 -103.37 -61.77 -83.11
C ALA K 159 -102.82 -60.34 -83.06
N THR K 160 -102.37 -59.95 -81.87
CA THR K 160 -101.84 -58.61 -81.65
C THR K 160 -100.40 -58.71 -81.16
N VAL K 161 -99.59 -57.76 -81.61
CA VAL K 161 -98.21 -57.61 -81.15
C VAL K 161 -98.07 -56.22 -80.56
N THR K 162 -97.54 -56.13 -79.34
CA THR K 162 -97.41 -54.86 -78.65
C THR K 162 -95.97 -54.72 -78.16
N TRP K 163 -95.57 -53.47 -77.92
CA TRP K 163 -94.24 -53.15 -77.43
C TRP K 163 -94.35 -52.19 -76.26
N ASN K 164 -93.53 -52.43 -75.24
CA ASN K 164 -93.57 -51.67 -73.99
C ASN K 164 -92.27 -50.90 -73.83
N GLN K 165 -92.37 -49.64 -73.41
CA GLN K 165 -91.19 -48.79 -73.32
C GLN K 165 -90.57 -48.81 -71.92
N ASN K 166 -91.40 -48.83 -70.88
CA ASN K 166 -90.88 -48.78 -69.51
C ASN K 166 -89.94 -49.95 -69.25
N THR K 167 -90.42 -51.16 -69.48
CA THR K 167 -89.56 -52.32 -69.62
C THR K 167 -89.23 -52.47 -71.11
N ASN K 168 -88.71 -53.62 -71.49
CA ASN K 168 -88.25 -53.83 -72.86
C ASN K 168 -88.85 -55.09 -73.45
N GLN K 169 -90.17 -55.23 -73.34
CA GLN K 169 -90.85 -56.48 -73.65
C GLN K 169 -91.71 -56.37 -74.91
N PHE K 170 -91.59 -57.36 -75.78
CA PHE K 170 -92.51 -57.59 -76.88
C PHE K 170 -93.51 -58.66 -76.45
N THR K 171 -94.79 -58.42 -76.69
CA THR K 171 -95.84 -59.34 -76.25
C THR K 171 -96.77 -59.66 -77.41
N LEU K 172 -97.08 -60.95 -77.55
CA LEU K 172 -97.95 -61.45 -78.60
C LEU K 172 -99.18 -62.09 -77.97
N VAL K 173 -100.37 -61.68 -78.41
CA VAL K 173 -101.63 -62.14 -77.84
C VAL K 173 -102.45 -62.78 -78.95
N GLY K 174 -102.93 -64.00 -78.69
CA GLY K 174 -103.76 -64.69 -79.65
C GLY K 174 -105.19 -64.18 -79.66
N ALA K 175 -105.90 -64.50 -80.73
CA ALA K 175 -107.23 -63.95 -80.96
C ALA K 175 -108.29 -64.56 -80.03
N THR K 176 -108.30 -65.87 -79.88
CA THR K 176 -109.34 -66.55 -79.13
C THR K 176 -109.09 -66.43 -77.63
N ILE K 177 -110.17 -66.43 -76.86
CA ILE K 177 -110.12 -66.23 -75.42
C ILE K 177 -110.66 -67.48 -74.74
N GLY K 178 -109.85 -68.10 -73.88
CA GLY K 178 -110.32 -69.18 -73.05
C GLY K 178 -109.46 -70.43 -73.10
N THR K 179 -108.96 -70.78 -74.28
CA THR K 179 -108.19 -72.00 -74.44
C THR K 179 -107.24 -71.84 -75.61
N GLY K 180 -106.05 -72.41 -75.47
CA GLY K 180 -105.04 -72.37 -76.50
C GLY K 180 -103.65 -72.40 -75.88
N VAL K 181 -102.68 -72.91 -76.64
CA VAL K 181 -101.30 -72.96 -76.22
C VAL K 181 -100.44 -72.48 -77.39
N LEU K 182 -99.59 -71.49 -77.13
CA LEU K 182 -98.74 -70.91 -78.17
C LEU K 182 -97.28 -71.01 -77.75
N ALA K 183 -96.39 -71.14 -78.73
CA ALA K 183 -94.96 -71.15 -78.47
C ALA K 183 -94.22 -70.72 -79.73
N VAL K 184 -92.95 -70.37 -79.55
CA VAL K 184 -92.07 -69.97 -80.64
C VAL K 184 -90.83 -70.85 -80.62
N ALA K 185 -90.35 -71.24 -81.80
CA ALA K 185 -89.26 -72.18 -81.93
C ALA K 185 -88.04 -71.49 -82.54
N LYS K 186 -86.86 -71.94 -82.11
CA LYS K 186 -85.59 -71.44 -82.64
C LYS K 186 -85.27 -72.18 -83.93
N SER K 187 -85.30 -71.48 -85.05
CA SER K 187 -84.97 -72.08 -86.34
C SER K 187 -83.51 -71.86 -86.68
N ALA K 188 -83.06 -72.52 -87.76
CA ALA K 188 -81.66 -72.47 -88.18
C ALA K 188 -81.40 -71.50 -89.31
N ASP K 189 -82.41 -70.78 -89.79
CA ASP K 189 -82.21 -69.84 -90.88
C ASP K 189 -81.37 -68.66 -90.42
N PRO K 190 -80.63 -68.02 -91.32
CA PRO K 190 -79.87 -66.81 -90.91
C PRO K 190 -80.76 -65.65 -90.53
N GLN K 191 -81.83 -65.43 -91.27
CA GLN K 191 -82.71 -64.28 -91.05
C GLN K 191 -83.89 -64.67 -90.18
N ASP K 192 -83.56 -65.03 -88.95
CA ASP K 192 -84.55 -65.42 -87.95
C ASP K 192 -84.46 -64.45 -86.78
N MET K 193 -85.58 -63.80 -86.47
CA MET K 193 -85.60 -62.71 -85.50
C MET K 193 -86.15 -63.13 -84.14
N SER K 194 -85.95 -64.39 -83.74
CA SER K 194 -86.30 -64.80 -82.39
C SER K 194 -85.22 -64.43 -81.38
N THR K 195 -84.08 -63.93 -81.83
CA THR K 195 -83.05 -63.44 -80.91
C THR K 195 -83.06 -61.92 -80.77
N ALA K 196 -83.28 -61.19 -81.87
CA ALA K 196 -83.51 -59.76 -81.74
C ALA K 196 -84.75 -59.49 -80.92
N LEU K 197 -85.82 -60.23 -81.17
CA LEU K 197 -86.90 -60.35 -80.22
C LEU K 197 -86.45 -61.29 -79.11
N GLY K 198 -87.05 -61.15 -77.93
CA GLY K 198 -86.64 -62.01 -76.85
C GLY K 198 -87.51 -63.26 -76.75
N TRP K 199 -88.05 -63.71 -77.87
CA TRP K 199 -88.90 -64.91 -77.91
C TRP K 199 -88.04 -66.14 -78.18
N SER K 200 -88.27 -67.19 -77.40
CA SER K 200 -87.51 -68.44 -77.48
C SER K 200 -86.04 -68.25 -77.11
N THR K 201 -85.74 -67.31 -76.24
CA THR K 201 -84.38 -67.14 -75.72
C THR K 201 -84.41 -67.05 -74.21
N SER K 202 -83.46 -67.72 -73.57
CA SER K 202 -83.29 -67.69 -72.12
C SER K 202 -84.62 -68.13 -71.50
N ASN K 203 -85.21 -67.36 -70.59
CA ASN K 203 -86.48 -67.70 -69.96
C ASN K 203 -87.60 -66.81 -70.49
N VAL K 204 -88.52 -67.41 -71.22
CA VAL K 204 -89.67 -66.73 -71.79
C VAL K 204 -90.93 -67.32 -71.17
N VAL K 205 -91.85 -66.45 -70.78
CA VAL K 205 -93.08 -66.87 -70.12
C VAL K 205 -94.13 -67.11 -71.20
N ASN K 206 -94.54 -68.36 -71.37
CA ASN K 206 -95.64 -68.71 -72.25
C ASN K 206 -96.88 -68.96 -71.41
N VAL K 207 -97.90 -68.14 -71.61
CA VAL K 207 -99.12 -68.17 -70.81
C VAL K 207 -100.22 -68.82 -71.62
N ALA K 208 -100.78 -69.91 -71.09
CA ALA K 208 -101.90 -70.58 -71.75
C ALA K 208 -103.22 -69.92 -71.36
N GLY K 209 -104.26 -70.22 -72.12
CA GLY K 209 -105.56 -69.62 -71.86
C GLY K 209 -106.11 -70.07 -70.52
N GLN K 210 -106.92 -69.20 -69.90
CA GLN K 210 -107.46 -69.46 -68.58
C GLN K 210 -108.90 -68.98 -68.49
N SER K 211 -109.56 -69.41 -67.43
CA SER K 211 -110.92 -69.00 -67.10
C SER K 211 -110.87 -67.79 -66.17
N ALA K 212 -112.02 -67.45 -65.58
CA ALA K 212 -112.08 -66.27 -64.72
C ALA K 212 -111.31 -66.46 -63.43
N ASP K 213 -111.17 -67.70 -62.97
CA ASP K 213 -110.32 -68.03 -61.82
C ASP K 213 -110.84 -67.40 -60.52
N LEU K 214 -110.27 -67.78 -59.38
CA LEU K 214 -110.77 -67.37 -58.08
C LEU K 214 -109.60 -66.92 -57.21
N PRO K 215 -109.83 -66.00 -56.27
CA PRO K 215 -108.70 -65.45 -55.51
C PRO K 215 -107.94 -66.46 -54.68
N ASP K 216 -108.63 -67.41 -54.04
CA ASP K 216 -107.94 -68.36 -53.18
C ASP K 216 -107.12 -69.35 -53.99
N ALA K 217 -107.58 -69.68 -55.19
CA ALA K 217 -106.75 -70.48 -56.08
C ALA K 217 -105.56 -69.69 -56.59
N ALA K 218 -105.76 -68.40 -56.86
CA ALA K 218 -104.67 -67.57 -57.36
C ALA K 218 -103.56 -67.43 -56.33
N VAL K 219 -103.92 -67.22 -55.06
CA VAL K 219 -102.89 -67.08 -54.04
C VAL K 219 -102.15 -68.41 -53.85
N ALA K 220 -102.84 -69.53 -53.97
CA ALA K 220 -102.17 -70.83 -53.90
C ALA K 220 -101.19 -71.01 -55.05
N LYS K 221 -101.60 -70.63 -56.26
CA LYS K 221 -100.69 -70.71 -57.40
C LYS K 221 -99.47 -69.83 -57.17
N SER K 222 -99.67 -68.62 -56.64
CA SER K 222 -98.55 -67.73 -56.38
C SER K 222 -97.61 -68.29 -55.32
N THR K 223 -98.18 -68.90 -54.26
CA THR K 223 -97.33 -69.45 -53.22
C THR K 223 -96.64 -70.74 -53.68
N ASN K 224 -97.13 -71.35 -54.75
CA ASN K 224 -96.46 -72.52 -55.29
C ASN K 224 -95.04 -72.20 -55.76
N VAL K 225 -94.86 -71.04 -56.40
CA VAL K 225 -93.56 -70.75 -57.02
C VAL K 225 -92.57 -70.24 -55.98
N SER K 226 -93.01 -69.46 -55.00
CA SER K 226 -92.13 -69.00 -53.94
C SER K 226 -92.98 -68.51 -52.78
N ASN K 227 -92.56 -68.86 -51.55
CA ASN K 227 -93.28 -68.50 -50.35
C ASN K 227 -92.41 -67.74 -49.34
N ASN K 228 -91.48 -66.92 -49.82
CA ASN K 228 -90.62 -66.13 -48.95
C ASN K 228 -91.26 -64.75 -48.72
N PHE K 229 -92.34 -64.77 -47.93
CA PHE K 229 -93.07 -63.53 -47.65
C PHE K 229 -93.91 -63.72 -46.40
N GLY K 230 -94.54 -62.62 -46.00
CA GLY K 230 -95.53 -62.65 -44.92
C GLY K 230 -96.48 -61.50 -45.10
N SER K 231 -97.70 -61.68 -44.60
CA SER K 231 -98.72 -60.62 -44.61
C SER K 231 -99.02 -60.14 -46.03
N PHE K 232 -99.55 -61.02 -46.86
CA PHE K 232 -99.98 -60.62 -48.20
C PHE K 232 -101.26 -59.80 -48.15
N LEU K 233 -101.59 -59.19 -49.28
CA LEU K 233 -102.83 -58.42 -49.44
C LEU K 233 -103.11 -58.21 -50.92
N PHE K 234 -104.39 -58.03 -51.25
CA PHE K 234 -104.80 -57.99 -52.66
C PHE K 234 -104.64 -56.61 -53.26
N ALA K 235 -105.29 -55.61 -52.66
CA ALA K 235 -105.11 -54.21 -53.04
C ALA K 235 -105.47 -53.97 -54.51
N GLY K 236 -106.75 -54.15 -54.81
CA GLY K 236 -107.31 -53.69 -56.07
C GLY K 236 -108.60 -52.94 -55.80
N ALA K 237 -109.64 -53.32 -56.53
CA ALA K 237 -110.98 -52.93 -56.15
C ALA K 237 -111.41 -53.73 -54.92
N PRO K 238 -112.31 -53.18 -54.10
CA PRO K 238 -112.77 -53.92 -52.91
C PRO K 238 -113.40 -55.24 -53.30
N LEU K 239 -113.12 -56.27 -52.51
CA LEU K 239 -113.62 -57.61 -52.78
C LEU K 239 -114.96 -57.85 -52.12
N ASP K 240 -115.71 -58.80 -52.67
CA ASP K 240 -116.97 -59.21 -52.07
C ASP K 240 -116.72 -59.92 -50.75
N ASN K 241 -117.76 -59.93 -49.91
CA ASN K 241 -117.61 -60.53 -48.58
C ASN K 241 -117.32 -62.03 -48.68
N ASP K 242 -117.96 -62.72 -49.63
CA ASP K 242 -117.71 -64.15 -49.79
C ASP K 242 -116.28 -64.44 -50.21
N GLN K 243 -115.72 -63.59 -51.08
CA GLN K 243 -114.33 -63.76 -51.48
C GLN K 243 -113.39 -63.58 -50.29
N ILE K 244 -113.66 -62.57 -49.45
CA ILE K 244 -112.88 -62.39 -48.25
C ILE K 244 -113.00 -63.61 -47.34
N LYS K 245 -114.20 -64.16 -47.23
CA LYS K 245 -114.40 -65.35 -46.39
C LYS K 245 -113.58 -66.51 -46.91
N ALA K 246 -113.60 -66.74 -48.22
CA ALA K 246 -112.84 -67.85 -48.80
C ALA K 246 -111.34 -67.67 -48.59
N VAL K 247 -110.83 -66.45 -48.79
CA VAL K 247 -109.40 -66.21 -48.65
C VAL K 247 -108.98 -66.34 -47.19
N SER K 248 -109.81 -65.86 -46.26
CA SER K 248 -109.48 -66.01 -44.84
C SER K 248 -109.50 -67.47 -44.43
N ALA K 249 -110.43 -68.26 -44.96
CA ALA K 249 -110.43 -69.69 -44.68
C ALA K 249 -109.17 -70.35 -45.22
N TRP K 250 -108.76 -69.99 -46.43
CA TRP K 250 -107.53 -70.56 -46.98
C TRP K 250 -106.33 -70.19 -46.13
N ASN K 251 -106.25 -68.94 -45.67
CA ASN K 251 -105.16 -68.56 -44.79
C ASN K 251 -105.19 -69.36 -43.50
N ALA K 252 -106.38 -69.58 -42.94
CA ALA K 252 -106.49 -70.35 -41.71
C ALA K 252 -106.11 -71.81 -41.93
N ALA K 253 -106.14 -72.28 -43.17
CA ALA K 253 -105.74 -73.66 -43.44
C ALA K 253 -104.29 -73.91 -43.02
N GLN K 254 -103.38 -73.00 -43.39
CA GLN K 254 -102.02 -73.07 -42.86
C GLN K 254 -101.99 -72.43 -41.49
N ASN K 255 -101.41 -73.14 -40.52
CA ASN K 255 -101.61 -72.78 -39.12
C ASN K 255 -101.11 -71.38 -38.81
N ASN K 256 -99.80 -71.16 -38.91
CA ASN K 256 -99.21 -69.93 -38.41
C ASN K 256 -98.14 -69.43 -39.39
N GLN K 257 -98.48 -69.38 -40.67
CA GLN K 257 -97.53 -69.05 -41.72
C GLN K 257 -97.60 -67.59 -42.17
N PHE K 258 -98.79 -67.11 -42.53
CA PHE K 258 -98.94 -65.82 -43.18
C PHE K 258 -99.89 -64.94 -42.38
N ILE K 259 -100.01 -63.68 -42.79
CA ILE K 259 -101.04 -62.77 -42.30
C ILE K 259 -101.81 -62.29 -43.51
N TYR K 260 -103.05 -61.85 -43.28
CA TYR K 260 -103.94 -61.41 -44.35
C TYR K 260 -104.67 -60.16 -43.88
N THR K 261 -104.37 -59.02 -44.50
CA THR K 261 -104.88 -57.74 -44.08
C THR K 261 -106.03 -57.32 -44.98
N VAL K 262 -107.15 -56.91 -44.38
CA VAL K 262 -108.33 -56.47 -45.11
C VAL K 262 -108.67 -55.06 -44.66
N ALA K 263 -109.21 -54.27 -45.58
CA ALA K 263 -109.64 -52.91 -45.28
C ALA K 263 -111.16 -52.81 -45.44
N THR K 264 -111.82 -52.26 -44.43
CA THR K 264 -113.27 -52.20 -44.40
C THR K 264 -113.72 -50.81 -43.97
N SER K 265 -114.99 -50.51 -44.25
CA SER K 265 -115.62 -49.32 -43.68
C SER K 265 -116.18 -49.64 -42.30
N LEU K 266 -116.61 -48.60 -41.60
CA LEU K 266 -117.13 -48.80 -40.24
C LEU K 266 -118.41 -49.64 -40.27
N ALA K 267 -119.33 -49.32 -41.18
CA ALA K 267 -120.59 -50.05 -41.22
C ALA K 267 -120.39 -51.49 -41.66
N ASN K 268 -119.49 -51.72 -42.61
CA ASN K 268 -119.24 -53.08 -43.08
C ASN K 268 -118.52 -53.93 -42.04
N LEU K 269 -117.93 -53.31 -41.02
CA LEU K 269 -117.18 -54.07 -40.02
C LEU K 269 -118.09 -55.03 -39.27
N GLY K 270 -119.30 -54.59 -38.92
CA GLY K 270 -120.22 -55.46 -38.22
C GLY K 270 -120.68 -56.62 -39.07
N THR K 271 -120.82 -56.40 -40.39
CA THR K 271 -121.17 -57.49 -41.29
C THR K 271 -120.08 -58.55 -41.30
N LEU K 272 -118.82 -58.14 -41.37
CA LEU K 272 -117.74 -59.07 -41.09
C LEU K 272 -117.64 -59.31 -39.59
N PHE K 273 -116.64 -60.08 -39.20
CA PHE K 273 -116.44 -60.62 -37.86
C PHE K 273 -117.52 -61.65 -37.54
N THR K 274 -118.50 -61.84 -38.40
CA THR K 274 -119.40 -62.98 -38.36
C THR K 274 -118.94 -64.06 -39.34
N LEU K 275 -118.57 -63.65 -40.56
CA LEU K 275 -117.99 -64.59 -41.52
C LEU K 275 -116.59 -64.99 -41.12
N VAL K 276 -115.73 -64.01 -40.79
CA VAL K 276 -114.32 -64.27 -40.55
C VAL K 276 -113.98 -64.49 -39.09
N ASN K 277 -114.97 -64.69 -38.23
CA ASN K 277 -114.69 -65.09 -36.86
C ASN K 277 -113.91 -66.40 -36.87
N GLY K 278 -113.03 -66.56 -35.90
CA GLY K 278 -112.05 -67.63 -36.02
C GLY K 278 -111.06 -67.22 -37.08
N ASN K 279 -110.64 -68.18 -37.90
CA ASN K 279 -109.81 -67.89 -39.07
C ASN K 279 -108.53 -67.17 -38.67
N ALA K 280 -107.67 -67.88 -37.93
CA ALA K 280 -106.48 -67.26 -37.36
C ALA K 280 -105.59 -66.68 -38.45
N GLY K 281 -104.98 -65.54 -38.14
CA GLY K 281 -104.08 -64.89 -39.06
C GLY K 281 -104.69 -63.81 -39.93
N THR K 282 -105.90 -63.37 -39.62
CA THR K 282 -106.60 -62.36 -40.42
C THR K 282 -106.69 -61.07 -39.62
N ALA K 283 -106.41 -59.94 -40.26
CA ALA K 283 -106.45 -58.63 -39.65
C ALA K 283 -107.44 -57.72 -40.38
N LEU K 284 -108.20 -56.96 -39.62
CA LEU K 284 -109.20 -56.04 -40.16
C LEU K 284 -108.82 -54.61 -39.80
N ASN K 285 -108.78 -53.74 -40.81
CA ASN K 285 -108.40 -52.34 -40.63
C ASN K 285 -109.51 -51.45 -41.17
N VAL K 286 -109.91 -50.47 -40.37
CA VAL K 286 -111.04 -49.62 -40.73
C VAL K 286 -110.55 -48.44 -41.56
N LEU K 287 -111.23 -48.21 -42.69
CA LEU K 287 -110.95 -47.09 -43.57
C LEU K 287 -111.81 -45.89 -43.20
N SER K 288 -111.53 -44.77 -43.85
CA SER K 288 -112.31 -43.54 -43.72
C SER K 288 -113.01 -43.25 -45.03
N ALA K 289 -114.34 -43.18 -44.99
CA ALA K 289 -115.11 -42.88 -46.19
C ALA K 289 -114.99 -41.40 -46.55
N THR K 290 -115.14 -41.12 -47.85
CA THR K 290 -115.11 -39.75 -48.37
C THR K 290 -113.83 -39.03 -47.97
N ALA K 291 -112.69 -39.72 -48.14
CA ALA K 291 -111.39 -39.13 -47.86
C ALA K 291 -110.39 -39.68 -48.86
N ALA K 292 -109.14 -39.25 -48.71
CA ALA K 292 -108.07 -39.78 -49.56
C ALA K 292 -107.91 -41.27 -49.32
N ASN K 293 -107.31 -41.96 -50.29
CA ASN K 293 -107.14 -43.40 -50.16
C ASN K 293 -106.30 -43.74 -48.93
N ASP K 294 -105.12 -43.12 -48.81
CA ASP K 294 -104.21 -43.23 -47.66
C ASP K 294 -104.24 -44.61 -47.05
N PHE K 295 -104.16 -45.61 -47.93
CA PHE K 295 -104.30 -47.01 -47.59
C PHE K 295 -103.65 -47.39 -46.26
N VAL K 296 -104.42 -48.08 -45.43
CA VAL K 296 -104.08 -48.32 -44.03
C VAL K 296 -103.82 -49.78 -43.73
N GLU K 297 -104.32 -50.70 -44.55
CA GLU K 297 -104.14 -52.12 -44.29
C GLU K 297 -102.66 -52.52 -44.34
N GLN K 298 -101.78 -51.60 -44.72
CA GLN K 298 -100.36 -51.89 -44.81
C GLN K 298 -99.61 -51.66 -43.51
N CYS K 299 -100.25 -51.09 -42.48
CA CYS K 299 -99.53 -50.83 -41.24
C CYS K 299 -99.00 -52.08 -40.58
N PRO K 300 -99.80 -53.12 -40.30
CA PRO K 300 -99.21 -54.35 -39.73
C PRO K 300 -98.19 -54.98 -40.65
N SER K 301 -98.42 -54.94 -41.96
CA SER K 301 -97.48 -55.51 -42.90
C SER K 301 -96.14 -54.77 -42.86
N GLU K 302 -96.19 -53.44 -42.82
CA GLU K 302 -94.95 -52.67 -42.73
C GLU K 302 -94.22 -52.96 -41.44
N ILE K 303 -94.93 -52.99 -40.31
CA ILE K 303 -94.29 -53.23 -39.03
C ILE K 303 -93.64 -54.60 -39.00
N LEU K 304 -94.31 -55.61 -39.56
CA LEU K 304 -93.72 -56.94 -39.64
C LEU K 304 -92.49 -56.95 -40.55
N ALA K 305 -92.58 -56.29 -41.70
CA ALA K 305 -91.49 -56.33 -42.67
C ALA K 305 -90.23 -55.67 -42.11
N ALA K 306 -90.38 -54.57 -41.37
CA ALA K 306 -89.23 -53.82 -40.90
C ALA K 306 -88.47 -54.55 -39.80
N THR K 307 -89.10 -55.50 -39.11
CA THR K 307 -88.46 -56.16 -37.97
C THR K 307 -87.28 -57.02 -38.41
N ASN K 308 -86.24 -57.02 -37.60
CA ASN K 308 -85.02 -57.78 -37.85
C ASN K 308 -84.76 -58.66 -36.64
N TYR K 309 -84.87 -59.97 -36.82
CA TYR K 309 -84.91 -60.88 -35.66
C TYR K 309 -83.55 -61.39 -35.23
N GLU K 311 -81.10 -59.21 -34.33
CA GLU K 311 -80.67 -58.20 -33.37
C GLU K 311 -81.48 -58.30 -32.08
N PRO K 312 -80.95 -57.80 -30.97
CA PRO K 312 -81.66 -57.90 -29.69
C PRO K 312 -82.82 -56.93 -29.59
N GLY K 313 -83.73 -57.23 -28.66
CA GLY K 313 -84.85 -56.37 -28.37
C GLY K 313 -85.76 -56.11 -29.55
N ALA K 314 -85.99 -57.12 -30.38
CA ALA K 314 -86.75 -56.97 -31.61
C ALA K 314 -88.19 -57.46 -31.48
N SER K 315 -88.63 -57.83 -30.29
CA SER K 315 -90.00 -58.32 -30.13
C SER K 315 -91.02 -57.25 -30.49
N GLN K 316 -90.80 -56.03 -30.02
CA GLN K 316 -91.63 -54.87 -30.34
C GLN K 316 -93.08 -55.04 -29.89
N ASN K 317 -93.91 -54.05 -30.18
CA ASN K 317 -95.33 -54.07 -29.83
C ASN K 317 -96.11 -53.33 -30.90
N TYR K 318 -97.18 -53.95 -31.37
CA TYR K 318 -97.96 -53.40 -32.47
C TYR K 318 -98.95 -52.34 -32.03
N MET K 319 -99.09 -52.09 -30.74
CA MET K 319 -100.13 -51.16 -30.28
C MET K 319 -99.69 -49.71 -30.37
N TYR K 320 -98.68 -49.32 -29.59
CA TYR K 320 -98.32 -47.91 -29.48
C TYR K 320 -97.32 -47.57 -30.58
N TYR K 321 -97.84 -47.12 -31.71
CA TYR K 321 -96.96 -46.75 -32.83
C TYR K 321 -97.71 -45.72 -33.65
N GLN K 322 -96.99 -44.75 -34.22
CA GLN K 322 -97.58 -43.57 -34.83
C GLN K 322 -97.45 -43.60 -36.34
N PHE K 323 -98.51 -43.20 -37.04
CA PHE K 323 -98.56 -43.17 -38.51
C PHE K 323 -99.04 -41.80 -38.96
N PRO K 324 -98.14 -40.82 -39.11
CA PRO K 324 -98.59 -39.47 -39.51
C PRO K 324 -99.23 -39.42 -40.88
N GLY K 325 -98.88 -40.34 -41.79
CA GLY K 325 -99.50 -40.34 -43.11
C GLY K 325 -100.97 -40.68 -43.07
N ARG K 326 -101.35 -41.67 -42.28
CA ARG K 326 -102.74 -42.10 -42.21
C ARG K 326 -103.58 -41.08 -41.45
N ASN K 327 -104.83 -40.92 -41.90
CA ASN K 327 -105.72 -39.97 -41.25
C ASN K 327 -106.53 -40.65 -40.14
N ILE K 328 -107.13 -39.81 -39.30
CA ILE K 328 -107.79 -40.29 -38.08
C ILE K 328 -109.03 -41.07 -38.45
N THR K 329 -109.39 -42.04 -37.61
CA THR K 329 -110.51 -42.93 -37.86
C THR K 329 -111.65 -42.75 -36.84
N VAL K 330 -111.36 -42.85 -35.54
CA VAL K 330 -112.37 -42.72 -34.51
C VAL K 330 -111.87 -41.72 -33.47
N SER K 331 -112.82 -41.01 -32.84
CA SER K 331 -112.48 -39.99 -31.86
C SER K 331 -113.39 -39.98 -30.63
N ASP K 332 -114.34 -40.90 -30.53
CA ASP K 332 -115.21 -41.00 -29.37
C ASP K 332 -114.92 -42.29 -28.62
N ASP K 333 -115.17 -42.27 -27.31
CA ASP K 333 -114.94 -43.47 -26.52
C ASP K 333 -116.02 -44.51 -26.76
N THR K 334 -117.27 -44.09 -26.96
CA THR K 334 -118.33 -45.03 -27.24
C THR K 334 -118.16 -45.69 -28.61
N VAL K 335 -117.73 -44.91 -29.61
CA VAL K 335 -117.48 -45.46 -30.93
C VAL K 335 -116.35 -46.47 -30.89
N ALA K 336 -115.29 -46.15 -30.14
CA ALA K 336 -114.19 -47.09 -29.97
C ALA K 336 -114.65 -48.36 -29.26
N ASN K 337 -115.54 -48.22 -28.26
CA ASN K 337 -116.07 -49.38 -27.58
C ASN K 337 -116.86 -50.28 -28.54
N THR K 338 -117.68 -49.68 -29.40
CA THR K 338 -118.41 -50.49 -30.37
C THR K 338 -117.47 -51.15 -31.37
N VAL K 339 -116.43 -50.43 -31.80
CA VAL K 339 -115.52 -50.98 -32.81
C VAL K 339 -114.71 -52.14 -32.23
N ASP K 340 -114.28 -52.03 -30.98
CA ASP K 340 -113.41 -53.06 -30.40
C ASP K 340 -114.11 -54.40 -30.28
N LYS K 341 -115.44 -54.40 -30.23
CA LYS K 341 -116.17 -55.67 -30.17
C LYS K 341 -115.94 -56.50 -31.42
N SER K 342 -115.72 -55.85 -32.56
CA SER K 342 -115.51 -56.52 -33.83
C SER K 342 -114.03 -56.75 -34.13
N ARG K 343 -113.14 -56.48 -33.18
CA ARG K 343 -111.70 -56.67 -33.35
C ARG K 343 -111.17 -55.91 -34.57
N GLY K 344 -111.53 -54.63 -34.65
CA GLY K 344 -111.07 -53.76 -35.72
C GLY K 344 -109.86 -52.95 -35.26
N ASN K 345 -108.92 -52.77 -36.17
CA ASN K 345 -107.71 -52.00 -35.90
C ASN K 345 -107.81 -50.65 -36.59
N TYR K 346 -107.37 -49.60 -35.89
CA TYR K 346 -107.62 -48.25 -36.37
C TYR K 346 -106.58 -47.29 -35.81
N ILE K 347 -106.67 -46.05 -36.24
CA ILE K 347 -105.88 -44.94 -35.72
C ILE K 347 -106.81 -44.10 -34.85
N GLY K 348 -106.48 -43.99 -33.58
CA GLY K 348 -107.27 -43.23 -32.63
C GLY K 348 -106.55 -41.96 -32.23
N VAL K 349 -107.32 -40.92 -31.92
CA VAL K 349 -106.79 -39.65 -31.48
C VAL K 349 -107.23 -39.40 -30.05
N THR K 350 -106.32 -38.93 -29.21
CA THR K 350 -106.61 -38.64 -27.82
C THR K 350 -105.84 -37.40 -27.38
N GLN K 351 -106.44 -36.64 -26.48
CA GLN K 351 -105.83 -35.42 -25.99
C GLN K 351 -104.90 -35.72 -24.83
N ALA K 352 -103.67 -35.20 -24.89
CA ALA K 352 -102.71 -35.34 -23.80
C ALA K 352 -102.09 -33.97 -23.56
N ASN K 353 -102.74 -33.19 -22.70
CA ASN K 353 -102.32 -31.82 -22.38
C ASN K 353 -102.18 -30.99 -23.66
N GLY K 354 -103.30 -30.84 -24.35
CA GLY K 354 -103.33 -30.02 -25.55
C GLY K 354 -102.98 -30.70 -26.85
N GLN K 355 -101.96 -31.56 -26.84
CA GLN K 355 -101.55 -32.23 -28.07
C GLN K 355 -102.46 -33.41 -28.38
N GLN K 356 -102.77 -33.57 -29.67
CA GLN K 356 -103.64 -34.65 -30.14
C GLN K 356 -102.78 -35.80 -30.62
N ALA K 358 -102.17 -39.25 -32.16
CA ALA K 358 -102.86 -40.19 -33.03
C ALA K 358 -101.98 -41.41 -33.19
N PHE K 359 -102.54 -42.59 -32.94
CA PHE K 359 -101.73 -43.80 -33.03
C PHE K 359 -102.61 -45.02 -33.28
N TYR K 360 -101.96 -46.07 -33.80
CA TYR K 360 -102.60 -47.37 -33.95
C TYR K 360 -103.06 -47.87 -32.59
N GLN K 361 -104.23 -48.50 -32.53
CA GLN K 361 -104.85 -48.69 -31.22
C GLN K 361 -104.88 -50.14 -30.75
N ARG K 362 -105.04 -51.12 -31.62
CA ARG K 362 -105.14 -52.49 -31.16
C ARG K 362 -104.29 -53.40 -32.02
N GLY K 363 -103.64 -54.36 -31.37
CA GLY K 363 -102.82 -55.31 -32.11
C GLY K 363 -103.41 -56.70 -32.05
N ILE K 364 -104.73 -56.80 -32.21
CA ILE K 364 -105.40 -58.07 -32.01
C ILE K 364 -105.83 -58.65 -33.35
N LEU K 365 -105.80 -59.99 -33.43
CA LEU K 365 -106.21 -60.73 -34.61
C LEU K 365 -107.46 -61.55 -34.32
N CYS K 366 -108.26 -61.79 -35.34
CA CYS K 366 -109.42 -62.67 -35.17
C CYS K 366 -108.97 -64.13 -35.22
N GLY K 367 -109.44 -64.91 -34.25
CA GLY K 367 -109.04 -66.31 -34.15
C GLY K 367 -109.69 -66.95 -32.95
N GLY K 368 -109.42 -68.25 -32.79
CA GLY K 368 -109.97 -69.02 -31.71
C GLY K 368 -109.13 -68.93 -30.44
N PRO K 369 -109.56 -69.63 -29.39
CA PRO K 369 -108.78 -69.61 -28.15
C PRO K 369 -107.38 -70.20 -28.29
N THR K 370 -107.20 -71.20 -29.16
CA THR K 370 -105.91 -71.86 -29.30
C THR K 370 -104.91 -71.03 -30.09
N ASP K 371 -105.37 -70.07 -30.88
CA ASP K 371 -104.48 -69.33 -31.76
C ASP K 371 -104.03 -68.03 -31.12
N ALA K 372 -103.03 -67.41 -31.74
CA ALA K 372 -102.38 -66.21 -31.21
C ALA K 372 -103.19 -64.99 -31.58
N VAL K 373 -103.84 -64.38 -30.58
CA VAL K 373 -104.68 -63.21 -30.84
C VAL K 373 -103.83 -61.98 -31.12
N ASP K 374 -102.78 -61.76 -30.35
CA ASP K 374 -101.90 -60.62 -30.56
C ASP K 374 -100.99 -60.85 -31.76
N MET K 375 -100.67 -59.78 -32.47
CA MET K 375 -99.84 -59.92 -33.67
C MET K 375 -98.37 -60.13 -33.36
N ASN K 376 -97.86 -59.60 -32.26
CA ASN K 376 -96.45 -59.77 -31.96
C ASN K 376 -96.09 -61.24 -31.72
N VAL K 377 -96.91 -61.94 -30.92
CA VAL K 377 -96.67 -63.35 -30.69
C VAL K 377 -96.86 -64.15 -31.98
N TYR K 378 -97.80 -63.72 -32.82
CA TYR K 378 -97.97 -64.37 -34.13
C TYR K 378 -96.70 -64.26 -34.95
N ALA K 379 -96.12 -63.07 -35.04
CA ALA K 379 -94.89 -62.89 -35.80
C ALA K 379 -93.75 -63.69 -35.21
N ASN K 380 -93.63 -63.71 -33.88
CA ASN K 380 -92.56 -64.45 -33.25
C ASN K 380 -92.70 -65.94 -33.50
N GLU K 381 -93.92 -66.47 -33.51
CA GLU K 381 -94.10 -67.88 -33.81
C GLU K 381 -93.77 -68.18 -35.27
N ILE K 382 -94.11 -67.27 -36.19
CA ILE K 382 -93.69 -67.42 -37.58
C ILE K 382 -92.17 -67.56 -37.64
N TRP K 383 -91.46 -66.65 -36.97
CA TRP K 383 -90.00 -66.67 -37.01
C TRP K 383 -89.44 -67.93 -36.39
N LEU K 384 -90.01 -68.38 -35.27
CA LEU K 384 -89.53 -69.62 -34.63
C LEU K 384 -89.69 -70.81 -35.56
N LYS K 385 -90.87 -70.94 -36.18
CA LYS K 385 -91.08 -72.08 -37.06
C LYS K 385 -90.09 -72.05 -38.21
N SER K 386 -89.90 -70.88 -38.83
CA SER K 386 -88.98 -70.79 -39.95
C SER K 386 -87.55 -71.13 -39.53
N ALA K 387 -87.11 -70.61 -38.38
CA ALA K 387 -85.73 -70.84 -37.94
C ALA K 387 -85.48 -72.30 -37.60
N ILE K 388 -86.42 -72.93 -36.88
CA ILE K 388 -86.26 -74.33 -36.52
C ILE K 388 -86.24 -75.20 -37.78
N ALA K 389 -87.15 -74.92 -38.72
CA ALA K 389 -87.18 -75.70 -39.95
C ALA K 389 -85.87 -75.54 -40.74
N GLN K 390 -85.35 -74.32 -40.80
CA GLN K 390 -84.09 -74.09 -41.49
C GLN K 390 -82.96 -74.88 -40.86
N ALA K 391 -82.85 -74.83 -39.52
CA ALA K 391 -81.76 -75.54 -38.86
C ALA K 391 -81.85 -77.04 -39.09
N LEU K 392 -83.06 -77.60 -38.99
CA LEU K 392 -83.21 -79.04 -39.16
C LEU K 392 -82.94 -79.47 -40.60
N LEU K 393 -83.43 -78.70 -41.57
CA LEU K 393 -83.16 -79.03 -42.97
C LEU K 393 -81.67 -78.95 -43.27
N ASP K 394 -80.99 -77.93 -42.72
CA ASP K 394 -79.56 -77.79 -42.95
C ASP K 394 -78.79 -78.96 -42.34
N LEU K 395 -79.19 -79.39 -41.13
CA LEU K 395 -78.60 -80.59 -40.54
C LEU K 395 -78.77 -81.79 -41.46
N PHE K 396 -79.98 -81.99 -41.98
CA PHE K 396 -80.22 -83.12 -42.85
C PHE K 396 -79.36 -83.05 -44.10
N LEU K 397 -79.20 -81.85 -44.66
CA LEU K 397 -78.48 -81.71 -45.92
C LEU K 397 -76.97 -81.86 -45.76
N ASN K 398 -76.39 -81.49 -44.63
CA ASN K 398 -74.94 -81.48 -44.50
C ASN K 398 -74.35 -82.78 -43.98
N VAL K 399 -74.73 -83.20 -42.77
CA VAL K 399 -74.09 -84.35 -42.15
C VAL K 399 -74.44 -85.61 -42.92
N ASN K 400 -73.55 -86.61 -42.85
CA ASN K 400 -73.73 -87.84 -43.62
C ASN K 400 -75.01 -88.57 -43.21
N ALA K 401 -75.16 -88.84 -41.91
CA ALA K 401 -76.29 -89.61 -41.43
C ALA K 401 -76.54 -89.25 -39.97
N VAL K 402 -77.80 -89.40 -39.55
CA VAL K 402 -78.19 -89.11 -38.18
C VAL K 402 -78.66 -90.43 -37.55
N PRO K 403 -77.85 -91.07 -36.73
CA PRO K 403 -78.26 -92.36 -36.16
C PRO K 403 -79.42 -92.20 -35.19
N ALA K 404 -80.24 -93.26 -35.11
CA ALA K 404 -81.41 -93.27 -34.25
C ALA K 404 -81.03 -93.90 -32.92
N SER K 405 -80.21 -93.16 -32.18
CA SER K 405 -79.76 -93.58 -30.86
C SER K 405 -79.47 -92.34 -30.03
N SER K 406 -78.87 -92.54 -28.86
CA SER K 406 -78.62 -91.43 -27.95
C SER K 406 -77.82 -90.32 -28.62
N THR K 407 -76.85 -90.70 -29.46
CA THR K 407 -76.09 -89.70 -30.21
C THR K 407 -77.01 -88.84 -31.07
N GLY K 408 -78.09 -89.43 -31.59
CA GLY K 408 -79.02 -88.66 -32.38
C GLY K 408 -79.71 -87.55 -31.60
N GLU K 409 -80.25 -87.86 -30.42
CA GLU K 409 -80.87 -86.82 -29.61
C GLU K 409 -79.85 -85.78 -29.19
N ALA K 410 -78.66 -86.21 -28.80
CA ALA K 410 -77.64 -85.26 -28.39
C ALA K 410 -77.29 -84.30 -29.53
N MET K 411 -77.08 -84.83 -30.74
CA MET K 411 -76.70 -84.01 -31.87
C MET K 411 -77.82 -83.05 -32.26
N THR K 412 -79.06 -83.54 -32.27
CA THR K 412 -80.18 -82.67 -32.63
C THR K 412 -80.33 -81.54 -31.61
N LEU K 413 -80.22 -81.84 -30.33
CA LEU K 413 -80.33 -80.80 -29.32
C LEU K 413 -79.19 -79.80 -29.44
N ALA K 414 -77.97 -80.28 -29.70
CA ALA K 414 -76.83 -79.39 -29.85
C ALA K 414 -77.05 -78.44 -31.03
N VAL K 415 -77.61 -78.95 -32.12
CA VAL K 415 -77.85 -78.10 -33.30
C VAL K 415 -78.95 -77.09 -33.02
N LEU K 416 -80.01 -77.50 -32.32
CA LEU K 416 -81.08 -76.55 -32.02
C LEU K 416 -80.72 -75.55 -30.94
N GLN K 417 -79.64 -75.77 -30.20
CA GLN K 417 -79.29 -74.87 -29.10
C GLN K 417 -79.09 -73.42 -29.51
N PRO K 418 -78.32 -73.09 -30.56
CA PRO K 418 -78.11 -71.66 -30.87
C PRO K 418 -79.39 -70.90 -31.20
N VAL K 419 -80.36 -71.54 -31.86
CA VAL K 419 -81.61 -70.85 -32.19
C VAL K 419 -82.34 -70.47 -30.91
N LEU K 420 -82.43 -71.40 -29.95
CA LEU K 420 -83.08 -71.09 -28.69
C LEU K 420 -82.29 -70.07 -27.89
N ASP K 421 -80.96 -70.06 -28.03
CA ASP K 421 -80.17 -69.03 -27.37
C ASP K 421 -80.49 -67.65 -27.93
N LYS K 422 -80.62 -67.55 -29.25
CA LYS K 422 -80.96 -66.28 -29.87
C LYS K 422 -82.39 -65.85 -29.54
N ALA K 423 -83.29 -66.82 -29.35
CA ALA K 423 -84.67 -66.50 -29.05
C ALA K 423 -84.81 -65.78 -27.72
N THR K 424 -83.98 -66.14 -26.73
CA THR K 424 -84.02 -65.44 -25.45
C THR K 424 -83.60 -63.98 -25.60
N ALA K 425 -82.55 -63.73 -26.40
CA ALA K 425 -82.07 -62.37 -26.58
C ALA K 425 -83.06 -61.53 -27.39
N ASN K 426 -83.75 -62.16 -28.34
CA ASN K 426 -84.68 -61.41 -29.18
C ASN K 426 -85.81 -60.81 -28.34
N GLY K 427 -86.34 -61.56 -27.40
CA GLY K 427 -87.50 -61.16 -26.64
C GLY K 427 -88.72 -62.02 -26.85
N THR K 428 -88.62 -63.05 -27.69
CA THR K 428 -89.75 -63.96 -27.86
C THR K 428 -89.88 -64.95 -26.70
N PHE K 429 -88.82 -65.14 -25.92
CA PHE K 429 -88.88 -65.91 -24.69
C PHE K 429 -88.78 -64.94 -23.52
N THR K 430 -89.73 -65.00 -22.61
CA THR K 430 -89.74 -64.13 -21.44
C THR K 430 -89.53 -64.98 -20.20
N TYR K 431 -88.53 -64.62 -19.39
CA TYR K 431 -88.22 -65.31 -18.16
C TYR K 431 -88.69 -64.46 -16.97
N LYS K 433 -91.68 -64.39 -15.88
CA LYS K 433 -93.10 -64.12 -15.99
C LYS K 433 -93.87 -65.02 -15.05
N GLU K 434 -94.94 -64.49 -14.47
CA GLU K 434 -95.76 -65.29 -13.56
C GLU K 434 -96.51 -66.35 -14.32
N SER K 436 -99.69 -69.09 -14.05
CA SER K 436 -100.90 -69.35 -13.28
C SER K 436 -100.95 -70.81 -12.84
N ALA K 437 -101.79 -71.07 -11.84
CA ALA K 437 -101.95 -72.44 -11.36
C ALA K 437 -102.54 -73.33 -12.43
N VAL K 438 -103.51 -72.82 -13.19
CA VAL K 438 -104.11 -73.60 -14.28
C VAL K 438 -103.06 -73.95 -15.31
N GLN K 439 -102.23 -72.99 -15.70
CA GLN K 439 -101.16 -73.26 -16.64
C GLN K 439 -100.15 -74.25 -16.07
N GLN K 440 -99.88 -74.16 -14.77
CA GLN K 440 -99.00 -75.12 -14.13
C GLN K 440 -99.53 -76.53 -14.26
N GLN K 441 -100.82 -76.72 -13.97
CA GLN K 441 -101.41 -78.04 -14.06
C GLN K 441 -101.43 -78.54 -15.50
N TYR K 442 -101.70 -77.63 -16.45
CA TYR K 442 -101.67 -78.00 -17.86
C TYR K 442 -100.29 -78.48 -18.27
N ILE K 443 -99.24 -77.79 -17.83
CA ILE K 443 -97.89 -78.20 -18.19
C ILE K 443 -97.54 -79.54 -17.55
N THR K 444 -97.91 -79.73 -16.28
CA THR K 444 -97.61 -81.00 -15.62
C THR K 444 -98.38 -82.15 -16.24
N GLN K 445 -99.54 -81.86 -16.85
CA GLN K 445 -100.32 -82.93 -17.48
C GLN K 445 -99.80 -83.24 -18.87
N VAL K 446 -99.50 -82.21 -19.65
CA VAL K 446 -99.07 -82.41 -21.04
C VAL K 446 -97.72 -83.12 -21.08
N THR K 447 -96.78 -82.70 -20.24
CA THR K 447 -95.48 -83.35 -20.13
C THR K 447 -95.52 -84.26 -18.91
N GLY K 448 -95.16 -85.53 -19.11
CA GLY K 448 -95.10 -86.44 -17.98
C GLY K 448 -94.13 -85.98 -16.93
N ASP K 449 -93.10 -85.24 -17.34
CA ASP K 449 -92.10 -84.76 -16.40
C ASP K 449 -92.62 -83.54 -15.65
N ARG K 450 -92.78 -83.70 -14.34
CA ARG K 450 -93.05 -82.59 -13.44
C ARG K 450 -91.76 -81.81 -13.20
N ARG K 451 -91.91 -80.59 -12.67
CA ARG K 451 -90.87 -79.55 -12.53
C ARG K 451 -90.47 -78.97 -13.87
N ALA K 452 -91.20 -79.24 -14.95
CA ALA K 452 -90.97 -78.51 -16.19
C ALA K 452 -91.43 -77.07 -16.08
N TRP K 453 -92.51 -76.83 -15.32
CA TRP K 453 -93.03 -75.47 -15.20
C TRP K 453 -92.07 -74.56 -14.44
N ARG K 454 -91.40 -75.09 -13.42
CA ARG K 454 -90.37 -74.31 -12.76
C ARG K 454 -89.28 -73.91 -13.74
N GLN K 455 -88.90 -74.82 -14.63
CA GLN K 455 -87.88 -74.53 -15.62
C GLN K 455 -88.36 -73.48 -16.62
N VAL K 456 -89.61 -73.57 -17.08
CA VAL K 456 -90.06 -72.61 -18.09
C VAL K 456 -90.23 -71.23 -17.46
N THR K 458 -88.19 -70.13 -14.84
CA THR K 458 -86.87 -69.61 -14.49
C THR K 458 -86.04 -69.30 -15.74
N LEU K 459 -86.02 -70.21 -16.71
CA LEU K 459 -85.17 -70.07 -17.89
C LEU K 459 -85.92 -69.64 -19.13
N GLY K 460 -87.17 -70.06 -19.31
CA GLY K 460 -87.99 -69.59 -20.40
C GLY K 460 -88.42 -70.64 -21.40
N TYR K 461 -87.88 -71.85 -21.34
CA TYR K 461 -88.24 -72.86 -22.32
C TYR K 461 -87.97 -74.25 -21.77
N TRP K 462 -88.56 -75.24 -22.44
CA TRP K 462 -88.39 -76.66 -22.13
C TRP K 462 -88.50 -77.42 -23.44
N ILE K 463 -87.53 -78.31 -23.70
CA ILE K 463 -87.42 -79.00 -24.97
C ILE K 463 -87.28 -80.49 -24.72
N ASN K 464 -87.87 -81.30 -25.60
CA ASN K 464 -87.76 -82.75 -25.51
C ASN K 464 -87.57 -83.35 -26.90
N ILE K 465 -86.99 -84.55 -26.94
CA ILE K 465 -86.78 -85.30 -28.17
C ILE K 465 -87.21 -86.75 -27.94
N THR K 466 -87.79 -87.37 -28.98
CA THR K 466 -88.39 -88.70 -28.82
C THR K 466 -87.66 -89.78 -29.61
N PHE K 467 -87.54 -89.65 -30.94
CA PHE K 467 -86.90 -90.66 -31.80
C PHE K 467 -87.61 -92.01 -31.71
N SER K 468 -88.84 -92.04 -32.22
CA SER K 468 -89.58 -93.28 -32.35
C SER K 468 -89.50 -93.81 -33.78
N SER K 469 -90.03 -95.01 -33.98
CA SER K 469 -90.09 -95.64 -35.29
C SER K 469 -91.53 -95.91 -35.70
N TYR K 470 -91.72 -96.10 -37.00
CA TYR K 470 -93.05 -96.30 -37.57
C TYR K 470 -92.90 -96.81 -38.99
N THR K 471 -94.02 -97.18 -39.60
CA THR K 471 -94.08 -97.58 -41.00
C THR K 471 -94.96 -96.59 -41.76
N ASN K 472 -94.43 -96.07 -42.87
CA ASN K 472 -95.20 -95.14 -43.67
C ASN K 472 -96.20 -95.89 -44.54
N SER K 473 -97.24 -95.18 -44.96
CA SER K 473 -98.31 -95.81 -45.72
C SER K 473 -97.90 -96.04 -47.17
N ASN K 474 -97.05 -95.17 -47.71
CA ASN K 474 -96.73 -95.23 -49.13
C ASN K 474 -96.02 -96.52 -49.49
N THR K 475 -95.07 -96.95 -48.66
CA THR K 475 -94.37 -98.20 -48.85
C THR K 475 -94.46 -99.01 -47.57
N GLY K 476 -94.45 -100.34 -47.69
CA GLY K 476 -94.54 -101.18 -46.51
C GLY K 476 -93.34 -101.04 -45.59
N LEU K 477 -92.26 -100.43 -46.06
CA LEU K 477 -91.03 -100.38 -45.29
C LEU K 477 -91.20 -99.54 -44.02
N THR K 478 -90.42 -99.88 -43.01
CA THR K 478 -90.39 -99.11 -41.77
C THR K 478 -89.41 -97.95 -41.92
N GLU K 479 -89.90 -96.73 -41.75
CA GLU K 479 -89.04 -95.56 -41.87
C GLU K 479 -89.01 -94.82 -40.54
N TRP K 480 -85.73 -93.56 -39.23
CA TRP K 480 -86.89 -93.49 -38.36
C TRP K 480 -87.56 -92.12 -38.45
N LYS K 481 -88.08 -91.65 -37.33
CA LYS K 481 -88.62 -90.30 -37.23
C LYS K 481 -88.29 -89.74 -35.87
N ALA K 482 -88.31 -88.41 -35.78
CA ALA K 482 -88.04 -87.72 -34.53
C ALA K 482 -89.25 -86.86 -34.17
N ASN K 483 -89.64 -86.92 -32.90
CA ASN K 483 -90.71 -86.09 -32.37
C ASN K 483 -90.14 -85.21 -31.26
N TYR K 484 -90.41 -83.92 -31.34
CA TYR K 484 -89.92 -82.98 -30.35
C TYR K 484 -91.07 -82.14 -29.84
N THR K 485 -91.00 -81.75 -28.57
CA THR K 485 -91.98 -80.87 -27.98
C THR K 485 -91.26 -79.70 -27.31
N LEU K 486 -91.72 -78.49 -27.60
CA LEU K 486 -91.14 -77.26 -27.09
C LEU K 486 -92.22 -76.47 -26.38
N ILE K 487 -91.91 -76.00 -25.17
CA ILE K 487 -92.81 -75.13 -24.41
C ILE K 487 -92.02 -73.89 -24.01
N TYR K 488 -92.62 -72.72 -24.21
CA TYR K 488 -91.96 -71.48 -23.84
C TYR K 488 -93.00 -70.44 -23.46
N SER K 489 -92.56 -69.48 -22.66
CA SER K 489 -93.44 -68.39 -22.22
C SER K 489 -93.48 -67.32 -23.30
N LYS K 490 -94.69 -67.01 -23.76
CA LYS K 490 -94.87 -66.04 -24.83
C LYS K 490 -94.52 -64.64 -24.35
N GLY K 491 -94.24 -63.76 -25.30
CA GLY K 491 -93.89 -62.39 -24.98
C GLY K 491 -95.06 -61.43 -25.08
N ASP K 492 -95.61 -61.04 -23.94
CA ASP K 492 -96.76 -60.15 -23.87
C ASP K 492 -96.34 -58.82 -23.27
N ALA K 493 -96.89 -57.73 -23.83
CA ALA K 493 -96.55 -56.38 -23.43
C ALA K 493 -97.68 -55.76 -22.62
N ILE K 494 -97.31 -54.92 -21.66
CA ILE K 494 -98.30 -54.22 -20.86
C ILE K 494 -99.04 -53.22 -21.73
N ARG K 495 -100.35 -53.09 -21.50
CA ARG K 495 -101.18 -52.18 -22.28
C ARG K 495 -102.02 -51.23 -21.44
N PHE K 496 -102.07 -51.42 -20.12
CA PHE K 496 -102.90 -50.58 -19.26
C PHE K 496 -102.16 -50.32 -17.96
N VAL K 497 -102.31 -49.11 -17.44
CA VAL K 497 -101.64 -48.69 -16.21
C VAL K 497 -102.69 -48.11 -15.26
N GLU K 498 -102.69 -48.60 -14.03
CA GLU K 498 -103.61 -48.13 -12.99
C GLU K 498 -102.85 -47.96 -11.69
N GLY K 499 -103.22 -46.95 -10.91
CA GLY K 499 -102.56 -46.72 -9.65
C GLY K 499 -103.34 -45.76 -8.77
N SER K 500 -102.88 -45.63 -7.52
CA SER K 500 -103.45 -44.71 -6.57
C SER K 500 -102.34 -43.99 -5.83
N ASP K 501 -102.48 -42.68 -5.70
CA ASP K 501 -101.51 -41.84 -5.01
C ASP K 501 -102.11 -41.40 -3.68
N VAL K 502 -101.70 -42.06 -2.60
CA VAL K 502 -102.19 -41.74 -1.26
C VAL K 502 -101.28 -40.70 -0.65
N MET K 503 -101.86 -39.58 -0.22
CA MET K 503 -101.08 -38.50 0.38
C MET K 503 -101.27 -38.51 1.89
N ILE K 504 -100.16 -38.33 2.61
CA ILE K 504 -100.13 -38.27 4.06
C ILE K 504 -100.59 -39.60 4.66
N MET L 1 -93.39 -77.30 -56.61
CA MET L 1 -92.50 -78.23 -55.93
C MET L 1 -93.26 -79.05 -54.89
N ILE L 2 -92.66 -80.17 -54.47
CA ILE L 2 -93.18 -80.89 -53.31
C ILE L 2 -93.12 -80.01 -52.08
N SER L 3 -94.21 -80.00 -51.32
CA SER L 3 -94.27 -79.17 -50.12
C SER L 3 -93.26 -79.65 -49.08
N GLN L 4 -92.77 -78.71 -48.27
CA GLN L 4 -91.78 -79.04 -47.26
C GLN L 4 -92.33 -79.94 -46.16
N SER L 5 -93.65 -80.03 -46.02
CA SER L 5 -94.23 -80.81 -44.93
C SER L 5 -93.97 -82.30 -45.09
N ARG L 6 -93.50 -82.74 -46.26
CA ARG L 6 -93.17 -84.15 -46.43
C ARG L 6 -91.98 -84.55 -45.56
N TYR L 7 -91.16 -83.58 -45.18
CA TYR L 7 -89.92 -83.85 -44.46
C TYR L 7 -89.87 -83.25 -43.07
N ILE L 8 -90.34 -82.01 -42.90
CA ILE L 8 -90.37 -81.35 -41.60
C ILE L 8 -91.75 -80.76 -41.40
N ARG L 9 -92.39 -81.10 -40.28
CA ARG L 9 -93.72 -80.59 -39.96
C ARG L 9 -93.73 -80.04 -38.54
N ILE L 10 -94.12 -78.78 -38.39
CA ILE L 10 -94.18 -78.11 -37.11
C ILE L 10 -95.57 -77.52 -36.94
N ILE L 11 -96.17 -77.76 -35.77
CA ILE L 11 -97.50 -77.24 -35.46
C ILE L 11 -97.38 -76.27 -34.31
N SER L 12 -97.93 -75.07 -34.48
CA SER L 12 -97.85 -74.01 -33.49
C SER L 12 -99.22 -73.78 -32.89
N GLY L 13 -99.25 -73.47 -31.59
CA GLY L 13 -100.49 -73.22 -30.91
C GLY L 13 -100.24 -72.55 -29.57
N VAL L 14 -101.33 -72.19 -28.92
CA VAL L 14 -101.28 -71.55 -27.60
C VAL L 14 -101.96 -72.46 -26.60
N GLY L 15 -101.24 -72.79 -25.53
CA GLY L 15 -101.78 -73.65 -24.50
C GLY L 15 -102.46 -72.87 -23.39
N ALA L 16 -103.50 -73.49 -22.84
CA ALA L 16 -104.30 -72.89 -21.76
C ALA L 16 -104.78 -71.50 -22.14
N GLY L 17 -105.29 -71.38 -23.36
CA GLY L 17 -105.66 -70.09 -23.94
C GLY L 17 -107.06 -69.63 -23.57
N ALA L 18 -107.89 -70.51 -23.03
CA ALA L 18 -109.27 -70.18 -22.77
C ALA L 18 -109.42 -69.08 -21.74
N PRO L 19 -109.88 -67.91 -22.17
CA PRO L 19 -110.02 -66.79 -21.24
C PRO L 19 -111.40 -66.76 -20.58
N VAL L 20 -111.42 -66.68 -19.26
CA VAL L 20 -112.64 -66.55 -18.49
C VAL L 20 -112.61 -65.20 -17.77
N ALA L 21 -113.66 -64.41 -17.96
CA ALA L 21 -113.67 -63.04 -17.47
C ALA L 21 -113.72 -63.03 -15.95
N GLY L 22 -113.52 -61.85 -15.38
CA GLY L 22 -113.62 -61.66 -13.95
C GLY L 22 -114.82 -60.83 -13.58
N ARG L 23 -115.57 -61.25 -12.57
CA ARG L 23 -116.80 -60.58 -12.21
C ARG L 23 -116.51 -59.20 -11.61
N LYS L 24 -117.26 -58.21 -12.05
CA LYS L 24 -117.19 -56.86 -11.51
C LYS L 24 -118.36 -56.61 -10.58
N LEU L 25 -118.20 -55.64 -9.68
CA LEU L 25 -119.23 -55.32 -8.70
C LEU L 25 -119.83 -53.94 -8.91
N LEU L 27 -122.36 -50.79 -10.21
CA LEU L 27 -123.79 -50.51 -10.01
C LEU L 27 -124.53 -50.57 -11.34
N ARG L 28 -125.80 -50.94 -11.29
CA ARG L 28 -126.68 -50.91 -12.45
C ARG L 28 -127.96 -50.18 -12.10
N VAL L 29 -128.39 -49.29 -12.99
CA VAL L 29 -129.59 -48.48 -12.79
C VAL L 29 -130.62 -48.87 -13.84
N MET L 30 -131.85 -49.07 -13.40
CA MET L 30 -132.96 -49.43 -14.29
C MET L 30 -133.88 -48.22 -14.43
N THR L 31 -133.65 -47.43 -15.48
CA THR L 31 -134.42 -46.23 -15.70
C THR L 31 -135.61 -46.52 -16.61
N THR L 32 -136.41 -45.50 -16.91
CA THR L 32 -137.59 -45.65 -17.76
C THR L 32 -137.56 -44.78 -19.00
N ASN L 33 -136.56 -43.91 -19.15
CA ASN L 33 -136.56 -42.98 -20.28
C ASN L 33 -136.42 -43.74 -21.59
N ASN L 34 -136.97 -43.17 -22.66
CA ASN L 34 -137.14 -43.92 -23.90
C ASN L 34 -135.88 -43.94 -24.76
N VAL L 35 -134.80 -43.31 -24.31
CA VAL L 35 -133.55 -43.28 -25.07
C VAL L 35 -133.00 -44.69 -25.20
N ILE L 36 -133.07 -45.47 -24.13
CA ILE L 36 -132.46 -46.79 -24.05
C ILE L 36 -133.42 -47.82 -24.63
N PRO L 37 -133.01 -48.61 -25.62
CA PRO L 37 -133.86 -49.69 -26.11
C PRO L 37 -134.06 -50.75 -25.04
N PRO L 38 -135.19 -51.45 -25.06
CA PRO L 38 -135.45 -52.44 -24.00
C PRO L 38 -134.43 -53.57 -23.90
N GLY L 39 -133.85 -54.00 -25.02
CA GLY L 39 -133.09 -55.24 -25.00
C GLY L 39 -131.59 -55.13 -24.85
N ILE L 40 -131.07 -53.98 -24.43
CA ILE L 40 -129.63 -53.81 -24.29
C ILE L 40 -129.31 -53.28 -22.91
N VAL L 41 -128.05 -53.45 -22.51
CA VAL L 41 -127.48 -52.82 -21.33
C VAL L 41 -126.28 -52.00 -21.79
N ILE L 42 -126.21 -50.75 -21.35
CA ILE L 42 -125.19 -49.82 -21.81
C ILE L 42 -124.23 -49.52 -20.66
N ASP L 45 -117.81 -45.65 -18.63
CA ASP L 45 -116.62 -45.69 -17.79
C ASP L 45 -116.39 -44.36 -17.06
N ALA L 47 -117.86 -40.13 -16.11
CA ALA L 47 -119.01 -39.25 -15.95
C ALA L 47 -119.27 -38.42 -17.20
N ASN L 48 -118.20 -37.99 -17.87
CA ASN L 48 -118.37 -37.19 -19.08
C ASN L 48 -119.05 -37.99 -20.19
N ALA L 49 -118.79 -39.30 -20.25
CA ALA L 49 -119.50 -40.12 -21.23
C ALA L 49 -121.00 -40.12 -20.97
N VAL L 50 -121.39 -40.24 -19.70
CA VAL L 50 -122.80 -40.18 -19.34
C VAL L 50 -123.38 -38.82 -19.72
N LEU L 51 -122.62 -37.75 -19.43
CA LEU L 51 -123.08 -36.41 -19.78
C LEU L 51 -123.30 -36.27 -21.28
N SER L 52 -122.38 -36.80 -22.07
CA SER L 52 -122.51 -36.69 -23.53
C SER L 52 -123.68 -37.50 -24.04
N TYR L 53 -123.87 -38.72 -23.53
CA TYR L 53 -124.88 -39.61 -24.09
C TYR L 53 -126.28 -39.22 -23.65
N PHE L 54 -126.44 -38.78 -22.40
CA PHE L 54 -127.78 -38.54 -21.85
C PHE L 54 -128.17 -37.07 -21.79
N GLY L 55 -127.22 -36.16 -21.78
CA GLY L 55 -127.52 -34.75 -21.62
C GLY L 55 -127.40 -34.29 -20.18
N ALA L 56 -127.27 -32.98 -20.01
CA ALA L 56 -127.03 -32.42 -18.68
C ALA L 56 -128.27 -32.47 -17.81
N GLN L 57 -129.46 -32.41 -18.41
CA GLN L 57 -130.68 -32.33 -17.63
C GLN L 57 -131.09 -33.66 -17.01
N SER L 58 -130.70 -34.78 -17.61
CA SER L 58 -131.23 -36.08 -17.21
C SER L 58 -130.80 -36.46 -15.80
N GLU L 59 -131.65 -37.26 -15.15
CA GLU L 59 -131.31 -37.80 -13.84
C GLU L 59 -130.14 -38.77 -13.90
N GLU L 60 -129.90 -39.38 -15.06
CA GLU L 60 -128.77 -40.30 -15.18
C GLU L 60 -127.45 -39.58 -14.95
N TYR L 61 -127.28 -38.40 -15.55
CA TYR L 61 -126.07 -37.63 -15.30
C TYR L 61 -126.00 -37.19 -13.84
N GLN L 62 -127.16 -36.82 -13.26
CA GLN L 62 -127.19 -36.43 -11.85
C GLN L 62 -126.68 -37.55 -10.96
N ARG L 63 -127.10 -38.78 -11.24
CA ARG L 63 -126.66 -39.92 -10.44
C ARG L 63 -125.19 -40.22 -10.69
N ALA L 64 -124.76 -40.20 -11.95
CA ALA L 64 -123.38 -40.56 -12.28
C ALA L 64 -122.39 -39.57 -11.67
N ALA L 65 -122.76 -38.29 -11.62
CA ALA L 65 -121.84 -37.29 -11.09
C ALA L 65 -121.52 -37.58 -9.62
N ALA L 66 -122.53 -37.89 -8.83
CA ALA L 66 -122.29 -38.20 -7.42
C ALA L 66 -121.71 -39.59 -7.25
N TYR L 67 -122.00 -40.49 -8.18
CA TYR L 67 -121.49 -41.85 -8.08
C TYR L 67 -120.00 -41.90 -8.34
N PHE L 68 -119.50 -41.06 -9.25
CA PHE L 68 -118.12 -41.17 -9.70
C PHE L 68 -117.14 -40.41 -8.83
N LYS L 69 -117.61 -39.67 -7.83
CA LYS L 69 -116.72 -39.05 -6.84
C LYS L 69 -116.76 -39.90 -5.58
N PHE L 70 -115.65 -40.54 -5.27
CA PHE L 70 -115.57 -41.46 -4.14
C PHE L 70 -114.12 -41.85 -3.93
N ILE L 71 -113.74 -41.98 -2.66
CA ILE L 71 -112.37 -42.32 -2.30
C ILE L 71 -112.24 -43.67 -1.61
N SER L 72 -113.24 -44.11 -0.85
CA SER L 72 -113.33 -45.42 -0.21
C SER L 72 -112.29 -45.63 0.88
N LYS L 73 -111.62 -44.58 1.36
CA LYS L 73 -110.62 -44.60 2.43
C LYS L 73 -109.36 -45.35 2.03
N SER L 74 -109.30 -45.95 0.84
CA SER L 74 -108.08 -46.54 0.32
C SER L 74 -107.82 -46.02 -1.10
N VAL L 75 -108.20 -44.77 -1.35
CA VAL L 75 -108.05 -44.04 -2.60
C VAL L 75 -108.34 -44.92 -3.81
N SER L 77 -111.77 -45.83 -6.70
CA SER L 77 -112.98 -45.29 -7.27
C SER L 77 -113.71 -46.35 -8.08
N PRO L 78 -115.02 -46.19 -8.28
CA PRO L 78 -115.80 -47.27 -8.94
C PRO L 78 -115.38 -47.55 -10.36
N SER L 79 -115.26 -46.52 -11.20
CA SER L 79 -114.70 -46.61 -12.56
C SER L 79 -115.62 -47.28 -13.58
N SER L 80 -116.88 -47.53 -13.24
CA SER L 80 -117.83 -48.02 -14.24
C SER L 80 -119.24 -47.87 -13.71
N ILE L 81 -120.20 -47.85 -14.64
CA ILE L 81 -121.62 -47.84 -14.32
C ILE L 81 -122.39 -48.41 -15.49
N SER L 82 -123.61 -48.88 -15.22
CA SER L 82 -124.44 -49.52 -16.23
C SER L 82 -125.85 -48.98 -16.19
N PHE L 83 -126.53 -49.00 -17.34
CA PHE L 83 -127.93 -48.62 -17.43
C PHE L 83 -128.68 -49.67 -18.24
N ALA L 84 -129.91 -49.96 -17.80
CA ALA L 84 -130.81 -50.86 -18.50
C ALA L 84 -132.18 -50.20 -18.60
N ARG L 85 -133.08 -50.83 -19.34
CA ARG L 85 -134.37 -50.23 -19.66
C ARG L 85 -135.49 -51.02 -19.02
N TRP L 86 -136.42 -50.31 -18.38
CA TRP L 86 -137.63 -50.88 -17.82
C TRP L 86 -138.82 -50.38 -18.64
N VAL L 87 -139.61 -51.32 -19.15
CA VAL L 87 -140.73 -50.98 -20.04
C VAL L 87 -141.90 -50.65 -19.12
N ASN L 88 -142.03 -49.36 -18.79
CA ASN L 88 -143.06 -48.93 -17.85
C ASN L 88 -144.46 -49.11 -18.42
N THR L 89 -144.67 -48.72 -19.67
CA THR L 89 -145.97 -48.77 -20.32
C THR L 89 -145.85 -49.46 -21.67
N ALA L 90 -146.99 -49.62 -22.34
CA ALA L 90 -147.02 -50.31 -23.63
C ALA L 90 -146.22 -49.53 -24.66
N ILE L 91 -145.54 -50.27 -25.55
CA ILE L 91 -144.58 -49.69 -26.47
C ILE L 91 -144.87 -50.19 -27.88
N ALA L 92 -144.62 -49.34 -28.86
CA ALA L 92 -144.73 -49.70 -30.27
C ALA L 92 -143.40 -50.24 -30.78
N PRO L 93 -143.41 -50.98 -31.89
CA PRO L 93 -142.15 -51.47 -32.45
C PRO L 93 -141.23 -50.33 -32.87
N MET L 94 -139.93 -50.53 -32.68
CA MET L 94 -138.93 -49.50 -32.98
C MET L 94 -137.75 -50.13 -33.69
N VAL L 95 -136.99 -49.29 -34.40
CA VAL L 95 -135.74 -49.68 -35.06
C VAL L 95 -134.68 -48.65 -34.70
N VAL L 96 -133.72 -49.05 -33.86
CA VAL L 96 -132.66 -48.14 -33.43
C VAL L 96 -131.34 -48.89 -33.23
N ASP L 98 -128.10 -46.91 -34.24
CA ASP L 98 -127.31 -45.97 -35.04
C ASP L 98 -126.24 -45.33 -34.17
N ASN L 99 -125.13 -46.04 -33.96
CA ASN L 99 -124.07 -45.54 -33.10
C ASN L 99 -122.96 -44.83 -33.86
N LEU L 100 -122.82 -45.06 -35.15
CA LEU L 100 -121.73 -44.48 -35.91
C LEU L 100 -121.96 -42.98 -36.08
N PRO L 101 -120.91 -42.16 -36.04
CA PRO L 101 -121.07 -40.73 -36.30
C PRO L 101 -121.51 -40.49 -37.73
N LYS L 102 -122.66 -39.85 -37.89
CA LYS L 102 -123.22 -39.56 -39.20
C LYS L 102 -123.82 -38.18 -39.21
N THR L 103 -124.64 -37.88 -40.21
CA THR L 103 -125.34 -36.60 -40.31
C THR L 103 -124.37 -35.44 -40.37
N ILE L 104 -123.46 -35.50 -41.33
CA ILE L 104 -122.54 -34.42 -41.62
C ILE L 104 -123.17 -33.55 -42.71
N ALA L 105 -124.49 -33.70 -42.88
CA ALA L 105 -125.26 -33.00 -43.92
C ALA L 105 -124.78 -33.39 -45.32
N ASP L 106 -124.51 -34.68 -45.51
CA ASP L 106 -124.02 -35.19 -46.78
C ASP L 106 -124.89 -36.37 -47.23
N PHE L 107 -126.20 -36.16 -47.18
CA PHE L 107 -127.16 -37.02 -47.85
C PHE L 107 -127.36 -36.62 -49.31
N ALA L 108 -126.58 -35.64 -49.78
CA ALA L 108 -126.68 -35.23 -51.17
C ALA L 108 -126.27 -36.39 -52.09
N GLY L 109 -126.91 -36.44 -53.25
CA GLY L 109 -126.74 -37.55 -54.15
C GLY L 109 -127.81 -38.60 -53.97
N PHE L 110 -128.55 -38.51 -52.86
CA PHE L 110 -129.75 -39.28 -52.66
C PHE L 110 -130.99 -38.53 -53.12
N SER L 111 -130.82 -37.52 -53.96
CA SER L 111 -131.95 -36.89 -54.62
C SER L 111 -132.45 -37.72 -55.79
N ALA L 112 -131.76 -38.81 -56.11
CA ALA L 112 -132.13 -39.65 -57.24
C ALA L 112 -132.97 -40.82 -56.73
N GLY L 113 -134.27 -40.59 -56.55
CA GLY L 113 -135.24 -41.64 -56.32
C GLY L 113 -134.84 -42.73 -55.36
N VAL L 114 -134.74 -42.41 -54.08
CA VAL L 114 -134.29 -43.38 -53.10
C VAL L 114 -135.35 -44.45 -52.87
N LEU L 115 -134.90 -45.69 -52.75
CA LEU L 115 -135.75 -46.83 -52.41
C LEU L 115 -135.27 -47.40 -51.08
N THR L 116 -136.20 -47.65 -50.17
CA THR L 116 -135.93 -48.41 -48.96
C THR L 116 -137.05 -49.41 -48.75
N ILE L 117 -136.71 -50.56 -48.18
CA ILE L 117 -137.65 -51.67 -48.01
C ILE L 117 -137.80 -51.95 -46.53
N MET L 118 -139.05 -52.03 -46.06
CA MET L 118 -139.30 -52.39 -44.68
C MET L 118 -140.42 -53.42 -44.61
N VAL L 119 -140.37 -54.30 -43.61
CA VAL L 119 -141.28 -55.42 -43.51
C VAL L 119 -141.92 -55.42 -42.13
N GLY L 120 -143.24 -55.56 -42.08
CA GLY L 120 -143.91 -55.98 -40.88
C GLY L 120 -143.94 -57.49 -40.83
N ALA L 121 -144.58 -58.07 -41.85
CA ALA L 121 -144.41 -59.47 -42.20
C ALA L 121 -144.21 -59.68 -43.70
N ALA L 122 -144.57 -58.71 -44.52
CA ALA L 122 -144.34 -58.74 -45.96
C ALA L 122 -143.72 -57.42 -46.38
N GLU L 123 -143.14 -57.41 -47.58
CA GLU L 123 -142.36 -56.27 -48.04
C GLU L 123 -143.22 -55.03 -48.21
N GLN L 124 -142.62 -53.87 -47.96
CA GLN L 124 -143.20 -52.56 -48.26
C GLN L 124 -142.06 -51.73 -48.84
N ASN L 125 -142.17 -51.38 -50.11
CA ASN L 125 -141.20 -50.50 -50.75
C ASN L 125 -141.68 -49.07 -50.71
N ILE L 126 -140.74 -48.15 -50.50
CA ILE L 126 -141.06 -46.74 -50.33
C ILE L 126 -140.67 -45.99 -51.59
N THR L 127 -141.49 -45.01 -51.95
CA THR L 127 -141.33 -44.30 -53.21
C THR L 127 -140.07 -43.44 -53.20
N ALA L 128 -139.88 -42.69 -54.28
CA ALA L 128 -138.69 -41.87 -54.42
C ALA L 128 -138.61 -40.83 -53.31
N ILE L 129 -137.45 -40.76 -52.66
CA ILE L 129 -137.20 -39.81 -51.58
C ILE L 129 -136.00 -38.96 -52.00
N ASP L 130 -136.22 -37.65 -52.13
CA ASP L 130 -135.18 -36.74 -52.58
C ASP L 130 -134.79 -35.83 -51.42
N THR L 131 -133.51 -35.84 -51.05
CA THR L 131 -132.98 -35.02 -49.97
C THR L 131 -131.79 -34.18 -50.42
N SER L 132 -131.81 -33.68 -51.65
CA SER L 132 -130.73 -32.80 -52.10
C SER L 132 -130.73 -31.48 -51.33
N ALA L 133 -131.91 -30.92 -51.08
CA ALA L 133 -131.99 -29.66 -50.35
C ALA L 133 -131.41 -29.79 -48.95
N ALA L 134 -132.06 -30.60 -48.11
CA ALA L 134 -131.52 -31.04 -46.82
C ALA L 134 -130.95 -29.87 -46.02
N THR L 135 -131.85 -28.96 -45.63
CA THR L 135 -131.44 -27.84 -44.78
C THR L 135 -130.81 -28.32 -43.49
N SER L 136 -131.39 -29.36 -42.88
CA SER L 136 -130.82 -29.98 -41.69
C SER L 136 -131.31 -31.42 -41.64
N MET L 137 -130.72 -32.18 -40.73
CA MET L 137 -131.13 -33.58 -40.56
C MET L 137 -132.54 -33.68 -40.00
N ASP L 138 -133.00 -32.63 -39.31
CA ASP L 138 -134.40 -32.59 -38.92
C ASP L 138 -135.30 -32.59 -40.16
N ASN L 139 -134.90 -31.82 -41.18
CA ASN L 139 -135.62 -31.86 -42.45
C ASN L 139 -135.55 -33.24 -43.08
N VAL L 140 -134.39 -33.90 -42.99
CA VAL L 140 -134.27 -35.23 -43.57
C VAL L 140 -135.22 -36.21 -42.91
N ALA L 141 -135.30 -36.18 -41.58
CA ALA L 141 -136.23 -37.04 -40.86
C ALA L 141 -137.67 -36.72 -41.22
N SER L 142 -138.00 -35.44 -41.32
CA SER L 142 -139.36 -35.07 -41.72
C SER L 142 -139.70 -35.59 -43.10
N ILE L 143 -138.77 -35.47 -44.05
CA ILE L 143 -139.04 -35.90 -45.41
C ILE L 143 -139.16 -37.41 -45.49
N ILE L 144 -138.34 -38.14 -44.74
CA ILE L 144 -138.50 -39.59 -44.69
C ILE L 144 -139.87 -39.95 -44.12
N GLN L 145 -140.28 -39.26 -43.06
CA GLN L 145 -141.58 -39.53 -42.45
C GLN L 145 -142.71 -39.27 -43.43
N THR L 146 -142.61 -38.20 -44.22
CA THR L 146 -143.68 -37.89 -45.17
C THR L 146 -143.83 -39.00 -46.20
N GLU L 147 -142.71 -39.52 -46.72
CA GLU L 147 -142.79 -40.59 -47.71
C GLU L 147 -143.25 -41.90 -47.09
N ILE L 148 -142.89 -42.17 -45.84
CA ILE L 148 -143.34 -43.40 -45.20
C ILE L 148 -144.84 -43.36 -44.92
N ARG L 149 -145.34 -42.21 -44.49
CA ARG L 149 -146.75 -42.10 -44.11
C ARG L 149 -147.69 -42.29 -45.28
N LYS L 150 -147.18 -42.26 -46.52
CA LYS L 150 -148.04 -42.46 -47.68
C LYS L 150 -148.48 -43.92 -47.82
N ASN L 151 -147.79 -44.84 -47.16
CA ASN L 151 -148.14 -46.25 -47.28
C ASN L 151 -149.42 -46.56 -46.52
N ALA L 152 -150.12 -47.60 -46.98
CA ALA L 152 -151.44 -47.95 -46.46
C ALA L 152 -151.41 -49.00 -45.36
N ASP L 153 -150.24 -49.48 -44.97
CA ASP L 153 -150.15 -50.44 -43.87
C ASP L 153 -150.46 -49.73 -42.55
N PRO L 154 -151.25 -50.33 -41.66
CA PRO L 154 -151.63 -49.63 -40.42
C PRO L 154 -150.45 -49.18 -39.58
N GLN L 155 -149.38 -49.97 -39.50
CA GLN L 155 -148.20 -49.52 -38.76
C GLN L 155 -147.58 -48.29 -39.40
N LEU L 156 -147.50 -48.27 -40.73
CA LEU L 156 -146.83 -47.20 -41.46
C LEU L 156 -147.76 -46.04 -41.78
N ALA L 157 -149.04 -46.13 -41.44
CA ALA L 157 -149.97 -45.03 -41.72
C ALA L 157 -149.63 -43.80 -40.91
N GLN L 158 -149.28 -43.97 -39.64
CA GLN L 158 -148.96 -42.86 -38.75
C GLN L 158 -147.58 -43.04 -38.11
N ALA L 159 -146.66 -43.70 -38.81
CA ALA L 159 -145.34 -43.94 -38.28
C ALA L 159 -144.57 -42.62 -38.14
N THR L 160 -143.64 -42.61 -37.19
CA THR L 160 -142.85 -41.42 -36.91
C THR L 160 -141.37 -41.72 -37.08
N VAL L 161 -140.63 -40.74 -37.61
CA VAL L 161 -139.19 -40.81 -37.74
C VAL L 161 -138.60 -39.66 -36.96
N THR L 162 -137.64 -39.94 -36.09
CA THR L 162 -137.04 -38.92 -35.25
C THR L 162 -135.52 -39.01 -35.37
N TRP L 163 -134.86 -37.91 -35.04
CA TRP L 163 -133.41 -37.81 -35.09
C TRP L 163 -132.89 -37.21 -33.79
N ASN L 164 -131.80 -37.78 -33.29
CA ASN L 164 -131.23 -37.41 -32.00
C ASN L 164 -129.86 -36.78 -32.22
N GLN L 165 -129.57 -35.69 -31.51
CA GLN L 165 -128.32 -34.97 -31.73
C GLN L 165 -127.23 -35.40 -30.76
N ASN L 166 -127.59 -35.68 -29.50
CA ASN L 166 -126.58 -36.03 -28.51
C ASN L 166 -125.83 -37.28 -28.93
N THR L 167 -126.55 -38.35 -29.20
CA THR L 167 -126.03 -39.48 -29.95
C THR L 167 -126.33 -39.24 -31.42
N ASN L 168 -126.19 -40.27 -32.25
CA ASN L 168 -126.33 -40.11 -33.69
C ASN L 168 -127.31 -41.12 -34.25
N GLN L 169 -128.50 -41.20 -33.64
CA GLN L 169 -129.45 -42.27 -33.91
C GLN L 169 -130.69 -41.76 -34.64
N PHE L 170 -131.08 -42.48 -35.69
CA PHE L 170 -132.38 -42.34 -36.33
C PHE L 170 -133.30 -43.42 -35.78
N THR L 171 -134.52 -43.05 -35.41
CA THR L 171 -135.45 -43.98 -34.79
C THR L 171 -136.80 -43.91 -35.51
N LEU L 172 -137.36 -45.09 -35.78
CA LEU L 172 -138.63 -45.21 -36.47
C LEU L 172 -139.61 -45.94 -35.55
N VAL L 173 -140.79 -45.34 -35.36
CA VAL L 173 -141.80 -45.86 -34.44
C VAL L 173 -143.08 -46.12 -35.22
N GLY L 174 -143.63 -47.33 -35.07
CA GLY L 174 -144.86 -47.67 -35.73
C GLY L 174 -146.07 -47.09 -35.03
N ALA L 175 -147.19 -47.05 -35.76
CA ALA L 175 -148.39 -46.39 -35.28
C ALA L 175 -149.09 -47.15 -34.16
N THR L 176 -149.27 -48.46 -34.32
CA THR L 176 -150.05 -49.25 -33.38
C THR L 176 -149.23 -49.57 -32.15
N ILE L 177 -149.92 -49.71 -31.02
CA ILE L 177 -149.28 -49.92 -29.72
C ILE L 177 -149.73 -51.27 -29.18
N GLY L 178 -148.77 -52.15 -28.90
CA GLY L 178 -149.05 -53.39 -28.22
C GLY L 178 -148.51 -54.62 -28.90
N THR L 179 -148.57 -54.67 -30.23
CA THR L 179 -148.14 -55.84 -30.96
C THR L 179 -147.68 -55.42 -32.36
N GLY L 180 -146.65 -56.08 -32.84
CA GLY L 180 -146.13 -55.83 -34.17
C GLY L 180 -144.63 -56.11 -34.20
N VAL L 181 -144.13 -56.46 -35.39
CA VAL L 181 -142.71 -56.70 -35.61
C VAL L 181 -142.31 -55.97 -36.87
N LEU L 182 -141.27 -55.15 -36.78
CA LEU L 182 -140.78 -54.37 -37.91
C LEU L 182 -139.32 -54.66 -38.17
N ALA L 183 -138.92 -54.57 -39.43
CA ALA L 183 -137.52 -54.75 -39.80
C ALA L 183 -137.25 -54.03 -41.12
N VAL L 184 -135.97 -53.83 -41.40
CA VAL L 184 -135.52 -53.20 -42.64
C VAL L 184 -134.54 -54.13 -43.33
N ALA L 185 -134.62 -54.20 -44.65
CA ALA L 185 -133.84 -55.14 -45.44
C ALA L 185 -132.85 -54.39 -46.32
N LYS L 186 -131.68 -55.00 -46.53
CA LYS L 186 -130.65 -54.46 -47.41
C LYS L 186 -130.98 -54.85 -48.85
N SER L 187 -131.31 -53.85 -49.67
CA SER L 187 -131.60 -54.09 -51.07
C SER L 187 -130.37 -53.88 -51.93
N ALA L 188 -130.48 -54.24 -53.21
CA ALA L 188 -129.37 -54.17 -54.15
C ALA L 188 -129.40 -52.94 -55.04
N ASP L 189 -130.38 -52.06 -54.88
CA ASP L 189 -130.46 -50.88 -55.72
C ASP L 189 -129.31 -49.92 -55.38
N PRO L 190 -128.87 -49.10 -56.33
CA PRO L 190 -127.83 -48.11 -56.02
C PRO L 190 -128.28 -47.04 -55.06
N GLN L 191 -129.52 -46.56 -55.21
CA GLN L 191 -130.03 -45.45 -54.40
C GLN L 191 -130.83 -46.00 -53.23
N ASP L 192 -130.12 -46.71 -52.36
CA ASP L 192 -130.71 -47.30 -51.16
C ASP L 192 -130.02 -46.69 -49.94
N MET L 193 -130.80 -46.09 -49.05
CA MET L 193 -130.26 -45.30 -47.94
C MET L 193 -130.31 -46.04 -46.61
N SER L 194 -130.20 -47.37 -46.64
CA SER L 194 -130.07 -48.13 -45.39
C SER L 194 -128.64 -48.12 -44.86
N THR L 195 -127.69 -47.58 -45.61
CA THR L 195 -126.32 -47.44 -45.12
C THR L 195 -126.01 -46.02 -44.65
N ALA L 196 -126.51 -45.00 -45.36
CA ALA L 196 -126.42 -43.65 -44.83
C ALA L 196 -127.19 -43.53 -43.53
N LEU L 197 -128.39 -44.11 -43.48
CA LEU L 197 -129.03 -44.42 -42.21
C LEU L 197 -128.35 -45.65 -41.63
N GLY L 198 -128.42 -45.80 -40.32
CA GLY L 198 -127.79 -46.97 -39.74
C GLY L 198 -128.74 -48.13 -39.56
N TRP L 199 -129.74 -48.22 -40.43
CA TRP L 199 -130.73 -49.30 -40.39
C TRP L 199 -130.27 -50.46 -41.26
N SER L 200 -130.36 -51.67 -40.71
CA SER L 200 -129.91 -52.89 -41.39
C SER L 200 -128.41 -52.92 -41.63
N THR L 201 -127.63 -52.27 -40.76
CA THR L 201 -126.18 -52.33 -40.84
C THR L 201 -125.60 -52.65 -39.46
N SER L 202 -124.61 -53.54 -39.45
CA SER L 202 -123.90 -53.93 -38.23
C SER L 202 -124.94 -54.43 -37.24
N ASN L 203 -125.00 -53.91 -36.03
CA ASN L 203 -125.97 -54.34 -35.01
C ASN L 203 -127.03 -53.25 -34.81
N VAL L 204 -128.26 -53.58 -35.22
CA VAL L 204 -129.41 -52.69 -35.09
C VAL L 204 -130.41 -53.34 -34.15
N VAL L 205 -130.95 -52.56 -33.23
CA VAL L 205 -131.90 -53.07 -32.23
C VAL L 205 -133.30 -52.93 -32.81
N ASN L 206 -133.94 -54.06 -33.07
CA ASN L 206 -135.34 -54.09 -33.48
C ASN L 206 -136.18 -54.47 -32.27
N VAL L 207 -137.06 -53.57 -31.84
CA VAL L 207 -137.86 -53.74 -30.64
C VAL L 207 -139.29 -54.09 -31.06
N ALA L 208 -139.77 -55.23 -30.61
CA ALA L 208 -141.15 -55.63 -30.86
C ALA L 208 -142.09 -55.01 -29.82
N GLY L 209 -143.38 -55.02 -30.14
CA GLY L 209 -144.35 -54.44 -29.24
C GLY L 209 -144.43 -55.21 -27.92
N GLN L 210 -144.77 -54.49 -26.86
CA GLN L 210 -144.79 -55.07 -25.53
C GLN L 210 -145.99 -54.55 -24.75
N SER L 211 -146.26 -55.22 -23.63
CA SER L 211 -147.30 -54.82 -22.69
C SER L 211 -146.70 -53.93 -21.60
N ALA L 212 -147.46 -53.68 -20.54
CA ALA L 212 -146.99 -52.78 -19.49
C ALA L 212 -145.83 -53.37 -18.71
N ASP L 213 -145.73 -54.71 -18.63
CA ASP L 213 -144.57 -55.40 -18.05
C ASP L 213 -144.44 -55.12 -16.55
N LEU L 214 -143.55 -55.83 -15.87
CA LEU L 214 -143.45 -55.76 -14.42
C LEU L 214 -141.97 -55.65 -14.04
N PRO L 215 -141.66 -55.01 -12.91
CA PRO L 215 -140.25 -54.76 -12.57
C PRO L 215 -139.41 -56.01 -12.39
N ASP L 216 -139.96 -57.05 -11.75
CA ASP L 216 -139.17 -58.24 -11.49
C ASP L 216 -138.90 -59.02 -12.77
N ALA L 217 -139.83 -58.97 -13.72
CA ALA L 217 -139.56 -59.55 -15.03
C ALA L 217 -138.54 -58.73 -15.79
N ALA L 218 -138.60 -57.41 -15.65
CA ALA L 218 -137.66 -56.53 -16.35
C ALA L 218 -136.23 -56.76 -15.87
N VAL L 219 -136.05 -56.89 -14.56
CA VAL L 219 -134.70 -57.11 -14.05
C VAL L 219 -134.17 -58.47 -14.48
N ALA L 220 -135.04 -59.48 -14.57
CA ALA L 220 -134.62 -60.78 -15.06
C ALA L 220 -134.21 -60.70 -16.54
N LYS L 221 -134.97 -59.97 -17.35
CA LYS L 221 -134.59 -59.79 -18.75
C LYS L 221 -133.25 -59.09 -18.85
N SER L 222 -133.02 -58.06 -18.02
CA SER L 222 -131.76 -57.34 -18.06
C SER L 222 -130.59 -58.24 -17.63
N THR L 223 -130.80 -59.08 -16.62
CA THR L 223 -129.72 -59.95 -16.17
C THR L 223 -129.50 -61.10 -17.14
N ASN L 224 -130.46 -61.36 -18.03
CA ASN L 224 -130.25 -62.37 -19.05
C ASN L 224 -129.09 -62.02 -19.97
N VAL L 225 -128.97 -60.75 -20.36
CA VAL L 225 -127.98 -60.38 -21.37
C VAL L 225 -126.59 -60.25 -20.76
N SER L 226 -126.50 -59.74 -19.52
CA SER L 226 -125.21 -59.65 -18.85
C SER L 226 -125.45 -59.46 -17.36
N ASN L 227 -124.66 -60.14 -16.54
CA ASN L 227 -124.79 -60.08 -15.09
C ASN L 227 -123.50 -59.69 -14.39
N ASN L 228 -122.68 -58.83 -15.02
CA ASN L 228 -121.43 -58.36 -14.42
C ASN L 228 -121.70 -57.07 -13.63
N PHE L 229 -122.37 -57.23 -12.50
CA PHE L 229 -122.73 -56.08 -11.68
C PHE L 229 -123.04 -56.55 -10.26
N GLY L 230 -123.27 -55.58 -9.40
CA GLY L 230 -123.77 -55.83 -8.05
C GLY L 230 -124.51 -54.62 -7.55
N SER L 231 -125.45 -54.86 -6.65
CA SER L 231 -126.20 -53.78 -6.00
C SER L 231 -126.94 -52.90 -7.01
N PHE L 232 -127.89 -53.49 -7.72
CA PHE L 232 -128.72 -52.71 -8.64
C PHE L 232 -129.71 -51.85 -7.88
N LEU L 233 -130.36 -50.93 -8.60
CA LEU L 233 -131.40 -50.07 -8.06
C LEU L 233 -132.19 -49.45 -9.20
N PHE L 234 -133.45 -49.09 -8.92
CA PHE L 234 -134.35 -48.65 -9.98
C PHE L 234 -134.19 -47.16 -10.26
N ALA L 235 -134.39 -46.32 -9.24
CA ALA L 235 -134.14 -44.89 -9.34
C ALA L 235 -134.98 -44.23 -10.42
N GLY L 236 -136.29 -44.24 -10.20
CA GLY L 236 -137.20 -43.42 -10.98
C GLY L 236 -138.14 -42.69 -10.03
N ALA L 237 -139.43 -42.79 -10.32
CA ALA L 237 -140.44 -42.43 -9.35
C ALA L 237 -140.49 -43.51 -8.27
N PRO L 238 -140.90 -43.15 -7.05
CA PRO L 238 -140.99 -44.17 -6.00
C PRO L 238 -141.95 -45.29 -6.37
N LEU L 239 -141.56 -46.51 -6.01
CA LEU L 239 -142.34 -47.68 -6.36
C LEU L 239 -143.35 -48.02 -5.26
N ASP L 240 -144.40 -48.72 -5.66
CA ASP L 240 -145.39 -49.20 -4.71
C ASP L 240 -144.78 -50.27 -3.81
N ASN L 241 -145.40 -50.45 -2.63
CA ASN L 241 -144.87 -51.40 -1.67
C ASN L 241 -144.90 -52.82 -2.21
N ASP L 242 -145.95 -53.19 -2.94
CA ASP L 242 -146.04 -54.53 -3.51
C ASP L 242 -144.94 -54.77 -4.54
N GLN L 243 -144.62 -53.76 -5.35
CA GLN L 243 -143.54 -53.91 -6.31
C GLN L 243 -142.21 -54.11 -5.60
N ILE L 244 -141.96 -53.37 -4.52
CA ILE L 244 -140.75 -53.56 -3.74
C ILE L 244 -140.72 -54.97 -3.18
N LYS L 245 -141.87 -55.47 -2.70
CA LYS L 245 -141.93 -56.82 -2.16
C LYS L 245 -141.57 -57.85 -3.22
N ALA L 246 -142.13 -57.70 -4.43
CA ALA L 246 -141.85 -58.67 -5.49
C ALA L 246 -140.38 -58.63 -5.88
N VAL L 247 -139.80 -57.44 -6.00
CA VAL L 247 -138.40 -57.34 -6.40
C VAL L 247 -137.49 -57.90 -5.32
N SER L 248 -137.79 -57.64 -4.05
CA SER L 248 -136.98 -58.20 -2.98
C SER L 248 -137.08 -59.72 -2.93
N ALA L 249 -138.27 -60.27 -3.19
CA ALA L 249 -138.41 -61.71 -3.27
C ALA L 249 -137.58 -62.28 -4.41
N TRP L 250 -137.61 -61.62 -5.57
CA TRP L 250 -136.80 -62.10 -6.70
C TRP L 250 -135.32 -62.06 -6.37
N ASN L 251 -134.86 -60.99 -5.70
CA ASN L 251 -133.47 -60.92 -5.28
C ASN L 251 -133.14 -62.05 -4.32
N ALA L 252 -134.04 -62.34 -3.38
CA ALA L 252 -133.81 -63.42 -2.43
C ALA L 252 -133.80 -64.78 -3.11
N ALA L 253 -134.38 -64.89 -4.31
CA ALA L 253 -134.35 -66.16 -5.02
C ALA L 253 -132.91 -66.60 -5.31
N GLN L 254 -132.08 -65.69 -5.81
CA GLN L 254 -130.65 -65.99 -5.91
C GLN L 254 -129.99 -65.76 -4.57
N ASN L 255 -129.21 -66.74 -4.11
CA ASN L 255 -128.80 -66.77 -2.71
C ASN L 255 -127.98 -65.54 -2.33
N ASN L 256 -126.79 -65.39 -2.91
CA ASN L 256 -125.85 -64.39 -2.44
C ASN L 256 -125.18 -63.69 -3.62
N GLN L 257 -125.97 -63.28 -4.61
CA GLN L 257 -125.45 -62.73 -5.86
C GLN L 257 -125.44 -61.21 -5.89
N PHE L 258 -126.57 -60.57 -5.60
CA PHE L 258 -126.74 -59.14 -5.82
C PHE L 258 -127.15 -58.46 -4.52
N ILE L 259 -127.19 -57.13 -4.56
CA ILE L 259 -127.79 -56.33 -3.49
C ILE L 259 -128.88 -55.48 -4.12
N TYR L 260 -129.83 -55.05 -3.31
CA TYR L 260 -130.98 -54.27 -3.78
C TYR L 260 -131.25 -53.16 -2.78
N THR L 261 -131.02 -51.92 -3.20
CA THR L 261 -131.11 -50.76 -2.31
C THR L 261 -132.43 -50.05 -2.55
N VAL L 262 -133.14 -49.74 -1.47
CA VAL L 262 -134.42 -49.05 -1.52
C VAL L 262 -134.31 -47.80 -0.67
N ALA L 263 -135.02 -46.75 -1.07
CA ALA L 263 -135.07 -45.50 -0.32
C ALA L 263 -136.49 -45.27 0.19
N THR L 264 -136.62 -44.98 1.48
CA THR L 264 -137.91 -44.84 2.12
C THR L 264 -137.92 -43.60 3.00
N SER L 265 -139.13 -43.15 3.35
CA SER L 265 -139.28 -42.13 4.37
C SER L 265 -139.32 -42.79 5.75
N LEU L 266 -139.27 -41.95 6.79
CA LEU L 266 -139.25 -42.49 8.15
C LEU L 266 -140.56 -43.20 8.47
N ALA L 267 -141.69 -42.59 8.12
CA ALA L 267 -142.98 -43.20 8.44
C ALA L 267 -143.21 -44.47 7.64
N ASN L 268 -142.79 -44.48 6.38
CA ASN L 268 -142.98 -45.67 5.56
C ASN L 268 -142.07 -46.82 5.98
N LEU L 269 -141.03 -46.55 6.77
CA LEU L 269 -140.10 -47.60 7.17
C LEU L 269 -140.80 -48.67 7.99
N GLY L 270 -141.69 -48.26 8.91
CA GLY L 270 -142.41 -49.24 9.71
C GLY L 270 -143.35 -50.08 8.87
N THR L 271 -143.94 -49.50 7.83
CA THR L 271 -144.79 -50.27 6.92
C THR L 271 -143.99 -51.36 6.23
N LEU L 272 -142.80 -51.02 5.74
CA LEU L 272 -141.87 -52.06 5.32
C LEU L 272 -141.25 -52.71 6.55
N PHE L 273 -140.32 -53.62 6.31
CA PHE L 273 -139.72 -54.52 7.29
C PHE L 273 -140.74 -55.53 7.78
N THR L 274 -142.01 -55.41 7.39
CA THR L 274 -143.01 -56.46 7.53
C THR L 274 -143.14 -57.25 6.23
N LEU L 275 -143.20 -56.55 5.10
CA LEU L 275 -143.20 -57.21 3.81
C LEU L 275 -141.84 -57.80 3.49
N VAL L 276 -140.77 -57.00 3.64
CA VAL L 276 -139.45 -57.42 3.20
C VAL L 276 -138.61 -58.04 4.31
N ASN L 277 -139.23 -58.42 5.43
CA ASN L 277 -138.50 -59.19 6.43
C ASN L 277 -138.03 -60.50 5.80
N GLY L 278 -136.88 -60.98 6.26
CA GLY L 278 -136.22 -62.03 5.51
C GLY L 278 -135.65 -61.41 4.26
N ASN L 279 -135.76 -62.13 3.14
CA ASN L 279 -135.39 -61.59 1.83
C ASN L 279 -133.95 -61.07 1.82
N ALA L 280 -133.02 -62.01 1.96
CA ALA L 280 -131.61 -61.65 2.10
C ALA L 280 -131.11 -60.86 0.90
N GLY L 281 -130.25 -59.88 1.18
CA GLY L 281 -129.67 -59.06 0.15
C GLY L 281 -130.38 -57.75 -0.12
N THR L 282 -131.29 -57.33 0.75
CA THR L 282 -132.05 -56.10 0.57
C THR L 282 -131.61 -55.08 1.60
N ALA L 283 -131.42 -53.84 1.17
CA ALA L 283 -130.99 -52.75 2.04
C ALA L 283 -132.01 -51.63 2.00
N LEU L 284 -132.29 -51.05 3.17
CA LEU L 284 -133.25 -49.95 3.30
C LEU L 284 -132.53 -48.70 3.78
N ASN L 285 -132.72 -47.59 3.09
CA ASN L 285 -132.07 -46.33 3.40
C ASN L 285 -133.13 -45.25 3.59
N VAL L 286 -133.02 -44.50 4.67
CA VAL L 286 -134.04 -43.52 5.02
C VAL L 286 -133.72 -42.20 4.35
N LEU L 287 -134.72 -41.61 3.69
CA LEU L 287 -134.61 -40.31 3.05
C LEU L 287 -135.05 -39.20 4.01
N SER L 288 -134.85 -37.97 3.57
CA SER L 288 -135.30 -36.79 4.29
C SER L 288 -136.39 -36.10 3.48
N ALA L 289 -137.57 -35.96 4.08
CA ALA L 289 -138.68 -35.29 3.42
C ALA L 289 -138.46 -33.79 3.38
N THR L 290 -139.04 -33.14 2.37
CA THR L 290 -138.98 -31.69 2.20
C THR L 290 -137.54 -31.19 2.19
N ALA L 291 -136.69 -31.87 1.41
CA ALA L 291 -135.30 -31.47 1.25
C ALA L 291 -134.87 -31.78 -0.17
N ALA L 292 -133.61 -31.49 -0.46
CA ALA L 292 -133.04 -31.83 -1.76
C ALA L 292 -133.05 -33.34 -1.95
N ASN L 293 -133.00 -33.77 -3.21
CA ASN L 293 -133.04 -35.20 -3.50
C ASN L 293 -131.87 -35.92 -2.84
N ASP L 294 -130.65 -35.43 -3.08
CA ASP L 294 -129.40 -35.90 -2.47
C ASP L 294 -129.42 -37.40 -2.23
N PHE L 295 -129.86 -38.11 -3.27
CA PHE L 295 -130.10 -39.55 -3.23
C PHE L 295 -129.06 -40.32 -2.41
N VAL L 296 -129.56 -41.16 -1.51
CA VAL L 296 -128.76 -41.79 -0.48
C VAL L 296 -128.65 -43.31 -0.64
N GLU L 297 -129.58 -43.92 -1.37
CA GLU L 297 -129.55 -45.37 -1.54
C GLU L 297 -128.30 -45.83 -2.29
N GLN L 298 -127.49 -44.90 -2.78
CA GLN L 298 -126.29 -45.24 -3.51
C GLN L 298 -125.07 -45.43 -2.62
N CYS L 299 -125.16 -45.14 -1.33
CA CYS L 299 -123.99 -45.26 -0.46
C CYS L 299 -123.46 -46.69 -0.38
N PRO L 300 -124.26 -47.71 -0.04
CA PRO L 300 -123.72 -49.07 -0.07
C PRO L 300 -123.24 -49.49 -1.44
N SER L 301 -123.96 -49.08 -2.49
CA SER L 301 -123.54 -49.43 -3.85
C SER L 301 -122.21 -48.81 -4.18
N GLU L 302 -122.00 -47.54 -3.83
CA GLU L 302 -120.71 -46.91 -4.09
C GLU L 302 -119.59 -47.59 -3.32
N ILE L 303 -119.83 -47.88 -2.03
CA ILE L 303 -118.78 -48.50 -1.22
C ILE L 303 -118.41 -49.87 -1.78
N LEU L 304 -119.42 -50.65 -2.23
CA LEU L 304 -119.14 -51.93 -2.85
C LEU L 304 -118.37 -51.77 -4.15
N ALA L 305 -118.78 -50.81 -4.98
CA ALA L 305 -118.15 -50.65 -6.29
C ALA L 305 -116.70 -50.26 -6.18
N ALA L 306 -116.37 -49.39 -5.22
CA ALA L 306 -115.00 -48.89 -5.10
C ALA L 306 -114.01 -49.93 -4.61
N THR L 307 -114.50 -50.99 -3.96
CA THR L 307 -113.59 -51.97 -3.37
C THR L 307 -112.84 -52.75 -4.43
N ASN L 308 -111.56 -53.05 -4.15
CA ASN L 308 -110.68 -53.78 -5.05
C ASN L 308 -110.13 -54.98 -4.29
N TYR L 309 -110.53 -56.18 -4.69
CA TYR L 309 -110.28 -57.36 -3.88
C TYR L 309 -108.96 -58.06 -4.17
N GLU L 311 -106.02 -56.38 -3.89
CA GLU L 311 -105.10 -55.70 -2.99
C GLU L 311 -105.36 -56.10 -1.55
N PRO L 312 -104.36 -55.96 -0.67
CA PRO L 312 -104.54 -56.37 0.73
C PRO L 312 -105.40 -55.39 1.52
N GLY L 313 -105.91 -55.88 2.64
CA GLY L 313 -106.67 -55.06 3.56
C GLY L 313 -107.90 -54.43 2.96
N ALA L 314 -108.60 -55.16 2.08
CA ALA L 314 -109.74 -54.62 1.35
C ALA L 314 -111.08 -55.04 1.94
N SER L 315 -111.09 -55.69 3.10
CA SER L 315 -112.36 -56.12 3.70
C SER L 315 -113.24 -54.93 4.04
N GLN L 316 -112.65 -53.90 4.65
CA GLN L 316 -113.34 -52.65 4.96
C GLN L 316 -114.50 -52.85 5.93
N ASN L 317 -115.20 -51.77 6.24
CA ASN L 317 -116.36 -51.80 7.13
C ASN L 317 -117.35 -50.74 6.68
N TYR L 318 -118.61 -51.13 6.56
CA TYR L 318 -119.65 -50.25 6.04
C TYR L 318 -120.20 -49.30 7.07
N MET L 319 -119.80 -49.40 8.33
CA MET L 319 -120.40 -48.58 9.37
C MET L 319 -119.78 -47.19 9.44
N TYR L 320 -118.51 -47.09 9.80
CA TYR L 320 -117.89 -45.79 10.07
C TYR L 320 -117.35 -45.22 8.77
N TYR L 321 -118.18 -44.44 8.08
CA TYR L 321 -117.75 -43.84 6.82
C TYR L 321 -118.57 -42.57 6.64
N GLN L 322 -117.96 -41.55 6.05
CA GLN L 322 -118.54 -40.20 6.04
C GLN L 322 -118.99 -39.82 4.64
N PHE L 323 -120.16 -39.17 4.55
CA PHE L 323 -120.75 -38.74 3.29
C PHE L 323 -121.13 -37.26 3.39
N PRO L 324 -120.21 -36.34 3.11
CA PRO L 324 -120.54 -34.91 3.25
C PRO L 324 -121.64 -34.45 2.31
N GLY L 325 -121.82 -35.09 1.17
CA GLY L 325 -122.88 -34.69 0.26
C GLY L 325 -124.27 -34.93 0.82
N ARG L 326 -124.48 -36.08 1.45
CA ARG L 326 -125.78 -36.42 1.99
C ARG L 326 -126.09 -35.59 3.23
N ASN L 327 -127.36 -35.24 3.40
CA ASN L 327 -127.78 -34.46 4.55
C ASN L 327 -128.19 -35.36 5.71
N ILE L 328 -128.29 -34.76 6.89
CA ILE L 328 -128.49 -35.50 8.13
C ILE L 328 -129.90 -36.08 8.13
N THR L 329 -130.06 -37.22 8.81
CA THR L 329 -131.33 -37.93 8.86
C THR L 329 -131.94 -37.98 10.25
N VAL L 330 -131.20 -38.44 11.25
CA VAL L 330 -131.69 -38.55 12.62
C VAL L 330 -130.68 -37.90 13.57
N SER L 331 -131.17 -37.34 14.66
CA SER L 331 -130.32 -36.64 15.62
C SER L 331 -130.68 -36.92 17.08
N ASP L 332 -131.65 -37.77 17.36
CA ASP L 332 -132.02 -38.13 18.72
C ASP L 332 -131.69 -39.59 18.96
N ASP L 333 -131.41 -39.92 20.22
CA ASP L 333 -131.11 -41.31 20.56
C ASP L 333 -132.36 -42.17 20.55
N THR L 334 -133.50 -41.62 20.99
CA THR L 334 -134.74 -42.39 20.97
C THR L 334 -135.21 -42.65 19.54
N VAL L 335 -135.07 -41.65 18.65
CA VAL L 335 -135.45 -41.83 17.26
C VAL L 335 -134.56 -42.89 16.61
N ALA L 336 -133.26 -42.86 16.90
CA ALA L 336 -132.36 -43.88 16.39
C ALA L 336 -132.72 -45.25 16.92
N ASN L 337 -133.12 -45.33 18.19
CA ASN L 337 -133.54 -46.61 18.75
C ASN L 337 -134.77 -47.15 18.03
N THR L 338 -135.75 -46.29 17.74
CA THR L 338 -136.92 -46.75 17.01
C THR L 338 -136.56 -47.16 15.59
N VAL L 339 -135.66 -46.42 14.94
CA VAL L 339 -135.32 -46.73 13.55
C VAL L 339 -134.55 -48.05 13.45
N ASP L 340 -133.67 -48.32 14.41
CA ASP L 340 -132.83 -49.52 14.33
C ASP L 340 -133.65 -50.79 14.43
N LYS L 341 -134.84 -50.73 15.01
CA LYS L 341 -135.69 -51.92 15.08
C LYS L 341 -136.11 -52.38 13.69
N SER L 342 -136.23 -51.46 12.75
CA SER L 342 -136.63 -51.77 11.39
C SER L 342 -135.45 -52.00 10.45
N ARG L 343 -134.23 -52.04 10.99
CA ARG L 343 -133.03 -52.27 10.20
C ARG L 343 -132.88 -51.24 9.08
N GLY L 344 -133.02 -49.98 9.45
CA GLY L 344 -132.85 -48.87 8.52
C GLY L 344 -131.45 -48.31 8.60
N ASN L 345 -130.91 -47.94 7.45
CA ASN L 345 -129.58 -47.35 7.36
C ASN L 345 -129.70 -45.85 7.10
N TYR L 346 -128.85 -45.07 7.78
CA TYR L 346 -129.04 -43.63 7.76
C TYR L 346 -127.71 -42.93 8.04
N ILE L 347 -127.75 -41.61 7.98
CA ILE L 347 -126.64 -40.75 8.36
C ILE L 347 -127.00 -40.12 9.70
N GLY L 348 -126.21 -40.39 10.72
CA GLY L 348 -126.44 -39.87 12.06
C GLY L 348 -125.41 -38.81 12.40
N VAL L 349 -125.82 -37.86 13.22
CA VAL L 349 -124.95 -36.78 13.68
C VAL L 349 -124.77 -36.91 15.19
N THR L 350 -123.54 -36.75 15.65
CA THR L 350 -123.22 -36.84 17.07
C THR L 350 -122.15 -35.82 17.41
N GLN L 351 -122.22 -35.30 18.64
CA GLN L 351 -121.27 -34.30 19.09
C GLN L 351 -120.03 -34.98 19.66
N ALA L 352 -118.85 -34.54 19.21
CA ALA L 352 -117.58 -35.04 19.75
C ALA L 352 -116.69 -33.83 20.02
N ASN L 353 -116.82 -33.27 21.22
CA ASN L 353 -116.09 -32.08 21.63
C ASN L 353 -116.31 -30.94 20.64
N GLY L 354 -117.56 -30.53 20.53
CA GLY L 354 -117.90 -29.40 19.67
C GLY L 354 -118.20 -29.72 18.22
N GLN L 355 -117.43 -30.62 17.61
CA GLN L 355 -117.62 -30.94 16.21
C GLN L 355 -118.76 -31.93 16.04
N GLN L 356 -119.57 -31.71 15.00
CA GLN L 356 -120.73 -32.55 14.70
C GLN L 356 -120.31 -33.58 13.67
N ALA L 358 -120.94 -36.50 11.27
CA ALA L 358 -122.06 -37.12 10.57
C ALA L 358 -121.53 -38.31 9.78
N PHE L 359 -122.15 -39.47 9.97
CA PHE L 359 -121.66 -40.66 9.29
C PHE L 359 -122.76 -41.70 9.14
N TYR L 360 -122.55 -42.60 8.19
CA TYR L 360 -123.40 -43.76 8.01
C TYR L 360 -123.39 -44.59 9.30
N GLN L 361 -124.53 -45.14 9.69
CA GLN L 361 -124.62 -45.64 11.05
C GLN L 361 -124.72 -47.16 11.16
N ARG L 362 -125.36 -47.84 10.24
CA ARG L 362 -125.51 -49.29 10.37
C ARG L 362 -125.23 -49.98 9.05
N GLY L 363 -124.54 -51.11 9.13
CA GLY L 363 -124.24 -51.88 7.94
C GLY L 363 -124.99 -53.19 7.92
N ILE L 364 -126.27 -53.16 8.29
CA ILE L 364 -127.03 -54.39 8.46
C ILE L 364 -128.03 -54.55 7.32
N LEU L 365 -128.26 -55.81 6.94
CA LEU L 365 -129.21 -56.17 5.89
C LEU L 365 -130.36 -56.95 6.50
N CYS L 366 -131.53 -56.85 5.86
CA CYS L 366 -132.66 -57.67 6.29
C CYS L 366 -132.52 -59.09 5.74
N GLY L 367 -132.71 -60.08 6.60
CA GLY L 367 -132.55 -61.47 6.20
C GLY L 367 -132.79 -62.38 7.38
N GLY L 368 -132.69 -63.68 7.11
CA GLY L 368 -132.91 -64.68 8.13
C GLY L 368 -131.66 -65.00 8.91
N PRO L 369 -131.76 -65.94 9.86
CA PRO L 369 -130.57 -66.31 10.64
C PRO L 369 -129.47 -66.93 9.80
N THR L 370 -129.80 -67.66 8.74
CA THR L 370 -128.80 -68.34 7.93
C THR L 370 -128.05 -67.38 7.00
N ASP L 371 -128.61 -66.21 6.72
CA ASP L 371 -128.01 -65.32 5.75
C ASP L 371 -127.13 -64.26 6.41
N ALA L 372 -126.35 -63.57 5.59
CA ALA L 372 -125.35 -62.61 6.08
C ALA L 372 -126.03 -61.28 6.36
N VAL L 373 -126.13 -60.93 7.65
CA VAL L 373 -126.79 -59.68 8.02
C VAL L 373 -125.92 -58.48 7.70
N ASP L 374 -124.63 -58.55 8.00
CA ASP L 374 -123.73 -57.46 7.72
C ASP L 374 -123.39 -57.41 6.22
N MET L 375 -123.19 -56.20 5.71
CA MET L 375 -122.93 -56.05 4.28
C MET L 375 -121.51 -56.43 3.89
N ASN L 376 -120.53 -56.26 4.78
CA ASN L 376 -119.15 -56.60 4.42
C ASN L 376 -119.00 -58.10 4.16
N VAL L 377 -119.56 -58.94 5.03
CA VAL L 377 -119.48 -60.38 4.81
C VAL L 377 -120.28 -60.77 3.57
N TYR L 378 -121.40 -60.07 3.32
CA TYR L 378 -122.15 -60.30 2.10
C TYR L 378 -121.29 -60.07 0.86
N ALA L 379 -120.60 -58.93 0.82
CA ALA L 379 -119.74 -58.63 -0.33
C ALA L 379 -118.62 -59.64 -0.46
N ASN L 380 -118.01 -60.02 0.67
CA ASN L 380 -116.91 -60.97 0.61
C ASN L 380 -117.39 -62.33 0.11
N GLU L 381 -118.60 -62.76 0.50
CA GLU L 381 -119.11 -64.01 -0.03
C GLU L 381 -119.43 -63.92 -1.52
N ILE L 382 -119.93 -62.77 -1.97
CA ILE L 382 -120.10 -62.56 -3.41
C ILE L 382 -118.77 -62.77 -4.13
N TRP L 383 -117.72 -62.13 -3.62
CA TRP L 383 -116.41 -62.23 -4.27
C TRP L 383 -115.88 -63.65 -4.24
N LEU L 384 -116.03 -64.36 -3.11
CA LEU L 384 -115.57 -65.73 -3.03
C LEU L 384 -116.27 -66.61 -4.06
N LYS L 385 -117.60 -66.51 -4.14
CA LYS L 385 -118.32 -67.33 -5.09
C LYS L 385 -117.87 -67.05 -6.52
N SER L 386 -117.73 -65.77 -6.87
CA SER L 386 -117.30 -65.43 -8.22
C SER L 386 -115.90 -65.96 -8.51
N ALA L 387 -114.96 -65.81 -7.57
CA ALA L 387 -113.59 -66.23 -7.80
C ALA L 387 -113.49 -67.75 -7.93
N ILE L 388 -114.17 -68.49 -7.05
CA ILE L 388 -114.12 -69.95 -7.12
C ILE L 388 -114.73 -70.43 -8.44
N ALA L 389 -115.87 -69.86 -8.82
CA ALA L 389 -116.50 -70.26 -10.08
C ALA L 389 -115.59 -69.96 -11.27
N GLN L 390 -114.93 -68.80 -11.26
CA GLN L 390 -114.01 -68.48 -12.35
C GLN L 390 -112.87 -69.48 -12.43
N ALA L 391 -112.26 -69.81 -11.29
CA ALA L 391 -111.13 -70.74 -11.32
C ALA L 391 -111.56 -72.12 -11.82
N LEU L 392 -112.72 -72.61 -11.35
CA LEU L 392 -113.17 -73.93 -11.78
C LEU L 392 -113.53 -73.96 -13.25
N LEU L 393 -114.23 -72.92 -13.74
CA LEU L 393 -114.57 -72.86 -15.15
C LEU L 393 -113.32 -72.79 -16.02
N ASP L 394 -112.32 -72.02 -15.58
CA ASP L 394 -111.08 -71.91 -16.34
C ASP L 394 -110.36 -73.25 -16.39
N LEU L 395 -110.32 -73.96 -15.26
CA LEU L 395 -109.76 -75.32 -15.25
C LEU L 395 -110.47 -76.21 -16.26
N PHE L 396 -111.81 -76.18 -16.26
CA PHE L 396 -112.55 -77.01 -17.20
C PHE L 396 -112.24 -76.64 -18.64
N LEU L 397 -112.10 -75.35 -18.93
CA LEU L 397 -111.90 -74.92 -20.30
C LEU L 397 -110.50 -75.20 -20.83
N ASN L 398 -109.47 -75.20 -19.97
CA ASN L 398 -108.10 -75.30 -20.46
C ASN L 398 -107.59 -76.74 -20.54
N VAL L 399 -107.55 -77.45 -19.41
CA VAL L 399 -106.92 -78.77 -19.38
C VAL L 399 -107.75 -79.74 -20.22
N ASN L 400 -107.08 -80.78 -20.75
CA ASN L 400 -107.76 -81.73 -21.63
C ASN L 400 -108.88 -82.47 -20.91
N ALA L 401 -108.57 -83.07 -19.76
CA ALA L 401 -109.55 -83.86 -19.03
C ALA L 401 -109.15 -83.92 -17.57
N VAL L 402 -110.16 -84.09 -16.72
CA VAL L 402 -109.93 -84.18 -15.28
C VAL L 402 -110.35 -85.57 -14.83
N PRO L 403 -109.41 -86.47 -14.58
CA PRO L 403 -109.78 -87.84 -14.20
C PRO L 403 -110.44 -87.88 -12.83
N ALA L 404 -111.34 -88.86 -12.67
CA ALA L 404 -112.08 -89.04 -11.42
C ALA L 404 -111.33 -90.03 -10.55
N SER L 405 -110.17 -89.59 -10.06
CA SER L 405 -109.33 -90.39 -9.19
C SER L 405 -108.53 -89.44 -8.30
N SER L 406 -107.57 -89.99 -7.56
CA SER L 406 -106.81 -89.19 -6.61
C SER L 406 -106.15 -87.99 -7.28
N THR L 407 -105.67 -88.18 -8.51
CA THR L 407 -105.09 -87.07 -9.25
C THR L 407 -106.11 -85.95 -9.43
N GLY L 408 -107.38 -86.30 -9.59
CA GLY L 408 -108.41 -85.29 -9.71
C GLY L 408 -108.53 -84.39 -8.50
N GLU L 409 -108.63 -84.98 -7.30
CA GLU L 409 -108.72 -84.16 -6.10
C GLU L 409 -107.45 -83.35 -5.91
N ALA L 410 -106.29 -83.95 -6.16
CA ALA L 410 -105.05 -83.20 -5.99
C ALA L 410 -105.00 -82.01 -6.92
N MET L 411 -105.36 -82.20 -8.19
CA MET L 411 -105.31 -81.12 -9.16
C MET L 411 -106.31 -80.02 -8.83
N THR L 412 -107.53 -80.41 -8.45
CA THR L 412 -108.53 -79.40 -8.09
C THR L 412 -108.09 -78.58 -6.88
N LEU L 413 -107.55 -79.25 -5.85
CA LEU L 413 -107.08 -78.52 -4.69
C LEU L 413 -105.92 -77.59 -5.05
N ALA L 414 -105.00 -78.06 -5.88
CA ALA L 414 -103.88 -77.23 -6.29
C ALA L 414 -104.36 -75.99 -7.03
N VAL L 415 -105.38 -76.14 -7.87
CA VAL L 415 -105.89 -74.98 -8.61
C VAL L 415 -106.62 -74.02 -7.68
N LEU L 416 -107.38 -74.54 -6.71
CA LEU L 416 -108.08 -73.65 -5.81
C LEU L 416 -107.17 -73.01 -4.77
N GLN L 417 -105.93 -73.50 -4.62
CA GLN L 417 -105.05 -72.96 -3.58
C GLN L 417 -104.77 -71.46 -3.70
N PRO L 418 -104.42 -70.90 -4.86
CA PRO L 418 -104.11 -69.46 -4.91
C PRO L 418 -105.27 -68.55 -4.50
N VAL L 419 -106.50 -68.93 -4.82
CA VAL L 419 -107.65 -68.11 -4.43
C VAL L 419 -107.77 -68.04 -2.92
N LEU L 420 -107.64 -69.19 -2.25
CA LEU L 420 -107.69 -69.21 -0.80
C LEU L 420 -106.49 -68.50 -0.18
N ASP L 421 -105.34 -68.53 -0.86
CA ASP L 421 -104.19 -67.78 -0.37
C ASP L 421 -104.47 -66.28 -0.42
N LYS L 422 -105.07 -65.81 -1.50
CA LYS L 422 -105.40 -64.40 -1.62
C LYS L 422 -106.49 -63.99 -0.64
N ALA L 423 -107.41 -64.92 -0.33
CA ALA L 423 -108.49 -64.61 0.59
C ALA L 423 -107.99 -64.27 1.98
N THR L 424 -106.92 -64.94 2.43
CA THR L 424 -106.35 -64.62 3.74
C THR L 424 -105.77 -63.21 3.75
N ALA L 425 -105.09 -62.81 2.68
CA ALA L 425 -104.49 -61.48 2.63
C ALA L 425 -105.55 -60.40 2.51
N ASN L 426 -106.65 -60.69 1.81
CA ASN L 426 -107.69 -59.68 1.64
C ASN L 426 -108.30 -59.26 2.97
N GLY L 427 -108.53 -60.22 3.85
CA GLY L 427 -109.23 -59.96 5.10
C GLY L 427 -110.56 -60.66 5.22
N THR L 428 -110.98 -61.42 4.20
CA THR L 428 -112.22 -62.18 4.31
C THR L 428 -112.06 -63.43 5.16
N PHE L 429 -110.84 -63.90 5.37
CA PHE L 429 -110.56 -64.98 6.31
C PHE L 429 -109.85 -64.37 7.51
N THR L 430 -110.38 -64.62 8.70
CA THR L 430 -109.80 -64.11 9.94
C THR L 430 -109.26 -65.28 10.75
N TYR L 431 -107.99 -65.22 11.11
CA TYR L 431 -107.35 -66.24 11.93
C TYR L 431 -107.19 -65.73 13.36
N LYS L 433 -109.47 -65.78 15.57
CA LYS L 433 -110.76 -65.38 16.13
C LYS L 433 -111.26 -66.47 17.07
N GLU L 434 -111.90 -66.05 18.15
CA GLU L 434 -112.43 -67.01 19.11
C GLU L 434 -113.60 -67.78 18.49
N SER L 436 -116.85 -70.28 19.44
CA SER L 436 -117.70 -70.66 20.54
C SER L 436 -117.82 -72.18 20.63
N ALA L 437 -118.25 -72.66 21.80
CA ALA L 437 -118.44 -74.10 21.98
C ALA L 437 -119.54 -74.62 21.08
N VAL L 438 -120.63 -73.85 20.93
CA VAL L 438 -121.71 -74.27 20.04
C VAL L 438 -121.22 -74.38 18.60
N GLN L 439 -120.44 -73.40 18.15
CA GLN L 439 -119.88 -73.47 16.81
C GLN L 439 -118.92 -74.64 16.67
N GLN L 440 -118.16 -74.93 17.74
CA GLN L 440 -117.27 -76.09 17.70
C GLN L 440 -118.05 -77.37 17.50
N GLN L 441 -119.14 -77.55 18.25
CA GLN L 441 -119.94 -78.76 18.10
C GLN L 441 -120.59 -78.82 16.73
N TYR L 442 -121.04 -77.68 16.21
CA TYR L 442 -121.62 -77.64 14.87
C TYR L 442 -120.60 -78.09 13.83
N ILE L 443 -119.36 -77.61 13.95
CA ILE L 443 -118.34 -77.99 12.97
C ILE L 443 -118.00 -79.47 13.09
N THR L 444 -117.90 -79.98 14.33
CA THR L 444 -117.58 -81.40 14.49
C THR L 444 -118.72 -82.28 14.00
N GLN L 445 -119.95 -81.77 14.01
CA GLN L 445 -121.08 -82.56 13.53
C GLN L 445 -121.19 -82.51 12.02
N VAL L 446 -121.04 -81.33 11.43
CA VAL L 446 -121.21 -81.16 10.00
C VAL L 446 -120.13 -81.93 9.24
N THR L 447 -118.88 -81.80 9.68
CA THR L 447 -117.77 -82.54 9.10
C THR L 447 -117.50 -83.76 9.98
N GLY L 448 -117.46 -84.93 9.37
CA GLY L 448 -117.13 -86.12 10.13
C GLY L 448 -115.76 -86.04 10.77
N ASP L 449 -114.86 -85.29 10.14
CA ASP L 449 -113.51 -85.14 10.67
C ASP L 449 -113.48 -84.14 11.82
N ARG L 450 -113.17 -84.64 13.00
CA ARG L 450 -112.88 -83.82 14.17
C ARG L 450 -111.48 -83.21 14.02
N ARG L 451 -111.20 -82.18 14.82
CA ARG L 451 -110.03 -81.30 14.75
C ARG L 451 -110.07 -80.38 13.54
N ALA L 452 -111.20 -80.30 12.84
CA ALA L 452 -111.34 -79.28 11.81
C ALA L 452 -111.47 -77.90 12.43
N TRP L 453 -112.12 -77.80 13.59
CA TRP L 453 -112.32 -76.50 14.22
C TRP L 453 -111.00 -75.90 14.70
N ARG L 454 -110.10 -76.73 15.21
CA ARG L 454 -108.77 -76.24 15.54
C ARG L 454 -108.09 -75.65 14.31
N GLN L 455 -108.25 -76.30 13.16
CA GLN L 455 -107.64 -75.80 11.94
C GLN L 455 -108.28 -74.49 11.48
N VAL L 456 -109.60 -74.37 11.58
CA VAL L 456 -110.24 -73.15 11.10
C VAL L 456 -109.92 -71.99 12.03
N THR L 458 -106.89 -71.79 13.74
CA THR L 458 -105.46 -71.47 13.62
C THR L 458 -105.12 -70.88 12.26
N LEU L 459 -105.63 -71.48 11.19
CA LEU L 459 -105.28 -71.08 9.83
C LEU L 459 -106.37 -70.27 9.13
N GLY L 460 -107.64 -70.55 9.39
CA GLY L 460 -108.73 -69.74 8.88
C GLY L 460 -109.68 -70.45 7.94
N TYR L 461 -109.37 -71.66 7.50
CA TYR L 461 -110.25 -72.34 6.55
C TYR L 461 -110.03 -73.84 6.61
N TRP L 462 -110.98 -74.56 6.04
CA TRP L 462 -110.95 -76.02 5.92
C TRP L 462 -111.69 -76.38 4.63
N ILE L 463 -111.06 -77.22 3.81
CA ILE L 463 -111.56 -77.54 2.48
C ILE L 463 -111.59 -79.05 2.31
N ASN L 464 -112.60 -79.54 1.59
CA ASN L 464 -112.72 -80.97 1.30
C ASN L 464 -113.17 -81.16 -0.14
N ILE L 465 -112.86 -82.35 -0.69
CA ILE L 465 -113.27 -82.74 -2.04
C ILE L 465 -113.82 -84.16 -1.98
N THR L 466 -114.85 -84.44 -2.80
CA THR L 466 -115.56 -85.71 -2.72
C THR L 466 -115.38 -86.58 -3.96
N PHE L 467 -115.76 -86.09 -5.14
CA PHE L 467 -115.68 -86.85 -6.40
C PHE L 467 -116.52 -88.14 -6.33
N SER L 468 -117.82 -87.96 -6.28
CA SER L 468 -118.78 -89.06 -6.37
C SER L 468 -119.32 -89.18 -7.79
N SER L 469 -120.10 -90.24 -8.01
CA SER L 469 -120.76 -90.47 -9.29
C SER L 469 -122.27 -90.52 -9.11
N TYR L 470 -122.97 -90.35 -10.23
CA TYR L 470 -124.43 -90.29 -10.23
C TYR L 470 -124.92 -90.40 -11.66
N THR L 471 -126.24 -90.51 -11.81
CA THR L 471 -126.89 -90.50 -13.11
C THR L 471 -127.81 -89.30 -13.20
N ASN L 472 -127.67 -88.53 -14.27
CA ASN L 472 -128.52 -87.35 -14.46
C ASN L 472 -129.88 -87.77 -14.97
N SER L 473 -130.86 -86.91 -14.75
CA SER L 473 -132.24 -87.25 -15.12
C SER L 473 -132.45 -87.08 -16.62
N ASN L 474 -131.74 -86.15 -17.26
CA ASN L 474 -132.01 -85.83 -18.66
C ASN L 474 -131.72 -87.02 -19.56
N THR L 475 -130.62 -87.72 -19.31
CA THR L 475 -130.27 -88.92 -20.05
C THR L 475 -129.99 -90.05 -19.07
N GLY L 476 -130.25 -91.28 -19.50
CA GLY L 476 -130.02 -92.41 -18.60
C GLY L 476 -128.57 -92.61 -18.25
N LEU L 477 -127.66 -91.95 -18.97
CA LEU L 477 -126.23 -92.19 -18.79
C LEU L 477 -125.77 -91.74 -17.41
N THR L 478 -124.72 -92.38 -16.92
CA THR L 478 -124.10 -91.99 -15.66
C THR L 478 -123.06 -90.90 -15.94
N GLU L 479 -123.23 -89.75 -15.31
CA GLU L 479 -122.30 -88.65 -15.51
C GLU L 479 -121.64 -88.31 -14.18
N TRP L 480 -117.94 -87.66 -14.10
CA TRP L 480 -118.65 -87.77 -12.84
C TRP L 480 -119.07 -86.39 -12.32
N LYS L 481 -119.03 -86.21 -11.01
CA LYS L 481 -119.25 -84.91 -10.40
C LYS L 481 -118.34 -84.77 -9.20
N ALA L 482 -118.09 -83.53 -8.81
CA ALA L 482 -117.26 -83.21 -7.67
C ALA L 482 -118.06 -82.42 -6.66
N ASN L 483 -117.94 -82.80 -5.39
CA ASN L 483 -118.58 -82.09 -4.30
C ASN L 483 -117.49 -81.60 -3.36
N TYR L 484 -117.55 -80.31 -3.02
CA TYR L 484 -116.56 -79.71 -2.14
C TYR L 484 -117.27 -78.97 -1.01
N THR L 485 -116.65 -78.95 0.16
CA THR L 485 -117.16 -78.21 1.30
C THR L 485 -116.06 -77.32 1.84
N LEU L 486 -116.39 -76.05 2.06
CA LEU L 486 -115.45 -75.05 2.55
C LEU L 486 -116.02 -74.41 3.80
N ILE L 487 -115.21 -74.32 4.85
CA ILE L 487 -115.58 -73.65 6.08
C ILE L 487 -114.50 -72.61 6.39
N TYR L 488 -114.93 -71.40 6.72
CA TYR L 488 -113.97 -70.36 7.06
C TYR L 488 -114.59 -69.40 8.07
N SER L 489 -113.73 -68.72 8.81
CA SER L 489 -114.17 -67.75 9.79
C SER L 489 -114.44 -66.42 9.11
N LYS L 490 -115.67 -65.92 9.28
CA LYS L 490 -116.07 -64.69 8.63
C LYS L 490 -115.32 -63.50 9.23
N GLY L 491 -115.29 -62.40 8.47
CA GLY L 491 -114.62 -61.21 8.92
C GLY L 491 -115.55 -60.18 9.53
N ASP L 492 -115.55 -60.09 10.86
CA ASP L 492 -116.42 -59.18 11.59
C ASP L 492 -115.59 -58.09 12.24
N ALA L 493 -116.11 -56.87 12.23
CA ALA L 493 -115.42 -55.70 12.74
C ALA L 493 -116.03 -55.27 14.07
N ILE L 494 -115.18 -54.74 14.96
CA ILE L 494 -115.65 -54.23 16.23
C ILE L 494 -116.50 -52.98 15.99
N ARG L 495 -117.57 -52.84 16.77
CA ARG L 495 -118.47 -51.71 16.63
C ARG L 495 -118.74 -50.96 17.94
N PHE L 496 -118.33 -51.51 19.08
CA PHE L 496 -118.61 -50.89 20.37
C PHE L 496 -117.39 -51.05 21.27
N VAL L 497 -117.12 -50.01 22.06
CA VAL L 497 -115.98 -50.00 22.98
C VAL L 497 -116.47 -49.64 24.37
N GLU L 498 -116.09 -50.45 25.35
CA GLU L 498 -116.44 -50.23 26.75
C GLU L 498 -115.22 -50.47 27.62
N GLY L 499 -115.09 -49.69 28.69
CA GLY L 499 -113.97 -49.86 29.58
C GLY L 499 -114.18 -49.15 30.89
N SER L 500 -113.26 -49.39 31.83
CA SER L 500 -113.26 -48.73 33.12
C SER L 500 -111.85 -48.31 33.48
N ASP L 501 -111.70 -47.09 33.96
CA ASP L 501 -110.41 -46.54 34.35
C ASP L 501 -110.37 -46.44 35.86
N VAL L 502 -109.71 -47.39 36.50
CA VAL L 502 -109.59 -47.44 37.95
C VAL L 502 -108.34 -46.66 38.35
N MET L 503 -108.51 -45.67 39.22
CA MET L 503 -107.41 -44.86 39.68
C MET L 503 -106.99 -45.26 41.09
N ILE L 504 -105.68 -45.37 41.30
CA ILE L 504 -105.08 -45.71 42.58
C ILE L 504 -105.50 -47.11 43.00
N MET M 1 4.85 109.91 -97.82
CA MET M 1 5.79 108.89 -97.40
C MET M 1 5.17 107.98 -96.34
N ILE M 2 5.75 106.81 -96.14
CA ILE M 2 5.41 105.97 -95.00
C ILE M 2 5.73 106.71 -93.71
N SER M 3 4.79 106.68 -92.77
CA SER M 3 4.99 107.37 -91.50
C SER M 3 6.13 106.73 -90.72
N GLN M 4 6.81 107.55 -89.90
CA GLN M 4 7.94 107.08 -89.13
C GLN M 4 7.53 106.09 -88.04
N SER M 5 6.25 106.03 -87.69
CA SER M 5 5.82 105.17 -86.60
C SER M 5 5.96 103.69 -86.95
N ARG M 6 6.20 103.36 -88.22
CA ARG M 6 6.42 101.97 -88.60
C ARG M 6 7.71 101.44 -88.01
N TYR M 7 8.65 102.32 -87.67
CA TYR M 7 9.97 101.92 -87.21
C TYR M 7 10.29 102.37 -85.80
N ILE M 8 9.94 103.59 -85.42
CA ILE M 8 10.16 104.10 -84.08
C ILE M 8 8.87 104.73 -83.58
N ARG M 9 8.42 104.29 -82.41
CA ARG M 9 7.19 104.80 -81.80
C ARG M 9 7.47 105.19 -80.36
N ILE M 10 7.17 106.44 -80.02
CA ILE M 10 7.38 106.97 -78.67
C ILE M 10 6.08 107.59 -78.20
N ILE M 11 5.67 107.24 -76.98
CA ILE M 11 4.44 107.77 -76.39
C ILE M 11 4.82 108.61 -75.17
N SER M 12 4.32 109.84 -75.12
CA SER M 12 4.63 110.77 -74.05
C SER M 12 3.40 110.99 -73.20
N GLY M 13 3.61 111.13 -71.90
CA GLY M 13 2.52 111.36 -70.98
C GLY M 13 3.03 111.88 -69.65
N VAL M 14 2.10 112.20 -68.77
CA VAL M 14 2.40 112.69 -67.44
C VAL M 14 1.86 111.70 -66.42
N GLY M 15 2.74 111.22 -65.54
CA GLY M 15 2.32 110.28 -64.53
C GLY M 15 1.89 110.95 -63.24
N ALA M 16 0.92 110.31 -62.57
CA ALA M 16 0.36 110.82 -61.32
C ALA M 16 -0.09 112.26 -61.46
N GLY M 17 -0.80 112.55 -62.56
CA GLY M 17 -1.18 113.90 -62.92
C GLY M 17 -2.48 114.37 -62.27
N ALA M 18 -3.25 113.47 -61.69
CA ALA M 18 -4.54 113.82 -61.15
C ALA M 18 -4.45 114.80 -60.00
N PRO M 19 -4.90 116.02 -60.22
CA PRO M 19 -4.82 117.05 -59.17
C PRO M 19 -6.05 117.05 -58.28
N VAL M 20 -5.84 116.99 -56.96
CA VAL M 20 -6.91 117.08 -55.99
C VAL M 20 -6.68 118.33 -55.15
N ALA M 21 -7.69 119.18 -55.07
CA ALA M 21 -7.54 120.48 -54.44
C ALA M 21 -7.33 120.32 -52.94
N GLY M 22 -6.96 121.43 -52.30
CA GLY M 22 -6.81 121.46 -50.86
C GLY M 22 -7.88 122.29 -50.21
N ARG M 23 -8.46 121.79 -49.12
CA ARG M 23 -9.58 122.47 -48.49
C ARG M 23 -9.11 123.76 -47.81
N LYS M 24 -9.86 124.82 -48.00
CA LYS M 24 -9.61 126.10 -47.35
C LYS M 24 -10.60 126.28 -46.21
N LEU M 25 -10.23 127.14 -45.25
CA LEU M 25 -11.05 127.38 -44.07
C LEU M 25 -11.60 128.81 -44.03
N LEU M 27 -14.14 132.17 -44.52
CA LEU M 27 -15.47 132.49 -44.06
C LEU M 27 -16.44 132.61 -45.23
N ARG M 28 -17.71 132.28 -44.99
CA ARG M 28 -18.77 132.47 -45.97
C ARG M 28 -19.92 133.21 -45.32
N VAL M 29 -20.45 134.21 -46.02
CA VAL M 29 -21.54 135.05 -45.53
C VAL M 29 -22.76 134.81 -46.42
N MET M 30 -23.92 134.62 -45.80
CA MET M 30 -25.17 134.39 -46.50
C MET M 30 -26.03 135.64 -46.36
N THR M 31 -25.94 136.54 -47.34
CA THR M 31 -26.67 137.79 -47.30
C THR M 31 -28.02 137.64 -48.01
N THR M 32 -28.80 138.73 -48.05
CA THR M 32 -30.10 138.72 -48.68
C THR M 32 -30.24 139.72 -49.82
N ASN M 33 -29.23 140.56 -50.06
CA ASN M 33 -29.37 141.61 -51.07
C ASN M 33 -29.50 140.99 -52.45
N ASN M 34 -30.20 141.71 -53.34
CA ASN M 34 -30.62 141.11 -54.61
C ASN M 34 -29.54 141.14 -55.67
N VAL M 35 -28.36 141.66 -55.36
CA VAL M 35 -27.26 141.73 -56.32
C VAL M 35 -26.82 140.32 -56.69
N ILE M 36 -26.75 139.44 -55.71
CA ILE M 36 -26.21 138.08 -55.88
C ILE M 36 -27.32 137.17 -56.38
N PRO M 37 -27.13 136.49 -57.51
CA PRO M 37 -28.11 135.49 -57.94
C PRO M 37 -28.18 134.33 -56.97
N PRO M 38 -29.34 133.68 -56.86
CA PRO M 38 -29.47 132.59 -55.87
C PRO M 38 -28.52 131.42 -56.08
N GLY M 39 -28.16 131.09 -57.32
CA GLY M 39 -27.48 129.83 -57.57
C GLY M 39 -25.97 129.87 -57.68
N ILE M 40 -25.32 130.94 -57.24
CA ILE M 40 -23.88 131.03 -57.34
C ILE M 40 -23.30 131.40 -55.98
N VAL M 41 -22.00 131.14 -55.84
CA VAL M 41 -21.21 131.61 -54.72
C VAL M 41 -20.06 132.42 -55.29
N ILE M 42 -19.84 133.61 -54.74
CA ILE M 42 -18.85 134.55 -55.29
C ILE M 42 -17.71 134.68 -54.30
N ASP M 45 -10.80 138.05 -53.05
CA ASP M 45 -9.49 137.87 -52.44
C ASP M 45 -9.06 139.09 -51.63
N ALA M 47 -10.10 143.24 -50.00
CA ALA M 47 -11.16 144.14 -49.55
C ALA M 47 -11.57 145.12 -50.64
N ASN M 48 -10.61 145.58 -51.44
CA ASN M 48 -10.95 146.51 -52.52
C ASN M 48 -11.84 145.88 -53.57
N ALA M 49 -11.69 144.57 -53.80
CA ALA M 49 -12.59 143.89 -54.72
C ALA M 49 -14.02 143.92 -54.20
N VAL M 50 -14.20 143.68 -52.90
CA VAL M 50 -15.52 143.75 -52.29
C VAL M 50 -16.07 145.17 -52.41
N LEU M 51 -15.22 146.17 -52.17
CA LEU M 51 -15.64 147.56 -52.29
C LEU M 51 -16.12 147.88 -53.69
N SER M 52 -15.38 147.40 -54.70
CA SER M 52 -15.75 147.67 -56.08
C SER M 52 -17.04 146.97 -56.46
N TYR M 53 -17.21 145.71 -56.06
CA TYR M 53 -18.34 144.93 -56.52
C TYR M 53 -19.63 145.32 -55.79
N PHE M 54 -19.55 145.62 -54.50
CA PHE M 54 -20.75 145.85 -53.70
C PHE M 54 -21.04 147.32 -53.42
N GLY M 55 -20.04 148.20 -53.48
CA GLY M 55 -20.24 149.58 -53.13
C GLY M 55 -19.85 149.86 -51.69
N ALA M 56 -19.61 151.15 -51.41
CA ALA M 56 -19.11 151.54 -50.10
C ALA M 56 -20.19 151.45 -49.03
N GLN M 57 -21.45 151.62 -49.40
CA GLN M 57 -22.53 151.66 -48.41
C GLN M 57 -22.90 150.29 -47.87
N SER M 58 -22.67 149.22 -48.65
CA SER M 58 -23.21 147.91 -48.30
C SER M 58 -22.57 147.36 -47.03
N GLU M 59 -23.33 146.52 -46.32
CA GLU M 59 -22.80 145.83 -45.15
C GLU M 59 -21.71 144.83 -45.52
N GLU M 60 -21.72 144.33 -46.77
CA GLU M 60 -20.68 143.40 -47.17
C GLU M 60 -19.30 144.04 -47.11
N TYR M 61 -19.16 145.27 -47.60
CA TYR M 61 -17.90 145.97 -47.49
C TYR M 61 -17.55 146.23 -46.03
N GLN M 62 -18.56 146.57 -45.22
CA GLN M 62 -18.34 146.81 -43.80
C GLN M 62 -17.74 145.58 -43.14
N ARG M 63 -18.27 144.40 -43.45
CA ARG M 63 -17.77 143.17 -42.86
C ARG M 63 -16.39 142.83 -43.40
N ALA M 64 -16.18 142.98 -44.72
CA ALA M 64 -14.91 142.61 -45.31
C ALA M 64 -13.77 143.49 -44.80
N ALA M 65 -14.04 144.77 -44.56
CA ALA M 65 -12.98 145.66 -44.08
C ALA M 65 -12.44 145.20 -42.74
N ALA M 66 -13.32 144.83 -41.81
CA ALA M 66 -12.85 144.37 -40.51
C ALA M 66 -12.34 142.94 -40.59
N TYR M 67 -12.84 142.16 -41.55
CA TYR M 67 -12.39 140.78 -41.68
C TYR M 67 -10.96 140.70 -42.20
N PHE M 68 -10.60 141.62 -43.10
CA PHE M 68 -9.32 141.51 -43.79
C PHE M 68 -8.15 142.12 -43.02
N LYS M 69 -8.40 142.78 -41.90
CA LYS M 69 -7.33 143.24 -41.01
C LYS M 69 -7.20 142.25 -39.87
N PHE M 70 -6.08 141.53 -39.82
CA PHE M 70 -5.87 140.51 -38.82
C PHE M 70 -4.43 140.03 -38.91
N ILE M 71 -3.84 139.75 -37.75
CA ILE M 71 -2.45 139.32 -37.69
C ILE M 71 -2.29 137.90 -37.16
N SER M 72 -3.16 137.41 -36.30
CA SER M 72 -3.23 136.04 -35.78
C SER M 72 -2.01 135.67 -34.93
N LYS M 73 -1.22 136.63 -34.47
CA LYS M 73 -0.06 136.45 -33.59
C LYS M 73 1.07 135.70 -34.30
N SER M 74 0.89 135.23 -35.53
CA SER M 74 1.96 134.67 -36.32
C SER M 74 2.01 135.32 -37.69
N VAL M 75 1.66 136.61 -37.74
CA VAL M 75 1.64 137.47 -38.92
C VAL M 75 1.10 136.74 -40.15
N SER M 77 -2.82 136.29 -42.45
CA SER M 77 -4.08 136.95 -42.75
C SER M 77 -5.00 136.01 -43.52
N PRO M 78 -6.31 136.24 -43.46
CA PRO M 78 -7.25 135.28 -44.08
C PRO M 78 -7.12 135.14 -45.59
N SER M 79 -7.07 136.25 -46.31
CA SER M 79 -6.76 136.29 -47.75
C SER M 79 -7.88 135.78 -48.66
N SER M 80 -9.07 135.54 -48.14
CA SER M 80 -10.20 135.21 -48.99
C SER M 80 -11.50 135.35 -48.21
N ILE M 81 -12.60 135.51 -48.95
CA ILE M 81 -13.94 135.54 -48.37
C ILE M 81 -14.93 135.13 -49.46
N SER M 82 -16.11 134.68 -49.02
CA SER M 82 -17.14 134.19 -49.93
C SER M 82 -18.50 134.78 -49.58
N PHE M 83 -19.34 134.92 -50.58
CA PHE M 83 -20.72 135.36 -50.40
C PHE M 83 -21.66 134.43 -51.15
N ALA M 84 -22.82 134.15 -50.54
CA ALA M 84 -23.87 133.36 -51.16
C ALA M 84 -25.19 134.09 -50.94
N ARG M 85 -26.25 133.57 -51.57
CA ARG M 85 -27.54 134.26 -51.60
C ARG M 85 -28.58 133.45 -50.85
N TRP M 86 -29.33 134.12 -49.99
CA TRP M 86 -30.46 133.54 -49.28
C TRP M 86 -31.74 134.16 -49.82
N VAL M 87 -32.66 133.33 -50.29
CA VAL M 87 -33.89 133.80 -50.91
C VAL M 87 -34.87 134.07 -49.78
N ASN M 88 -34.87 135.31 -49.30
CA ASN M 88 -35.69 135.68 -48.15
C ASN M 88 -37.18 135.63 -48.48
N THR M 89 -37.58 136.16 -49.62
CA THR M 89 -38.97 136.22 -50.04
C THR M 89 -39.12 135.68 -51.45
N ALA M 90 -40.37 135.65 -51.92
CA ALA M 90 -40.66 135.12 -53.24
C ALA M 90 -40.00 135.97 -54.32
N ILE M 91 -39.53 135.31 -55.37
CA ILE M 91 -38.72 135.96 -56.40
C ILE M 91 -39.27 135.62 -57.78
N ALA M 92 -39.14 136.58 -58.69
CA ALA M 92 -39.52 136.38 -60.09
C ALA M 92 -38.32 135.85 -60.88
N PRO M 93 -38.57 135.23 -62.04
CA PRO M 93 -37.45 134.76 -62.86
C PRO M 93 -36.55 135.90 -63.32
N MET M 94 -35.25 135.64 -63.38
CA MET M 94 -34.27 136.65 -63.75
C MET M 94 -33.26 136.07 -64.72
N VAL M 95 -32.59 136.95 -65.46
CA VAL M 95 -31.50 136.58 -66.36
C VAL M 95 -30.33 137.51 -66.09
N VAL M 96 -29.26 136.99 -65.49
CA VAL M 96 -28.09 137.80 -65.15
C VAL M 96 -26.82 136.98 -65.28
N ASP M 98 -23.68 138.94 -66.63
CA ASP M 98 -22.99 139.94 -67.46
C ASP M 98 -21.75 140.43 -66.72
N ASN M 99 -20.67 139.66 -66.79
CA ASN M 99 -19.45 140.03 -66.09
C ASN M 99 -18.43 140.77 -66.95
N LEU M 100 -18.55 140.67 -68.27
CA LEU M 100 -17.56 141.30 -69.14
C LEU M 100 -17.73 142.82 -69.12
N PRO M 101 -16.64 143.58 -69.17
CA PRO M 101 -16.76 145.05 -69.25
C PRO M 101 -17.43 145.45 -70.56
N LYS M 102 -18.55 146.15 -70.44
CA LYS M 102 -19.30 146.59 -71.60
C LYS M 102 -19.81 148.01 -71.34
N THR M 103 -20.78 148.44 -72.15
CA THR M 103 -21.42 149.75 -71.99
C THR M 103 -20.40 150.88 -72.10
N ILE M 104 -19.67 150.88 -73.21
CA ILE M 104 -18.76 151.95 -73.56
C ILE M 104 -19.52 152.96 -74.41
N ALA M 105 -20.85 152.89 -74.36
CA ALA M 105 -21.74 153.73 -75.16
C ALA M 105 -21.54 153.48 -76.65
N ASP M 106 -21.37 152.22 -77.04
CA ASP M 106 -21.14 151.83 -78.42
C ASP M 106 -22.14 150.74 -78.82
N PHE M 107 -23.41 150.99 -78.53
CA PHE M 107 -24.52 150.25 -79.10
C PHE M 107 -24.94 150.82 -80.45
N ALA M 108 -24.20 151.81 -80.95
CA ALA M 108 -24.52 152.38 -82.25
C ALA M 108 -24.34 151.32 -83.34
N GLY M 109 -25.17 151.43 -84.37
CA GLY M 109 -25.22 150.41 -85.40
C GLY M 109 -26.30 149.39 -85.13
N PHE M 110 -26.83 149.40 -83.91
CA PHE M 110 -28.03 148.64 -83.58
C PHE M 110 -29.28 149.49 -83.74
N SER M 111 -29.20 150.58 -84.48
CA SER M 111 -30.40 151.32 -84.86
C SER M 111 -31.13 150.64 -85.99
N ALA M 112 -30.58 149.58 -86.55
CA ALA M 112 -31.17 148.88 -87.68
C ALA M 112 -31.98 147.69 -87.15
N GLY M 113 -33.21 147.96 -86.72
CA GLY M 113 -34.20 146.93 -86.43
C GLY M 113 -33.70 145.72 -85.68
N VAL M 114 -33.36 145.90 -84.40
CA VAL M 114 -32.80 144.80 -83.62
C VAL M 114 -33.88 143.76 -83.33
N LEU M 115 -33.48 142.49 -83.41
CA LEU M 115 -34.32 141.35 -83.05
C LEU M 115 -33.65 140.62 -81.89
N THR M 116 -34.43 140.31 -80.87
CA THR M 116 -34.00 139.41 -79.81
C THR M 116 -35.12 138.43 -79.51
N ILE M 117 -34.76 137.21 -79.13
CA ILE M 117 -35.71 136.13 -78.91
C ILE M 117 -35.63 135.69 -77.46
N MET M 118 -36.77 135.61 -76.79
CA MET M 118 -36.81 135.10 -75.43
C MET M 118 -37.96 134.12 -75.28
N VAL M 119 -37.79 133.14 -74.40
CA VAL M 119 -38.73 132.04 -74.25
C VAL M 119 -39.12 131.91 -72.78
N GLY M 120 -40.42 131.82 -72.52
CA GLY M 120 -40.89 131.30 -71.26
C GLY M 120 -41.00 129.79 -71.38
N ALA M 121 -41.84 129.36 -72.31
CA ALA M 121 -41.82 128.00 -72.83
C ALA M 121 -41.89 127.95 -74.35
N ALA M 122 -42.34 129.02 -75.00
CA ALA M 122 -42.35 129.15 -76.45
C ALA M 122 -41.74 130.48 -76.83
N GLU M 123 -41.37 130.60 -78.11
CA GLU M 123 -40.62 131.75 -78.59
C GLU M 123 -41.43 133.04 -78.47
N GLN M 124 -40.73 134.13 -78.21
CA GLN M 124 -41.27 135.49 -78.27
C GLN M 124 -40.20 136.34 -78.95
N ASN M 125 -40.51 136.83 -80.14
CA ASN M 125 -39.61 137.72 -80.84
C ASN M 125 -39.99 139.18 -80.57
N ILE M 126 -38.98 140.03 -80.44
CA ILE M 126 -39.18 141.42 -80.07
C ILE M 126 -38.98 142.29 -81.30
N THR M 127 -39.78 143.34 -81.40
CA THR M 127 -39.81 144.17 -82.58
C THR M 127 -38.51 144.97 -82.71
N ALA M 128 -38.47 145.83 -83.72
CA ALA M 128 -37.27 146.62 -83.99
C ALA M 128 -36.94 147.53 -82.81
N ILE M 129 -35.69 147.48 -82.37
CA ILE M 129 -35.19 148.29 -81.27
C ILE M 129 -34.04 149.14 -81.80
N ASP M 130 -34.21 150.45 -81.75
CA ASP M 130 -33.21 151.38 -82.28
C ASP M 130 -32.58 152.13 -81.11
N THR M 131 -31.25 152.02 -80.99
CA THR M 131 -30.50 152.69 -79.94
C THR M 131 -29.35 153.54 -80.49
N SER M 132 -29.55 154.18 -81.65
CA SER M 132 -28.52 155.06 -82.19
C SER M 132 -28.30 156.27 -81.30
N ALA M 133 -29.39 156.86 -80.78
CA ALA M 133 -29.27 158.03 -79.93
C ALA M 133 -28.47 157.71 -78.67
N ALA M 134 -29.01 156.85 -77.82
CA ALA M 134 -28.28 156.25 -76.69
C ALA M 134 -27.52 157.30 -75.89
N THR M 135 -28.29 158.19 -75.25
CA THR M 135 -27.68 159.19 -74.39
C THR M 135 -26.86 158.54 -73.29
N SER M 136 -27.38 157.47 -72.70
CA SER M 136 -26.66 156.70 -71.69
C SER M 136 -27.21 155.28 -71.70
N MET M 137 -26.51 154.39 -70.99
CA MET M 137 -26.97 153.01 -70.90
C MET M 137 -28.27 152.90 -70.12
N ASP M 138 -28.54 153.88 -69.25
CA ASP M 138 -29.86 153.93 -68.62
C ASP M 138 -30.94 154.10 -69.67
N ASN M 139 -30.69 154.97 -70.66
CA ASN M 139 -31.62 155.09 -71.78
C ASN M 139 -31.74 153.80 -72.55
N VAL M 140 -30.62 153.08 -72.74
CA VAL M 140 -30.68 151.82 -73.47
C VAL M 140 -31.55 150.82 -72.75
N ALA M 141 -31.40 150.69 -71.43
CA ALA M 141 -32.23 149.79 -70.65
C ALA M 141 -33.70 150.21 -70.72
N SER M 142 -33.97 151.51 -70.62
CA SER M 142 -35.35 151.97 -70.72
C SER M 142 -35.96 151.63 -72.08
N ILE M 143 -35.19 151.82 -73.15
CA ILE M 143 -35.72 151.56 -74.49
C ILE M 143 -35.94 150.07 -74.71
N ILE M 144 -35.05 149.23 -74.19
CA ILE M 144 -35.28 147.79 -74.26
C ILE M 144 -36.54 147.41 -73.50
N GLN M 145 -36.73 148.00 -72.31
CA GLN M 145 -37.92 147.72 -71.51
C GLN M 145 -39.19 148.13 -72.25
N THR M 146 -39.16 149.27 -72.93
CA THR M 146 -40.35 149.73 -73.65
C THR M 146 -40.74 148.75 -74.75
N GLU M 147 -39.77 148.25 -75.49
CA GLU M 147 -40.07 147.30 -76.56
C GLU M 147 -40.50 145.94 -76.01
N ILE M 148 -39.95 145.52 -74.87
CA ILE M 148 -40.35 144.25 -74.30
C ILE M 148 -41.77 144.32 -73.75
N ARG M 149 -42.12 145.43 -73.12
CA ARG M 149 -43.44 145.56 -72.49
C ARG M 149 -44.57 145.53 -73.50
N LYS M 150 -44.28 145.67 -74.79
CA LYS M 150 -45.35 145.64 -75.79
C LYS M 150 -45.88 144.23 -76.01
N ASN M 151 -45.14 143.21 -75.58
CA ASN M 151 -45.58 141.83 -75.78
C ASN M 151 -46.74 141.48 -74.84
N ALA M 152 -47.57 140.54 -75.27
CA ALA M 152 -48.79 140.19 -74.57
C ALA M 152 -48.63 139.02 -73.60
N ASP M 153 -47.44 138.45 -73.48
CA ASP M 153 -47.22 137.38 -72.51
C ASP M 153 -47.25 137.94 -71.10
N PRO M 154 -47.92 137.28 -70.15
CA PRO M 154 -48.04 137.85 -68.80
C PRO M 154 -46.71 138.15 -68.13
N GLN M 155 -45.69 137.32 -68.32
CA GLN M 155 -44.38 137.64 -67.76
C GLN M 155 -43.80 138.91 -68.37
N LEU M 156 -43.95 139.07 -69.69
CA LEU M 156 -43.36 140.20 -70.40
C LEU M 156 -44.27 141.42 -70.44
N ALA M 157 -45.47 141.34 -69.88
CA ALA M 157 -46.36 142.49 -69.89
C ALA M 157 -45.82 143.61 -69.03
N GLN M 158 -45.27 143.29 -67.86
CA GLN M 158 -44.73 144.27 -66.93
C GLN M 158 -43.28 143.97 -66.57
N ALA M 159 -42.54 143.37 -67.49
CA ALA M 159 -41.15 143.02 -67.23
C ALA M 159 -40.30 144.28 -67.09
N THR M 160 -39.22 144.15 -66.32
CA THR M 160 -38.32 145.27 -66.06
C THR M 160 -36.92 144.93 -66.53
N VAL M 161 -36.23 145.93 -67.07
CA VAL M 161 -34.83 145.81 -67.46
C VAL M 161 -34.05 146.86 -66.69
N THR M 162 -32.98 146.44 -66.03
CA THR M 162 -32.18 147.34 -65.21
C THR M 162 -30.72 147.21 -65.61
N TRP M 163 -29.94 148.24 -65.29
CA TRP M 163 -28.51 148.27 -65.59
C TRP M 163 -27.75 148.70 -64.34
N ASN M 164 -26.62 148.05 -64.10
CA ASN M 164 -25.81 148.25 -62.90
C ASN M 164 -24.48 148.84 -63.30
N GLN M 165 -24.02 149.84 -62.54
CA GLN M 165 -22.78 150.53 -62.90
C GLN M 165 -21.56 149.94 -62.19
N ASN M 166 -21.71 149.56 -60.92
CA ASN M 166 -20.57 149.04 -60.16
C ASN M 166 -19.97 147.82 -60.84
N THR M 167 -20.80 146.81 -61.09
CA THR M 167 -20.48 145.76 -62.03
C THR M 167 -21.01 146.17 -63.40
N ASN M 168 -21.08 145.24 -64.34
CA ASN M 168 -21.45 145.57 -65.71
C ASN M 168 -22.58 144.66 -66.18
N GLN M 169 -23.64 144.56 -65.38
CA GLN M 169 -24.69 143.56 -65.59
C GLN M 169 -26.00 144.20 -66.04
N PHE M 170 -26.60 143.62 -67.07
CA PHE M 170 -27.98 143.88 -67.45
C PHE M 170 -28.86 142.78 -66.86
N THR M 171 -29.97 143.16 -66.24
CA THR M 171 -30.84 142.21 -65.57
C THR M 171 -32.27 142.40 -66.02
N LEU M 172 -32.95 141.29 -66.32
CA LEU M 172 -34.32 141.28 -66.77
C LEU M 172 -35.18 140.50 -65.78
N VAL M 173 -36.26 141.12 -65.32
CA VAL M 173 -37.13 140.54 -64.29
C VAL M 173 -38.54 140.42 -64.86
N GLY M 174 -39.11 139.22 -64.74
CA GLY M 174 -40.47 139.01 -65.20
C GLY M 174 -41.50 139.55 -64.24
N ALA M 175 -42.72 139.71 -64.75
CA ALA M 175 -43.78 140.38 -64.00
C ALA M 175 -44.33 139.51 -62.86
N THR M 176 -44.60 138.24 -63.13
CA THR M 176 -45.25 137.38 -62.15
C THR M 176 -44.25 136.89 -61.11
N ILE M 177 -44.75 136.65 -59.90
CA ILE M 177 -43.91 136.28 -58.76
C ILE M 177 -44.34 134.89 -58.30
N GLY M 178 -43.39 133.96 -58.29
CA GLY M 178 -43.64 132.65 -57.71
C GLY M 178 -43.29 131.48 -58.58
N THR M 179 -43.57 131.59 -59.89
CA THR M 179 -43.34 130.49 -60.80
C THR M 179 -43.11 131.04 -62.20
N GLY M 180 -42.22 130.40 -62.93
CA GLY M 180 -41.91 130.78 -64.30
C GLY M 180 -40.47 130.44 -64.62
N VAL M 181 -40.20 130.22 -65.90
CA VAL M 181 -38.86 129.95 -66.39
C VAL M 181 -38.63 130.79 -67.63
N LEU M 182 -37.55 131.57 -67.64
CA LEU M 182 -37.22 132.45 -68.75
C LEU M 182 -35.83 132.12 -69.29
N ALA M 183 -35.65 132.33 -70.59
CA ALA M 183 -34.35 132.14 -71.21
C ALA M 183 -34.27 133.00 -72.47
N VAL M 184 -33.06 133.18 -72.96
CA VAL M 184 -32.78 133.93 -74.19
C VAL M 184 -31.99 133.04 -75.13
N ALA M 185 -32.31 133.12 -76.42
CA ALA M 185 -31.72 132.25 -77.43
C ALA M 185 -30.85 133.05 -78.38
N LYS M 186 -29.79 132.42 -78.87
CA LYS M 186 -28.89 133.02 -79.85
C LYS M 186 -29.48 132.81 -81.24
N SER M 187 -29.89 133.90 -81.88
CA SER M 187 -30.44 133.82 -83.23
C SER M 187 -29.36 134.09 -84.27
N ALA M 188 -29.71 133.88 -85.54
CA ALA M 188 -28.77 134.00 -86.64
C ALA M 188 -28.88 135.34 -87.39
N ASP M 189 -29.76 136.23 -86.96
CA ASP M 189 -29.91 137.50 -87.64
C ASP M 189 -28.69 138.38 -87.42
N PRO M 190 -28.37 139.28 -88.35
CA PRO M 190 -27.22 140.18 -88.12
C PRO M 190 -27.45 141.16 -86.99
N GLN M 191 -28.66 141.70 -86.87
CA GLN M 191 -28.96 142.72 -85.87
C GLN M 191 -29.58 142.08 -84.63
N ASP M 192 -28.77 141.25 -83.98
CA ASP M 192 -29.17 140.56 -82.76
C ASP M 192 -28.26 140.99 -81.64
N MET M 193 -28.84 141.52 -80.57
CA MET M 193 -28.08 142.16 -79.50
C MET M 193 -27.94 141.27 -78.26
N SER M 194 -27.90 139.96 -78.44
CA SER M 194 -27.60 139.06 -77.32
C SER M 194 -26.10 138.96 -77.06
N THR M 195 -25.26 139.53 -77.91
CA THR M 195 -23.83 139.57 -77.65
C THR M 195 -23.37 140.91 -77.10
N ALA M 196 -23.92 142.02 -77.59
CA ALA M 196 -23.66 143.31 -76.96
C ALA M 196 -24.19 143.30 -75.53
N LEU M 197 -25.39 142.78 -75.33
CA LEU M 197 -25.82 142.34 -74.01
C LEU M 197 -25.13 141.03 -73.70
N GLY M 198 -24.97 140.74 -72.42
CA GLY M 198 -24.33 139.49 -72.07
C GLY M 198 -25.30 138.35 -71.86
N TRP M 199 -26.44 138.40 -72.54
CA TRP M 199 -27.46 137.36 -72.44
C TRP M 199 -27.23 136.29 -73.49
N SER M 200 -27.28 135.02 -73.06
CA SER M 200 -27.03 133.88 -73.92
C SER M 200 -25.60 133.82 -74.43
N THR M 201 -24.65 134.33 -73.65
CA THR M 201 -23.24 134.22 -74.00
C THR M 201 -22.45 133.73 -72.78
N SER M 202 -21.53 132.82 -73.04
CA SER M 202 -20.64 132.26 -72.01
C SER M 202 -21.53 131.68 -70.90
N ASN M 203 -21.34 132.07 -69.65
CA ASN M 203 -22.14 131.57 -68.53
C ASN M 203 -23.10 132.66 -68.04
N VAL M 204 -24.39 132.43 -68.25
CA VAL M 204 -25.45 133.35 -67.83
C VAL M 204 -26.31 132.64 -66.80
N VAL M 205 -26.64 133.32 -65.72
CA VAL M 205 -27.42 132.74 -64.64
C VAL M 205 -28.89 133.01 -64.93
N ASN M 206 -29.65 131.94 -65.20
CA ASN M 206 -31.09 132.01 -65.35
C ASN M 206 -31.73 131.53 -64.05
N VAL M 207 -32.46 132.41 -63.39
CA VAL M 207 -33.05 132.13 -62.09
C VAL M 207 -34.55 131.90 -62.28
N ALA M 208 -35.01 130.73 -61.87
CA ALA M 208 -36.44 130.42 -61.92
C ALA M 208 -37.15 130.95 -60.68
N GLY M 209 -38.47 131.02 -60.75
CA GLY M 209 -39.24 131.54 -59.64
C GLY M 209 -39.13 130.63 -58.42
N GLN M 210 -39.24 131.23 -57.24
CA GLN M 210 -39.08 130.51 -55.99
C GLN M 210 -40.09 131.00 -54.95
N SER M 211 -40.20 130.22 -53.89
CA SER M 211 -41.04 130.55 -52.74
C SER M 211 -40.20 131.29 -51.70
N ALA M 212 -40.75 131.43 -50.49
CA ALA M 212 -40.07 132.19 -49.45
C ALA M 212 -38.82 131.47 -48.96
N ASP M 213 -38.78 130.15 -49.04
CA ASP M 213 -37.59 129.35 -48.75
C ASP M 213 -37.19 129.45 -47.27
N LEU M 214 -36.23 128.63 -46.84
CA LEU M 214 -35.87 128.53 -45.42
C LEU M 214 -34.36 128.55 -45.31
N PRO M 215 -33.83 129.04 -44.18
CA PRO M 215 -32.36 129.20 -44.09
C PRO M 215 -31.58 127.90 -44.18
N ASP M 216 -32.07 126.82 -43.57
CA ASP M 216 -31.32 125.57 -43.57
C ASP M 216 -31.31 124.94 -44.96
N ALA M 217 -32.39 125.13 -45.71
CA ALA M 217 -32.39 124.68 -47.10
C ALA M 217 -31.46 125.55 -47.95
N ALA M 218 -31.42 126.85 -47.67
CA ALA M 218 -30.57 127.75 -48.43
C ALA M 218 -29.10 127.43 -48.23
N VAL M 219 -28.69 127.14 -46.99
CA VAL M 219 -27.29 126.82 -46.75
C VAL M 219 -26.93 125.49 -47.42
N ALA M 220 -27.85 124.53 -47.45
CA ALA M 220 -27.60 123.28 -48.15
C ALA M 220 -27.44 123.51 -49.64
N LYS M 221 -28.30 124.35 -50.24
CA LYS M 221 -28.14 124.67 -51.65
C LYS M 221 -26.80 125.33 -51.92
N SER M 222 -26.38 126.24 -51.04
CA SER M 222 -25.10 126.92 -51.22
C SER M 222 -23.93 125.94 -51.10
N THR M 223 -24.01 125.00 -50.16
CA THR M 223 -22.93 124.03 -50.01
C THR M 223 -22.94 122.99 -51.11
N ASN M 224 -24.06 122.88 -51.84
CA ASN M 224 -24.09 121.97 -52.98
C ASN M 224 -23.08 122.38 -54.05
N VAL M 225 -22.95 123.68 -54.32
CA VAL M 225 -22.13 124.12 -55.44
C VAL M 225 -20.65 124.13 -55.08
N SER M 226 -20.32 124.50 -53.84
CA SER M 226 -18.93 124.46 -53.39
C SER M 226 -18.90 124.49 -51.88
N ASN M 227 -18.02 123.69 -51.28
CA ASN M 227 -17.90 123.58 -49.83
C ASN M 227 -16.48 123.84 -49.35
N ASN M 228 -15.74 124.74 -50.01
CA ASN M 228 -14.39 125.09 -49.59
C ASN M 228 -14.43 126.29 -48.64
N PHE M 229 -14.91 126.03 -47.43
CA PHE M 229 -15.05 127.09 -46.44
C PHE M 229 -15.14 126.48 -45.05
N GLY M 230 -15.17 127.36 -44.07
CA GLY M 230 -15.44 126.99 -42.69
C GLY M 230 -16.01 128.16 -41.94
N SER M 231 -16.80 127.87 -40.91
CA SER M 231 -17.36 128.89 -40.04
C SER M 231 -18.21 129.89 -40.81
N PHE M 232 -19.30 129.44 -41.40
CA PHE M 232 -20.23 130.34 -42.07
C PHE M 232 -21.03 131.15 -41.06
N LEU M 233 -21.74 132.17 -41.55
CA LEU M 233 -22.61 133.00 -40.74
C LEU M 233 -23.55 133.78 -41.65
N PHE M 234 -24.72 134.15 -41.12
CA PHE M 234 -25.76 134.74 -41.96
C PHE M 234 -25.57 136.25 -42.11
N ALA M 235 -25.53 136.97 -40.99
CA ALA M 235 -25.22 138.40 -40.98
C ALA M 235 -26.21 139.20 -41.83
N GLY M 236 -27.45 139.23 -41.38
CA GLY M 236 -28.44 140.16 -41.89
C GLY M 236 -29.15 140.82 -40.73
N ALA M 237 -30.48 140.81 -40.79
CA ALA M 237 -31.28 141.08 -39.62
C ALA M 237 -31.21 139.89 -38.67
N PRO M 238 -31.39 140.13 -37.37
CA PRO M 238 -31.34 139.00 -36.42
C PRO M 238 -32.42 137.97 -36.74
N LEU M 239 -32.05 136.71 -36.58
CA LEU M 239 -32.94 135.60 -36.91
C LEU M 239 -33.76 135.20 -35.69
N ASP M 240 -34.90 134.57 -35.97
CA ASP M 240 -35.74 134.03 -34.91
C ASP M 240 -35.05 132.85 -34.24
N ASN M 241 -35.47 132.57 -33.00
CA ASN M 241 -34.83 131.49 -32.25
C ASN M 241 -35.04 130.14 -32.92
N ASP M 242 -36.23 129.90 -33.49
CA ASP M 242 -36.48 128.64 -34.16
C ASP M 242 -35.60 128.47 -35.39
N GLN M 243 -35.36 129.55 -36.13
CA GLN M 243 -34.47 129.48 -37.29
C GLN M 243 -33.04 129.13 -36.85
N ILE M 244 -32.58 129.75 -35.76
CA ILE M 244 -31.27 129.41 -35.23
C ILE M 244 -31.22 127.94 -34.82
N LYS M 245 -32.30 127.45 -34.21
CA LYS M 245 -32.35 126.05 -33.81
C LYS M 245 -32.24 125.13 -35.02
N ALA M 246 -32.98 125.43 -36.07
CA ALA M 246 -32.94 124.59 -37.27
C ALA M 246 -31.56 124.61 -37.92
N VAL M 247 -30.94 125.78 -38.01
CA VAL M 247 -29.63 125.87 -38.65
C VAL M 247 -28.58 125.16 -37.81
N SER M 248 -28.65 125.29 -36.48
CA SER M 248 -27.70 124.58 -35.62
C SER M 248 -27.88 123.07 -35.73
N ALA M 249 -29.12 122.61 -35.82
CA ALA M 249 -29.36 121.19 -36.03
C ALA M 249 -28.76 120.72 -37.35
N TRP M 250 -28.96 121.49 -38.42
CA TRP M 250 -28.38 121.12 -39.70
C TRP M 250 -26.86 121.06 -39.64
N ASN M 251 -26.24 122.03 -38.96
CA ASN M 251 -24.80 122.00 -38.79
C ASN M 251 -24.37 120.76 -38.02
N ALA M 252 -25.12 120.40 -36.98
CA ALA M 252 -24.78 119.21 -36.20
C ALA M 252 -24.96 117.93 -37.00
N ALA M 253 -25.76 117.99 -38.08
CA ALA M 253 -25.92 116.79 -38.92
C ALA M 253 -24.59 116.33 -39.50
N GLN M 254 -23.80 117.26 -40.04
CA GLN M 254 -22.43 116.93 -40.43
C GLN M 254 -21.53 116.98 -39.20
N ASN M 255 -20.74 115.92 -39.00
CA ASN M 255 -20.10 115.72 -37.69
C ASN M 255 -19.16 116.87 -37.35
N ASN M 256 -18.09 117.03 -38.11
CA ASN M 256 -17.02 117.94 -37.71
C ASN M 256 -16.52 118.73 -38.92
N GLN M 257 -17.45 119.29 -39.70
CA GLN M 257 -17.11 119.96 -40.95
C GLN M 257 -17.02 121.47 -40.83
N PHE M 258 -18.05 122.11 -40.28
CA PHE M 258 -18.17 123.56 -40.32
C PHE M 258 -18.30 124.11 -38.91
N ILE M 259 -18.28 125.44 -38.80
CA ILE M 259 -18.63 126.14 -37.57
C ILE M 259 -19.77 127.10 -37.90
N TYR M 260 -20.54 127.47 -36.90
CA TYR M 260 -21.70 128.33 -37.07
C TYR M 260 -21.73 129.34 -35.93
N THR M 261 -21.51 130.60 -36.25
CA THR M 261 -21.38 131.66 -35.24
C THR M 261 -22.67 132.45 -35.17
N VAL M 262 -23.16 132.66 -33.96
CA VAL M 262 -24.40 133.40 -33.71
C VAL M 262 -24.07 134.54 -32.76
N ALA M 263 -24.78 135.66 -32.92
CA ALA M 263 -24.62 136.82 -32.05
C ALA M 263 -25.92 137.03 -31.28
N THR M 264 -25.81 137.19 -29.96
CA THR M 264 -26.97 137.31 -29.09
C THR M 264 -26.74 138.45 -28.10
N SER M 265 -27.84 138.90 -27.50
CA SER M 265 -27.76 139.80 -26.37
C SER M 265 -27.60 139.00 -25.09
N LEU M 266 -27.32 139.71 -23.99
CA LEU M 266 -27.11 139.02 -22.72
C LEU M 266 -28.38 138.33 -22.24
N ALA M 267 -29.52 139.02 -22.31
CA ALA M 267 -30.76 138.44 -21.84
C ALA M 267 -31.20 137.27 -22.72
N ASN M 268 -31.01 137.37 -24.02
CA ASN M 268 -31.40 136.30 -24.92
C ASN M 268 -30.50 135.08 -24.79
N LEU M 269 -29.33 135.23 -24.17
CA LEU M 269 -28.41 134.10 -24.05
C LEU M 269 -29.02 132.96 -23.23
N GLY M 270 -29.71 133.30 -22.14
CA GLY M 270 -30.34 132.27 -21.33
C GLY M 270 -31.46 131.55 -22.06
N THR M 271 -32.18 132.29 -22.92
CA THR M 271 -33.21 131.65 -23.74
C THR M 271 -32.60 130.61 -24.67
N LEU M 272 -31.50 130.96 -25.32
CA LEU M 272 -30.72 129.94 -26.00
C LEU M 272 -29.94 129.12 -24.97
N PHE M 273 -29.11 128.21 -25.48
CA PHE M 273 -28.41 127.19 -24.72
C PHE M 273 -29.40 126.17 -24.15
N THR M 274 -30.70 126.39 -24.31
CA THR M 274 -31.72 125.37 -24.10
C THR M 274 -32.11 124.73 -25.43
N LEU M 275 -32.32 125.56 -26.45
CA LEU M 275 -32.59 125.04 -27.78
C LEU M 275 -31.33 124.44 -28.41
N VAL M 276 -30.23 125.17 -28.35
CA VAL M 276 -29.01 124.76 -29.07
C VAL M 276 -28.03 123.98 -28.19
N ASN M 277 -28.47 123.52 -27.03
CA ASN M 277 -27.64 122.60 -26.26
C ASN M 277 -27.35 121.35 -27.09
N GLY M 278 -26.17 120.78 -26.89
CA GLY M 278 -25.71 119.79 -27.85
C GLY M 278 -25.33 120.52 -29.12
N ASN M 279 -25.67 119.95 -30.27
CA ASN M 279 -25.50 120.62 -31.56
C ASN M 279 -24.06 121.07 -31.76
N ALA M 280 -23.17 120.09 -31.89
CA ALA M 280 -21.74 120.37 -31.97
C ALA M 280 -21.42 121.27 -33.14
N GLY M 281 -20.46 122.18 -32.92
CA GLY M 281 -20.02 123.09 -33.96
C GLY M 281 -20.69 124.45 -33.96
N THR M 282 -21.41 124.81 -32.91
CA THR M 282 -22.12 126.07 -32.81
C THR M 282 -21.45 126.96 -31.77
N ALA M 283 -21.26 128.23 -32.10
CA ALA M 283 -20.62 129.20 -31.22
C ALA M 283 -21.57 130.36 -30.96
N LEU M 284 -21.61 130.82 -29.71
CA LEU M 284 -22.47 131.92 -29.29
C LEU M 284 -21.60 133.08 -28.82
N ASN M 285 -21.84 134.27 -29.36
CA ASN M 285 -21.07 135.46 -29.03
C ASN M 285 -22.03 136.55 -28.55
N VAL M 286 -21.70 137.16 -27.43
CA VAL M 286 -22.58 138.15 -26.80
C VAL M 286 -22.30 139.53 -27.38
N LEU M 287 -23.36 140.21 -27.79
CA LEU M 287 -23.29 141.58 -28.30
C LEU M 287 -23.49 142.58 -27.17
N SER M 288 -23.30 143.85 -27.51
CA SER M 288 -23.55 144.96 -26.60
C SER M 288 -24.73 145.78 -27.13
N ALA M 289 -25.77 145.89 -26.32
CA ALA M 289 -26.94 146.68 -26.70
C ALA M 289 -26.64 148.17 -26.63
N THR M 290 -27.36 148.94 -27.44
CA THR M 290 -27.24 150.40 -27.46
C THR M 290 -25.79 150.84 -27.68
N ALA M 291 -25.13 150.23 -28.66
CA ALA M 291 -23.77 150.58 -29.02
C ALA M 291 -23.61 150.43 -30.53
N ALA M 292 -22.40 150.69 -31.00
CA ALA M 292 -22.09 150.48 -32.41
C ALA M 292 -22.22 149.00 -32.75
N ASN M 293 -22.40 148.71 -34.04
CA ASN M 293 -22.57 147.32 -34.46
C ASN M 293 -21.35 146.49 -34.09
N ASP M 294 -20.16 146.95 -34.50
CA ASP M 294 -18.86 146.37 -34.17
C ASP M 294 -18.93 144.85 -34.08
N PHE M 295 -19.57 144.28 -35.10
CA PHE M 295 -19.89 142.86 -35.17
C PHE M 295 -18.78 141.97 -34.63
N VAL M 296 -19.16 141.04 -33.75
CA VAL M 296 -18.23 140.27 -32.94
C VAL M 296 -18.24 138.78 -33.28
N GLU M 297 -19.32 138.29 -33.89
CA GLU M 297 -19.39 136.87 -34.21
C GLU M 297 -18.33 136.45 -35.21
N GLN M 298 -17.56 137.40 -35.73
CA GLN M 298 -16.52 137.09 -36.70
C GLN M 298 -15.18 136.75 -36.07
N CYS M 299 -15.03 136.90 -34.76
CA CYS M 299 -13.74 136.64 -34.12
C CYS M 299 -13.28 135.19 -34.29
N PRO M 300 -14.08 134.17 -33.92
CA PRO M 300 -13.62 132.80 -34.19
C PRO M 300 -13.42 132.52 -35.66
N SER M 301 -14.28 133.06 -36.52
CA SER M 301 -14.13 132.86 -37.95
C SER M 301 -12.82 133.45 -38.46
N GLU M 302 -12.49 134.68 -38.02
CA GLU M 302 -11.23 135.29 -38.43
C GLU M 302 -10.04 134.47 -37.95
N ILE M 303 -10.06 134.05 -36.67
CA ILE M 303 -8.94 133.30 -36.14
C ILE M 303 -8.75 131.99 -36.89
N LEU M 304 -9.86 131.32 -37.22
CA LEU M 304 -9.76 130.09 -38.01
C LEU M 304 -9.22 130.37 -39.40
N ALA M 305 -9.71 131.43 -40.06
CA ALA M 305 -9.32 131.71 -41.44
C ALA M 305 -7.83 132.04 -41.53
N ALA M 306 -7.30 132.77 -40.55
CA ALA M 306 -5.91 133.22 -40.64
C ALA M 306 -4.91 132.07 -40.44
N THR M 307 -5.33 130.97 -39.83
CA THR M 307 -4.40 129.89 -39.51
C THR M 307 -3.88 129.21 -40.76
N ASN M 308 -2.61 128.84 -40.75
CA ASN M 308 -1.94 128.17 -41.86
C ASN M 308 -1.34 126.88 -41.33
N TYR M 309 -1.86 125.75 -41.79
CA TYR M 309 -1.55 124.47 -41.15
C TYR M 309 -0.34 123.76 -41.74
N GLU M 311 2.70 125.29 -41.81
CA GLU M 311 3.80 125.82 -41.03
C GLU M 311 3.76 125.27 -39.61
N PRO M 312 4.90 125.28 -38.92
CA PRO M 312 4.95 124.72 -37.56
C PRO M 312 4.29 125.63 -36.54
N GLY M 313 3.96 125.04 -35.40
CA GLY M 313 3.42 125.79 -34.27
C GLY M 313 2.14 126.53 -34.58
N ALA M 314 1.26 125.93 -35.38
CA ALA M 314 0.04 126.59 -35.85
C ALA M 314 -1.20 126.16 -35.07
N SER M 315 -1.05 125.38 -34.00
CA SER M 315 -2.22 124.94 -33.24
C SER M 315 -2.95 126.12 -32.63
N GLN M 316 -2.21 127.05 -32.03
CA GLN M 316 -2.76 128.28 -31.47
C GLN M 316 -3.75 128.02 -30.34
N ASN M 317 -4.33 129.08 -29.80
CA ASN M 317 -5.31 129.00 -28.73
C ASN M 317 -6.30 130.14 -28.89
N TYR M 318 -7.58 129.81 -28.82
CA TYR M 318 -8.64 130.78 -29.06
C TYR M 318 -8.95 131.64 -27.84
N MET M 319 -8.34 131.38 -26.69
CA MET M 319 -8.71 132.11 -25.48
C MET M 319 -8.01 133.46 -25.38
N TYR M 320 -6.69 133.46 -25.25
CA TYR M 320 -5.96 134.69 -24.96
C TYR M 320 -5.62 135.38 -26.27
N TYR M 321 -6.51 136.27 -26.72
CA TYR M 321 -6.27 136.99 -27.96
C TYR M 321 -7.03 138.31 -27.86
N GLN M 322 -6.48 139.36 -28.44
CA GLN M 322 -6.96 140.72 -28.21
C GLN M 322 -7.64 141.28 -29.46
N PHE M 323 -8.76 141.97 -29.27
CA PHE M 323 -9.54 142.57 -30.36
C PHE M 323 -9.80 144.04 -30.04
N PRO M 324 -8.89 144.94 -30.38
CA PRO M 324 -9.11 146.36 -30.04
C PRO M 324 -10.32 146.98 -30.71
N GLY M 325 -10.74 146.47 -31.87
CA GLY M 325 -11.91 147.01 -32.53
C GLY M 325 -13.20 146.77 -31.75
N ARG M 326 -13.36 145.56 -31.22
CA ARG M 326 -14.58 145.21 -30.50
C ARG M 326 -14.61 145.91 -29.14
N ASN M 327 -15.81 146.28 -28.72
CA ASN M 327 -15.97 146.95 -27.44
C ASN M 327 -16.23 145.94 -26.32
N ILE M 328 -16.09 146.41 -25.09
CA ILE M 328 -16.12 145.54 -23.92
C ILE M 328 -17.54 145.02 -23.72
N THR M 329 -17.64 143.82 -23.15
CA THR M 329 -18.93 143.16 -22.95
C THR M 329 -19.29 142.99 -21.49
N VAL M 330 -18.42 142.38 -20.68
CA VAL M 330 -18.68 142.15 -19.26
C VAL M 330 -17.49 142.64 -18.46
N SER M 331 -17.74 143.09 -17.23
CA SER M 331 -16.70 143.63 -16.38
C SER M 331 -16.82 143.22 -14.91
N ASP M 332 -17.78 142.38 -14.56
CA ASP M 332 -17.93 141.89 -13.20
C ASP M 332 -17.64 140.40 -13.16
N ASP M 333 -17.17 139.92 -12.02
CA ASP M 333 -16.90 138.49 -11.88
C ASP M 333 -18.18 137.68 -11.76
N THR M 334 -19.19 138.22 -11.08
CA THR M 334 -20.45 137.51 -10.95
C THR M 334 -21.19 137.44 -12.29
N VAL M 335 -21.14 138.51 -13.08
CA VAL M 335 -21.76 138.50 -14.40
C VAL M 335 -21.06 137.50 -15.30
N ALA M 336 -19.73 137.45 -15.24
CA ALA M 336 -19.00 136.46 -16.02
C ALA M 336 -19.35 135.04 -15.57
N ASN M 337 -19.52 134.84 -14.27
CA ASN M 337 -19.91 133.52 -13.78
C ASN M 337 -21.28 133.11 -14.32
N THR M 338 -22.23 134.04 -14.34
CA THR M 338 -23.54 133.71 -14.89
C THR M 338 -23.46 133.44 -16.39
N VAL M 339 -22.64 134.21 -17.11
CA VAL M 339 -22.55 134.05 -18.55
C VAL M 339 -21.90 132.73 -18.93
N ASP M 340 -20.88 132.32 -18.17
CA ASP M 340 -20.14 131.10 -18.53
C ASP M 340 -21.00 129.86 -18.42
N LYS M 341 -22.07 129.90 -17.63
CA LYS M 341 -22.97 128.75 -17.53
C LYS M 341 -23.64 128.46 -18.87
N SER M 342 -23.86 129.48 -19.68
CA SER M 342 -24.51 129.34 -20.97
C SER M 342 -23.52 129.18 -22.12
N ARG M 343 -22.23 129.02 -21.81
CA ARG M 343 -21.19 128.83 -22.83
C ARG M 343 -21.19 129.98 -23.83
N GLY M 344 -21.19 131.20 -23.31
CA GLY M 344 -21.12 132.39 -24.14
C GLY M 344 -19.69 132.89 -24.26
N ASN M 345 -19.33 133.37 -25.44
CA ASN M 345 -18.02 133.91 -25.70
C ASN M 345 -18.08 135.43 -25.77
N TYR M 346 -17.10 136.10 -25.19
CA TYR M 346 -17.20 137.54 -25.02
C TYR M 346 -15.80 138.14 -24.91
N ILE M 347 -15.78 139.46 -24.83
CA ILE M 347 -14.57 140.23 -24.55
C ILE M 347 -14.66 140.72 -23.12
N GLY M 348 -13.72 140.31 -22.29
CA GLY M 348 -13.69 140.69 -20.89
C GLY M 348 -12.55 141.65 -20.63
N VAL M 349 -12.75 142.53 -19.64
CA VAL M 349 -11.76 143.51 -19.24
C VAL M 349 -11.33 143.21 -17.80
N THR M 350 -10.03 143.27 -17.57
CA THR M 350 -9.48 143.01 -16.24
C THR M 350 -8.31 143.94 -15.99
N GLN M 351 -8.14 144.32 -14.73
CA GLN M 351 -7.06 145.23 -14.35
C GLN M 351 -5.78 144.44 -14.07
N ALA M 352 -4.68 144.88 -14.68
CA ALA M 352 -3.37 144.28 -14.43
C ALA M 352 -2.38 145.41 -14.20
N ASN M 353 -2.26 145.84 -12.95
CA ASN M 353 -1.40 146.95 -12.55
C ASN M 353 -1.72 148.21 -13.36
N GLY M 354 -2.96 148.66 -13.21
CA GLY M 354 -3.37 149.89 -13.87
C GLY M 354 -3.93 149.76 -15.26
N GLN M 355 -3.33 148.90 -16.09
CA GLN M 355 -3.78 148.74 -17.46
C GLN M 355 -4.99 147.83 -17.53
N GLN M 356 -5.96 148.19 -18.37
CA GLN M 356 -7.20 147.43 -18.56
C GLN M 356 -7.02 146.51 -19.75
N ALA M 358 -8.22 143.90 -22.28
CA ALA M 358 -9.48 143.41 -22.83
C ALA M 358 -9.17 142.30 -23.81
N PHE M 359 -9.80 141.15 -23.65
CA PHE M 359 -9.50 140.03 -24.52
C PHE M 359 -10.66 139.05 -24.57
N TYR M 360 -10.68 138.26 -25.65
CA TYR M 360 -11.62 137.16 -25.78
C TYR M 360 -11.42 136.19 -24.62
N GLN M 361 -12.52 135.65 -24.09
CA GLN M 361 -12.41 134.99 -22.80
C GLN M 361 -12.57 133.49 -22.82
N ARG M 362 -13.41 132.93 -23.69
CA ARG M 362 -13.61 131.49 -23.67
C ARG M 362 -13.59 130.93 -25.09
N GLY M 363 -12.98 129.78 -25.25
CA GLY M 363 -12.93 129.14 -26.55
C GLY M 363 -13.75 127.87 -26.57
N ILE M 364 -14.93 127.90 -25.97
CA ILE M 364 -15.72 126.69 -25.81
C ILE M 364 -16.90 126.70 -26.76
N LEU M 365 -17.28 125.50 -27.22
CA LEU M 365 -18.40 125.30 -28.11
C LEU M 365 -19.49 124.50 -27.40
N CYS M 366 -20.74 124.71 -27.80
CA CYS M 366 -21.83 123.89 -27.27
C CYS M 366 -21.86 122.55 -27.99
N GLY M 367 -21.96 121.47 -27.21
CA GLY M 367 -21.95 120.14 -27.77
C GLY M 367 -22.04 119.10 -26.66
N GLY M 368 -22.07 117.84 -27.08
CA GLY M 368 -22.16 116.74 -26.15
C GLY M 368 -20.81 116.29 -25.63
N PRO M 369 -20.81 115.26 -24.79
CA PRO M 369 -19.53 114.74 -24.28
C PRO M 369 -18.62 114.19 -25.35
N THR M 370 -19.17 113.59 -26.41
CA THR M 370 -18.36 112.98 -27.45
C THR M 370 -17.73 113.99 -28.39
N ASP M 371 -18.26 115.21 -28.45
CA ASP M 371 -17.78 116.18 -29.42
C ASP M 371 -16.74 117.12 -28.81
N ALA M 372 -16.08 117.87 -29.68
CA ALA M 372 -14.96 118.73 -29.29
C ALA M 372 -15.51 120.05 -28.75
N VAL M 373 -15.35 120.26 -27.44
CA VAL M 373 -15.88 121.48 -26.82
C VAL M 373 -15.01 122.68 -27.17
N ASP M 374 -13.68 122.52 -27.10
CA ASP M 374 -12.78 123.61 -27.44
C ASP M 374 -12.71 123.80 -28.94
N MET M 375 -12.53 125.06 -29.37
CA MET M 375 -12.51 125.35 -30.79
C MET M 375 -11.19 124.96 -31.46
N ASN M 376 -10.07 125.00 -30.75
CA ASN M 376 -8.80 124.64 -31.38
C ASN M 376 -8.77 123.18 -31.82
N VAL M 377 -9.22 122.27 -30.95
CA VAL M 377 -9.28 120.87 -31.33
C VAL M 377 -10.30 120.64 -32.44
N TYR M 378 -11.39 121.41 -32.42
CA TYR M 378 -12.37 121.34 -33.51
C TYR M 378 -11.71 121.68 -34.85
N ALA M 379 -10.97 122.79 -34.90
CA ALA M 379 -10.32 123.19 -36.13
C ALA M 379 -9.29 122.15 -36.56
N ASN M 380 -8.51 121.63 -35.61
CA ASN M 380 -7.51 120.64 -35.96
C ASN M 380 -8.14 119.37 -36.51
N GLU M 381 -9.28 118.95 -35.97
CA GLU M 381 -9.95 117.78 -36.51
C GLU M 381 -10.51 118.05 -37.90
N ILE M 382 -11.02 119.27 -38.15
CA ILE M 382 -11.42 119.63 -39.49
C ILE M 382 -10.25 119.47 -40.46
N TRP M 383 -9.09 120.00 -40.08
CA TRP M 383 -7.92 119.93 -40.95
C TRP M 383 -7.47 118.48 -41.16
N LEU M 384 -7.48 117.67 -40.11
CA LEU M 384 -7.09 116.27 -40.25
C LEU M 384 -8.01 115.54 -41.22
N LYS M 385 -9.32 115.71 -41.06
CA LYS M 385 -10.24 115.02 -41.95
C LYS M 385 -10.02 115.44 -43.40
N SER M 386 -9.87 116.75 -43.63
CA SER M 386 -9.65 117.22 -45.00
C SER M 386 -8.36 116.67 -45.59
N ALA M 387 -7.28 116.69 -44.80
CA ALA M 387 -5.99 116.23 -45.32
C ALA M 387 -6.00 114.74 -45.63
N ILE M 388 -6.56 113.93 -44.72
CA ILE M 388 -6.61 112.49 -44.95
C ILE M 388 -7.46 112.19 -46.18
N ALA M 389 -8.61 112.84 -46.30
CA ALA M 389 -9.47 112.61 -47.46
C ALA M 389 -8.77 112.99 -48.75
N GLN M 390 -8.05 114.12 -48.74
CA GLN M 390 -7.32 114.53 -49.93
C GLN M 390 -6.27 113.50 -50.32
N ALA M 391 -5.48 113.02 -49.35
CA ALA M 391 -4.44 112.05 -49.67
C ALA M 391 -5.03 110.76 -50.22
N LEU M 392 -6.11 110.26 -49.61
CA LEU M 392 -6.71 109.02 -50.08
C LEU M 392 -7.32 109.17 -51.47
N LEU M 393 -8.02 110.29 -51.72
CA LEU M 393 -8.60 110.51 -53.03
C LEU M 393 -7.51 110.62 -54.09
N ASP M 394 -6.41 111.31 -53.76
CA ASP M 394 -5.33 111.45 -54.72
C ASP M 394 -4.69 110.10 -55.03
N LEU M 395 -4.50 109.26 -54.00
CA LEU M 395 -4.03 107.90 -54.23
C LEU M 395 -4.96 107.16 -55.19
N PHE M 396 -6.27 107.24 -54.94
CA PHE M 396 -7.21 106.54 -55.82
C PHE M 396 -7.12 107.05 -57.25
N LEU M 397 -6.96 108.36 -57.42
CA LEU M 397 -6.98 108.94 -58.76
C LEU M 397 -5.70 108.66 -59.55
N ASN M 398 -4.55 108.53 -58.89
CA ASN M 398 -3.29 108.42 -59.62
C ASN M 398 -2.89 106.98 -59.94
N VAL M 399 -2.69 106.15 -58.92
CA VAL M 399 -2.14 104.82 -59.14
C VAL M 399 -3.16 103.98 -59.91
N ASN M 400 -2.65 102.98 -60.65
CA ASN M 400 -3.53 102.17 -61.49
C ASN M 400 -4.54 101.39 -60.66
N ALA M 401 -4.08 100.65 -59.66
CA ALA M 401 -4.96 99.82 -58.85
C ALA M 401 -4.33 99.59 -57.50
N VAL M 402 -5.18 99.37 -56.50
CA VAL M 402 -4.72 99.11 -55.14
C VAL M 402 -5.13 97.69 -54.77
N PRO M 403 -4.22 96.73 -54.80
CA PRO M 403 -4.60 95.34 -54.49
C PRO M 403 -5.01 95.17 -53.04
N ALA M 404 -5.92 94.23 -52.83
CA ALA M 404 -6.44 93.93 -51.49
C ALA M 404 -5.61 92.82 -50.87
N SER M 405 -4.36 93.16 -50.56
CA SER M 405 -3.43 92.24 -49.93
C SER M 405 -2.45 93.05 -49.11
N SER M 406 -1.40 92.38 -48.61
CA SER M 406 -0.44 93.04 -47.73
C SER M 406 0.15 94.28 -48.38
N THR M 407 0.41 94.21 -49.68
CA THR M 407 0.92 95.37 -50.39
C THR M 407 -0.05 96.54 -50.28
N GLY M 408 -1.35 96.26 -50.24
CA GLY M 408 -2.32 97.33 -50.08
C GLY M 408 -2.19 98.08 -48.77
N GLU M 409 -2.11 97.37 -47.65
CA GLU M 409 -1.94 98.04 -46.38
C GLU M 409 -0.62 98.79 -46.32
N ALA M 410 0.46 98.16 -46.84
CA ALA M 410 1.75 98.84 -46.83
C ALA M 410 1.70 100.14 -47.61
N MET M 411 1.11 100.10 -48.82
CA MET M 411 1.06 101.28 -49.67
C MET M 411 0.19 102.37 -49.05
N THR M 412 -0.96 102.00 -48.50
CA THR M 412 -1.82 102.99 -47.86
C THR M 412 -1.14 103.65 -46.68
N LEU M 413 -0.47 102.86 -45.83
CA LEU M 413 0.24 103.44 -44.70
C LEU M 413 1.36 104.34 -45.16
N ALA M 414 2.11 103.94 -46.19
CA ALA M 414 3.19 104.77 -46.70
C ALA M 414 2.66 106.10 -47.21
N VAL M 415 1.50 106.09 -47.86
CA VAL M 415 0.94 107.33 -48.38
C VAL M 415 0.44 108.21 -47.25
N LEU M 416 -0.18 107.62 -46.22
CA LEU M 416 -0.66 108.44 -45.11
C LEU M 416 0.46 108.92 -44.20
N GLN M 417 1.67 108.37 -44.32
CA GLN M 417 2.74 108.75 -43.40
C GLN M 417 3.08 110.24 -43.41
N PRO M 418 3.26 110.91 -44.56
CA PRO M 418 3.64 112.33 -44.50
C PRO M 418 2.64 113.23 -43.81
N VAL M 419 1.34 112.95 -43.94
CA VAL M 419 0.33 113.76 -43.27
C VAL M 419 0.47 113.66 -41.76
N LEU M 420 0.65 112.44 -41.25
CA LEU M 420 0.84 112.26 -39.82
C LEU M 420 2.17 112.85 -39.35
N ASP M 421 3.18 112.85 -40.23
CA ASP M 421 4.44 113.50 -39.88
C ASP M 421 4.25 115.00 -39.72
N LYS M 422 3.49 115.62 -40.63
CA LYS M 422 3.24 117.05 -40.54
C LYS M 422 2.34 117.38 -39.34
N ALA M 423 1.46 116.46 -38.97
CA ALA M 423 0.56 116.71 -37.85
C ALA M 423 1.32 116.87 -36.54
N THR M 424 2.40 116.12 -36.36
CA THR M 424 3.21 116.27 -35.15
C THR M 424 3.86 117.64 -35.09
N ALA M 425 4.38 118.12 -36.22
CA ALA M 425 5.04 119.43 -36.24
C ALA M 425 4.03 120.56 -36.06
N ASN M 426 2.81 120.39 -36.56
CA ASN M 426 1.81 121.44 -36.46
C ASN M 426 1.47 121.74 -35.00
N GLY M 427 1.34 120.70 -34.19
CA GLY M 427 0.88 120.84 -32.82
C GLY M 427 -0.46 120.20 -32.54
N THR M 428 -1.08 119.57 -33.54
CA THR M 428 -2.32 118.85 -33.29
C THR M 428 -2.10 117.51 -32.62
N PHE M 429 -0.88 116.97 -32.67
CA PHE M 429 -0.51 115.78 -31.92
C PHE M 429 0.43 116.22 -30.81
N THR M 430 0.10 115.87 -29.57
CA THR M 430 0.92 116.21 -28.42
C THR M 430 1.50 114.93 -27.84
N TYR M 431 2.82 114.90 -27.70
CA TYR M 431 3.53 113.77 -27.11
C TYR M 431 3.98 114.12 -25.69
N LYS M 433 2.11 113.91 -23.13
CA LYS M 433 0.96 114.28 -22.32
C LYS M 433 0.56 113.12 -21.42
N GLU M 434 0.14 113.44 -20.20
CA GLU M 434 -0.27 112.40 -19.27
C GLU M 434 -1.56 111.75 -19.74
N SER M 436 -4.73 109.29 -18.51
CA SER M 436 -5.41 108.81 -17.31
C SER M 436 -5.60 107.30 -17.36
N ALA M 437 -5.85 106.71 -16.19
CA ALA M 437 -6.10 105.28 -16.12
C ALA M 437 -7.37 104.90 -16.87
N VAL M 438 -8.41 105.73 -16.75
CA VAL M 438 -9.65 105.45 -17.47
C VAL M 438 -9.42 105.48 -18.97
N GLN M 439 -8.68 106.48 -19.45
CA GLN M 439 -8.36 106.54 -20.87
C GLN M 439 -7.51 105.35 -21.29
N GLN M 440 -6.59 104.91 -20.42
CA GLN M 440 -5.79 103.74 -20.73
C GLN M 440 -6.67 102.51 -20.93
N GLN M 441 -7.62 102.30 -20.02
CA GLN M 441 -8.51 101.14 -20.14
C GLN M 441 -9.39 101.25 -21.37
N TYR M 442 -9.85 102.47 -21.68
CA TYR M 442 -10.64 102.67 -22.89
C TYR M 442 -9.85 102.31 -24.13
N ILE M 443 -8.58 102.72 -24.20
CA ILE M 443 -7.76 102.42 -25.36
C ILE M 443 -7.51 100.92 -25.46
N THR M 444 -7.21 100.27 -24.33
CA THR M 444 -6.96 98.83 -24.38
C THR M 444 -8.21 98.06 -24.74
N GLN M 445 -9.39 98.61 -24.46
CA GLN M 445 -10.63 97.91 -24.80
C GLN M 445 -11.01 98.14 -26.26
N VAL M 446 -10.89 99.39 -26.74
CA VAL M 446 -11.29 99.71 -28.10
C VAL M 446 -10.40 99.00 -29.12
N THR M 447 -9.09 99.02 -28.89
CA THR M 447 -8.15 98.31 -29.73
C THR M 447 -7.79 97.00 -29.04
N GLY M 448 -7.93 95.89 -29.77
CA GLY M 448 -7.54 94.61 -29.20
C GLY M 448 -6.09 94.57 -28.81
N ASP M 449 -5.26 95.36 -29.50
CA ASP M 449 -3.83 95.38 -29.21
C ASP M 449 -3.55 96.24 -27.98
N ARG M 450 -3.06 95.61 -26.94
CA ARG M 450 -2.53 96.29 -25.77
C ARG M 450 -1.15 96.85 -26.10
N ARG M 451 -0.67 97.77 -25.26
CA ARG M 451 0.51 98.61 -25.44
C ARG M 451 0.32 99.65 -26.53
N ALA M 452 -0.91 99.86 -27.00
CA ALA M 452 -1.17 100.99 -27.87
C ALA M 452 -1.10 102.30 -27.11
N TRP M 453 -1.53 102.29 -25.84
CA TRP M 453 -1.55 103.53 -25.06
C TRP M 453 -0.14 104.01 -24.76
N ARG M 454 0.79 103.09 -24.52
CA ARG M 454 2.19 103.50 -24.37
C ARG M 454 2.68 104.20 -25.62
N GLN M 455 2.29 103.68 -26.79
CA GLN M 455 2.70 104.29 -28.05
C GLN M 455 2.07 105.66 -28.24
N VAL M 456 0.79 105.82 -27.90
CA VAL M 456 0.15 107.12 -28.13
C VAL M 456 0.69 108.15 -27.16
N THR M 458 4.00 108.04 -26.00
CA THR M 458 5.39 108.33 -26.33
C THR M 458 5.52 109.04 -27.67
N LEU M 459 4.80 108.59 -28.70
CA LEU M 459 4.93 109.13 -30.04
C LEU M 459 3.79 110.04 -30.44
N GLY M 460 2.56 109.79 -29.99
CA GLY M 460 1.46 110.69 -30.22
C GLY M 460 0.32 110.13 -31.05
N TYR M 461 0.48 108.96 -31.66
CA TYR M 461 -0.58 108.43 -32.50
C TYR M 461 -0.45 106.92 -32.64
N TRP M 462 -1.53 106.30 -33.09
CA TRP M 462 -1.60 104.88 -33.37
C TRP M 462 -2.56 104.69 -34.54
N ILE M 463 -2.13 103.93 -35.55
CA ILE M 463 -2.88 103.78 -36.80
C ILE M 463 -3.03 102.30 -37.11
N ASN M 464 -4.17 101.92 -37.69
CA ASN M 464 -4.42 100.55 -38.10
C ASN M 464 -5.12 100.52 -39.45
N ILE M 465 -4.99 99.40 -40.16
CA ILE M 465 -5.64 99.18 -41.45
C ILE M 465 -6.25 97.78 -41.45
N THR M 466 -7.42 97.64 -42.08
CA THR M 466 -8.17 96.40 -42.01
C THR M 466 -8.27 95.67 -43.34
N PHE M 467 -8.81 96.30 -44.40
CA PHE M 467 -8.99 95.68 -45.71
C PHE M 467 -9.88 94.43 -45.63
N SER M 468 -11.15 94.65 -45.33
CA SER M 468 -12.16 93.61 -45.37
C SER M 468 -12.95 93.67 -46.67
N SER M 469 -13.82 92.67 -46.86
CA SER M 469 -14.69 92.61 -48.02
C SER M 469 -16.15 92.59 -47.59
N TYR M 470 -17.03 92.93 -48.53
CA TYR M 470 -18.46 93.04 -48.26
C TYR M 470 -19.19 93.12 -49.59
N THR M 471 -20.51 93.06 -49.52
CA THR M 471 -21.39 93.24 -50.68
C THR M 471 -22.23 94.49 -50.47
N ASN M 472 -22.23 95.37 -51.46
CA ASN M 472 -23.03 96.58 -51.38
C ASN M 472 -24.49 96.29 -51.68
N SER M 473 -25.37 97.16 -51.20
CA SER M 473 -26.80 96.91 -51.36
C SER M 473 -27.26 97.24 -52.77
N ASN M 474 -26.62 98.22 -53.42
CA ASN M 474 -27.10 98.70 -54.71
C ASN M 474 -27.04 97.62 -55.77
N THR M 475 -25.96 96.85 -55.80
CA THR M 475 -25.80 95.72 -56.71
C THR M 475 -25.43 94.49 -55.91
N GLY M 476 -25.83 93.32 -56.41
CA GLY M 476 -25.51 92.09 -55.69
C GLY M 476 -24.04 91.79 -55.63
N LEU M 477 -23.24 92.49 -56.43
CA LEU M 477 -21.82 92.17 -56.53
C LEU M 477 -21.09 92.45 -55.22
N THR M 478 -20.01 91.72 -54.99
CA THR M 478 -19.17 91.95 -53.82
C THR M 478 -18.13 93.01 -54.16
N GLU M 479 -18.13 94.10 -53.40
CA GLU M 479 -17.18 95.17 -53.63
C GLU M 479 -16.28 95.34 -52.43
N TRP M 480 -12.59 95.82 -52.93
CA TRP M 480 -13.08 95.61 -51.58
C TRP M 480 -13.32 96.94 -50.87
N LYS M 481 -13.05 96.96 -49.57
CA LYS M 481 -13.09 98.19 -48.80
C LYS M 481 -11.98 98.16 -47.77
N ALA M 482 -11.59 99.35 -47.31
CA ALA M 482 -10.55 99.50 -46.29
C ALA M 482 -11.13 100.20 -45.08
N ASN M 483 -10.82 99.68 -43.91
CA ASN M 483 -11.21 100.29 -42.65
C ASN M 483 -9.95 100.64 -41.86
N TYR M 484 -9.87 101.88 -41.40
CA TYR M 484 -8.71 102.33 -40.65
C TYR M 484 -9.18 102.97 -39.34
N THR M 485 -8.37 102.83 -38.31
CA THR M 485 -8.64 103.46 -37.02
C THR M 485 -7.40 104.23 -36.59
N LEU M 486 -7.61 105.48 -36.19
CA LEU M 486 -6.55 106.39 -35.77
C LEU M 486 -6.86 106.90 -34.38
N ILE M 487 -5.87 106.84 -33.49
CA ILE M 487 -5.99 107.39 -32.14
C ILE M 487 -4.83 108.35 -31.93
N TYR M 488 -5.11 109.53 -31.40
CA TYR M 488 -4.05 110.49 -31.14
C TYR M 488 -4.43 111.35 -29.94
N SER M 489 -3.42 111.90 -29.30
CA SER M 489 -3.61 112.78 -28.15
C SER M 489 -3.93 114.19 -28.63
N LYS M 490 -5.08 114.72 -28.22
CA LYS M 490 -5.51 116.02 -28.64
C LYS M 490 -4.61 117.11 -28.07
N GLY M 491 -4.64 118.28 -28.69
CA GLY M 491 -3.84 119.39 -28.25
C GLY M 491 -4.58 120.37 -27.39
N ASP M 492 -4.35 120.32 -26.08
CA ASP M 492 -5.03 121.18 -25.11
C ASP M 492 -4.03 122.15 -24.51
N ALA M 493 -4.48 123.38 -24.30
CA ALA M 493 -3.64 124.46 -23.81
C ALA M 493 -3.99 124.78 -22.36
N ILE M 494 -2.97 125.16 -21.59
CA ILE M 494 -3.19 125.54 -20.20
C ILE M 494 -3.98 126.84 -20.15
N ARG M 495 -4.90 126.94 -19.19
CA ARG M 495 -5.74 128.12 -19.04
C ARG M 495 -5.75 128.71 -17.64
N PHE M 496 -5.18 128.03 -16.65
CA PHE M 496 -5.20 128.51 -15.28
C PHE M 496 -3.85 128.21 -14.63
N VAL M 497 -3.38 129.13 -13.79
CA VAL M 497 -2.11 128.99 -13.10
C VAL M 497 -2.33 129.22 -11.62
N GLU M 498 -1.84 128.29 -10.80
CA GLU M 498 -1.92 128.37 -9.35
C GLU M 498 -0.59 127.98 -8.74
N GLY M 499 -0.24 128.62 -7.63
CA GLY M 499 1.02 128.32 -6.97
C GLY M 499 1.07 128.89 -5.58
N SER M 500 2.12 128.51 -4.85
CA SER M 500 2.38 129.02 -3.51
C SER M 500 3.86 129.34 -3.38
N ASP M 501 4.16 130.50 -2.81
CA ASP M 501 5.53 130.96 -2.60
C ASP M 501 5.83 130.87 -1.11
N VAL M 502 6.54 129.83 -0.71
CA VAL M 502 6.90 129.62 0.69
C VAL M 502 8.24 130.29 0.95
N MET M 503 8.28 131.19 1.93
CA MET M 503 9.49 131.91 2.27
C MET M 503 10.12 131.32 3.53
N ILE M 504 11.44 131.15 3.49
CA ILE M 504 12.23 130.64 4.61
C ILE M 504 11.80 129.21 4.94
#